data_7KOR
#
_entry.id   7KOR
#
loop_
_entity.id
_entity.type
_entity.pdbx_description
1 polymer 'Actin, alpha skeletal muscle'
2 polymer 'Tropomyosin alpha-1 chain'
3 polymer 'Troponin T, cardiac muscle'
4 polymer 'Troponin I, cardiac muscle'
5 polymer 'Troponin C'
#
loop_
_entity_poly.entity_id
_entity_poly.type
_entity_poly.pdbx_seq_one_letter_code
_entity_poly.pdbx_strand_id
1 'polypeptide(L)'
;DEDETTALVCDNGSGLVKAGFAGDDAPRAVFPSIVGRPRHQGVMVGMGQKDSYVGDEAQSKRGILTLKYPIEHGIITNWD
DMEKIWHHTFYNELRVAPEEHPTLLTEAPLNPKANREKMTQIMFETFNVPAMYVAIQAVLSLYASGRTTGIVLDSGDGVT
HNVPIYEGYALPHAIMRLDLAGRDLTDYLMKILTERGYSFVTTAEREIVRDIKEKLCYVALDFENEMATAASSSSLEKSY
ELPDGQVITIGNERFRCPETLFQPSFIGMESAGIHETTYNSIMKCDIDIRKDLYANNVMSGGTTMYPGIADRMQKEITAL
APSTMKIKIIAPPERKYSVWIGGSILASLSTFQQMWITKQEYDEAGPSIVHRKCF
;
A,B,C,D,E,F,G,H,I,J,K,L,M,N,O
2 'polypeptide(L)'
;ASMDAIKKKMQMLKLDKENALDRAEQAEADKKAAEDRSKQLEDELVSLQKKLKGTEDELDKYSEALKDAQEKLELAEKKA
TDAEADVASLNRRIQLVEEELDRAQERLATALQKLEEAEKAADESERGMKVIESRAQKDEEKMEIQEIQLKEAKHIAEDA
DRKYEEVARKLVIIESDLERAEERAELSEGKCAELEEELKTVTNNLKSLEAQAEKYSQKEDRYEEEIKVLSDKLKEAETR
AEFAERSVTKLEKSIDDLEDELYAQKLKYKAISEELDHALNDMTSI
;
P,Q,R,S,W,X,Y,Z
3 'polypeptide(L)'
;FDDIHRKRMEKDLNELQALIEAHFENRKKEEEELVSLKDRIERRRAERAEQQRIRNEREKERQNRLAEERARREEEENRR
KAEDEARKKKALSNMMHFGGYIQKQAQTERKSGKRQTEREKKKKILAERRKVLAIDHLNEDQLREKAKELWQSIYNLEAE
KFDLQEKFKQQKYEINVLRNRINDNQ
;
T,a
4 'polypeptide(L)'
;ISASRKLQLKTLLLQIAKQELEREAEERRGEKGRALSTRCQPLELAGLGFAELQDLCRQLHARVDKVDEERYDIEAKVTK
NITEIADLTQKIFDLRGKFKRPTLRRVRISADAMMQALLGARAKESLDLRAHLKQVKKEDTEKENREVGDWRKNIDALSG
MEGRKKKFES
;
U,b
5 'polypeptide(L)'
;DDIYKAAVEQLTEEQKNEFKAAFDIFVLGAEDGCISTKELGKVMRMLGQNPTPEELQEMIDEVDEDGSGTVDFDEFLVMM
VRCMKDDSKGKSEEELSDLFRMFDKNADGYIDLDELKIMLQATGETITEDDIEELMKDGDKNNDGRIDYDEFLEFMKGVE
;
V,c
#
# COMPACT_ATOMS: atom_id res chain seq x y z
N ASP A 1 -192.30 -31.87 -22.84
CA ASP A 1 -192.71 -31.36 -21.53
C ASP A 1 -191.53 -30.72 -20.83
N GLU A 2 -190.36 -30.88 -21.43
CA GLU A 2 -189.11 -30.36 -20.91
C GLU A 2 -188.98 -28.88 -21.26
N ASP A 3 -188.32 -28.10 -20.39
CA ASP A 3 -188.09 -26.68 -20.63
C ASP A 3 -186.67 -26.34 -21.10
N GLU A 4 -185.94 -27.36 -21.50
CA GLU A 4 -184.57 -27.24 -21.99
C GLU A 4 -184.30 -28.37 -22.97
N THR A 5 -183.36 -28.18 -23.89
CA THR A 5 -183.02 -29.24 -24.86
C THR A 5 -182.09 -30.26 -24.24
N THR A 6 -182.58 -30.96 -23.22
CA THR A 6 -181.81 -31.99 -22.55
C THR A 6 -181.65 -33.16 -23.49
N ALA A 7 -180.55 -33.88 -23.37
CA ALA A 7 -180.39 -35.04 -24.22
C ALA A 7 -181.35 -36.13 -23.83
N LEU A 8 -181.75 -36.93 -24.77
CA LEU A 8 -182.57 -38.08 -24.44
C LEU A 8 -181.60 -39.24 -24.33
N VAL A 9 -181.83 -40.14 -23.41
CA VAL A 9 -180.90 -41.25 -23.22
C VAL A 9 -181.54 -42.62 -23.31
N CYS A 10 -180.93 -43.50 -24.10
CA CYS A 10 -181.42 -44.86 -24.30
C CYS A 10 -180.32 -45.92 -24.23
N ASP A 11 -180.45 -46.82 -23.25
CA ASP A 11 -179.54 -47.92 -23.03
C ASP A 11 -180.16 -49.16 -23.64
N ASN A 12 -179.75 -49.49 -24.86
CA ASN A 12 -180.38 -50.54 -25.66
C ASN A 12 -179.63 -51.84 -25.59
N GLY A 13 -180.04 -52.76 -24.73
CA GLY A 13 -179.30 -53.98 -24.64
C GLY A 13 -179.89 -55.03 -25.56
N SER A 14 -179.32 -56.23 -25.51
CA SER A 14 -179.80 -57.34 -26.32
C SER A 14 -181.07 -57.92 -25.72
N GLY A 15 -181.34 -57.55 -24.48
CA GLY A 15 -182.49 -58.01 -23.73
C GLY A 15 -183.49 -56.88 -23.66
N LEU A 16 -183.34 -56.06 -22.64
CA LEU A 16 -184.22 -54.94 -22.37
C LEU A 16 -183.53 -53.61 -22.70
N VAL A 17 -184.38 -52.62 -22.99
CA VAL A 17 -183.96 -51.24 -23.24
C VAL A 17 -184.58 -50.26 -22.25
N LYS A 18 -183.72 -49.43 -21.68
CA LYS A 18 -184.16 -48.44 -20.72
C LYS A 18 -184.05 -47.05 -21.28
N ALA A 19 -185.07 -46.23 -21.03
CA ALA A 19 -185.06 -44.88 -21.56
C ALA A 19 -185.64 -43.83 -20.65
N GLY A 20 -185.14 -42.62 -20.80
CA GLY A 20 -185.60 -41.46 -20.06
C GLY A 20 -184.84 -40.26 -20.58
N PHE A 21 -184.86 -39.16 -19.85
CA PHE A 21 -184.16 -37.98 -20.34
C PHE A 21 -182.94 -37.72 -19.48
N ALA A 22 -181.93 -37.09 -20.05
CA ALA A 22 -180.74 -36.76 -19.29
C ALA A 22 -181.09 -35.80 -18.19
N GLY A 23 -180.53 -36.07 -17.03
CA GLY A 23 -180.75 -35.28 -15.85
C GLY A 23 -181.60 -36.06 -14.85
N ASP A 24 -182.28 -37.14 -15.29
CA ASP A 24 -183.03 -37.88 -14.30
C ASP A 24 -182.07 -38.89 -13.66
N ASP A 25 -182.56 -39.67 -12.69
CA ASP A 25 -181.76 -40.69 -12.00
C ASP A 25 -182.27 -42.08 -12.27
N ALA A 26 -183.19 -42.18 -13.21
CA ALA A 26 -183.82 -43.41 -13.59
C ALA A 26 -184.44 -43.21 -14.97
N PRO A 27 -184.64 -44.27 -15.75
CA PRO A 27 -185.35 -44.21 -17.00
C PRO A 27 -186.81 -43.93 -16.69
N ARG A 28 -187.52 -43.30 -17.61
CA ARG A 28 -188.93 -43.04 -17.43
C ARG A 28 -189.74 -44.25 -17.86
N ALA A 29 -189.20 -45.02 -18.79
CA ALA A 29 -189.88 -46.20 -19.29
C ALA A 29 -188.89 -47.31 -19.63
N VAL A 30 -189.35 -48.53 -19.45
CA VAL A 30 -188.57 -49.71 -19.81
C VAL A 30 -189.36 -50.56 -20.78
N PHE A 31 -188.68 -50.98 -21.83
CA PHE A 31 -189.30 -51.79 -22.85
C PHE A 31 -188.35 -52.94 -23.08
N PRO A 32 -188.79 -54.08 -23.56
CA PRO A 32 -187.93 -55.12 -24.04
C PRO A 32 -187.39 -54.62 -25.36
N SER A 33 -186.23 -55.07 -25.81
CA SER A 33 -185.77 -54.71 -27.15
C SER A 33 -186.43 -55.65 -28.15
N ILE A 34 -187.75 -55.58 -28.26
CA ILE A 34 -188.50 -56.51 -29.11
C ILE A 34 -189.49 -55.91 -30.09
N VAL A 35 -189.45 -56.44 -31.31
CA VAL A 35 -190.51 -56.18 -32.26
C VAL A 35 -191.17 -57.54 -32.54
N GLY A 36 -192.44 -57.64 -32.20
CA GLY A 36 -193.15 -58.89 -32.30
C GLY A 36 -193.95 -58.98 -33.57
N ARG A 37 -194.10 -60.20 -34.09
CA ARG A 37 -194.89 -60.46 -35.29
C ARG A 37 -195.73 -61.73 -35.12
N PRO A 38 -197.01 -61.67 -35.54
CA PRO A 38 -197.87 -62.81 -35.40
C PRO A 38 -197.50 -63.97 -36.30
N ARG A 39 -197.67 -65.17 -35.78
CA ARG A 39 -197.47 -66.41 -36.54
C ARG A 39 -198.83 -67.08 -36.77
N HIS A 40 -199.89 -66.43 -36.30
CA HIS A 40 -201.26 -66.94 -36.39
C HIS A 40 -202.22 -65.84 -36.79
N GLN A 41 -203.29 -66.22 -37.45
CA GLN A 41 -204.38 -65.31 -37.80
C GLN A 41 -205.42 -65.27 -36.70
N GLY A 42 -205.75 -64.07 -36.22
CA GLY A 42 -206.76 -63.93 -35.18
C GLY A 42 -208.13 -64.24 -35.76
N VAL A 43 -209.00 -64.80 -34.92
CA VAL A 43 -210.36 -65.15 -35.34
C VAL A 43 -211.44 -64.26 -34.72
N MET A 44 -211.32 -63.99 -33.42
CA MET A 44 -212.30 -63.23 -32.69
C MET A 44 -212.21 -61.73 -32.95
N VAL A 45 -213.35 -61.07 -32.83
CA VAL A 45 -213.50 -59.63 -32.96
C VAL A 45 -213.14 -58.94 -31.65
N GLY A 46 -212.37 -57.84 -31.74
CA GLY A 46 -211.97 -57.13 -30.52
C GLY A 46 -210.68 -57.68 -29.90
N MET A 47 -209.86 -58.33 -30.73
CA MET A 47 -208.61 -58.93 -30.29
C MET A 47 -207.39 -58.12 -30.73
N GLY A 48 -207.60 -56.84 -31.08
CA GLY A 48 -206.48 -56.07 -31.58
C GLY A 48 -206.08 -56.65 -32.94
N GLN A 49 -204.86 -57.17 -32.99
CA GLN A 49 -204.20 -57.79 -34.14
C GLN A 49 -203.50 -56.76 -35.01
N LYS A 50 -202.18 -56.75 -34.88
CA LYS A 50 -201.31 -55.80 -35.57
C LYS A 50 -200.40 -56.56 -36.52
N ASP A 51 -199.79 -55.86 -37.48
CA ASP A 51 -198.82 -56.49 -38.37
C ASP A 51 -197.53 -56.73 -37.62
N SER A 52 -197.27 -55.79 -36.71
CA SER A 52 -196.10 -55.78 -35.86
C SER A 52 -196.42 -55.09 -34.54
N TYR A 53 -195.73 -55.51 -33.50
CA TYR A 53 -195.89 -54.97 -32.15
C TYR A 53 -194.56 -54.46 -31.63
N VAL A 54 -194.55 -53.32 -30.93
CA VAL A 54 -193.25 -52.86 -30.43
C VAL A 54 -193.12 -52.70 -28.92
N GLY A 55 -192.03 -53.21 -28.37
CA GLY A 55 -191.75 -53.07 -26.95
C GLY A 55 -192.76 -53.80 -26.11
N ASP A 56 -193.43 -53.06 -25.24
CA ASP A 56 -194.42 -53.65 -24.36
C ASP A 56 -195.59 -54.22 -25.14
N GLU A 57 -195.83 -53.74 -26.36
CA GLU A 57 -196.90 -54.31 -27.15
C GLU A 57 -196.56 -55.75 -27.53
N ALA A 58 -195.27 -56.02 -27.79
CA ALA A 58 -194.85 -57.34 -28.21
C ALA A 58 -195.03 -58.30 -27.06
N GLN A 59 -194.75 -57.84 -25.84
CA GLN A 59 -194.95 -58.72 -24.70
C GLN A 59 -196.44 -58.94 -24.38
N SER A 60 -197.27 -57.90 -24.49
CA SER A 60 -198.68 -58.04 -24.15
C SER A 60 -199.43 -59.03 -25.03
N LYS A 61 -199.08 -59.09 -26.31
CA LYS A 61 -199.72 -60.02 -27.25
C LYS A 61 -198.86 -61.23 -27.62
N ARG A 62 -197.78 -61.46 -26.87
CA ARG A 62 -196.75 -62.46 -27.18
C ARG A 62 -197.21 -63.88 -27.34
N GLY A 63 -198.36 -64.24 -26.80
CA GLY A 63 -198.83 -65.61 -26.90
C GLY A 63 -198.81 -66.15 -28.34
N ILE A 64 -199.07 -65.28 -29.34
CA ILE A 64 -199.05 -65.73 -30.73
C ILE A 64 -197.99 -65.03 -31.58
N LEU A 65 -197.02 -64.36 -30.94
CA LEU A 65 -196.04 -63.62 -31.71
C LEU A 65 -194.66 -64.23 -31.67
N THR A 66 -193.95 -64.07 -32.77
CA THR A 66 -192.54 -64.37 -32.78
C THR A 66 -191.92 -63.13 -32.22
N LEU A 67 -191.03 -63.25 -31.26
CA LEU A 67 -190.44 -62.08 -30.65
C LEU A 67 -189.00 -61.93 -31.10
N LYS A 68 -188.76 -60.94 -31.95
CA LYS A 68 -187.41 -60.74 -32.45
C LYS A 68 -186.71 -59.65 -31.72
N TYR A 69 -185.51 -59.97 -31.27
CA TYR A 69 -184.65 -59.01 -30.63
C TYR A 69 -183.65 -58.54 -31.72
N PRO A 70 -183.67 -57.26 -32.14
CA PRO A 70 -182.88 -56.66 -33.23
C PRO A 70 -181.40 -56.56 -32.89
N ILE A 71 -181.08 -56.77 -31.62
CA ILE A 71 -179.73 -56.70 -31.10
C ILE A 71 -179.19 -58.11 -30.76
N GLU A 72 -178.07 -58.46 -31.39
CA GLU A 72 -177.45 -59.77 -31.29
C GLU A 72 -176.08 -59.73 -30.62
N HIS A 73 -176.00 -60.20 -29.37
CA HIS A 73 -174.75 -60.19 -28.60
C HIS A 73 -174.09 -58.82 -28.57
N GLY A 74 -174.93 -57.81 -28.38
CA GLY A 74 -174.57 -56.40 -28.29
C GLY A 74 -174.71 -55.55 -29.56
N ILE A 75 -174.86 -56.16 -30.74
CA ILE A 75 -174.99 -55.35 -31.97
C ILE A 75 -176.34 -55.32 -32.67
N ILE A 76 -176.77 -54.11 -33.05
CA ILE A 76 -178.01 -53.99 -33.80
C ILE A 76 -177.76 -54.51 -35.21
N THR A 77 -178.55 -55.50 -35.61
CA THR A 77 -178.44 -56.05 -36.95
C THR A 77 -179.70 -55.67 -37.70
N ASN A 78 -180.77 -55.37 -36.95
CA ASN A 78 -182.03 -54.97 -37.56
C ASN A 78 -182.38 -53.53 -37.19
N TRP A 79 -182.00 -52.62 -38.08
CA TRP A 79 -182.16 -51.19 -37.84
C TRP A 79 -183.60 -50.73 -37.95
N ASP A 80 -184.43 -51.45 -38.71
CA ASP A 80 -185.83 -51.05 -38.88
C ASP A 80 -186.56 -51.26 -37.58
N ASP A 81 -186.23 -52.34 -36.90
CA ASP A 81 -186.86 -52.62 -35.65
C ASP A 81 -186.38 -51.65 -34.58
N MET A 82 -185.11 -51.22 -34.66
CA MET A 82 -184.70 -50.22 -33.68
C MET A 82 -185.39 -48.89 -33.93
N GLU A 83 -185.71 -48.56 -35.19
CA GLU A 83 -186.45 -47.33 -35.43
C GLU A 83 -187.83 -47.42 -34.77
N LYS A 84 -188.47 -48.60 -34.85
CA LYS A 84 -189.79 -48.74 -34.22
C LYS A 84 -189.69 -48.56 -32.71
N ILE A 85 -188.62 -49.13 -32.12
CA ILE A 85 -188.39 -49.05 -30.69
C ILE A 85 -188.11 -47.63 -30.25
N TRP A 86 -187.25 -46.91 -30.98
CA TRP A 86 -186.92 -45.53 -30.64
C TRP A 86 -188.06 -44.59 -30.91
N HIS A 87 -188.86 -44.82 -31.96
CA HIS A 87 -189.96 -43.91 -32.15
C HIS A 87 -190.89 -44.04 -30.98
N HIS A 88 -191.28 -45.27 -30.67
CA HIS A 88 -192.19 -45.52 -29.56
C HIS A 88 -191.60 -45.02 -28.24
N THR A 89 -190.35 -45.37 -27.97
CA THR A 89 -189.73 -44.96 -26.74
C THR A 89 -189.65 -43.45 -26.56
N PHE A 90 -189.16 -42.75 -27.56
CA PHE A 90 -188.98 -41.33 -27.39
C PHE A 90 -190.28 -40.56 -27.53
N TYR A 91 -191.02 -40.86 -28.60
CA TYR A 91 -192.21 -40.12 -28.94
C TYR A 91 -193.44 -40.42 -28.08
N ASN A 92 -193.69 -41.69 -27.74
CA ASN A 92 -194.92 -42.01 -27.01
C ASN A 92 -194.73 -42.03 -25.48
N GLU A 93 -193.64 -42.62 -25.00
CA GLU A 93 -193.52 -42.71 -23.53
C GLU A 93 -192.72 -41.59 -22.88
N LEU A 94 -191.63 -41.15 -23.51
CA LEU A 94 -190.85 -40.03 -22.96
C LEU A 94 -191.55 -38.73 -23.34
N ARG A 95 -192.37 -38.85 -24.39
CA ARG A 95 -193.17 -37.77 -24.99
C ARG A 95 -192.32 -36.66 -25.60
N VAL A 96 -191.17 -37.03 -26.17
CA VAL A 96 -190.29 -36.06 -26.78
C VAL A 96 -189.87 -36.46 -28.18
N ALA A 97 -190.03 -35.55 -29.14
CA ALA A 97 -189.56 -35.84 -30.48
C ALA A 97 -188.05 -35.51 -30.54
N PRO A 98 -187.15 -36.46 -30.91
CA PRO A 98 -185.69 -36.31 -30.97
C PRO A 98 -185.25 -35.15 -31.85
N GLU A 99 -186.10 -34.71 -32.76
CA GLU A 99 -185.76 -33.62 -33.65
C GLU A 99 -185.28 -32.38 -32.86
N GLU A 100 -185.85 -32.13 -31.68
CA GLU A 100 -185.45 -30.95 -30.90
C GLU A 100 -184.51 -31.27 -29.72
N HIS A 101 -184.04 -32.51 -29.59
CA HIS A 101 -183.20 -32.93 -28.47
C HIS A 101 -182.04 -33.85 -28.90
N PRO A 102 -180.81 -33.67 -28.39
CA PRO A 102 -179.66 -34.52 -28.69
C PRO A 102 -179.90 -35.90 -28.08
N THR A 103 -179.31 -36.95 -28.64
CA THR A 103 -179.50 -38.30 -28.06
C THR A 103 -178.23 -39.11 -27.76
N LEU A 104 -178.22 -39.74 -26.59
CA LEU A 104 -177.10 -40.58 -26.18
C LEU A 104 -177.50 -42.05 -26.12
N LEU A 105 -176.75 -42.85 -26.85
CA LEU A 105 -176.90 -44.31 -26.96
C LEU A 105 -175.63 -44.95 -26.39
N THR A 106 -175.66 -46.25 -26.04
CA THR A 106 -174.48 -46.87 -25.40
C THR A 106 -174.00 -48.15 -26.11
N GLU A 107 -172.70 -48.48 -25.99
CA GLU A 107 -172.17 -49.80 -26.43
C GLU A 107 -170.93 -50.23 -25.60
N ALA A 108 -170.69 -51.54 -25.56
CA ALA A 108 -169.51 -52.10 -24.89
C ALA A 108 -168.21 -51.65 -25.60
N PRO A 109 -167.06 -51.51 -24.92
CA PRO A 109 -165.77 -51.15 -25.52
C PRO A 109 -165.33 -51.98 -26.75
N LEU A 110 -165.71 -53.26 -26.84
CA LEU A 110 -165.36 -54.09 -28.00
C LEU A 110 -166.58 -54.45 -28.83
N ASN A 111 -167.64 -53.68 -28.68
CA ASN A 111 -168.85 -53.90 -29.44
C ASN A 111 -168.51 -53.63 -30.91
N PRO A 112 -168.92 -54.47 -31.87
CA PRO A 112 -168.63 -54.24 -33.26
C PRO A 112 -169.03 -52.82 -33.69
N LYS A 113 -168.15 -52.19 -34.47
CA LYS A 113 -168.24 -50.81 -34.93
C LYS A 113 -169.51 -50.45 -35.66
N ALA A 114 -170.06 -51.39 -36.40
CA ALA A 114 -171.28 -51.12 -37.13
C ALA A 114 -172.41 -50.73 -36.17
N ASN A 115 -172.35 -51.14 -34.89
CA ASN A 115 -173.40 -50.82 -33.92
C ASN A 115 -173.39 -49.31 -33.69
N ARG A 116 -172.25 -48.77 -33.29
CA ARG A 116 -172.13 -47.33 -33.09
C ARG A 116 -172.47 -46.52 -34.36
N GLU A 117 -172.19 -47.09 -35.54
CA GLU A 117 -172.47 -46.38 -36.79
C GLU A 117 -173.95 -46.32 -37.08
N LYS A 118 -174.67 -47.42 -36.82
CA LYS A 118 -176.12 -47.43 -37.03
C LYS A 118 -176.82 -46.68 -35.92
N MET A 119 -176.33 -46.73 -34.69
CA MET A 119 -177.03 -46.01 -33.66
C MET A 119 -177.03 -44.51 -34.01
N THR A 120 -175.86 -44.04 -34.45
CA THR A 120 -175.66 -42.65 -34.82
C THR A 120 -176.45 -42.30 -36.07
N GLN A 121 -176.33 -43.15 -37.11
CA GLN A 121 -177.02 -42.93 -38.38
C GLN A 121 -178.52 -42.94 -38.28
N ILE A 122 -179.09 -43.83 -37.49
CA ILE A 122 -180.53 -43.88 -37.40
C ILE A 122 -181.04 -42.61 -36.75
N MET A 123 -180.44 -42.22 -35.64
CA MET A 123 -180.98 -41.03 -35.01
C MET A 123 -180.81 -39.77 -35.87
N PHE A 124 -179.72 -39.68 -36.66
CA PHE A 124 -179.56 -38.51 -37.53
C PHE A 124 -180.39 -38.53 -38.80
N GLU A 125 -180.53 -39.70 -39.45
CA GLU A 125 -181.23 -39.71 -40.73
C GLU A 125 -182.73 -40.04 -40.62
N THR A 126 -183.18 -40.74 -39.58
CA THR A 126 -184.60 -41.06 -39.46
C THR A 126 -185.28 -40.16 -38.46
N PHE A 127 -184.59 -39.81 -37.37
CA PHE A 127 -185.23 -38.98 -36.36
C PHE A 127 -184.82 -37.51 -36.37
N ASN A 128 -183.84 -37.18 -37.21
CA ASN A 128 -183.28 -35.83 -37.37
C ASN A 128 -182.79 -35.22 -36.06
N VAL A 129 -182.15 -36.03 -35.24
CA VAL A 129 -181.66 -35.58 -33.95
C VAL A 129 -180.60 -34.50 -34.20
N PRO A 130 -180.57 -33.36 -33.48
CA PRO A 130 -179.59 -32.31 -33.66
C PRO A 130 -178.16 -32.73 -33.32
N ALA A 131 -178.00 -33.76 -32.49
CA ALA A 131 -176.67 -34.25 -32.14
C ALA A 131 -176.71 -35.67 -31.59
N MET A 132 -175.56 -36.36 -31.69
CA MET A 132 -175.40 -37.72 -31.17
C MET A 132 -174.15 -38.05 -30.44
N TYR A 133 -174.22 -39.03 -29.54
CA TYR A 133 -173.03 -39.49 -28.82
C TYR A 133 -173.16 -40.93 -28.29
N VAL A 134 -172.31 -41.83 -28.80
CA VAL A 134 -172.34 -43.21 -28.39
C VAL A 134 -171.36 -43.38 -27.24
N ALA A 135 -171.89 -43.75 -26.10
CA ALA A 135 -171.18 -43.87 -24.86
C ALA A 135 -170.59 -45.23 -24.63
N ILE A 136 -169.59 -45.24 -23.77
CA ILE A 136 -168.92 -46.46 -23.39
C ILE A 136 -169.63 -46.99 -22.16
N GLN A 137 -170.11 -48.22 -22.22
CA GLN A 137 -170.87 -48.78 -21.09
C GLN A 137 -170.03 -48.86 -19.81
N ALA A 138 -168.70 -49.05 -19.94
CA ALA A 138 -167.81 -49.08 -18.80
C ALA A 138 -167.78 -47.76 -18.04
N VAL A 139 -167.90 -46.66 -18.78
CA VAL A 139 -167.87 -45.32 -18.21
C VAL A 139 -169.14 -45.09 -17.46
N LEU A 140 -170.22 -45.47 -18.10
CA LEU A 140 -171.50 -45.21 -17.54
C LEU A 140 -171.69 -46.04 -16.27
N SER A 141 -171.13 -47.26 -16.25
CA SER A 141 -171.24 -48.13 -15.10
C SER A 141 -170.50 -47.51 -13.92
N LEU A 142 -169.32 -46.94 -14.19
CA LEU A 142 -168.54 -46.28 -13.16
C LEU A 142 -169.18 -44.98 -12.69
N TYR A 143 -169.80 -44.21 -13.57
CA TYR A 143 -170.42 -42.95 -13.13
C TYR A 143 -171.69 -43.15 -12.29
N ALA A 144 -172.40 -44.24 -12.56
CA ALA A 144 -173.58 -44.61 -11.80
C ALA A 144 -173.21 -45.22 -10.47
N SER A 145 -172.08 -45.93 -10.44
CA SER A 145 -171.59 -46.61 -9.25
C SER A 145 -170.73 -45.74 -8.34
N GLY A 146 -170.43 -44.49 -8.74
CA GLY A 146 -169.57 -43.64 -7.92
C GLY A 146 -168.08 -44.00 -7.95
N ARG A 147 -167.57 -44.50 -9.08
CA ARG A 147 -166.16 -44.90 -9.17
C ARG A 147 -165.45 -44.37 -10.43
N THR A 148 -164.11 -44.31 -10.38
CA THR A 148 -163.30 -43.92 -11.54
C THR A 148 -162.35 -45.04 -11.81
N THR A 149 -162.22 -45.84 -10.77
CA THR A 149 -161.32 -46.97 -10.74
C THR A 149 -162.07 -48.20 -10.28
N GLY A 150 -161.91 -49.28 -11.02
CA GLY A 150 -162.52 -50.54 -10.65
C GLY A 150 -162.74 -51.50 -11.81
N ILE A 151 -163.34 -52.62 -11.51
CA ILE A 151 -163.62 -53.64 -12.53
C ILE A 151 -165.03 -53.52 -12.97
N VAL A 152 -165.25 -53.36 -14.28
CA VAL A 152 -166.63 -53.28 -14.68
C VAL A 152 -167.14 -54.60 -15.22
N LEU A 153 -168.09 -55.14 -14.47
CA LEU A 153 -168.77 -56.36 -14.87
C LEU A 153 -170.16 -55.92 -15.22
N ASP A 154 -170.40 -55.71 -16.51
CA ASP A 154 -171.65 -55.18 -16.98
C ASP A 154 -172.65 -56.24 -17.35
N SER A 155 -172.25 -57.50 -17.11
CA SER A 155 -173.05 -58.71 -17.30
C SER A 155 -174.36 -58.46 -18.04
N GLY A 156 -174.32 -58.19 -19.32
CA GLY A 156 -175.55 -57.84 -20.00
C GLY A 156 -176.28 -59.08 -20.44
N ASP A 157 -177.29 -58.89 -21.28
CA ASP A 157 -178.10 -59.97 -21.79
C ASP A 157 -177.35 -60.73 -22.90
N GLY A 158 -176.62 -59.99 -23.75
CA GLY A 158 -175.91 -60.61 -24.86
C GLY A 158 -174.43 -60.95 -24.61
N VAL A 159 -173.77 -60.19 -23.74
CA VAL A 159 -172.34 -60.38 -23.45
C VAL A 159 -171.96 -59.88 -22.06
N THR A 160 -170.95 -60.52 -21.46
CA THR A 160 -170.36 -59.99 -20.24
C THR A 160 -169.06 -59.36 -20.74
N HIS A 161 -168.91 -58.03 -20.66
CA HIS A 161 -167.73 -57.43 -21.26
C HIS A 161 -166.44 -57.60 -20.44
N ASN A 162 -166.50 -57.30 -19.13
CA ASN A 162 -165.35 -57.42 -18.24
C ASN A 162 -164.11 -56.54 -18.52
N VAL A 163 -164.19 -55.26 -18.14
CA VAL A 163 -163.02 -54.39 -18.35
C VAL A 163 -162.54 -53.63 -17.12
N PRO A 164 -161.27 -53.77 -16.70
CA PRO A 164 -160.67 -52.99 -15.64
C PRO A 164 -160.38 -51.57 -16.12
N ILE A 165 -160.72 -50.59 -15.28
CA ILE A 165 -160.50 -49.17 -15.52
C ILE A 165 -159.69 -48.56 -14.35
N TYR A 166 -158.66 -47.75 -14.63
CA TYR A 166 -157.90 -47.13 -13.53
C TYR A 166 -157.75 -45.62 -13.71
N GLU A 167 -158.15 -44.84 -12.71
CA GLU A 167 -158.09 -43.37 -12.77
C GLU A 167 -158.77 -42.83 -14.02
N GLY A 168 -159.88 -43.42 -14.43
CA GLY A 168 -160.57 -42.94 -15.60
C GLY A 168 -160.02 -43.47 -16.92
N TYR A 169 -159.01 -44.34 -16.90
CA TYR A 169 -158.38 -44.92 -18.10
C TYR A 169 -158.68 -46.37 -18.33
N ALA A 170 -158.81 -46.75 -19.59
CA ALA A 170 -159.02 -48.16 -19.86
C ALA A 170 -157.71 -48.89 -19.75
N LEU A 171 -157.77 -50.15 -19.34
CA LEU A 171 -156.60 -51.00 -19.33
C LEU A 171 -156.88 -52.16 -20.29
N PRO A 172 -156.88 -51.93 -21.63
CA PRO A 172 -157.37 -52.82 -22.67
C PRO A 172 -156.66 -54.16 -22.79
N HIS A 173 -155.44 -54.25 -22.29
CA HIS A 173 -154.67 -55.48 -22.39
C HIS A 173 -155.28 -56.55 -21.49
N ALA A 174 -156.11 -56.11 -20.56
CA ALA A 174 -156.74 -56.99 -19.60
C ALA A 174 -158.23 -57.19 -19.86
N ILE A 175 -158.75 -56.81 -21.03
CA ILE A 175 -160.17 -57.06 -21.29
C ILE A 175 -160.37 -58.50 -21.66
N MET A 176 -161.30 -59.16 -20.98
CA MET A 176 -161.54 -60.56 -21.25
C MET A 176 -163.02 -60.75 -21.57
N ARG A 177 -163.41 -60.45 -22.82
CA ARG A 177 -164.81 -60.45 -23.22
C ARG A 177 -165.33 -61.87 -23.16
N LEU A 178 -166.49 -62.07 -22.56
CA LEU A 178 -167.04 -63.40 -22.44
C LEU A 178 -168.40 -63.60 -23.09
N ASP A 179 -168.49 -64.60 -23.96
CA ASP A 179 -169.74 -64.90 -24.63
C ASP A 179 -170.61 -65.84 -23.79
N LEU A 180 -170.99 -65.31 -22.64
CA LEU A 180 -171.88 -65.95 -21.68
C LEU A 180 -172.66 -64.81 -21.06
N ALA A 181 -173.98 -64.86 -21.20
CA ALA A 181 -174.78 -63.73 -20.73
C ALA A 181 -176.20 -64.09 -20.28
N GLY A 182 -176.97 -63.06 -19.88
CA GLY A 182 -178.34 -63.25 -19.38
C GLY A 182 -179.26 -64.01 -20.34
N ARG A 183 -179.06 -63.86 -21.66
CA ARG A 183 -179.84 -64.55 -22.66
C ARG A 183 -179.61 -66.07 -22.63
N ASP A 184 -178.41 -66.49 -22.23
CA ASP A 184 -178.04 -67.90 -22.23
C ASP A 184 -178.63 -68.49 -20.98
N LEU A 185 -178.71 -67.68 -19.93
CA LEU A 185 -179.29 -68.16 -18.69
C LEU A 185 -180.79 -68.40 -18.91
N THR A 186 -181.47 -67.52 -19.67
CA THR A 186 -182.89 -67.73 -19.93
C THR A 186 -183.09 -69.01 -20.75
N ASP A 187 -182.24 -69.21 -21.77
CA ASP A 187 -182.35 -70.40 -22.63
C ASP A 187 -182.06 -71.67 -21.81
N TYR A 188 -181.07 -71.60 -20.92
CA TYR A 188 -180.72 -72.74 -20.13
C TYR A 188 -181.87 -73.06 -19.17
N LEU A 189 -182.49 -72.02 -18.59
CA LEU A 189 -183.58 -72.26 -17.65
C LEU A 189 -184.74 -72.93 -18.42
N MET A 190 -185.03 -72.52 -19.66
CA MET A 190 -186.12 -73.20 -20.40
C MET A 190 -185.82 -74.70 -20.47
N LYS A 191 -184.56 -75.06 -20.75
CA LYS A 191 -184.14 -76.45 -20.85
C LYS A 191 -184.16 -77.22 -19.51
N ILE A 192 -183.73 -76.59 -18.42
CA ILE A 192 -183.68 -77.28 -17.14
C ILE A 192 -185.13 -77.46 -16.59
N LEU A 193 -186.00 -76.50 -16.87
CA LEU A 193 -187.38 -76.62 -16.43
C LEU A 193 -188.04 -77.76 -17.20
N THR A 194 -187.62 -77.96 -18.47
CA THR A 194 -188.10 -79.04 -19.30
C THR A 194 -187.76 -80.38 -18.64
N GLU A 195 -186.54 -80.48 -18.08
CA GLU A 195 -186.12 -81.73 -17.40
C GLU A 195 -187.08 -82.08 -16.24
N ARG A 196 -187.65 -81.05 -15.61
CA ARG A 196 -188.58 -81.26 -14.50
C ARG A 196 -190.04 -81.49 -14.93
N GLY A 197 -190.30 -81.52 -16.22
CA GLY A 197 -191.65 -81.73 -16.74
C GLY A 197 -192.40 -80.47 -17.19
N TYR A 198 -191.71 -79.34 -17.27
CA TYR A 198 -192.34 -78.11 -17.70
C TYR A 198 -191.63 -77.57 -18.90
N SER A 199 -192.05 -77.99 -20.08
CA SER A 199 -191.38 -77.63 -21.32
C SER A 199 -191.71 -76.22 -21.76
N PHE A 200 -190.68 -75.47 -22.09
CA PHE A 200 -190.79 -74.11 -22.62
C PHE A 200 -189.99 -74.06 -23.91
N VAL A 201 -190.69 -73.94 -25.05
CA VAL A 201 -189.99 -73.94 -26.34
C VAL A 201 -190.32 -72.74 -27.26
N THR A 202 -191.38 -71.98 -26.96
CA THR A 202 -191.79 -70.87 -27.82
C THR A 202 -191.29 -69.54 -27.29
N THR A 203 -191.49 -68.50 -28.08
CA THR A 203 -191.11 -67.15 -27.72
C THR A 203 -191.93 -66.61 -26.55
N ALA A 204 -193.20 -66.98 -26.49
CA ALA A 204 -194.04 -66.54 -25.37
C ALA A 204 -193.52 -67.19 -24.11
N GLU A 205 -193.13 -68.46 -24.26
CA GLU A 205 -192.60 -69.28 -23.19
C GLU A 205 -191.24 -68.78 -22.73
N ARG A 206 -190.48 -68.23 -23.66
CA ARG A 206 -189.18 -67.66 -23.36
C ARG A 206 -189.36 -66.49 -22.41
N GLU A 207 -190.36 -65.65 -22.68
CA GLU A 207 -190.64 -64.50 -21.81
C GLU A 207 -191.15 -64.97 -20.45
N ILE A 208 -191.92 -66.06 -20.42
CA ILE A 208 -192.40 -66.59 -19.15
C ILE A 208 -191.21 -67.04 -18.33
N VAL A 209 -190.28 -67.75 -18.96
CA VAL A 209 -189.10 -68.24 -18.28
C VAL A 209 -188.22 -67.10 -17.84
N ARG A 210 -188.16 -66.04 -18.64
CA ARG A 210 -187.37 -64.87 -18.29
C ARG A 210 -187.91 -64.28 -16.98
N ASP A 211 -189.22 -64.24 -16.84
CA ASP A 211 -189.85 -63.72 -15.63
C ASP A 211 -189.62 -64.69 -14.45
N ILE A 212 -189.65 -66.01 -14.70
CA ILE A 212 -189.41 -66.99 -13.66
C ILE A 212 -188.00 -66.82 -13.13
N LYS A 213 -187.04 -66.70 -14.04
CA LYS A 213 -185.64 -66.57 -13.69
C LYS A 213 -185.40 -65.39 -12.77
N GLU A 214 -185.96 -64.24 -13.16
CA GLU A 214 -185.74 -63.00 -12.45
C GLU A 214 -186.27 -63.04 -11.01
N LYS A 215 -187.37 -63.78 -10.79
CA LYS A 215 -187.96 -63.85 -9.45
C LYS A 215 -187.55 -65.08 -8.61
N LEU A 216 -187.28 -66.23 -9.23
CA LEU A 216 -186.99 -67.45 -8.47
C LEU A 216 -185.54 -67.91 -8.37
N CYS A 217 -184.68 -67.53 -9.31
CA CYS A 217 -183.35 -68.11 -9.34
C CYS A 217 -182.26 -67.34 -8.58
N TYR A 218 -181.21 -68.07 -8.19
CA TYR A 218 -180.04 -67.51 -7.49
C TYR A 218 -178.79 -68.33 -7.81
N VAL A 219 -177.60 -67.79 -7.59
CA VAL A 219 -176.38 -68.58 -7.88
C VAL A 219 -175.96 -69.57 -6.79
N ALA A 220 -176.16 -69.19 -5.53
CA ALA A 220 -175.76 -69.96 -4.33
C ALA A 220 -174.31 -69.66 -4.03
N LEU A 221 -173.99 -69.47 -2.74
CA LEU A 221 -172.61 -69.20 -2.35
C LEU A 221 -171.75 -70.46 -2.33
N ASP A 222 -172.42 -71.62 -2.24
CA ASP A 222 -171.75 -72.91 -2.26
C ASP A 222 -172.61 -73.85 -3.10
N PHE A 223 -172.25 -74.00 -4.36
CA PHE A 223 -173.08 -74.74 -5.29
C PHE A 223 -173.32 -76.18 -4.89
N GLU A 224 -172.27 -76.89 -4.54
CA GLU A 224 -172.38 -78.31 -4.25
C GLU A 224 -173.20 -78.60 -3.00
N ASN A 225 -173.03 -77.79 -1.95
CA ASN A 225 -173.80 -78.05 -0.74
C ASN A 225 -175.26 -77.61 -0.92
N GLU A 226 -175.48 -76.56 -1.72
CA GLU A 226 -176.83 -76.06 -1.91
C GLU A 226 -177.56 -77.07 -2.79
N MET A 227 -176.84 -77.62 -3.78
CA MET A 227 -177.35 -78.62 -4.72
C MET A 227 -177.73 -79.88 -3.99
N ALA A 228 -176.84 -80.38 -3.15
CA ALA A 228 -177.14 -81.60 -2.43
C ALA A 228 -178.38 -81.43 -1.57
N THR A 229 -178.53 -80.24 -0.95
CA THR A 229 -179.71 -80.01 -0.14
C THR A 229 -180.97 -79.89 -1.00
N ALA A 230 -180.91 -79.11 -2.07
CA ALA A 230 -182.05 -78.86 -2.94
C ALA A 230 -182.53 -80.13 -3.61
N ALA A 231 -181.61 -81.03 -3.89
CA ALA A 231 -181.91 -82.30 -4.52
C ALA A 231 -182.46 -83.31 -3.52
N SER A 232 -182.36 -83.01 -2.22
CA SER A 232 -182.77 -83.93 -1.17
C SER A 232 -184.03 -83.46 -0.43
N SER A 233 -184.34 -82.17 -0.51
CA SER A 233 -185.48 -81.63 0.24
C SER A 233 -186.22 -80.48 -0.42
N SER A 234 -187.54 -80.53 -0.26
CA SER A 234 -188.50 -79.56 -0.77
C SER A 234 -188.33 -78.18 -0.13
N SER A 235 -187.55 -78.10 0.95
CA SER A 235 -187.33 -76.85 1.66
C SER A 235 -186.64 -75.80 0.78
N LEU A 236 -185.93 -76.23 -0.29
CA LEU A 236 -185.32 -75.22 -1.15
C LEU A 236 -186.09 -75.01 -2.46
N GLU A 237 -187.30 -75.57 -2.58
CA GLU A 237 -188.09 -75.35 -3.78
C GLU A 237 -188.91 -74.07 -3.68
N LYS A 238 -189.11 -73.42 -4.82
CA LYS A 238 -189.96 -72.24 -4.86
C LYS A 238 -190.92 -72.30 -6.03
N SER A 239 -192.19 -71.97 -5.77
CA SER A 239 -193.22 -71.97 -6.79
C SER A 239 -193.38 -70.66 -7.56
N TYR A 240 -193.95 -70.80 -8.75
CA TYR A 240 -194.33 -69.71 -9.64
C TYR A 240 -195.64 -70.04 -10.37
N GLU A 241 -196.53 -69.06 -10.48
CA GLU A 241 -197.76 -69.29 -11.21
C GLU A 241 -197.62 -68.89 -12.67
N LEU A 242 -197.88 -69.84 -13.55
CA LEU A 242 -197.79 -69.67 -14.98
C LEU A 242 -199.08 -68.99 -15.45
N PRO A 243 -199.08 -68.25 -16.57
CA PRO A 243 -200.23 -67.55 -17.15
C PRO A 243 -201.49 -68.39 -17.37
N ASP A 244 -201.38 -69.70 -17.55
CA ASP A 244 -202.56 -70.53 -17.77
C ASP A 244 -203.10 -71.16 -16.49
N GLY A 245 -202.55 -70.76 -15.35
CA GLY A 245 -202.98 -71.26 -14.05
C GLY A 245 -202.19 -72.48 -13.57
N GLN A 246 -201.22 -72.95 -14.34
CA GLN A 246 -200.43 -74.09 -13.87
C GLN A 246 -199.36 -73.59 -12.92
N VAL A 247 -198.92 -74.45 -12.02
CA VAL A 247 -197.85 -74.07 -11.10
C VAL A 247 -196.61 -74.90 -11.31
N ILE A 248 -195.52 -74.17 -11.42
CA ILE A 248 -194.18 -74.71 -11.64
C ILE A 248 -193.33 -74.47 -10.41
N THR A 249 -192.53 -75.46 -10.04
CA THR A 249 -191.63 -75.27 -8.93
C THR A 249 -190.24 -75.53 -9.42
N ILE A 250 -189.26 -74.91 -8.78
CA ILE A 250 -187.88 -75.12 -9.15
C ILE A 250 -187.08 -75.58 -7.93
N GLY A 251 -186.29 -76.66 -8.06
CA GLY A 251 -185.50 -77.24 -6.97
C GLY A 251 -184.04 -76.88 -7.09
N ASN A 252 -183.15 -77.84 -7.41
CA ASN A 252 -181.75 -77.46 -7.51
C ASN A 252 -181.52 -76.75 -8.83
N GLU A 253 -182.56 -76.76 -9.66
CA GLU A 253 -182.59 -76.14 -10.96
C GLU A 253 -182.54 -74.62 -10.80
N ARG A 254 -182.95 -74.19 -9.60
CA ARG A 254 -183.09 -72.82 -9.16
C ARG A 254 -181.74 -72.14 -9.14
N PHE A 255 -180.69 -72.95 -8.99
CA PHE A 255 -179.32 -72.46 -8.97
C PHE A 255 -178.47 -73.12 -10.05
N ARG A 256 -178.84 -74.33 -10.47
CA ARG A 256 -178.05 -75.00 -11.51
C ARG A 256 -178.06 -74.16 -12.79
N CYS A 257 -179.17 -73.47 -13.06
CA CYS A 257 -179.17 -72.62 -14.21
C CYS A 257 -178.22 -71.41 -14.05
N PRO A 258 -178.40 -70.51 -13.04
CA PRO A 258 -177.53 -69.38 -12.70
C PRO A 258 -176.07 -69.77 -12.57
N GLU A 259 -175.80 -71.01 -12.15
CA GLU A 259 -174.46 -71.55 -11.99
C GLU A 259 -173.70 -71.52 -13.29
N THR A 260 -174.39 -71.45 -14.43
CA THR A 260 -173.79 -71.39 -15.77
C THR A 260 -172.86 -70.18 -15.83
N LEU A 261 -173.12 -69.12 -15.05
CA LEU A 261 -172.24 -67.97 -15.04
C LEU A 261 -170.85 -68.40 -14.56
N PHE A 262 -170.80 -69.32 -13.59
CA PHE A 262 -169.57 -69.80 -12.99
C PHE A 262 -169.08 -71.03 -13.76
N GLN A 263 -170.00 -71.70 -14.44
CA GLN A 263 -169.70 -72.87 -15.25
C GLN A 263 -170.42 -72.76 -16.60
N PRO A 264 -169.81 -72.04 -17.54
CA PRO A 264 -170.30 -71.73 -18.89
C PRO A 264 -170.40 -72.95 -19.79
N SER A 265 -169.72 -74.02 -19.39
CA SER A 265 -169.73 -75.27 -20.14
C SER A 265 -171.15 -75.85 -20.15
N PHE A 266 -172.01 -75.39 -19.23
CA PHE A 266 -173.37 -75.89 -19.18
C PHE A 266 -174.16 -75.51 -20.45
N ILE A 267 -173.77 -74.40 -21.12
CA ILE A 267 -174.46 -73.97 -22.34
C ILE A 267 -173.57 -74.28 -23.55
N GLY A 268 -172.46 -74.99 -23.32
CA GLY A 268 -171.51 -75.31 -24.38
C GLY A 268 -170.41 -74.26 -24.65
N MET A 269 -170.16 -73.35 -23.71
CA MET A 269 -169.14 -72.32 -23.89
C MET A 269 -167.80 -72.74 -23.29
N GLU A 270 -166.70 -72.40 -23.95
CA GLU A 270 -165.37 -72.65 -23.40
C GLU A 270 -164.93 -71.46 -22.59
N SER A 271 -165.05 -71.58 -21.28
CA SER A 271 -164.73 -70.50 -20.37
C SER A 271 -164.47 -71.01 -18.98
N ALA A 272 -163.66 -70.26 -18.23
CA ALA A 272 -163.35 -70.59 -16.85
C ALA A 272 -164.42 -70.09 -15.88
N GLY A 273 -165.39 -69.34 -16.38
CA GLY A 273 -166.46 -68.80 -15.53
C GLY A 273 -166.27 -67.33 -15.22
N ILE A 274 -167.37 -66.71 -14.83
CA ILE A 274 -167.44 -65.30 -14.52
C ILE A 274 -166.46 -64.83 -13.46
N HIS A 275 -166.15 -65.67 -12.47
CA HIS A 275 -165.24 -65.25 -11.43
C HIS A 275 -163.78 -65.35 -11.83
N GLU A 276 -163.47 -66.18 -12.83
CA GLU A 276 -162.09 -66.28 -13.21
C GLU A 276 -161.88 -65.22 -14.23
N THR A 277 -162.93 -64.95 -15.01
CA THR A 277 -162.96 -63.94 -16.05
C THR A 277 -162.76 -62.58 -15.38
N THR A 278 -163.49 -62.36 -14.28
CA THR A 278 -163.37 -61.15 -13.48
C THR A 278 -161.97 -61.01 -12.92
N TYR A 279 -161.44 -62.10 -12.35
CA TYR A 279 -160.10 -62.19 -11.79
C TYR A 279 -159.02 -61.95 -12.86
N ASN A 280 -159.26 -62.48 -14.05
CA ASN A 280 -158.34 -62.29 -15.15
C ASN A 280 -158.21 -60.79 -15.42
N SER A 281 -159.24 -60.04 -15.08
CA SER A 281 -159.25 -58.60 -15.31
C SER A 281 -158.51 -57.82 -14.22
N ILE A 282 -158.23 -58.46 -13.08
CA ILE A 282 -157.60 -57.76 -11.98
C ILE A 282 -156.13 -58.08 -11.76
N MET A 283 -155.71 -59.26 -12.18
CA MET A 283 -154.31 -59.66 -11.98
C MET A 283 -153.44 -59.28 -13.16
N LYS A 284 -154.02 -59.25 -14.35
CA LYS A 284 -153.28 -58.90 -15.58
C LYS A 284 -152.85 -57.44 -15.56
N CYS A 285 -153.58 -56.62 -14.84
CA CYS A 285 -153.25 -55.21 -14.69
C CYS A 285 -151.95 -55.04 -13.89
N ASP A 286 -151.30 -53.89 -14.02
CA ASP A 286 -150.01 -53.67 -13.37
C ASP A 286 -150.00 -53.79 -11.85
N ILE A 287 -148.81 -54.11 -11.36
CA ILE A 287 -148.53 -54.32 -9.95
C ILE A 287 -149.02 -53.17 -9.03
N ASP A 288 -148.99 -51.91 -9.50
CA ASP A 288 -149.48 -50.81 -8.67
C ASP A 288 -150.96 -50.44 -8.93
N ILE A 289 -151.62 -51.22 -9.78
CA ILE A 289 -153.03 -51.06 -10.15
C ILE A 289 -153.92 -52.08 -9.44
N ARG A 290 -153.47 -53.33 -9.43
CA ARG A 290 -154.20 -54.46 -8.86
C ARG A 290 -154.91 -54.20 -7.53
N LYS A 291 -154.24 -53.53 -6.61
CA LYS A 291 -154.82 -53.30 -5.30
C LYS A 291 -156.10 -52.43 -5.34
N ASP A 292 -156.17 -51.54 -6.32
CA ASP A 292 -157.27 -50.61 -6.38
C ASP A 292 -158.41 -51.28 -7.11
N LEU A 293 -158.07 -52.16 -8.03
CA LEU A 293 -159.13 -52.84 -8.74
C LEU A 293 -159.80 -53.87 -7.83
N TYR A 294 -159.02 -54.55 -6.99
CA TYR A 294 -159.59 -55.58 -6.09
C TYR A 294 -160.61 -55.00 -5.15
N ALA A 295 -160.31 -53.81 -4.64
CA ALA A 295 -161.15 -53.12 -3.68
C ALA A 295 -162.34 -52.39 -4.31
N ASN A 296 -162.42 -52.39 -5.64
CA ASN A 296 -163.46 -51.69 -6.36
C ASN A 296 -163.98 -52.54 -7.52
N ASN A 297 -164.57 -53.67 -7.21
CA ASN A 297 -165.14 -54.55 -8.22
C ASN A 297 -166.59 -54.08 -8.41
N VAL A 298 -166.91 -53.52 -9.59
CA VAL A 298 -168.19 -52.85 -9.82
C VAL A 298 -169.19 -53.60 -10.70
N MET A 299 -170.38 -53.84 -10.16
CA MET A 299 -171.43 -54.48 -10.93
C MET A 299 -172.39 -53.49 -11.56
N SER A 300 -172.77 -53.77 -12.80
CA SER A 300 -173.76 -52.97 -13.51
C SER A 300 -174.47 -53.94 -14.41
N GLY A 301 -175.60 -53.56 -14.95
CA GLY A 301 -176.31 -54.47 -15.83
C GLY A 301 -177.11 -55.41 -14.95
N GLY A 302 -177.84 -56.32 -15.57
CA GLY A 302 -178.68 -57.33 -14.88
C GLY A 302 -177.86 -58.57 -14.55
N THR A 303 -178.50 -59.66 -14.05
CA THR A 303 -177.85 -60.94 -13.56
C THR A 303 -177.09 -60.70 -12.22
N THR A 304 -176.77 -59.44 -11.97
CA THR A 304 -176.12 -58.86 -10.80
C THR A 304 -177.14 -58.78 -9.67
N MET A 305 -178.37 -59.03 -10.08
CA MET A 305 -179.57 -59.04 -9.32
C MET A 305 -179.92 -60.44 -8.78
N TYR A 306 -179.03 -61.44 -8.98
CA TYR A 306 -179.27 -62.73 -8.33
C TYR A 306 -178.99 -62.46 -6.85
N PRO A 307 -179.78 -62.97 -5.90
CA PRO A 307 -179.61 -62.78 -4.45
C PRO A 307 -178.21 -63.05 -3.87
N GLY A 308 -177.47 -64.01 -4.43
CA GLY A 308 -176.14 -64.34 -3.89
C GLY A 308 -174.96 -63.97 -4.80
N ILE A 309 -175.17 -63.22 -5.88
CA ILE A 309 -174.04 -62.99 -6.78
C ILE A 309 -172.99 -62.03 -6.25
N ALA A 310 -173.38 -60.96 -5.56
CA ALA A 310 -172.35 -60.02 -5.09
C ALA A 310 -171.46 -60.71 -4.06
N ASP A 311 -172.03 -61.59 -3.24
CA ASP A 311 -171.25 -62.21 -2.20
C ASP A 311 -170.47 -63.40 -2.73
N ARG A 312 -171.01 -64.15 -3.70
CA ARG A 312 -170.21 -65.24 -4.19
C ARG A 312 -169.06 -64.70 -5.02
N MET A 313 -169.30 -63.67 -5.82
CA MET A 313 -168.21 -63.13 -6.61
C MET A 313 -167.11 -62.57 -5.72
N GLN A 314 -167.47 -61.90 -4.61
CA GLN A 314 -166.45 -61.34 -3.76
C GLN A 314 -165.63 -62.48 -3.17
N LYS A 315 -166.31 -63.58 -2.78
CA LYS A 315 -165.65 -64.75 -2.22
C LYS A 315 -164.73 -65.43 -3.23
N GLU A 316 -165.19 -65.62 -4.48
CA GLU A 316 -164.37 -66.30 -5.47
C GLU A 316 -163.14 -65.48 -5.83
N ILE A 317 -163.28 -64.16 -5.94
CA ILE A 317 -162.13 -63.37 -6.28
C ILE A 317 -161.18 -63.41 -5.09
N THR A 318 -161.70 -63.31 -3.87
CA THR A 318 -160.88 -63.36 -2.67
C THR A 318 -160.06 -64.65 -2.64
N ALA A 319 -160.70 -65.79 -2.98
CA ALA A 319 -160.03 -67.08 -3.02
C ALA A 319 -158.88 -67.12 -4.06
N LEU A 320 -159.07 -66.44 -5.19
CA LEU A 320 -158.08 -66.41 -6.26
C LEU A 320 -156.99 -65.35 -6.00
N ALA A 321 -157.38 -64.28 -5.31
CA ALA A 321 -156.56 -63.12 -4.97
C ALA A 321 -155.46 -63.47 -3.97
N PRO A 322 -154.35 -62.70 -3.96
CA PRO A 322 -153.30 -62.78 -2.99
C PRO A 322 -153.83 -62.23 -1.68
N SER A 323 -153.16 -62.56 -0.59
CA SER A 323 -153.50 -62.07 0.74
C SER A 323 -153.15 -60.59 0.83
N THR A 324 -153.55 -59.95 1.94
CA THR A 324 -153.33 -58.51 2.19
C THR A 324 -154.35 -57.63 1.46
N MET A 325 -154.56 -57.89 0.19
CA MET A 325 -155.47 -57.11 -0.63
C MET A 325 -156.90 -57.20 -0.14
N LYS A 326 -157.60 -56.07 -0.21
CA LYS A 326 -159.01 -56.01 0.14
C LYS A 326 -159.85 -56.22 -1.07
N ILE A 327 -160.76 -57.18 -1.01
CA ILE A 327 -161.64 -57.45 -2.12
C ILE A 327 -163.04 -57.00 -1.76
N LYS A 328 -163.63 -56.16 -2.61
CA LYS A 328 -164.97 -55.64 -2.37
C LYS A 328 -165.80 -55.46 -3.63
N ILE A 329 -167.05 -55.94 -3.59
CA ILE A 329 -167.98 -55.70 -4.67
C ILE A 329 -169.04 -54.68 -4.38
N ILE A 330 -169.14 -53.75 -5.30
CA ILE A 330 -170.11 -52.68 -5.26
C ILE A 330 -171.29 -53.13 -6.11
N ALA A 331 -172.42 -53.34 -5.45
CA ALA A 331 -173.61 -53.85 -6.11
C ALA A 331 -174.80 -52.99 -5.71
N PRO A 332 -174.93 -51.79 -6.29
CA PRO A 332 -175.86 -50.73 -5.93
C PRO A 332 -177.27 -51.11 -6.35
N PRO A 333 -178.32 -50.46 -5.79
CA PRO A 333 -179.72 -50.64 -6.16
C PRO A 333 -179.97 -50.21 -7.60
N GLU A 334 -179.07 -49.40 -8.13
CA GLU A 334 -179.16 -48.98 -9.51
C GLU A 334 -178.75 -50.14 -10.42
N ARG A 335 -178.71 -51.35 -9.86
CA ARG A 335 -178.34 -52.55 -10.61
C ARG A 335 -179.30 -52.75 -11.78
N LYS A 336 -178.74 -53.16 -12.92
CA LYS A 336 -179.42 -53.36 -14.21
C LYS A 336 -179.82 -52.01 -14.84
N TYR A 337 -180.16 -51.03 -14.00
CA TYR A 337 -180.47 -49.69 -14.50
C TYR A 337 -179.24 -48.74 -14.52
N SER A 338 -178.08 -49.22 -14.07
CA SER A 338 -176.89 -48.37 -13.91
C SER A 338 -176.33 -47.78 -15.17
N VAL A 339 -176.35 -48.52 -16.27
CA VAL A 339 -175.77 -47.98 -17.49
C VAL A 339 -176.65 -46.83 -17.97
N TRP A 340 -177.97 -46.99 -17.90
CA TRP A 340 -178.83 -45.89 -18.32
C TRP A 340 -178.53 -44.66 -17.46
N ILE A 341 -178.42 -44.85 -16.15
CA ILE A 341 -178.18 -43.75 -15.21
C ILE A 341 -176.86 -43.09 -15.53
N GLY A 342 -175.84 -43.87 -15.79
CA GLY A 342 -174.57 -43.29 -16.15
C GLY A 342 -174.72 -42.45 -17.42
N GLY A 343 -175.58 -42.88 -18.37
CA GLY A 343 -175.81 -42.18 -19.63
C GLY A 343 -176.36 -40.79 -19.36
N SER A 344 -177.29 -40.69 -18.41
CA SER A 344 -177.88 -39.43 -17.96
C SER A 344 -176.79 -38.52 -17.39
N ILE A 345 -175.91 -39.11 -16.58
CA ILE A 345 -174.83 -38.38 -15.96
C ILE A 345 -173.88 -37.85 -17.02
N LEU A 346 -173.49 -38.70 -17.97
CA LEU A 346 -172.55 -38.29 -19.00
C LEU A 346 -173.11 -37.22 -19.91
N ALA A 347 -174.35 -37.39 -20.38
CA ALA A 347 -174.96 -36.49 -21.35
C ALA A 347 -174.99 -35.05 -20.86
N SER A 348 -175.20 -34.87 -19.56
CA SER A 348 -175.29 -33.58 -18.91
C SER A 348 -174.00 -33.01 -18.30
N LEU A 349 -172.86 -33.72 -18.40
CA LEU A 349 -171.64 -33.15 -17.78
C LEU A 349 -171.17 -31.96 -18.59
N SER A 350 -170.70 -30.90 -17.93
CA SER A 350 -170.18 -29.74 -18.67
C SER A 350 -168.95 -30.10 -19.50
N THR A 351 -168.21 -31.10 -19.00
CA THR A 351 -166.98 -31.62 -19.61
C THR A 351 -167.26 -32.48 -20.82
N PHE A 352 -168.54 -32.77 -21.02
CA PHE A 352 -168.94 -33.59 -22.13
C PHE A 352 -169.80 -32.83 -23.12
N GLN A 353 -169.83 -31.49 -23.05
CA GLN A 353 -170.68 -30.83 -24.03
C GLN A 353 -170.00 -30.64 -25.38
N GLN A 354 -168.70 -30.90 -25.41
CA GLN A 354 -167.93 -30.79 -26.63
C GLN A 354 -167.78 -32.16 -27.29
N MET A 355 -168.32 -33.21 -26.66
CA MET A 355 -168.17 -34.57 -27.19
C MET A 355 -169.27 -34.98 -28.15
N TRP A 356 -170.30 -34.16 -28.26
CA TRP A 356 -171.46 -34.42 -29.09
C TRP A 356 -171.18 -34.21 -30.58
N ILE A 357 -171.67 -35.11 -31.43
CA ILE A 357 -171.56 -34.99 -32.89
C ILE A 357 -172.71 -34.14 -33.29
N THR A 358 -172.50 -33.05 -34.02
CA THR A 358 -173.67 -32.25 -34.37
C THR A 358 -174.27 -32.70 -35.69
N LYS A 359 -175.53 -32.32 -35.99
CA LYS A 359 -176.08 -32.66 -37.30
C LYS A 359 -175.68 -31.61 -38.32
N GLN A 360 -174.39 -31.55 -38.53
CA GLN A 360 -173.66 -30.72 -39.46
C GLN A 360 -172.44 -31.53 -39.74
N GLU A 361 -171.72 -31.86 -38.66
CA GLU A 361 -170.51 -32.66 -38.78
C GLU A 361 -170.89 -34.03 -39.33
N TYR A 362 -172.04 -34.54 -38.86
CA TYR A 362 -172.54 -35.83 -39.30
C TYR A 362 -172.79 -35.87 -40.78
N ASP A 363 -173.47 -34.86 -41.32
CA ASP A 363 -173.81 -34.94 -42.72
C ASP A 363 -172.60 -34.69 -43.60
N GLU A 364 -171.67 -33.84 -43.16
CA GLU A 364 -170.48 -33.61 -43.94
C GLU A 364 -169.60 -34.86 -44.04
N ALA A 365 -169.47 -35.59 -42.91
CA ALA A 365 -168.63 -36.78 -42.84
C ALA A 365 -169.29 -38.13 -43.20
N GLY A 366 -170.59 -38.29 -42.92
CA GLY A 366 -171.26 -39.56 -43.12
C GLY A 366 -171.23 -40.37 -41.82
N PRO A 367 -171.86 -41.57 -41.78
CA PRO A 367 -172.06 -42.42 -40.60
C PRO A 367 -170.80 -42.88 -39.89
N SER A 368 -169.67 -42.94 -40.60
CA SER A 368 -168.40 -43.37 -40.05
C SER A 368 -167.84 -42.38 -39.05
N ILE A 369 -168.40 -41.17 -39.01
CA ILE A 369 -167.94 -40.11 -38.12
C ILE A 369 -167.91 -40.51 -36.66
N VAL A 370 -168.80 -41.41 -36.27
CA VAL A 370 -168.88 -41.84 -34.90
C VAL A 370 -167.57 -42.45 -34.41
N HIS A 371 -166.78 -43.00 -35.35
CA HIS A 371 -165.50 -43.62 -35.08
C HIS A 371 -164.46 -42.65 -34.55
N ARG A 372 -164.50 -41.41 -35.01
CA ARG A 372 -163.51 -40.45 -34.59
C ARG A 372 -164.03 -39.53 -33.48
N LYS A 373 -165.35 -39.30 -33.46
CA LYS A 373 -165.95 -38.40 -32.49
C LYS A 373 -166.33 -38.99 -31.13
N CYS A 374 -166.65 -40.29 -31.05
CA CYS A 374 -167.10 -40.81 -29.76
C CYS A 374 -166.03 -41.43 -28.88
N PHE A 375 -165.25 -42.40 -29.41
CA PHE A 375 -164.21 -43.08 -28.62
C PHE A 375 -163.45 -44.15 -29.40
N ASP B 1 -137.59 -95.35 -36.17
CA ASP B 1 -137.44 -95.72 -37.56
C ASP B 1 -136.09 -95.28 -38.12
N GLU B 2 -135.39 -94.42 -37.38
CA GLU B 2 -134.09 -93.90 -37.82
C GLU B 2 -132.95 -94.71 -37.22
N ASP B 3 -131.86 -94.90 -37.97
CA ASP B 3 -130.68 -95.60 -37.50
C ASP B 3 -129.41 -94.75 -37.40
N GLU B 4 -129.56 -93.43 -37.42
CA GLU B 4 -128.40 -92.54 -37.31
C GLU B 4 -128.15 -92.20 -35.86
N THR B 5 -126.96 -92.53 -35.38
CA THR B 5 -126.60 -92.35 -33.98
C THR B 5 -126.18 -90.92 -33.67
N THR B 6 -127.15 -90.04 -33.76
CA THR B 6 -127.01 -88.60 -33.54
C THR B 6 -127.88 -88.09 -32.41
N ALA B 7 -127.72 -86.80 -32.13
CA ALA B 7 -128.49 -86.12 -31.09
C ALA B 7 -129.86 -85.75 -31.58
N LEU B 8 -130.79 -85.52 -30.66
CA LEU B 8 -132.12 -85.07 -31.04
C LEU B 8 -132.26 -83.63 -30.65
N VAL B 9 -133.05 -82.86 -31.41
CA VAL B 9 -133.24 -81.43 -31.12
C VAL B 9 -134.71 -80.96 -31.09
N CYS B 10 -135.08 -80.18 -30.04
CA CYS B 10 -136.43 -79.58 -29.98
C CYS B 10 -136.44 -78.11 -29.48
N ASP B 11 -137.23 -77.29 -30.16
CA ASP B 11 -137.46 -75.90 -29.81
C ASP B 11 -138.90 -75.88 -29.31
N ASN B 12 -139.07 -75.62 -28.01
CA ASN B 12 -140.40 -75.65 -27.40
C ASN B 12 -140.94 -74.31 -26.90
N GLY B 13 -141.97 -73.76 -27.55
CA GLY B 13 -142.51 -72.48 -27.09
C GLY B 13 -143.96 -72.56 -26.64
N SER B 14 -144.57 -71.39 -26.42
CA SER B 14 -145.97 -71.26 -25.98
C SER B 14 -146.99 -71.56 -27.07
N GLY B 15 -146.55 -71.70 -28.32
CA GLY B 15 -147.41 -72.01 -29.44
C GLY B 15 -147.04 -73.37 -30.00
N LEU B 16 -145.92 -73.42 -30.72
CA LEU B 16 -145.41 -74.60 -31.43
C LEU B 16 -144.10 -75.22 -30.87
N VAL B 17 -143.89 -76.50 -31.21
CA VAL B 17 -142.67 -77.25 -30.97
C VAL B 17 -142.05 -77.74 -32.28
N LYS B 18 -140.82 -77.33 -32.57
CA LYS B 18 -140.17 -77.83 -33.77
C LYS B 18 -139.27 -78.96 -33.36
N ALA B 19 -139.30 -80.07 -34.09
CA ALA B 19 -138.42 -81.15 -33.68
C ALA B 19 -137.94 -82.05 -34.83
N GLY B 20 -136.81 -82.70 -34.60
CA GLY B 20 -136.20 -83.64 -35.54
C GLY B 20 -134.86 -84.05 -34.98
N PHE B 21 -133.97 -84.62 -35.79
CA PHE B 21 -132.67 -84.99 -35.23
C PHE B 21 -131.52 -84.14 -35.75
N ALA B 22 -130.48 -84.05 -34.91
CA ALA B 22 -129.32 -83.25 -35.19
C ALA B 22 -128.54 -83.78 -36.37
N GLY B 23 -128.02 -82.85 -37.13
CA GLY B 23 -127.22 -83.12 -38.29
C GLY B 23 -128.01 -82.79 -39.54
N ASP B 24 -129.34 -82.69 -39.45
CA ASP B 24 -130.07 -82.32 -40.66
C ASP B 24 -130.23 -80.79 -40.69
N ASP B 25 -130.85 -80.26 -41.75
CA ASP B 25 -131.07 -78.81 -41.90
C ASP B 25 -132.52 -78.38 -41.70
N ALA B 26 -133.34 -79.25 -41.16
CA ALA B 26 -134.74 -78.91 -40.95
C ALA B 26 -135.35 -79.85 -39.90
N PRO B 27 -136.40 -79.44 -39.19
CA PRO B 27 -137.14 -80.28 -38.28
C PRO B 27 -137.86 -81.31 -39.14
N ARG B 28 -138.15 -82.46 -38.57
CA ARG B 28 -138.86 -83.51 -39.29
C ARG B 28 -140.35 -83.25 -39.23
N ALA B 29 -140.78 -82.65 -38.13
CA ALA B 29 -142.16 -82.34 -37.92
C ALA B 29 -142.29 -81.19 -36.94
N VAL B 30 -143.41 -80.50 -37.03
CA VAL B 30 -143.70 -79.43 -36.10
C VAL B 30 -145.02 -79.76 -35.45
N PHE B 31 -145.04 -79.71 -34.13
CA PHE B 31 -146.22 -80.06 -33.37
C PHE B 31 -146.67 -78.84 -32.60
N PRO B 32 -147.94 -78.64 -32.35
CA PRO B 32 -148.43 -77.66 -31.40
C PRO B 32 -148.00 -78.04 -30.00
N SER B 33 -147.72 -77.06 -29.13
CA SER B 33 -147.41 -77.33 -27.73
C SER B 33 -148.72 -77.47 -26.96
N ILE B 34 -149.52 -78.44 -27.34
CA ILE B 34 -150.86 -78.56 -26.79
C ILE B 34 -151.25 -79.89 -26.18
N VAL B 35 -151.83 -79.83 -25.00
CA VAL B 35 -152.49 -81.02 -24.48
C VAL B 35 -153.98 -80.62 -24.40
N GLY B 36 -154.77 -81.27 -25.23
CA GLY B 36 -156.18 -80.93 -25.36
C GLY B 36 -157.00 -81.81 -24.46
N ARG B 37 -158.09 -81.26 -23.98
CA ARG B 37 -158.99 -82.01 -23.14
C ARG B 37 -160.41 -81.73 -23.55
N PRO B 38 -161.34 -82.68 -23.48
CA PRO B 38 -162.72 -82.48 -23.86
C PRO B 38 -163.34 -81.46 -22.93
N ARG B 39 -164.18 -80.59 -23.50
CA ARG B 39 -164.88 -79.58 -22.69
C ARG B 39 -166.38 -79.87 -22.65
N HIS B 40 -166.76 -81.06 -23.09
CA HIS B 40 -168.16 -81.49 -23.14
C HIS B 40 -168.33 -82.90 -22.63
N GLN B 41 -169.51 -83.17 -22.08
CA GLN B 41 -169.89 -84.52 -21.69
C GLN B 41 -170.54 -85.23 -22.86
N GLY B 42 -170.01 -86.40 -23.23
CA GLY B 42 -170.58 -87.15 -24.32
C GLY B 42 -171.90 -87.78 -23.90
N VAL B 43 -172.82 -87.90 -24.86
CA VAL B 43 -174.12 -88.51 -24.61
C VAL B 43 -174.29 -89.85 -25.31
N MET B 44 -173.97 -89.87 -26.60
CA MET B 44 -174.14 -91.05 -27.43
C MET B 44 -172.99 -92.04 -27.28
N VAL B 45 -173.32 -93.30 -27.44
CA VAL B 45 -172.39 -94.41 -27.42
C VAL B 45 -171.73 -94.58 -28.78
N GLY B 46 -170.42 -94.79 -28.81
CA GLY B 46 -169.72 -94.97 -30.08
C GLY B 46 -169.26 -93.65 -30.72
N MET B 47 -169.07 -92.62 -29.90
CA MET B 47 -168.66 -91.29 -30.38
C MET B 47 -167.16 -91.05 -30.15
N GLY B 48 -166.43 -92.11 -29.82
CA GLY B 48 -165.02 -91.95 -29.52
C GLY B 48 -164.90 -91.09 -28.26
N GLN B 49 -164.13 -90.01 -28.37
CA GLN B 49 -163.84 -89.02 -27.31
C GLN B 49 -162.72 -89.51 -26.41
N LYS B 50 -161.57 -88.83 -26.48
CA LYS B 50 -160.41 -89.21 -25.71
C LYS B 50 -160.40 -88.43 -24.41
N ASP B 51 -159.64 -88.91 -23.42
CA ASP B 51 -159.52 -88.16 -22.17
C ASP B 51 -158.58 -86.98 -22.36
N SER B 52 -157.65 -87.16 -23.28
CA SER B 52 -156.67 -86.16 -23.62
C SER B 52 -156.22 -86.35 -25.06
N TYR B 53 -155.83 -85.25 -25.67
CA TYR B 53 -155.35 -85.20 -27.04
C TYR B 53 -153.98 -84.56 -27.03
N VAL B 54 -153.04 -85.02 -27.86
CA VAL B 54 -151.73 -84.36 -27.81
C VAL B 54 -151.25 -83.79 -29.15
N GLY B 55 -150.78 -82.54 -29.09
CA GLY B 55 -150.22 -81.86 -30.25
C GLY B 55 -151.25 -81.62 -31.31
N ASP B 56 -151.00 -82.20 -32.48
CA ASP B 56 -151.87 -82.06 -33.62
C ASP B 56 -153.21 -82.76 -33.38
N GLU B 57 -153.29 -83.72 -32.47
CA GLU B 57 -154.59 -84.33 -32.22
C GLU B 57 -155.49 -83.29 -31.56
N ALA B 58 -154.88 -82.52 -30.65
CA ALA B 58 -155.58 -81.53 -29.87
C ALA B 58 -156.01 -80.37 -30.75
N GLN B 59 -155.15 -80.01 -31.71
CA GLN B 59 -155.50 -78.92 -32.57
C GLN B 59 -156.59 -79.36 -33.57
N SER B 60 -156.47 -80.57 -34.13
CA SER B 60 -157.43 -81.04 -35.13
C SER B 60 -158.85 -81.23 -34.57
N LYS B 61 -158.96 -81.60 -33.29
CA LYS B 61 -160.24 -81.80 -32.64
C LYS B 61 -160.68 -80.61 -31.79
N ARG B 62 -159.97 -79.48 -31.91
CA ARG B 62 -160.19 -78.32 -31.06
C ARG B 62 -161.58 -77.76 -30.99
N GLY B 63 -162.42 -77.96 -31.99
CA GLY B 63 -163.76 -77.39 -31.92
C GLY B 63 -164.54 -77.81 -30.66
N ILE B 64 -164.23 -78.99 -30.10
CA ILE B 64 -164.90 -79.51 -28.90
C ILE B 64 -163.97 -79.69 -27.70
N LEU B 65 -162.76 -79.13 -27.78
CA LEU B 65 -161.74 -79.28 -26.74
C LEU B 65 -161.33 -77.94 -26.16
N THR B 66 -160.79 -77.98 -24.96
CA THR B 66 -160.13 -76.82 -24.41
C THR B 66 -158.65 -77.14 -24.60
N LEU B 67 -157.88 -76.18 -25.09
CA LEU B 67 -156.48 -76.44 -25.41
C LEU B 67 -155.52 -75.80 -24.41
N LYS B 68 -154.72 -76.63 -23.75
CA LYS B 68 -153.79 -76.07 -22.78
C LYS B 68 -152.39 -75.99 -23.35
N TYR B 69 -151.75 -74.85 -23.10
CA TYR B 69 -150.37 -74.60 -23.51
C TYR B 69 -149.49 -74.50 -22.26
N PRO B 70 -148.56 -75.45 -22.09
CA PRO B 70 -147.63 -75.62 -20.95
C PRO B 70 -146.54 -74.57 -20.74
N ILE B 71 -146.27 -73.77 -21.77
CA ILE B 71 -145.21 -72.76 -21.74
C ILE B 71 -145.70 -71.32 -21.65
N GLU B 72 -145.21 -70.64 -20.62
CA GLU B 72 -145.59 -69.27 -20.28
C GLU B 72 -144.49 -68.27 -20.60
N HIS B 73 -144.61 -67.56 -21.72
CA HIS B 73 -143.62 -66.55 -22.11
C HIS B 73 -142.18 -67.06 -22.09
N GLY B 74 -142.01 -68.29 -22.59
CA GLY B 74 -140.72 -68.97 -22.67
C GLY B 74 -140.44 -70.02 -21.59
N ILE B 75 -141.20 -70.07 -20.48
CA ILE B 75 -140.92 -71.10 -19.46
C ILE B 75 -141.95 -72.21 -19.30
N ILE B 76 -141.46 -73.44 -19.27
CA ILE B 76 -142.34 -74.57 -19.08
C ILE B 76 -142.70 -74.64 -17.62
N THR B 77 -143.98 -74.59 -17.35
CA THR B 77 -144.43 -74.70 -15.98
C THR B 77 -145.22 -75.99 -15.87
N ASN B 78 -145.91 -76.36 -16.95
CA ASN B 78 -146.66 -77.61 -16.90
C ASN B 78 -145.78 -78.70 -17.49
N TRP B 79 -144.83 -79.17 -16.69
CA TRP B 79 -143.90 -80.15 -17.21
C TRP B 79 -144.60 -81.44 -17.58
N ASP B 80 -145.74 -81.75 -16.93
CA ASP B 80 -146.44 -83.00 -17.21
C ASP B 80 -147.00 -82.95 -18.62
N ASP B 81 -147.53 -81.81 -19.01
CA ASP B 81 -148.04 -81.73 -20.36
C ASP B 81 -146.88 -81.71 -21.35
N MET B 82 -145.74 -81.10 -21.02
CA MET B 82 -144.65 -81.18 -21.99
C MET B 82 -144.14 -82.61 -22.13
N GLU B 83 -144.15 -83.40 -21.05
CA GLU B 83 -143.71 -84.79 -21.18
C GLU B 83 -144.62 -85.51 -22.17
N LYS B 84 -145.94 -85.24 -22.13
CA LYS B 84 -146.88 -85.87 -23.07
C LYS B 84 -146.62 -85.43 -24.51
N ILE B 85 -146.32 -84.14 -24.68
CA ILE B 85 -146.03 -83.55 -25.98
C ILE B 85 -144.77 -84.14 -26.56
N TRP B 86 -143.72 -84.26 -25.73
CA TRP B 86 -142.46 -84.85 -26.11
C TRP B 86 -142.60 -86.33 -26.40
N HIS B 87 -143.40 -87.06 -25.63
CA HIS B 87 -143.59 -88.47 -25.93
C HIS B 87 -144.19 -88.61 -27.33
N HIS B 88 -145.24 -87.85 -27.59
CA HIS B 88 -145.86 -87.92 -28.89
C HIS B 88 -144.87 -87.51 -29.97
N THR B 89 -144.25 -86.34 -29.78
CA THR B 89 -143.25 -85.84 -30.71
C THR B 89 -142.23 -86.91 -31.07
N PHE B 90 -141.54 -87.44 -30.07
CA PHE B 90 -140.46 -88.38 -30.31
C PHE B 90 -140.90 -89.80 -30.64
N TYR B 91 -141.71 -90.38 -29.79
CA TYR B 91 -142.08 -91.77 -29.92
C TYR B 91 -143.06 -92.02 -31.05
N ASN B 92 -144.10 -91.19 -31.16
CA ASN B 92 -145.13 -91.48 -32.15
C ASN B 92 -144.88 -90.89 -33.55
N GLU B 93 -144.43 -89.64 -33.61
CA GLU B 93 -144.34 -88.98 -34.91
C GLU B 93 -142.97 -88.75 -35.54
N LEU B 94 -141.93 -88.40 -34.77
CA LEU B 94 -140.60 -88.18 -35.38
C LEU B 94 -139.94 -89.51 -35.60
N ARG B 95 -140.47 -90.51 -34.90
CA ARG B 95 -140.02 -91.90 -34.85
C ARG B 95 -138.58 -92.06 -34.38
N VAL B 96 -138.22 -91.27 -33.38
CA VAL B 96 -136.90 -91.33 -32.77
C VAL B 96 -137.06 -90.80 -31.35
N ALA B 97 -136.41 -91.42 -30.37
CA ALA B 97 -136.52 -90.95 -28.98
C ALA B 97 -135.20 -90.84 -28.21
N PRO B 98 -135.17 -89.95 -27.20
CA PRO B 98 -134.02 -89.69 -26.33
C PRO B 98 -133.43 -90.89 -25.66
N GLU B 99 -134.19 -91.94 -25.39
CA GLU B 99 -133.59 -93.08 -24.72
C GLU B 99 -132.32 -93.57 -25.43
N GLU B 100 -132.30 -93.54 -26.77
CA GLU B 100 -131.13 -94.01 -27.49
C GLU B 100 -130.25 -92.89 -28.07
N HIS B 101 -130.55 -91.63 -27.75
CA HIS B 101 -129.87 -90.48 -28.35
C HIS B 101 -129.64 -89.33 -27.38
N PRO B 102 -128.53 -88.57 -27.45
CA PRO B 102 -128.31 -87.38 -26.65
C PRO B 102 -129.35 -86.35 -27.09
N THR B 103 -129.87 -85.50 -26.19
CA THR B 103 -130.92 -84.54 -26.61
C THR B 103 -130.66 -83.07 -26.23
N LEU B 104 -130.88 -82.18 -27.19
CA LEU B 104 -130.71 -80.76 -26.98
C LEU B 104 -132.05 -80.02 -27.03
N LEU B 105 -132.30 -79.26 -25.97
CA LEU B 105 -133.51 -78.45 -25.83
C LEU B 105 -133.08 -76.99 -25.76
N THR B 106 -133.93 -76.08 -26.22
CA THR B 106 -133.56 -74.65 -26.19
C THR B 106 -134.32 -73.76 -25.20
N GLU B 107 -133.72 -72.59 -24.87
CA GLU B 107 -134.38 -71.51 -24.11
C GLU B 107 -133.78 -70.11 -24.39
N ALA B 108 -134.54 -69.06 -24.08
CA ALA B 108 -134.05 -67.69 -24.18
C ALA B 108 -132.92 -67.44 -23.13
N PRO B 109 -131.91 -66.59 -23.40
CA PRO B 109 -130.82 -66.24 -22.49
C PRO B 109 -131.18 -65.81 -21.04
N LEU B 110 -132.33 -65.14 -20.82
CA LEU B 110 -132.70 -64.71 -19.46
C LEU B 110 -133.91 -65.48 -18.94
N ASN B 111 -134.21 -66.61 -19.56
CA ASN B 111 -135.33 -67.46 -19.19
C ASN B 111 -135.12 -67.90 -17.73
N PRO B 112 -136.14 -67.90 -16.85
CA PRO B 112 -135.99 -68.31 -15.47
C PRO B 112 -135.33 -69.69 -15.40
N LYS B 113 -134.45 -69.84 -14.41
CA LYS B 113 -133.58 -70.99 -14.19
C LYS B 113 -134.30 -72.32 -14.11
N ALA B 114 -135.50 -72.31 -13.56
CA ALA B 114 -136.26 -73.54 -13.44
C ALA B 114 -136.51 -74.19 -14.80
N ASN B 115 -136.59 -73.41 -15.89
CA ASN B 115 -136.90 -73.99 -17.19
C ASN B 115 -135.80 -74.95 -17.63
N ARG B 116 -134.54 -74.50 -17.61
CA ARG B 116 -133.45 -75.37 -18.03
C ARG B 116 -133.26 -76.53 -17.07
N GLU B 117 -133.59 -76.33 -15.78
CA GLU B 117 -133.45 -77.42 -14.81
C GLU B 117 -134.45 -78.53 -15.09
N LYS B 118 -135.70 -78.17 -15.43
CA LYS B 118 -136.71 -79.17 -15.73
C LYS B 118 -136.49 -79.77 -17.10
N MET B 119 -136.04 -79.01 -18.08
CA MET B 119 -135.82 -79.64 -19.37
C MET B 119 -134.77 -80.72 -19.26
N THR B 120 -133.71 -80.44 -18.49
CA THR B 120 -132.63 -81.39 -18.29
C THR B 120 -133.18 -82.61 -17.54
N GLN B 121 -133.92 -82.37 -16.45
CA GLN B 121 -134.47 -83.44 -15.63
C GLN B 121 -135.45 -84.34 -16.33
N ILE B 122 -136.35 -83.80 -17.14
CA ILE B 122 -137.33 -84.66 -17.75
C ILE B 122 -136.67 -85.56 -18.78
N MET B 123 -135.78 -85.02 -19.60
CA MET B 123 -135.17 -85.93 -20.54
C MET B 123 -134.37 -87.03 -19.83
N PHE B 124 -133.69 -86.72 -18.70
CA PHE B 124 -132.94 -87.76 -17.98
C PHE B 124 -133.79 -88.72 -17.16
N GLU B 125 -134.86 -88.24 -16.54
CA GLU B 125 -135.63 -89.10 -15.66
C GLU B 125 -136.89 -89.73 -16.27
N THR B 126 -137.55 -89.13 -17.29
CA THR B 126 -138.74 -89.79 -17.80
C THR B 126 -138.44 -90.40 -19.17
N PHE B 127 -137.45 -89.83 -19.89
CA PHE B 127 -137.09 -90.36 -21.22
C PHE B 127 -135.78 -91.16 -21.23
N ASN B 128 -135.08 -91.19 -20.12
CA ASN B 128 -133.80 -91.89 -19.94
C ASN B 128 -132.75 -91.53 -21.00
N VAL B 129 -132.62 -90.25 -21.32
CA VAL B 129 -131.67 -89.83 -22.33
C VAL B 129 -130.25 -90.08 -21.83
N PRO B 130 -129.30 -90.60 -22.65
CA PRO B 130 -127.92 -90.80 -22.25
C PRO B 130 -127.16 -89.49 -22.00
N ALA B 131 -127.65 -88.37 -22.57
CA ALA B 131 -127.00 -87.07 -22.35
C ALA B 131 -127.91 -85.88 -22.64
N MET B 132 -127.58 -84.74 -22.04
CA MET B 132 -128.31 -83.48 -22.25
C MET B 132 -127.56 -82.21 -22.45
N TYR B 133 -128.21 -81.25 -23.10
CA TYR B 133 -127.63 -79.92 -23.32
C TYR B 133 -128.70 -78.85 -23.59
N VAL B 134 -128.82 -77.88 -22.68
CA VAL B 134 -129.80 -76.82 -22.85
C VAL B 134 -129.10 -75.68 -23.54
N ALA B 135 -129.63 -75.29 -24.69
CA ALA B 135 -129.04 -74.29 -25.55
C ALA B 135 -129.70 -72.94 -25.50
N ILE B 136 -128.90 -71.94 -25.79
CA ILE B 136 -129.36 -70.57 -25.88
C ILE B 136 -129.88 -70.31 -27.30
N GLN B 137 -131.11 -69.81 -27.40
CA GLN B 137 -131.72 -69.56 -28.71
C GLN B 137 -130.90 -68.59 -29.56
N ALA B 138 -130.25 -67.61 -28.93
CA ALA B 138 -129.41 -66.64 -29.63
C ALA B 138 -128.24 -67.31 -30.36
N VAL B 139 -127.69 -68.36 -29.75
CA VAL B 139 -126.56 -69.09 -30.30
C VAL B 139 -127.01 -69.82 -31.53
N LEU B 140 -128.17 -70.40 -31.40
CA LEU B 140 -128.68 -71.22 -32.44
C LEU B 140 -129.13 -70.36 -33.61
N SER B 141 -129.68 -69.19 -33.31
CA SER B 141 -130.16 -68.30 -34.32
C SER B 141 -129.01 -67.81 -35.19
N LEU B 142 -127.86 -67.52 -34.58
CA LEU B 142 -126.78 -67.10 -35.46
C LEU B 142 -126.15 -68.30 -36.20
N TYR B 143 -126.04 -69.50 -35.59
CA TYR B 143 -125.42 -70.59 -36.36
C TYR B 143 -126.19 -70.87 -37.63
N ALA B 144 -127.51 -70.86 -37.51
CA ALA B 144 -128.42 -71.18 -38.60
C ALA B 144 -128.45 -70.11 -39.66
N SER B 145 -127.90 -68.94 -39.33
CA SER B 145 -127.89 -67.79 -40.19
C SER B 145 -126.51 -67.57 -40.80
N GLY B 146 -125.55 -68.43 -40.45
CA GLY B 146 -124.19 -68.25 -40.95
C GLY B 146 -123.45 -67.11 -40.26
N ARG B 147 -123.74 -66.87 -38.98
CA ARG B 147 -123.11 -65.78 -38.26
C ARG B 147 -122.50 -66.18 -36.91
N THR B 148 -121.52 -65.39 -36.46
CA THR B 148 -120.86 -65.53 -35.15
C THR B 148 -121.14 -64.24 -34.45
N THR B 149 -121.49 -63.29 -35.28
CA THR B 149 -121.74 -61.92 -34.88
C THR B 149 -123.05 -61.43 -35.45
N GLY B 150 -123.87 -60.85 -34.58
CA GLY B 150 -125.12 -60.26 -35.02
C GLY B 150 -126.16 -60.12 -33.92
N ILE B 151 -127.26 -59.48 -34.29
CA ILE B 151 -128.38 -59.28 -33.37
C ILE B 151 -129.41 -60.33 -33.60
N VAL B 152 -129.80 -61.05 -32.56
CA VAL B 152 -130.83 -62.03 -32.78
C VAL B 152 -132.20 -61.53 -32.39
N LEU B 153 -133.06 -61.44 -33.40
CA LEU B 153 -134.44 -61.03 -33.22
C LEU B 153 -135.32 -62.26 -33.18
N ASP B 154 -135.29 -62.96 -32.06
CA ASP B 154 -135.95 -64.24 -31.87
C ASP B 154 -137.39 -64.05 -31.48
N SER B 155 -138.21 -63.73 -32.45
CA SER B 155 -139.58 -63.42 -32.11
C SER B 155 -140.35 -64.71 -32.05
N GLY B 156 -140.69 -65.17 -30.85
CA GLY B 156 -141.34 -66.46 -30.71
C GLY B 156 -142.83 -66.34 -30.52
N ASP B 157 -143.38 -67.28 -29.74
CA ASP B 157 -144.81 -67.32 -29.51
C ASP B 157 -145.18 -66.51 -28.27
N GLY B 158 -144.30 -66.51 -27.25
CA GLY B 158 -144.61 -65.86 -25.99
C GLY B 158 -143.67 -64.71 -25.59
N VAL B 159 -142.50 -64.64 -26.23
CA VAL B 159 -141.51 -63.63 -25.92
C VAL B 159 -140.60 -63.35 -27.12
N THR B 160 -140.13 -62.10 -27.23
CA THR B 160 -139.09 -61.69 -28.19
C THR B 160 -137.92 -61.32 -27.28
N HIS B 161 -136.76 -61.90 -27.51
CA HIS B 161 -135.60 -61.71 -26.62
C HIS B 161 -134.68 -60.54 -26.91
N ASN B 162 -134.41 -60.32 -28.20
CA ASN B 162 -133.53 -59.23 -28.72
C ASN B 162 -132.13 -59.29 -28.11
N VAL B 163 -131.34 -60.24 -28.57
CA VAL B 163 -130.03 -60.46 -27.98
C VAL B 163 -128.80 -60.51 -28.91
N PRO B 164 -127.82 -59.61 -28.73
CA PRO B 164 -126.57 -59.54 -29.46
C PRO B 164 -125.52 -60.57 -29.02
N ILE B 165 -124.76 -61.05 -29.99
CA ILE B 165 -123.56 -61.87 -29.83
C ILE B 165 -122.43 -61.29 -30.71
N TYR B 166 -121.21 -61.18 -30.19
CA TYR B 166 -120.09 -60.66 -30.99
C TYR B 166 -118.91 -61.62 -30.96
N GLU B 167 -118.45 -62.08 -32.13
CA GLU B 167 -117.34 -63.07 -32.19
C GLU B 167 -117.62 -64.27 -31.31
N GLY B 168 -118.88 -64.70 -31.24
CA GLY B 168 -119.22 -65.82 -30.41
C GLY B 168 -119.40 -65.52 -28.93
N TYR B 169 -119.28 -64.27 -28.51
CA TYR B 169 -119.42 -63.94 -27.08
C TYR B 169 -120.74 -63.21 -26.80
N ALA B 170 -121.32 -63.45 -25.63
CA ALA B 170 -122.58 -62.76 -25.33
C ALA B 170 -122.31 -61.31 -24.96
N LEU B 171 -123.24 -60.42 -25.30
CA LEU B 171 -123.20 -59.03 -24.87
C LEU B 171 -124.47 -58.75 -24.04
N PRO B 172 -124.63 -59.40 -22.86
CA PRO B 172 -125.87 -59.53 -22.10
C PRO B 172 -126.50 -58.24 -21.59
N HIS B 173 -125.72 -57.18 -21.42
CA HIS B 173 -126.29 -55.94 -20.91
C HIS B 173 -127.12 -55.24 -21.99
N ALA B 174 -126.95 -55.68 -23.22
CA ALA B 174 -127.60 -55.11 -24.37
C ALA B 174 -128.84 -55.94 -24.78
N ILE B 175 -129.22 -56.91 -23.94
CA ILE B 175 -130.42 -57.70 -24.24
C ILE B 175 -131.67 -56.92 -23.87
N MET B 176 -132.60 -56.80 -24.81
CA MET B 176 -133.82 -56.05 -24.54
C MET B 176 -135.03 -57.00 -24.45
N ARG B 177 -135.25 -57.67 -23.34
CA ARG B 177 -136.38 -58.58 -23.22
C ARG B 177 -137.72 -57.89 -23.50
N LEU B 178 -138.52 -58.43 -24.42
CA LEU B 178 -139.81 -57.83 -24.73
C LEU B 178 -141.03 -58.74 -24.58
N ASP B 179 -142.02 -58.28 -23.81
CA ASP B 179 -143.26 -59.04 -23.61
C ASP B 179 -144.27 -58.79 -24.73
N LEU B 180 -143.88 -59.22 -25.92
CA LEU B 180 -144.66 -59.17 -27.15
C LEU B 180 -144.16 -60.20 -28.15
N ALA B 181 -145.06 -61.11 -28.51
CA ALA B 181 -144.76 -62.21 -29.42
C ALA B 181 -146.01 -62.67 -30.20
N GLY B 182 -145.88 -63.73 -31.01
CA GLY B 182 -146.95 -64.18 -31.88
C GLY B 182 -148.30 -64.46 -31.20
N ARG B 183 -148.31 -64.93 -29.96
CA ARG B 183 -149.53 -65.22 -29.23
C ARG B 183 -150.28 -63.94 -28.84
N ASP B 184 -149.55 -62.84 -28.64
CA ASP B 184 -150.16 -61.59 -28.21
C ASP B 184 -150.73 -60.93 -29.43
N LEU B 185 -150.06 -61.14 -30.56
CA LEU B 185 -150.55 -60.59 -31.81
C LEU B 185 -151.86 -61.30 -32.15
N THR B 186 -151.95 -62.61 -31.90
CA THR B 186 -153.18 -63.35 -32.16
C THR B 186 -154.30 -62.82 -31.28
N ASP B 187 -154.02 -62.57 -29.98
CA ASP B 187 -155.05 -62.08 -29.07
C ASP B 187 -155.55 -60.69 -29.52
N TYR B 188 -154.63 -59.84 -29.98
CA TYR B 188 -155.01 -58.53 -30.44
C TYR B 188 -155.88 -58.63 -31.68
N LEU B 189 -155.52 -59.51 -32.61
CA LEU B 189 -156.32 -59.66 -33.82
C LEU B 189 -157.72 -60.15 -33.42
N MET B 190 -157.85 -61.06 -32.43
CA MET B 190 -159.18 -61.52 -32.02
C MET B 190 -160.03 -60.30 -31.59
N LYS B 191 -159.43 -59.37 -30.83
CA LYS B 191 -160.17 -58.20 -30.38
C LYS B 191 -160.53 -57.23 -31.52
N ILE B 192 -159.62 -56.99 -32.46
CA ILE B 192 -159.99 -56.06 -33.55
C ILE B 192 -160.90 -56.75 -34.60
N LEU B 193 -160.88 -58.08 -34.67
CA LEU B 193 -161.83 -58.73 -35.56
C LEU B 193 -163.21 -58.71 -34.91
N THR B 194 -163.26 -58.64 -33.57
CA THR B 194 -164.50 -58.50 -32.83
C THR B 194 -165.09 -57.13 -33.21
N GLU B 195 -164.23 -56.12 -33.31
CA GLU B 195 -164.64 -54.77 -33.71
C GLU B 195 -165.30 -54.79 -35.11
N ARG B 196 -164.85 -55.70 -35.99
CA ARG B 196 -165.40 -55.83 -37.34
C ARG B 196 -166.68 -56.67 -37.42
N GLY B 197 -167.15 -57.22 -36.29
CA GLY B 197 -168.36 -58.04 -36.30
C GLY B 197 -168.15 -59.54 -36.26
N TYR B 198 -166.91 -59.98 -36.04
CA TYR B 198 -166.61 -61.40 -35.98
C TYR B 198 -165.92 -61.70 -34.68
N SER B 199 -166.69 -61.86 -33.62
CA SER B 199 -166.10 -62.10 -32.31
C SER B 199 -165.38 -63.43 -32.21
N PHE B 200 -164.22 -63.43 -31.58
CA PHE B 200 -163.44 -64.63 -31.30
C PHE B 200 -163.09 -64.62 -29.81
N VAL B 201 -163.61 -65.60 -29.05
CA VAL B 201 -163.39 -65.70 -27.60
C VAL B 201 -162.70 -67.00 -27.14
N THR B 202 -163.14 -68.13 -27.70
CA THR B 202 -162.69 -69.47 -27.25
C THR B 202 -161.31 -69.79 -27.80
N THR B 203 -160.69 -70.88 -27.34
CA THR B 203 -159.36 -71.19 -27.82
C THR B 203 -159.44 -71.74 -29.23
N ALA B 204 -160.53 -72.42 -29.57
CA ALA B 204 -160.64 -72.92 -30.94
C ALA B 204 -160.67 -71.71 -31.88
N GLU B 205 -161.35 -70.66 -31.43
CA GLU B 205 -161.47 -69.39 -32.14
C GLU B 205 -160.12 -68.69 -32.22
N ARG B 206 -159.32 -68.80 -31.16
CA ARG B 206 -157.97 -68.26 -31.14
C ARG B 206 -157.12 -68.92 -32.22
N GLU B 207 -157.28 -70.25 -32.38
CA GLU B 207 -156.56 -70.98 -33.42
C GLU B 207 -157.07 -70.57 -34.82
N ILE B 208 -158.37 -70.25 -34.93
CA ILE B 208 -158.86 -69.77 -36.23
C ILE B 208 -158.17 -68.45 -36.53
N VAL B 209 -158.09 -67.56 -35.55
CA VAL B 209 -157.47 -66.26 -35.74
C VAL B 209 -155.99 -66.35 -36.06
N ARG B 210 -155.30 -67.31 -35.46
CA ARG B 210 -153.88 -67.49 -35.71
C ARG B 210 -153.66 -67.94 -37.15
N ASP B 211 -154.65 -68.63 -37.72
CA ASP B 211 -154.56 -69.10 -39.10
C ASP B 211 -154.83 -67.93 -40.03
N ILE B 212 -155.78 -67.07 -39.64
CA ILE B 212 -156.08 -65.89 -40.43
C ILE B 212 -154.86 -65.01 -40.47
N LYS B 213 -154.26 -64.77 -39.32
CA LYS B 213 -153.11 -63.90 -39.22
C LYS B 213 -151.95 -64.38 -40.06
N GLU B 214 -151.63 -65.67 -39.94
CA GLU B 214 -150.48 -66.23 -40.63
C GLU B 214 -150.61 -66.17 -42.15
N LYS B 215 -151.86 -66.21 -42.66
CA LYS B 215 -152.08 -66.13 -44.10
C LYS B 215 -152.45 -64.73 -44.65
N LEU B 216 -153.13 -63.89 -43.87
CA LEU B 216 -153.60 -62.58 -44.35
C LEU B 216 -152.83 -61.34 -43.87
N CYS B 217 -152.16 -61.39 -42.74
CA CYS B 217 -151.57 -60.20 -42.15
C CYS B 217 -150.15 -59.86 -42.58
N TYR B 218 -149.83 -58.56 -42.46
CA TYR B 218 -148.50 -58.03 -42.81
C TYR B 218 -148.14 -56.82 -41.97
N VAL B 219 -146.88 -56.41 -41.93
CA VAL B 219 -146.55 -55.22 -41.13
C VAL B 219 -146.61 -53.94 -41.93
N ALA B 220 -146.20 -54.01 -43.19
CA ALA B 220 -146.13 -52.88 -44.13
C ALA B 220 -144.81 -52.15 -43.99
N LEU B 221 -144.24 -51.77 -45.13
CA LEU B 221 -143.04 -50.94 -45.12
C LEU B 221 -143.40 -49.54 -44.63
N ASP B 222 -144.57 -49.07 -45.07
CA ASP B 222 -145.07 -47.76 -44.69
C ASP B 222 -146.48 -47.90 -44.11
N PHE B 223 -146.56 -48.01 -42.79
CA PHE B 223 -147.82 -48.27 -42.10
C PHE B 223 -148.89 -47.25 -42.38
N GLU B 224 -148.55 -45.97 -42.24
CA GLU B 224 -149.52 -44.92 -42.37
C GLU B 224 -150.16 -44.85 -43.73
N ASN B 225 -149.40 -45.14 -44.79
CA ASN B 225 -149.97 -45.07 -46.12
C ASN B 225 -150.88 -46.27 -46.36
N GLU B 226 -150.49 -47.44 -45.86
CA GLU B 226 -151.31 -48.62 -46.06
C GLU B 226 -152.57 -48.46 -45.24
N MET B 227 -152.44 -47.89 -44.04
CA MET B 227 -153.53 -47.66 -43.10
C MET B 227 -154.53 -46.70 -43.65
N ALA B 228 -154.06 -45.56 -44.16
CA ALA B 228 -154.99 -44.57 -44.65
C ALA B 228 -155.82 -45.14 -45.79
N THR B 229 -155.20 -45.95 -46.66
CA THR B 229 -155.97 -46.52 -47.75
C THR B 229 -156.86 -47.66 -47.27
N ALA B 230 -156.30 -48.57 -46.46
CA ALA B 230 -157.03 -49.75 -46.01
C ALA B 230 -158.21 -49.39 -45.13
N ALA B 231 -158.10 -48.30 -44.39
CA ALA B 231 -159.17 -47.84 -43.54
C ALA B 231 -160.24 -47.09 -44.34
N SER B 232 -159.95 -46.78 -45.62
CA SER B 232 -160.84 -46.01 -46.47
C SER B 232 -161.44 -46.81 -47.63
N SER B 233 -160.82 -47.95 -48.00
CA SER B 233 -161.27 -48.70 -49.17
C SER B 233 -161.14 -50.21 -49.13
N SER B 234 -162.15 -50.88 -49.70
CA SER B 234 -162.26 -52.33 -49.80
C SER B 234 -161.19 -52.95 -50.69
N SER B 235 -160.50 -52.11 -51.48
CA SER B 235 -159.46 -52.58 -52.39
C SER B 235 -158.24 -53.12 -51.62
N LEU B 236 -158.15 -52.81 -50.33
CA LEU B 236 -157.09 -53.28 -49.47
C LEU B 236 -157.51 -54.41 -48.56
N GLU B 237 -158.74 -54.91 -48.73
CA GLU B 237 -159.20 -55.98 -47.88
C GLU B 237 -158.92 -57.34 -48.47
N LYS B 238 -158.73 -58.31 -47.59
CA LYS B 238 -158.53 -59.68 -48.04
C LYS B 238 -159.45 -60.62 -47.30
N SER B 239 -160.09 -61.51 -48.06
CA SER B 239 -161.02 -62.51 -47.55
C SER B 239 -160.38 -63.78 -47.00
N TYR B 240 -161.03 -64.33 -45.98
CA TYR B 240 -160.71 -65.61 -45.37
C TYR B 240 -161.99 -66.37 -45.07
N GLU B 241 -162.02 -67.67 -45.36
CA GLU B 241 -163.21 -68.44 -45.05
C GLU B 241 -163.08 -69.13 -43.70
N LEU B 242 -164.03 -68.84 -42.83
CA LEU B 242 -164.07 -69.38 -41.48
C LEU B 242 -164.69 -70.77 -41.57
N PRO B 243 -164.33 -71.71 -40.69
CA PRO B 243 -164.83 -73.06 -40.69
C PRO B 243 -166.23 -73.22 -40.12
N ASP B 244 -167.17 -72.47 -40.70
CA ASP B 244 -168.56 -72.53 -40.35
C ASP B 244 -169.33 -72.00 -41.55
N GLY B 245 -168.57 -71.64 -42.59
CA GLY B 245 -169.11 -71.12 -43.85
C GLY B 245 -169.14 -69.59 -44.00
N GLN B 246 -168.77 -68.84 -42.95
CA GLN B 246 -168.75 -67.39 -43.02
C GLN B 246 -167.48 -66.88 -43.68
N VAL B 247 -167.56 -65.72 -44.30
CA VAL B 247 -166.38 -65.10 -44.85
C VAL B 247 -166.12 -63.78 -44.16
N ILE B 248 -164.90 -63.64 -43.71
CA ILE B 248 -164.40 -62.49 -43.00
C ILE B 248 -163.42 -61.74 -43.87
N THR B 249 -163.54 -60.42 -43.94
CA THR B 249 -162.55 -59.68 -44.69
C THR B 249 -161.89 -58.80 -43.67
N ILE B 250 -160.62 -58.53 -43.90
CA ILE B 250 -159.83 -57.68 -43.01
C ILE B 250 -159.20 -56.53 -43.78
N GLY B 251 -159.32 -55.28 -43.28
CA GLY B 251 -158.80 -54.07 -43.94
C GLY B 251 -157.55 -53.56 -43.26
N ASN B 252 -157.60 -52.43 -42.57
CA ASN B 252 -156.39 -51.92 -41.94
C ASN B 252 -155.97 -52.79 -40.77
N GLU B 253 -156.90 -53.60 -40.27
CA GLU B 253 -156.67 -54.50 -39.16
C GLU B 253 -155.67 -55.59 -39.55
N ARG B 254 -155.55 -55.79 -40.87
CA ARG B 254 -154.71 -56.74 -41.55
C ARG B 254 -153.27 -56.44 -41.22
N PHE B 255 -153.00 -55.17 -40.99
CA PHE B 255 -151.66 -54.70 -40.68
C PHE B 255 -151.59 -54.06 -39.30
N ARG B 256 -152.72 -53.59 -38.77
CA ARG B 256 -152.63 -52.99 -37.43
C ARG B 256 -152.21 -54.01 -36.43
N CYS B 257 -152.69 -55.24 -36.55
CA CYS B 257 -152.24 -56.20 -35.58
C CYS B 257 -150.71 -56.38 -35.60
N PRO B 258 -150.08 -56.80 -36.71
CA PRO B 258 -148.64 -56.93 -36.89
C PRO B 258 -147.87 -55.67 -36.50
N GLU B 259 -148.47 -54.49 -36.70
CA GLU B 259 -147.88 -53.19 -36.39
C GLU B 259 -147.53 -53.11 -34.92
N THR B 260 -148.23 -53.86 -34.07
CA THR B 260 -148.02 -53.89 -32.62
C THR B 260 -146.53 -54.10 -32.36
N LEU B 261 -145.84 -54.87 -33.20
CA LEU B 261 -144.42 -55.11 -32.98
C LEU B 261 -143.66 -53.80 -32.97
N PHE B 262 -144.04 -52.85 -33.83
CA PHE B 262 -143.41 -51.55 -33.93
C PHE B 262 -144.06 -50.59 -32.93
N GLN B 263 -145.33 -50.86 -32.62
CA GLN B 263 -146.09 -50.06 -31.67
C GLN B 263 -146.85 -50.98 -30.70
N PRO B 264 -146.17 -51.39 -29.62
CA PRO B 264 -146.65 -52.30 -28.57
C PRO B 264 -147.78 -51.72 -27.74
N SER B 265 -147.93 -50.39 -27.82
CA SER B 265 -148.95 -49.64 -27.12
C SER B 265 -150.33 -50.08 -27.60
N PHE B 266 -150.40 -50.73 -28.77
CA PHE B 266 -151.66 -51.19 -29.35
C PHE B 266 -152.31 -52.24 -28.44
N ILE B 267 -151.51 -52.97 -27.66
CA ILE B 267 -152.03 -53.99 -26.76
C ILE B 267 -151.82 -53.61 -25.31
N GLY B 268 -151.50 -52.34 -25.04
CA GLY B 268 -151.25 -51.88 -23.68
C GLY B 268 -149.85 -52.23 -23.16
N MET B 269 -148.87 -52.47 -24.03
CA MET B 269 -147.52 -52.80 -23.57
C MET B 269 -146.68 -51.55 -23.46
N GLU B 270 -145.84 -51.49 -22.43
CA GLU B 270 -144.91 -50.39 -22.28
C GLU B 270 -143.60 -50.75 -22.94
N SER B 271 -143.43 -50.30 -24.17
CA SER B 271 -142.25 -50.64 -24.95
C SER B 271 -142.03 -49.67 -26.09
N ALA B 272 -140.75 -49.47 -26.42
CA ALA B 272 -140.35 -48.60 -27.52
C ALA B 272 -140.65 -49.19 -28.90
N GLY B 273 -140.87 -50.49 -28.97
CA GLY B 273 -141.09 -51.14 -30.26
C GLY B 273 -139.88 -51.93 -30.70
N ILE B 274 -140.15 -52.96 -31.51
CA ILE B 274 -139.13 -53.89 -31.96
C ILE B 274 -137.94 -53.26 -32.68
N HIS B 275 -138.15 -52.15 -33.39
CA HIS B 275 -137.03 -51.55 -34.07
C HIS B 275 -136.15 -50.72 -33.16
N GLU B 276 -136.67 -50.31 -32.00
CA GLU B 276 -135.85 -49.53 -31.11
C GLU B 276 -135.12 -50.50 -30.22
N THR B 277 -135.76 -51.64 -29.92
CA THR B 277 -135.11 -52.63 -29.09
C THR B 277 -133.95 -53.21 -29.89
N THR B 278 -134.15 -53.37 -31.21
CA THR B 278 -133.08 -53.86 -32.08
C THR B 278 -131.95 -52.85 -32.06
N TYR B 279 -132.29 -51.57 -32.22
CA TYR B 279 -131.32 -50.50 -32.24
C TYR B 279 -130.53 -50.47 -30.96
N ASN B 280 -131.20 -50.59 -29.80
CA ASN B 280 -130.52 -50.58 -28.51
C ASN B 280 -129.64 -51.82 -28.29
N SER B 281 -130.01 -52.97 -28.82
CA SER B 281 -129.11 -54.10 -28.64
C SER B 281 -127.79 -53.84 -29.38
N ILE B 282 -127.86 -53.07 -30.47
CA ILE B 282 -126.67 -52.71 -31.19
C ILE B 282 -125.95 -51.57 -30.45
N MET B 283 -126.69 -50.50 -30.11
CA MET B 283 -126.17 -49.28 -29.53
C MET B 283 -125.57 -49.46 -28.12
N LYS B 284 -126.07 -50.42 -27.35
CA LYS B 284 -125.58 -50.62 -26.01
C LYS B 284 -124.29 -51.46 -25.98
N CYS B 285 -123.82 -51.91 -27.14
CA CYS B 285 -122.58 -52.65 -27.25
C CYS B 285 -121.45 -51.65 -27.52
N ASP B 286 -120.19 -52.03 -27.32
CA ASP B 286 -119.07 -51.12 -27.53
C ASP B 286 -118.95 -50.63 -28.97
N ILE B 287 -118.34 -49.48 -29.16
CA ILE B 287 -118.26 -48.85 -30.48
C ILE B 287 -117.54 -49.63 -31.57
N ASP B 288 -116.64 -50.55 -31.22
CA ASP B 288 -115.98 -51.36 -32.23
C ASP B 288 -116.77 -52.64 -32.49
N ILE B 289 -117.91 -52.77 -31.81
CA ILE B 289 -118.85 -53.86 -31.93
C ILE B 289 -120.06 -53.40 -32.73
N ARG B 290 -120.58 -52.23 -32.36
CA ARG B 290 -121.76 -51.63 -32.98
C ARG B 290 -121.82 -51.75 -34.51
N LYS B 291 -120.72 -51.44 -35.18
CA LYS B 291 -120.71 -51.49 -36.64
C LYS B 291 -120.95 -52.89 -37.22
N ASP B 292 -120.54 -53.92 -36.49
CA ASP B 292 -120.66 -55.25 -37.01
C ASP B 292 -122.04 -55.76 -36.71
N LEU B 293 -122.64 -55.26 -35.64
CA LEU B 293 -123.98 -55.71 -35.34
C LEU B 293 -124.96 -55.01 -36.29
N TYR B 294 -124.70 -53.75 -36.67
CA TYR B 294 -125.59 -53.03 -37.61
C TYR B 294 -125.64 -53.76 -38.95
N ALA B 295 -124.49 -54.26 -39.38
CA ALA B 295 -124.35 -54.97 -40.63
C ALA B 295 -124.84 -56.41 -40.57
N ASN B 296 -125.18 -56.90 -39.38
CA ASN B 296 -125.57 -58.28 -39.18
C ASN B 296 -126.78 -58.40 -38.24
N ASN B 297 -127.91 -57.87 -38.69
CA ASN B 297 -129.16 -57.90 -37.97
C ASN B 297 -129.87 -59.19 -38.40
N VAL B 298 -129.98 -60.16 -37.49
CA VAL B 298 -130.47 -61.48 -37.87
C VAL B 298 -131.84 -61.85 -37.33
N MET B 299 -132.76 -62.16 -38.25
CA MET B 299 -134.08 -62.58 -37.84
C MET B 299 -134.12 -64.05 -37.54
N SER B 300 -134.86 -64.41 -36.51
CA SER B 300 -135.07 -65.80 -36.18
C SER B 300 -136.41 -65.90 -35.52
N GLY B 301 -136.92 -67.11 -35.45
CA GLY B 301 -138.23 -67.26 -34.87
C GLY B 301 -139.21 -66.85 -35.95
N GLY B 302 -140.49 -66.88 -35.61
CA GLY B 302 -141.61 -66.54 -36.50
C GLY B 302 -141.92 -65.04 -36.44
N THR B 303 -143.07 -64.58 -37.00
CA THR B 303 -143.47 -63.13 -37.13
C THR B 303 -142.57 -62.38 -38.15
N THR B 304 -141.44 -62.98 -38.47
CA THR B 304 -140.41 -62.58 -39.40
C THR B 304 -140.87 -62.88 -40.81
N MET B 305 -141.98 -63.58 -40.88
CA MET B 305 -142.64 -63.94 -42.10
C MET B 305 -143.68 -62.90 -42.54
N TYR B 306 -143.90 -61.82 -41.75
CA TYR B 306 -144.85 -60.81 -42.20
C TYR B 306 -144.28 -60.04 -43.38
N PRO B 307 -145.02 -59.80 -44.47
CA PRO B 307 -144.56 -58.97 -45.54
C PRO B 307 -144.23 -57.58 -44.98
N GLY B 308 -143.09 -57.07 -45.43
CA GLY B 308 -142.58 -55.77 -45.02
C GLY B 308 -141.69 -55.81 -43.78
N ILE B 309 -141.60 -56.95 -43.07
CA ILE B 309 -140.79 -56.92 -41.85
C ILE B 309 -139.29 -56.89 -42.10
N ALA B 310 -138.79 -57.61 -43.09
CA ALA B 310 -137.34 -57.60 -43.34
C ALA B 310 -136.93 -56.28 -43.96
N ASP B 311 -137.83 -55.66 -44.72
CA ASP B 311 -137.51 -54.42 -45.37
C ASP B 311 -137.72 -53.24 -44.42
N ARG B 312 -138.74 -53.39 -43.58
CA ARG B 312 -139.11 -52.38 -42.61
C ARG B 312 -138.12 -52.30 -41.46
N MET B 313 -137.69 -53.45 -40.94
CA MET B 313 -136.76 -53.41 -39.84
C MET B 313 -135.44 -52.79 -40.33
N GLN B 314 -135.07 -53.04 -41.58
CA GLN B 314 -133.83 -52.48 -42.09
C GLN B 314 -134.00 -50.99 -42.25
N LYS B 315 -135.18 -50.55 -42.76
CA LYS B 315 -135.49 -49.13 -42.91
C LYS B 315 -135.50 -48.39 -41.57
N GLU B 316 -136.12 -48.99 -40.54
CA GLU B 316 -136.25 -48.37 -39.24
C GLU B 316 -134.90 -48.25 -38.56
N ILE B 317 -134.00 -49.23 -38.71
CA ILE B 317 -132.70 -49.14 -38.08
C ILE B 317 -131.81 -48.20 -38.89
N THR B 318 -131.80 -48.30 -40.23
CA THR B 318 -130.91 -47.44 -41.01
C THR B 318 -131.31 -45.98 -40.82
N ALA B 319 -132.59 -45.70 -40.56
CA ALA B 319 -133.09 -44.36 -40.29
C ALA B 319 -132.59 -43.78 -38.95
N LEU B 320 -132.17 -44.65 -38.02
CA LEU B 320 -131.70 -44.26 -36.70
C LEU B 320 -130.17 -44.32 -36.65
N ALA B 321 -129.61 -45.22 -37.44
CA ALA B 321 -128.19 -45.49 -37.56
C ALA B 321 -127.50 -44.33 -38.27
N PRO B 322 -126.19 -44.12 -38.07
CA PRO B 322 -125.38 -43.17 -38.80
C PRO B 322 -125.19 -43.61 -40.25
N SER B 323 -124.89 -42.63 -41.12
CA SER B 323 -124.66 -42.78 -42.55
C SER B 323 -123.32 -43.45 -42.93
N THR B 324 -123.16 -43.76 -44.24
CA THR B 324 -121.98 -44.41 -44.86
C THR B 324 -121.95 -45.92 -44.59
N MET B 325 -122.12 -46.26 -43.33
CA MET B 325 -122.15 -47.61 -42.82
C MET B 325 -123.33 -48.39 -43.40
N LYS B 326 -123.10 -49.67 -43.70
CA LYS B 326 -124.16 -50.51 -44.23
C LYS B 326 -124.91 -51.31 -43.16
N ILE B 327 -126.22 -51.13 -43.15
CA ILE B 327 -127.13 -51.83 -42.27
C ILE B 327 -127.81 -52.94 -43.07
N LYS B 328 -127.73 -54.18 -42.59
CA LYS B 328 -128.36 -55.31 -43.30
C LYS B 328 -129.14 -56.28 -42.43
N ILE B 329 -130.30 -56.70 -42.95
CA ILE B 329 -131.06 -57.77 -42.33
C ILE B 329 -130.97 -59.09 -43.06
N ILE B 330 -130.70 -60.11 -42.26
CA ILE B 330 -130.61 -61.47 -42.67
C ILE B 330 -131.97 -62.11 -42.36
N ALA B 331 -132.63 -62.61 -43.38
CA ALA B 331 -133.97 -63.17 -43.23
C ALA B 331 -134.21 -64.29 -44.23
N PRO B 332 -133.56 -65.46 -44.05
CA PRO B 332 -133.54 -66.62 -44.93
C PRO B 332 -134.88 -67.36 -44.86
N PRO B 333 -135.17 -68.29 -45.80
CA PRO B 333 -136.32 -69.20 -45.80
C PRO B 333 -136.41 -70.01 -44.51
N GLU B 334 -135.26 -70.21 -43.88
CA GLU B 334 -135.20 -70.92 -42.61
C GLU B 334 -135.83 -70.05 -41.51
N ARG B 335 -136.52 -68.99 -41.92
CA ARG B 335 -137.19 -68.08 -41.00
C ARG B 335 -138.21 -68.91 -40.22
N LYS B 336 -138.23 -68.70 -38.90
CA LYS B 336 -139.06 -69.39 -37.91
C LYS B 336 -138.59 -70.83 -37.64
N TYR B 337 -137.92 -71.46 -38.61
CA TYR B 337 -137.38 -72.78 -38.36
C TYR B 337 -135.89 -72.76 -38.03
N SER B 338 -135.28 -71.56 -37.98
CA SER B 338 -133.84 -71.42 -37.82
C SER B 338 -133.32 -71.73 -36.44
N VAL B 339 -134.15 -71.62 -35.41
CA VAL B 339 -133.66 -71.93 -34.07
C VAL B 339 -133.44 -73.43 -33.99
N TRP B 340 -134.38 -74.21 -34.55
CA TRP B 340 -134.25 -75.66 -34.55
C TRP B 340 -132.97 -76.03 -35.29
N ILE B 341 -132.76 -75.39 -36.45
CA ILE B 341 -131.61 -75.67 -37.28
C ILE B 341 -130.35 -75.34 -36.52
N GLY B 342 -130.33 -74.22 -35.84
CA GLY B 342 -129.17 -73.89 -35.05
C GLY B 342 -128.90 -74.95 -34.00
N GLY B 343 -129.98 -75.53 -33.42
CA GLY B 343 -129.88 -76.59 -32.41
C GLY B 343 -129.21 -77.81 -33.01
N SER B 344 -129.56 -78.14 -34.26
CA SER B 344 -128.98 -79.25 -35.01
C SER B 344 -127.51 -79.02 -35.21
N ILE B 345 -127.15 -77.79 -35.57
CA ILE B 345 -125.77 -77.43 -35.80
C ILE B 345 -125.00 -77.52 -34.50
N LEU B 346 -125.52 -76.95 -33.42
CA LEU B 346 -124.76 -76.98 -32.19
C LEU B 346 -124.59 -78.40 -31.69
N ALA B 347 -125.68 -79.19 -31.69
CA ALA B 347 -125.64 -80.55 -31.18
C ALA B 347 -124.64 -81.45 -31.92
N SER B 348 -124.55 -81.26 -33.26
CA SER B 348 -123.68 -82.05 -34.12
C SER B 348 -122.24 -81.51 -34.30
N LEU B 349 -121.95 -80.25 -33.98
CA LEU B 349 -120.58 -79.75 -34.15
C LEU B 349 -119.61 -80.53 -33.29
N SER B 350 -118.44 -80.86 -33.84
CA SER B 350 -117.41 -81.61 -33.09
C SER B 350 -116.86 -80.78 -31.93
N THR B 351 -117.00 -79.47 -32.05
CA THR B 351 -116.53 -78.47 -31.12
C THR B 351 -117.44 -78.36 -29.90
N PHE B 352 -118.56 -79.06 -29.99
CA PHE B 352 -119.59 -79.11 -28.97
C PHE B 352 -119.66 -80.49 -28.31
N GLN B 353 -118.79 -81.44 -28.64
CA GLN B 353 -119.07 -82.76 -28.09
C GLN B 353 -118.64 -82.91 -26.64
N GLN B 354 -117.93 -81.93 -26.13
CA GLN B 354 -117.50 -81.93 -24.75
C GLN B 354 -118.47 -81.13 -23.88
N MET B 355 -119.51 -80.55 -24.51
CA MET B 355 -120.46 -79.73 -23.77
C MET B 355 -121.67 -80.49 -23.24
N TRP B 356 -121.79 -81.75 -23.63
CA TRP B 356 -122.92 -82.59 -23.24
C TRP B 356 -122.82 -83.12 -21.82
N ILE B 357 -123.94 -83.12 -21.10
CA ILE B 357 -124.02 -83.70 -19.76
C ILE B 357 -124.32 -85.14 -19.96
N THR B 358 -123.52 -86.06 -19.44
CA THR B 358 -123.86 -87.44 -19.67
C THR B 358 -124.75 -87.95 -18.54
N LYS B 359 -125.42 -89.09 -18.73
CA LYS B 359 -126.22 -89.66 -17.65
C LYS B 359 -125.31 -90.50 -16.76
N GLN B 360 -124.39 -89.78 -16.15
CA GLN B 360 -123.38 -90.22 -15.23
C GLN B 360 -123.26 -89.05 -14.28
N GLU B 361 -122.84 -87.93 -14.87
CA GLU B 361 -122.68 -86.66 -14.21
C GLU B 361 -124.02 -86.17 -13.71
N TYR B 362 -125.07 -86.35 -14.52
CA TYR B 362 -126.39 -85.95 -14.10
C TYR B 362 -126.86 -86.75 -12.91
N ASP B 363 -126.73 -88.07 -12.97
CA ASP B 363 -127.26 -88.85 -11.86
C ASP B 363 -126.56 -88.54 -10.55
N GLU B 364 -125.25 -88.27 -10.58
CA GLU B 364 -124.57 -87.91 -9.35
C GLU B 364 -124.87 -86.48 -8.86
N ALA B 365 -124.96 -85.51 -9.78
CA ALA B 365 -125.18 -84.10 -9.41
C ALA B 365 -126.64 -83.66 -9.26
N GLY B 366 -127.56 -84.24 -10.03
CA GLY B 366 -128.95 -83.80 -10.04
C GLY B 366 -129.08 -82.66 -11.06
N PRO B 367 -130.29 -82.08 -11.24
CA PRO B 367 -130.65 -81.05 -12.22
C PRO B 367 -129.93 -79.73 -12.09
N SER B 368 -129.30 -79.48 -10.94
CA SER B 368 -128.56 -78.23 -10.75
C SER B 368 -127.31 -78.23 -11.64
N ILE B 369 -126.96 -79.41 -12.17
CA ILE B 369 -125.82 -79.61 -13.05
C ILE B 369 -125.92 -78.77 -14.31
N VAL B 370 -127.12 -78.40 -14.69
CA VAL B 370 -127.31 -77.61 -15.89
C VAL B 370 -126.56 -76.27 -15.79
N HIS B 371 -126.33 -75.79 -14.57
CA HIS B 371 -125.67 -74.52 -14.34
C HIS B 371 -124.15 -74.69 -14.29
N ARG B 372 -123.69 -75.94 -14.32
CA ARG B 372 -122.27 -76.24 -14.27
C ARG B 372 -121.77 -76.62 -15.67
N LYS B 373 -122.67 -77.27 -16.42
CA LYS B 373 -122.34 -77.80 -17.73
C LYS B 373 -122.93 -77.10 -18.96
N CYS B 374 -124.09 -76.43 -18.85
CA CYS B 374 -124.67 -75.86 -20.07
C CYS B 374 -124.38 -74.39 -20.23
N PHE B 375 -124.80 -73.59 -19.23
CA PHE B 375 -124.60 -72.13 -19.22
C PHE B 375 -125.22 -71.50 -17.97
N ASP C 1 -142.42 -19.35 2.46
CA ASP C 1 -142.83 -19.52 3.86
C ASP C 1 -141.65 -19.29 4.81
N GLU C 2 -140.47 -19.07 4.25
CA GLU C 2 -139.28 -18.82 5.05
C GLU C 2 -139.22 -17.35 5.46
N ASP C 3 -138.60 -17.06 6.61
CA ASP C 3 -138.48 -15.70 7.11
C ASP C 3 -137.12 -15.03 6.88
N GLU C 4 -136.30 -15.63 6.02
CA GLU C 4 -134.99 -15.09 5.68
C GLU C 4 -134.65 -15.41 4.24
N THR C 5 -133.97 -14.49 3.57
CA THR C 5 -133.58 -14.68 2.17
C THR C 5 -132.29 -15.48 2.05
N THR C 6 -132.35 -16.70 2.54
CA THR C 6 -131.22 -17.61 2.50
C THR C 6 -131.13 -18.20 1.11
N ALA C 7 -130.02 -18.85 0.82
CA ALA C 7 -129.87 -19.51 -0.46
C ALA C 7 -130.66 -20.78 -0.46
N LEU C 8 -131.00 -21.26 -1.65
CA LEU C 8 -131.68 -22.54 -1.75
C LEU C 8 -130.68 -23.54 -2.24
N VAL C 9 -130.85 -24.78 -1.83
CA VAL C 9 -129.98 -25.85 -2.30
C VAL C 9 -130.82 -26.97 -2.90
N CYS C 10 -130.46 -27.38 -4.12
CA CYS C 10 -131.21 -28.43 -4.78
C CYS C 10 -130.25 -29.39 -5.51
N ASP C 11 -130.14 -30.60 -4.93
CA ASP C 11 -129.26 -31.69 -5.34
C ASP C 11 -129.96 -32.60 -6.36
N ASN C 12 -129.84 -32.26 -7.64
CA ASN C 12 -130.60 -32.92 -8.67
C ASN C 12 -129.90 -34.12 -9.23
N GLY C 13 -130.09 -35.26 -8.62
CA GLY C 13 -129.37 -36.42 -9.11
C GLY C 13 -130.13 -37.11 -10.22
N SER C 14 -129.55 -38.20 -10.71
CA SER C 14 -130.16 -39.01 -11.77
C SER C 14 -131.26 -39.89 -11.18
N GLY C 15 -131.29 -39.95 -9.86
CA GLY C 15 -132.24 -40.71 -9.08
C GLY C 15 -133.29 -39.74 -8.52
N LEU C 16 -132.97 -39.18 -7.36
CA LEU C 16 -133.87 -38.27 -6.67
C LEU C 16 -133.27 -36.89 -6.46
N VAL C 17 -134.15 -35.92 -6.30
CA VAL C 17 -133.80 -34.54 -6.03
C VAL C 17 -134.00 -34.20 -4.57
N LYS C 18 -132.91 -33.85 -3.91
CA LYS C 18 -133.02 -33.48 -2.51
C LYS C 18 -133.01 -31.99 -2.46
N ALA C 19 -133.96 -31.38 -1.78
CA ALA C 19 -133.94 -29.94 -1.79
C ALA C 19 -134.44 -29.34 -0.47
N GLY C 20 -133.97 -28.14 -0.19
CA GLY C 20 -134.31 -27.41 1.02
C GLY C 20 -133.55 -26.11 0.99
N PHE C 21 -133.42 -25.44 2.12
CA PHE C 21 -132.71 -24.18 2.09
C PHE C 21 -131.32 -24.25 2.72
N ALA C 22 -130.46 -23.36 2.28
CA ALA C 22 -129.10 -23.26 2.76
C ALA C 22 -129.07 -22.90 4.22
N GLY C 23 -128.14 -23.52 4.92
CA GLY C 23 -127.96 -23.34 6.33
C GLY C 23 -128.62 -24.47 7.13
N ASP C 24 -129.47 -25.31 6.50
CA ASP C 24 -130.06 -26.38 7.29
C ASP C 24 -129.14 -27.61 7.28
N ASP C 25 -129.56 -28.67 8.00
CA ASP C 25 -128.78 -29.93 8.06
C ASP C 25 -129.45 -31.07 7.30
N ALA C 26 -130.49 -30.75 6.56
CA ALA C 26 -131.25 -31.74 5.82
C ALA C 26 -132.07 -31.07 4.73
N PRO C 27 -132.45 -31.77 3.66
CA PRO C 27 -133.36 -31.27 2.67
C PRO C 27 -134.69 -31.17 3.38
N ARG C 28 -135.56 -30.27 2.94
CA ARG C 28 -136.86 -30.14 3.59
C ARG C 28 -137.81 -31.14 2.96
N ALA C 29 -137.56 -31.47 1.70
CA ALA C 29 -138.37 -32.42 0.98
C ALA C 29 -137.52 -33.12 -0.07
N VAL C 30 -137.91 -34.34 -0.41
CA VAL C 30 -137.22 -35.08 -1.45
C VAL C 30 -138.22 -35.48 -2.50
N PHE C 31 -137.87 -35.20 -3.75
CA PHE C 31 -138.72 -35.45 -4.88
C PHE C 31 -137.93 -36.37 -5.76
N PRO C 32 -138.50 -37.30 -6.52
CA PRO C 32 -137.79 -38.08 -7.49
C PRO C 32 -137.46 -37.19 -8.67
N SER C 33 -136.41 -37.49 -9.43
CA SER C 33 -136.14 -36.70 -10.66
C SER C 33 -136.99 -37.27 -11.79
N ILE C 34 -138.30 -37.18 -11.61
CA ILE C 34 -139.25 -37.77 -12.53
C ILE C 34 -140.40 -36.92 -13.02
N VAL C 35 -140.65 -37.06 -14.33
CA VAL C 35 -141.86 -36.52 -14.93
C VAL C 35 -142.57 -37.74 -15.55
N GLY C 36 -143.81 -37.97 -15.11
CA GLY C 36 -144.55 -39.14 -15.53
C GLY C 36 -145.58 -38.82 -16.57
N ARG C 37 -145.83 -39.76 -17.48
CA ARG C 37 -146.84 -39.53 -18.51
C ARG C 37 -147.71 -40.76 -18.73
N PRO C 38 -149.03 -40.62 -18.92
CA PRO C 38 -149.95 -41.72 -19.11
C PRO C 38 -149.61 -42.47 -20.38
N ARG C 39 -149.72 -43.79 -20.29
CA ARG C 39 -149.48 -44.68 -21.43
C ARG C 39 -150.75 -45.42 -21.85
N HIS C 40 -151.89 -44.88 -21.42
CA HIS C 40 -153.21 -45.44 -21.66
C HIS C 40 -154.18 -44.43 -22.26
N GLN C 41 -155.19 -44.97 -22.94
CA GLN C 41 -156.29 -44.18 -23.49
C GLN C 41 -157.34 -43.95 -22.43
N GLY C 42 -157.71 -42.67 -22.24
CA GLY C 42 -158.72 -42.31 -21.25
C GLY C 42 -160.06 -42.86 -21.69
N VAL C 43 -160.86 -43.31 -20.72
CA VAL C 43 -162.16 -43.86 -21.06
C VAL C 43 -163.27 -42.91 -20.56
N MET C 44 -163.13 -42.40 -19.33
CA MET C 44 -164.16 -41.57 -18.70
C MET C 44 -163.97 -40.08 -18.94
N VAL C 45 -165.08 -39.36 -19.02
CA VAL C 45 -165.12 -37.91 -19.22
C VAL C 45 -165.20 -37.13 -17.89
N GLY C 46 -164.42 -36.05 -17.75
CA GLY C 46 -164.45 -35.24 -16.53
C GLY C 46 -163.63 -35.80 -15.38
N MET C 47 -162.57 -36.53 -15.72
CA MET C 47 -161.70 -37.18 -14.75
C MET C 47 -160.48 -36.37 -14.36
N GLY C 48 -160.37 -35.16 -14.87
CA GLY C 48 -159.14 -34.41 -14.68
C GLY C 48 -158.10 -35.19 -15.47
N GLN C 49 -156.99 -35.55 -14.82
CA GLN C 49 -155.88 -36.30 -15.42
C GLN C 49 -154.96 -35.39 -16.22
N LYS C 50 -153.70 -35.41 -15.84
CA LYS C 50 -152.70 -34.50 -16.38
C LYS C 50 -152.04 -35.07 -17.63
N ASP C 51 -151.43 -34.19 -18.43
CA ASP C 51 -150.67 -34.66 -19.58
C ASP C 51 -149.35 -35.22 -19.08
N SER C 52 -148.90 -34.66 -17.96
CA SER C 52 -147.68 -35.05 -17.31
C SER C 52 -147.80 -34.77 -15.81
N TYR C 53 -147.13 -35.60 -15.03
CA TYR C 53 -147.12 -35.53 -13.57
C TYR C 53 -145.72 -35.24 -13.10
N VAL C 54 -145.57 -34.46 -12.04
CA VAL C 54 -144.21 -34.13 -11.63
C VAL C 54 -143.79 -34.55 -10.21
N GLY C 55 -142.59 -35.12 -10.11
CA GLY C 55 -142.04 -35.48 -8.82
C GLY C 55 -142.87 -36.55 -8.14
N ASP C 56 -143.32 -36.26 -6.93
CA ASP C 56 -144.10 -37.19 -6.15
C ASP C 56 -145.47 -37.46 -6.79
N GLU C 57 -145.93 -36.57 -7.67
CA GLU C 57 -147.18 -36.79 -8.37
C GLU C 57 -146.99 -37.94 -9.34
N ALA C 58 -145.79 -38.00 -9.95
CA ALA C 58 -145.50 -38.98 -10.95
C ALA C 58 -145.44 -40.35 -10.31
N GLN C 59 -144.88 -40.43 -9.12
CA GLN C 59 -144.88 -41.71 -8.45
C GLN C 59 -146.27 -42.05 -7.88
N SER C 60 -147.01 -41.06 -7.38
CA SER C 60 -148.32 -41.33 -6.77
C SER C 60 -149.34 -41.90 -7.75
N LYS C 61 -149.28 -41.45 -9.01
CA LYS C 61 -150.20 -41.90 -10.06
C LYS C 61 -149.56 -42.90 -11.04
N ARG C 62 -148.40 -43.45 -10.66
CA ARG C 62 -147.56 -44.31 -11.49
C ARG C 62 -148.20 -45.58 -12.02
N GLY C 63 -149.31 -46.03 -11.45
CA GLY C 63 -149.93 -47.27 -11.89
C GLY C 63 -150.14 -47.29 -13.41
N ILE C 64 -150.44 -46.14 -14.03
CA ILE C 64 -150.64 -46.08 -15.49
C ILE C 64 -149.70 -45.14 -16.21
N LEU C 65 -148.61 -44.75 -15.57
CA LEU C 65 -147.69 -43.80 -16.17
C LEU C 65 -146.40 -44.47 -16.52
N THR C 66 -145.73 -43.94 -17.53
CA THR C 66 -144.38 -44.37 -17.81
C THR C 66 -143.58 -43.29 -17.12
N LEU C 67 -142.57 -43.66 -16.35
CA LEU C 67 -141.83 -42.64 -15.62
C LEU C 67 -140.45 -42.41 -16.19
N LYS C 68 -140.20 -41.17 -16.62
CA LYS C 68 -138.94 -40.84 -17.23
C LYS C 68 -138.09 -39.96 -16.32
N TYR C 69 -136.78 -40.16 -16.44
CA TYR C 69 -135.79 -39.39 -15.72
C TYR C 69 -135.07 -38.44 -16.69
N PRO C 70 -135.24 -37.09 -16.55
CA PRO C 70 -134.65 -36.04 -17.38
C PRO C 70 -133.12 -36.02 -17.35
N ILE C 71 -132.56 -36.63 -16.31
CA ILE C 71 -131.13 -36.70 -16.06
C ILE C 71 -130.60 -38.12 -16.26
N GLU C 72 -129.60 -38.25 -17.15
CA GLU C 72 -129.02 -39.54 -17.48
C GLU C 72 -127.55 -39.60 -17.10
N HIS C 73 -127.21 -40.48 -16.17
CA HIS C 73 -125.84 -40.63 -15.68
C HIS C 73 -125.26 -39.30 -15.21
N GLY C 74 -126.10 -38.54 -14.53
CA GLY C 74 -125.71 -37.26 -13.97
C GLY C 74 -125.94 -36.04 -14.85
N ILE C 75 -126.27 -36.19 -16.14
CA ILE C 75 -126.47 -35.00 -16.97
C ILE C 75 -127.88 -34.73 -17.44
N ILE C 76 -128.31 -33.48 -17.27
CA ILE C 76 -129.62 -33.11 -17.73
C ILE C 76 -129.66 -33.00 -19.24
N THR C 77 -130.61 -33.70 -19.85
CA THR C 77 -130.77 -33.58 -21.28
C THR C 77 -132.18 -33.02 -21.55
N ASN C 78 -133.13 -33.33 -20.66
CA ASN C 78 -134.47 -32.81 -20.84
C ASN C 78 -134.72 -31.63 -19.90
N TRP C 79 -134.32 -30.44 -20.33
CA TRP C 79 -134.40 -29.27 -19.45
C TRP C 79 -135.86 -28.92 -19.17
N ASP C 80 -136.79 -29.27 -20.08
CA ASP C 80 -138.19 -28.90 -19.87
C ASP C 80 -138.73 -29.64 -18.67
N ASP C 81 -138.35 -30.91 -18.54
CA ASP C 81 -138.83 -31.66 -17.40
C ASP C 81 -138.13 -31.16 -16.14
N MET C 82 -136.86 -30.73 -16.26
CA MET C 82 -136.16 -30.19 -15.10
C MET C 82 -136.86 -28.94 -14.58
N GLU C 83 -137.30 -28.08 -15.50
CA GLU C 83 -138.00 -26.86 -15.11
C GLU C 83 -139.30 -27.21 -14.38
N LYS C 84 -140.02 -28.27 -14.85
CA LYS C 84 -141.25 -28.68 -14.18
C LYS C 84 -140.98 -29.15 -12.76
N ILE C 85 -139.90 -29.94 -12.60
CA ILE C 85 -139.53 -30.47 -11.30
C ILE C 85 -139.15 -29.34 -10.39
N TRP C 86 -138.34 -28.41 -10.87
CA TRP C 86 -137.93 -27.28 -10.08
C TRP C 86 -139.08 -26.39 -9.71
N HIS C 87 -140.01 -26.14 -10.63
CA HIS C 87 -141.12 -25.28 -10.25
C HIS C 87 -141.92 -25.93 -9.14
N HIS C 88 -142.22 -27.22 -9.28
CA HIS C 88 -142.95 -27.91 -8.24
C HIS C 88 -142.19 -27.93 -6.91
N THR C 89 -140.92 -28.30 -6.99
CA THR C 89 -140.05 -28.37 -5.83
C THR C 89 -140.00 -27.06 -5.08
N PHE C 90 -139.72 -25.99 -5.78
CA PHE C 90 -139.53 -24.71 -5.15
C PHE C 90 -140.82 -23.99 -4.76
N TYR C 91 -141.85 -24.03 -5.61
CA TYR C 91 -143.06 -23.26 -5.32
C TYR C 91 -144.18 -24.02 -4.62
N ASN C 92 -144.35 -25.32 -4.85
CA ASN C 92 -145.48 -26.00 -4.25
C ASN C 92 -145.11 -26.66 -2.93
N GLU C 93 -143.96 -27.33 -2.88
CA GLU C 93 -143.63 -28.06 -1.67
C GLU C 93 -142.57 -27.48 -0.73
N LEU C 94 -141.48 -26.90 -1.25
CA LEU C 94 -140.47 -26.33 -0.35
C LEU C 94 -140.87 -24.94 0.10
N ARG C 95 -141.81 -24.35 -0.64
CA ARG C 95 -142.36 -23.02 -0.44
C ARG C 95 -141.33 -21.89 -0.47
N VAL C 96 -140.38 -21.97 -1.40
CA VAL C 96 -139.35 -20.97 -1.60
C VAL C 96 -139.29 -20.51 -3.05
N ALA C 97 -139.74 -19.30 -3.34
CA ALA C 97 -139.71 -18.84 -4.72
C ALA C 97 -138.29 -18.35 -5.03
N PRO C 98 -137.53 -18.96 -6.00
CA PRO C 98 -136.15 -18.65 -6.33
C PRO C 98 -135.93 -17.18 -6.64
N GLU C 99 -136.97 -16.49 -7.10
CA GLU C 99 -136.82 -15.09 -7.39
C GLU C 99 -136.31 -14.30 -6.16
N GLU C 100 -136.70 -14.75 -4.96
CA GLU C 100 -136.32 -14.09 -3.71
C GLU C 100 -135.12 -14.76 -3.01
N HIS C 101 -134.52 -15.79 -3.63
CA HIS C 101 -133.43 -16.54 -3.00
C HIS C 101 -132.33 -16.97 -4.02
N PRO C 102 -131.03 -16.84 -3.73
CA PRO C 102 -129.95 -17.31 -4.60
C PRO C 102 -129.99 -18.85 -4.58
N THR C 103 -129.58 -19.54 -5.66
CA THR C 103 -129.65 -21.03 -5.66
C THR C 103 -128.38 -21.79 -6.02
N LEU C 104 -128.08 -22.82 -5.23
CA LEU C 104 -126.95 -23.69 -5.46
C LEU C 104 -127.39 -25.08 -5.94
N LEU C 105 -126.76 -25.50 -7.03
CA LEU C 105 -126.97 -26.80 -7.67
C LEU C 105 -125.71 -27.64 -7.57
N THR C 106 -125.79 -28.95 -7.78
CA THR C 106 -124.62 -29.82 -7.61
C THR C 106 -124.31 -30.68 -8.86
N GLU C 107 -123.03 -31.07 -9.06
CA GLU C 107 -122.58 -31.93 -10.20
C GLU C 107 -121.13 -32.50 -10.14
N ALA C 108 -120.88 -33.66 -10.74
CA ALA C 108 -119.53 -34.22 -10.82
C ALA C 108 -118.62 -33.24 -11.58
N PRO C 109 -117.32 -33.11 -11.29
CA PRO C 109 -116.40 -32.19 -11.97
C PRO C 109 -116.19 -32.51 -13.44
N LEU C 110 -116.45 -33.76 -13.83
CA LEU C 110 -116.30 -34.19 -15.22
C LEU C 110 -117.65 -34.39 -15.89
N ASN C 111 -118.69 -33.88 -15.27
CA ASN C 111 -120.03 -33.92 -15.82
C ASN C 111 -119.91 -32.99 -17.05
N PRO C 112 -120.31 -33.39 -18.26
CA PRO C 112 -120.16 -32.57 -19.45
C PRO C 112 -120.73 -31.19 -19.19
N LYS C 113 -120.09 -30.20 -19.82
CA LYS C 113 -120.35 -28.77 -19.60
C LYS C 113 -121.77 -28.32 -19.81
N ALA C 114 -122.49 -28.97 -20.70
CA ALA C 114 -123.86 -28.59 -20.92
C ALA C 114 -124.67 -28.66 -19.62
N ASN C 115 -124.33 -29.56 -18.69
CA ASN C 115 -125.11 -29.70 -17.48
C ASN C 115 -125.08 -28.42 -16.66
N ARG C 116 -123.88 -27.95 -16.31
CA ARG C 116 -123.72 -26.75 -15.51
C ARG C 116 -124.18 -25.49 -16.24
N GLU C 117 -124.07 -25.48 -17.56
CA GLU C 117 -124.49 -24.32 -18.34
C GLU C 117 -126.00 -24.25 -18.45
N LYS C 118 -126.66 -25.40 -18.69
CA LYS C 118 -128.11 -25.39 -18.81
C LYS C 118 -128.76 -25.18 -17.47
N MET C 119 -128.22 -25.75 -16.39
CA MET C 119 -128.86 -25.53 -15.11
C MET C 119 -128.80 -24.06 -14.72
N THR C 120 -127.67 -23.41 -15.01
CA THR C 120 -127.48 -22.00 -14.72
C THR C 120 -128.46 -21.18 -15.55
N GLN C 121 -128.58 -21.52 -16.85
CA GLN C 121 -129.50 -20.78 -17.70
C GLN C 121 -130.94 -20.86 -17.25
N ILE C 122 -131.39 -22.03 -16.84
CA ILE C 122 -132.78 -22.15 -16.46
C ILE C 122 -133.05 -21.41 -15.16
N MET C 123 -132.19 -21.52 -14.15
CA MET C 123 -132.52 -20.80 -12.95
C MET C 123 -132.53 -19.28 -13.16
N PHE C 124 -131.65 -18.76 -14.01
CA PHE C 124 -131.69 -17.32 -14.27
C PHE C 124 -132.80 -16.87 -15.22
N GLU C 125 -133.11 -17.66 -16.25
CA GLU C 125 -134.12 -17.21 -17.20
C GLU C 125 -135.56 -17.66 -16.97
N THR C 126 -135.81 -18.81 -16.33
CA THR C 126 -137.22 -19.18 -16.17
C THR C 126 -137.64 -18.94 -14.72
N PHE C 127 -136.67 -18.94 -13.80
CA PHE C 127 -136.98 -18.72 -12.38
C PHE C 127 -136.61 -17.32 -11.83
N ASN C 128 -135.83 -16.55 -12.59
CA ASN C 128 -135.35 -15.22 -12.21
C ASN C 128 -134.62 -15.23 -10.87
N VAL C 129 -133.78 -16.23 -10.65
CA VAL C 129 -133.04 -16.34 -9.40
C VAL C 129 -132.05 -15.17 -9.34
N PRO C 130 -131.87 -14.45 -8.22
CA PRO C 130 -130.93 -13.35 -8.13
C PRO C 130 -129.46 -13.77 -8.26
N ALA C 131 -129.14 -15.03 -7.99
CA ALA C 131 -127.78 -15.50 -8.12
C ALA C 131 -127.71 -17.03 -8.25
N MET C 132 -126.60 -17.51 -8.82
CA MET C 132 -126.35 -18.94 -8.97
C MET C 132 -124.97 -19.43 -8.67
N TYR C 133 -124.88 -20.72 -8.32
CA TYR C 133 -123.59 -21.37 -8.05
C TYR C 133 -123.67 -22.90 -8.24
N VAL C 134 -122.97 -23.45 -9.24
CA VAL C 134 -122.99 -24.88 -9.45
C VAL C 134 -121.78 -25.47 -8.77
N ALA C 135 -122.03 -26.30 -7.77
CA ALA C 135 -121.02 -26.88 -6.91
C ALA C 135 -120.65 -28.29 -7.29
N ILE C 136 -119.45 -28.65 -6.92
CA ILE C 136 -118.92 -29.96 -7.20
C ILE C 136 -119.09 -30.94 -6.07
N GLN C 137 -119.59 -32.13 -6.40
CA GLN C 137 -119.91 -33.19 -5.45
C GLN C 137 -118.76 -33.57 -4.53
N ALA C 138 -117.53 -33.56 -5.04
CA ALA C 138 -116.38 -33.88 -4.20
C ALA C 138 -116.16 -32.83 -3.10
N VAL C 139 -116.43 -31.57 -3.41
CA VAL C 139 -116.28 -30.46 -2.49
C VAL C 139 -117.36 -30.56 -1.46
N LEU C 140 -118.56 -30.81 -1.94
CA LEU C 140 -119.73 -30.88 -1.13
C LEU C 140 -119.63 -32.05 -0.15
N SER C 141 -119.11 -33.20 -0.61
CA SER C 141 -118.97 -34.36 0.25
C SER C 141 -117.94 -34.14 1.34
N LEU C 142 -116.79 -33.52 1.03
CA LEU C 142 -115.84 -33.29 2.11
C LEU C 142 -116.38 -32.28 3.10
N TYR C 143 -117.12 -31.26 2.65
CA TYR C 143 -117.65 -30.35 3.66
C TYR C 143 -118.64 -31.08 4.58
N ALA C 144 -119.52 -31.91 3.99
CA ALA C 144 -120.54 -32.62 4.77
C ALA C 144 -119.92 -33.57 5.79
N SER C 145 -118.80 -34.18 5.42
CA SER C 145 -118.10 -35.13 6.26
C SER C 145 -117.11 -34.51 7.24
N GLY C 146 -116.94 -33.18 7.22
CA GLY C 146 -115.98 -32.56 8.13
C GLY C 146 -114.51 -32.75 7.71
N ARG C 147 -114.24 -32.78 6.40
CA ARG C 147 -112.88 -32.97 5.89
C ARG C 147 -112.46 -31.91 4.87
N THR C 148 -111.13 -31.75 4.69
CA THR C 148 -110.55 -30.83 3.72
C THR C 148 -109.75 -31.66 2.78
N THR C 149 -109.47 -32.84 3.30
CA THR C 149 -108.63 -33.82 2.65
C THR C 149 -109.30 -35.18 2.65
N GLY C 150 -109.32 -35.82 1.49
CA GLY C 150 -109.85 -37.17 1.36
C GLY C 150 -110.25 -37.53 -0.07
N ILE C 151 -110.65 -38.79 -0.23
CA ILE C 151 -111.10 -39.28 -1.54
C ILE C 151 -112.58 -39.32 -1.54
N VAL C 152 -113.22 -38.65 -2.49
CA VAL C 152 -114.66 -38.79 -2.49
C VAL C 152 -115.11 -39.79 -3.53
N LEU C 153 -115.63 -40.91 -3.03
CA LEU C 153 -116.13 -41.96 -3.87
C LEU C 153 -117.63 -41.93 -3.67
N ASP C 154 -118.30 -41.29 -4.62
CA ASP C 154 -119.73 -41.09 -4.58
C ASP C 154 -120.41 -42.18 -5.36
N SER C 155 -120.88 -43.21 -4.67
CA SER C 155 -121.47 -44.36 -5.35
C SER C 155 -122.95 -44.08 -5.54
N GLY C 156 -123.24 -43.04 -6.29
CA GLY C 156 -124.59 -42.53 -6.46
C GLY C 156 -125.31 -43.28 -7.55
N ASP C 157 -126.46 -42.76 -7.98
CA ASP C 157 -127.34 -43.34 -8.99
C ASP C 157 -126.84 -43.26 -10.45
N GLY C 158 -126.16 -42.14 -10.79
CA GLY C 158 -125.72 -41.82 -12.15
C GLY C 158 -124.32 -42.28 -12.59
N VAL C 159 -123.30 -41.52 -12.22
CA VAL C 159 -121.90 -41.83 -12.57
C VAL C 159 -121.04 -41.65 -11.33
N THR C 160 -119.98 -42.46 -11.17
CA THR C 160 -119.10 -42.29 -10.02
C THR C 160 -117.87 -41.48 -10.45
N HIS C 161 -117.62 -40.31 -9.83
CA HIS C 161 -116.47 -39.51 -10.26
C HIS C 161 -115.13 -39.76 -9.56
N ASN C 162 -115.13 -40.39 -8.38
CA ASN C 162 -113.88 -40.72 -7.65
C ASN C 162 -112.82 -39.59 -7.58
N VAL C 163 -113.10 -38.52 -6.85
CA VAL C 163 -112.17 -37.40 -6.88
C VAL C 163 -111.41 -37.07 -5.59
N PRO C 164 -110.06 -37.17 -5.59
CA PRO C 164 -109.18 -36.80 -4.50
C PRO C 164 -109.04 -35.29 -4.37
N ILE C 165 -109.07 -34.80 -3.12
CA ILE C 165 -108.82 -33.42 -2.73
C ILE C 165 -107.83 -33.38 -1.54
N TYR C 166 -106.82 -32.50 -1.60
CA TYR C 166 -105.86 -32.37 -0.49
C TYR C 166 -105.70 -30.94 -0.03
N GLU C 167 -105.90 -30.69 1.26
CA GLU C 167 -105.83 -29.33 1.81
C GLU C 167 -106.72 -28.37 1.01
N GLY C 168 -107.89 -28.84 0.59
CA GLY C 168 -108.81 -28.02 -0.16
C GLY C 168 -108.54 -27.94 -1.67
N TYR C 169 -107.45 -28.55 -2.15
CA TYR C 169 -107.05 -28.50 -3.55
C TYR C 169 -107.44 -29.71 -4.36
N ALA C 170 -107.85 -29.47 -5.59
CA ALA C 170 -108.16 -30.60 -6.45
C ALA C 170 -106.87 -31.25 -6.91
N LEU C 171 -106.93 -32.56 -7.07
CA LEU C 171 -105.80 -33.30 -7.61
C LEU C 171 -106.29 -34.02 -8.87
N PRO C 172 -106.63 -33.27 -9.96
CA PRO C 172 -107.38 -33.71 -11.11
C PRO C 172 -106.77 -34.81 -11.95
N HIS C 173 -105.46 -34.97 -11.87
CA HIS C 173 -104.80 -35.98 -12.65
C HIS C 173 -105.05 -37.37 -12.08
N ALA C 174 -105.57 -37.41 -10.85
CA ALA C 174 -105.84 -38.63 -10.14
C ALA C 174 -107.34 -38.97 -10.13
N ILE C 175 -108.15 -38.25 -10.93
CA ILE C 175 -109.59 -38.55 -10.94
C ILE C 175 -109.90 -39.78 -11.78
N MET C 176 -110.64 -40.72 -11.21
CA MET C 176 -110.97 -41.92 -12.00
C MET C 176 -112.48 -41.97 -12.22
N ARG C 177 -112.96 -41.54 -13.36
CA ARG C 177 -114.41 -41.55 -13.55
C ARG C 177 -114.86 -42.93 -14.01
N LEU C 178 -115.85 -43.49 -13.33
CA LEU C 178 -116.35 -44.81 -13.65
C LEU C 178 -117.83 -44.86 -14.07
N ASP C 179 -118.08 -45.49 -15.21
CA ASP C 179 -119.46 -45.64 -15.70
C ASP C 179 -120.17 -46.83 -15.05
N LEU C 180 -120.35 -46.69 -13.74
CA LEU C 180 -121.04 -47.61 -12.85
C LEU C 180 -121.69 -46.84 -11.73
N ALA C 181 -122.99 -47.07 -11.58
CA ALA C 181 -123.75 -46.41 -10.55
C ALA C 181 -124.97 -47.21 -10.12
N GLY C 182 -125.66 -46.71 -9.10
CA GLY C 182 -126.81 -47.37 -8.48
C GLY C 182 -127.90 -47.77 -9.46
N ARG C 183 -128.10 -46.99 -10.54
CA ARG C 183 -129.11 -47.34 -11.54
C ARG C 183 -128.76 -48.66 -12.24
N ASP C 184 -127.46 -48.98 -12.36
CA ASP C 184 -127.01 -50.16 -13.07
C ASP C 184 -127.09 -51.32 -12.12
N LEU C 185 -126.90 -51.04 -10.83
CA LEU C 185 -126.93 -52.10 -9.85
C LEU C 185 -128.38 -52.61 -9.81
N THR C 186 -129.35 -51.66 -9.93
CA THR C 186 -130.78 -51.97 -9.94
C THR C 186 -131.10 -52.80 -11.17
N ASP C 187 -130.55 -52.41 -12.34
CA ASP C 187 -130.81 -53.14 -13.58
C ASP C 187 -130.28 -54.58 -13.49
N TYR C 188 -129.11 -54.76 -12.87
CA TYR C 188 -128.56 -56.09 -12.71
C TYR C 188 -129.52 -56.92 -11.88
N LEU C 189 -130.01 -56.32 -10.77
CA LEU C 189 -130.93 -57.02 -9.88
C LEU C 189 -132.18 -57.43 -10.64
N MET C 190 -132.72 -56.56 -11.50
CA MET C 190 -133.92 -56.93 -12.24
C MET C 190 -133.66 -58.18 -13.13
N LYS C 191 -132.48 -58.27 -13.74
CA LYS C 191 -132.20 -59.43 -14.59
C LYS C 191 -132.05 -60.73 -13.77
N ILE C 192 -131.40 -60.65 -12.63
CA ILE C 192 -131.23 -61.85 -11.79
C ILE C 192 -132.55 -62.22 -11.06
N LEU C 193 -133.42 -61.24 -10.78
CA LEU C 193 -134.71 -61.59 -10.20
C LEU C 193 -135.54 -62.29 -11.27
N THR C 194 -135.35 -61.91 -12.55
CA THR C 194 -136.02 -62.56 -13.68
C THR C 194 -135.57 -64.03 -13.71
N GLU C 195 -134.27 -64.28 -13.48
CA GLU C 195 -133.73 -65.64 -13.47
C GLU C 195 -134.45 -66.50 -12.40
N ARG C 196 -134.83 -65.87 -11.27
CA ARG C 196 -135.52 -66.57 -10.19
C ARG C 196 -137.04 -66.67 -10.35
N GLY C 197 -137.60 -66.18 -11.45
CA GLY C 197 -139.04 -66.25 -11.68
C GLY C 197 -139.83 -64.99 -11.39
N TYR C 198 -139.15 -63.90 -11.11
CA TYR C 198 -139.80 -62.62 -10.84
C TYR C 198 -139.37 -61.64 -11.91
N SER C 199 -140.15 -61.57 -12.99
CA SER C 199 -139.81 -60.70 -14.10
C SER C 199 -140.42 -59.33 -13.93
N PHE C 200 -139.56 -58.31 -13.87
CA PHE C 200 -139.94 -56.93 -13.71
C PHE C 200 -139.48 -56.16 -14.95
N VAL C 201 -140.40 -55.74 -15.82
CA VAL C 201 -139.96 -55.07 -17.05
C VAL C 201 -140.61 -53.69 -17.31
N THR C 202 -141.69 -53.36 -16.59
CA THR C 202 -142.40 -52.09 -16.82
C THR C 202 -141.99 -51.07 -15.77
N THR C 203 -142.41 -49.80 -15.90
CA THR C 203 -142.03 -48.80 -14.91
C THR C 203 -142.45 -49.12 -13.50
N ALA C 204 -143.70 -49.51 -13.27
CA ALA C 204 -144.09 -49.75 -11.89
C ALA C 204 -143.19 -50.84 -11.29
N GLU C 205 -142.91 -51.85 -12.09
CA GLU C 205 -142.09 -52.96 -11.66
C GLU C 205 -140.65 -52.52 -11.37
N ARG C 206 -140.12 -51.62 -12.19
CA ARG C 206 -138.76 -51.12 -12.01
C ARG C 206 -138.62 -50.31 -10.72
N GLU C 207 -139.61 -49.46 -10.43
CA GLU C 207 -139.57 -48.62 -9.23
C GLU C 207 -139.67 -49.52 -7.99
N ILE C 208 -140.45 -50.60 -8.09
CA ILE C 208 -140.57 -51.57 -7.02
C ILE C 208 -139.25 -52.28 -6.78
N VAL C 209 -138.55 -52.72 -7.85
CA VAL C 209 -137.28 -53.39 -7.63
C VAL C 209 -136.30 -52.47 -6.95
N ARG C 210 -136.27 -51.19 -7.36
CA ARG C 210 -135.39 -50.27 -6.66
C ARG C 210 -135.71 -50.22 -5.17
N ASP C 211 -137.02 -50.18 -4.81
CA ASP C 211 -137.37 -50.16 -3.39
C ASP C 211 -136.96 -51.45 -2.68
N ILE C 212 -137.07 -52.58 -3.39
CA ILE C 212 -136.72 -53.87 -2.80
C ILE C 212 -135.23 -53.85 -2.49
N LYS C 213 -134.44 -53.43 -3.46
CA LYS C 213 -132.99 -53.36 -3.34
C LYS C 213 -132.56 -52.56 -2.13
N GLU C 214 -133.17 -51.39 -1.97
CA GLU C 214 -132.84 -50.46 -0.90
C GLU C 214 -133.06 -51.06 0.48
N LYS C 215 -134.07 -51.92 0.62
CA LYS C 215 -134.37 -52.54 1.89
C LYS C 215 -133.73 -53.94 2.10
N LEU C 216 -133.51 -54.71 1.03
CA LEU C 216 -133.02 -56.09 1.17
C LEU C 216 -131.53 -56.37 0.87
N CYS C 217 -130.89 -55.58 0.02
CA CYS C 217 -129.53 -55.91 -0.40
C CYS C 217 -128.42 -55.47 0.54
N TYR C 218 -127.30 -56.19 0.48
CA TYR C 218 -126.08 -55.91 1.27
C TYR C 218 -124.84 -56.29 0.48
N VAL C 219 -123.67 -55.78 0.84
CA VAL C 219 -122.52 -56.08 -0.03
C VAL C 219 -121.87 -57.45 0.14
N ALA C 220 -121.75 -57.91 1.38
CA ALA C 220 -121.05 -59.14 1.78
C ALA C 220 -119.56 -58.84 1.80
N LEU C 221 -118.84 -59.28 2.84
CA LEU C 221 -117.39 -59.00 2.87
C LEU C 221 -116.57 -60.13 2.26
N ASP C 222 -117.27 -61.18 1.85
CA ASP C 222 -116.69 -62.31 1.16
C ASP C 222 -117.77 -62.84 0.24
N PHE C 223 -117.71 -62.42 -1.02
CA PHE C 223 -118.77 -62.72 -1.97
C PHE C 223 -118.96 -64.21 -2.19
N GLU C 224 -117.87 -64.92 -2.42
CA GLU C 224 -117.93 -66.33 -2.74
C GLU C 224 -118.42 -67.17 -1.57
N ASN C 225 -117.99 -66.86 -0.34
CA ASN C 225 -118.48 -67.67 0.77
C ASN C 225 -119.92 -67.32 1.08
N GLU C 226 -120.29 -66.05 0.89
CA GLU C 226 -121.64 -65.65 1.22
C GLU C 226 -122.57 -66.31 0.21
N MET C 227 -122.15 -66.34 -1.08
CA MET C 227 -122.88 -66.97 -2.17
C MET C 227 -122.97 -68.46 -1.98
N ALA C 228 -121.91 -69.09 -1.47
CA ALA C 228 -121.95 -70.52 -1.29
C ALA C 228 -123.13 -70.91 -0.40
N THR C 229 -123.43 -70.11 0.64
CA THR C 229 -124.57 -70.49 1.45
C THR C 229 -125.87 -69.82 0.97
N ALA C 230 -125.80 -68.62 0.40
CA ALA C 230 -127.02 -67.94 -0.06
C ALA C 230 -127.69 -68.70 -1.17
N ALA C 231 -126.88 -69.34 -2.00
CA ALA C 231 -127.37 -70.10 -3.13
C ALA C 231 -127.78 -71.52 -2.74
N SER C 232 -127.50 -71.92 -1.49
CA SER C 232 -127.78 -73.28 -1.03
C SER C 232 -128.96 -73.34 -0.06
N SER C 233 -129.27 -72.23 0.61
CA SER C 233 -130.32 -72.26 1.62
C SER C 233 -131.14 -70.99 1.81
N SER C 234 -132.41 -71.21 2.14
CA SER C 234 -133.42 -70.19 2.41
C SER C 234 -133.09 -69.41 3.67
N SER C 235 -132.16 -69.92 4.47
CA SER C 235 -131.74 -69.29 5.70
C SER C 235 -131.04 -67.96 5.45
N LEU C 236 -130.60 -67.69 4.21
CA LEU C 236 -129.99 -66.40 3.93
C LEU C 236 -130.88 -65.54 3.04
N GLU C 237 -132.17 -65.88 2.95
CA GLU C 237 -133.08 -65.08 2.15
C GLU C 237 -133.86 -64.09 2.99
N LYS C 238 -134.24 -63.00 2.37
CA LYS C 238 -135.08 -62.00 3.04
C LYS C 238 -136.28 -61.70 2.19
N SER C 239 -137.46 -61.63 2.83
CA SER C 239 -138.68 -61.31 2.13
C SER C 239 -138.99 -59.83 1.99
N TYR C 240 -139.82 -59.55 1.00
CA TYR C 240 -140.37 -58.24 0.71
C TYR C 240 -141.82 -58.36 0.28
N GLU C 241 -142.64 -57.44 0.76
CA GLU C 241 -144.05 -57.38 0.38
C GLU C 241 -144.26 -56.53 -0.85
N LEU C 242 -144.78 -57.12 -1.91
CA LEU C 242 -145.02 -56.42 -3.13
C LEU C 242 -146.35 -55.68 -2.92
N PRO C 243 -146.60 -54.53 -3.57
CA PRO C 243 -147.81 -53.73 -3.46
C PRO C 243 -149.12 -54.43 -3.76
N ASP C 244 -149.08 -55.54 -4.49
CA ASP C 244 -150.28 -56.25 -4.85
C ASP C 244 -150.59 -57.47 -3.98
N GLY C 245 -149.87 -57.65 -2.87
CA GLY C 245 -150.14 -58.79 -1.99
C GLY C 245 -149.23 -59.99 -2.26
N GLN C 246 -148.47 -59.93 -3.35
CA GLN C 246 -147.56 -61.02 -3.67
C GLN C 246 -146.29 -60.79 -2.88
N VAL C 247 -145.51 -61.84 -2.71
CA VAL C 247 -144.24 -61.65 -2.03
C VAL C 247 -143.10 -62.21 -2.84
N ILE C 248 -141.94 -61.66 -2.57
CA ILE C 248 -140.68 -62.04 -3.18
C ILE C 248 -139.63 -62.25 -2.11
N THR C 249 -138.76 -63.23 -2.30
CA THR C 249 -137.64 -63.36 -1.40
C THR C 249 -136.39 -63.24 -2.25
N ILE C 250 -135.32 -62.75 -1.65
CA ILE C 250 -134.07 -62.64 -2.38
C ILE C 250 -132.94 -63.38 -1.67
N GLY C 251 -132.21 -64.21 -2.44
CA GLY C 251 -131.10 -65.07 -1.99
C GLY C 251 -129.74 -64.50 -2.36
N ASN C 252 -128.99 -65.12 -3.29
CA ASN C 252 -127.67 -64.56 -3.54
C ASN C 252 -127.78 -63.28 -4.34
N GLU C 253 -128.99 -62.99 -4.83
CA GLU C 253 -129.28 -61.84 -5.65
C GLU C 253 -129.20 -60.60 -4.78
N ARG C 254 -129.32 -60.85 -3.47
CA ARG C 254 -129.34 -59.90 -2.41
C ARG C 254 -127.98 -59.22 -2.29
N PHE C 255 -126.92 -59.93 -2.65
CA PHE C 255 -125.57 -59.39 -2.55
C PHE C 255 -124.87 -59.28 -3.89
N ARG C 256 -125.34 -60.04 -4.87
CA ARG C 256 -124.77 -60.01 -6.22
C ARG C 256 -125.03 -58.64 -6.84
N CYS C 257 -126.15 -58.03 -6.47
CA CYS C 257 -126.49 -56.71 -6.98
C CYS C 257 -125.40 -55.67 -6.62
N PRO C 258 -125.11 -55.37 -5.33
CA PRO C 258 -124.03 -54.51 -4.89
C PRO C 258 -122.64 -55.01 -5.24
N GLU C 259 -122.49 -56.32 -5.46
CA GLU C 259 -121.20 -56.88 -5.84
C GLU C 259 -120.69 -56.24 -7.11
N THR C 260 -121.58 -55.72 -7.97
CA THR C 260 -121.19 -55.11 -9.24
C THR C 260 -120.27 -53.91 -8.97
N LEU C 261 -120.36 -53.32 -7.76
CA LEU C 261 -119.51 -52.21 -7.35
C LEU C 261 -118.08 -52.69 -7.27
N PHE C 262 -117.89 -53.97 -6.92
CA PHE C 262 -116.58 -54.54 -6.81
C PHE C 262 -116.27 -55.32 -8.10
N GLN C 263 -117.32 -55.67 -8.83
CA GLN C 263 -117.19 -56.39 -10.09
C GLN C 263 -118.14 -55.83 -11.17
N PRO C 264 -117.73 -54.72 -11.82
CA PRO C 264 -118.47 -53.99 -12.86
C PRO C 264 -118.69 -54.81 -14.13
N SER C 265 -117.94 -55.91 -14.26
CA SER C 265 -118.03 -56.82 -15.38
C SER C 265 -119.41 -57.48 -15.41
N PHE C 266 -120.11 -57.42 -14.26
CA PHE C 266 -121.45 -57.98 -14.10
C PHE C 266 -122.46 -57.28 -15.01
N ILE C 267 -122.19 -56.02 -15.37
CA ILE C 267 -123.10 -55.27 -16.24
C ILE C 267 -122.42 -54.93 -17.57
N GLY C 268 -121.32 -55.63 -17.88
CA GLY C 268 -120.60 -55.40 -19.13
C GLY C 268 -119.55 -54.28 -19.08
N MET C 269 -119.20 -53.73 -17.91
CA MET C 269 -118.21 -52.66 -17.86
C MET C 269 -116.79 -53.16 -17.68
N GLU C 270 -115.88 -52.57 -18.43
CA GLU C 270 -114.46 -52.92 -18.34
C GLU C 270 -113.82 -52.22 -17.15
N SER C 271 -114.06 -52.75 -15.96
CA SER C 271 -113.54 -52.18 -14.73
C SER C 271 -113.34 -53.19 -13.63
N ALA C 272 -112.34 -52.91 -12.79
CA ALA C 272 -112.00 -53.73 -11.63
C ALA C 272 -112.78 -53.37 -10.37
N GLY C 273 -113.63 -52.35 -10.43
CA GLY C 273 -114.42 -51.97 -9.25
C GLY C 273 -114.05 -50.64 -8.61
N ILE C 274 -114.97 -50.18 -7.74
CA ILE C 274 -114.85 -48.90 -7.04
C ILE C 274 -113.67 -48.87 -6.07
N HIS C 275 -113.20 -50.01 -5.60
CA HIS C 275 -112.05 -50.00 -4.73
C HIS C 275 -110.76 -49.88 -5.50
N GLU C 276 -110.76 -50.20 -6.81
CA GLU C 276 -109.53 -50.05 -7.53
C GLU C 276 -109.45 -48.60 -7.93
N THR C 277 -110.61 -48.02 -8.28
CA THR C 277 -110.60 -46.63 -8.67
C THR C 277 -110.26 -45.78 -7.45
N THR C 278 -110.77 -46.15 -6.26
CA THR C 278 -110.44 -45.41 -5.05
C THR C 278 -108.94 -45.51 -4.81
N TYR C 279 -108.41 -46.73 -4.94
CA TYR C 279 -106.99 -46.98 -4.74
C TYR C 279 -106.12 -46.15 -5.68
N ASN C 280 -106.51 -46.08 -6.95
CA ASN C 280 -105.75 -45.32 -7.93
C ASN C 280 -105.83 -43.83 -7.67
N SER C 281 -106.95 -43.33 -7.14
CA SER C 281 -107.00 -41.91 -6.86
C SER C 281 -106.07 -41.55 -5.71
N ILE C 282 -105.85 -42.49 -4.79
CA ILE C 282 -104.91 -42.23 -3.72
C ILE C 282 -103.50 -42.34 -4.28
N MET C 283 -103.24 -43.44 -4.99
CA MET C 283 -101.93 -43.77 -5.54
C MET C 283 -101.39 -42.75 -6.55
N LYS C 284 -102.26 -42.16 -7.35
CA LYS C 284 -101.84 -41.23 -8.38
C LYS C 284 -101.59 -39.81 -7.84
N CYS C 285 -101.83 -39.58 -6.56
CA CYS C 285 -101.58 -38.29 -5.95
C CYS C 285 -100.12 -38.30 -5.49
N ASP C 286 -99.54 -37.15 -5.20
CA ASP C 286 -98.15 -37.16 -4.78
C ASP C 286 -97.90 -38.00 -3.56
N ILE C 287 -96.67 -38.49 -3.48
CA ILE C 287 -96.25 -39.39 -2.43
C ILE C 287 -96.45 -38.86 -1.00
N ASP C 288 -96.42 -37.53 -0.81
CA ASP C 288 -96.64 -36.94 0.50
C ASP C 288 -98.12 -36.66 0.78
N ILE C 289 -98.97 -37.00 -0.19
CA ILE C 289 -100.42 -36.87 -0.13
C ILE C 289 -101.04 -38.22 0.20
N ARG C 290 -100.53 -39.26 -0.45
CA ARG C 290 -101.02 -40.63 -0.31
C ARG C 290 -101.38 -41.07 1.11
N LYS C 291 -100.55 -40.73 2.09
CA LYS C 291 -100.81 -41.16 3.47
C LYS C 291 -102.09 -40.54 4.05
N ASP C 292 -102.42 -39.32 3.62
CA ASP C 292 -103.54 -38.60 4.16
C ASP C 292 -104.80 -39.03 3.46
N LEU C 293 -104.67 -39.41 2.20
CA LEU C 293 -105.86 -39.85 1.50
C LEU C 293 -106.20 -41.28 1.95
N TYR C 294 -105.21 -42.13 2.26
CA TYR C 294 -105.52 -43.50 2.70
C TYR C 294 -106.34 -43.47 3.99
N ALA C 295 -105.99 -42.55 4.88
CA ALA C 295 -106.63 -42.40 6.18
C ALA C 295 -107.95 -41.62 6.12
N ASN C 296 -108.31 -41.09 4.94
CA ASN C 296 -109.51 -40.30 4.77
C ASN C 296 -110.24 -40.68 3.49
N ASN C 297 -110.69 -41.93 3.45
CA ASN C 297 -111.45 -42.51 2.35
C ASN C 297 -112.91 -42.18 2.65
N VAL C 298 -113.52 -41.31 1.85
CA VAL C 298 -114.86 -40.84 2.16
C VAL C 298 -115.91 -41.46 1.26
N MET C 299 -116.85 -42.15 1.88
CA MET C 299 -117.92 -42.73 1.10
C MET C 299 -118.98 -41.67 1.01
N SER C 300 -119.53 -41.49 -0.16
CA SER C 300 -120.57 -40.51 -0.33
C SER C 300 -121.58 -41.01 -1.31
N GLY C 301 -122.62 -40.24 -1.50
CA GLY C 301 -123.65 -40.65 -2.43
C GLY C 301 -124.50 -41.70 -1.75
N GLY C 302 -125.46 -42.23 -2.50
CA GLY C 302 -126.34 -43.31 -2.06
C GLY C 302 -125.61 -44.62 -2.29
N THR C 303 -126.24 -45.79 -2.11
CA THR C 303 -125.61 -47.15 -2.19
C THR C 303 -124.61 -47.41 -1.05
N THR C 304 -124.25 -46.36 -0.35
CA THR C 304 -123.38 -46.33 0.80
C THR C 304 -124.14 -46.84 2.00
N MET C 305 -125.43 -47.02 1.77
CA MET C 305 -126.38 -47.51 2.71
C MET C 305 -126.63 -49.03 2.53
N TYR C 306 -125.83 -49.72 1.67
CA TYR C 306 -125.92 -51.19 1.61
C TYR C 306 -125.14 -51.65 2.85
N PRO C 307 -125.65 -52.51 3.72
CA PRO C 307 -124.91 -52.96 4.87
C PRO C 307 -123.59 -53.59 4.46
N GLY C 308 -122.55 -53.24 5.20
CA GLY C 308 -121.20 -53.75 4.99
C GLY C 308 -120.37 -52.95 3.99
N ILE C 309 -120.94 -51.98 3.28
CA ILE C 309 -120.13 -51.26 2.29
C ILE C 309 -119.00 -50.45 2.89
N ALA C 310 -119.25 -49.83 4.03
CA ALA C 310 -118.24 -49.02 4.69
C ALA C 310 -117.06 -49.89 5.14
N ASP C 311 -117.34 -51.14 5.49
CA ASP C 311 -116.28 -51.99 5.97
C ASP C 311 -115.57 -52.70 4.82
N ARG C 312 -116.31 -53.13 3.79
CA ARG C 312 -115.67 -53.86 2.71
C ARG C 312 -114.71 -52.97 1.96
N MET C 313 -115.06 -51.72 1.79
CA MET C 313 -114.19 -50.78 1.12
C MET C 313 -112.89 -50.52 1.88
N GLN C 314 -112.86 -50.74 3.21
CA GLN C 314 -111.65 -50.45 3.95
C GLN C 314 -110.78 -51.67 3.77
N LYS C 315 -111.42 -52.84 3.77
CA LYS C 315 -110.74 -54.12 3.57
C LYS C 315 -110.09 -54.18 2.18
N GLU C 316 -110.85 -53.78 1.15
CA GLU C 316 -110.37 -53.82 -0.23
C GLU C 316 -109.21 -52.87 -0.46
N ILE C 317 -109.23 -51.69 0.15
CA ILE C 317 -108.11 -50.77 -0.01
C ILE C 317 -106.92 -51.26 0.82
N THR C 318 -107.16 -51.73 2.04
CA THR C 318 -106.08 -52.21 2.90
C THR C 318 -105.29 -53.29 2.18
N ALA C 319 -105.98 -54.17 1.47
CA ALA C 319 -105.40 -55.26 0.71
C ALA C 319 -104.51 -54.81 -0.47
N LEU C 320 -104.70 -53.58 -0.95
CA LEU C 320 -103.94 -53.03 -2.07
C LEU C 320 -102.85 -52.07 -1.59
N ALA C 321 -103.13 -51.43 -0.46
CA ALA C 321 -102.29 -50.42 0.16
C ALA C 321 -100.99 -51.01 0.72
N PRO C 322 -99.90 -50.22 0.79
CA PRO C 322 -98.67 -50.55 1.47
C PRO C 322 -98.96 -50.71 2.96
N SER C 323 -98.13 -51.50 3.63
CA SER C 323 -98.23 -51.68 5.08
C SER C 323 -97.75 -50.39 5.71
N THR C 324 -97.87 -50.26 7.04
CA THR C 324 -97.50 -49.04 7.79
C THR C 324 -98.61 -47.97 7.69
N MET C 325 -99.08 -47.72 6.48
CA MET C 325 -100.13 -46.75 6.23
C MET C 325 -101.42 -47.14 6.88
N LYS C 326 -102.14 -46.15 7.39
CA LYS C 326 -103.45 -46.38 7.97
C LYS C 326 -104.51 -46.14 6.93
N ILE C 327 -105.37 -47.13 6.75
CA ILE C 327 -106.46 -47.04 5.80
C ILE C 327 -107.72 -46.89 6.61
N LYS C 328 -108.48 -45.84 6.32
CA LYS C 328 -109.71 -45.62 7.09
C LYS C 328 -110.87 -45.05 6.32
N ILE C 329 -112.06 -45.60 6.56
CA ILE C 329 -113.30 -45.08 5.98
C ILE C 329 -114.21 -44.28 6.86
N ILE C 330 -114.62 -43.18 6.26
CA ILE C 330 -115.55 -42.21 6.76
C ILE C 330 -116.92 -42.47 6.11
N ALA C 331 -117.90 -42.82 6.93
CA ALA C 331 -119.22 -43.19 6.42
C ALA C 331 -120.32 -42.81 7.43
N PRO C 332 -120.64 -41.51 7.56
CA PRO C 332 -121.58 -40.93 8.50
C PRO C 332 -123.00 -41.28 8.07
N PRO C 333 -124.02 -41.13 8.92
CA PRO C 333 -125.44 -41.31 8.61
C PRO C 333 -125.93 -40.28 7.60
N GLU C 334 -125.09 -39.27 7.39
CA GLU C 334 -125.34 -38.22 6.43
C GLU C 334 -124.94 -38.73 5.04
N ARG C 335 -125.00 -40.05 4.88
CA ARG C 335 -124.67 -40.70 3.62
C ARG C 335 -125.87 -40.51 2.69
N LYS C 336 -125.61 -40.54 1.38
CA LYS C 336 -126.61 -40.29 0.33
C LYS C 336 -127.16 -38.86 0.41
N TYR C 337 -127.27 -38.30 1.61
CA TYR C 337 -127.70 -36.91 1.71
C TYR C 337 -126.51 -35.92 1.78
N SER C 338 -125.28 -36.44 1.69
CA SER C 338 -124.07 -35.64 1.86
C SER C 338 -123.83 -34.56 0.82
N VAL C 339 -124.28 -34.79 -0.40
CA VAL C 339 -124.10 -33.79 -1.43
C VAL C 339 -125.03 -32.61 -1.14
N TRP C 340 -126.29 -32.90 -0.78
CA TRP C 340 -127.21 -31.82 -0.45
C TRP C 340 -126.69 -31.05 0.76
N ILE C 341 -126.24 -31.79 1.79
CA ILE C 341 -125.75 -31.16 3.02
C ILE C 341 -124.54 -30.32 2.70
N GLY C 342 -123.63 -30.82 1.88
CA GLY C 342 -122.49 -30.03 1.49
C GLY C 342 -122.94 -28.74 0.81
N GLY C 343 -124.04 -28.80 0.04
CA GLY C 343 -124.58 -27.65 -0.64
C GLY C 343 -125.05 -26.62 0.35
N SER C 344 -125.72 -27.09 1.41
CA SER C 344 -126.20 -26.23 2.48
C SER C 344 -125.07 -25.55 3.21
N ILE C 345 -124.01 -26.33 3.46
CA ILE C 345 -122.85 -25.81 4.15
C ILE C 345 -122.17 -24.77 3.32
N LEU C 346 -121.93 -25.11 2.05
CA LEU C 346 -121.20 -24.24 1.15
C LEU C 346 -121.95 -22.97 0.84
N ALA C 347 -123.25 -23.06 0.54
CA ALA C 347 -124.06 -21.92 0.16
C ALA C 347 -124.05 -20.83 1.24
N SER C 348 -124.03 -21.26 2.51
CA SER C 348 -124.03 -20.40 3.68
C SER C 348 -122.65 -20.03 4.27
N LEU C 349 -121.54 -20.49 3.68
CA LEU C 349 -120.24 -20.14 4.27
C LEU C 349 -119.88 -18.71 3.92
N SER C 350 -119.27 -17.99 4.84
CA SER C 350 -118.83 -16.63 4.56
C SER C 350 -117.75 -16.61 3.48
N THR C 351 -117.00 -17.71 3.40
CA THR C 351 -115.90 -17.91 2.49
C THR C 351 -116.37 -18.20 1.07
N PHE C 352 -117.67 -18.41 0.93
CA PHE C 352 -118.32 -18.70 -0.31
C PHE C 352 -119.19 -17.54 -0.80
N GLN C 353 -119.23 -16.41 -0.10
CA GLN C 353 -120.21 -15.43 -0.54
C GLN C 353 -119.76 -14.64 -1.75
N GLN C 354 -118.51 -14.80 -2.11
CA GLN C 354 -117.95 -14.14 -3.27
C GLN C 354 -117.99 -15.06 -4.48
N MET C 355 -118.45 -16.30 -4.30
CA MET C 355 -118.46 -17.28 -5.38
C MET C 355 -119.74 -17.29 -6.21
N TRP C 356 -120.75 -16.57 -5.74
CA TRP C 356 -122.05 -16.54 -6.39
C TRP C 356 -122.07 -15.65 -7.65
N ILE C 357 -122.72 -16.14 -8.71
CA ILE C 357 -122.90 -15.37 -9.94
C ILE C 357 -124.13 -14.55 -9.74
N THR C 358 -124.08 -13.23 -9.90
CA THR C 358 -125.33 -12.50 -9.66
C THR C 358 -126.09 -12.38 -10.97
N LYS C 359 -127.38 -12.01 -10.91
CA LYS C 359 -128.10 -11.84 -12.18
C LYS C 359 -127.90 -10.42 -12.73
N GLN C 360 -126.66 -10.16 -13.03
CA GLN C 360 -126.13 -8.98 -13.67
C GLN C 360 -125.07 -9.52 -14.58
N GLU C 361 -124.10 -10.18 -13.94
CA GLU C 361 -122.96 -10.78 -14.60
C GLU C 361 -123.47 -11.81 -15.57
N TYR C 362 -124.51 -12.53 -15.13
CA TYR C 362 -125.17 -13.53 -15.93
C TYR C 362 -125.66 -13.01 -17.25
N ASP C 363 -126.31 -11.85 -17.28
CA ASP C 363 -126.91 -11.43 -18.52
C ASP C 363 -125.86 -10.79 -19.40
N GLU C 364 -124.85 -10.17 -18.79
CA GLU C 364 -123.80 -9.56 -19.57
C GLU C 364 -123.00 -10.65 -20.30
N ALA C 365 -122.75 -11.77 -19.62
CA ALA C 365 -121.97 -12.89 -20.15
C ALA C 365 -122.76 -14.04 -20.78
N GLY C 366 -123.99 -14.27 -20.34
CA GLY C 366 -124.78 -15.41 -20.76
C GLY C 366 -124.41 -16.59 -19.84
N PRO C 367 -125.08 -17.74 -19.96
CA PRO C 367 -124.94 -18.92 -19.11
C PRO C 367 -123.57 -19.58 -19.13
N SER C 368 -122.76 -19.28 -20.15
CA SER C 368 -121.42 -19.83 -20.29
C SER C 368 -120.51 -19.31 -19.16
N ILE C 369 -121.00 -18.27 -18.47
CA ILE C 369 -120.35 -17.66 -17.33
C ILE C 369 -120.06 -18.68 -16.23
N VAL C 370 -120.84 -19.74 -16.17
CA VAL C 370 -120.68 -20.75 -15.16
C VAL C 370 -119.29 -21.40 -15.23
N HIS C 371 -118.66 -21.39 -16.43
CA HIS C 371 -117.38 -22.04 -16.62
C HIS C 371 -116.24 -21.14 -16.13
N ARG C 372 -116.54 -19.87 -15.87
CA ARG C 372 -115.54 -18.93 -15.38
C ARG C 372 -115.74 -18.64 -13.90
N LYS C 373 -117.00 -18.57 -13.47
CA LYS C 373 -117.33 -18.22 -12.09
C LYS C 373 -117.54 -19.39 -11.13
N CYS C 374 -117.95 -20.57 -11.63
CA CYS C 374 -118.24 -21.65 -10.70
C CYS C 374 -117.20 -22.74 -10.67
N PHE C 375 -116.95 -23.34 -11.84
CA PHE C 375 -116.02 -24.46 -11.99
C PHE C 375 -115.94 -24.86 -13.48
N ASP D 1 -85.89 -65.09 -45.26
CA ASP D 1 -85.99 -64.56 -46.60
C ASP D 1 -84.80 -63.68 -46.91
N GLU D 2 -84.00 -63.45 -45.88
CA GLU D 2 -82.78 -62.65 -45.96
C GLU D 2 -81.65 -63.51 -46.51
N ASP D 3 -80.70 -62.89 -47.22
CA ASP D 3 -79.52 -63.59 -47.74
C ASP D 3 -78.25 -63.39 -46.91
N GLU D 4 -78.42 -62.83 -45.71
CA GLU D 4 -77.32 -62.58 -44.78
C GLU D 4 -77.85 -62.62 -43.35
N THR D 5 -76.98 -62.90 -42.39
CA THR D 5 -77.38 -62.91 -40.97
C THR D 5 -77.37 -61.50 -40.41
N THR D 6 -78.21 -60.65 -40.99
CA THR D 6 -78.35 -59.26 -40.60
C THR D 6 -79.00 -59.20 -39.23
N ALA D 7 -78.61 -58.22 -38.43
CA ALA D 7 -79.21 -58.10 -37.10
C ALA D 7 -80.68 -57.77 -37.18
N LEU D 8 -81.42 -58.21 -36.19
CA LEU D 8 -82.83 -57.87 -36.15
C LEU D 8 -82.89 -56.62 -35.31
N VAL D 9 -83.77 -55.70 -35.65
CA VAL D 9 -83.88 -54.47 -34.86
C VAL D 9 -85.30 -54.18 -34.37
N CYS D 10 -85.44 -53.94 -33.07
CA CYS D 10 -86.77 -53.58 -32.53
C CYS D 10 -86.72 -52.42 -31.54
N ASP D 11 -87.65 -51.48 -31.70
CA ASP D 11 -87.76 -50.32 -30.82
C ASP D 11 -89.09 -50.44 -30.07
N ASN D 12 -89.01 -50.87 -28.80
CA ASN D 12 -90.17 -51.25 -28.00
C ASN D 12 -90.62 -50.25 -26.94
N GLY D 13 -91.74 -49.56 -27.13
CA GLY D 13 -92.19 -48.60 -26.11
C GLY D 13 -93.55 -48.96 -25.50
N SER D 14 -94.09 -48.04 -24.71
CA SER D 14 -95.40 -48.13 -24.03
C SER D 14 -96.55 -47.90 -25.00
N GLY D 15 -96.19 -47.43 -26.18
CA GLY D 15 -97.10 -47.17 -27.27
C GLY D 15 -97.05 -48.34 -28.23
N LEU D 16 -96.14 -48.24 -29.20
CA LEU D 16 -95.98 -49.22 -30.26
C LEU D 16 -94.57 -49.79 -30.39
N VAL D 17 -94.51 -50.97 -30.99
CA VAL D 17 -93.27 -51.65 -31.33
C VAL D 17 -92.99 -51.64 -32.80
N LYS D 18 -91.85 -51.06 -33.16
CA LYS D 18 -91.44 -51.03 -34.55
C LYS D 18 -90.35 -52.05 -34.74
N ALA D 19 -90.52 -52.91 -35.75
CA ALA D 19 -89.52 -53.95 -35.97
C ALA D 19 -89.23 -54.23 -37.42
N GLY D 20 -87.99 -54.60 -37.68
CA GLY D 20 -87.52 -54.95 -39.02
C GLY D 20 -86.09 -55.45 -38.92
N PHE D 21 -85.36 -55.34 -40.02
CA PHE D 21 -84.00 -55.87 -40.09
C PHE D 21 -82.97 -54.77 -40.30
N ALA D 22 -81.79 -54.99 -39.76
CA ALA D 22 -80.70 -54.06 -39.95
C ALA D 22 -80.36 -53.93 -41.41
N GLY D 23 -80.07 -52.70 -41.80
CA GLY D 23 -79.76 -52.39 -43.18
C GLY D 23 -80.99 -51.85 -43.92
N ASP D 24 -82.18 -51.95 -43.32
CA ASP D 24 -83.36 -51.40 -44.01
C ASP D 24 -83.56 -49.96 -43.53
N ASP D 25 -84.58 -49.26 -44.03
CA ASP D 25 -84.81 -47.86 -43.59
C ASP D 25 -86.19 -47.63 -43.00
N ALA D 26 -86.86 -48.71 -42.68
CA ALA D 26 -88.17 -48.69 -42.10
C ALA D 26 -88.39 -50.05 -41.48
N PRO D 27 -89.25 -50.19 -40.49
CA PRO D 27 -89.62 -51.45 -39.91
C PRO D 27 -90.42 -52.26 -40.93
N ARG D 28 -90.37 -53.57 -40.78
CA ARG D 28 -91.12 -54.47 -41.66
C ARG D 28 -92.56 -54.55 -41.16
N ALA D 29 -92.73 -54.33 -39.87
CA ALA D 29 -94.03 -54.36 -39.25
C ALA D 29 -94.07 -53.49 -38.01
N VAL D 30 -95.25 -52.95 -37.74
CA VAL D 30 -95.47 -52.19 -36.52
C VAL D 30 -96.64 -52.78 -35.80
N PHE D 31 -96.47 -52.97 -34.52
CA PHE D 31 -97.49 -53.55 -33.69
C PHE D 31 -97.71 -52.61 -32.53
N PRO D 32 -98.87 -52.53 -31.92
CA PRO D 32 -99.02 -51.85 -30.67
C PRO D 32 -98.28 -52.74 -29.69
N SER D 33 -97.72 -52.21 -28.61
CA SER D 33 -97.05 -53.09 -27.62
C SER D 33 -98.09 -53.69 -26.70
N ILE D 34 -98.99 -54.43 -27.30
CA ILE D 34 -100.15 -54.97 -26.64
C ILE D 34 -100.44 -56.45 -26.76
N VAL D 35 -100.84 -56.99 -25.61
CA VAL D 35 -101.38 -58.33 -25.55
C VAL D 35 -102.83 -58.15 -25.07
N GLY D 36 -103.76 -58.61 -25.88
CA GLY D 36 -105.17 -58.42 -25.61
C GLY D 36 -105.78 -59.64 -25.00
N ARG D 37 -106.78 -59.45 -24.15
CA ARG D 37 -107.48 -60.55 -23.49
C ARG D 37 -108.99 -60.32 -23.51
N PRO D 38 -109.79 -61.37 -23.79
CA PRO D 38 -111.22 -61.24 -23.84
C PRO D 38 -111.77 -60.89 -22.47
N ARG D 39 -112.73 -59.96 -22.47
CA ARG D 39 -113.36 -59.52 -21.24
C ARG D 39 -114.82 -59.97 -21.15
N HIS D 40 -115.21 -60.85 -22.07
CA HIS D 40 -116.57 -61.36 -22.15
C HIS D 40 -116.59 -62.87 -22.11
N GLN D 41 -117.71 -63.43 -21.68
CA GLN D 41 -117.93 -64.87 -21.65
C GLN D 41 -118.40 -65.39 -22.99
N GLY D 42 -117.68 -66.39 -23.51
CA GLY D 42 -118.05 -66.98 -24.79
C GLY D 42 -119.39 -67.68 -24.65
N VAL D 43 -120.22 -67.57 -25.69
CA VAL D 43 -121.54 -68.18 -25.69
C VAL D 43 -121.65 -69.29 -26.76
N MET D 44 -121.07 -69.04 -27.94
CA MET D 44 -121.13 -69.96 -29.07
C MET D 44 -119.89 -70.85 -29.04
N VAL D 45 -119.89 -72.00 -29.74
CA VAL D 45 -118.67 -72.84 -29.77
C VAL D 45 -118.18 -73.06 -31.19
N GLY D 46 -116.90 -73.41 -31.34
CA GLY D 46 -116.37 -73.62 -32.68
C GLY D 46 -116.12 -72.28 -33.35
N MET D 47 -115.82 -71.28 -32.52
CA MET D 47 -115.62 -69.90 -32.91
C MET D 47 -114.15 -69.52 -32.95
N GLY D 48 -113.27 -70.51 -32.85
CA GLY D 48 -111.86 -70.19 -32.71
C GLY D 48 -111.79 -69.52 -31.34
N GLN D 49 -111.21 -68.32 -31.28
CA GLN D 49 -111.06 -67.51 -30.06
C GLN D 49 -109.87 -67.91 -29.21
N LYS D 50 -108.99 -66.94 -29.02
CA LYS D 50 -107.73 -67.14 -28.33
C LYS D 50 -107.81 -66.76 -26.86
N ASP D 51 -106.87 -67.26 -26.06
CA ASP D 51 -106.79 -66.90 -24.65
C ASP D 51 -106.23 -65.51 -24.54
N SER D 52 -105.35 -65.21 -25.49
CA SER D 52 -104.67 -63.95 -25.62
C SER D 52 -104.37 -63.66 -27.08
N TYR D 53 -104.35 -62.39 -27.41
CA TYR D 53 -104.09 -61.91 -28.76
C TYR D 53 -102.86 -61.04 -28.75
N VAL D 54 -102.04 -61.07 -29.79
CA VAL D 54 -100.85 -60.22 -29.72
C VAL D 54 -100.67 -59.23 -30.87
N GLY D 55 -100.29 -58.01 -30.52
CA GLY D 55 -100.01 -56.98 -31.51
C GLY D 55 -101.24 -56.63 -32.30
N ASP D 56 -101.17 -56.79 -33.61
CA ASP D 56 -102.27 -56.48 -34.49
C ASP D 56 -103.45 -57.42 -34.29
N GLU D 57 -103.22 -58.60 -33.70
CA GLU D 57 -104.34 -59.50 -33.46
C GLU D 57 -105.20 -58.89 -32.37
N ALA D 58 -104.52 -58.28 -31.38
CA ALA D 58 -105.15 -57.67 -30.23
C ALA D 58 -105.92 -56.45 -30.66
N GLN D 59 -105.38 -55.73 -31.64
CA GLN D 59 -106.07 -54.57 -32.11
C GLN D 59 -107.27 -54.94 -32.99
N SER D 60 -107.11 -55.92 -33.88
CA SER D 60 -108.19 -56.29 -34.79
C SER D 60 -109.42 -56.84 -34.07
N LYS D 61 -109.21 -57.54 -32.95
CA LYS D 61 -110.28 -58.14 -32.17
C LYS D 61 -110.64 -57.34 -30.90
N ARG D 62 -110.12 -56.09 -30.80
CA ARG D 62 -110.24 -55.23 -29.63
C ARG D 62 -111.64 -54.92 -29.14
N GLY D 63 -112.66 -55.09 -29.98
CA GLY D 63 -114.03 -54.76 -29.57
C GLY D 63 -114.44 -55.47 -28.28
N ILE D 64 -113.88 -56.67 -28.03
CA ILE D 64 -114.19 -57.42 -26.82
C ILE D 64 -112.97 -57.73 -25.96
N LEU D 65 -111.86 -57.03 -26.17
CA LEU D 65 -110.65 -57.33 -25.41
C LEU D 65 -110.24 -56.19 -24.52
N THR D 66 -109.62 -56.51 -23.42
CA THR D 66 -109.01 -55.48 -22.61
C THR D 66 -107.60 -55.47 -23.14
N LEU D 67 -107.04 -54.30 -23.40
CA LEU D 67 -105.69 -54.29 -23.96
C LEU D 67 -104.66 -53.72 -23.02
N LYS D 68 -103.67 -54.56 -22.69
CA LYS D 68 -102.63 -54.14 -21.78
C LYS D 68 -101.28 -54.11 -22.47
N TYR D 69 -100.45 -53.17 -22.06
CA TYR D 69 -99.10 -53.11 -22.57
C TYR D 69 -98.12 -53.40 -21.42
N PRO D 70 -96.96 -54.05 -21.71
CA PRO D 70 -95.90 -54.41 -20.79
C PRO D 70 -94.90 -53.33 -20.39
N ILE D 71 -94.96 -52.19 -21.07
CA ILE D 71 -93.98 -51.12 -20.86
C ILE D 71 -94.55 -49.85 -20.26
N GLU D 72 -94.00 -49.44 -19.13
CA GLU D 72 -94.49 -48.25 -18.44
C GLU D 72 -93.40 -47.19 -18.30
N HIS D 73 -93.64 -46.05 -18.92
CA HIS D 73 -92.69 -44.93 -18.88
C HIS D 73 -91.29 -45.35 -19.30
N GLY D 74 -91.25 -46.18 -20.34
CA GLY D 74 -90.01 -46.68 -20.92
C GLY D 74 -89.49 -48.03 -20.41
N ILE D 75 -90.03 -48.58 -19.32
CA ILE D 75 -89.51 -49.88 -18.84
C ILE D 75 -90.45 -51.07 -18.93
N ILE D 76 -89.90 -52.18 -19.41
CA ILE D 76 -90.67 -53.41 -19.49
C ILE D 76 -90.77 -54.00 -18.10
N THR D 77 -92.00 -54.19 -17.64
CA THR D 77 -92.23 -54.80 -16.34
C THR D 77 -92.85 -56.16 -16.55
N ASN D 78 -93.46 -56.36 -17.72
CA ASN D 78 -94.08 -57.63 -18.04
C ASN D 78 -93.35 -58.30 -19.20
N TRP D 79 -92.33 -59.09 -18.87
CA TRP D 79 -91.50 -59.69 -19.89
C TRP D 79 -92.28 -60.75 -20.67
N ASP D 80 -93.30 -61.37 -20.05
CA ASP D 80 -94.04 -62.42 -20.72
C ASP D 80 -94.79 -61.83 -21.90
N ASP D 81 -95.36 -60.65 -21.71
CA ASP D 81 -96.06 -60.05 -22.83
C ASP D 81 -95.05 -59.62 -23.88
N MET D 82 -93.86 -59.13 -23.49
CA MET D 82 -92.90 -58.80 -24.55
C MET D 82 -92.38 -60.02 -25.29
N GLU D 83 -92.28 -61.15 -24.60
CA GLU D 83 -91.84 -62.39 -25.24
C GLU D 83 -92.83 -62.78 -26.33
N LYS D 84 -94.12 -62.63 -26.04
CA LYS D 84 -95.17 -62.95 -27.00
C LYS D 84 -95.16 -61.99 -28.18
N ILE D 85 -94.93 -60.70 -27.89
CA ILE D 85 -94.86 -59.68 -28.92
C ILE D 85 -93.70 -59.95 -29.84
N TRP D 86 -92.54 -60.25 -29.27
CA TRP D 86 -91.35 -60.56 -30.04
C TRP D 86 -91.51 -61.86 -30.82
N HIS D 87 -92.13 -62.88 -30.26
CA HIS D 87 -92.25 -64.11 -31.01
C HIS D 87 -93.09 -63.83 -32.25
N HIS D 88 -94.20 -63.11 -32.08
CA HIS D 88 -95.05 -62.77 -33.20
C HIS D 88 -94.32 -61.88 -34.20
N THR D 89 -93.66 -60.86 -33.69
CA THR D 89 -92.94 -59.93 -34.53
C THR D 89 -91.91 -60.62 -35.38
N PHE D 90 -91.08 -61.45 -34.75
CA PHE D 90 -90.00 -62.07 -35.45
C PHE D 90 -90.45 -63.20 -36.35
N TYR D 91 -91.22 -64.14 -35.82
CA TYR D 91 -91.55 -65.32 -36.60
C TYR D 91 -92.68 -65.16 -37.59
N ASN D 92 -93.69 -64.31 -37.31
CA ASN D 92 -94.81 -64.23 -38.24
C ASN D 92 -94.67 -63.10 -39.24
N GLU D 93 -94.24 -61.90 -38.79
CA GLU D 93 -94.18 -60.80 -39.75
C GLU D 93 -92.80 -60.57 -40.36
N LEU D 94 -91.75 -60.66 -39.56
CA LEU D 94 -90.41 -60.48 -40.09
C LEU D 94 -89.96 -61.80 -40.74
N ARG D 95 -90.65 -62.88 -40.40
CA ARG D 95 -90.41 -64.24 -40.89
C ARG D 95 -88.99 -64.73 -40.59
N VAL D 96 -88.53 -64.44 -39.38
CA VAL D 96 -87.21 -64.83 -38.96
C VAL D 96 -87.14 -65.46 -37.57
N ALA D 97 -86.28 -66.45 -37.44
CA ALA D 97 -85.98 -67.02 -36.16
C ALA D 97 -84.68 -66.38 -35.65
N PRO D 98 -84.68 -65.63 -34.53
CA PRO D 98 -83.52 -64.91 -33.95
C PRO D 98 -82.33 -65.82 -33.70
N GLU D 99 -82.54 -67.11 -33.63
CA GLU D 99 -81.44 -68.03 -33.41
C GLU D 99 -80.32 -67.82 -34.44
N GLU D 100 -80.67 -67.46 -35.68
CA GLU D 100 -79.65 -67.25 -36.71
C GLU D 100 -79.32 -65.77 -36.97
N HIS D 101 -79.86 -64.85 -36.16
CA HIS D 101 -79.64 -63.41 -36.36
C HIS D 101 -79.43 -62.67 -35.03
N PRO D 102 -78.39 -61.82 -34.87
CA PRO D 102 -78.11 -61.07 -33.66
C PRO D 102 -79.21 -60.02 -33.49
N THR D 103 -79.53 -59.59 -32.27
CA THR D 103 -80.63 -58.60 -32.11
C THR D 103 -80.29 -57.33 -31.35
N LEU D 104 -80.73 -56.20 -31.91
CA LEU D 104 -80.56 -54.90 -31.32
C LEU D 104 -81.89 -54.35 -30.79
N LEU D 105 -81.89 -54.10 -29.50
CA LEU D 105 -83.03 -53.54 -28.76
C LEU D 105 -82.60 -52.18 -28.27
N THR D 106 -83.54 -51.35 -27.82
CA THR D 106 -83.18 -50.00 -27.40
C THR D 106 -83.74 -49.61 -26.02
N GLU D 107 -83.09 -48.63 -25.37
CA GLU D 107 -83.66 -48.00 -24.17
C GLU D 107 -83.13 -46.57 -23.99
N ALA D 108 -83.86 -45.75 -23.24
CA ALA D 108 -83.41 -44.40 -22.91
C ALA D 108 -82.17 -44.47 -21.98
N PRO D 109 -81.22 -43.52 -22.05
CA PRO D 109 -80.01 -43.44 -21.21
C PRO D 109 -80.19 -43.60 -19.68
N LEU D 110 -81.31 -43.12 -19.10
CA LEU D 110 -81.50 -43.22 -17.65
C LEU D 110 -82.61 -44.21 -17.28
N ASN D 111 -82.97 -45.06 -18.23
CA ASN D 111 -83.99 -46.07 -18.05
C ASN D 111 -83.49 -47.02 -16.95
N PRO D 112 -84.30 -47.48 -15.99
CA PRO D 112 -83.86 -48.38 -14.94
C PRO D 112 -83.19 -49.60 -15.57
N LYS D 113 -82.14 -50.07 -14.90
CA LYS D 113 -81.26 -51.15 -15.35
C LYS D 113 -81.94 -52.47 -15.65
N ALA D 114 -83.01 -52.77 -14.97
CA ALA D 114 -83.74 -54.00 -15.19
C ALA D 114 -84.23 -54.11 -16.64
N ASN D 115 -84.46 -52.99 -17.34
CA ASN D 115 -84.98 -53.08 -18.70
C ASN D 115 -83.94 -53.74 -19.60
N ARG D 116 -82.79 -53.10 -19.80
CA ARG D 116 -81.73 -53.67 -20.62
C ARG D 116 -81.26 -55.06 -20.17
N GLU D 117 -81.36 -55.36 -18.87
CA GLU D 117 -80.93 -56.65 -18.35
C GLU D 117 -81.92 -57.75 -18.68
N LYS D 118 -83.21 -57.47 -18.50
CA LYS D 118 -84.23 -58.46 -18.82
C LYS D 118 -84.34 -58.64 -20.32
N MET D 119 -84.18 -57.57 -21.10
CA MET D 119 -84.31 -57.74 -22.55
C MET D 119 -83.21 -58.66 -23.07
N THR D 120 -82.00 -58.48 -22.52
CA THR D 120 -80.85 -59.29 -22.87
C THR D 120 -81.11 -60.73 -22.47
N GLN D 121 -81.63 -60.95 -21.27
CA GLN D 121 -81.90 -62.30 -20.84
C GLN D 121 -82.93 -63.02 -21.70
N ILE D 122 -84.01 -62.35 -22.07
CA ILE D 122 -85.02 -63.05 -22.84
C ILE D 122 -84.53 -63.34 -24.24
N MET D 123 -83.87 -62.41 -24.90
CA MET D 123 -83.45 -62.76 -26.23
C MET D 123 -82.41 -63.89 -26.24
N PHE D 124 -81.54 -63.97 -25.22
CA PHE D 124 -80.59 -65.07 -25.18
C PHE D 124 -81.19 -66.39 -24.69
N GLU D 125 -82.10 -66.36 -23.72
CA GLU D 125 -82.62 -67.62 -23.19
C GLU D 125 -83.93 -68.14 -23.80
N THR D 126 -84.82 -67.28 -24.34
CA THR D 126 -86.05 -67.87 -24.89
C THR D 126 -85.97 -67.88 -26.42
N PHE D 127 -85.15 -66.97 -26.99
CA PHE D 127 -85.01 -66.92 -28.46
C PHE D 127 -83.69 -67.49 -28.99
N ASN D 128 -82.73 -67.72 -28.09
CA ASN D 128 -81.38 -68.23 -28.42
C ASN D 128 -80.65 -67.37 -29.45
N VAL D 129 -80.78 -66.06 -29.32
CA VAL D 129 -80.16 -65.14 -30.26
C VAL D 129 -78.64 -65.29 -30.13
N PRO D 130 -77.85 -65.33 -31.23
CA PRO D 130 -76.40 -65.49 -31.17
C PRO D 130 -75.68 -64.31 -30.53
N ALA D 131 -76.31 -63.13 -30.51
CA ALA D 131 -75.72 -61.96 -29.89
C ALA D 131 -76.76 -60.90 -29.55
N MET D 132 -76.41 -60.04 -28.60
CA MET D 132 -77.26 -58.92 -28.21
C MET D 132 -76.60 -57.59 -28.01
N TYR D 133 -77.37 -56.52 -28.25
CA TYR D 133 -76.87 -55.16 -28.05
C TYR D 133 -78.01 -54.18 -27.75
N VAL D 134 -78.04 -53.61 -26.55
CA VAL D 134 -79.08 -52.68 -26.22
C VAL D 134 -78.52 -51.29 -26.47
N ALA D 135 -79.18 -50.59 -27.39
CA ALA D 135 -78.78 -49.30 -27.87
C ALA D 135 -79.38 -48.15 -27.11
N ILE D 136 -78.74 -47.02 -27.26
CA ILE D 136 -79.20 -45.78 -26.67
C ILE D 136 -80.14 -45.13 -27.67
N GLN D 137 -81.37 -44.85 -27.27
CA GLN D 137 -82.33 -44.27 -28.21
C GLN D 137 -81.86 -42.92 -28.78
N ALA D 138 -81.13 -42.15 -27.95
CA ALA D 138 -80.58 -40.87 -28.37
C ALA D 138 -79.50 -41.01 -29.47
N VAL D 139 -78.74 -42.10 -29.44
CA VAL D 139 -77.72 -42.39 -30.44
C VAL D 139 -78.37 -42.70 -31.75
N LEU D 140 -79.40 -43.49 -31.64
CA LEU D 140 -80.08 -43.93 -32.82
C LEU D 140 -80.78 -42.72 -33.47
N SER D 141 -81.32 -41.83 -32.62
CA SER D 141 -81.99 -40.63 -33.11
C SER D 141 -81.01 -39.73 -33.83
N LEU D 142 -79.79 -39.59 -33.29
CA LEU D 142 -78.80 -38.76 -33.94
C LEU D 142 -78.35 -39.35 -35.27
N TYR D 143 -78.20 -40.68 -35.37
CA TYR D 143 -77.78 -41.17 -36.68
C TYR D 143 -78.86 -40.95 -37.72
N ALA D 144 -80.10 -41.29 -37.36
CA ALA D 144 -81.21 -41.24 -38.29
C ALA D 144 -81.48 -39.80 -38.74
N SER D 145 -81.26 -38.84 -37.85
CA SER D 145 -81.50 -37.43 -38.10
C SER D 145 -80.29 -36.69 -38.71
N GLY D 146 -79.17 -37.38 -38.92
CA GLY D 146 -77.99 -36.72 -39.49
C GLY D 146 -77.17 -35.82 -38.55
N ARG D 147 -77.10 -36.15 -37.25
CA ARG D 147 -76.35 -35.34 -36.27
C ARG D 147 -75.42 -36.16 -35.35
N THR D 148 -74.43 -35.48 -34.72
CA THR D 148 -73.55 -36.13 -33.72
C THR D 148 -73.70 -35.34 -32.47
N THR D 149 -74.21 -34.16 -32.70
CA THR D 149 -74.35 -33.17 -31.66
C THR D 149 -75.74 -32.61 -31.66
N GLY D 150 -76.33 -32.54 -30.49
CA GLY D 150 -77.63 -31.94 -30.33
C GLY D 150 -78.41 -32.48 -29.14
N ILE D 151 -79.62 -31.98 -29.00
CA ILE D 151 -80.48 -32.42 -27.89
C ILE D 151 -81.49 -33.37 -28.44
N VAL D 152 -81.53 -34.59 -27.92
CA VAL D 152 -82.53 -35.47 -28.49
C VAL D 152 -83.84 -35.31 -27.75
N LEU D 153 -84.83 -34.89 -28.53
CA LEU D 153 -86.18 -34.65 -28.05
C LEU D 153 -87.07 -35.74 -28.61
N ASP D 154 -87.17 -36.84 -27.87
CA ASP D 154 -87.94 -38.00 -28.30
C ASP D 154 -89.41 -37.88 -27.95
N SER D 155 -89.70 -37.17 -26.87
CA SER D 155 -91.08 -36.93 -26.41
C SER D 155 -92.02 -38.08 -26.79
N GLY D 156 -91.77 -39.28 -26.27
CA GLY D 156 -92.45 -40.46 -26.78
C GLY D 156 -93.71 -40.75 -25.98
N ASP D 157 -94.19 -42.00 -26.06
CA ASP D 157 -95.41 -42.44 -25.38
C ASP D 157 -95.18 -42.55 -23.87
N GLY D 158 -93.96 -42.98 -23.50
CA GLY D 158 -93.52 -43.23 -22.13
C GLY D 158 -93.01 -41.97 -21.43
N VAL D 159 -91.81 -41.53 -21.83
CA VAL D 159 -91.18 -40.33 -21.27
C VAL D 159 -90.60 -39.42 -22.35
N THR D 160 -90.29 -38.18 -21.95
CA THR D 160 -89.50 -37.26 -22.77
C THR D 160 -88.13 -37.35 -22.13
N HIS D 161 -87.08 -37.67 -22.88
CA HIS D 161 -85.83 -37.86 -22.18
C HIS D 161 -84.95 -36.60 -22.15
N ASN D 162 -85.03 -35.76 -23.20
CA ASN D 162 -84.25 -34.51 -23.26
C ASN D 162 -82.75 -34.70 -23.05
N VAL D 163 -82.11 -35.50 -23.89
CA VAL D 163 -80.68 -35.75 -23.65
C VAL D 163 -79.67 -35.14 -24.62
N PRO D 164 -78.76 -34.27 -24.13
CA PRO D 164 -77.70 -33.66 -24.89
C PRO D 164 -76.55 -34.63 -25.13
N ILE D 165 -76.06 -34.61 -26.37
CA ILE D 165 -74.89 -35.34 -26.85
C ILE D 165 -73.97 -34.38 -27.63
N TYR D 166 -72.66 -34.43 -27.38
CA TYR D 166 -71.72 -33.57 -28.13
C TYR D 166 -70.61 -34.40 -28.73
N GLU D 167 -70.38 -34.29 -30.05
CA GLU D 167 -69.36 -35.08 -30.76
C GLU D 167 -69.53 -36.58 -30.53
N GLY D 168 -70.77 -37.03 -30.41
CA GLY D 168 -71.02 -38.43 -30.17
C GLY D 168 -70.79 -38.89 -28.71
N TYR D 169 -70.68 -37.95 -27.74
CA TYR D 169 -70.47 -38.28 -26.33
C TYR D 169 -71.65 -37.86 -25.48
N ALA D 170 -71.94 -38.63 -24.44
CA ALA D 170 -73.02 -38.26 -23.56
C ALA D 170 -72.62 -37.12 -22.65
N LEU D 171 -73.59 -36.28 -22.34
CA LEU D 171 -73.41 -35.23 -21.36
C LEU D 171 -74.49 -35.47 -20.29
N PRO D 172 -74.39 -36.60 -19.53
CA PRO D 172 -75.44 -37.16 -18.70
C PRO D 172 -75.91 -36.30 -17.55
N HIS D 173 -75.08 -35.38 -17.11
CA HIS D 173 -75.44 -34.54 -15.99
C HIS D 173 -76.52 -33.56 -16.38
N ALA D 174 -76.66 -33.35 -17.68
CA ALA D 174 -77.59 -32.40 -18.27
C ALA D 174 -78.84 -33.08 -18.84
N ILE D 175 -79.04 -34.37 -18.58
CA ILE D 175 -80.25 -35.00 -19.10
C ILE D 175 -81.40 -34.62 -18.21
N MET D 176 -82.46 -34.09 -18.81
CA MET D 176 -83.61 -33.68 -18.02
C MET D 176 -84.74 -34.68 -18.21
N ARG D 177 -84.64 -35.86 -17.62
CA ARG D 177 -85.69 -36.83 -17.92
C ARG D 177 -87.00 -36.26 -17.38
N LEU D 178 -88.04 -36.27 -18.21
CA LEU D 178 -89.30 -35.68 -17.84
C LEU D 178 -90.53 -36.58 -17.97
N ASP D 179 -91.32 -36.64 -16.90
CA ASP D 179 -92.54 -37.46 -16.88
C ASP D 179 -93.72 -36.72 -17.51
N LEU D 180 -93.58 -36.52 -18.81
CA LEU D 180 -94.51 -35.85 -19.71
C LEU D 180 -94.50 -36.60 -21.02
N ALA D 181 -95.59 -37.27 -21.37
CA ALA D 181 -95.54 -38.11 -22.57
C ALA D 181 -96.86 -38.30 -23.31
N GLY D 182 -96.76 -38.94 -24.47
CA GLY D 182 -97.88 -39.21 -25.36
C GLY D 182 -99.04 -39.95 -24.68
N ARG D 183 -98.75 -40.83 -23.73
CA ARG D 183 -99.81 -41.55 -23.05
C ARG D 183 -100.60 -40.60 -22.10
N ASP D 184 -99.97 -39.49 -21.66
CA ASP D 184 -100.62 -38.57 -20.74
C ASP D 184 -101.48 -37.65 -21.58
N LEU D 185 -101.03 -37.41 -22.81
CA LEU D 185 -101.78 -36.60 -23.74
C LEU D 185 -103.06 -37.34 -24.11
N THR D 186 -102.98 -38.67 -24.29
CA THR D 186 -104.20 -39.44 -24.61
C THR D 186 -105.18 -39.31 -23.44
N ASP D 187 -104.68 -39.46 -22.21
CA ASP D 187 -105.54 -39.34 -21.03
C ASP D 187 -106.14 -37.94 -20.87
N TYR D 188 -105.33 -36.90 -21.11
CA TYR D 188 -105.83 -35.55 -20.98
C TYR D 188 -106.92 -35.30 -22.01
N LEU D 189 -106.68 -35.73 -23.27
CA LEU D 189 -107.65 -35.47 -24.31
C LEU D 189 -108.98 -36.12 -23.95
N MET D 190 -108.99 -37.35 -23.45
CA MET D 190 -110.29 -37.92 -23.14
C MET D 190 -111.02 -37.19 -22.01
N LYS D 191 -110.29 -36.55 -21.08
CA LYS D 191 -111.00 -35.83 -20.04
C LYS D 191 -111.67 -34.59 -20.63
N ILE D 192 -110.98 -33.90 -21.55
CA ILE D 192 -111.59 -32.72 -22.17
C ILE D 192 -112.65 -33.12 -23.24
N LEU D 193 -112.54 -34.33 -23.80
CA LEU D 193 -113.58 -34.78 -24.73
C LEU D 193 -114.84 -35.16 -23.92
N THR D 194 -114.65 -35.56 -22.64
CA THR D 194 -115.75 -35.84 -21.73
C THR D 194 -116.51 -34.53 -21.48
N GLU D 195 -115.75 -33.42 -21.33
CA GLU D 195 -116.36 -32.09 -21.11
C GLU D 195 -117.30 -31.73 -22.27
N ARG D 196 -116.94 -32.18 -23.50
CA ARG D 196 -117.75 -31.95 -24.71
C ARG D 196 -118.97 -32.90 -24.84
N GLY D 197 -119.09 -33.87 -23.93
CA GLY D 197 -120.18 -34.84 -23.96
C GLY D 197 -119.87 -36.23 -24.52
N TYR D 198 -118.61 -36.52 -24.83
CA TYR D 198 -118.27 -37.84 -25.34
C TYR D 198 -117.44 -38.62 -24.34
N SER D 199 -118.01 -39.70 -23.83
CA SER D 199 -117.34 -40.49 -22.81
C SER D 199 -116.42 -41.54 -23.41
N PHE D 200 -115.16 -41.55 -22.98
CA PHE D 200 -114.18 -42.53 -23.42
C PHE D 200 -113.52 -43.20 -22.21
N VAL D 201 -114.06 -44.32 -21.75
CA VAL D 201 -113.57 -44.98 -20.52
C VAL D 201 -113.10 -46.44 -20.68
N THR D 202 -113.38 -47.10 -21.81
CA THR D 202 -112.99 -48.50 -22.02
C THR D 202 -111.73 -48.55 -22.86
N THR D 203 -111.13 -49.74 -23.03
CA THR D 203 -109.92 -49.83 -23.86
C THR D 203 -110.16 -49.41 -25.29
N ALA D 204 -111.24 -49.88 -25.89
CA ALA D 204 -111.46 -49.52 -27.27
C ALA D 204 -111.56 -48.01 -27.38
N GLU D 205 -112.22 -47.40 -26.41
CA GLU D 205 -112.38 -45.96 -26.41
C GLU D 205 -111.03 -45.25 -26.22
N ARG D 206 -110.18 -45.81 -25.37
CA ARG D 206 -108.86 -45.23 -25.11
C ARG D 206 -108.02 -45.19 -26.38
N GLU D 207 -108.02 -46.30 -27.13
CA GLU D 207 -107.25 -46.39 -28.36
C GLU D 207 -107.83 -45.46 -29.42
N ILE D 208 -109.16 -45.26 -29.42
CA ILE D 208 -109.78 -44.32 -30.33
C ILE D 208 -109.31 -42.91 -30.00
N VAL D 209 -109.25 -42.55 -28.71
CA VAL D 209 -108.77 -41.22 -28.35
C VAL D 209 -107.34 -41.03 -28.82
N ARG D 210 -106.53 -42.08 -28.75
CA ARG D 210 -105.16 -42.02 -29.22
C ARG D 210 -105.13 -41.73 -30.71
N ASP D 211 -106.04 -42.38 -31.45
CA ASP D 211 -106.13 -42.19 -32.89
C ASP D 211 -106.64 -40.77 -33.22
N ILE D 212 -107.56 -40.25 -32.40
CA ILE D 212 -108.08 -38.90 -32.61
C ILE D 212 -106.96 -37.92 -32.45
N LYS D 213 -106.20 -38.07 -31.38
CA LYS D 213 -105.09 -37.19 -31.08
C LYS D 213 -104.12 -37.11 -32.24
N GLU D 214 -103.72 -38.28 -32.74
CA GLU D 214 -102.73 -38.39 -33.80
C GLU D 214 -103.14 -37.70 -35.10
N LYS D 215 -104.44 -37.75 -35.43
CA LYS D 215 -104.92 -37.16 -36.67
C LYS D 215 -105.46 -35.73 -36.57
N LEU D 216 -106.06 -35.35 -35.43
CA LEU D 216 -106.68 -34.03 -35.33
C LEU D 216 -105.94 -32.96 -34.54
N CYS D 217 -105.07 -33.36 -33.61
CA CYS D 217 -104.46 -32.38 -32.72
C CYS D 217 -103.18 -31.71 -33.22
N TYR D 218 -102.95 -30.51 -32.68
CA TYR D 218 -101.78 -29.68 -33.01
C TYR D 218 -101.39 -28.73 -31.89
N VAL D 219 -100.19 -28.14 -31.97
CA VAL D 219 -99.81 -27.16 -30.94
C VAL D 219 -99.92 -25.72 -31.44
N ALA D 220 -99.60 -25.47 -32.72
CA ALA D 220 -99.56 -24.13 -33.29
C ALA D 220 -98.53 -23.29 -32.56
N LEU D 221 -98.42 -22.01 -32.90
CA LEU D 221 -97.43 -21.14 -32.26
C LEU D 221 -97.94 -20.22 -31.15
N ASP D 222 -99.24 -19.97 -31.10
CA ASP D 222 -99.77 -19.04 -30.10
C ASP D 222 -101.08 -19.58 -29.53
N PHE D 223 -100.97 -20.19 -28.35
CA PHE D 223 -102.07 -20.87 -27.70
C PHE D 223 -103.27 -19.97 -27.41
N GLU D 224 -103.01 -18.82 -26.84
CA GLU D 224 -104.07 -17.92 -26.43
C GLU D 224 -104.83 -17.37 -27.63
N ASN D 225 -104.13 -17.01 -28.70
CA ASN D 225 -104.86 -16.50 -29.85
C ASN D 225 -105.60 -17.62 -30.57
N GLU D 226 -105.02 -18.82 -30.56
CA GLU D 226 -105.63 -19.94 -31.23
C GLU D 226 -106.91 -20.30 -30.46
N MET D 227 -106.83 -20.27 -29.12
CA MET D 227 -107.95 -20.53 -28.23
C MET D 227 -109.01 -19.46 -28.36
N ALA D 228 -108.60 -18.20 -28.52
CA ALA D 228 -109.59 -17.16 -28.63
C ALA D 228 -110.55 -17.42 -29.79
N THR D 229 -110.05 -17.95 -30.91
CA THR D 229 -110.99 -18.23 -31.98
C THR D 229 -111.58 -19.64 -31.87
N ALA D 230 -110.79 -20.63 -31.42
CA ALA D 230 -111.30 -22.00 -31.33
C ALA D 230 -112.43 -22.13 -30.35
N ALA D 231 -112.39 -21.33 -29.30
CA ALA D 231 -113.40 -21.34 -28.26
C ALA D 231 -114.62 -20.49 -28.64
N SER D 232 -114.51 -19.73 -29.73
CA SER D 232 -115.58 -18.83 -30.13
C SER D 232 -116.34 -19.31 -31.37
N SER D 233 -115.73 -20.18 -32.17
CA SER D 233 -116.36 -20.60 -33.41
C SER D 233 -116.07 -22.02 -33.89
N SER D 234 -117.10 -22.60 -34.52
CA SER D 234 -117.11 -23.93 -35.11
C SER D 234 -116.17 -24.00 -36.31
N SER D 235 -115.74 -22.84 -36.79
CA SER D 235 -114.85 -22.74 -37.93
C SER D 235 -113.47 -23.34 -37.63
N LEU D 236 -113.14 -23.57 -36.34
CA LEU D 236 -111.87 -24.21 -36.05
C LEU D 236 -112.06 -25.64 -35.52
N GLU D 237 -113.25 -26.21 -35.71
CA GLU D 237 -113.51 -27.57 -35.27
C GLU D 237 -113.24 -28.55 -36.38
N LYS D 238 -112.85 -29.76 -36.00
CA LYS D 238 -112.67 -30.82 -36.97
C LYS D 238 -113.37 -32.09 -36.53
N SER D 239 -114.09 -32.69 -37.48
CA SER D 239 -114.79 -33.94 -37.23
C SER D 239 -113.87 -35.15 -37.32
N TYR D 240 -114.08 -36.07 -36.40
CA TYR D 240 -113.40 -37.36 -36.40
C TYR D 240 -114.45 -38.46 -36.47
N GLU D 241 -114.21 -39.43 -37.34
CA GLU D 241 -115.14 -40.52 -37.49
C GLU D 241 -114.88 -41.64 -36.50
N LEU D 242 -115.88 -41.92 -35.68
CA LEU D 242 -115.84 -42.95 -34.68
C LEU D 242 -116.19 -44.21 -35.48
N PRO D 243 -115.75 -45.41 -35.07
CA PRO D 243 -115.94 -46.65 -35.79
C PRO D 243 -117.38 -47.07 -36.05
N ASP D 244 -118.34 -46.55 -35.28
CA ASP D 244 -119.72 -46.93 -35.47
C ASP D 244 -120.46 -46.00 -36.42
N GLY D 245 -119.76 -45.07 -37.08
CA GLY D 245 -120.36 -44.14 -38.02
C GLY D 245 -120.72 -42.78 -37.41
N GLN D 246 -120.62 -42.65 -36.10
CA GLN D 246 -120.94 -41.39 -35.46
C GLN D 246 -119.70 -40.52 -35.48
N VAL D 247 -119.88 -39.23 -35.26
CA VAL D 247 -118.71 -38.37 -35.24
C VAL D 247 -118.63 -37.55 -33.98
N ILE D 248 -117.42 -37.11 -33.72
CA ILE D 248 -117.09 -36.20 -32.64
C ILE D 248 -116.41 -34.99 -33.25
N THR D 249 -116.80 -33.78 -32.83
CA THR D 249 -116.07 -32.64 -33.34
C THR D 249 -115.27 -32.15 -32.18
N ILE D 250 -114.06 -31.73 -32.47
CA ILE D 250 -113.12 -31.25 -31.48
C ILE D 250 -112.71 -29.82 -31.81
N GLY D 251 -112.78 -28.91 -30.81
CA GLY D 251 -112.53 -27.48 -30.99
C GLY D 251 -111.22 -27.04 -30.40
N ASN D 252 -111.26 -26.34 -29.26
CA ASN D 252 -110.00 -25.88 -28.70
C ASN D 252 -109.27 -27.03 -28.02
N GLU D 253 -109.96 -28.17 -27.88
CA GLU D 253 -109.41 -29.36 -27.28
C GLU D 253 -108.35 -29.95 -28.19
N ARG D 254 -108.46 -29.56 -29.45
CA ARG D 254 -107.63 -29.96 -30.54
C ARG D 254 -106.20 -29.50 -30.28
N PHE D 255 -106.07 -28.43 -29.50
CA PHE D 255 -104.76 -27.88 -29.15
C PHE D 255 -104.52 -27.85 -27.64
N ARG D 256 -105.59 -27.84 -26.85
CA ARG D 256 -105.44 -27.80 -25.39
C ARG D 256 -104.75 -29.05 -24.92
N CYS D 257 -105.00 -30.17 -25.57
CA CYS D 257 -104.28 -31.35 -25.15
C CYS D 257 -102.78 -31.22 -25.46
N PRO D 258 -102.33 -31.05 -26.71
CA PRO D 258 -100.95 -30.86 -27.12
C PRO D 258 -100.20 -29.80 -26.34
N GLU D 259 -100.93 -28.77 -25.89
CA GLU D 259 -100.41 -27.67 -25.10
C GLU D 259 -99.78 -28.15 -23.81
N THR D 260 -100.19 -29.32 -23.33
CA THR D 260 -99.70 -29.95 -22.10
C THR D 260 -98.18 -30.07 -22.20
N LEU D 261 -97.65 -30.27 -23.41
CA LEU D 261 -96.23 -30.38 -23.59
C LEU D 261 -95.51 -29.11 -23.16
N PHE D 262 -96.15 -27.95 -23.35
CA PHE D 262 -95.57 -26.67 -22.98
C PHE D 262 -96.05 -26.29 -21.58
N GLN D 263 -97.19 -26.86 -21.19
CA GLN D 263 -97.79 -26.65 -19.87
C GLN D 263 -98.20 -28.00 -19.28
N PRO D 264 -97.25 -28.69 -18.61
CA PRO D 264 -97.37 -30.01 -17.99
C PRO D 264 -98.32 -30.04 -16.81
N SER D 265 -98.63 -28.86 -16.26
CA SER D 265 -99.53 -28.72 -15.13
C SER D 265 -100.93 -29.18 -15.52
N PHE D 266 -101.20 -29.28 -16.83
CA PHE D 266 -102.48 -29.73 -17.36
C PHE D 266 -102.76 -31.18 -16.95
N ILE D 267 -101.71 -31.95 -16.69
CA ILE D 267 -101.83 -33.35 -16.28
C ILE D 267 -101.29 -33.55 -14.87
N GLY D 268 -101.15 -32.46 -14.12
CA GLY D 268 -100.67 -32.49 -12.75
C GLY D 268 -99.15 -32.63 -12.62
N MET D 269 -98.39 -32.36 -13.68
CA MET D 269 -96.94 -32.53 -13.59
C MET D 269 -96.21 -31.26 -13.17
N GLU D 270 -95.25 -31.43 -12.27
CA GLU D 270 -94.44 -30.30 -11.81
C GLU D 270 -93.33 -30.07 -12.82
N SER D 271 -93.65 -29.31 -13.87
CA SER D 271 -92.68 -29.02 -14.93
C SER D 271 -92.95 -27.75 -15.70
N ALA D 272 -91.87 -27.15 -16.19
CA ALA D 272 -91.89 -25.92 -16.98
C ALA D 272 -92.19 -26.16 -18.46
N GLY D 273 -92.28 -27.41 -18.87
CA GLY D 273 -92.56 -27.72 -20.27
C GLY D 273 -91.31 -28.08 -21.05
N ILE D 274 -91.54 -28.65 -22.22
CA ILE D 274 -90.45 -29.14 -23.05
C ILE D 274 -89.48 -28.09 -23.60
N HIS D 275 -89.91 -26.85 -23.85
CA HIS D 275 -88.99 -25.85 -24.37
C HIS D 275 -88.01 -25.36 -23.33
N GLU D 276 -88.45 -25.33 -22.08
CA GLU D 276 -87.61 -24.86 -21.01
C GLU D 276 -86.73 -25.99 -20.58
N THR D 277 -87.27 -27.20 -20.63
CA THR D 277 -86.54 -28.37 -20.25
C THR D 277 -85.39 -28.58 -21.25
N THR D 278 -85.65 -28.38 -22.56
CA THR D 278 -84.62 -28.49 -23.60
C THR D 278 -83.53 -27.45 -23.31
N TYR D 279 -83.97 -26.22 -23.02
CA TYR D 279 -83.09 -25.14 -22.67
C TYR D 279 -82.21 -25.52 -21.50
N ASN D 280 -82.79 -26.06 -20.43
CA ASN D 280 -81.98 -26.42 -19.28
C ASN D 280 -80.92 -27.46 -19.62
N SER D 281 -81.22 -28.44 -20.49
CA SER D 281 -80.17 -29.38 -20.86
C SER D 281 -79.01 -28.67 -21.52
N ILE D 282 -79.31 -27.65 -22.31
CA ILE D 282 -78.26 -26.88 -22.95
C ILE D 282 -77.51 -26.07 -21.89
N MET D 283 -78.23 -25.41 -20.98
CA MET D 283 -77.60 -24.56 -19.97
C MET D 283 -76.74 -25.33 -18.96
N LYS D 284 -77.01 -26.61 -18.76
CA LYS D 284 -76.21 -27.41 -17.86
C LYS D 284 -74.92 -27.92 -18.52
N CYS D 285 -74.74 -27.64 -19.81
CA CYS D 285 -73.56 -28.03 -20.55
C CYS D 285 -72.59 -26.84 -20.62
N ASP D 286 -71.31 -27.11 -20.82
CA ASP D 286 -70.28 -26.06 -20.92
C ASP D 286 -70.56 -25.12 -22.08
N ILE D 287 -70.15 -23.86 -21.94
CA ILE D 287 -70.39 -22.85 -22.96
C ILE D 287 -69.79 -23.13 -24.34
N ASP D 288 -68.78 -23.99 -24.44
CA ASP D 288 -68.20 -24.33 -25.74
C ASP D 288 -68.92 -25.53 -26.37
N ILE D 289 -69.92 -26.04 -25.65
CA ILE D 289 -70.80 -27.12 -26.08
C ILE D 289 -72.12 -26.49 -26.52
N ARG D 290 -72.58 -25.52 -25.69
CA ARG D 290 -73.89 -24.90 -25.84
C ARG D 290 -74.13 -24.33 -27.22
N LYS D 291 -73.10 -23.75 -27.84
CA LYS D 291 -73.33 -23.16 -29.15
C LYS D 291 -73.80 -24.18 -30.18
N ASP D 292 -73.33 -25.43 -30.04
CA ASP D 292 -73.63 -26.43 -31.00
C ASP D 292 -74.95 -27.08 -30.63
N LEU D 293 -75.24 -27.13 -29.34
CA LEU D 293 -76.52 -27.73 -28.97
C LEU D 293 -77.66 -26.76 -29.35
N TYR D 294 -77.47 -25.44 -29.18
CA TYR D 294 -78.52 -24.48 -29.53
C TYR D 294 -78.90 -24.56 -31.00
N ALA D 295 -77.89 -24.73 -31.83
CA ALA D 295 -78.06 -24.80 -33.27
C ALA D 295 -78.55 -26.16 -33.72
N ASN D 296 -78.62 -27.15 -32.80
CA ASN D 296 -79.00 -28.49 -33.16
C ASN D 296 -79.94 -29.15 -32.15
N ASN D 297 -81.15 -28.62 -32.03
CA ASN D 297 -82.17 -29.25 -31.20
C ASN D 297 -82.81 -30.24 -32.16
N VAL D 298 -82.79 -31.52 -31.84
CA VAL D 298 -83.30 -32.46 -32.82
C VAL D 298 -84.46 -33.30 -32.34
N MET D 299 -85.51 -33.29 -33.14
CA MET D 299 -86.69 -34.05 -32.85
C MET D 299 -86.63 -35.45 -33.36
N SER D 300 -87.11 -36.33 -32.54
CA SER D 300 -87.20 -37.74 -32.78
C SER D 300 -88.46 -38.24 -32.16
N GLY D 301 -88.54 -39.55 -32.00
CA GLY D 301 -89.67 -40.17 -31.33
C GLY D 301 -91.02 -39.82 -31.93
N GLY D 302 -91.92 -39.37 -31.06
CA GLY D 302 -93.29 -39.02 -31.46
C GLY D 302 -93.75 -37.77 -30.75
N THR D 303 -95.01 -37.34 -30.93
CA THR D 303 -95.57 -36.05 -30.39
C THR D 303 -94.90 -34.80 -31.06
N THR D 304 -93.76 -35.03 -31.71
CA THR D 304 -92.96 -34.09 -32.48
C THR D 304 -93.55 -34.01 -33.87
N MET D 305 -94.61 -34.79 -34.03
CA MET D 305 -95.44 -34.94 -35.18
C MET D 305 -96.70 -34.02 -35.08
N TYR D 306 -96.78 -33.17 -34.03
CA TYR D 306 -97.87 -32.18 -33.95
C TYR D 306 -97.57 -31.00 -34.88
N PRO D 307 -98.52 -30.52 -35.69
CA PRO D 307 -98.32 -29.33 -36.49
C PRO D 307 -97.96 -28.16 -35.59
N GLY D 308 -96.95 -27.40 -36.04
CA GLY D 308 -96.45 -26.23 -35.33
C GLY D 308 -95.40 -26.55 -34.26
N ILE D 309 -95.10 -27.82 -34.01
CA ILE D 309 -94.17 -28.10 -32.91
C ILE D 309 -92.72 -27.73 -33.17
N ALA D 310 -92.20 -27.96 -34.37
CA ALA D 310 -90.80 -27.61 -34.63
C ALA D 310 -90.64 -26.10 -34.64
N ASP D 311 -91.66 -25.41 -35.09
CA ASP D 311 -91.61 -23.97 -35.22
C ASP D 311 -91.88 -23.29 -33.88
N ARG D 312 -92.76 -23.86 -33.06
CA ARG D 312 -93.01 -23.28 -31.77
C ARG D 312 -91.83 -23.53 -30.87
N MET D 313 -91.27 -24.73 -30.92
CA MET D 313 -90.11 -25.00 -30.10
C MET D 313 -88.97 -24.05 -30.47
N GLN D 314 -88.74 -23.76 -31.76
CA GLN D 314 -87.66 -22.84 -32.06
C GLN D 314 -87.93 -21.48 -31.44
N LYS D 315 -89.18 -21.01 -31.54
CA LYS D 315 -89.57 -19.72 -30.96
C LYS D 315 -89.41 -19.70 -29.43
N GLU D 316 -89.86 -20.75 -28.77
CA GLU D 316 -89.82 -20.80 -27.32
C GLU D 316 -88.39 -20.95 -26.79
N ILE D 317 -87.53 -21.67 -27.52
CA ILE D 317 -86.15 -21.84 -27.09
C ILE D 317 -85.35 -20.57 -27.37
N THR D 318 -85.52 -19.96 -28.55
CA THR D 318 -84.75 -18.76 -28.88
C THR D 318 -85.12 -17.64 -27.91
N ALA D 319 -86.35 -17.65 -27.39
CA ALA D 319 -86.83 -16.68 -26.42
C ALA D 319 -86.14 -16.81 -25.04
N LEU D 320 -85.55 -17.98 -24.74
CA LEU D 320 -84.87 -18.23 -23.48
C LEU D 320 -83.35 -18.09 -23.65
N ALA D 321 -82.90 -18.41 -24.85
CA ALA D 321 -81.51 -18.41 -25.26
C ALA D 321 -80.92 -16.99 -25.30
N PRO D 322 -79.59 -16.85 -25.16
CA PRO D 322 -78.85 -15.62 -25.35
C PRO D 322 -79.03 -15.11 -26.78
N SER D 323 -78.92 -13.81 -26.96
CA SER D 323 -79.01 -13.17 -28.27
C SER D 323 -77.76 -13.50 -29.06
N THR D 324 -77.74 -13.16 -30.36
CA THR D 324 -76.63 -13.46 -31.30
C THR D 324 -76.65 -14.93 -31.74
N MET D 325 -76.77 -15.82 -30.77
CA MET D 325 -76.80 -17.26 -30.95
C MET D 325 -77.93 -17.71 -31.87
N LYS D 326 -77.62 -18.67 -32.74
CA LYS D 326 -78.62 -19.23 -33.64
C LYS D 326 -79.22 -20.51 -33.11
N ILE D 327 -80.53 -20.51 -32.96
CA ILE D 327 -81.28 -21.63 -32.49
C ILE D 327 -82.02 -22.29 -33.65
N LYS D 328 -81.82 -23.59 -33.83
CA LYS D 328 -82.51 -24.34 -34.90
C LYS D 328 -83.00 -25.71 -34.47
N ILE D 329 -84.14 -26.11 -35.05
CA ILE D 329 -84.69 -27.44 -34.86
C ILE D 329 -84.71 -28.29 -36.11
N ILE D 330 -84.21 -29.49 -35.94
CA ILE D 330 -84.16 -30.51 -36.95
C ILE D 330 -85.38 -31.39 -36.68
N ALA D 331 -86.24 -31.56 -37.66
CA ALA D 331 -87.46 -32.34 -37.45
C ALA D 331 -87.76 -33.12 -38.72
N PRO D 332 -87.02 -34.21 -38.98
CA PRO D 332 -87.00 -34.96 -40.22
C PRO D 332 -88.30 -35.74 -40.36
N PRO D 333 -88.67 -36.16 -41.58
CA PRO D 333 -89.82 -37.01 -41.86
C PRO D 333 -89.67 -38.39 -41.24
N GLU D 334 -88.42 -38.74 -40.93
CA GLU D 334 -88.12 -39.99 -40.28
C GLU D 334 -88.64 -39.90 -38.84
N ARG D 335 -89.65 -39.06 -38.63
CA ARG D 335 -90.27 -38.86 -37.33
C ARG D 335 -91.02 -40.14 -36.99
N LYS D 336 -91.05 -40.46 -35.71
CA LYS D 336 -91.67 -41.68 -35.16
C LYS D 336 -90.95 -42.95 -35.62
N TYR D 337 -90.29 -42.92 -36.78
CA TYR D 337 -89.54 -44.11 -37.18
C TYR D 337 -88.02 -43.99 -36.94
N SER D 338 -87.52 -42.78 -36.67
CA SER D 338 -86.09 -42.50 -36.57
C SER D 338 -85.33 -43.25 -35.51
N VAL D 339 -85.96 -43.65 -34.41
CA VAL D 339 -85.20 -44.41 -33.43
C VAL D 339 -85.00 -45.80 -34.00
N TRP D 340 -86.05 -46.38 -34.59
CA TRP D 340 -85.93 -47.69 -35.19
C TRP D 340 -84.86 -47.66 -36.29
N ILE D 341 -84.93 -46.60 -37.13
CA ILE D 341 -84.01 -46.43 -38.25
C ILE D 341 -82.60 -46.31 -37.74
N GLY D 342 -82.41 -45.53 -36.70
CA GLY D 342 -81.09 -45.43 -36.14
C GLY D 342 -80.60 -46.79 -35.69
N GLY D 343 -81.51 -47.66 -35.20
CA GLY D 343 -81.17 -49.02 -34.77
C GLY D 343 -80.64 -49.80 -35.95
N SER D 344 -81.31 -49.64 -37.10
CA SER D 344 -80.91 -50.28 -38.36
C SER D 344 -79.52 -49.82 -38.78
N ILE D 345 -79.25 -48.52 -38.59
CA ILE D 345 -77.96 -47.91 -38.90
C ILE D 345 -76.87 -48.39 -37.97
N LEU D 346 -77.14 -48.38 -36.67
CA LEU D 346 -76.09 -48.78 -35.75
C LEU D 346 -75.74 -50.21 -36.03
N ALA D 347 -76.76 -51.06 -36.22
CA ALA D 347 -76.52 -52.45 -36.52
C ALA D 347 -75.79 -52.67 -37.86
N SER D 348 -76.07 -51.86 -38.92
CA SER D 348 -75.39 -52.03 -40.19
C SER D 348 -73.96 -51.44 -40.23
N LEU D 349 -73.64 -50.49 -39.36
CA LEU D 349 -72.28 -49.91 -39.35
C LEU D 349 -71.20 -50.90 -38.97
N SER D 350 -70.09 -50.87 -39.70
CA SER D 350 -68.95 -51.76 -39.40
C SER D 350 -68.27 -51.38 -38.10
N THR D 351 -68.50 -50.14 -37.69
CA THR D 351 -67.94 -49.49 -36.51
C THR D 351 -68.61 -49.98 -35.23
N PHE D 352 -69.67 -50.75 -35.40
CA PHE D 352 -70.44 -51.32 -34.33
C PHE D 352 -70.29 -52.84 -34.19
N GLN D 353 -69.49 -53.49 -35.03
CA GLN D 353 -69.56 -54.95 -34.94
C GLN D 353 -68.87 -55.53 -33.71
N GLN D 354 -67.95 -54.77 -33.14
CA GLN D 354 -67.26 -55.18 -31.93
C GLN D 354 -68.09 -54.97 -30.66
N MET D 355 -69.24 -54.30 -30.79
CA MET D 355 -70.05 -53.95 -29.61
C MET D 355 -71.05 -55.00 -29.13
N TRP D 356 -71.20 -56.08 -29.88
CA TRP D 356 -72.16 -57.14 -29.58
C TRP D 356 -71.75 -58.05 -28.44
N ILE D 357 -72.73 -58.43 -27.60
CA ILE D 357 -72.54 -59.43 -26.55
C ILE D 357 -72.74 -60.73 -27.25
N THR D 358 -71.80 -61.65 -27.22
CA THR D 358 -72.05 -62.90 -27.94
C THR D 358 -72.75 -63.91 -27.05
N LYS D 359 -73.36 -64.96 -27.63
CA LYS D 359 -73.95 -65.99 -26.78
C LYS D 359 -72.88 -67.02 -26.41
N GLN D 360 -71.91 -66.52 -25.69
CA GLN D 360 -70.78 -67.18 -25.11
C GLN D 360 -70.47 -66.35 -23.91
N GLU D 361 -70.21 -65.07 -24.18
CA GLU D 361 -69.90 -64.12 -23.12
C GLU D 361 -71.10 -64.03 -22.19
N TYR D 362 -72.29 -64.04 -22.79
CA TYR D 362 -73.55 -64.01 -22.07
C TYR D 362 -73.71 -65.14 -21.10
N ASP D 363 -73.42 -66.37 -21.50
CA ASP D 363 -73.69 -67.47 -20.60
C ASP D 363 -72.61 -67.55 -19.54
N GLU D 364 -71.39 -67.16 -19.86
CA GLU D 364 -70.34 -67.19 -18.87
C GLU D 364 -70.60 -66.18 -17.75
N ALA D 365 -71.08 -64.98 -18.12
CA ALA D 365 -71.34 -63.90 -17.15
C ALA D 365 -72.79 -63.77 -16.65
N GLY D 366 -73.76 -64.17 -17.45
CA GLY D 366 -75.17 -63.95 -17.16
C GLY D 366 -75.59 -62.59 -17.74
N PRO D 367 -76.87 -62.21 -17.68
CA PRO D 367 -77.47 -61.01 -18.28
C PRO D 367 -76.94 -59.69 -17.74
N SER D 368 -76.28 -59.70 -16.58
CA SER D 368 -75.73 -58.50 -15.97
C SER D 368 -74.58 -57.96 -16.83
N ILE D 369 -74.10 -58.79 -17.76
CA ILE D 369 -73.05 -58.48 -18.71
C ILE D 369 -73.41 -57.28 -19.57
N VAL D 370 -74.69 -57.03 -19.72
CA VAL D 370 -75.20 -55.95 -20.51
C VAL D 370 -74.71 -54.60 -19.99
N HIS D 371 -74.39 -54.52 -18.69
CA HIS D 371 -73.99 -53.27 -18.08
C HIS D 371 -72.51 -53.02 -18.28
N ARG D 372 -71.80 -54.00 -18.84
CA ARG D 372 -70.38 -53.87 -19.08
C ARG D 372 -70.15 -53.72 -20.59
N LYS D 373 -71.01 -54.35 -21.38
CA LYS D 373 -70.89 -54.37 -22.83
C LYS D 373 -71.69 -53.33 -23.63
N CYS D 374 -72.83 -52.84 -23.13
CA CYS D 374 -73.63 -51.96 -23.98
C CYS D 374 -73.35 -50.45 -23.84
N PHE D 375 -73.44 -49.91 -22.61
CA PHE D 375 -73.25 -48.48 -22.36
C PHE D 375 -73.42 -48.08 -20.89
N ASP E 1 -87.71 -7.33 25.25
CA ASP E 1 -88.17 -8.56 25.89
C ASP E 1 -86.99 -9.42 26.32
N GLU E 2 -85.89 -9.23 25.62
CA GLU E 2 -84.65 -9.94 25.87
C GLU E 2 -83.84 -9.31 26.99
N ASP E 3 -82.99 -10.11 27.65
CA ASP E 3 -82.13 -9.62 28.73
C ASP E 3 -81.12 -8.58 28.26
N GLU E 4 -80.63 -8.73 27.04
CA GLU E 4 -79.65 -7.81 26.47
C GLU E 4 -79.82 -7.76 24.96
N THR E 5 -79.48 -6.64 24.35
CA THR E 5 -79.59 -6.51 22.90
C THR E 5 -78.42 -7.12 22.19
N THR E 6 -78.31 -8.44 22.28
CA THR E 6 -77.21 -9.14 21.65
C THR E 6 -77.59 -9.34 20.20
N ALA E 7 -76.64 -9.71 19.37
CA ALA E 7 -76.99 -9.91 17.96
C ALA E 7 -77.84 -11.12 17.72
N LEU E 8 -78.68 -11.06 16.71
CA LEU E 8 -79.37 -12.26 16.29
C LEU E 8 -78.38 -12.91 15.35
N VAL E 9 -78.30 -14.22 15.37
CA VAL E 9 -77.35 -14.91 14.50
C VAL E 9 -78.04 -15.87 13.55
N CYS E 10 -77.75 -15.73 12.23
CA CYS E 10 -78.37 -16.64 11.26
C CYS E 10 -77.50 -16.99 10.06
N ASP E 11 -77.29 -18.30 9.90
CA ASP E 11 -76.49 -18.90 8.82
C ASP E 11 -77.43 -19.35 7.69
N ASN E 12 -77.41 -18.63 6.56
CA ASN E 12 -78.34 -18.87 5.45
C ASN E 12 -77.69 -19.71 4.36
N GLY E 13 -77.90 -21.02 4.33
CA GLY E 13 -77.23 -21.80 3.30
C GLY E 13 -78.17 -22.09 2.14
N SER E 14 -77.69 -22.92 1.20
CA SER E 14 -78.45 -23.35 0.03
C SER E 14 -79.37 -24.51 0.40
N GLY E 15 -79.14 -25.06 1.57
CA GLY E 15 -79.84 -26.20 2.12
C GLY E 15 -80.80 -25.71 3.21
N LEU E 16 -80.22 -25.56 4.40
CA LEU E 16 -80.85 -25.14 5.63
C LEU E 16 -80.50 -23.70 6.00
N VAL E 17 -81.40 -23.10 6.78
CA VAL E 17 -81.27 -21.79 7.40
C VAL E 17 -81.37 -22.00 8.89
N LYS E 18 -80.40 -21.53 9.65
CA LYS E 18 -80.50 -21.75 11.09
C LYS E 18 -80.33 -20.46 11.86
N ALA E 19 -81.12 -20.31 12.92
CA ALA E 19 -81.02 -19.10 13.72
C ALA E 19 -81.31 -19.28 15.20
N GLY E 20 -80.76 -18.36 15.98
CA GLY E 20 -80.88 -18.26 17.43
C GLY E 20 -80.26 -16.94 17.84
N PHE E 21 -79.99 -16.75 19.13
CA PHE E 21 -79.42 -15.45 19.51
C PHE E 21 -77.95 -15.60 19.90
N ALA E 22 -77.21 -14.51 19.74
CA ALA E 22 -75.82 -14.52 20.10
C ALA E 22 -75.62 -14.82 21.56
N GLY E 23 -74.67 -15.70 21.81
CA GLY E 23 -74.29 -16.12 23.13
C GLY E 23 -74.74 -17.54 23.44
N ASP E 24 -75.71 -18.11 22.71
CA ASP E 24 -76.10 -19.50 23.04
C ASP E 24 -75.27 -20.50 22.22
N ASP E 25 -75.50 -21.81 22.40
CA ASP E 25 -74.71 -22.85 21.70
C ASP E 25 -75.52 -23.64 20.68
N ALA E 26 -76.64 -23.10 20.29
CA ALA E 26 -77.45 -23.73 19.29
C ALA E 26 -78.41 -22.73 18.71
N PRO E 27 -78.86 -22.91 17.47
CA PRO E 27 -79.92 -22.14 16.90
C PRO E 27 -81.20 -22.59 17.59
N ARG E 28 -82.19 -21.73 17.68
CA ARG E 28 -83.49 -22.12 18.22
C ARG E 28 -84.25 -22.94 17.22
N ALA E 29 -84.05 -22.62 15.96
CA ALA E 29 -84.77 -23.32 14.93
C ALA E 29 -83.99 -23.44 13.65
N VAL E 30 -84.30 -24.51 12.95
CA VAL E 30 -83.75 -24.82 11.65
C VAL E 30 -84.87 -24.95 10.65
N PHE E 31 -84.69 -24.29 9.54
CA PHE E 31 -85.66 -24.28 8.48
C PHE E 31 -84.95 -24.68 7.21
N PRO E 32 -85.60 -25.28 6.24
CA PRO E 32 -85.04 -25.46 4.93
C PRO E 32 -85.04 -24.08 4.30
N SER E 33 -84.15 -23.80 3.37
CA SER E 33 -84.14 -22.51 2.69
C SER E 33 -85.19 -22.50 1.61
N ILE E 34 -86.45 -22.59 2.02
CA ILE E 34 -87.56 -22.72 1.10
C ILE E 34 -88.74 -21.78 1.22
N VAL E 35 -89.19 -21.32 0.05
CA VAL E 35 -90.47 -20.62 -0.06
C VAL E 35 -91.31 -21.48 -1.02
N GLY E 36 -92.46 -21.92 -0.52
CA GLY E 36 -93.33 -22.82 -1.26
C GLY E 36 -94.52 -22.15 -1.86
N ARG E 37 -94.98 -22.65 -3.00
CA ARG E 37 -96.16 -22.08 -3.64
C ARG E 37 -97.09 -23.17 -4.21
N PRO E 38 -98.42 -23.09 -4.02
CA PRO E 38 -99.37 -24.06 -4.54
C PRO E 38 -99.25 -24.22 -6.04
N ARG E 39 -99.32 -25.47 -6.49
CA ARG E 39 -99.24 -25.78 -7.92
C ARG E 39 -100.56 -26.40 -8.41
N HIS E 40 -101.61 -26.23 -7.60
CA HIS E 40 -102.94 -26.77 -7.84
C HIS E 40 -104.04 -25.72 -7.70
N GLN E 41 -105.16 -25.98 -8.35
CA GLN E 41 -106.36 -25.15 -8.24
C GLN E 41 -107.15 -25.51 -7.00
N GLY E 42 -107.43 -24.52 -6.16
CA GLY E 42 -108.20 -24.76 -4.96
C GLY E 42 -109.66 -24.96 -5.33
N VAL E 43 -110.36 -25.86 -4.63
CA VAL E 43 -111.78 -26.02 -4.87
C VAL E 43 -112.65 -25.78 -3.64
N MET E 44 -112.10 -26.02 -2.45
CA MET E 44 -112.90 -25.82 -1.25
C MET E 44 -112.59 -24.41 -0.72
N VAL E 45 -113.59 -23.73 -0.14
CA VAL E 45 -113.36 -22.37 0.35
C VAL E 45 -113.44 -22.21 1.87
N GLY E 46 -112.48 -21.48 2.43
CA GLY E 46 -112.44 -21.35 3.88
C GLY E 46 -111.58 -22.44 4.50
N MET E 47 -110.59 -22.84 3.73
CA MET E 47 -109.64 -23.89 4.06
C MET E 47 -108.34 -23.26 4.53
N GLY E 48 -108.38 -21.96 4.78
CA GLY E 48 -107.16 -21.23 5.04
C GLY E 48 -106.42 -21.30 3.73
N GLN E 49 -105.16 -21.74 3.77
CA GLN E 49 -104.27 -21.88 2.61
C GLN E 49 -103.64 -20.57 2.18
N LYS E 50 -102.33 -20.53 2.30
CA LYS E 50 -101.55 -19.34 2.00
C LYS E 50 -101.18 -19.30 0.54
N ASP E 51 -100.87 -18.11 0.02
CA ASP E 51 -100.41 -17.96 -1.35
C ASP E 51 -98.97 -18.43 -1.49
N SER E 52 -98.26 -18.34 -0.39
CA SER E 52 -96.89 -18.76 -0.29
C SER E 52 -96.62 -19.19 1.13
N TYR E 53 -95.74 -20.17 1.28
CA TYR E 53 -95.38 -20.73 2.57
C TYR E 53 -93.90 -20.56 2.83
N VAL E 54 -93.50 -20.39 4.08
CA VAL E 54 -92.08 -20.20 4.33
C VAL E 54 -91.43 -21.21 5.30
N GLY E 55 -90.24 -21.67 4.93
CA GLY E 55 -89.46 -22.55 5.80
C GLY E 55 -90.16 -23.87 6.05
N ASP E 56 -90.39 -24.15 7.33
CA ASP E 56 -91.02 -25.37 7.73
C ASP E 56 -92.47 -25.42 7.30
N GLU E 57 -93.08 -24.26 7.04
CA GLU E 57 -94.47 -24.27 6.59
C GLU E 57 -94.52 -24.84 5.19
N ALA E 58 -93.51 -24.47 4.40
CA ALA E 58 -93.42 -24.86 3.01
C ALA E 58 -93.15 -26.33 2.89
N GLN E 59 -92.36 -26.85 3.81
CA GLN E 59 -92.06 -28.25 3.77
C GLN E 59 -93.26 -29.04 4.33
N SER E 60 -93.90 -28.54 5.38
CA SER E 60 -95.03 -29.25 6.01
C SER E 60 -96.26 -29.39 5.11
N LYS E 61 -96.49 -28.39 4.25
CA LYS E 61 -97.63 -28.36 3.35
C LYS E 61 -97.25 -28.74 1.91
N ARG E 62 -96.04 -29.29 1.73
CA ARG E 62 -95.45 -29.60 0.44
C ARG E 62 -96.24 -30.52 -0.46
N GLY E 63 -97.19 -31.27 0.07
CA GLY E 63 -97.93 -32.21 -0.78
C GLY E 63 -98.52 -31.53 -2.03
N ILE E 64 -98.93 -30.26 -1.95
CA ILE E 64 -99.48 -29.57 -3.13
C ILE E 64 -98.69 -28.33 -3.56
N LEU E 65 -97.46 -28.20 -3.05
CA LEU E 65 -96.63 -27.03 -3.35
C LEU E 65 -95.45 -27.39 -4.23
N THR E 66 -94.97 -26.41 -4.98
CA THR E 66 -93.70 -26.57 -5.67
C THR E 66 -92.75 -25.81 -4.76
N LEU E 67 -91.60 -26.38 -4.43
CA LEU E 67 -90.73 -25.68 -3.49
C LEU E 67 -89.47 -25.13 -4.12
N LYS E 68 -89.22 -23.84 -3.88
CA LYS E 68 -88.06 -23.19 -4.44
C LYS E 68 -87.04 -22.82 -3.37
N TYR E 69 -85.78 -22.89 -3.75
CA TYR E 69 -84.67 -22.51 -2.89
C TYR E 69 -84.01 -21.19 -3.37
N PRO E 70 -84.14 -20.06 -2.63
CA PRO E 70 -83.60 -18.73 -2.92
C PRO E 70 -82.07 -18.63 -2.97
N ILE E 71 -81.40 -19.63 -2.39
CA ILE E 71 -79.94 -19.69 -2.33
C ILE E 71 -79.37 -20.87 -3.10
N GLU E 72 -78.38 -20.57 -3.95
CA GLU E 72 -77.68 -21.56 -4.77
C GLU E 72 -76.17 -21.34 -4.75
N HIS E 73 -75.40 -22.39 -4.48
CA HIS E 73 -73.93 -22.34 -4.41
C HIS E 73 -73.42 -21.23 -3.51
N GLY E 74 -74.08 -21.03 -2.38
CA GLY E 74 -73.67 -20.03 -1.41
C GLY E 74 -74.23 -18.61 -1.58
N ILE E 75 -74.97 -18.32 -2.66
CA ILE E 75 -75.49 -16.95 -2.79
C ILE E 75 -76.99 -16.82 -2.96
N ILE E 76 -77.51 -15.66 -2.58
CA ILE E 76 -78.92 -15.39 -2.72
C ILE E 76 -79.22 -14.88 -4.11
N THR E 77 -80.10 -15.58 -4.81
CA THR E 77 -80.48 -15.20 -6.14
C THR E 77 -81.89 -14.61 -6.08
N ASN E 78 -82.62 -14.97 -5.00
CA ASN E 78 -83.97 -14.46 -4.80
C ASN E 78 -84.09 -13.82 -3.42
N TRP E 79 -83.84 -12.51 -3.36
CA TRP E 79 -83.83 -11.81 -2.09
C TRP E 79 -85.23 -11.63 -1.52
N ASP E 80 -86.26 -11.65 -2.37
CA ASP E 80 -87.63 -11.47 -1.88
C ASP E 80 -87.99 -12.67 -1.02
N ASP E 81 -87.61 -13.85 -1.48
CA ASP E 81 -87.89 -15.03 -0.72
C ASP E 81 -87.01 -15.07 0.53
N MET E 82 -85.78 -14.55 0.45
CA MET E 82 -85.01 -14.53 1.69
C MET E 82 -85.61 -13.56 2.69
N GLU E 83 -86.22 -12.48 2.22
CA GLU E 83 -86.88 -11.53 3.10
C GLU E 83 -87.97 -12.26 3.89
N LYS E 84 -88.73 -13.12 3.21
CA LYS E 84 -89.80 -13.90 3.84
C LYS E 84 -89.21 -14.86 4.87
N ILE E 85 -88.08 -15.49 4.51
CA ILE E 85 -87.39 -16.42 5.40
C ILE E 85 -86.87 -15.72 6.63
N TRP E 86 -86.23 -14.57 6.49
CA TRP E 86 -85.70 -13.81 7.61
C TRP E 86 -86.81 -13.30 8.51
N HIS E 87 -87.93 -12.88 7.95
CA HIS E 87 -89.00 -12.44 8.80
C HIS E 87 -89.47 -13.61 9.65
N HIS E 88 -89.67 -14.75 9.01
CA HIS E 88 -90.12 -15.93 9.72
C HIS E 88 -89.08 -16.40 10.73
N THR E 89 -87.84 -16.48 10.30
CA THR E 89 -86.78 -16.97 11.13
C THR E 89 -86.56 -16.08 12.36
N PHE E 90 -86.43 -14.76 12.15
CA PHE E 90 -86.13 -13.89 13.26
C PHE E 90 -87.33 -13.45 14.09
N TYR E 91 -88.43 -13.06 13.43
CA TYR E 91 -89.56 -12.53 14.17
C TYR E 91 -90.62 -13.57 14.47
N ASN E 92 -91.01 -14.38 13.50
CA ASN E 92 -92.09 -15.30 13.85
C ASN E 92 -91.64 -16.43 14.79
N GLU E 93 -90.41 -16.90 14.59
CA GLU E 93 -89.89 -18.01 15.39
C GLU E 93 -88.95 -17.65 16.56
N LEU E 94 -87.98 -16.72 16.39
CA LEU E 94 -87.14 -16.42 17.57
C LEU E 94 -87.84 -15.38 18.44
N ARG E 95 -88.91 -14.82 17.89
CA ARG E 95 -89.74 -13.77 18.47
C ARG E 95 -88.98 -12.48 18.73
N VAL E 96 -88.03 -12.13 17.86
CA VAL E 96 -87.31 -10.89 18.02
C VAL E 96 -87.29 -10.10 16.74
N ALA E 97 -87.74 -8.87 16.78
CA ALA E 97 -87.66 -8.09 15.56
C ALA E 97 -86.20 -7.61 15.43
N PRO E 98 -85.54 -7.73 14.24
CA PRO E 98 -84.19 -7.25 13.98
C PRO E 98 -84.06 -5.75 14.27
N GLU E 99 -85.17 -5.03 14.24
CA GLU E 99 -85.17 -3.61 14.49
C GLU E 99 -84.51 -3.26 15.83
N GLU E 100 -84.65 -4.13 16.84
CA GLU E 100 -84.08 -3.85 18.15
C GLU E 100 -82.76 -4.58 18.46
N HIS E 101 -82.23 -5.35 17.50
CA HIS E 101 -81.02 -6.17 17.71
C HIS E 101 -80.07 -6.14 16.51
N PRO E 102 -78.74 -6.13 16.68
CA PRO E 102 -77.77 -6.27 15.60
C PRO E 102 -77.98 -7.62 14.95
N THR E 103 -77.67 -7.76 13.67
CA THR E 103 -77.79 -9.11 13.07
C THR E 103 -76.50 -9.55 12.41
N LEU E 104 -76.09 -10.77 12.74
CA LEU E 104 -74.90 -11.36 12.16
C LEU E 104 -75.26 -12.45 11.14
N LEU E 105 -74.93 -12.20 9.87
CA LEU E 105 -75.20 -13.15 8.78
C LEU E 105 -73.88 -13.72 8.34
N THR E 106 -73.87 -14.68 7.41
CA THR E 106 -72.60 -15.28 6.99
C THR E 106 -72.46 -15.53 5.48
N GLU E 107 -71.21 -15.61 5.04
CA GLU E 107 -70.88 -15.86 3.64
C GLU E 107 -69.41 -16.27 3.52
N ALA E 108 -69.08 -17.05 2.50
CA ALA E 108 -67.71 -17.50 2.27
C ALA E 108 -66.82 -16.32 1.87
N PRO E 109 -65.52 -16.39 2.18
CA PRO E 109 -64.70 -15.26 1.80
C PRO E 109 -64.56 -15.00 0.26
N LEU E 110 -64.79 -16.01 -0.60
CA LEU E 110 -64.74 -15.78 -2.06
C LEU E 110 -66.14 -15.80 -2.68
N ASN E 111 -67.14 -15.63 -1.83
CA ASN E 111 -68.55 -15.56 -2.18
C ASN E 111 -68.74 -14.27 -3.00
N PRO E 112 -69.41 -14.31 -4.17
CA PRO E 112 -69.63 -13.14 -5.03
C PRO E 112 -70.18 -11.98 -4.22
N LYS E 113 -69.62 -10.79 -4.50
CA LYS E 113 -69.87 -9.56 -3.74
C LYS E 113 -71.32 -9.17 -3.65
N ALA E 114 -72.07 -9.41 -4.71
CA ALA E 114 -73.46 -9.03 -4.70
C ALA E 114 -74.21 -9.65 -3.52
N ASN E 115 -73.81 -10.85 -3.08
CA ASN E 115 -74.53 -11.50 -2.01
C ASN E 115 -74.25 -10.89 -0.65
N ARG E 116 -72.99 -10.57 -0.34
CA ARG E 116 -72.71 -9.97 0.95
C ARG E 116 -73.32 -8.54 0.99
N GLU E 117 -73.40 -7.89 -0.19
CA GLU E 117 -73.99 -6.55 -0.29
C GLU E 117 -75.51 -6.62 -0.13
N LYS E 118 -76.17 -7.63 -0.73
CA LYS E 118 -77.62 -7.73 -0.63
C LYS E 118 -78.02 -8.10 0.78
N MET E 119 -77.27 -8.98 1.45
CA MET E 119 -77.66 -9.31 2.80
C MET E 119 -77.61 -8.08 3.70
N THR E 120 -76.59 -7.25 3.50
CA THR E 120 -76.43 -6.04 4.26
C THR E 120 -77.61 -5.10 3.95
N GLN E 121 -77.94 -4.94 2.66
CA GLN E 121 -79.02 -4.07 2.26
C GLN E 121 -80.38 -4.46 2.77
N ILE E 122 -80.73 -5.73 2.72
CA ILE E 122 -82.07 -6.10 3.14
C ILE E 122 -82.21 -5.97 4.64
N MET E 123 -81.22 -6.41 5.40
CA MET E 123 -81.44 -6.28 6.82
C MET E 123 -81.53 -4.82 7.24
N PHE E 124 -80.79 -3.91 6.59
CA PHE E 124 -80.91 -2.49 6.93
C PHE E 124 -82.14 -1.79 6.36
N GLU E 125 -82.55 -2.12 5.13
CA GLU E 125 -83.67 -1.39 4.54
C GLU E 125 -85.05 -2.02 4.73
N THR E 126 -85.18 -3.34 4.90
CA THR E 126 -86.53 -3.88 5.05
C THR E 126 -86.79 -4.26 6.50
N PHE E 127 -85.73 -4.58 7.25
CA PHE E 127 -85.90 -4.95 8.66
C PHE E 127 -85.47 -3.88 9.66
N ASN E 128 -84.83 -2.83 9.16
CA ASN E 128 -84.31 -1.72 9.94
C ASN E 128 -83.40 -2.15 11.08
N VAL E 129 -82.52 -3.12 10.81
CA VAL E 129 -81.62 -3.62 11.84
C VAL E 129 -80.69 -2.46 12.23
N PRO E 130 -80.42 -2.18 13.51
CA PRO E 130 -79.54 -1.11 13.94
C PRO E 130 -78.08 -1.32 13.57
N ALA E 131 -77.71 -2.58 13.29
CA ALA E 131 -76.35 -2.89 12.90
C ALA E 131 -76.22 -4.20 12.13
N MET E 132 -75.18 -4.27 11.30
CA MET E 132 -74.86 -5.48 10.55
C MET E 132 -73.43 -5.87 10.48
N TYR E 133 -73.20 -7.17 10.32
CA TYR E 133 -71.86 -7.74 10.18
C TYR E 133 -71.98 -9.10 9.50
N VAL E 134 -71.42 -9.26 8.29
CA VAL E 134 -71.55 -10.53 7.64
C VAL E 134 -70.23 -11.27 7.86
N ALA E 135 -70.32 -12.35 8.59
CA ALA E 135 -69.22 -13.18 9.05
C ALA E 135 -68.60 -14.03 7.99
N ILE E 136 -67.33 -14.31 8.17
CA ILE E 136 -66.66 -15.23 7.29
C ILE E 136 -66.98 -16.63 7.82
N GLN E 137 -67.53 -17.50 6.99
CA GLN E 137 -67.93 -18.83 7.43
C GLN E 137 -66.77 -19.66 7.95
N ALA E 138 -65.60 -19.50 7.34
CA ALA E 138 -64.41 -20.24 7.79
C ALA E 138 -64.00 -19.82 9.18
N VAL E 139 -64.15 -18.55 9.47
CA VAL E 139 -63.80 -18.00 10.76
C VAL E 139 -64.71 -18.55 11.81
N LEU E 140 -65.99 -18.64 11.47
CA LEU E 140 -66.93 -19.15 12.43
C LEU E 140 -66.65 -20.63 12.68
N SER E 141 -66.26 -21.37 11.64
CA SER E 141 -65.96 -22.79 11.82
C SER E 141 -64.78 -22.93 12.79
N LEU E 142 -63.78 -22.05 12.66
CA LEU E 142 -62.62 -22.06 13.54
C LEU E 142 -63.00 -21.66 14.98
N TYR E 143 -63.92 -20.71 15.13
CA TYR E 143 -64.34 -20.28 16.46
C TYR E 143 -65.05 -21.42 17.21
N ALA E 144 -65.90 -22.15 16.50
CA ALA E 144 -66.66 -23.27 17.03
C ALA E 144 -65.74 -24.46 17.29
N SER E 145 -64.71 -24.62 16.45
CA SER E 145 -63.77 -25.72 16.59
C SER E 145 -62.74 -25.46 17.69
N GLY E 146 -62.37 -24.20 17.92
CA GLY E 146 -61.34 -23.85 18.90
C GLY E 146 -59.96 -23.92 18.23
N ARG E 147 -59.91 -23.49 16.98
CA ARG E 147 -58.71 -23.48 16.15
C ARG E 147 -58.48 -22.07 15.59
N THR E 148 -57.22 -21.71 15.27
CA THR E 148 -56.89 -20.44 14.61
C THR E 148 -56.16 -20.76 13.35
N THR E 149 -55.73 -22.00 13.32
CA THR E 149 -54.96 -22.52 12.22
C THR E 149 -55.57 -23.80 11.70
N GLY E 150 -55.72 -23.85 10.39
CA GLY E 150 -56.18 -25.04 9.70
C GLY E 150 -56.87 -24.73 8.37
N ILE E 151 -57.25 -25.79 7.67
CA ILE E 151 -57.94 -25.62 6.40
C ILE E 151 -59.39 -25.77 6.67
N VAL E 152 -60.21 -24.78 6.35
CA VAL E 152 -61.59 -25.04 6.63
C VAL E 152 -62.27 -25.53 5.38
N LEU E 153 -62.70 -26.78 5.47
CA LEU E 153 -63.40 -27.42 4.39
C LEU E 153 -64.78 -27.68 4.93
N ASP E 154 -65.71 -26.88 4.44
CA ASP E 154 -67.06 -26.83 4.90
C ASP E 154 -68.11 -27.61 4.13
N SER E 155 -67.70 -28.44 3.17
CA SER E 155 -68.58 -29.30 2.33
C SER E 155 -70.09 -29.16 2.55
N GLY E 156 -70.67 -27.98 2.34
CA GLY E 156 -72.09 -27.85 2.62
C GLY E 156 -72.91 -28.21 1.39
N ASP E 157 -74.20 -27.85 1.43
CA ASP E 157 -75.14 -28.10 0.34
C ASP E 157 -74.82 -27.29 -0.91
N GLY E 158 -74.32 -26.07 -0.70
CA GLY E 158 -74.04 -25.12 -1.77
C GLY E 158 -72.67 -25.24 -2.43
N VAL E 159 -71.64 -24.81 -1.73
CA VAL E 159 -70.29 -24.80 -2.28
C VAL E 159 -69.29 -25.33 -1.27
N THR E 160 -68.20 -25.96 -1.74
CA THR E 160 -67.11 -26.35 -0.85
C THR E 160 -66.11 -25.21 -0.94
N HIS E 161 -65.77 -24.60 0.20
CA HIS E 161 -64.88 -23.43 0.26
C HIS E 161 -63.35 -23.61 0.27
N ASN E 162 -62.86 -24.65 0.94
CA ASN E 162 -61.43 -24.97 1.03
C ASN E 162 -60.43 -23.83 1.40
N VAL E 163 -60.62 -23.13 2.54
CA VAL E 163 -59.70 -22.01 2.82
C VAL E 163 -58.67 -22.21 3.92
N PRO E 164 -57.38 -22.02 3.65
CA PRO E 164 -56.33 -22.07 4.63
C PRO E 164 -56.29 -20.80 5.44
N ILE E 165 -56.28 -20.95 6.77
CA ILE E 165 -56.15 -19.88 7.74
C ILE E 165 -55.00 -20.20 8.70
N TYR E 166 -54.09 -19.26 8.92
CA TYR E 166 -52.95 -19.48 9.83
C TYR E 166 -52.88 -18.38 10.87
N GLU E 167 -52.91 -18.75 12.16
CA GLU E 167 -52.86 -17.78 13.24
C GLU E 167 -53.90 -16.67 13.07
N GLY E 168 -55.10 -17.02 12.64
CA GLY E 168 -56.14 -16.01 12.49
C GLY E 168 -56.08 -15.21 11.18
N TYR E 169 -55.15 -15.53 10.28
CA TYR E 169 -54.99 -14.85 8.99
C TYR E 169 -55.36 -15.72 7.83
N ALA E 170 -55.97 -15.16 6.81
CA ALA E 170 -56.29 -15.98 5.66
C ALA E 170 -55.10 -15.97 4.72
N LEU E 171 -54.96 -17.07 3.98
CA LEU E 171 -53.98 -17.14 2.92
C LEU E 171 -54.79 -17.23 1.61
N PRO E 172 -55.35 -16.11 1.10
CA PRO E 172 -56.32 -16.08 0.02
C PRO E 172 -55.85 -16.62 -1.33
N HIS E 173 -54.54 -16.61 -1.56
CA HIS E 173 -54.04 -17.09 -2.83
C HIS E 173 -54.14 -18.61 -2.93
N ALA E 174 -54.34 -19.24 -1.79
CA ALA E 174 -54.42 -20.68 -1.67
C ALA E 174 -55.86 -21.15 -1.46
N ILE E 175 -56.87 -20.28 -1.61
CA ILE E 175 -58.24 -20.78 -1.42
C ILE E 175 -58.70 -21.49 -2.68
N MET E 176 -59.16 -22.73 -2.54
CA MET E 176 -59.61 -23.47 -3.70
C MET E 176 -61.14 -23.51 -3.76
N ARG E 177 -61.85 -22.37 -3.97
CA ARG E 177 -63.31 -22.52 -3.88
C ARG E 177 -63.79 -23.45 -4.99
N LEU E 178 -64.61 -24.43 -4.63
CA LEU E 178 -65.08 -25.43 -5.58
C LEU E 178 -66.60 -25.63 -5.69
N ASP E 179 -67.10 -25.60 -6.91
CA ASP E 179 -68.53 -25.78 -7.15
C ASP E 179 -68.92 -27.27 -7.23
N LEU E 180 -68.74 -27.95 -6.09
CA LEU E 180 -69.05 -29.35 -5.83
C LEU E 180 -69.68 -29.40 -4.45
N ALA E 181 -70.93 -29.86 -4.34
CA ALA E 181 -71.58 -29.78 -3.03
C ALA E 181 -72.71 -30.78 -2.76
N GLY E 182 -73.21 -30.75 -1.52
CA GLY E 182 -74.27 -31.64 -1.04
C GLY E 182 -75.52 -31.64 -1.91
N ARG E 183 -75.87 -30.52 -2.54
CA ARG E 183 -77.03 -30.47 -3.40
C ARG E 183 -76.85 -31.37 -4.61
N ASP E 184 -75.60 -31.57 -5.06
CA ASP E 184 -75.34 -32.34 -6.25
C ASP E 184 -75.40 -33.79 -5.86
N LEU E 185 -75.02 -34.08 -4.62
CA LEU E 185 -75.04 -35.45 -4.15
C LEU E 185 -76.50 -35.91 -4.10
N THR E 186 -77.41 -35.01 -3.70
CA THR E 186 -78.85 -35.33 -3.64
C THR E 186 -79.39 -35.61 -5.04
N ASP E 187 -79.03 -34.78 -6.02
CA ASP E 187 -79.55 -35.01 -7.37
C ASP E 187 -78.95 -36.26 -8.00
N TYR E 188 -77.68 -36.55 -7.69
CA TYR E 188 -77.04 -37.75 -8.20
C TYR E 188 -77.76 -38.95 -7.64
N LEU E 189 -78.08 -38.93 -6.33
CA LEU E 189 -78.80 -40.02 -5.70
C LEU E 189 -80.19 -40.16 -6.37
N MET E 190 -80.89 -39.06 -6.69
CA MET E 190 -82.19 -39.24 -7.36
C MET E 190 -82.00 -40.03 -8.68
N LYS E 191 -80.96 -39.70 -9.44
CA LYS E 191 -80.69 -40.38 -10.70
C LYS E 191 -80.21 -41.84 -10.53
N ILE E 192 -79.39 -42.12 -9.53
CA ILE E 192 -78.88 -43.48 -9.36
C ILE E 192 -80.03 -44.37 -8.84
N LEU E 193 -80.92 -43.79 -8.03
CA LEU E 193 -82.02 -44.58 -7.52
C LEU E 193 -83.01 -44.86 -8.66
N THR E 194 -83.06 -43.95 -9.65
CA THR E 194 -83.86 -44.19 -10.84
C THR E 194 -83.31 -45.43 -11.53
N GLU E 195 -81.97 -45.54 -11.63
CA GLU E 195 -81.33 -46.71 -12.24
C GLU E 195 -81.71 -48.01 -11.52
N ARG E 196 -81.91 -47.93 -10.19
CA ARG E 196 -82.31 -49.08 -9.34
C ARG E 196 -83.81 -49.42 -9.45
N GLY E 197 -84.60 -48.61 -10.16
CA GLY E 197 -86.04 -48.87 -10.28
C GLY E 197 -86.93 -47.99 -9.40
N TYR E 198 -86.36 -46.97 -8.77
CA TYR E 198 -87.10 -46.06 -7.92
C TYR E 198 -86.91 -44.64 -8.40
N SER E 199 -87.67 -44.24 -9.40
CA SER E 199 -87.52 -42.92 -10.00
C SER E 199 -87.87 -41.80 -9.04
N PHE E 200 -87.09 -40.71 -9.10
CA PHE E 200 -87.36 -39.49 -8.33
C PHE E 200 -87.10 -38.24 -9.20
N VAL E 201 -88.12 -37.40 -9.42
CA VAL E 201 -87.96 -36.16 -10.22
C VAL E 201 -88.61 -34.87 -9.64
N THR E 202 -89.70 -35.02 -8.86
CA THR E 202 -90.52 -33.89 -8.36
C THR E 202 -90.00 -33.33 -7.05
N THR E 203 -90.59 -32.22 -6.57
CA THR E 203 -90.16 -31.69 -5.28
C THR E 203 -90.31 -32.70 -4.16
N ALA E 204 -91.47 -33.37 -4.09
CA ALA E 204 -91.67 -34.31 -3.00
C ALA E 204 -90.63 -35.41 -3.08
N GLU E 205 -90.34 -35.85 -4.29
CA GLU E 205 -89.38 -36.90 -4.52
C GLU E 205 -87.96 -36.46 -4.14
N ARG E 206 -87.60 -35.21 -4.44
CA ARG E 206 -86.31 -34.67 -4.05
C ARG E 206 -86.17 -34.58 -2.53
N GLU E 207 -87.25 -34.17 -1.84
CA GLU E 207 -87.20 -34.09 -0.38
C GLU E 207 -87.06 -35.52 0.21
N ILE E 208 -87.68 -36.52 -0.43
CA ILE E 208 -87.48 -37.88 0.05
C ILE E 208 -86.04 -38.28 -0.14
N VAL E 209 -85.45 -38.00 -1.28
CA VAL E 209 -84.09 -38.39 -1.52
C VAL E 209 -83.12 -37.71 -0.57
N ARG E 210 -83.39 -36.46 -0.21
CA ARG E 210 -82.54 -35.73 0.72
C ARG E 210 -82.64 -36.38 2.10
N ASP E 211 -83.79 -36.99 2.39
CA ASP E 211 -84.01 -37.65 3.67
C ASP E 211 -83.32 -39.01 3.64
N ILE E 212 -83.33 -39.68 2.47
CA ILE E 212 -82.64 -40.94 2.34
C ILE E 212 -81.17 -40.71 2.54
N LYS E 213 -80.63 -39.70 1.88
CA LYS E 213 -79.21 -39.42 1.97
C LYS E 213 -78.77 -39.17 3.40
N GLU E 214 -79.53 -38.32 4.09
CA GLU E 214 -79.24 -37.90 5.46
C GLU E 214 -79.29 -39.08 6.46
N LYS E 215 -80.11 -40.12 6.18
CA LYS E 215 -80.17 -41.27 7.08
C LYS E 215 -79.37 -42.52 6.63
N LEU E 216 -79.24 -42.77 5.31
CA LEU E 216 -78.60 -43.98 4.80
C LEU E 216 -77.20 -43.86 4.20
N CYS E 217 -76.80 -42.68 3.73
CA CYS E 217 -75.54 -42.60 3.01
C CYS E 217 -74.30 -42.42 3.87
N TYR E 218 -73.19 -42.85 3.30
CA TYR E 218 -71.88 -42.75 3.94
C TYR E 218 -70.78 -42.59 2.92
N VAL E 219 -69.58 -42.23 3.33
CA VAL E 219 -68.51 -42.07 2.34
C VAL E 219 -67.71 -43.31 2.06
N ALA E 220 -67.31 -44.00 3.12
CA ALA E 220 -66.44 -45.18 3.07
C ALA E 220 -64.99 -44.73 2.96
N LEU E 221 -64.19 -45.03 3.98
CA LEU E 221 -62.80 -44.58 3.96
C LEU E 221 -62.03 -45.36 2.90
N ASP E 222 -62.45 -46.60 2.64
CA ASP E 222 -61.85 -47.41 1.60
C ASP E 222 -62.99 -47.92 0.74
N PHE E 223 -63.32 -47.11 -0.24
CA PHE E 223 -64.48 -47.35 -1.09
C PHE E 223 -64.27 -48.51 -2.03
N GLU E 224 -63.01 -48.81 -2.39
CA GLU E 224 -62.82 -49.91 -3.33
C GLU E 224 -63.15 -51.22 -2.66
N ASN E 225 -62.74 -51.36 -1.40
CA ASN E 225 -63.06 -52.61 -0.71
C ASN E 225 -64.53 -52.63 -0.33
N GLU E 226 -65.09 -51.44 -0.07
CA GLU E 226 -66.46 -51.35 0.36
C GLU E 226 -67.39 -51.69 -0.80
N MET E 227 -67.07 -51.20 -2.03
CA MET E 227 -67.93 -51.48 -3.18
C MET E 227 -67.70 -52.87 -3.69
N ALA E 228 -66.52 -53.43 -3.49
CA ALA E 228 -66.33 -54.78 -3.97
C ALA E 228 -67.36 -55.69 -3.30
N THR E 229 -67.63 -55.45 -2.01
CA THR E 229 -68.66 -56.23 -1.34
C THR E 229 -70.06 -55.63 -1.54
N ALA E 230 -70.23 -54.32 -1.40
CA ALA E 230 -71.55 -53.72 -1.49
C ALA E 230 -72.20 -53.92 -2.84
N ALA E 231 -71.41 -53.96 -3.91
CA ALA E 231 -71.95 -54.16 -5.24
C ALA E 231 -72.16 -55.65 -5.55
N SER E 232 -71.71 -56.53 -4.64
CA SER E 232 -71.80 -57.98 -4.83
C SER E 232 -72.84 -58.65 -3.93
N SER E 233 -73.19 -57.99 -2.81
CA SER E 233 -74.10 -58.62 -1.85
C SER E 233 -75.09 -57.72 -1.14
N SER E 234 -76.31 -58.26 -1.00
CA SER E 234 -77.46 -57.63 -0.34
C SER E 234 -77.24 -57.40 1.14
N SER E 235 -76.21 -58.04 1.70
CA SER E 235 -75.90 -57.91 3.12
C SER E 235 -75.41 -56.50 3.44
N LEU E 236 -75.04 -55.73 2.42
CA LEU E 236 -74.60 -54.36 2.58
C LEU E 236 -75.68 -53.34 2.25
N GLU E 237 -76.90 -53.81 1.96
CA GLU E 237 -77.96 -52.88 1.63
C GLU E 237 -78.70 -52.43 2.87
N LYS E 238 -79.18 -51.20 2.82
CA LYS E 238 -79.97 -50.68 3.91
C LYS E 238 -81.31 -50.18 3.41
N SER E 239 -82.36 -50.57 4.13
CA SER E 239 -83.74 -50.19 3.84
C SER E 239 -84.11 -48.82 4.36
N TYR E 240 -84.86 -48.09 3.56
CA TYR E 240 -85.44 -46.81 3.91
C TYR E 240 -86.95 -46.81 3.72
N GLU E 241 -87.65 -46.24 4.70
CA GLU E 241 -89.11 -46.11 4.65
C GLU E 241 -89.55 -44.80 4.02
N LEU E 242 -90.32 -44.90 2.95
CA LEU E 242 -90.80 -43.73 2.24
C LEU E 242 -92.09 -43.29 2.93
N PRO E 243 -92.54 -42.02 2.77
CA PRO E 243 -93.75 -41.45 3.36
C PRO E 243 -95.04 -42.24 3.14
N ASP E 244 -95.14 -43.00 2.06
CA ASP E 244 -96.32 -43.77 1.76
C ASP E 244 -96.23 -45.24 2.13
N GLY E 245 -95.18 -45.62 2.87
CA GLY E 245 -95.00 -47.00 3.28
C GLY E 245 -94.13 -47.84 2.33
N GLN E 246 -93.63 -47.26 1.25
CA GLN E 246 -92.76 -48.04 0.35
C GLN E 246 -91.38 -48.23 0.94
N VAL E 247 -90.72 -49.32 0.55
CA VAL E 247 -89.35 -49.52 0.98
C VAL E 247 -88.38 -49.63 -0.17
N ILE E 248 -87.33 -48.84 -0.06
CA ILE E 248 -86.24 -48.77 -1.01
C ILE E 248 -84.98 -49.27 -0.35
N THR E 249 -84.19 -50.09 -1.04
CA THR E 249 -82.93 -50.49 -0.45
C THR E 249 -81.85 -49.92 -1.33
N ILE E 250 -80.73 -49.57 -0.70
CA ILE E 250 -79.59 -49.01 -1.42
C ILE E 250 -78.31 -49.78 -1.05
N GLY E 251 -77.49 -50.17 -2.04
CA GLY E 251 -76.26 -50.94 -1.84
C GLY E 251 -75.02 -50.09 -2.02
N ASN E 252 -74.22 -50.34 -3.05
CA ASN E 252 -73.01 -49.53 -3.19
C ASN E 252 -73.32 -48.08 -3.53
N GLU E 253 -74.53 -47.83 -4.02
CA GLU E 253 -75.01 -46.51 -4.39
C GLU E 253 -75.09 -45.61 -3.14
N ARG E 254 -75.19 -46.29 -1.99
CA ARG E 254 -75.32 -45.75 -0.66
C ARG E 254 -74.09 -44.92 -0.30
N PHE E 255 -72.95 -45.27 -0.87
CA PHE E 255 -71.70 -44.55 -0.61
C PHE E 255 -71.14 -43.97 -1.90
N ARG E 256 -71.61 -44.49 -3.03
CA ARG E 256 -71.16 -44.01 -4.33
C ARG E 256 -71.64 -42.59 -4.55
N CYS E 257 -72.79 -42.26 -3.98
CA CYS E 257 -73.25 -40.92 -4.19
C CYS E 257 -72.28 -39.93 -3.47
N PRO E 258 -72.06 -39.99 -2.11
CA PRO E 258 -71.07 -39.21 -1.34
C PRO E 258 -69.65 -39.29 -1.89
N GLU E 259 -69.31 -40.41 -2.54
CA GLU E 259 -68.02 -40.66 -3.17
C GLU E 259 -67.71 -39.57 -4.19
N THR E 260 -68.74 -38.91 -4.73
CA THR E 260 -68.66 -37.86 -5.73
C THR E 260 -67.84 -36.68 -5.20
N LEU E 261 -67.76 -36.55 -3.87
CA LEU E 261 -66.98 -35.48 -3.26
C LEU E 261 -65.50 -35.73 -3.53
N PHE E 262 -65.15 -36.98 -3.84
CA PHE E 262 -63.79 -37.41 -4.12
C PHE E 262 -63.70 -37.72 -5.61
N GLN E 263 -64.85 -38.07 -6.21
CA GLN E 263 -65.01 -38.44 -7.61
C GLN E 263 -66.06 -37.57 -8.34
N PRO E 264 -65.81 -36.27 -8.55
CA PRO E 264 -66.72 -35.26 -9.09
C PRO E 264 -67.20 -35.55 -10.51
N SER E 265 -66.48 -36.41 -11.21
CA SER E 265 -66.81 -36.77 -12.57
C SER E 265 -68.16 -37.50 -12.62
N PHE E 266 -68.64 -38.01 -11.47
CA PHE E 266 -69.89 -38.74 -11.41
C PHE E 266 -71.08 -37.84 -11.76
N ILE E 267 -70.92 -36.53 -11.59
CA ILE E 267 -71.97 -35.57 -11.86
C ILE E 267 -71.58 -34.63 -12.99
N GLY E 268 -70.55 -35.00 -13.77
CA GLY E 268 -70.10 -34.19 -14.89
C GLY E 268 -69.24 -33.00 -14.48
N MET E 269 -68.68 -32.99 -13.28
CA MET E 269 -67.86 -31.87 -12.83
C MET E 269 -66.39 -32.12 -13.07
N GLU E 270 -65.70 -31.08 -13.52
CA GLU E 270 -64.27 -31.15 -13.71
C GLU E 270 -63.61 -30.62 -12.45
N SER E 271 -63.11 -31.53 -11.63
CA SER E 271 -62.52 -31.19 -10.35
C SER E 271 -61.63 -32.28 -9.85
N ALA E 272 -60.72 -31.91 -8.95
CA ALA E 272 -59.84 -32.86 -8.31
C ALA E 272 -60.49 -33.56 -7.10
N GLY E 273 -61.59 -33.00 -6.61
CA GLY E 273 -62.26 -33.54 -5.42
C GLY E 273 -61.82 -32.79 -4.16
N ILE E 274 -62.56 -32.99 -3.07
CA ILE E 274 -62.33 -32.22 -1.83
C ILE E 274 -61.01 -32.54 -1.13
N HIS E 275 -60.49 -33.75 -1.29
CA HIS E 275 -59.24 -34.07 -0.64
C HIS E 275 -58.04 -33.44 -1.32
N GLU E 276 -58.15 -33.15 -2.62
CA GLU E 276 -57.03 -32.59 -3.32
C GLU E 276 -57.09 -31.11 -3.14
N THR E 277 -58.30 -30.57 -3.02
CA THR E 277 -58.39 -29.15 -2.79
C THR E 277 -57.91 -28.86 -1.37
N THR E 278 -58.11 -29.79 -0.42
CA THR E 278 -57.59 -29.56 0.92
C THR E 278 -56.07 -29.53 0.81
N TYR E 279 -55.55 -30.51 0.09
CA TYR E 279 -54.12 -30.63 -0.14
C TYR E 279 -53.54 -29.35 -0.74
N ASN E 280 -54.16 -28.84 -1.80
CA ASN E 280 -53.65 -27.62 -2.42
C ASN E 280 -53.83 -26.39 -1.54
N SER E 281 -54.87 -26.33 -0.72
CA SER E 281 -54.98 -25.19 0.17
C SER E 281 -53.78 -25.19 1.12
N ILE E 282 -53.32 -26.39 1.50
CA ILE E 282 -52.16 -26.51 2.36
C ILE E 282 -50.88 -26.26 1.55
N MET E 283 -50.76 -26.93 0.41
CA MET E 283 -49.53 -26.94 -0.37
C MET E 283 -49.21 -25.59 -1.02
N LYS E 284 -50.23 -24.78 -1.28
CA LYS E 284 -50.01 -23.49 -1.92
C LYS E 284 -49.63 -22.41 -0.90
N CYS E 285 -49.56 -22.76 0.37
CA CYS E 285 -49.15 -21.85 1.43
C CYS E 285 -47.64 -22.03 1.64
N ASP E 286 -46.98 -21.06 2.27
CA ASP E 286 -45.54 -21.15 2.51
C ASP E 286 -45.21 -22.36 3.36
N ILE E 287 -44.00 -22.89 3.23
CA ILE E 287 -43.64 -24.10 3.95
C ILE E 287 -43.67 -24.00 5.48
N ASP E 288 -43.56 -22.81 6.06
CA ASP E 288 -43.63 -22.70 7.51
C ASP E 288 -45.07 -22.59 7.99
N ILE E 289 -46.02 -22.64 7.04
CA ILE E 289 -47.42 -22.54 7.38
C ILE E 289 -48.18 -23.82 7.03
N ARG E 290 -47.53 -24.70 6.25
CA ARG E 290 -48.15 -25.95 5.84
C ARG E 290 -48.03 -27.02 6.93
N LYS E 291 -46.92 -26.97 7.68
CA LYS E 291 -46.69 -27.94 8.74
C LYS E 291 -47.76 -27.85 9.83
N ASP E 292 -48.52 -26.75 9.82
CA ASP E 292 -49.55 -26.55 10.79
C ASP E 292 -50.87 -26.78 10.11
N LEU E 293 -50.95 -26.52 8.82
CA LEU E 293 -52.20 -26.76 8.15
C LEU E 293 -52.38 -28.28 7.95
N TYR E 294 -51.29 -29.03 7.71
CA TYR E 294 -51.43 -30.50 7.55
C TYR E 294 -51.97 -31.14 8.80
N ALA E 295 -51.54 -30.64 9.95
CA ALA E 295 -51.93 -31.13 11.25
C ALA E 295 -53.30 -30.59 11.69
N ASN E 296 -53.90 -29.71 10.89
CA ASN E 296 -55.17 -29.09 11.21
C ASN E 296 -56.12 -29.00 10.02
N ASN E 297 -56.65 -30.13 9.58
CA ASN E 297 -57.66 -30.10 8.54
C ASN E 297 -58.97 -29.92 9.29
N VAL E 298 -59.64 -28.80 9.10
CA VAL E 298 -60.83 -28.50 9.89
C VAL E 298 -62.10 -28.79 9.13
N MET E 299 -62.87 -29.74 9.62
CA MET E 299 -64.10 -30.12 8.96
C MET E 299 -65.24 -29.29 9.49
N SER E 300 -66.07 -28.80 8.59
CA SER E 300 -67.20 -28.02 9.00
C SER E 300 -68.36 -28.15 8.06
N GLY E 301 -69.48 -27.55 8.41
CA GLY E 301 -70.64 -27.62 7.54
C GLY E 301 -71.28 -28.98 7.64
N GLY E 302 -72.31 -29.19 6.80
CA GLY E 302 -73.08 -30.45 6.72
C GLY E 302 -72.37 -31.42 5.76
N THR E 303 -72.95 -32.60 5.47
CA THR E 303 -72.31 -33.70 4.64
C THR E 303 -71.13 -34.38 5.38
N THR E 304 -70.70 -33.75 6.45
CA THR E 304 -69.62 -34.10 7.33
C THR E 304 -70.05 -35.15 8.32
N MET E 305 -71.34 -35.46 8.26
CA MET E 305 -71.93 -36.46 9.13
C MET E 305 -71.87 -37.83 8.48
N TYR E 306 -71.46 -37.91 7.22
CA TYR E 306 -71.41 -39.22 6.60
C TYR E 306 -70.32 -40.02 7.31
N PRO E 307 -70.53 -41.23 7.78
CA PRO E 307 -69.44 -41.97 8.36
C PRO E 307 -68.42 -42.25 7.27
N GLY E 308 -67.16 -42.16 7.66
CA GLY E 308 -66.05 -42.38 6.75
C GLY E 308 -65.56 -41.07 6.12
N ILE E 309 -66.27 -39.95 6.25
CA ILE E 309 -65.77 -38.73 5.59
C ILE E 309 -64.51 -38.18 6.22
N ALA E 310 -64.40 -38.22 7.55
CA ALA E 310 -63.22 -37.69 8.20
C ALA E 310 -62.02 -38.55 7.91
N ASP E 311 -62.20 -39.86 8.02
CA ASP E 311 -61.12 -40.81 7.77
C ASP E 311 -60.78 -40.87 6.29
N ARG E 312 -61.78 -40.63 5.45
CA ARG E 312 -61.59 -40.64 4.00
C ARG E 312 -60.90 -39.37 3.54
N MET E 313 -61.07 -38.31 4.32
CA MET E 313 -60.46 -37.02 4.00
C MET E 313 -59.05 -36.92 4.55
N GLN E 314 -58.73 -37.77 5.53
CA GLN E 314 -57.42 -37.78 6.14
C GLN E 314 -56.52 -38.75 5.36
N LYS E 315 -57.07 -39.90 4.93
CA LYS E 315 -56.31 -40.89 4.17
C LYS E 315 -55.87 -40.34 2.82
N GLU E 316 -56.79 -39.67 2.11
CA GLU E 316 -56.47 -39.14 0.79
C GLU E 316 -55.42 -38.03 0.90
N ILE E 317 -55.53 -37.19 1.93
CA ILE E 317 -54.58 -36.10 2.08
C ILE E 317 -53.25 -36.70 2.42
N THR E 318 -53.22 -37.69 3.30
CA THR E 318 -51.99 -38.35 3.70
C THR E 318 -51.30 -38.92 2.48
N ALA E 319 -52.07 -39.53 1.58
CA ALA E 319 -51.52 -40.08 0.33
C ALA E 319 -50.90 -39.00 -0.57
N LEU E 320 -51.48 -37.80 -0.60
CA LEU E 320 -50.98 -36.69 -1.42
C LEU E 320 -49.83 -35.95 -0.75
N ALA E 321 -49.87 -35.90 0.57
CA ALA E 321 -48.93 -35.23 1.43
C ALA E 321 -47.54 -35.89 1.43
N PRO E 322 -46.47 -35.15 1.74
CA PRO E 322 -45.12 -35.66 1.97
C PRO E 322 -45.11 -36.62 3.16
N SER E 323 -44.17 -37.54 3.15
CA SER E 323 -43.96 -38.50 4.24
C SER E 323 -43.37 -37.76 5.44
N THR E 324 -43.28 -38.44 6.60
CA THR E 324 -42.79 -37.87 7.88
C THR E 324 -43.85 -36.97 8.54
N MET E 325 -44.42 -36.07 7.76
CA MET E 325 -45.43 -35.12 8.15
C MET E 325 -46.67 -35.79 8.71
N LYS E 326 -47.23 -35.19 9.77
CA LYS E 326 -48.45 -35.67 10.38
C LYS E 326 -49.68 -34.95 9.82
N ILE E 327 -50.58 -35.73 9.27
CA ILE E 327 -51.82 -35.24 8.72
C ILE E 327 -52.96 -35.58 9.68
N LYS E 328 -53.73 -34.57 10.07
CA LYS E 328 -54.81 -34.77 11.03
C LYS E 328 -56.13 -34.08 10.71
N ILE E 329 -57.22 -34.86 10.77
CA ILE E 329 -58.56 -34.32 10.58
C ILE E 329 -59.26 -34.05 11.90
N ILE E 330 -59.80 -32.86 11.99
CA ILE E 330 -60.57 -32.37 13.11
C ILE E 330 -62.03 -32.39 12.67
N ALA E 331 -62.86 -33.22 13.31
CA ALA E 331 -64.25 -33.36 12.90
C ALA E 331 -65.17 -33.42 14.12
N PRO E 332 -65.44 -32.26 14.75
CA PRO E 332 -66.12 -32.12 16.02
C PRO E 332 -67.63 -32.39 15.87
N PRO E 333 -68.36 -32.70 16.96
CA PRO E 333 -69.82 -32.82 17.01
C PRO E 333 -70.56 -31.56 16.58
N GLU E 334 -69.90 -30.42 16.69
CA GLU E 334 -70.46 -29.14 16.30
C GLU E 334 -70.46 -29.06 14.78
N ARG E 335 -70.57 -30.22 14.15
CA ARG E 335 -70.60 -30.31 12.70
C ARG E 335 -71.93 -29.77 12.18
N LYS E 336 -71.91 -29.28 10.95
CA LYS E 336 -73.09 -28.70 10.28
C LYS E 336 -73.63 -27.47 11.03
N TYR E 337 -73.54 -27.49 12.36
CA TYR E 337 -73.96 -26.35 13.16
C TYR E 337 -72.80 -25.44 13.58
N SER E 338 -71.58 -25.77 13.15
CA SER E 338 -70.37 -25.05 13.57
C SER E 338 -70.32 -23.64 13.10
N VAL E 339 -70.91 -23.35 11.97
CA VAL E 339 -70.90 -22.00 11.49
C VAL E 339 -71.84 -21.17 12.36
N TRP E 340 -73.03 -21.69 12.66
CA TRP E 340 -73.95 -20.94 13.50
C TRP E 340 -73.32 -20.69 14.88
N ILE E 341 -72.71 -21.75 15.45
CA ILE E 341 -72.11 -21.68 16.77
C ILE E 341 -70.97 -20.68 16.75
N GLY E 342 -70.14 -20.72 15.72
CA GLY E 342 -69.07 -19.77 15.63
C GLY E 342 -69.63 -18.36 15.55
N GLY E 343 -70.79 -18.20 14.88
CA GLY E 343 -71.45 -16.89 14.74
C GLY E 343 -71.83 -16.35 16.10
N SER E 344 -72.34 -17.23 16.95
CA SER E 344 -72.69 -16.86 18.30
C SER E 344 -71.44 -16.41 19.07
N ILE E 345 -70.34 -17.17 18.89
CA ILE E 345 -69.08 -16.85 19.54
C ILE E 345 -68.55 -15.50 19.04
N LEU E 346 -68.58 -15.26 17.73
CA LEU E 346 -68.08 -14.00 17.21
C LEU E 346 -68.90 -12.85 17.73
N ALA E 347 -70.22 -12.99 17.69
CA ALA E 347 -71.14 -11.95 18.09
C ALA E 347 -70.95 -11.52 19.54
N SER E 348 -70.60 -12.45 20.44
CA SER E 348 -70.43 -12.13 21.84
C SER E 348 -69.02 -11.64 22.22
N LEU E 349 -68.06 -11.61 21.29
CA LEU E 349 -66.71 -11.17 21.67
C LEU E 349 -66.73 -9.68 21.93
N SER E 350 -66.03 -9.21 22.96
CA SER E 350 -66.01 -7.77 23.24
C SER E 350 -65.32 -6.98 22.14
N THR E 351 -64.37 -7.61 21.48
CA THR E 351 -63.60 -6.99 20.41
C THR E 351 -64.39 -6.92 19.12
N PHE E 352 -65.51 -7.62 19.06
CA PHE E 352 -66.31 -7.67 17.87
C PHE E 352 -67.30 -6.56 17.89
N GLN E 353 -67.35 -5.81 18.97
CA GLN E 353 -68.37 -4.81 19.01
C GLN E 353 -67.88 -3.58 18.25
N GLN E 354 -66.63 -3.61 17.81
CA GLN E 354 -66.08 -2.52 17.05
C GLN E 354 -66.14 -2.83 15.55
N MET E 355 -66.64 -4.02 15.20
CA MET E 355 -66.68 -4.48 13.81
C MET E 355 -68.01 -4.22 13.09
N TRP E 356 -69.02 -3.76 13.82
CA TRP E 356 -70.37 -3.59 13.28
C TRP E 356 -70.56 -2.39 12.38
N ILE E 357 -71.36 -2.57 11.33
CA ILE E 357 -71.79 -1.48 10.49
C ILE E 357 -72.99 -0.92 11.19
N THR E 358 -73.03 0.36 11.49
CA THR E 358 -74.21 0.85 12.18
C THR E 358 -75.25 1.30 11.16
N LYS E 359 -76.52 1.46 11.58
CA LYS E 359 -77.49 1.99 10.63
C LYS E 359 -77.45 3.52 10.67
N GLN E 360 -76.34 4.00 10.21
CA GLN E 360 -75.94 5.37 10.02
C GLN E 360 -74.94 5.28 8.92
N GLU E 361 -73.86 4.53 9.21
CA GLU E 361 -72.77 4.36 8.27
C GLU E 361 -73.32 3.72 7.01
N TYR E 362 -74.24 2.79 7.18
CA TYR E 362 -74.91 2.12 6.10
C TYR E 362 -75.60 3.08 5.15
N ASP E 363 -76.32 4.07 5.67
CA ASP E 363 -77.09 4.89 4.77
C ASP E 363 -76.20 5.92 4.11
N GLU E 364 -75.16 6.34 4.82
CA GLU E 364 -74.24 7.31 4.26
C GLU E 364 -73.46 6.70 3.07
N ALA E 365 -73.05 5.43 3.20
CA ALA E 365 -72.27 4.73 2.18
C ALA E 365 -73.07 3.83 1.22
N GLY E 366 -74.21 3.29 1.66
CA GLY E 366 -74.96 2.32 0.88
C GLY E 366 -74.38 0.93 1.18
N PRO E 367 -74.96 -0.15 0.63
CA PRO E 367 -74.62 -1.56 0.86
C PRO E 367 -73.23 -1.98 0.45
N SER E 368 -72.55 -1.16 -0.36
CA SER E 368 -71.19 -1.46 -0.79
C SER E 368 -70.25 -1.39 0.41
N ILE E 369 -70.76 -0.79 1.51
CA ILE E 369 -70.08 -0.64 2.79
C ILE E 369 -69.66 -1.97 3.37
N VAL E 370 -70.34 -3.04 3.01
CA VAL E 370 -69.99 -4.34 3.53
C VAL E 370 -68.54 -4.71 3.19
N HIS E 371 -68.02 -4.17 2.08
CA HIS E 371 -66.68 -4.47 1.66
C HIS E 371 -65.66 -3.54 2.34
N ARG E 372 -66.14 -2.49 2.99
CA ARG E 372 -65.27 -1.54 3.67
C ARG E 372 -65.18 -1.93 5.15
N LYS E 373 -66.29 -2.47 5.68
CA LYS E 373 -66.42 -2.80 7.09
C LYS E 373 -66.39 -4.28 7.46
N CYS E 374 -66.82 -5.20 6.58
CA CYS E 374 -66.88 -6.59 6.99
C CYS E 374 -65.72 -7.42 6.47
N PHE E 375 -65.58 -7.45 5.12
CA PHE E 375 -64.54 -8.23 4.43
C PHE E 375 -64.60 -8.06 2.90
N ASP F 1 -42.27 -27.89 -48.52
CA ASP F 1 -42.38 -26.56 -47.93
C ASP F 1 -41.06 -25.81 -47.88
N GLU F 2 -39.96 -26.52 -47.60
CA GLU F 2 -38.64 -25.90 -47.50
C GLU F 2 -37.66 -26.62 -48.42
N ASP F 3 -36.72 -25.86 -49.00
CA ASP F 3 -35.69 -26.40 -49.87
C ASP F 3 -34.25 -26.36 -49.32
N GLU F 4 -34.11 -26.17 -48.01
CA GLU F 4 -32.80 -26.11 -47.36
C GLU F 4 -32.88 -26.66 -45.94
N THR F 5 -31.78 -27.18 -45.43
CA THR F 5 -31.72 -27.72 -44.07
C THR F 5 -31.40 -26.62 -43.07
N THR F 6 -32.30 -25.65 -43.01
CA THR F 6 -32.22 -24.53 -42.08
C THR F 6 -32.50 -25.02 -40.68
N ALA F 7 -31.97 -24.37 -39.67
CA ALA F 7 -32.27 -24.77 -38.31
C ALA F 7 -33.72 -24.51 -37.99
N LEU F 8 -34.31 -25.30 -37.15
CA LEU F 8 -35.66 -25.02 -36.71
C LEU F 8 -35.58 -24.36 -35.37
N VAL F 9 -36.55 -23.52 -35.06
CA VAL F 9 -36.58 -22.84 -33.79
C VAL F 9 -37.90 -23.03 -33.03
N CYS F 10 -37.81 -23.42 -31.75
CA CYS F 10 -39.03 -23.55 -30.95
C CYS F 10 -38.92 -22.91 -29.57
N ASP F 11 -39.90 -22.05 -29.27
CA ASP F 11 -39.96 -21.34 -28.00
C ASP F 11 -41.08 -21.97 -27.17
N ASN F 12 -40.71 -22.92 -26.30
CA ASN F 12 -41.67 -23.77 -25.57
C ASN F 12 -42.02 -23.32 -24.15
N GLY F 13 -43.17 -22.67 -23.96
CA GLY F 13 -43.51 -22.24 -22.60
C GLY F 13 -44.75 -22.95 -22.06
N SER F 14 -45.26 -22.47 -20.92
CA SER F 14 -46.46 -23.03 -20.27
C SER F 14 -47.76 -22.47 -20.87
N GLY F 15 -47.58 -21.62 -21.85
CA GLY F 15 -48.65 -21.00 -22.63
C GLY F 15 -48.67 -21.74 -23.96
N LEU F 16 -48.01 -21.17 -24.97
CA LEU F 16 -47.92 -21.79 -26.28
C LEU F 16 -46.50 -21.98 -26.75
N VAL F 17 -46.31 -22.85 -27.72
CA VAL F 17 -45.01 -23.00 -28.33
C VAL F 17 -44.96 -22.21 -29.63
N LYS F 18 -44.05 -21.24 -29.74
CA LYS F 18 -43.95 -20.55 -31.02
C LYS F 18 -42.99 -21.34 -31.86
N ALA F 19 -43.35 -21.64 -33.10
CA ALA F 19 -42.39 -22.41 -33.87
C ALA F 19 -42.40 -22.06 -35.35
N GLY F 20 -41.26 -22.25 -35.96
CA GLY F 20 -41.04 -21.98 -37.38
C GLY F 20 -39.60 -22.30 -37.68
N PHE F 21 -39.11 -21.83 -38.81
CA PHE F 21 -37.75 -22.16 -39.18
C PHE F 21 -36.84 -20.92 -39.12
N ALA F 22 -35.56 -21.18 -38.90
CA ALA F 22 -34.58 -20.12 -38.84
C ALA F 22 -34.47 -19.44 -40.18
N GLY F 23 -34.35 -18.14 -40.11
CA GLY F 23 -34.23 -17.28 -41.25
C GLY F 23 -35.49 -16.44 -41.41
N ASP F 24 -36.58 -16.85 -40.75
CA ASP F 24 -37.82 -16.11 -40.76
C ASP F 24 -37.79 -15.12 -39.59
N ASP F 25 -38.72 -14.17 -39.57
CA ASP F 25 -38.74 -13.18 -38.48
C ASP F 25 -40.04 -13.30 -37.71
N ALA F 26 -40.63 -14.48 -37.82
CA ALA F 26 -41.85 -14.84 -37.16
C ALA F 26 -41.94 -16.36 -37.17
N PRO F 27 -42.68 -16.98 -36.25
CA PRO F 27 -42.96 -18.39 -36.25
C PRO F 27 -43.88 -18.61 -37.43
N ARG F 28 -43.95 -19.85 -37.91
CA ARG F 28 -44.81 -20.17 -39.04
C ARG F 28 -46.20 -20.46 -38.51
N ALA F 29 -46.25 -20.94 -37.26
CA ALA F 29 -47.49 -21.28 -36.59
C ALA F 29 -47.27 -21.32 -35.08
N VAL F 30 -48.37 -21.17 -34.35
CA VAL F 30 -48.29 -21.25 -32.90
C VAL F 30 -49.03 -22.49 -32.41
N PHE F 31 -48.37 -23.21 -31.52
CA PHE F 31 -48.86 -24.47 -31.01
C PHE F 31 -49.06 -24.49 -29.51
N PRO F 32 -50.26 -24.26 -29.00
CA PRO F 32 -50.56 -24.17 -27.60
C PRO F 32 -49.99 -25.39 -26.91
N SER F 33 -49.37 -25.22 -25.72
CA SER F 33 -48.74 -26.34 -25.04
C SER F 33 -49.82 -27.13 -24.31
N ILE F 34 -50.71 -27.69 -25.10
CA ILE F 34 -51.89 -28.36 -24.60
C ILE F 34 -52.13 -29.75 -25.13
N VAL F 35 -52.45 -30.65 -24.21
CA VAL F 35 -52.95 -31.94 -24.61
C VAL F 35 -54.35 -32.08 -24.03
N GLY F 36 -55.30 -32.31 -24.91
CA GLY F 36 -56.68 -32.43 -24.49
C GLY F 36 -57.13 -33.85 -24.43
N ARG F 37 -58.00 -34.14 -23.47
CA ARG F 37 -58.53 -35.49 -23.34
C ARG F 37 -60.02 -35.42 -23.01
N PRO F 38 -60.87 -36.28 -23.57
CA PRO F 38 -62.29 -36.27 -23.32
C PRO F 38 -62.54 -36.57 -21.86
N ARG F 39 -63.51 -35.86 -21.29
CA ARG F 39 -63.90 -36.08 -19.90
C ARG F 39 -65.29 -36.70 -19.84
N HIS F 40 -65.74 -37.18 -21.00
CA HIS F 40 -67.05 -37.78 -21.21
C HIS F 40 -66.98 -39.14 -21.88
N GLN F 41 -67.98 -39.97 -21.60
CA GLN F 41 -68.14 -41.29 -22.21
C GLN F 41 -68.81 -41.22 -23.56
N GLY F 42 -68.17 -41.82 -24.56
CA GLY F 42 -68.70 -41.85 -25.91
C GLY F 42 -69.92 -42.75 -26.01
N VAL F 43 -70.88 -42.35 -26.85
CA VAL F 43 -72.08 -43.14 -27.11
C VAL F 43 -72.23 -43.55 -28.57
N MET F 44 -71.82 -42.68 -29.50
CA MET F 44 -72.00 -42.97 -30.92
C MET F 44 -70.73 -43.61 -31.47
N VAL F 45 -70.86 -44.36 -32.57
CA VAL F 45 -69.68 -44.95 -33.21
C VAL F 45 -69.55 -44.46 -34.65
N GLY F 46 -68.35 -44.56 -35.22
CA GLY F 46 -68.16 -44.07 -36.59
C GLY F 46 -68.06 -42.54 -36.55
N MET F 47 -67.56 -42.04 -35.43
CA MET F 47 -67.42 -40.62 -35.13
C MET F 47 -66.00 -40.10 -35.26
N GLY F 48 -65.08 -40.89 -35.82
CA GLY F 48 -63.70 -40.45 -35.83
C GLY F 48 -63.24 -40.40 -34.37
N GLN F 49 -62.79 -39.22 -33.94
CA GLN F 49 -62.30 -38.92 -32.58
C GLN F 49 -60.86 -39.33 -32.35
N LYS F 50 -60.23 -38.68 -31.38
CA LYS F 50 -58.85 -38.95 -31.03
C LYS F 50 -58.77 -39.52 -29.62
N ASP F 51 -57.68 -40.20 -29.29
CA ASP F 51 -57.49 -40.68 -27.92
C ASP F 51 -57.09 -39.48 -27.07
N SER F 52 -56.36 -38.60 -27.72
CA SER F 52 -55.86 -37.36 -27.18
C SER F 52 -55.74 -36.35 -28.31
N TYR F 53 -55.87 -35.08 -27.96
CA TYR F 53 -55.83 -34.00 -28.93
C TYR F 53 -54.68 -33.10 -28.62
N VAL F 54 -54.06 -32.47 -29.61
CA VAL F 54 -52.99 -31.53 -29.22
C VAL F 54 -53.11 -30.15 -29.83
N GLY F 55 -52.51 -29.16 -29.18
CA GLY F 55 -52.40 -27.83 -29.77
C GLY F 55 -53.77 -27.26 -30.10
N ASP F 56 -53.92 -26.89 -31.37
CA ASP F 56 -55.14 -26.33 -31.85
C ASP F 56 -56.27 -27.37 -31.94
N GLU F 57 -55.94 -28.68 -32.01
CA GLU F 57 -57.00 -29.68 -32.05
C GLU F 57 -57.65 -29.71 -30.68
N ALA F 58 -56.77 -29.60 -29.69
CA ALA F 58 -57.19 -29.64 -28.29
C ALA F 58 -58.07 -28.45 -27.98
N GLN F 59 -57.75 -27.28 -28.53
CA GLN F 59 -58.64 -26.15 -28.30
C GLN F 59 -59.92 -26.24 -29.13
N SER F 60 -59.85 -26.68 -30.39
CA SER F 60 -61.06 -26.71 -31.24
C SER F 60 -62.15 -27.64 -30.73
N LYS F 61 -61.77 -28.76 -30.12
CA LYS F 61 -62.73 -29.74 -29.61
C LYS F 61 -62.94 -29.66 -28.09
N ARG F 62 -62.45 -28.57 -27.48
CA ARG F 62 -62.42 -28.36 -26.03
C ARG F 62 -63.75 -28.41 -25.32
N GLY F 63 -64.87 -28.30 -26.01
CA GLY F 63 -66.16 -28.30 -25.34
C GLY F 63 -66.33 -29.50 -24.40
N ILE F 64 -65.76 -30.67 -24.75
CA ILE F 64 -65.87 -31.84 -23.86
C ILE F 64 -64.53 -32.38 -23.40
N LEU F 65 -63.48 -31.58 -23.53
CA LEU F 65 -62.15 -32.05 -23.15
C LEU F 65 -61.68 -31.36 -21.91
N THR F 66 -60.81 -32.01 -21.18
CA THR F 66 -60.13 -31.34 -20.10
C THR F 66 -58.79 -30.98 -20.74
N LEU F 67 -58.35 -29.74 -20.56
CA LEU F 67 -57.09 -29.35 -21.18
C LEU F 67 -55.97 -29.16 -20.18
N LYS F 68 -54.90 -29.92 -20.39
CA LYS F 68 -53.73 -29.91 -19.52
C LYS F 68 -52.52 -29.28 -20.21
N TYR F 69 -51.72 -28.59 -19.42
CA TYR F 69 -50.48 -27.97 -19.88
C TYR F 69 -49.25 -28.71 -19.30
N PRO F 70 -48.41 -29.40 -20.12
CA PRO F 70 -47.22 -30.18 -19.75
C PRO F 70 -46.05 -29.39 -19.12
N ILE F 71 -46.08 -28.06 -19.25
CA ILE F 71 -45.02 -27.19 -18.73
C ILE F 71 -45.47 -26.30 -17.57
N GLU F 72 -44.69 -26.32 -16.49
CA GLU F 72 -44.96 -25.52 -15.30
C GLU F 72 -43.78 -24.62 -14.94
N HIS F 73 -43.98 -23.31 -14.99
CA HIS F 73 -42.94 -22.33 -14.66
C HIS F 73 -41.68 -22.53 -15.47
N GLY F 74 -41.82 -22.94 -16.73
CA GLY F 74 -40.69 -23.18 -17.62
C GLY F 74 -40.15 -24.62 -17.63
N ILE F 75 -40.66 -25.48 -16.75
CA ILE F 75 -40.20 -26.86 -16.67
C ILE F 75 -41.16 -27.87 -17.27
N ILE F 76 -40.66 -28.75 -18.14
CA ILE F 76 -41.56 -29.76 -18.66
C ILE F 76 -41.68 -30.82 -17.59
N THR F 77 -42.91 -31.10 -17.17
CA THR F 77 -43.14 -32.10 -16.16
C THR F 77 -43.68 -33.34 -16.84
N ASN F 78 -44.27 -33.11 -18.02
CA ASN F 78 -44.81 -34.20 -18.81
C ASN F 78 -44.28 -34.14 -20.24
N TRP F 79 -43.20 -34.85 -20.47
CA TRP F 79 -42.57 -34.77 -21.77
C TRP F 79 -43.15 -35.72 -22.78
N ASP F 80 -43.98 -36.65 -22.35
CA ASP F 80 -44.61 -37.55 -23.31
C ASP F 80 -45.62 -36.70 -24.07
N ASP F 81 -46.28 -35.78 -23.34
CA ASP F 81 -47.23 -34.89 -23.95
C ASP F 81 -46.49 -33.89 -24.83
N MET F 82 -45.31 -33.45 -24.43
CA MET F 82 -44.60 -32.53 -25.32
C MET F 82 -44.17 -33.24 -26.61
N GLU F 83 -43.81 -34.53 -26.55
CA GLU F 83 -43.45 -35.21 -27.80
C GLU F 83 -44.63 -35.25 -28.77
N LYS F 84 -45.86 -35.46 -28.27
CA LYS F 84 -47.02 -35.45 -29.17
C LYS F 84 -47.25 -34.06 -29.77
N ILE F 85 -47.08 -33.01 -28.95
CA ILE F 85 -47.27 -31.64 -29.42
C ILE F 85 -46.22 -31.33 -30.49
N TRP F 86 -44.97 -31.70 -30.22
CA TRP F 86 -43.86 -31.51 -31.14
C TRP F 86 -44.03 -32.32 -32.41
N HIS F 87 -44.49 -33.56 -32.33
CA HIS F 87 -44.68 -34.34 -33.53
C HIS F 87 -45.65 -33.60 -34.45
N HIS F 88 -46.76 -33.14 -33.89
CA HIS F 88 -47.77 -32.39 -34.64
C HIS F 88 -47.15 -31.10 -35.21
N THR F 89 -46.47 -30.36 -34.35
CA THR F 89 -45.85 -29.11 -34.74
C THR F 89 -44.95 -29.29 -35.95
N PHE F 90 -44.10 -30.28 -35.89
CA PHE F 90 -43.13 -30.51 -36.93
C PHE F 90 -43.67 -31.19 -38.19
N TYR F 91 -44.35 -32.32 -38.02
CA TYR F 91 -44.74 -33.10 -39.17
C TYR F 91 -46.10 -32.75 -39.78
N ASN F 92 -47.05 -32.20 -39.02
CA ASN F 92 -48.34 -31.93 -39.60
C ASN F 92 -48.50 -30.47 -40.05
N GLU F 93 -48.07 -29.54 -39.19
CA GLU F 93 -48.30 -28.13 -39.48
C GLU F 93 -47.14 -27.27 -39.98
N LEU F 94 -45.93 -27.38 -39.39
CA LEU F 94 -44.84 -26.54 -39.86
C LEU F 94 -44.21 -27.14 -41.11
N ARG F 95 -44.43 -28.45 -41.25
CA ARG F 95 -43.92 -29.33 -42.31
C ARG F 95 -42.39 -29.41 -42.39
N VAL F 96 -41.76 -29.34 -41.23
CA VAL F 96 -40.33 -29.45 -41.04
C VAL F 96 -40.10 -30.28 -39.82
N ALA F 97 -39.00 -30.97 -39.71
CA ALA F 97 -38.78 -31.68 -38.48
C ALA F 97 -37.30 -31.80 -38.21
N PRO F 98 -36.86 -31.90 -36.93
CA PRO F 98 -35.49 -32.03 -36.49
C PRO F 98 -34.76 -33.13 -37.24
N GLU F 99 -35.49 -34.15 -37.65
CA GLU F 99 -34.91 -35.26 -38.38
C GLU F 99 -34.03 -34.79 -39.56
N GLU F 100 -34.45 -33.74 -40.27
CA GLU F 100 -33.69 -33.23 -41.41
C GLU F 100 -33.16 -31.80 -41.18
N HIS F 101 -33.22 -31.32 -39.95
CA HIS F 101 -32.86 -29.95 -39.61
C HIS F 101 -32.24 -29.82 -38.20
N PRO F 102 -31.22 -28.99 -37.95
CA PRO F 102 -30.67 -28.75 -36.61
C PRO F 102 -31.74 -27.97 -35.80
N THR F 103 -31.78 -28.10 -34.46
CA THR F 103 -32.85 -27.40 -33.69
C THR F 103 -32.38 -26.53 -32.52
N LEU F 104 -32.89 -25.31 -32.47
CA LEU F 104 -32.60 -24.38 -31.38
C LEU F 104 -33.79 -24.25 -30.44
N LEU F 105 -33.50 -24.34 -29.15
CA LEU F 105 -34.49 -24.19 -28.10
C LEU F 105 -34.22 -22.92 -27.31
N THR F 106 -35.28 -22.30 -26.80
CA THR F 106 -35.08 -21.08 -25.99
C THR F 106 -35.29 -21.36 -24.47
N GLU F 107 -34.36 -20.90 -23.60
CA GLU F 107 -34.46 -21.09 -22.14
C GLU F 107 -33.99 -19.93 -21.23
N ALA F 108 -34.50 -19.91 -20.00
CA ALA F 108 -34.02 -18.96 -19.00
C ALA F 108 -32.64 -19.41 -18.41
N PRO F 109 -31.71 -18.49 -18.08
CA PRO F 109 -30.42 -18.77 -17.44
C PRO F 109 -30.44 -19.63 -16.17
N LEU F 110 -31.52 -19.58 -15.37
CA LEU F 110 -31.61 -20.37 -14.14
C LEU F 110 -32.65 -21.46 -14.25
N ASN F 111 -33.04 -21.80 -15.47
CA ASN F 111 -33.99 -22.86 -15.69
C ASN F 111 -33.30 -24.11 -15.13
N PRO F 112 -33.94 -24.96 -14.30
CA PRO F 112 -33.31 -26.13 -13.73
C PRO F 112 -32.63 -26.89 -14.84
N LYS F 113 -31.39 -27.25 -14.60
CA LYS F 113 -30.57 -27.86 -15.64
C LYS F 113 -31.10 -29.17 -16.19
N ALA F 114 -31.82 -29.93 -15.37
CA ALA F 114 -32.39 -31.23 -15.74
C ALA F 114 -33.41 -31.10 -16.87
N ASN F 115 -33.98 -29.90 -17.01
CA ASN F 115 -35.01 -29.66 -17.99
C ASN F 115 -34.38 -29.56 -19.37
N ARG F 116 -33.13 -29.06 -19.44
CA ARG F 116 -32.48 -28.95 -20.73
C ARG F 116 -31.98 -30.30 -21.11
N GLU F 117 -31.58 -31.06 -20.10
CA GLU F 117 -31.05 -32.39 -20.33
C GLU F 117 -32.14 -33.25 -20.97
N LYS F 118 -33.38 -33.16 -20.45
CA LYS F 118 -34.45 -33.94 -21.04
C LYS F 118 -34.85 -33.44 -22.43
N MET F 119 -34.89 -32.12 -22.66
CA MET F 119 -35.29 -31.67 -23.99
C MET F 119 -34.23 -32.07 -25.02
N THR F 120 -32.95 -32.05 -24.58
CA THR F 120 -31.84 -32.43 -25.43
C THR F 120 -31.97 -33.89 -25.79
N GLN F 121 -32.29 -34.74 -24.82
CA GLN F 121 -32.45 -36.15 -25.12
C GLN F 121 -33.57 -36.38 -26.10
N ILE F 122 -34.68 -35.68 -25.94
CA ILE F 122 -35.81 -35.90 -26.83
C ILE F 122 -35.53 -35.48 -28.26
N MET F 123 -34.97 -34.30 -28.45
CA MET F 123 -34.75 -33.92 -29.83
C MET F 123 -33.72 -34.82 -30.51
N PHE F 124 -32.69 -35.30 -29.77
CA PHE F 124 -31.71 -36.21 -30.39
C PHE F 124 -32.18 -37.67 -30.55
N GLU F 125 -32.97 -38.20 -29.59
CA GLU F 125 -33.39 -39.61 -29.70
C GLU F 125 -34.81 -39.85 -30.26
N THR F 126 -35.74 -38.90 -30.11
CA THR F 126 -37.10 -39.10 -30.61
C THR F 126 -37.25 -38.46 -31.97
N PHE F 127 -36.68 -37.27 -32.13
CA PHE F 127 -36.83 -36.58 -33.41
C PHE F 127 -35.58 -36.65 -34.30
N ASN F 128 -34.55 -37.34 -33.83
CA ASN F 128 -33.30 -37.55 -34.56
C ASN F 128 -32.64 -36.28 -35.10
N VAL F 129 -32.60 -35.22 -34.29
CA VAL F 129 -32.03 -33.98 -34.78
C VAL F 129 -30.52 -34.17 -34.99
N PRO F 130 -29.92 -33.71 -36.11
CA PRO F 130 -28.49 -33.80 -36.37
C PRO F 130 -27.66 -32.90 -35.45
N ALA F 131 -28.27 -31.86 -34.87
CA ALA F 131 -27.56 -30.95 -33.98
C ALA F 131 -28.49 -30.12 -33.10
N MET F 132 -27.97 -29.65 -31.96
CA MET F 132 -28.74 -28.79 -31.06
C MET F 132 -28.04 -27.65 -30.37
N TYR F 133 -28.84 -26.64 -30.02
CA TYR F 133 -28.34 -25.60 -29.15
C TYR F 133 -29.47 -25.04 -28.32
N VAL F 134 -29.21 -24.80 -27.04
CA VAL F 134 -30.21 -24.19 -26.20
C VAL F 134 -29.70 -22.79 -25.87
N ALA F 135 -30.48 -21.80 -26.26
CA ALA F 135 -30.09 -20.41 -26.12
C ALA F 135 -30.81 -19.69 -25.01
N ILE F 136 -30.16 -18.66 -24.50
CA ILE F 136 -30.73 -17.79 -23.48
C ILE F 136 -31.79 -16.87 -24.08
N GLN F 137 -32.98 -16.85 -23.47
CA GLN F 137 -34.09 -16.03 -23.98
C GLN F 137 -33.74 -14.52 -24.01
N ALA F 138 -32.96 -14.07 -23.04
CA ALA F 138 -32.52 -12.68 -23.00
C ALA F 138 -31.62 -12.33 -24.19
N VAL F 139 -30.81 -13.29 -24.62
CA VAL F 139 -29.92 -13.09 -25.75
C VAL F 139 -30.73 -12.94 -26.98
N LEU F 140 -31.72 -13.79 -27.07
CA LEU F 140 -32.55 -13.80 -28.24
C LEU F 140 -33.35 -12.49 -28.31
N SER F 141 -33.80 -11.98 -27.17
CA SER F 141 -34.54 -10.73 -27.14
C SER F 141 -33.65 -9.57 -27.58
N LEU F 142 -32.39 -9.58 -27.12
CA LEU F 142 -31.45 -8.53 -27.50
C LEU F 142 -31.12 -8.59 -28.99
N TYR F 143 -30.98 -9.79 -29.58
CA TYR F 143 -30.70 -9.78 -31.01
C TYR F 143 -31.88 -9.22 -31.79
N ALA F 144 -33.08 -9.66 -31.41
CA ALA F 144 -34.31 -9.25 -32.11
C ALA F 144 -34.53 -7.75 -31.98
N SER F 145 -34.12 -7.20 -30.83
CA SER F 145 -34.28 -5.80 -30.49
C SER F 145 -33.18 -4.90 -31.04
N GLY F 146 -32.12 -5.46 -31.65
CA GLY F 146 -31.03 -4.61 -32.11
C GLY F 146 -30.11 -4.11 -30.98
N ARG F 147 -29.92 -4.91 -29.94
CA ARG F 147 -29.08 -4.53 -28.80
C ARG F 147 -28.08 -5.60 -28.35
N THR F 148 -27.01 -5.16 -27.70
CA THR F 148 -26.04 -6.07 -27.06
C THR F 148 -26.06 -5.87 -25.55
N THR F 149 -26.79 -4.84 -25.13
CA THR F 149 -26.89 -4.41 -23.75
C THR F 149 -28.31 -4.13 -23.31
N GLY F 150 -28.66 -4.56 -22.11
CA GLY F 150 -29.94 -4.22 -21.49
C GLY F 150 -30.43 -5.20 -20.45
N ILE F 151 -31.52 -4.82 -19.79
CA ILE F 151 -32.12 -5.71 -18.80
C ILE F 151 -33.22 -6.40 -19.50
N VAL F 152 -33.19 -7.72 -19.59
CA VAL F 152 -34.30 -8.30 -20.32
C VAL F 152 -35.32 -8.94 -19.42
N LEU F 153 -36.52 -8.42 -19.54
CA LEU F 153 -37.65 -8.93 -18.80
C LEU F 153 -38.34 -9.80 -19.82
N ASP F 154 -38.16 -11.11 -19.70
CA ASP F 154 -38.63 -12.05 -20.69
C ASP F 154 -40.05 -12.52 -20.48
N SER F 155 -40.71 -11.98 -19.47
CA SER F 155 -42.12 -12.21 -19.18
C SER F 155 -42.66 -13.54 -19.71
N GLY F 156 -42.33 -14.66 -19.08
CA GLY F 156 -42.80 -15.91 -19.64
C GLY F 156 -44.24 -16.13 -19.21
N ASP F 157 -44.74 -17.35 -19.41
CA ASP F 157 -46.09 -17.67 -19.06
C ASP F 157 -46.13 -18.04 -17.57
N GLY F 158 -45.10 -18.79 -17.10
CA GLY F 158 -45.07 -19.22 -15.71
C GLY F 158 -43.98 -18.58 -14.81
N VAL F 159 -43.00 -17.89 -15.41
CA VAL F 159 -41.91 -17.26 -14.65
C VAL F 159 -41.31 -16.08 -15.42
N THR F 160 -40.84 -15.04 -14.71
CA THR F 160 -40.10 -13.95 -15.37
C THR F 160 -38.67 -14.05 -14.85
N HIS F 161 -37.70 -14.07 -15.78
CA HIS F 161 -36.27 -14.24 -15.46
C HIS F 161 -35.46 -13.00 -15.03
N ASN F 162 -35.68 -11.87 -15.70
CA ASN F 162 -35.02 -10.59 -15.41
C ASN F 162 -33.47 -10.61 -15.36
N VAL F 163 -32.80 -10.78 -16.52
CA VAL F 163 -31.33 -10.82 -16.50
C VAL F 163 -30.63 -9.66 -17.24
N PRO F 164 -29.72 -8.93 -16.58
CA PRO F 164 -28.90 -7.91 -17.17
C PRO F 164 -27.79 -8.51 -18.01
N ILE F 165 -27.60 -7.94 -19.20
CA ILE F 165 -26.54 -8.28 -20.15
C ILE F 165 -25.80 -7.00 -20.56
N TYR F 166 -24.48 -7.01 -20.51
CA TYR F 166 -23.70 -5.83 -20.90
C TYR F 166 -22.59 -6.18 -21.87
N GLU F 167 -22.55 -5.50 -23.02
CA GLU F 167 -21.54 -5.79 -24.05
C GLU F 167 -21.54 -7.25 -24.44
N GLY F 168 -22.70 -7.88 -24.45
CA GLY F 168 -22.78 -9.28 -24.79
C GLY F 168 -22.43 -10.25 -23.64
N TYR F 169 -22.15 -9.74 -22.44
CA TYR F 169 -21.79 -10.63 -21.34
C TYR F 169 -22.85 -10.70 -20.26
N ALA F 170 -23.01 -11.87 -19.62
CA ALA F 170 -24.01 -11.98 -18.58
C ALA F 170 -23.48 -11.32 -17.34
N LEU F 171 -24.37 -10.74 -16.55
CA LEU F 171 -24.02 -10.18 -15.27
C LEU F 171 -24.89 -10.91 -14.23
N PRO F 172 -24.66 -12.22 -13.99
CA PRO F 172 -25.52 -13.14 -13.26
C PRO F 172 -25.77 -12.77 -11.81
N HIS F 173 -24.89 -11.99 -11.21
CA HIS F 173 -25.04 -11.65 -9.82
C HIS F 173 -26.19 -10.67 -9.62
N ALA F 174 -26.64 -10.07 -10.73
CA ALA F 174 -27.70 -9.09 -10.70
C ALA F 174 -29.01 -9.66 -11.30
N ILE F 175 -29.13 -10.99 -11.42
CA ILE F 175 -30.39 -11.57 -11.89
C ILE F 175 -31.41 -11.53 -10.78
N MET F 176 -32.61 -11.03 -11.09
CA MET F 176 -33.64 -10.93 -10.07
C MET F 176 -34.86 -11.74 -10.51
N ARG F 177 -34.75 -13.06 -10.45
CA ARG F 177 -35.82 -13.92 -10.96
C ARG F 177 -37.06 -13.78 -10.09
N LEU F 178 -38.22 -13.71 -10.72
CA LEU F 178 -39.48 -13.56 -9.98
C LEU F 178 -40.55 -14.59 -10.38
N ASP F 179 -41.15 -15.23 -9.39
CA ASP F 179 -42.19 -16.21 -9.68
C ASP F 179 -43.55 -15.53 -9.89
N LEU F 180 -43.61 -14.78 -10.98
CA LEU F 180 -44.77 -14.03 -11.48
C LEU F 180 -44.73 -13.93 -12.99
N ALA F 181 -45.80 -14.41 -13.60
CA ALA F 181 -45.89 -14.41 -15.05
C ALA F 181 -47.33 -14.33 -15.57
N GLY F 182 -47.49 -14.37 -16.90
CA GLY F 182 -48.82 -14.19 -17.51
C GLY F 182 -49.90 -15.14 -16.98
N ARG F 183 -49.53 -16.36 -16.61
CA ARG F 183 -50.49 -17.33 -16.09
C ARG F 183 -50.99 -16.99 -14.68
N ASP F 184 -50.20 -16.23 -13.93
CA ASP F 184 -50.56 -15.84 -12.58
C ASP F 184 -51.44 -14.62 -12.67
N LEU F 185 -51.22 -13.83 -13.71
CA LEU F 185 -52.02 -12.64 -13.88
C LEU F 185 -53.45 -13.13 -14.18
N THR F 186 -53.57 -14.24 -14.97
CA THR F 186 -54.87 -14.82 -15.31
C THR F 186 -55.56 -15.27 -14.04
N ASP F 187 -54.81 -15.92 -13.12
CA ASP F 187 -55.42 -16.35 -11.86
C ASP F 187 -56.01 -15.18 -11.09
N TYR F 188 -55.30 -14.06 -11.02
CA TYR F 188 -55.86 -12.94 -10.29
C TYR F 188 -57.15 -12.50 -10.96
N LEU F 189 -57.14 -12.41 -12.31
CA LEU F 189 -58.32 -11.95 -13.01
C LEU F 189 -59.50 -12.86 -12.78
N MET F 190 -59.31 -14.17 -12.84
CA MET F 190 -60.48 -15.01 -12.65
C MET F 190 -61.03 -14.89 -11.24
N LYS F 191 -60.18 -14.62 -10.24
CA LYS F 191 -60.69 -14.50 -8.90
C LYS F 191 -61.54 -13.23 -8.74
N ILE F 192 -61.09 -12.12 -9.33
CA ILE F 192 -61.86 -10.89 -9.23
C ILE F 192 -63.11 -10.93 -10.13
N LEU F 193 -63.07 -11.67 -11.24
CA LEU F 193 -64.27 -11.80 -12.06
C LEU F 193 -65.27 -12.72 -11.36
N THR F 194 -64.76 -13.65 -10.53
CA THR F 194 -65.60 -14.53 -9.72
C THR F 194 -66.37 -13.65 -8.73
N GLU F 195 -65.69 -12.66 -8.15
CA GLU F 195 -66.34 -11.74 -7.20
C GLU F 195 -67.50 -10.99 -7.86
N ARG F 196 -67.40 -10.74 -9.16
CA ARG F 196 -68.45 -10.03 -9.89
C ARG F 196 -69.61 -10.93 -10.32
N GLY F 197 -69.51 -12.23 -10.06
CA GLY F 197 -70.55 -13.17 -10.43
C GLY F 197 -70.25 -14.07 -11.64
N TYR F 198 -69.01 -14.07 -12.13
CA TYR F 198 -68.62 -14.90 -13.25
C TYR F 198 -67.46 -15.80 -12.90
N SER F 199 -67.76 -16.92 -12.27
CA SER F 199 -66.73 -17.88 -11.86
C SER F 199 -66.13 -18.52 -13.10
N PHE F 200 -64.82 -18.77 -13.08
CA PHE F 200 -64.17 -19.51 -14.16
C PHE F 200 -63.39 -20.68 -13.55
N VAL F 201 -63.92 -21.90 -13.69
CA VAL F 201 -63.34 -23.06 -13.01
C VAL F 201 -62.87 -24.17 -13.96
N THR F 202 -63.77 -24.59 -14.84
CA THR F 202 -63.55 -25.75 -15.71
C THR F 202 -62.74 -25.34 -16.92
N THR F 203 -62.33 -26.29 -17.74
CA THR F 203 -61.48 -25.98 -18.87
C THR F 203 -61.98 -24.94 -19.85
N ALA F 204 -63.25 -25.00 -20.27
CA ALA F 204 -63.71 -24.01 -21.23
C ALA F 204 -63.61 -22.62 -20.63
N GLU F 205 -63.96 -22.56 -19.36
CA GLU F 205 -63.96 -21.33 -18.60
C GLU F 205 -62.54 -20.79 -18.39
N ARG F 206 -61.60 -21.69 -18.16
CA ARG F 206 -60.21 -21.31 -17.97
C ARG F 206 -59.65 -20.65 -19.23
N GLU F 207 -60.02 -21.19 -20.39
CA GLU F 207 -59.56 -20.66 -21.67
C GLU F 207 -60.21 -19.29 -21.94
N ILE F 208 -61.47 -19.12 -21.54
CA ILE F 208 -62.14 -17.84 -21.75
C ILE F 208 -61.51 -16.75 -20.95
N VAL F 209 -61.25 -16.99 -19.67
CA VAL F 209 -60.68 -15.90 -18.90
C VAL F 209 -59.28 -15.53 -19.38
N ARG F 210 -58.50 -16.51 -19.85
CA ARG F 210 -57.22 -16.16 -20.44
C ARG F 210 -57.44 -15.23 -21.65
N ASP F 211 -58.43 -15.56 -22.49
CA ASP F 211 -58.74 -14.77 -23.69
C ASP F 211 -59.23 -13.37 -23.32
N ILE F 212 -59.99 -13.25 -22.20
CA ILE F 212 -60.47 -11.94 -21.76
C ILE F 212 -59.29 -11.10 -21.41
N LYS F 213 -58.36 -11.64 -20.65
CA LYS F 213 -57.20 -10.88 -20.26
C LYS F 213 -56.45 -10.34 -21.46
N GLU F 214 -56.17 -11.21 -22.44
CA GLU F 214 -55.38 -10.81 -23.59
C GLU F 214 -56.01 -9.69 -24.41
N LYS F 215 -57.36 -9.71 -24.53
CA LYS F 215 -58.05 -8.69 -25.31
C LYS F 215 -58.52 -7.43 -24.56
N LEU F 216 -58.88 -7.55 -23.27
CA LEU F 216 -59.43 -6.40 -22.55
C LEU F 216 -58.49 -5.69 -21.60
N CYS F 217 -57.46 -6.37 -21.11
CA CYS F 217 -56.65 -5.78 -20.07
C CYS F 217 -55.50 -4.86 -20.48
N TYR F 218 -55.15 -3.97 -19.55
CA TYR F 218 -54.07 -2.99 -19.68
C TYR F 218 -53.48 -2.60 -18.34
N VAL F 219 -52.31 -1.96 -18.32
CA VAL F 219 -51.75 -1.54 -17.03
C VAL F 219 -51.99 -0.06 -16.73
N ALA F 220 -51.84 0.80 -17.75
CA ALA F 220 -51.92 2.26 -17.62
C ALA F 220 -50.69 2.80 -16.89
N LEU F 221 -50.38 4.06 -17.13
CA LEU F 221 -49.25 4.72 -16.46
C LEU F 221 -49.52 5.04 -14.98
N ASP F 222 -50.78 5.21 -14.57
CA ASP F 222 -51.11 5.55 -13.19
C ASP F 222 -52.33 4.78 -12.68
N PHE F 223 -52.07 3.73 -11.90
CA PHE F 223 -53.09 2.79 -11.39
C PHE F 223 -54.16 3.43 -10.54
N GLU F 224 -53.74 4.25 -9.59
CA GLU F 224 -54.65 4.86 -8.66
C GLU F 224 -55.60 5.84 -9.34
N ASN F 225 -55.10 6.63 -10.29
CA ASN F 225 -55.98 7.55 -10.98
C ASN F 225 -56.89 6.79 -11.95
N GLU F 226 -56.37 5.69 -12.51
CA GLU F 226 -57.15 4.93 -13.46
C GLU F 226 -58.32 4.31 -12.69
N MET F 227 -58.05 3.83 -11.47
CA MET F 227 -59.08 3.27 -10.59
C MET F 227 -60.01 4.29 -10.05
N ALA F 228 -59.54 5.49 -9.75
CA ALA F 228 -60.49 6.47 -9.22
C ALA F 228 -61.64 6.65 -10.21
N THR F 229 -61.33 6.63 -11.52
CA THR F 229 -62.39 6.73 -12.49
C THR F 229 -63.04 5.35 -12.78
N ALA F 230 -62.25 4.31 -13.00
CA ALA F 230 -62.82 3.00 -13.37
C ALA F 230 -63.73 2.42 -12.31
N ALA F 231 -63.45 2.71 -11.04
CA ALA F 231 -64.26 2.24 -9.94
C ALA F 231 -65.50 3.10 -9.74
N SER F 232 -65.56 4.26 -10.40
CA SER F 232 -66.65 5.21 -10.25
C SER F 232 -67.56 5.28 -11.47
N SER F 233 -67.07 4.86 -12.63
CA SER F 233 -67.87 5.02 -13.84
C SER F 233 -67.87 3.89 -14.86
N SER F 234 -69.07 3.64 -15.36
CA SER F 234 -69.40 2.63 -16.36
C SER F 234 -68.76 2.93 -17.71
N SER F 235 -68.27 4.15 -17.89
CA SER F 235 -67.63 4.55 -19.13
C SER F 235 -66.29 3.83 -19.31
N LEU F 236 -65.78 3.21 -18.25
CA LEU F 236 -64.53 2.48 -18.29
C LEU F 236 -64.74 0.98 -18.40
N GLU F 237 -66.01 0.55 -18.51
CA GLU F 237 -66.33 -0.85 -18.59
C GLU F 237 -66.39 -1.35 -20.03
N LYS F 238 -66.04 -2.61 -20.20
CA LYS F 238 -66.14 -3.27 -21.49
C LYS F 238 -66.79 -4.63 -21.39
N SER F 239 -67.74 -4.89 -22.29
CA SER F 239 -68.42 -6.16 -22.35
C SER F 239 -67.73 -7.11 -23.33
N TYR F 240 -67.32 -8.25 -22.83
CA TYR F 240 -66.65 -9.31 -23.59
C TYR F 240 -67.63 -10.41 -23.95
N GLU F 241 -67.59 -10.86 -25.21
CA GLU F 241 -68.49 -11.91 -25.65
C GLU F 241 -68.01 -13.31 -25.29
N LEU F 242 -68.85 -14.01 -24.55
CA LEU F 242 -68.59 -15.35 -24.10
C LEU F 242 -69.08 -16.25 -25.26
N PRO F 243 -68.55 -17.47 -25.43
CA PRO F 243 -68.91 -18.40 -26.49
C PRO F 243 -70.39 -18.71 -26.69
N ASP F 244 -71.22 -18.62 -25.65
CA ASP F 244 -72.61 -18.95 -25.81
C ASP F 244 -73.51 -17.75 -26.14
N GLY F 245 -72.93 -16.58 -26.40
CA GLY F 245 -73.72 -15.40 -26.73
C GLY F 245 -73.94 -14.48 -25.53
N GLN F 246 -73.56 -14.94 -24.34
CA GLN F 246 -73.72 -14.13 -23.15
C GLN F 246 -72.51 -13.22 -23.05
N VAL F 247 -72.61 -12.16 -22.25
CA VAL F 247 -71.44 -11.32 -22.09
C VAL F 247 -71.08 -11.13 -20.63
N ILE F 248 -69.83 -10.75 -20.44
CA ILE F 248 -69.30 -10.38 -19.13
C ILE F 248 -68.87 -8.93 -19.18
N THR F 249 -69.32 -8.13 -18.24
CA THR F 249 -68.91 -6.73 -18.24
C THR F 249 -67.89 -6.55 -17.14
N ILE F 250 -66.73 -6.02 -17.53
CA ILE F 250 -65.56 -5.85 -16.71
C ILE F 250 -65.15 -4.37 -16.54
N GLY F 251 -64.93 -3.94 -15.28
CA GLY F 251 -64.58 -2.56 -14.94
C GLY F 251 -63.11 -2.42 -14.60
N ASN F 252 -62.79 -2.11 -13.33
CA ASN F 252 -61.41 -1.86 -12.97
C ASN F 252 -60.57 -3.14 -12.88
N GLU F 253 -61.23 -4.28 -13.05
CA GLU F 253 -60.60 -5.59 -13.04
C GLU F 253 -59.74 -5.73 -14.29
N ARG F 254 -60.07 -4.89 -15.26
CA ARG F 254 -59.47 -4.77 -16.54
C ARG F 254 -58.00 -4.35 -16.39
N PHE F 255 -57.70 -3.64 -15.30
CA PHE F 255 -56.34 -3.18 -15.04
C PHE F 255 -55.76 -3.79 -13.77
N ARG F 256 -56.62 -4.27 -12.88
CA ARG F 256 -56.15 -4.87 -11.63
C ARG F 256 -55.43 -6.18 -11.90
N CYS F 257 -55.87 -6.91 -12.92
CA CYS F 257 -55.14 -8.11 -13.28
C CYS F 257 -53.68 -7.82 -13.66
N PRO F 258 -53.40 -7.01 -14.72
CA PRO F 258 -52.09 -6.56 -15.15
C PRO F 258 -51.27 -5.91 -14.08
N GLU F 259 -51.94 -5.23 -13.14
CA GLU F 259 -51.30 -4.53 -12.05
C GLU F 259 -50.51 -5.45 -11.15
N THR F 260 -50.80 -6.75 -11.17
CA THR F 260 -50.09 -7.70 -10.32
C THR F 260 -48.59 -7.67 -10.67
N LEU F 261 -48.26 -7.22 -11.89
CA LEU F 261 -46.89 -7.08 -12.34
C LEU F 261 -46.17 -6.05 -11.47
N PHE F 262 -46.90 -5.03 -11.02
CA PHE F 262 -46.36 -3.96 -10.20
C PHE F 262 -46.69 -4.24 -8.74
N GLN F 263 -47.74 -5.05 -8.51
CA GLN F 263 -48.20 -5.44 -7.19
C GLN F 263 -48.39 -6.96 -7.00
N PRO F 264 -47.31 -7.79 -6.94
CA PRO F 264 -47.32 -9.24 -6.83
C PRO F 264 -48.04 -9.73 -5.58
N SER F 265 -48.24 -8.84 -4.61
CA SER F 265 -48.92 -9.13 -3.36
C SER F 265 -50.38 -9.49 -3.64
N PHE F 266 -50.88 -9.13 -4.84
CA PHE F 266 -52.23 -9.42 -5.28
C PHE F 266 -52.47 -10.92 -5.37
N ILE F 267 -51.42 -11.70 -5.61
CA ILE F 267 -51.55 -13.14 -5.72
C ILE F 267 -50.82 -13.85 -4.59
N GLY F 268 -50.49 -13.11 -3.53
CA GLY F 268 -49.80 -13.69 -2.38
C GLY F 268 -48.27 -13.76 -2.52
N MET F 269 -47.67 -13.07 -3.50
CA MET F 269 -46.23 -13.12 -3.65
C MET F 269 -45.52 -12.02 -2.90
N GLU F 270 -44.44 -12.40 -2.23
CA GLU F 270 -43.65 -11.44 -1.48
C GLU F 270 -42.68 -10.73 -2.40
N SER F 271 -43.20 -9.77 -3.14
CA SER F 271 -42.42 -9.00 -4.10
C SER F 271 -42.93 -7.60 -4.33
N ALA F 272 -41.99 -6.71 -4.62
CA ALA F 272 -42.24 -5.29 -4.88
C ALA F 272 -42.62 -4.99 -6.32
N GLY F 273 -42.61 -6.00 -7.19
CA GLY F 273 -42.98 -5.79 -8.59
C GLY F 273 -41.83 -5.75 -9.58
N ILE F 274 -42.19 -5.81 -10.86
CA ILE F 274 -41.23 -5.88 -11.94
C ILE F 274 -40.36 -4.63 -12.12
N HIS F 275 -40.84 -3.44 -11.75
CA HIS F 275 -40.00 -2.25 -11.88
C HIS F 275 -38.92 -2.16 -10.82
N GLU F 276 -39.18 -2.75 -9.65
CA GLU F 276 -38.23 -2.77 -8.55
C GLU F 276 -37.21 -3.81 -8.88
N THR F 277 -37.71 -4.90 -9.44
CA THR F 277 -36.92 -6.04 -9.83
C THR F 277 -35.96 -5.61 -10.95
N THR F 278 -36.46 -4.86 -11.94
CA THR F 278 -35.63 -4.33 -13.02
C THR F 278 -34.60 -3.38 -12.46
N TYR F 279 -35.05 -2.52 -11.56
CA TYR F 279 -34.19 -1.55 -10.89
C TYR F 279 -33.01 -2.24 -10.21
N ASN F 280 -33.28 -3.31 -9.46
CA ASN F 280 -32.20 -4.01 -8.77
C ASN F 280 -31.26 -4.70 -9.76
N SER F 281 -31.76 -5.20 -10.89
CA SER F 281 -30.83 -5.79 -11.83
C SER F 281 -29.88 -4.74 -12.40
N ILE F 282 -30.33 -3.49 -12.47
CA ILE F 282 -29.47 -2.42 -12.94
C ILE F 282 -28.55 -1.98 -11.79
N MET F 283 -29.15 -1.73 -10.63
CA MET F 283 -28.50 -1.14 -9.47
C MET F 283 -27.45 -2.06 -8.85
N LYS F 284 -27.57 -3.37 -9.02
CA LYS F 284 -26.58 -4.28 -8.47
C LYS F 284 -25.38 -4.47 -9.40
N CYS F 285 -25.39 -3.84 -10.57
CA CYS F 285 -24.28 -3.92 -11.50
C CYS F 285 -23.33 -2.76 -11.18
N ASP F 286 -22.06 -2.86 -11.61
CA ASP F 286 -21.10 -1.78 -11.33
C ASP F 286 -21.57 -0.46 -11.93
N ILE F 287 -21.18 0.64 -11.31
CA ILE F 287 -21.63 1.97 -11.73
C ILE F 287 -21.27 2.38 -13.14
N ASP F 288 -20.27 1.73 -13.74
CA ASP F 288 -19.88 2.03 -15.12
C ASP F 288 -20.65 1.15 -16.12
N ILE F 289 -21.51 0.29 -15.58
CA ILE F 289 -22.42 -0.58 -16.31
C ILE F 289 -23.82 0.03 -16.24
N ARG F 290 -24.17 0.46 -15.03
CA ARG F 290 -25.47 1.03 -14.70
C ARG F 290 -26.01 2.04 -15.71
N LYS F 291 -25.15 2.91 -16.21
CA LYS F 291 -25.63 3.92 -17.15
C LYS F 291 -26.16 3.31 -18.45
N ASP F 292 -25.60 2.17 -18.85
CA ASP F 292 -25.96 1.56 -20.11
C ASP F 292 -27.18 0.69 -19.90
N LEU F 293 -27.31 0.15 -18.70
CA LEU F 293 -28.48 -0.66 -18.44
C LEU F 293 -29.70 0.28 -18.17
N TYR F 294 -29.48 1.47 -17.60
CA TYR F 294 -30.62 2.38 -17.38
C TYR F 294 -31.17 2.85 -18.70
N ALA F 295 -30.26 3.00 -19.67
CA ALA F 295 -30.60 3.43 -21.02
C ALA F 295 -31.18 2.28 -21.86
N ASN F 296 -31.19 1.06 -21.31
CA ASN F 296 -31.65 -0.10 -22.04
C ASN F 296 -32.50 -1.08 -21.23
N ASN F 297 -33.70 -0.66 -20.82
CA ASN F 297 -34.65 -1.56 -20.18
C ASN F 297 -35.40 -2.28 -21.28
N VAL F 298 -35.19 -3.57 -21.45
CA VAL F 298 -35.78 -4.29 -22.57
C VAL F 298 -36.95 -5.17 -22.18
N MET F 299 -38.12 -4.85 -22.75
CA MET F 299 -39.29 -5.64 -22.45
C MET F 299 -39.37 -6.71 -23.52
N SER F 300 -39.65 -7.93 -23.11
CA SER F 300 -39.81 -9.00 -24.05
C SER F 300 -40.82 -9.99 -23.54
N GLY F 301 -41.00 -11.07 -24.27
CA GLY F 301 -41.97 -12.06 -23.84
C GLY F 301 -43.40 -11.53 -23.96
N GLY F 302 -44.29 -12.07 -23.13
CA GLY F 302 -45.73 -11.72 -23.16
C GLY F 302 -46.07 -10.69 -22.10
N THR F 303 -47.35 -10.29 -21.98
CA THR F 303 -47.85 -9.28 -20.99
C THR F 303 -47.37 -7.84 -21.29
N THR F 304 -46.41 -7.72 -22.20
CA THR F 304 -45.82 -6.45 -22.60
C THR F 304 -46.68 -5.83 -23.67
N MET F 305 -47.75 -6.53 -24.00
CA MET F 305 -48.71 -6.05 -24.98
C MET F 305 -49.77 -5.24 -24.25
N TYR F 306 -49.69 -5.19 -22.92
CA TYR F 306 -50.67 -4.42 -22.17
C TYR F 306 -50.44 -2.93 -22.44
N PRO F 307 -51.44 -2.16 -22.84
CA PRO F 307 -51.32 -0.74 -23.03
C PRO F 307 -50.83 -0.06 -21.76
N GLY F 308 -49.90 0.88 -21.96
CA GLY F 308 -49.31 1.64 -20.88
C GLY F 308 -48.06 0.99 -20.27
N ILE F 309 -47.69 -0.24 -20.67
CA ILE F 309 -46.55 -0.85 -19.99
C ILE F 309 -45.24 -0.12 -20.22
N ALA F 310 -45.03 0.43 -21.40
CA ALA F 310 -43.78 1.12 -21.64
C ALA F 310 -43.66 2.34 -20.74
N ASP F 311 -44.79 3.00 -20.49
CA ASP F 311 -44.77 4.22 -19.72
C ASP F 311 -44.75 3.92 -18.25
N ARG F 312 -45.47 2.89 -17.83
CA ARG F 312 -45.51 2.51 -16.43
C ARG F 312 -44.13 2.08 -15.94
N MET F 313 -43.43 1.30 -16.76
CA MET F 313 -42.10 0.84 -16.41
C MET F 313 -41.06 1.93 -16.44
N GLN F 314 -41.08 2.78 -17.48
CA GLN F 314 -40.08 3.81 -17.55
C GLN F 314 -40.23 4.79 -16.39
N LYS F 315 -41.48 5.15 -16.05
CA LYS F 315 -41.70 6.10 -14.97
C LYS F 315 -41.34 5.52 -13.60
N GLU F 316 -41.66 4.25 -13.34
CA GLU F 316 -41.31 3.68 -12.05
C GLU F 316 -39.81 3.53 -11.90
N ILE F 317 -39.11 3.14 -12.97
CA ILE F 317 -37.68 2.99 -12.84
C ILE F 317 -37.07 4.35 -12.64
N THR F 318 -37.53 5.35 -13.40
CA THR F 318 -37.00 6.70 -13.27
C THR F 318 -37.15 7.17 -11.82
N ALA F 319 -38.30 6.90 -11.20
CA ALA F 319 -38.52 7.26 -9.80
C ALA F 319 -37.55 6.57 -8.83
N LEU F 320 -37.17 5.31 -9.12
CA LEU F 320 -36.27 4.54 -8.27
C LEU F 320 -34.80 4.89 -8.51
N ALA F 321 -34.51 5.22 -9.76
CA ALA F 321 -33.20 5.54 -10.28
C ALA F 321 -32.67 6.88 -9.73
N PRO F 322 -31.34 7.08 -9.72
CA PRO F 322 -30.69 8.35 -9.42
C PRO F 322 -31.13 9.41 -10.43
N SER F 323 -31.11 10.66 -10.01
CA SER F 323 -31.45 11.80 -10.86
C SER F 323 -30.33 12.02 -11.86
N THR F 324 -30.54 12.91 -12.84
CA THR F 324 -29.59 13.21 -13.94
C THR F 324 -29.59 12.12 -15.01
N MET F 325 -29.50 10.87 -14.57
CA MET F 325 -29.49 9.68 -15.38
C MET F 325 -30.73 9.56 -16.25
N LYS F 326 -30.53 9.12 -17.49
CA LYS F 326 -31.65 8.92 -18.39
C LYS F 326 -32.05 7.46 -18.44
N ILE F 327 -33.31 7.21 -18.14
CA ILE F 327 -33.88 5.89 -18.13
C ILE F 327 -34.70 5.71 -19.39
N LYS F 328 -34.40 4.67 -20.15
CA LYS F 328 -35.05 4.45 -21.43
C LYS F 328 -35.63 3.06 -21.54
N ILE F 329 -36.71 2.93 -22.30
CA ILE F 329 -37.32 1.62 -22.44
C ILE F 329 -37.54 1.19 -23.87
N ILE F 330 -37.23 -0.06 -24.12
CA ILE F 330 -37.39 -0.72 -25.39
C ILE F 330 -38.61 -1.63 -25.32
N ALA F 331 -39.59 -1.37 -26.18
CA ALA F 331 -40.82 -2.15 -26.20
C ALA F 331 -41.33 -2.23 -27.65
N PRO F 332 -40.64 -2.97 -28.52
CA PRO F 332 -40.82 -3.06 -29.95
C PRO F 332 -42.07 -3.88 -30.27
N PRO F 333 -42.62 -3.81 -31.48
CA PRO F 333 -43.74 -4.60 -31.97
C PRO F 333 -43.41 -6.09 -32.03
N GLU F 334 -42.11 -6.38 -32.00
CA GLU F 334 -41.62 -7.75 -32.00
C GLU F 334 -41.78 -8.30 -30.59
N ARG F 335 -42.79 -7.79 -29.89
CA ARG F 335 -43.10 -8.22 -28.54
C ARG F 335 -43.74 -9.60 -28.61
N LYS F 336 -43.60 -10.37 -27.54
CA LYS F 336 -44.12 -11.74 -27.45
C LYS F 336 -43.46 -12.65 -28.51
N TYR F 337 -43.12 -12.11 -29.68
CA TYR F 337 -42.43 -12.95 -30.66
C TYR F 337 -40.91 -12.83 -30.63
N SER F 338 -40.35 -11.82 -29.96
CA SER F 338 -38.92 -11.51 -29.98
C SER F 338 -38.01 -12.63 -29.47
N VAL F 339 -38.49 -13.49 -28.59
CA VAL F 339 -37.64 -14.59 -28.16
C VAL F 339 -37.51 -15.59 -29.30
N TRP F 340 -38.64 -15.92 -29.94
CA TRP F 340 -38.59 -16.85 -31.07
C TRP F 340 -37.72 -16.24 -32.16
N ILE F 341 -37.93 -14.95 -32.43
CA ILE F 341 -37.23 -14.24 -33.49
C ILE F 341 -35.75 -14.24 -33.22
N GLY F 342 -35.36 -13.98 -31.99
CA GLY F 342 -33.96 -14.03 -31.68
C GLY F 342 -33.40 -15.42 -31.93
N GLY F 343 -34.22 -16.47 -31.70
CA GLY F 343 -33.78 -17.84 -31.94
C GLY F 343 -33.44 -18.05 -33.41
N SER F 344 -34.26 -17.46 -34.28
CA SER F 344 -34.05 -17.50 -35.73
C SER F 344 -32.76 -16.79 -36.10
N ILE F 345 -32.55 -15.62 -35.47
CA ILE F 345 -31.37 -14.84 -35.75
C ILE F 345 -30.14 -15.59 -35.31
N LEU F 346 -30.16 -16.11 -34.09
CA LEU F 346 -29.01 -16.78 -33.55
C LEU F 346 -28.70 -18.05 -34.30
N ALA F 347 -29.72 -18.86 -34.59
CA ALA F 347 -29.52 -20.13 -35.28
C ALA F 347 -28.85 -19.93 -36.63
N SER F 348 -29.24 -18.86 -37.33
CA SER F 348 -28.72 -18.49 -38.64
C SER F 348 -27.43 -17.64 -38.65
N LEU F 349 -27.03 -17.03 -37.52
CA LEU F 349 -25.81 -16.21 -37.56
C LEU F 349 -24.60 -17.05 -37.93
N SER F 350 -23.73 -16.48 -38.78
CA SER F 350 -22.52 -17.20 -39.18
C SER F 350 -21.59 -17.43 -38.00
N THR F 351 -21.66 -16.54 -37.01
CA THR F 351 -20.84 -16.56 -35.81
C THR F 351 -21.26 -17.66 -34.85
N PHE F 352 -22.41 -18.25 -35.11
CA PHE F 352 -23.00 -19.28 -34.30
C PHE F 352 -22.94 -20.65 -34.98
N GLN F 353 -22.34 -20.77 -36.17
CA GLN F 353 -22.43 -22.08 -36.82
C GLN F 353 -21.62 -23.16 -36.12
N GLN F 354 -20.59 -22.76 -35.38
CA GLN F 354 -19.77 -23.70 -34.65
C GLN F 354 -20.25 -23.92 -33.22
N MET F 355 -21.37 -23.28 -32.84
CA MET F 355 -21.90 -23.38 -31.48
C MET F 355 -22.88 -24.52 -31.29
N TRP F 356 -23.17 -25.23 -32.37
CA TRP F 356 -24.12 -26.33 -32.39
C TRP F 356 -23.51 -27.63 -31.87
N ILE F 357 -24.27 -28.39 -31.06
CA ILE F 357 -23.86 -29.70 -30.57
C ILE F 357 -24.21 -30.66 -31.65
N THR F 358 -23.28 -31.46 -32.14
CA THR F 358 -23.66 -32.37 -33.23
C THR F 358 -24.18 -33.68 -32.69
N LYS F 359 -24.87 -34.48 -33.52
CA LYS F 359 -25.27 -35.80 -33.05
C LYS F 359 -24.15 -36.81 -33.30
N GLN F 360 -23.06 -36.52 -32.63
CA GLN F 360 -21.84 -37.28 -32.53
C GLN F 360 -21.41 -37.00 -31.13
N GLU F 361 -21.25 -35.71 -30.84
CA GLU F 361 -20.85 -35.25 -29.52
C GLU F 361 -21.92 -35.68 -28.52
N TYR F 362 -23.18 -35.58 -28.94
CA TYR F 362 -24.31 -35.98 -28.16
C TYR F 362 -24.27 -37.42 -27.73
N ASP F 363 -23.98 -38.35 -28.64
CA ASP F 363 -24.04 -39.74 -28.24
C ASP F 363 -22.82 -40.12 -27.44
N GLU F 364 -21.67 -39.50 -27.73
CA GLU F 364 -20.48 -39.82 -26.96
C GLU F 364 -20.63 -39.37 -25.49
N ALA F 365 -21.23 -38.19 -25.28
CA ALA F 365 -21.42 -37.61 -23.96
C ALA F 365 -22.77 -37.91 -23.29
N GLY F 366 -23.81 -38.11 -24.08
CA GLY F 366 -25.18 -38.27 -23.60
C GLY F 366 -25.80 -36.88 -23.41
N PRO F 367 -27.10 -36.80 -23.04
CA PRO F 367 -27.92 -35.59 -22.86
C PRO F 367 -27.34 -34.53 -21.95
N SER F 368 -26.51 -34.91 -20.97
CA SER F 368 -25.93 -33.97 -20.03
C SER F 368 -24.96 -33.01 -20.73
N ILE F 369 -24.61 -33.32 -21.98
CA ILE F 369 -23.75 -32.49 -22.79
C ILE F 369 -24.24 -31.07 -22.91
N VAL F 370 -25.55 -30.87 -22.84
CA VAL F 370 -26.10 -29.54 -22.98
C VAL F 370 -25.59 -28.59 -21.88
N HIS F 371 -25.23 -29.16 -20.72
CA HIS F 371 -24.75 -28.41 -19.57
C HIS F 371 -23.33 -27.91 -19.78
N ARG F 372 -22.59 -28.51 -20.71
CA ARG F 372 -21.22 -28.10 -20.98
C ARG F 372 -21.12 -27.30 -22.28
N LYS F 373 -21.90 -27.70 -23.28
CA LYS F 373 -21.83 -27.07 -24.59
C LYS F 373 -22.70 -25.84 -24.81
N CYS F 374 -23.84 -25.70 -24.11
CA CYS F 374 -24.70 -24.56 -24.38
C CYS F 374 -24.52 -23.40 -23.41
N PHE F 375 -24.59 -23.71 -22.11
CA PHE F 375 -24.46 -22.76 -21.00
C PHE F 375 -24.62 -23.45 -19.66
N ASP G 1 -32.30 -12.41 38.41
CA ASP G 1 -31.81 -13.10 37.24
C ASP G 1 -30.30 -12.95 37.06
N GLU G 2 -29.78 -11.80 37.47
CA GLU G 2 -28.35 -11.51 37.41
C GLU G 2 -27.92 -11.07 38.80
N ASP G 3 -26.69 -11.42 39.19
CA ASP G 3 -26.16 -11.07 40.50
C ASP G 3 -25.04 -10.02 40.57
N GLU G 4 -24.82 -9.25 39.51
CA GLU G 4 -23.76 -8.24 39.54
C GLU G 4 -24.07 -7.02 38.66
N THR G 5 -23.59 -5.87 39.11
CA THR G 5 -23.74 -4.62 38.36
C THR G 5 -22.60 -4.50 37.36
N THR G 6 -22.60 -5.42 36.41
CA THR G 6 -21.57 -5.52 35.39
C THR G 6 -21.97 -4.85 34.10
N ALA G 7 -21.04 -4.82 33.17
CA ALA G 7 -21.26 -4.25 31.86
C ALA G 7 -22.09 -5.19 31.02
N LEU G 8 -22.78 -4.66 30.03
CA LEU G 8 -23.54 -5.50 29.13
C LEU G 8 -22.80 -5.60 27.81
N VAL G 9 -22.90 -6.75 27.14
CA VAL G 9 -22.26 -6.93 25.84
C VAL G 9 -23.23 -7.34 24.74
N CYS G 10 -23.26 -6.57 23.63
CA CYS G 10 -24.12 -6.95 22.51
C CYS G 10 -23.43 -6.77 21.16
N ASP G 11 -23.17 -7.90 20.50
CA ASP G 11 -22.49 -7.94 19.20
C ASP G 11 -23.59 -8.05 18.13
N ASN G 12 -23.88 -6.93 17.47
CA ASN G 12 -25.01 -6.80 16.54
C ASN G 12 -24.65 -6.89 15.06
N GLY G 13 -24.82 -8.04 14.43
CA GLY G 13 -24.44 -8.14 13.02
C GLY G 13 -25.66 -8.06 12.12
N SER G 14 -25.43 -8.25 10.80
CA SER G 14 -26.55 -8.23 9.86
C SER G 14 -27.34 -9.53 9.95
N GLY G 15 -26.77 -10.55 10.60
CA GLY G 15 -27.41 -11.82 10.80
C GLY G 15 -28.10 -11.82 12.17
N LEU G 16 -27.33 -12.10 13.21
CA LEU G 16 -27.85 -12.19 14.57
C LEU G 16 -27.14 -11.33 15.62
N VAL G 17 -27.86 -11.01 16.70
CA VAL G 17 -27.33 -10.29 17.85
C VAL G 17 -26.98 -11.24 19.00
N LYS G 18 -25.73 -11.23 19.40
CA LYS G 18 -25.29 -12.07 20.50
C LYS G 18 -25.25 -11.24 21.77
N ALA G 19 -26.13 -11.52 22.73
CA ALA G 19 -26.15 -10.64 23.89
C ALA G 19 -26.13 -11.39 25.21
N GLY G 20 -25.41 -10.79 26.17
CA GLY G 20 -25.26 -11.32 27.53
C GLY G 20 -24.52 -10.31 28.38
N PHE G 21 -23.93 -10.74 29.50
CA PHE G 21 -23.27 -9.80 30.39
C PHE G 21 -21.76 -9.97 30.40
N ALA G 22 -21.05 -8.90 30.71
CA ALA G 22 -19.61 -9.00 30.78
C ALA G 22 -19.19 -9.83 31.98
N GLY G 23 -18.29 -10.77 31.73
CA GLY G 23 -17.79 -11.69 32.73
C GLY G 23 -18.19 -13.14 32.42
N ASP G 24 -19.15 -13.34 31.48
CA ASP G 24 -19.55 -14.71 31.08
C ASP G 24 -18.74 -15.16 29.86
N ASP G 25 -18.96 -16.39 29.37
CA ASP G 25 -18.30 -16.85 28.13
C ASP G 25 -19.29 -17.16 27.02
N ALA G 26 -20.49 -16.68 27.19
CA ALA G 26 -21.51 -16.89 26.22
C ALA G 26 -22.57 -15.82 26.36
N PRO G 27 -23.30 -15.49 25.29
CA PRO G 27 -24.42 -14.60 25.33
C PRO G 27 -25.49 -15.35 26.11
N ARG G 28 -26.41 -14.62 26.75
CA ARG G 28 -27.52 -15.25 27.44
C ARG G 28 -28.48 -15.79 26.39
N ALA G 29 -28.57 -15.04 25.31
CA ALA G 29 -29.44 -15.42 24.22
C ALA G 29 -28.96 -14.80 22.91
N VAL G 30 -29.33 -15.44 21.82
CA VAL G 30 -29.01 -14.89 20.52
C VAL G 30 -30.32 -14.55 19.84
N PHE G 31 -30.42 -13.29 19.45
CA PHE G 31 -31.63 -12.74 18.89
C PHE G 31 -31.34 -12.42 17.46
N PRO G 32 -32.05 -12.92 16.47
CA PRO G 32 -31.75 -12.64 15.10
C PRO G 32 -31.99 -11.16 14.91
N SER G 33 -31.25 -10.50 14.01
CA SER G 33 -31.45 -9.08 13.78
C SER G 33 -32.66 -8.89 12.88
N ILE G 34 -33.83 -9.24 13.41
CA ILE G 34 -35.07 -9.22 12.66
C ILE G 34 -36.27 -8.59 13.34
N VAL G 35 -36.99 -7.78 12.57
CA VAL G 35 -38.32 -7.34 12.98
C VAL G 35 -39.28 -7.83 11.90
N GLY G 36 -40.24 -8.63 12.31
CA GLY G 36 -41.18 -9.25 11.39
C GLY G 36 -42.50 -8.55 11.35
N ARG G 37 -43.13 -8.56 10.18
CA ARG G 37 -44.44 -7.95 10.04
C ARG G 37 -45.36 -8.79 9.16
N PRO G 38 -46.64 -8.97 9.51
CA PRO G 38 -47.58 -9.79 8.77
C PRO G 38 -47.78 -9.25 7.37
N ARG G 39 -47.83 -10.15 6.41
CA ARG G 39 -48.02 -9.76 5.01
C ARG G 39 -49.36 -10.26 4.44
N HIS G 40 -50.27 -10.67 5.32
CA HIS G 40 -51.56 -11.21 4.93
C HIS G 40 -52.72 -10.53 5.64
N GLN G 41 -53.91 -10.64 5.05
CA GLN G 41 -55.14 -10.09 5.64
C GLN G 41 -55.66 -10.97 6.76
N GLY G 42 -55.88 -10.34 7.93
CA GLY G 42 -56.41 -11.04 9.09
C GLY G 42 -57.90 -11.32 8.92
N VAL G 43 -58.36 -12.46 9.44
CA VAL G 43 -59.79 -12.77 9.39
C VAL G 43 -60.46 -13.08 10.73
N MET G 44 -59.70 -13.45 11.78
CA MET G 44 -60.37 -13.78 13.03
C MET G 44 -60.25 -12.68 14.09
N VAL G 45 -61.36 -12.41 14.76
CA VAL G 45 -61.49 -11.40 15.80
C VAL G 45 -61.25 -11.99 17.20
N GLY G 46 -60.45 -11.32 18.03
CA GLY G 46 -60.22 -11.76 19.42
C GLY G 46 -59.24 -12.92 19.61
N MET G 47 -58.40 -13.15 18.59
CA MET G 47 -57.43 -14.24 18.63
C MET G 47 -55.99 -13.72 18.73
N GLY G 48 -55.87 -12.54 19.36
CA GLY G 48 -54.60 -11.86 19.57
C GLY G 48 -54.02 -11.40 18.25
N GLN G 49 -52.75 -11.72 18.01
CA GLN G 49 -51.98 -11.37 16.81
C GLN G 49 -51.38 -9.98 16.88
N LYS G 50 -50.05 -9.93 16.81
CA LYS G 50 -49.29 -8.70 16.98
C LYS G 50 -49.14 -7.96 15.65
N ASP G 51 -48.87 -6.65 15.74
CA ASP G 51 -48.63 -5.84 14.56
C ASP G 51 -47.22 -6.04 14.01
N SER G 52 -46.33 -6.41 14.91
CA SER G 52 -44.94 -6.64 14.60
C SER G 52 -44.38 -7.65 15.58
N TYR G 53 -43.35 -8.35 15.15
CA TYR G 53 -42.69 -9.35 15.96
C TYR G 53 -41.20 -9.04 16.06
N VAL G 54 -40.60 -9.20 17.23
CA VAL G 54 -39.18 -8.83 17.36
C VAL G 54 -38.23 -9.98 17.76
N GLY G 55 -37.15 -10.13 16.99
CA GLY G 55 -36.14 -11.13 17.29
C GLY G 55 -36.69 -12.54 17.15
N ASP G 56 -36.61 -13.32 18.20
CA ASP G 56 -37.10 -14.68 18.15
C ASP G 56 -38.60 -14.74 17.92
N GLU G 57 -39.33 -13.67 18.23
CA GLU G 57 -40.75 -13.66 17.94
C GLU G 57 -40.96 -13.66 16.43
N ALA G 58 -40.08 -12.95 15.72
CA ALA G 58 -40.19 -12.78 14.29
C ALA G 58 -39.95 -14.10 13.60
N GLN G 59 -39.00 -14.88 14.09
CA GLN G 59 -38.81 -16.17 13.48
C GLN G 59 -39.93 -17.16 13.87
N SER G 60 -40.42 -17.12 15.12
CA SER G 60 -41.45 -18.07 15.55
C SER G 60 -42.76 -17.97 14.77
N LYS G 61 -43.15 -16.77 14.36
CA LYS G 61 -44.38 -16.55 13.59
C LYS G 61 -44.15 -16.30 12.11
N ARG G 62 -42.92 -16.57 11.63
CA ARG G 62 -42.47 -16.26 10.26
C ARG G 62 -43.31 -16.83 9.14
N GLY G 63 -44.11 -17.85 9.38
CA GLY G 63 -44.90 -18.44 8.30
C GLY G 63 -45.71 -17.40 7.53
N ILE G 64 -46.20 -16.34 8.21
CA ILE G 64 -46.97 -15.29 7.54
C ILE G 64 -46.34 -13.90 7.63
N LEU G 65 -45.07 -13.83 7.98
CA LEU G 65 -44.43 -12.54 8.15
C LEU G 65 -43.40 -12.30 7.06
N THR G 66 -43.18 -11.05 6.75
CA THR G 66 -42.06 -10.72 5.90
C THR G 66 -41.01 -10.30 6.92
N LEU G 67 -39.79 -10.81 6.78
CA LEU G 67 -38.80 -10.48 7.81
C LEU G 67 -37.72 -9.53 7.32
N LYS G 68 -37.58 -8.42 8.03
CA LYS G 68 -36.61 -7.42 7.64
C LYS G 68 -35.45 -7.36 8.61
N TYR G 69 -34.26 -7.18 8.05
CA TYR G 69 -33.03 -7.04 8.81
C TYR G 69 -32.56 -5.57 8.83
N PRO G 70 -32.54 -4.89 10.00
CA PRO G 70 -32.15 -3.48 10.21
C PRO G 70 -30.70 -3.13 9.87
N ILE G 71 -29.84 -4.15 9.84
CA ILE G 71 -28.41 -3.99 9.61
C ILE G 71 -27.97 -4.54 8.26
N GLU G 72 -27.23 -3.73 7.50
CA GLU G 72 -26.75 -4.16 6.18
C GLU G 72 -25.27 -3.91 6.00
N HIS G 73 -24.56 -4.95 5.56
CA HIS G 73 -23.13 -4.87 5.27
C HIS G 73 -22.32 -4.27 6.41
N GLY G 74 -22.66 -4.66 7.63
CA GLY G 74 -21.95 -4.20 8.81
C GLY G 74 -22.54 -2.98 9.53
N ILE G 75 -23.51 -2.25 8.95
CA ILE G 75 -24.01 -1.08 9.69
C ILE G 75 -25.50 -1.00 9.92
N ILE G 76 -25.89 -0.22 10.93
CA ILE G 76 -27.31 -0.03 11.22
C ILE G 76 -27.92 1.13 10.48
N THR G 77 -28.99 0.85 9.74
CA THR G 77 -29.68 1.90 9.05
C THR G 77 -31.07 2.05 9.66
N ASN G 78 -31.71 0.92 10.00
CA ASN G 78 -33.03 1.03 10.60
C ASN G 78 -32.87 1.08 12.10
N TRP G 79 -32.50 2.26 12.57
CA TRP G 79 -32.19 2.48 13.97
C TRP G 79 -33.42 2.17 14.84
N ASP G 80 -34.63 2.36 14.29
CA ASP G 80 -35.86 2.14 15.04
C ASP G 80 -36.04 0.66 15.34
N ASP G 81 -35.74 -0.19 14.35
CA ASP G 81 -35.87 -1.60 14.60
C ASP G 81 -34.77 -2.07 15.56
N MET G 82 -33.58 -1.45 15.50
CA MET G 82 -32.53 -1.80 16.47
C MET G 82 -32.95 -1.50 17.89
N GLU G 83 -33.60 -0.35 18.12
CA GLU G 83 -34.02 -0.03 19.48
C GLU G 83 -35.01 -1.07 19.99
N LYS G 84 -35.94 -1.54 19.13
CA LYS G 84 -36.90 -2.56 19.55
C LYS G 84 -36.23 -3.89 19.87
N ILE G 85 -35.25 -4.28 19.05
CA ILE G 85 -34.54 -5.53 19.30
C ILE G 85 -33.83 -5.43 20.61
N TRP G 86 -33.15 -4.30 20.84
CA TRP G 86 -32.45 -4.10 22.09
C TRP G 86 -33.38 -4.04 23.29
N HIS G 87 -34.54 -3.41 23.17
CA HIS G 87 -35.41 -3.34 24.32
C HIS G 87 -35.77 -4.75 24.74
N HIS G 88 -36.14 -5.58 23.75
CA HIS G 88 -36.47 -6.97 24.00
C HIS G 88 -35.28 -7.74 24.56
N THR G 89 -34.13 -7.59 23.93
CA THR G 89 -32.92 -8.26 24.34
C THR G 89 -32.59 -8.00 25.77
N PHE G 90 -32.59 -6.73 26.15
CA PHE G 90 -32.20 -6.37 27.48
C PHE G 90 -33.24 -6.64 28.53
N TYR G 91 -34.47 -6.22 28.32
CA TYR G 91 -35.46 -6.36 29.36
C TYR G 91 -36.17 -7.70 29.46
N ASN G 92 -36.38 -8.42 28.35
CA ASN G 92 -37.13 -9.66 28.43
C ASN G 92 -36.23 -10.88 28.61
N GLU G 93 -35.10 -10.93 27.90
CA GLU G 93 -34.25 -12.13 28.01
C GLU G 93 -32.98 -11.98 28.85
N LEU G 94 -32.26 -10.86 28.76
CA LEU G 94 -31.07 -10.69 29.59
C LEU G 94 -31.49 -10.30 30.99
N ARG G 95 -32.72 -9.82 31.09
CA ARG G 95 -33.33 -9.34 32.32
C ARG G 95 -32.54 -8.24 33.00
N VAL G 96 -32.10 -7.27 32.21
CA VAL G 96 -31.37 -6.13 32.69
C VAL G 96 -31.96 -4.83 32.23
N ALA G 97 -31.66 -3.78 32.98
CA ALA G 97 -32.03 -2.44 32.63
C ALA G 97 -30.75 -1.66 32.39
N PRO G 98 -30.34 -1.36 31.14
CA PRO G 98 -29.08 -0.70 30.76
C PRO G 98 -28.87 0.60 31.52
N GLU G 99 -29.93 1.23 31.99
CA GLU G 99 -29.80 2.44 32.77
C GLU G 99 -28.84 2.22 33.96
N GLU G 100 -28.81 1.00 34.51
CA GLU G 100 -27.98 0.64 35.64
C GLU G 100 -26.65 -0.07 35.26
N HIS G 101 -26.36 -0.21 33.95
CA HIS G 101 -25.17 -0.94 33.48
C HIS G 101 -24.49 -0.26 32.28
N PRO G 102 -23.16 -0.15 32.22
CA PRO G 102 -22.45 0.40 31.06
C PRO G 102 -22.57 -0.63 29.92
N THR G 103 -22.58 -0.20 28.65
CA THR G 103 -22.75 -1.17 27.55
C THR G 103 -21.70 -1.13 26.43
N LEU G 104 -21.22 -2.31 26.06
CA LEU G 104 -20.26 -2.47 24.97
C LEU G 104 -20.92 -3.06 23.71
N LEU G 105 -20.74 -2.34 22.62
CA LEU G 105 -21.23 -2.68 21.28
C LEU G 105 -20.03 -2.84 20.38
N THR G 106 -20.21 -3.42 19.19
CA THR G 106 -19.09 -3.66 18.29
C THR G 106 -19.33 -3.18 16.85
N GLU G 107 -18.23 -3.01 16.09
CA GLU G 107 -18.27 -2.76 14.63
C GLU G 107 -16.93 -3.12 13.98
N ALA G 108 -16.88 -3.06 12.64
CA ALA G 108 -15.61 -3.22 11.97
C ALA G 108 -15.03 -1.81 11.74
N PRO G 109 -13.74 -1.55 11.97
CA PRO G 109 -13.11 -0.27 11.69
C PRO G 109 -13.28 0.25 10.25
N LEU G 110 -13.49 -0.60 9.22
CA LEU G 110 -13.68 0.06 7.92
C LEU G 110 -15.16 0.16 7.52
N ASN G 111 -16.06 0.09 8.51
CA ASN G 111 -17.47 0.36 8.28
C ASN G 111 -17.69 1.89 8.31
N PRO G 112 -18.72 2.44 7.66
CA PRO G 112 -19.13 3.84 7.76
C PRO G 112 -19.39 4.29 9.21
N LYS G 113 -18.97 5.53 9.48
CA LYS G 113 -19.00 6.22 10.80
C LYS G 113 -20.37 6.34 11.46
N ALA G 114 -21.41 6.44 10.65
CA ALA G 114 -22.75 6.59 11.17
C ALA G 114 -23.15 5.44 12.08
N ASN G 115 -22.58 4.24 11.87
CA ASN G 115 -22.97 3.09 12.66
C ASN G 115 -22.69 3.27 14.14
N ARG G 116 -21.44 3.60 14.45
CA ARG G 116 -21.03 3.83 15.84
C ARG G 116 -21.75 5.03 16.46
N GLU G 117 -22.11 6.01 15.63
CA GLU G 117 -22.79 7.19 16.16
C GLU G 117 -24.24 6.89 16.53
N LYS G 118 -24.93 6.10 15.70
CA LYS G 118 -26.32 5.77 16.00
C LYS G 118 -26.42 4.74 17.11
N MET G 119 -25.49 3.78 17.17
CA MET G 119 -25.59 2.81 18.24
C MET G 119 -25.39 3.49 19.59
N THR G 120 -24.46 4.46 19.64
CA THR G 120 -24.15 5.20 20.84
C THR G 120 -25.36 6.04 21.24
N GLN G 121 -25.98 6.72 20.26
CA GLN G 121 -27.14 7.54 20.52
C GLN G 121 -28.32 6.74 21.06
N ILE G 122 -28.58 5.56 20.51
CA ILE G 122 -29.73 4.82 21.02
C ILE G 122 -29.50 4.44 22.47
N MET G 123 -28.32 3.92 22.79
CA MET G 123 -28.16 3.52 24.17
C MET G 123 -28.20 4.69 25.15
N PHE G 124 -27.68 5.86 24.76
CA PHE G 124 -27.74 7.01 25.68
C PHE G 124 -29.10 7.70 25.73
N GLU G 125 -29.82 7.78 24.61
CA GLU G 125 -31.07 8.52 24.63
C GLU G 125 -32.34 7.68 24.84
N THR G 126 -32.38 6.39 24.44
CA THR G 126 -33.63 5.67 24.65
C THR G 126 -33.48 4.70 25.83
N PHE G 127 -32.24 4.30 26.13
CA PHE G 127 -32.00 3.38 27.26
C PHE G 127 -31.38 4.05 28.49
N ASN G 128 -30.90 5.29 28.34
CA ASN G 128 -30.25 6.05 29.40
C ASN G 128 -29.07 5.31 30.03
N VAL G 129 -28.28 4.65 29.21
CA VAL G 129 -27.14 3.87 29.67
C VAL G 129 -26.15 4.85 30.33
N PRO G 130 -25.54 4.57 31.48
CA PRO G 130 -24.59 5.44 32.14
C PRO G 130 -23.29 5.61 31.36
N ALA G 131 -22.99 4.66 30.47
CA ALA G 131 -21.78 4.73 29.68
C ALA G 131 -21.81 3.86 28.43
N MET G 132 -21.00 4.24 27.44
CA MET G 132 -20.87 3.46 26.20
C MET G 132 -19.50 3.27 25.63
N TYR G 133 -19.33 2.17 24.91
CA TYR G 133 -18.05 1.87 24.25
C TYR G 133 -18.22 0.96 23.02
N VAL G 134 -17.86 1.45 21.83
CA VAL G 134 -17.96 0.66 20.63
C VAL G 134 -16.59 0.07 20.36
N ALA G 135 -16.55 -1.26 20.34
CA ALA G 135 -15.36 -2.06 20.22
C ALA G 135 -15.09 -2.54 18.81
N ILE G 136 -13.84 -2.94 18.61
CA ILE G 136 -13.36 -3.49 17.38
C ILE G 136 -13.48 -5.00 17.43
N GLN G 137 -14.17 -5.59 16.47
CA GLN G 137 -14.36 -7.04 16.50
C GLN G 137 -13.01 -7.81 16.49
N ALA G 138 -12.01 -7.26 15.79
CA ALA G 138 -10.67 -7.86 15.76
C ALA G 138 -9.98 -7.83 17.12
N VAL G 139 -10.22 -6.79 17.90
CA VAL G 139 -9.63 -6.65 19.20
C VAL G 139 -10.21 -7.67 20.11
N LEU G 140 -11.52 -7.80 20.01
CA LEU G 140 -12.22 -8.71 20.85
C LEU G 140 -11.78 -10.13 20.49
N SER G 141 -11.57 -10.39 19.19
CA SER G 141 -11.16 -11.72 18.78
C SER G 141 -9.76 -12.04 19.33
N LEU G 142 -8.84 -11.06 19.30
CA LEU G 142 -7.51 -11.29 19.85
C LEU G 142 -7.58 -11.47 21.37
N TYR G 143 -8.44 -10.74 22.09
CA TYR G 143 -8.47 -10.98 23.52
C TYR G 143 -8.97 -12.41 23.79
N ALA G 144 -10.01 -12.83 23.08
CA ALA G 144 -10.62 -14.15 23.27
C ALA G 144 -9.66 -15.28 22.95
N SER G 145 -8.79 -15.07 21.96
CA SER G 145 -7.82 -16.06 21.53
C SER G 145 -6.52 -16.05 22.34
N GLY G 146 -6.37 -15.11 23.28
CA GLY G 146 -5.12 -15.06 24.03
C GLY G 146 -3.96 -14.46 23.22
N ARG G 147 -4.24 -13.47 22.37
CA ARG G 147 -3.21 -12.85 21.54
C ARG G 147 -3.24 -11.34 21.55
N THR G 148 -2.09 -10.73 21.27
CA THR G 148 -1.96 -9.29 21.10
C THR G 148 -1.62 -8.97 19.64
N THR G 149 -1.27 -10.03 18.92
CA THR G 149 -0.80 -9.94 17.55
C THR G 149 -1.49 -10.96 16.65
N GLY G 150 -1.86 -10.52 15.46
CA GLY G 150 -2.41 -11.40 14.44
C GLY G 150 -3.27 -10.72 13.39
N ILE G 151 -3.70 -11.51 12.41
CA ILE G 151 -4.58 -11.01 11.34
C ILE G 151 -5.96 -11.51 11.65
N VAL G 152 -6.92 -10.62 11.84
CA VAL G 152 -8.23 -11.17 12.16
C VAL G 152 -9.22 -11.11 11.04
N LEU G 153 -9.74 -12.30 10.73
CA LEU G 153 -10.76 -12.47 9.73
C LEU G 153 -12.00 -12.89 10.48
N ASP G 154 -12.90 -11.92 10.68
CA ASP G 154 -14.07 -12.04 11.52
C ASP G 154 -15.33 -12.59 10.89
N SER G 155 -15.29 -12.94 9.61
CA SER G 155 -16.42 -13.56 8.93
C SER G 155 -17.78 -12.99 9.25
N GLY G 156 -18.06 -11.74 8.91
CA GLY G 156 -19.36 -11.25 9.30
C GLY G 156 -20.46 -11.80 8.41
N ASP G 157 -21.65 -11.29 8.65
CA ASP G 157 -22.84 -11.67 7.91
C ASP G 157 -22.94 -10.69 6.73
N GLY G 158 -22.44 -9.48 7.01
CA GLY G 158 -22.42 -8.31 6.13
C GLY G 158 -21.15 -8.21 5.30
N VAL G 159 -20.02 -7.98 5.99
CA VAL G 159 -18.68 -7.82 5.42
C VAL G 159 -17.63 -8.63 6.21
N THR G 160 -16.45 -8.83 5.60
CA THR G 160 -15.28 -9.41 6.30
C THR G 160 -14.24 -8.28 6.48
N HIS G 161 -13.83 -7.99 7.72
CA HIS G 161 -12.92 -6.84 7.98
C HIS G 161 -11.40 -7.02 7.62
N ASN G 162 -10.80 -8.18 7.90
CA ASN G 162 -9.37 -8.45 7.55
C ASN G 162 -8.30 -7.48 8.12
N VAL G 163 -8.14 -7.40 9.44
CA VAL G 163 -7.15 -6.41 9.98
C VAL G 163 -5.94 -6.98 10.72
N PRO G 164 -4.72 -6.54 10.38
CA PRO G 164 -3.50 -6.83 11.09
C PRO G 164 -3.35 -5.94 12.32
N ILE G 165 -3.06 -6.57 13.46
CA ILE G 165 -2.76 -5.93 14.74
C ILE G 165 -1.41 -6.47 15.26
N TYR G 166 -0.51 -5.58 15.68
CA TYR G 166 0.80 -6.03 16.20
C TYR G 166 1.15 -5.42 17.55
N GLU G 167 1.44 -6.27 18.53
CA GLU G 167 1.75 -5.80 19.89
C GLU G 167 0.67 -4.88 20.43
N GLY G 168 -0.58 -5.15 20.10
CA GLY G 168 -1.65 -4.31 20.56
C GLY G 168 -1.90 -3.05 19.72
N TYR G 169 -1.15 -2.85 18.63
CA TYR G 169 -1.29 -1.67 17.74
C TYR G 169 -1.97 -1.96 16.44
N ALA G 170 -2.74 -1.00 15.95
CA ALA G 170 -3.35 -1.21 14.65
C ALA G 170 -2.35 -0.92 13.57
N LEU G 171 -2.46 -1.64 12.47
CA LEU G 171 -1.64 -1.38 11.31
C LEU G 171 -2.62 -1.12 10.16
N PRO G 172 -3.38 0.02 10.20
CA PRO G 172 -4.56 0.31 9.39
C PRO G 172 -4.33 0.39 7.90
N HIS G 173 -3.10 0.65 7.48
CA HIS G 173 -2.80 0.79 6.08
C HIS G 173 -2.85 -0.56 5.39
N ALA G 174 -2.83 -1.62 6.19
CA ALA G 174 -2.82 -2.98 5.72
C ALA G 174 -4.18 -3.68 5.93
N ILE G 175 -5.25 -2.93 6.22
CA ILE G 175 -6.57 -3.56 6.36
C ILE G 175 -7.14 -3.81 4.99
N MET G 176 -7.62 -5.03 4.73
CA MET G 176 -8.16 -5.36 3.42
C MET G 176 -9.64 -5.72 3.49
N ARG G 177 -10.52 -4.77 3.83
CA ARG G 177 -11.92 -5.16 4.02
C ARG G 177 -12.50 -5.68 2.72
N LEU G 178 -13.20 -6.82 2.81
CA LEU G 178 -13.79 -7.46 1.65
C LEU G 178 -15.31 -7.56 1.68
N ASP G 179 -15.94 -7.17 0.57
CA ASP G 179 -17.39 -7.26 0.47
C ASP G 179 -17.86 -8.65 0.05
N LEU G 180 -17.65 -9.57 0.98
CA LEU G 180 -18.04 -10.97 0.93
C LEU G 180 -18.28 -11.47 2.35
N ALA G 181 -19.49 -11.94 2.56
CA ALA G 181 -19.92 -12.40 3.88
C ALA G 181 -21.00 -13.49 3.82
N GLY G 182 -21.43 -13.97 4.99
CA GLY G 182 -22.39 -15.08 5.08
C GLY G 182 -23.70 -14.86 4.29
N ARG G 183 -24.18 -13.61 4.17
CA ARG G 183 -25.40 -13.36 3.43
C ARG G 183 -25.19 -13.47 1.91
N ASP G 184 -23.93 -13.37 1.45
CA ASP G 184 -23.66 -13.47 0.03
C ASP G 184 -23.52 -14.92 -0.32
N LEU G 185 -23.00 -15.69 0.64
CA LEU G 185 -22.84 -17.12 0.42
C LEU G 185 -24.24 -17.72 0.35
N THR G 186 -25.15 -17.18 1.18
CA THR G 186 -26.54 -17.63 1.22
C THR G 186 -27.23 -17.30 -0.12
N ASP G 187 -26.99 -16.10 -0.67
CA ASP G 187 -27.62 -15.73 -1.93
C ASP G 187 -27.12 -16.61 -3.07
N TYR G 188 -25.84 -16.94 -3.03
CA TYR G 188 -25.24 -17.80 -4.05
C TYR G 188 -25.91 -19.17 -4.00
N LEU G 189 -26.09 -19.70 -2.79
CA LEU G 189 -26.73 -20.99 -2.62
C LEU G 189 -28.18 -20.92 -3.11
N MET G 190 -28.90 -19.82 -2.88
CA MET G 190 -30.27 -19.80 -3.42
C MET G 190 -30.26 -19.97 -4.95
N LYS G 191 -29.31 -19.33 -5.62
CA LYS G 191 -29.22 -19.43 -7.08
C LYS G 191 -28.75 -20.82 -7.56
N ILE G 192 -27.83 -21.44 -6.84
CA ILE G 192 -27.28 -22.74 -7.26
C ILE G 192 -28.38 -23.81 -7.01
N LEU G 193 -29.19 -23.63 -5.98
CA LEU G 193 -30.24 -24.60 -5.70
C LEU G 193 -31.35 -24.47 -6.74
N THR G 194 -31.51 -23.25 -7.30
CA THR G 194 -32.48 -23.02 -8.38
C THR G 194 -32.05 -23.88 -9.58
N GLU G 195 -30.73 -23.92 -9.86
CA GLU G 195 -30.19 -24.74 -10.97
C GLU G 195 -30.56 -26.23 -10.78
N ARG G 196 -30.65 -26.67 -9.52
CA ARG G 196 -30.98 -28.06 -9.21
C ARG G 196 -32.48 -28.36 -9.18
N GLY G 197 -33.31 -27.33 -9.39
CA GLY G 197 -34.76 -27.49 -9.38
C GLY G 197 -35.52 -27.06 -8.12
N TYR G 198 -34.86 -26.45 -7.14
CA TYR G 198 -35.55 -26.01 -5.94
C TYR G 198 -35.54 -24.50 -5.81
N SER G 199 -36.68 -23.89 -6.03
CA SER G 199 -36.80 -22.44 -5.99
C SER G 199 -37.05 -21.93 -4.59
N PHE G 200 -36.17 -21.08 -4.09
CA PHE G 200 -36.28 -20.49 -2.76
C PHE G 200 -36.29 -18.97 -2.88
N VAL G 201 -37.46 -18.33 -2.81
CA VAL G 201 -37.53 -16.88 -3.01
C VAL G 201 -38.13 -16.04 -1.85
N THR G 202 -39.08 -16.60 -1.09
CA THR G 202 -39.82 -15.86 -0.04
C THR G 202 -39.05 -15.85 1.27
N THR G 203 -39.48 -15.07 2.26
CA THR G 203 -38.72 -15.06 3.50
C THR G 203 -38.55 -16.43 4.12
N ALA G 204 -39.62 -17.23 4.19
CA ALA G 204 -39.46 -18.54 4.81
C ALA G 204 -38.44 -19.38 4.04
N GLU G 205 -38.49 -19.26 2.72
CA GLU G 205 -37.58 -20.00 1.86
C GLU G 205 -36.12 -19.51 1.98
N ARG G 206 -35.95 -18.20 2.14
CA ARG G 206 -34.63 -17.61 2.27
C ARG G 206 -33.98 -18.06 3.59
N GLU G 207 -34.79 -18.15 4.65
CA GLU G 207 -34.32 -18.59 5.97
C GLU G 207 -33.90 -20.06 5.89
N ILE G 208 -34.63 -20.86 5.09
CA ILE G 208 -34.25 -22.25 4.91
C ILE G 208 -32.93 -22.38 4.20
N VAL G 209 -32.70 -21.61 3.14
CA VAL G 209 -31.43 -21.75 2.46
C VAL G 209 -30.29 -21.40 3.40
N ARG G 210 -30.44 -20.37 4.22
CA ARG G 210 -29.40 -20.08 5.19
C ARG G 210 -29.18 -21.30 6.08
N ASP G 211 -30.27 -21.94 6.56
CA ASP G 211 -30.17 -23.10 7.43
C ASP G 211 -29.51 -24.30 6.70
N ILE G 212 -29.76 -24.43 5.39
CA ILE G 212 -29.15 -25.51 4.62
C ILE G 212 -27.66 -25.32 4.62
N LYS G 213 -27.21 -24.10 4.35
CA LYS G 213 -25.79 -23.83 4.30
C LYS G 213 -25.11 -24.19 5.62
N GLU G 214 -25.74 -23.78 6.73
CA GLU G 214 -25.20 -23.98 8.06
C GLU G 214 -25.04 -25.48 8.39
N LYS G 215 -25.96 -26.31 7.91
CA LYS G 215 -25.86 -27.73 8.21
C LYS G 215 -25.13 -28.61 7.17
N LEU G 216 -25.19 -28.25 5.89
CA LEU G 216 -24.61 -29.10 4.85
C LEU G 216 -23.27 -28.67 4.24
N CYS G 217 -22.95 -27.37 4.27
CA CYS G 217 -21.79 -26.89 3.55
C CYS G 217 -20.42 -26.98 4.21
N TYR G 218 -19.40 -27.00 3.34
CA TYR G 218 -17.98 -27.04 3.70
C TYR G 218 -17.14 -26.37 2.62
N VAL G 219 -15.86 -26.06 2.87
CA VAL G 219 -15.07 -25.43 1.80
C VAL G 219 -14.24 -26.40 1.01
N ALA G 220 -13.70 -27.41 1.69
CA ALA G 220 -12.80 -28.42 1.12
C ALA G 220 -11.37 -27.91 1.10
N LEU G 221 -10.42 -28.81 1.39
CA LEU G 221 -8.99 -28.47 1.33
C LEU G 221 -8.54 -28.25 -0.10
N ASP G 222 -9.06 -29.07 -1.01
CA ASP G 222 -8.71 -29.02 -2.42
C ASP G 222 -10.00 -29.04 -3.25
N PHE G 223 -10.40 -27.85 -3.71
CA PHE G 223 -11.67 -27.67 -4.40
C PHE G 223 -11.81 -28.51 -5.65
N GLU G 224 -10.79 -28.49 -6.49
CA GLU G 224 -10.86 -29.18 -7.75
C GLU G 224 -10.94 -30.69 -7.57
N ASN G 225 -10.19 -31.23 -6.61
CA ASN G 225 -10.28 -32.67 -6.43
C ASN G 225 -11.59 -33.03 -5.75
N GLU G 226 -12.09 -32.15 -4.89
CA GLU G 226 -13.34 -32.43 -4.19
C GLU G 226 -14.47 -32.41 -5.21
N MET G 227 -14.44 -31.44 -6.15
CA MET G 227 -15.46 -31.33 -7.19
C MET G 227 -15.34 -32.47 -8.17
N ALA G 228 -14.12 -32.95 -8.43
CA ALA G 228 -14.00 -34.04 -9.36
C ALA G 228 -14.83 -35.24 -8.91
N THR G 229 -14.87 -35.50 -7.59
CA THR G 229 -15.70 -36.61 -7.16
C THR G 229 -17.14 -36.18 -6.82
N ALA G 230 -17.32 -34.97 -6.29
CA ALA G 230 -18.67 -34.52 -5.93
C ALA G 230 -19.57 -34.39 -7.15
N ALA G 231 -18.96 -34.02 -8.27
CA ALA G 231 -19.66 -33.85 -9.52
C ALA G 231 -19.88 -35.19 -10.24
N SER G 232 -19.23 -36.26 -9.77
CA SER G 232 -19.29 -37.55 -10.43
C SER G 232 -20.12 -38.59 -9.68
N SER G 233 -20.31 -38.39 -8.37
CA SER G 233 -21.01 -39.41 -7.58
C SER G 233 -21.85 -38.93 -6.42
N SER G 234 -22.94 -39.67 -6.21
CA SER G 234 -23.92 -39.48 -5.14
C SER G 234 -23.33 -39.73 -3.76
N SER G 235 -22.15 -40.35 -3.74
CA SER G 235 -21.45 -40.65 -2.50
C SER G 235 -21.01 -39.39 -1.77
N LEU G 236 -21.00 -38.22 -2.44
CA LEU G 236 -20.64 -36.98 -1.75
C LEU G 236 -21.86 -36.06 -1.60
N GLU G 237 -23.07 -36.60 -1.77
CA GLU G 237 -24.28 -35.80 -1.60
C GLU G 237 -24.87 -35.92 -0.22
N LYS G 238 -25.55 -34.87 0.22
CA LYS G 238 -26.27 -34.92 1.48
C LYS G 238 -27.68 -34.36 1.35
N SER G 239 -28.62 -35.04 2.00
CA SER G 239 -30.00 -34.58 1.97
C SER G 239 -30.32 -33.72 3.18
N TYR G 240 -31.08 -32.66 2.92
CA TYR G 240 -31.56 -31.73 3.93
C TYR G 240 -33.09 -31.79 4.04
N GLU G 241 -33.60 -31.83 5.26
CA GLU G 241 -35.04 -31.86 5.44
C GLU G 241 -35.67 -30.49 5.43
N LEU G 242 -36.59 -30.29 4.50
CA LEU G 242 -37.30 -29.05 4.35
C LEU G 242 -38.43 -29.21 5.35
N PRO G 243 -38.93 -28.16 5.99
CA PRO G 243 -39.96 -28.23 7.02
C PRO G 243 -41.36 -28.42 6.49
N ASP G 244 -41.55 -29.46 5.69
CA ASP G 244 -42.85 -29.81 5.20
C ASP G 244 -42.82 -31.29 4.91
N GLY G 245 -41.67 -31.91 5.21
CA GLY G 245 -41.46 -33.35 5.01
C GLY G 245 -40.72 -33.72 3.71
N GLN G 246 -40.53 -32.75 2.83
CA GLN G 246 -39.83 -32.99 1.57
C GLN G 246 -38.34 -32.80 1.80
N VAL G 247 -37.51 -33.33 0.91
CA VAL G 247 -36.09 -33.11 1.08
C VAL G 247 -35.46 -32.54 -0.17
N ILE G 248 -34.31 -31.93 0.03
CA ILE G 248 -33.47 -31.42 -1.03
C ILE G 248 -32.12 -32.10 -0.94
N THR G 249 -31.62 -32.61 -2.06
CA THR G 249 -30.32 -33.26 -2.02
C THR G 249 -29.36 -32.39 -2.79
N ILE G 250 -28.24 -32.09 -2.13
CA ILE G 250 -27.19 -31.19 -2.58
C ILE G 250 -25.82 -31.89 -2.72
N GLY G 251 -25.14 -31.71 -3.88
CA GLY G 251 -23.87 -32.36 -4.21
C GLY G 251 -22.67 -31.45 -4.16
N ASN G 252 -22.12 -31.06 -5.30
CA ASN G 252 -20.92 -30.24 -5.28
C ASN G 252 -21.24 -28.79 -4.92
N GLU G 253 -22.53 -28.47 -4.86
CA GLU G 253 -23.04 -27.16 -4.53
C GLU G 253 -22.78 -26.89 -3.06
N ARG G 254 -22.58 -27.99 -2.34
CA ARG G 254 -22.33 -28.09 -0.94
C ARG G 254 -21.03 -27.38 -0.59
N PHE G 255 -20.12 -27.33 -1.55
CA PHE G 255 -18.82 -26.68 -1.35
C PHE G 255 -18.61 -25.53 -2.33
N ARG G 256 -19.30 -25.58 -3.47
CA ARG G 256 -19.16 -24.51 -4.47
C ARG G 256 -19.66 -23.21 -3.90
N CYS G 257 -20.61 -23.28 -2.97
CA CYS G 257 -21.12 -22.06 -2.40
C CYS G 257 -20.07 -21.41 -1.47
N PRO G 258 -19.58 -22.06 -0.38
CA PRO G 258 -18.48 -21.63 0.49
C PRO G 258 -17.21 -21.31 -0.27
N GLU G 259 -17.00 -21.94 -1.43
CA GLU G 259 -15.84 -21.71 -2.27
C GLU G 259 -15.74 -20.25 -2.69
N THR G 260 -16.85 -19.50 -2.62
CA THR G 260 -16.91 -18.09 -2.98
C THR G 260 -15.92 -17.33 -2.09
N LEU G 261 -15.61 -17.88 -0.91
CA LEU G 261 -14.66 -17.30 0.03
C LEU G 261 -13.29 -17.27 -0.61
N PHE G 262 -12.99 -18.24 -1.46
CA PHE G 262 -11.72 -18.31 -2.12
C PHE G 262 -11.89 -17.76 -3.54
N GLN G 263 -13.13 -17.75 -4.02
CA GLN G 263 -13.48 -17.24 -5.34
C GLN G 263 -14.73 -16.35 -5.30
N PRO G 264 -14.57 -15.06 -4.94
CA PRO G 264 -15.60 -14.04 -4.81
C PRO G 264 -16.28 -13.66 -6.12
N SER G 265 -15.64 -14.03 -7.23
CA SER G 265 -16.16 -13.78 -8.57
C SER G 265 -17.47 -14.54 -8.78
N PHE G 266 -17.74 -15.53 -7.93
CA PHE G 266 -18.95 -16.34 -7.98
C PHE G 266 -20.19 -15.49 -7.71
N ILE G 267 -20.02 -14.36 -7.00
CA ILE G 267 -21.13 -13.46 -6.69
C ILE G 267 -20.94 -12.11 -7.37
N GLY G 268 -20.04 -12.04 -8.36
CA GLY G 268 -19.78 -10.80 -9.08
C GLY G 268 -18.78 -9.86 -8.41
N MET G 269 -18.09 -10.29 -7.35
CA MET G 269 -17.14 -9.42 -6.67
C MET G 269 -15.77 -9.49 -7.30
N GLU G 270 -15.10 -8.35 -7.37
CA GLU G 270 -13.73 -8.34 -7.85
C GLU G 270 -12.76 -8.54 -6.70
N SER G 271 -12.37 -9.77 -6.49
CA SER G 271 -11.48 -10.15 -5.40
C SER G 271 -10.86 -11.50 -5.63
N ALA G 272 -9.64 -11.68 -5.14
CA ALA G 272 -8.96 -12.96 -5.23
C ALA G 272 -9.27 -13.89 -4.06
N GLY G 273 -10.10 -13.44 -3.11
CA GLY G 273 -10.48 -14.28 -1.97
C GLY G 273 -9.90 -13.90 -0.61
N ILE G 274 -10.43 -14.57 0.43
CA ILE G 274 -10.05 -14.30 1.82
C ILE G 274 -8.58 -14.63 2.13
N HIS G 275 -7.95 -15.50 1.36
CA HIS G 275 -6.55 -15.76 1.61
C HIS G 275 -5.67 -14.68 1.02
N GLU G 276 -6.21 -13.90 0.07
CA GLU G 276 -5.46 -12.83 -0.54
C GLU G 276 -5.49 -11.69 0.45
N THR G 277 -6.64 -11.50 1.09
CA THR G 277 -6.77 -10.41 2.03
C THR G 277 -5.89 -10.68 3.23
N THR G 278 -5.82 -11.95 3.64
CA THR G 278 -5.00 -12.30 4.79
C THR G 278 -3.54 -12.02 4.43
N TYR G 279 -3.15 -12.47 3.25
CA TYR G 279 -1.80 -12.32 2.78
C TYR G 279 -1.37 -10.87 2.67
N ASN G 280 -2.20 -10.02 2.05
CA ASN G 280 -1.85 -8.63 1.86
C ASN G 280 -1.84 -7.88 3.18
N SER G 281 -2.66 -8.29 4.14
CA SER G 281 -2.59 -7.63 5.42
C SER G 281 -1.24 -7.90 6.09
N ILE G 282 -0.64 -9.05 5.82
CA ILE G 282 0.67 -9.34 6.36
C ILE G 282 1.72 -8.62 5.51
N MET G 283 1.63 -8.76 4.18
CA MET G 283 2.60 -8.22 3.23
C MET G 283 2.76 -6.70 3.27
N LYS G 284 1.68 -5.99 3.58
CA LYS G 284 1.75 -4.54 3.61
C LYS G 284 2.32 -4.02 4.93
N CYS G 285 2.67 -4.92 5.85
CA CYS G 285 3.26 -4.54 7.12
C CYS G 285 4.79 -4.71 7.01
N ASP G 286 5.54 -4.01 7.86
CA ASP G 286 7.00 -4.08 7.85
C ASP G 286 7.49 -5.49 8.10
N ILE G 287 8.65 -5.80 7.55
CA ILE G 287 9.22 -7.14 7.65
C ILE G 287 9.51 -7.63 9.07
N ASP G 288 9.61 -6.73 10.05
CA ASP G 288 9.83 -7.14 11.43
C ASP G 288 8.51 -7.32 12.19
N ILE G 289 7.42 -7.12 11.46
CA ILE G 289 6.05 -7.32 11.92
C ILE G 289 5.56 -8.63 11.32
N ARG G 290 5.88 -8.82 10.03
CA ARG G 290 5.39 -9.93 9.22
C ARG G 290 5.62 -11.28 9.83
N LYS G 291 6.75 -11.48 10.49
CA LYS G 291 7.02 -12.80 11.04
C LYS G 291 5.99 -13.19 12.11
N ASP G 292 5.47 -12.20 12.83
CA ASP G 292 4.57 -12.48 13.92
C ASP G 292 3.17 -12.58 13.37
N LEU G 293 2.89 -11.83 12.30
CA LEU G 293 1.56 -11.94 11.73
C LEU G 293 1.44 -13.27 10.95
N TYR G 294 2.51 -13.74 10.29
CA TYR G 294 2.44 -15.02 9.56
C TYR G 294 2.12 -16.17 10.50
N ALA G 295 2.71 -16.12 11.69
CA ALA G 295 2.53 -17.15 12.70
C ALA G 295 1.23 -17.03 13.48
N ASN G 296 0.46 -15.96 13.24
CA ASN G 296 -0.77 -15.72 13.98
C ASN G 296 -1.94 -15.24 13.11
N ASN G 297 -2.39 -16.08 12.19
CA ASN G 297 -3.59 -15.77 11.43
C ASN G 297 -4.76 -16.21 12.31
N VAL G 298 -5.71 -15.32 12.54
CA VAL G 298 -6.81 -15.59 13.46
C VAL G 298 -8.17 -15.72 12.82
N MET G 299 -8.79 -16.88 13.05
CA MET G 299 -10.12 -17.13 12.55
C MET G 299 -11.09 -16.76 13.65
N SER G 300 -12.11 -16.00 13.31
CA SER G 300 -13.15 -15.59 14.25
C SER G 300 -14.46 -15.51 13.50
N GLY G 301 -15.56 -15.65 14.22
CA GLY G 301 -16.86 -15.55 13.56
C GLY G 301 -17.22 -16.87 12.87
N GLY G 302 -18.24 -16.82 12.02
CA GLY G 302 -18.77 -18.01 11.33
C GLY G 302 -17.92 -18.29 10.11
N THR G 303 -18.25 -19.31 9.30
CA THR G 303 -17.49 -19.75 8.10
C THR G 303 -16.15 -20.42 8.48
N THR G 304 -15.68 -20.15 9.69
CA THR G 304 -14.45 -20.66 10.25
C THR G 304 -14.68 -22.07 10.76
N MET G 305 -15.95 -22.43 10.80
CA MET G 305 -16.43 -23.75 11.18
C MET G 305 -16.57 -24.68 9.97
N TYR G 306 -16.29 -24.20 8.73
CA TYR G 306 -16.44 -25.10 7.60
C TYR G 306 -15.31 -26.12 7.55
N PRO G 307 -15.59 -27.40 7.30
CA PRO G 307 -14.54 -28.37 7.10
C PRO G 307 -13.63 -27.92 5.98
N GLY G 308 -12.33 -28.02 6.25
CA GLY G 308 -11.27 -27.63 5.33
C GLY G 308 -10.84 -26.16 5.47
N ILE G 309 -11.55 -25.34 6.25
CA ILE G 309 -11.17 -23.92 6.26
C ILE G 309 -9.90 -23.55 6.99
N ALA G 310 -9.61 -24.15 8.15
CA ALA G 310 -8.38 -23.75 8.83
C ALA G 310 -7.17 -24.31 8.11
N ASP G 311 -7.34 -25.46 7.48
CA ASP G 311 -6.24 -26.12 6.82
C ASP G 311 -6.02 -25.51 5.46
N ARG G 312 -7.13 -25.14 4.82
CA ARG G 312 -7.12 -24.52 3.51
C ARG G 312 -6.51 -23.13 3.60
N MET G 313 -6.91 -22.35 4.61
CA MET G 313 -6.35 -21.03 4.73
C MET G 313 -4.86 -21.11 5.01
N GLN G 314 -4.42 -22.04 5.87
CA GLN G 314 -3.00 -22.09 6.14
C GLN G 314 -2.23 -22.45 4.86
N LYS G 315 -2.79 -23.38 4.06
CA LYS G 315 -2.21 -23.81 2.79
C LYS G 315 -2.17 -22.67 1.75
N GLU G 316 -3.26 -21.91 1.65
CA GLU G 316 -3.39 -20.82 0.71
C GLU G 316 -2.45 -19.65 1.03
N ILE G 317 -2.17 -19.41 2.31
CA ILE G 317 -1.28 -18.30 2.66
C ILE G 317 0.16 -18.79 2.56
N THR G 318 0.47 -20.00 3.03
CA THR G 318 1.85 -20.48 2.96
C THR G 318 2.28 -20.55 1.49
N ALA G 319 1.34 -20.80 0.58
CA ALA G 319 1.58 -20.84 -0.87
C ALA G 319 1.99 -19.47 -1.45
N LEU G 320 1.62 -18.36 -0.79
CA LEU G 320 1.91 -17.00 -1.24
C LEU G 320 3.11 -16.43 -0.50
N ALA G 321 3.28 -16.89 0.73
CA ALA G 321 4.32 -16.52 1.66
C ALA G 321 5.67 -17.05 1.20
N PRO G 322 6.80 -16.47 1.65
CA PRO G 322 8.13 -16.95 1.39
C PRO G 322 8.37 -18.27 2.12
N SER G 323 9.32 -19.04 1.62
CA SER G 323 9.74 -20.29 2.23
C SER G 323 10.48 -19.97 3.50
N THR G 324 10.81 -21.00 4.31
CA THR G 324 11.50 -20.87 5.61
C THR G 324 10.53 -20.41 6.71
N MET G 325 9.77 -19.38 6.42
CA MET G 325 8.78 -18.81 7.32
C MET G 325 7.67 -19.79 7.68
N LYS G 326 7.26 -19.73 8.96
CA LYS G 326 6.16 -20.54 9.44
C LYS G 326 4.85 -19.78 9.43
N ILE G 327 3.90 -20.31 8.69
CA ILE G 327 2.57 -19.77 8.57
C ILE G 327 1.65 -20.61 9.43
N LYS G 328 0.91 -19.95 10.32
CA LYS G 328 0.05 -20.69 11.22
C LYS G 328 -1.33 -20.08 11.46
N ILE G 329 -2.35 -20.95 11.57
CA ILE G 329 -3.70 -20.53 11.93
C ILE G 329 -4.21 -20.94 13.30
N ILE G 330 -4.79 -19.94 13.95
CA ILE G 330 -5.43 -20.00 15.24
C ILE G 330 -6.94 -20.11 14.99
N ALA G 331 -7.53 -21.23 15.42
CA ALA G 331 -8.94 -21.48 15.15
C ALA G 331 -9.57 -22.28 16.29
N PRO G 332 -9.86 -21.65 17.44
CA PRO G 332 -10.33 -22.28 18.66
C PRO G 332 -11.75 -22.77 18.47
N PRO G 333 -12.24 -23.70 19.30
CA PRO G 333 -13.60 -24.24 19.31
C PRO G 333 -14.65 -23.17 19.65
N GLU G 334 -14.18 -22.07 20.23
CA GLU G 334 -15.04 -20.97 20.58
C GLU G 334 -15.42 -20.27 19.29
N ARG G 335 -15.64 -21.08 18.26
CA ARG G 335 -16.01 -20.60 16.93
C ARG G 335 -17.35 -19.89 16.93
N LYS G 336 -17.50 -18.96 16.00
CA LYS G 336 -18.70 -18.15 15.84
C LYS G 336 -19.10 -17.38 17.10
N TYR G 337 -18.47 -17.69 18.23
CA TYR G 337 -18.81 -16.93 19.44
C TYR G 337 -17.65 -16.20 20.14
N SER G 338 -16.40 -16.46 19.74
CA SER G 338 -15.22 -15.91 20.41
C SER G 338 -15.18 -14.41 20.43
N VAL G 339 -15.78 -13.75 19.45
CA VAL G 339 -15.83 -12.31 19.45
C VAL G 339 -16.73 -11.82 20.59
N TRP G 340 -17.82 -12.56 20.90
CA TRP G 340 -18.69 -12.16 21.98
C TRP G 340 -17.89 -12.22 23.25
N ILE G 341 -17.13 -13.30 23.37
CA ILE G 341 -16.31 -13.56 24.54
C ILE G 341 -15.30 -12.44 24.67
N GLY G 342 -14.70 -12.04 23.56
CA GLY G 342 -13.78 -10.94 23.59
C GLY G 342 -14.47 -9.68 24.13
N GLY G 343 -15.77 -9.49 23.80
CA GLY G 343 -16.57 -8.36 24.26
C GLY G 343 -16.66 -8.41 25.77
N SER G 344 -16.93 -9.60 26.30
CA SER G 344 -17.02 -9.87 27.73
C SER G 344 -15.68 -9.59 28.41
N ILE G 345 -14.59 -10.02 27.77
CA ILE G 345 -13.28 -9.81 28.34
C ILE G 345 -12.97 -8.34 28.38
N LEU G 346 -13.16 -7.62 27.27
CA LEU G 346 -12.82 -6.22 27.27
C LEU G 346 -13.68 -5.41 28.21
N ALA G 347 -14.98 -5.65 28.18
CA ALA G 347 -15.93 -4.90 28.97
C ALA G 347 -15.61 -5.00 30.46
N SER G 348 -15.09 -6.16 30.89
CA SER G 348 -14.75 -6.40 32.29
C SER G 348 -13.26 -6.16 32.67
N LEU G 349 -12.41 -5.68 31.74
CA LEU G 349 -11.01 -5.47 32.12
C LEU G 349 -10.86 -4.19 32.91
N SER G 350 -9.94 -4.18 33.86
CA SER G 350 -9.69 -2.95 34.62
C SER G 350 -9.02 -1.90 33.76
N THR G 351 -8.37 -2.35 32.68
CA THR G 351 -7.61 -1.52 31.77
C THR G 351 -8.54 -0.74 30.87
N PHE G 352 -9.79 -1.17 30.84
CA PHE G 352 -10.82 -0.63 30.00
C PHE G 352 -11.80 0.25 30.74
N GLN G 353 -11.63 0.48 32.04
CA GLN G 353 -12.71 1.21 32.69
C GLN G 353 -12.57 2.71 32.53
N GLN G 354 -11.48 3.12 31.89
CA GLN G 354 -11.23 4.52 31.60
C GLN G 354 -11.58 4.81 30.13
N MET G 355 -12.01 3.78 29.39
CA MET G 355 -12.29 3.92 27.96
C MET G 355 -13.74 4.24 27.64
N TRP G 356 -14.57 4.27 28.66
CA TRP G 356 -16.01 4.49 28.51
C TRP G 356 -16.39 5.94 28.23
N ILE G 357 -17.39 6.13 27.37
CA ILE G 357 -17.98 7.45 27.16
C ILE G 357 -18.98 7.53 28.28
N THR G 358 -18.95 8.55 29.11
CA THR G 358 -19.93 8.57 30.19
C THR G 358 -21.19 9.32 29.79
N LYS G 359 -22.29 9.13 30.54
CA LYS G 359 -23.50 9.91 30.24
C LYS G 359 -23.42 11.25 30.96
N GLN G 360 -22.45 12.01 30.52
CA GLN G 360 -22.10 13.35 30.90
C GLN G 360 -21.41 13.86 29.69
N GLU G 361 -20.34 13.16 29.30
CA GLU G 361 -19.57 13.53 28.13
C GLU G 361 -20.45 13.43 26.89
N TYR G 362 -21.28 12.39 26.82
CA TYR G 362 -22.21 12.22 25.72
C TYR G 362 -23.22 13.34 25.68
N ASP G 363 -23.84 13.63 26.82
CA ASP G 363 -24.88 14.64 26.80
C ASP G 363 -24.32 16.00 26.39
N GLU G 364 -23.09 16.32 26.80
CA GLU G 364 -22.48 17.58 26.42
C GLU G 364 -22.06 17.65 24.94
N ALA G 365 -21.50 16.57 24.41
CA ALA G 365 -21.00 16.52 23.03
C ALA G 365 -21.95 16.03 21.94
N GLY G 366 -22.84 15.09 22.26
CA GLY G 366 -23.68 14.43 21.29
C GLY G 366 -22.94 13.20 20.76
N PRO G 367 -23.56 12.38 19.90
CA PRO G 367 -23.07 11.11 19.38
C PRO G 367 -21.80 11.16 18.56
N SER G 368 -21.41 12.33 18.05
CA SER G 368 -20.18 12.38 17.27
C SER G 368 -18.96 12.07 18.16
N ILE G 369 -19.16 12.14 19.48
CA ILE G 369 -18.17 11.87 20.51
C ILE G 369 -17.58 10.47 20.43
N VAL G 370 -18.34 9.53 19.91
CA VAL G 370 -17.88 8.16 19.83
C VAL G 370 -16.63 8.05 18.98
N HIS G 371 -16.49 8.94 17.99
CA HIS G 371 -15.35 8.98 17.09
C HIS G 371 -14.07 9.40 17.81
N ARG G 372 -14.20 10.16 18.89
CA ARG G 372 -13.03 10.63 19.61
C ARG G 372 -12.66 9.68 20.75
N LYS G 373 -13.69 9.12 21.38
CA LYS G 373 -13.53 8.28 22.57
C LYS G 373 -13.30 6.78 22.38
N CYS G 374 -13.79 6.17 21.28
CA CYS G 374 -13.66 4.73 21.20
C CYS G 374 -12.41 4.20 20.49
N PHE G 375 -12.14 4.69 19.27
CA PHE G 375 -11.01 4.23 18.48
C PHE G 375 -10.92 4.92 17.11
N ASP H 1 6.61 9.78 -43.15
CA ASP H 1 5.29 10.26 -42.75
C ASP H 1 5.41 11.62 -42.11
N GLU H 2 6.58 11.86 -41.53
CA GLU H 2 6.94 13.12 -40.89
C GLU H 2 7.84 13.86 -41.88
N ASP H 3 8.24 15.10 -41.58
CA ASP H 3 9.13 15.81 -42.51
C ASP H 3 10.61 15.63 -42.19
N GLU H 4 10.88 14.79 -41.18
CA GLU H 4 12.20 14.44 -40.71
C GLU H 4 12.13 13.08 -40.01
N THR H 5 13.24 12.36 -39.95
CA THR H 5 13.27 11.09 -39.19
C THR H 5 13.49 11.40 -37.73
N THR H 6 12.52 12.11 -37.16
CA THR H 6 12.50 12.57 -35.80
C THR H 6 12.29 11.42 -34.85
N ALA H 7 12.85 11.52 -33.66
CA ALA H 7 12.61 10.47 -32.68
C ALA H 7 11.19 10.51 -32.22
N LEU H 8 10.64 9.38 -31.82
CA LEU H 8 9.33 9.37 -31.21
C LEU H 8 9.58 9.42 -29.72
N VAL H 9 8.71 10.08 -28.98
CA VAL H 9 8.91 10.17 -27.54
C VAL H 9 7.73 9.63 -26.75
N CYS H 10 8.00 8.71 -25.83
CA CYS H 10 6.93 8.17 -24.98
C CYS H 10 7.35 8.12 -23.52
N ASP H 11 6.60 8.85 -22.70
CA ASP H 11 6.82 9.00 -21.27
C ASP H 11 5.85 8.08 -20.54
N ASN H 12 6.31 6.90 -20.13
CA ASN H 12 5.50 5.85 -19.54
C ASN H 12 5.52 5.79 -18.03
N GLY H 13 4.57 6.42 -17.36
CA GLY H 13 4.62 6.42 -15.92
C GLY H 13 3.75 5.31 -15.36
N SER H 14 3.62 5.27 -14.04
CA SER H 14 2.81 4.25 -13.38
C SER H 14 1.32 4.61 -13.46
N GLY H 15 1.07 5.85 -13.85
CA GLY H 15 -0.27 6.41 -13.98
C GLY H 15 -0.69 6.35 -15.43
N LEU H 16 -0.21 7.32 -16.20
CA LEU H 16 -0.51 7.53 -17.60
C LEU H 16 0.75 7.57 -18.47
N VAL H 17 0.55 7.32 -19.77
CA VAL H 17 1.55 7.37 -20.80
C VAL H 17 1.33 8.54 -21.73
N LYS H 18 2.32 9.40 -21.83
CA LYS H 18 2.20 10.55 -22.74
C LYS H 18 3.07 10.30 -23.95
N ALA H 19 2.51 10.47 -25.15
CA ALA H 19 3.29 10.18 -26.35
C ALA H 19 3.04 11.15 -27.51
N GLY H 20 4.07 11.34 -28.31
CA GLY H 20 4.04 12.19 -29.49
C GLY H 20 5.39 12.11 -30.17
N PHE H 21 5.72 13.04 -31.05
CA PHE H 21 7.01 12.95 -31.72
C PHE H 21 7.95 14.04 -31.23
N ALA H 22 9.24 13.79 -31.30
CA ALA H 22 10.20 14.78 -30.89
C ALA H 22 10.10 15.99 -31.78
N GLY H 23 10.17 17.15 -31.17
CA GLY H 23 10.08 18.40 -31.86
C GLY H 23 8.72 19.04 -31.65
N ASP H 24 7.73 18.27 -31.14
CA ASP H 24 6.45 18.94 -30.90
C ASP H 24 6.54 19.58 -29.51
N ASP H 25 5.46 20.28 -29.13
CA ASP H 25 5.37 20.97 -27.83
C ASP H 25 4.34 20.32 -26.92
N ALA H 26 3.89 19.15 -27.32
CA ALA H 26 2.91 18.40 -26.58
C ALA H 26 2.91 16.97 -27.08
N PRO H 27 2.47 16.00 -26.28
CA PRO H 27 2.23 14.66 -26.72
C PRO H 27 1.04 14.74 -27.65
N ARG H 28 0.93 13.84 -28.60
CA ARG H 28 -0.22 13.83 -29.50
C ARG H 28 -1.39 13.18 -28.79
N ALA H 29 -1.08 12.23 -27.90
CA ALA H 29 -2.10 11.51 -27.17
C ALA H 29 -1.62 11.07 -25.80
N VAL H 30 -2.56 10.93 -24.89
CA VAL H 30 -2.28 10.41 -23.57
C VAL H 30 -3.17 9.21 -23.32
N PHE H 31 -2.57 8.18 -22.77
CA PHE H 31 -3.27 6.94 -22.51
C PHE H 31 -3.07 6.63 -21.04
N PRO H 32 -4.01 6.01 -20.35
CA PRO H 32 -3.78 5.43 -19.04
C PRO H 32 -2.75 4.30 -19.22
N SER H 33 -1.88 4.04 -18.23
CA SER H 33 -0.95 2.90 -18.33
C SER H 33 -1.70 1.64 -17.88
N ILE H 34 -2.76 1.32 -18.61
CA ILE H 34 -3.67 0.26 -18.27
C ILE H 34 -3.95 -0.76 -19.34
N VAL H 35 -3.95 -2.03 -18.91
CA VAL H 35 -4.43 -3.08 -19.78
C VAL H 35 -5.60 -3.77 -19.06
N GLY H 36 -6.77 -3.69 -19.66
CA GLY H 36 -7.98 -4.21 -19.05
C GLY H 36 -8.38 -5.57 -19.59
N ARG H 37 -8.97 -6.37 -18.73
CA ARG H 37 -9.43 -7.71 -19.14
C ARG H 37 -10.81 -8.04 -18.57
N PRO H 38 -11.72 -8.64 -19.35
CA PRO H 38 -13.07 -8.96 -18.93
C PRO H 38 -13.06 -9.92 -17.77
N ARG H 39 -13.94 -9.67 -16.80
CA ARG H 39 -14.07 -10.52 -15.62
C ARG H 39 -15.42 -11.25 -15.62
N HIS H 40 -16.06 -11.26 -16.77
CA HIS H 40 -17.37 -11.87 -16.99
C HIS H 40 -17.38 -12.87 -18.14
N GLN H 41 -18.30 -13.82 -18.05
CA GLN H 41 -18.57 -14.81 -19.09
C GLN H 41 -19.50 -14.27 -20.15
N GLY H 42 -19.08 -14.39 -21.41
CA GLY H 42 -19.88 -13.92 -22.54
C GLY H 42 -21.13 -14.78 -22.67
N VAL H 43 -22.24 -14.14 -23.04
CA VAL H 43 -23.51 -14.83 -23.22
C VAL H 43 -23.96 -14.76 -24.70
N MET H 44 -23.76 -13.61 -25.35
CA MET H 44 -24.16 -13.40 -26.72
C MET H 44 -23.00 -13.82 -27.63
N VAL H 45 -23.27 -14.12 -28.91
CA VAL H 45 -22.23 -14.55 -29.85
C VAL H 45 -22.10 -13.60 -31.05
N GLY H 46 -20.86 -13.40 -31.54
CA GLY H 46 -20.66 -12.50 -32.66
C GLY H 46 -20.59 -11.07 -32.18
N MET H 47 -20.10 -10.92 -30.94
CA MET H 47 -19.99 -9.67 -30.21
C MET H 47 -18.62 -9.01 -30.29
N GLY H 48 -17.73 -9.56 -31.12
CA GLY H 48 -16.35 -9.11 -31.14
C GLY H 48 -15.78 -9.50 -29.79
N GLN H 49 -15.21 -8.54 -29.06
CA GLN H 49 -14.61 -8.71 -27.73
C GLN H 49 -13.16 -9.21 -27.74
N LYS H 50 -12.30 -8.37 -27.19
CA LYS H 50 -10.87 -8.63 -27.15
C LYS H 50 -10.48 -9.41 -25.90
N ASP H 51 -9.29 -10.02 -25.92
CA ASP H 51 -8.79 -10.73 -24.76
C ASP H 51 -8.37 -9.70 -23.73
N SER H 52 -7.90 -8.58 -24.25
CA SER H 52 -7.45 -7.45 -23.47
C SER H 52 -7.63 -6.15 -24.24
N TYR H 53 -7.83 -5.09 -23.49
CA TYR H 53 -8.02 -3.74 -24.01
C TYR H 53 -6.91 -2.87 -23.49
N VAL H 54 -6.49 -1.86 -24.26
CA VAL H 54 -5.41 -1.04 -23.70
C VAL H 54 -5.73 0.43 -23.64
N GLY H 55 -5.06 1.14 -22.75
CA GLY H 55 -5.15 2.59 -22.73
C GLY H 55 -6.57 3.05 -22.54
N ASP H 56 -7.02 3.86 -23.48
CA ASP H 56 -8.33 4.42 -23.49
C ASP H 56 -9.40 3.38 -23.82
N GLU H 57 -9.02 2.27 -24.47
CA GLU H 57 -10.01 1.24 -24.74
C GLU H 57 -10.33 0.60 -23.42
N ALA H 58 -9.27 0.41 -22.64
CA ALA H 58 -9.37 -0.25 -21.34
C ALA H 58 -10.24 0.57 -20.42
N GLN H 59 -10.12 1.89 -20.50
CA GLN H 59 -10.94 2.71 -19.66
C GLN H 59 -12.39 2.81 -20.20
N SER H 60 -12.58 2.94 -21.52
CA SER H 60 -13.93 3.09 -22.05
C SER H 60 -14.82 1.85 -21.85
N LYS H 61 -14.21 0.66 -21.86
CA LYS H 61 -14.93 -0.61 -21.70
C LYS H 61 -14.85 -1.17 -20.27
N ARG H 62 -14.34 -0.36 -19.33
CA ARG H 62 -14.06 -0.73 -17.96
C ARG H 62 -15.22 -1.26 -17.15
N GLY H 63 -16.46 -1.04 -17.57
CA GLY H 63 -17.60 -1.49 -16.79
C GLY H 63 -17.51 -2.97 -16.40
N ILE H 64 -16.93 -3.81 -17.25
CA ILE H 64 -16.77 -5.23 -16.91
C ILE H 64 -15.33 -5.71 -16.95
N LEU H 65 -14.37 -4.80 -16.89
CA LEU H 65 -12.98 -5.21 -16.98
C LEU H 65 -12.29 -5.01 -15.65
N THR H 66 -11.29 -5.84 -15.40
CA THR H 66 -10.42 -5.59 -14.25
C THR H 66 -9.33 -4.76 -14.88
N LEU H 67 -8.90 -3.69 -14.24
CA LEU H 67 -7.87 -2.87 -14.88
C LEU H 67 -6.54 -2.96 -14.17
N LYS H 68 -5.53 -3.43 -14.90
CA LYS H 68 -4.22 -3.60 -14.31
C LYS H 68 -3.24 -2.58 -14.84
N TYR H 69 -2.28 -2.22 -14.00
CA TYR H 69 -1.23 -1.31 -14.36
C TYR H 69 0.10 -2.09 -14.49
N PRO H 70 0.70 -2.22 -15.71
CA PRO H 70 1.95 -2.93 -16.01
C PRO H 70 3.19 -2.36 -15.32
N ILE H 71 3.07 -1.11 -14.84
CA ILE H 71 4.13 -0.40 -14.16
C ILE H 71 3.88 -0.23 -12.67
N GLU H 72 4.85 -0.69 -11.88
CA GLU H 72 4.77 -0.69 -10.43
C GLU H 72 5.75 0.31 -9.83
N HIS H 73 5.25 1.47 -9.44
CA HIS H 73 6.06 2.52 -8.83
C HIS H 73 7.32 2.86 -9.64
N GLY H 74 7.12 2.95 -10.95
CA GLY H 74 8.15 3.26 -11.93
C GLY H 74 8.77 2.06 -12.66
N ILE H 75 8.51 0.83 -12.22
CA ILE H 75 9.11 -0.32 -12.89
C ILE H 75 8.15 -1.12 -13.76
N ILE H 76 8.49 -1.35 -15.03
CA ILE H 76 7.63 -2.22 -15.82
C ILE H 76 7.88 -3.64 -15.38
N THR H 77 6.81 -4.32 -14.95
CA THR H 77 6.92 -5.70 -14.53
C THR H 77 6.20 -6.55 -15.55
N ASN H 78 5.33 -5.90 -16.34
CA ASN H 78 4.62 -6.61 -17.39
C ASN H 78 4.87 -5.91 -18.73
N TRP H 79 5.83 -6.44 -19.45
CA TRP H 79 6.28 -5.88 -20.71
C TRP H 79 5.50 -6.35 -21.91
N ASP H 80 4.60 -7.31 -21.70
CA ASP H 80 3.80 -7.76 -22.81
C ASP H 80 2.66 -6.76 -22.91
N ASP H 81 2.23 -6.29 -21.75
CA ASP H 81 1.20 -5.29 -21.70
C ASP H 81 1.73 -3.95 -22.16
N MET H 82 2.99 -3.61 -21.83
CA MET H 82 3.49 -2.34 -22.34
C MET H 82 3.70 -2.39 -23.85
N GLU H 83 4.08 -3.56 -24.40
CA GLU H 83 4.23 -3.63 -25.84
C GLU H 83 2.88 -3.36 -26.52
N LYS H 84 1.78 -3.90 -25.98
CA LYS H 84 0.48 -3.64 -26.59
C LYS H 84 0.05 -2.17 -26.47
N ILE H 85 0.35 -1.54 -25.33
CA ILE H 85 0.02 -0.13 -25.16
C ILE H 85 0.80 0.69 -26.16
N TRP H 86 2.08 0.39 -26.32
CA TRP H 86 2.93 1.08 -27.26
C TRP H 86 2.49 0.86 -28.69
N HIS H 87 2.11 -0.36 -29.06
CA HIS H 87 1.69 -0.55 -30.44
C HIS H 87 0.49 0.32 -30.71
N HIS H 88 -0.46 0.35 -29.79
CA HIS H 88 -1.61 1.21 -29.94
C HIS H 88 -1.20 2.68 -30.04
N THR H 89 -0.33 3.11 -29.16
CA THR H 89 0.12 4.48 -29.17
C THR H 89 0.75 4.88 -30.50
N PHE H 90 1.69 4.07 -30.97
CA PHE H 90 2.45 4.36 -32.16
C PHE H 90 1.66 4.23 -33.43
N TYR H 91 0.84 3.20 -33.54
CA TYR H 91 0.14 2.97 -34.78
C TYR H 91 -1.28 3.58 -34.84
N ASN H 92 -2.01 3.67 -33.72
CA ASN H 92 -3.36 4.22 -33.79
C ASN H 92 -3.45 5.71 -33.48
N GLU H 93 -2.61 6.26 -32.59
CA GLU H 93 -2.75 7.71 -32.32
C GLU H 93 -1.67 8.58 -32.96
N LEU H 94 -0.43 8.12 -32.92
CA LEU H 94 0.66 8.91 -33.49
C LEU H 94 0.72 8.66 -35.00
N ARG H 95 0.23 7.47 -35.38
CA ARG H 95 0.21 6.92 -36.73
C ARG H 95 1.60 6.83 -37.36
N VAL H 96 2.62 6.50 -36.55
CA VAL H 96 3.99 6.36 -37.04
C VAL H 96 4.62 5.05 -36.58
N ALA H 97 5.11 4.26 -37.54
CA ALA H 97 5.78 3.02 -37.19
C ALA H 97 7.23 3.30 -36.74
N PRO H 98 7.67 2.88 -35.53
CA PRO H 98 9.00 3.07 -34.95
C PRO H 98 10.13 2.54 -35.82
N GLU H 99 9.82 1.64 -36.74
CA GLU H 99 10.86 1.08 -37.59
C GLU H 99 11.63 2.19 -38.33
N GLU H 100 10.95 3.29 -38.67
CA GLU H 100 11.59 4.40 -39.38
C GLU H 100 12.07 5.55 -38.47
N HIS H 101 11.91 5.42 -37.14
CA HIS H 101 12.23 6.51 -36.22
C HIS H 101 12.89 6.06 -34.90
N PRO H 102 13.90 6.78 -34.37
CA PRO H 102 14.51 6.52 -33.05
C PRO H 102 13.43 6.70 -31.98
N THR H 103 13.53 6.01 -30.85
CA THR H 103 12.56 6.23 -29.77
C THR H 103 13.19 6.56 -28.41
N LEU H 104 12.65 7.59 -27.76
CA LEU H 104 13.13 7.99 -26.44
C LEU H 104 12.10 7.66 -25.38
N LEU H 105 12.55 6.90 -24.39
CA LEU H 105 11.77 6.47 -23.24
C LEU H 105 12.39 7.08 -22.00
N THR H 106 11.62 7.15 -20.90
CA THR H 106 12.12 7.80 -19.70
C THR H 106 12.00 6.90 -18.46
N GLU H 107 12.87 7.14 -17.47
CA GLU H 107 12.78 6.49 -16.15
C GLU H 107 13.56 7.27 -15.08
N ALA H 108 13.27 7.02 -13.82
CA ALA H 108 14.18 7.54 -12.82
C ALA H 108 15.43 6.62 -12.86
N PRO H 109 16.67 7.10 -12.68
CA PRO H 109 17.89 6.31 -12.58
C PRO H 109 17.91 5.42 -11.34
N LEU H 110 16.98 5.69 -10.43
CA LEU H 110 16.79 4.96 -9.18
C LEU H 110 16.09 3.63 -9.44
N ASN H 111 15.56 3.48 -10.64
CA ASN H 111 14.82 2.31 -11.07
C ASN H 111 15.79 1.11 -11.14
N PRO H 112 15.50 -0.03 -10.47
CA PRO H 112 16.38 -1.19 -10.32
C PRO H 112 16.62 -2.03 -11.59
N LYS H 113 17.26 -1.41 -12.57
CA LYS H 113 17.78 -2.02 -13.81
C LYS H 113 16.79 -2.56 -14.84
N ALA H 114 15.84 -3.38 -14.40
CA ALA H 114 14.93 -4.05 -15.30
C ALA H 114 14.14 -3.12 -16.19
N ASN H 115 13.75 -1.94 -15.72
CA ASN H 115 12.93 -1.07 -16.54
C ASN H 115 13.72 -0.59 -17.77
N ARG H 116 14.85 0.12 -17.59
CA ARG H 116 15.61 0.52 -18.77
C ARG H 116 16.06 -0.65 -19.67
N GLU H 117 16.34 -1.84 -19.09
CA GLU H 117 16.78 -2.94 -19.94
C GLU H 117 15.65 -3.48 -20.82
N LYS H 118 14.44 -3.58 -20.25
CA LYS H 118 13.32 -4.12 -20.98
C LYS H 118 12.73 -3.05 -21.90
N MET H 119 12.79 -1.78 -21.52
CA MET H 119 12.25 -0.77 -22.41
C MET H 119 13.05 -0.74 -23.69
N THR H 120 14.37 -0.87 -23.55
CA THR H 120 15.29 -0.85 -24.67
C THR H 120 15.01 -2.08 -25.54
N GLN H 121 14.88 -3.27 -24.90
CA GLN H 121 14.62 -4.50 -25.62
C GLN H 121 13.30 -4.51 -26.36
N ILE H 122 12.23 -3.98 -25.77
CA ILE H 122 10.95 -4.02 -26.46
C ILE H 122 11.04 -3.20 -27.73
N MET H 123 11.58 -1.99 -27.62
CA MET H 123 11.61 -1.21 -28.82
C MET H 123 12.52 -1.77 -29.91
N PHE H 124 13.65 -2.38 -29.53
CA PHE H 124 14.52 -2.97 -30.54
C PHE H 124 14.04 -4.30 -31.10
N GLU H 125 13.41 -5.14 -30.28
CA GLU H 125 13.02 -6.44 -30.79
C GLU H 125 11.55 -6.59 -31.21
N THR H 126 10.59 -5.83 -30.65
CA THR H 126 9.22 -6.06 -31.11
C THR H 126 8.82 -4.97 -32.10
N PHE H 127 9.45 -3.80 -31.98
CA PHE H 127 9.14 -2.68 -32.89
C PHE H 127 10.21 -2.41 -33.96
N ASN H 128 11.38 -3.03 -33.82
CA ASN H 128 12.52 -2.85 -34.72
C ASN H 128 12.94 -1.37 -34.88
N VAL H 129 12.94 -0.64 -33.77
CA VAL H 129 13.30 0.77 -33.80
C VAL H 129 14.77 0.86 -34.22
N PRO H 130 15.19 1.77 -35.13
CA PRO H 130 16.56 1.92 -35.57
C PRO H 130 17.49 2.42 -34.46
N ALA H 131 16.91 3.04 -33.43
CA ALA H 131 17.73 3.54 -32.32
C ALA H 131 16.93 3.76 -31.03
N MET H 132 17.64 3.70 -29.90
CA MET H 132 17.04 3.95 -28.57
C MET H 132 17.79 4.80 -27.60
N TYR H 133 17.04 5.44 -26.69
CA TYR H 133 17.64 6.26 -25.64
C TYR H 133 16.75 6.37 -24.37
N VAL H 134 17.23 5.84 -23.25
CA VAL H 134 16.48 5.92 -22.00
C VAL H 134 16.97 7.12 -21.23
N ALA H 135 16.07 8.05 -20.99
CA ALA H 135 16.37 9.34 -20.39
C ALA H 135 16.04 9.45 -18.91
N ILE H 136 16.72 10.41 -18.28
CA ILE H 136 16.57 10.76 -16.88
C ILE H 136 15.43 11.75 -16.69
N GLN H 137 14.49 11.41 -15.81
CA GLN H 137 13.33 12.28 -15.54
C GLN H 137 13.70 13.69 -15.03
N ALA H 138 14.75 13.79 -14.20
CA ALA H 138 15.18 15.09 -13.68
C ALA H 138 15.71 15.99 -14.81
N VAL H 139 16.40 15.38 -15.77
CA VAL H 139 16.97 16.09 -16.91
C VAL H 139 15.89 16.63 -17.79
N LEU H 140 14.91 15.78 -18.03
CA LEU H 140 13.82 16.12 -18.88
C LEU H 140 12.99 17.24 -18.25
N SER H 141 12.78 17.16 -16.94
CA SER H 141 12.00 18.16 -16.24
C SER H 141 12.71 19.51 -16.23
N LEU H 142 14.04 19.51 -16.03
CA LEU H 142 14.76 20.78 -16.03
C LEU H 142 14.79 21.39 -17.42
N TYR H 143 14.89 20.59 -18.50
CA TYR H 143 14.86 21.24 -19.80
C TYR H 143 13.51 21.91 -20.03
N ALA H 144 12.44 21.19 -19.69
CA ALA H 144 11.08 21.67 -19.89
C ALA H 144 10.81 22.91 -19.05
N SER H 145 11.42 22.96 -17.87
CA SER H 145 11.25 24.02 -16.89
C SER H 145 12.18 25.22 -17.09
N GLY H 146 13.11 25.17 -18.05
CA GLY H 146 14.03 26.29 -18.22
C GLY H 146 15.14 26.38 -17.15
N ARG H 147 15.60 25.24 -16.63
CA ARG H 147 16.64 25.20 -15.61
C ARG H 147 17.76 24.20 -15.90
N THR H 148 18.93 24.43 -15.30
CA THR H 148 20.08 23.53 -15.42
C THR H 148 20.46 23.15 -14.01
N THR H 149 19.94 23.96 -13.12
CA THR H 149 20.20 23.84 -11.70
C THR H 149 18.89 23.91 -10.94
N GLY H 150 18.72 22.98 -10.01
CA GLY H 150 17.54 22.94 -9.15
C GLY H 150 17.17 21.52 -8.77
N ILE H 151 16.08 21.38 -8.02
CA ILE H 151 15.60 20.06 -7.59
C ILE H 151 14.33 19.67 -8.24
N VAL H 152 14.31 18.52 -8.87
CA VAL H 152 13.08 18.11 -9.50
C VAL H 152 12.19 17.29 -8.60
N LEU H 153 11.01 17.86 -8.34
CA LEU H 153 9.98 17.25 -7.52
C LEU H 153 8.94 16.72 -8.49
N ASP H 154 8.95 15.43 -8.75
CA ASP H 154 8.08 14.88 -9.75
C ASP H 154 6.96 14.02 -9.21
N SER H 155 6.61 14.22 -7.94
CA SER H 155 5.52 13.59 -7.14
C SER H 155 4.31 12.99 -7.87
N GLY H 156 4.54 12.18 -8.89
CA GLY H 156 3.50 11.64 -9.72
C GLY H 156 2.91 10.38 -9.16
N ASP H 157 2.33 9.58 -10.03
CA ASP H 157 1.58 8.40 -9.60
C ASP H 157 2.39 7.31 -8.89
N GLY H 158 3.62 7.08 -9.34
CA GLY H 158 4.48 5.99 -8.86
C GLY H 158 5.37 6.26 -7.66
N VAL H 159 6.45 6.98 -7.88
CA VAL H 159 7.44 7.27 -6.86
C VAL H 159 7.85 8.73 -6.96
N THR H 160 8.23 9.35 -5.85
CA THR H 160 8.76 10.71 -5.91
C THR H 160 10.31 10.57 -6.04
N HIS H 161 10.88 11.22 -7.07
CA HIS H 161 12.31 11.16 -7.41
C HIS H 161 13.21 12.10 -6.58
N ASN H 162 12.80 13.37 -6.45
CA ASN H 162 13.53 14.38 -5.69
C ASN H 162 15.04 14.40 -5.92
N VAL H 163 15.45 14.50 -7.19
CA VAL H 163 16.87 14.51 -7.51
C VAL H 163 17.37 15.93 -7.83
N PRO H 164 18.47 16.34 -7.16
CA PRO H 164 19.08 17.65 -7.36
C PRO H 164 20.06 17.63 -8.52
N ILE H 165 20.16 18.73 -9.25
CA ILE H 165 21.06 18.82 -10.38
C ILE H 165 21.80 20.16 -10.28
N TYR H 166 23.10 20.19 -10.50
CA TYR H 166 23.81 21.46 -10.44
C TYR H 166 24.61 21.59 -11.73
N GLU H 167 24.41 22.72 -12.44
CA GLU H 167 25.12 22.95 -13.71
C GLU H 167 25.01 21.75 -14.66
N GLY H 168 23.86 21.10 -14.68
CA GLY H 168 23.65 19.95 -15.53
C GLY H 168 24.15 18.61 -14.95
N TYR H 169 24.78 18.64 -13.78
CA TYR H 169 25.35 17.45 -13.14
C TYR H 169 24.46 16.86 -12.09
N ALA H 170 24.44 15.54 -12.00
CA ALA H 170 23.67 14.96 -10.94
C ALA H 170 24.45 15.02 -9.66
N LEU H 171 23.73 15.13 -8.55
CA LEU H 171 24.35 15.05 -7.26
C LEU H 171 23.73 13.82 -6.57
N PRO H 172 24.07 12.59 -7.02
CA PRO H 172 23.38 11.34 -6.74
C PRO H 172 23.32 10.91 -5.30
N HIS H 173 24.24 11.40 -4.47
CA HIS H 173 24.25 10.99 -3.09
C HIS H 173 23.10 11.65 -2.33
N ALA H 174 22.55 12.70 -2.93
CA ALA H 174 21.48 13.47 -2.35
C ALA H 174 20.12 13.06 -2.91
N ILE H 175 20.07 12.03 -3.75
CA ILE H 175 18.78 11.65 -4.32
C ILE H 175 18.10 10.67 -3.39
N MET H 176 16.90 11.01 -2.99
CA MET H 176 16.18 10.18 -2.04
C MET H 176 14.95 9.53 -2.65
N ARG H 177 15.04 8.24 -2.97
CA ARG H 177 13.88 7.56 -3.55
C ARG H 177 12.78 7.58 -2.50
N LEU H 178 11.61 8.14 -2.82
CA LEU H 178 10.57 8.20 -1.82
C LEU H 178 9.26 7.48 -2.17
N ASP H 179 8.90 6.55 -1.28
CA ASP H 179 7.69 5.74 -1.45
C ASP H 179 6.43 6.45 -0.92
N LEU H 180 6.13 7.54 -1.58
CA LEU H 180 5.00 8.41 -1.35
C LEU H 180 4.61 8.97 -2.71
N ALA H 181 3.40 8.62 -3.16
CA ALA H 181 2.99 9.00 -4.52
C ALA H 181 1.48 9.17 -4.71
N GLY H 182 1.10 9.68 -5.88
CA GLY H 182 -0.29 9.93 -6.24
C GLY H 182 -1.18 8.70 -6.12
N ARG H 183 -0.63 7.50 -6.37
CA ARG H 183 -1.37 6.26 -6.26
C ARG H 183 -1.77 5.97 -4.80
N ASP H 184 -0.97 6.45 -3.84
CA ASP H 184 -1.22 6.17 -2.44
C ASP H 184 -2.26 7.16 -1.96
N LEU H 185 -2.24 8.35 -2.58
CA LEU H 185 -3.18 9.38 -2.20
C LEU H 185 -4.59 8.88 -2.58
N THR H 186 -4.69 8.20 -3.74
CA THR H 186 -5.97 7.63 -4.19
C THR H 186 -6.47 6.59 -3.21
N ASP H 187 -5.58 5.69 -2.76
CA ASP H 187 -6.00 4.62 -1.85
C ASP H 187 -6.52 5.20 -0.53
N TYR H 188 -5.84 6.23 -0.03
CA TYR H 188 -6.25 6.89 1.19
C TYR H 188 -7.65 7.47 1.05
N LEU H 189 -7.89 8.18 -0.07
CA LEU H 189 -9.17 8.80 -0.32
C LEU H 189 -10.25 7.70 -0.43
N MET H 190 -9.96 6.55 -1.05
CA MET H 190 -10.98 5.50 -1.13
C MET H 190 -11.42 5.10 0.30
N LYS H 191 -10.45 4.95 1.22
CA LYS H 191 -10.76 4.57 2.59
C LYS H 191 -11.51 5.64 3.40
N ILE H 192 -11.14 6.92 3.27
CA ILE H 192 -11.84 7.94 4.04
C ILE H 192 -13.24 8.23 3.44
N LEU H 193 -13.41 8.02 2.14
CA LEU H 193 -14.74 8.21 1.56
C LEU H 193 -15.65 7.04 1.98
N THR H 194 -15.04 5.88 2.27
CA THR H 194 -15.78 4.73 2.78
C THR H 194 -16.36 5.09 4.14
N GLU H 195 -15.56 5.77 4.97
CA GLU H 195 -16.02 6.20 6.30
C GLU H 195 -17.25 7.11 6.20
N ARG H 196 -17.31 7.90 5.13
CA ARG H 196 -18.43 8.82 4.91
C ARG H 196 -19.70 8.13 4.39
N GLY H 197 -19.62 6.84 4.07
CA GLY H 197 -20.77 6.11 3.57
C GLY H 197 -20.74 5.81 2.07
N TYR H 198 -19.60 6.06 1.42
CA TYR H 198 -19.46 5.79 0.00
C TYR H 198 -18.29 4.88 -0.23
N SER H 199 -18.50 3.58 -0.06
CA SER H 199 -17.40 2.64 -0.20
C SER H 199 -16.87 2.57 -1.61
N PHE H 200 -15.54 2.53 -1.73
CA PHE H 200 -14.83 2.38 -2.99
C PHE H 200 -13.80 1.26 -2.86
N VAL H 201 -14.11 0.06 -3.37
CA VAL H 201 -13.20 -1.08 -3.23
C VAL H 201 -12.83 -1.81 -4.55
N THR H 202 -13.56 -1.56 -5.64
CA THR H 202 -13.36 -2.26 -6.93
C THR H 202 -12.59 -1.41 -7.94
N THR H 203 -12.25 -1.99 -9.10
CA THR H 203 -11.55 -1.23 -10.14
C THR H 203 -12.29 0.01 -10.60
N ALA H 204 -13.60 -0.12 -10.86
CA ALA H 204 -14.33 1.05 -11.34
C ALA H 204 -14.27 2.13 -10.29
N GLU H 205 -14.40 1.70 -9.03
CA GLU H 205 -14.40 2.60 -7.91
C GLU H 205 -13.05 3.29 -7.72
N ARG H 206 -11.96 2.56 -7.94
CA ARG H 206 -10.63 3.13 -7.84
C ARG H 206 -10.44 4.22 -8.89
N GLU H 207 -10.94 3.99 -10.11
CA GLU H 207 -10.83 4.98 -11.17
C GLU H 207 -11.67 6.22 -10.84
N ILE H 208 -12.83 6.01 -10.20
CA ILE H 208 -13.66 7.13 -9.80
C ILE H 208 -12.96 7.96 -8.77
N VAL H 209 -12.36 7.33 -7.77
CA VAL H 209 -11.69 8.10 -6.75
C VAL H 209 -10.53 8.85 -7.35
N ARG H 210 -9.77 8.24 -8.26
CA ARG H 210 -8.69 8.99 -8.89
C ARG H 210 -9.27 10.23 -9.60
N ASP H 211 -10.41 10.09 -10.29
CA ASP H 211 -11.03 11.22 -10.98
C ASP H 211 -11.49 12.28 -9.97
N ILE H 212 -12.02 11.85 -8.82
CA ILE H 212 -12.43 12.77 -7.78
C ILE H 212 -11.25 13.53 -7.29
N LYS H 213 -10.16 12.82 -7.01
CA LYS H 213 -8.98 13.46 -6.50
C LYS H 213 -8.48 14.53 -7.45
N GLU H 214 -8.38 14.17 -8.73
CA GLU H 214 -7.85 15.08 -9.73
C GLU H 214 -8.67 16.35 -9.92
N LYS H 215 -10.00 16.26 -9.77
CA LYS H 215 -10.88 17.40 -9.95
C LYS H 215 -11.30 18.15 -8.67
N LEU H 216 -11.40 17.47 -7.51
CA LEU H 216 -11.86 18.10 -6.28
C LEU H 216 -10.78 18.43 -5.25
N CYS H 217 -9.65 17.73 -5.27
CA CYS H 217 -8.69 17.91 -4.21
C CYS H 217 -7.69 19.04 -4.37
N TYR H 218 -7.21 19.48 -3.23
CA TYR H 218 -6.21 20.54 -3.10
C TYR H 218 -5.41 20.27 -1.87
N VAL H 219 -4.27 20.89 -1.71
CA VAL H 219 -3.52 20.58 -0.50
C VAL H 219 -3.70 21.59 0.61
N ALA H 220 -3.71 22.87 0.24
CA ALA H 220 -3.79 24.00 1.16
C ALA H 220 -2.41 24.32 1.73
N LEU H 221 -2.07 25.61 1.76
CA LEU H 221 -0.82 26.03 2.38
C LEU H 221 -0.94 25.90 3.91
N ASP H 222 -2.16 26.09 4.42
CA ASP H 222 -2.45 25.96 5.84
C ASP H 222 -3.56 24.95 6.06
N PHE H 223 -3.17 23.69 6.22
CA PHE H 223 -4.14 22.63 6.32
C PHE H 223 -4.83 22.60 7.67
N GLU H 224 -4.17 23.13 8.72
CA GLU H 224 -4.75 23.03 10.04
C GLU H 224 -5.96 23.93 10.19
N ASN H 225 -5.86 25.16 9.71
CA ASN H 225 -7.01 26.03 9.82
C ASN H 225 -8.04 25.65 8.77
N GLU H 226 -7.57 25.08 7.65
CA GLU H 226 -8.48 24.70 6.60
C GLU H 226 -9.36 23.54 7.09
N MET H 227 -8.79 22.56 7.83
CA MET H 227 -9.58 21.45 8.35
C MET H 227 -10.40 21.86 9.53
N ALA H 228 -9.95 22.85 10.31
CA ALA H 228 -10.78 23.26 11.42
C ALA H 228 -12.14 23.74 10.89
N THR H 229 -12.11 24.43 9.74
CA THR H 229 -13.35 24.88 9.14
C THR H 229 -14.00 23.79 8.26
N ALA H 230 -13.23 23.14 7.39
CA ALA H 230 -13.79 22.16 6.46
C ALA H 230 -14.44 20.98 7.18
N ALA H 231 -13.92 20.62 8.34
CA ALA H 231 -14.48 19.51 9.09
C ALA H 231 -15.70 19.95 9.91
N SER H 232 -15.94 21.26 9.98
CA SER H 232 -17.04 21.82 10.76
C SER H 232 -18.19 22.31 9.88
N SER H 233 -17.91 22.58 8.60
CA SER H 233 -18.93 23.15 7.72
C SER H 233 -19.10 22.58 6.33
N SER H 234 -20.37 22.34 6.01
CA SER H 234 -20.84 21.83 4.72
C SER H 234 -20.62 22.86 3.61
N SER H 235 -20.35 24.09 4.00
CA SER H 235 -20.13 25.19 3.07
C SER H 235 -18.81 25.03 2.33
N LEU H 236 -17.95 24.13 2.82
CA LEU H 236 -16.67 23.89 2.17
C LEU H 236 -16.65 22.53 1.48
N GLU H 237 -17.82 21.90 1.31
CA GLU H 237 -17.85 20.62 0.63
C GLU H 237 -18.12 20.79 -0.84
N LYS H 238 -17.47 19.98 -1.64
CA LYS H 238 -17.71 20.02 -3.07
C LYS H 238 -18.37 18.75 -3.55
N SER H 239 -19.44 18.91 -4.33
CA SER H 239 -20.16 17.79 -4.90
C SER H 239 -19.47 17.21 -6.12
N TYR H 240 -19.43 15.89 -6.18
CA TYR H 240 -18.94 15.15 -7.33
C TYR H 240 -19.99 14.19 -7.85
N GLU H 241 -20.17 14.18 -9.16
CA GLU H 241 -21.15 13.30 -9.76
C GLU H 241 -20.53 11.96 -10.12
N LEU H 242 -21.08 10.91 -9.53
CA LEU H 242 -20.62 9.56 -9.72
C LEU H 242 -21.20 9.12 -11.07
N PRO H 243 -20.59 8.16 -11.80
CA PRO H 243 -21.04 7.66 -13.09
C PRO H 243 -22.50 7.25 -13.20
N ASP H 244 -23.12 6.80 -12.10
CA ASP H 244 -24.48 6.37 -12.18
C ASP H 244 -25.50 7.45 -11.80
N GLY H 245 -25.04 8.69 -11.62
CA GLY H 245 -25.93 9.79 -11.27
C GLY H 245 -26.01 10.06 -9.77
N GLN H 246 -25.34 9.26 -8.95
CA GLN H 246 -25.38 9.53 -7.52
C GLN H 246 -24.36 10.62 -7.18
N VAL H 247 -24.58 11.34 -6.08
CA VAL H 247 -23.66 12.39 -5.69
C VAL H 247 -23.01 12.20 -4.33
N ILE H 248 -21.71 12.40 -4.33
CA ILE H 248 -20.86 12.33 -3.16
C ILE H 248 -20.35 13.73 -2.84
N THR H 249 -20.38 14.14 -1.58
CA THR H 249 -19.80 15.43 -1.26
C THR H 249 -18.60 15.13 -0.42
N ILE H 250 -17.54 15.92 -0.61
CA ILE H 250 -16.29 15.76 0.10
C ILE H 250 -15.86 17.07 0.78
N GLY H 251 -15.54 17.03 2.10
CA GLY H 251 -15.18 18.22 2.90
C GLY H 251 -13.71 18.26 3.24
N ASN H 252 -13.34 18.04 4.50
CA ASN H 252 -11.93 18.12 4.83
C ASN H 252 -11.15 17.01 4.14
N GLU H 253 -11.83 15.93 3.75
CA GLU H 253 -11.24 14.79 3.05
C GLU H 253 -10.63 15.23 1.71
N ARG H 254 -11.17 16.33 1.17
CA ARG H 254 -10.70 16.87 -0.10
C ARG H 254 -9.22 17.18 -0.04
N PHE H 255 -8.79 17.81 1.05
CA PHE H 255 -7.39 18.18 1.23
C PHE H 255 -6.65 17.14 2.08
N ARG H 256 -7.41 16.41 2.91
CA ARG H 256 -6.83 15.38 3.76
C ARG H 256 -6.02 14.39 2.92
N CYS H 257 -6.53 14.09 1.73
CA CYS H 257 -5.86 13.17 0.83
C CYS H 257 -4.48 13.71 0.39
N PRO H 258 -4.36 14.85 -0.34
CA PRO H 258 -3.12 15.52 -0.72
C PRO H 258 -2.16 15.78 0.43
N GLU H 259 -2.70 16.04 1.62
CA GLU H 259 -1.96 16.31 2.84
C GLU H 259 -1.01 15.17 3.18
N THR H 260 -1.32 13.96 2.72
CA THR H 260 -0.54 12.75 2.97
C THR H 260 0.89 12.99 2.49
N LEU H 261 1.07 13.81 1.46
CA LEU H 261 2.39 14.11 0.91
C LEU H 261 3.26 14.82 1.97
N PHE H 262 2.62 15.49 2.92
CA PHE H 262 3.26 16.22 4.00
C PHE H 262 3.07 15.50 5.33
N GLN H 263 2.13 14.55 5.34
CA GLN H 263 1.76 13.71 6.46
C GLN H 263 1.64 12.23 6.04
N PRO H 264 2.74 11.59 5.63
CA PRO H 264 2.83 10.23 5.08
C PRO H 264 2.40 9.14 6.05
N SER H 265 2.32 9.49 7.33
CA SER H 265 1.89 8.56 8.36
C SER H 265 0.43 8.17 8.10
N PHE H 266 -0.29 8.95 7.29
CA PHE H 266 -1.69 8.73 6.95
C PHE H 266 -1.87 7.43 6.18
N ILE H 267 -0.82 6.97 5.50
CA ILE H 267 -0.86 5.75 4.73
C ILE H 267 0.10 4.69 5.29
N GLY H 268 0.56 4.90 6.53
CA GLY H 268 1.46 3.98 7.20
C GLY H 268 2.93 4.09 6.78
N MET H 269 3.33 5.19 6.12
CA MET H 269 4.71 5.33 5.67
C MET H 269 5.60 6.04 6.66
N GLU H 270 6.78 5.46 6.90
CA GLU H 270 7.73 6.10 7.79
C GLU H 270 8.54 7.10 6.99
N SER H 271 8.04 8.31 6.94
CA SER H 271 8.67 9.36 6.17
C SER H 271 8.42 10.73 6.72
N ALA H 272 9.32 11.65 6.39
CA ALA H 272 9.16 13.03 6.80
C ALA H 272 8.25 13.81 5.84
N GLY H 273 7.95 13.20 4.69
CA GLY H 273 7.12 13.85 3.67
C GLY H 273 7.97 14.52 2.60
N ILE H 274 7.32 15.01 1.55
CA ILE H 274 8.02 15.57 0.40
C ILE H 274 8.78 16.88 0.67
N HIS H 275 8.29 17.73 1.59
CA HIS H 275 8.97 18.99 1.86
C HIS H 275 10.26 18.82 2.61
N GLU H 276 10.31 17.81 3.46
CA GLU H 276 11.50 17.59 4.23
C GLU H 276 12.44 16.77 3.40
N THR H 277 11.91 15.88 2.56
CA THR H 277 12.76 15.08 1.71
C THR H 277 13.47 16.03 0.73
N THR H 278 12.74 17.02 0.17
CA THR H 278 13.34 17.99 -0.73
C THR H 278 14.42 18.76 0.03
N TYR H 279 14.08 19.19 1.24
CA TYR H 279 15.02 19.92 2.08
C TYR H 279 16.29 19.10 2.32
N ASN H 280 16.14 17.83 2.66
CA ASN H 280 17.29 16.99 2.90
C ASN H 280 18.12 16.81 1.64
N SER H 281 17.49 16.73 0.46
CA SER H 281 18.30 16.64 -0.77
C SER H 281 19.12 17.92 -0.95
N ILE H 282 18.56 19.06 -0.55
CA ILE H 282 19.31 20.30 -0.65
C ILE H 282 20.48 20.24 0.35
N MET H 283 20.17 19.86 1.59
CA MET H 283 21.13 19.79 2.69
C MET H 283 22.31 18.88 2.42
N LYS H 284 22.06 17.75 1.78
CA LYS H 284 23.05 16.74 1.44
C LYS H 284 24.05 17.18 0.37
N CYS H 285 23.76 18.27 -0.33
CA CYS H 285 24.63 18.78 -1.37
C CYS H 285 25.65 19.72 -0.72
N ASP H 286 26.75 20.01 -1.40
CA ASP H 286 27.77 20.86 -0.79
C ASP H 286 27.26 22.25 -0.44
N ILE H 287 27.90 22.86 0.54
CA ILE H 287 27.47 24.16 1.05
C ILE H 287 27.40 25.27 -0.01
N ASP H 288 28.20 25.20 -1.07
CA ASP H 288 28.14 26.21 -2.14
C ASP H 288 27.14 25.83 -3.24
N ILE H 289 26.45 24.72 -3.04
CA ILE H 289 25.40 24.22 -3.92
C ILE H 289 24.04 24.50 -3.29
N ARG H 290 23.95 24.24 -1.99
CA ARG H 290 22.72 24.41 -1.22
C ARG H 290 21.92 25.67 -1.53
N LYS H 291 22.62 26.80 -1.64
CA LYS H 291 21.94 28.06 -1.92
C LYS H 291 21.27 28.13 -3.28
N ASP H 292 21.80 27.40 -4.26
CA ASP H 292 21.27 27.47 -5.60
C ASP H 292 20.10 26.54 -5.69
N LEU H 293 20.13 25.48 -4.88
CA LEU H 293 19.01 24.55 -4.91
C LEU H 293 17.85 25.14 -4.08
N TYR H 294 18.14 25.87 -3.00
CA TYR H 294 17.06 26.47 -2.21
C TYR H 294 16.26 27.46 -3.05
N ALA H 295 16.97 28.19 -3.91
CA ALA H 295 16.39 29.18 -4.80
C ALA H 295 15.75 28.57 -6.05
N ASN H 296 15.93 27.25 -6.26
CA ASN H 296 15.44 26.59 -7.45
C ASN H 296 14.82 25.22 -7.20
N ASN H 297 13.71 25.21 -6.46
CA ASN H 297 12.97 23.97 -6.28
C ASN H 297 12.01 23.93 -7.48
N VAL H 298 12.07 22.87 -8.26
CA VAL H 298 11.30 22.81 -9.50
C VAL H 298 10.22 21.74 -9.50
N MET H 299 8.98 22.15 -9.73
CA MET H 299 7.92 21.18 -9.78
C MET H 299 7.78 20.55 -11.13
N SER H 300 7.57 19.26 -11.11
CA SER H 300 7.34 18.43 -12.26
C SER H 300 6.35 17.35 -11.92
N GLY H 301 6.17 16.42 -12.84
CA GLY H 301 5.31 15.26 -12.63
C GLY H 301 3.90 15.63 -12.24
N GLY H 302 3.25 14.75 -11.49
CA GLY H 302 1.86 14.95 -11.06
C GLY H 302 1.72 15.38 -9.60
N THR H 303 0.48 15.59 -9.14
CA THR H 303 0.12 16.07 -7.77
C THR H 303 0.60 17.52 -7.48
N THR H 304 1.48 18.02 -8.33
CA THR H 304 2.05 19.36 -8.30
C THR H 304 1.07 20.35 -8.89
N MET H 305 -0.07 19.81 -9.34
CA MET H 305 -1.19 20.57 -9.84
C MET H 305 -2.21 20.89 -8.73
N TYR H 306 -1.99 20.44 -7.47
CA TYR H 306 -2.95 20.75 -6.42
C TYR H 306 -2.89 22.23 -6.05
N PRO H 307 -4.01 22.93 -5.85
CA PRO H 307 -4.00 24.27 -5.34
C PRO H 307 -3.32 24.30 -3.97
N GLY H 308 -2.46 25.30 -3.80
CA GLY H 308 -1.71 25.50 -2.58
C GLY H 308 -0.42 24.69 -2.51
N ILE H 309 -0.12 23.86 -3.52
CA ILE H 309 1.09 23.03 -3.41
C ILE H 309 2.38 23.81 -3.59
N ALA H 310 2.42 24.79 -4.50
CA ALA H 310 3.66 25.54 -4.68
C ALA H 310 3.93 26.36 -3.44
N ASP H 311 2.86 26.83 -2.80
CA ASP H 311 3.00 27.67 -1.63
C ASP H 311 3.26 26.82 -0.42
N ARG H 312 2.63 25.64 -0.37
CA ARG H 312 2.82 24.71 0.74
C ARG H 312 4.27 24.25 0.79
N MET H 313 4.81 23.88 -0.38
CA MET H 313 6.19 23.44 -0.45
C MET H 313 7.17 24.57 -0.17
N GLN H 314 6.94 25.76 -0.71
CA GLN H 314 7.89 26.82 -0.52
C GLN H 314 7.92 27.23 0.94
N LYS H 315 6.75 27.28 1.60
CA LYS H 315 6.68 27.67 2.99
C LYS H 315 7.27 26.61 3.92
N GLU H 316 7.02 25.31 3.64
CA GLU H 316 7.59 24.28 4.49
C GLU H 316 9.11 24.26 4.36
N ILE H 317 9.62 24.46 3.14
CA ILE H 317 11.07 24.46 2.98
C ILE H 317 11.63 25.68 3.66
N THR H 318 10.98 26.84 3.49
CA THR H 318 11.42 28.08 4.11
C THR H 318 11.51 27.92 5.62
N ALA H 319 10.53 27.24 6.23
CA ALA H 319 10.53 26.99 7.66
C ALA H 319 11.73 26.13 8.11
N LEU H 320 12.14 25.17 7.26
CA LEU H 320 13.27 24.28 7.56
C LEU H 320 14.62 24.94 7.24
N ALA H 321 14.61 25.80 6.22
CA ALA H 321 15.73 26.55 5.67
C ALA H 321 16.24 27.63 6.63
N PRO H 322 17.50 28.06 6.50
CA PRO H 322 18.11 29.16 7.24
C PRO H 322 17.55 30.52 6.81
N SER H 323 17.74 31.50 7.68
CA SER H 323 17.33 32.90 7.46
C SER H 323 18.23 33.59 6.44
N THR H 324 17.86 34.84 6.07
CA THR H 324 18.53 35.68 5.03
C THR H 324 18.17 35.25 3.62
N MET H 325 18.32 33.97 3.38
CA MET H 325 18.11 33.29 2.12
C MET H 325 16.68 33.26 1.63
N LYS H 326 16.55 33.39 0.30
CA LYS H 326 15.27 33.31 -0.36
C LYS H 326 15.07 31.92 -0.97
N ILE H 327 14.01 31.27 -0.56
CA ILE H 327 13.64 29.94 -0.99
C ILE H 327 12.56 30.10 -2.04
N LYS H 328 12.74 29.49 -3.20
CA LYS H 328 11.76 29.68 -4.27
C LYS H 328 11.35 28.42 -5.04
N ILE H 329 10.06 28.39 -5.42
CA ILE H 329 9.53 27.34 -6.28
C ILE H 329 9.08 27.77 -7.67
N ILE H 330 9.56 27.00 -8.62
CA ILE H 330 9.26 27.11 -10.03
C ILE H 330 8.20 26.06 -10.30
N ALA H 331 7.05 26.45 -10.82
CA ALA H 331 5.97 25.48 -11.06
C ALA H 331 5.32 25.75 -12.42
N PRO H 332 5.97 25.35 -13.52
CA PRO H 332 5.59 25.64 -14.89
C PRO H 332 4.28 24.94 -15.23
N PRO H 333 3.52 25.42 -16.22
CA PRO H 333 2.31 24.80 -16.73
C PRO H 333 2.61 23.46 -17.41
N GLU H 334 3.89 23.26 -17.73
CA GLU H 334 4.34 22.01 -18.33
C GLU H 334 4.41 20.94 -17.23
N ARG H 335 3.64 21.17 -16.17
CA ARG H 335 3.56 20.23 -15.05
C ARG H 335 2.90 18.96 -15.55
N LYS H 336 3.34 17.82 -15.00
CA LYS H 336 2.87 16.48 -15.38
C LYS H 336 3.26 16.12 -16.82
N TYR H 337 3.23 17.10 -17.73
CA TYR H 337 3.68 16.82 -19.09
C TYR H 337 5.18 17.13 -19.29
N SER H 338 5.86 17.58 -18.24
CA SER H 338 7.26 18.04 -18.34
C SER H 338 8.28 17.00 -18.69
N VAL H 339 8.04 15.76 -18.30
CA VAL H 339 9.00 14.73 -18.65
C VAL H 339 8.87 14.49 -20.15
N TRP H 340 7.63 14.41 -20.65
CA TRP H 340 7.45 14.22 -22.10
C TRP H 340 8.06 15.40 -22.87
N ILE H 341 7.78 16.64 -22.41
CA ILE H 341 8.29 17.83 -23.11
C ILE H 341 9.80 17.79 -23.12
N GLY H 342 10.41 17.44 -22.00
CA GLY H 342 11.84 17.32 -21.95
C GLY H 342 12.34 16.28 -22.94
N GLY H 343 11.58 15.20 -23.16
CA GLY H 343 11.96 14.14 -24.09
C GLY H 343 12.05 14.67 -25.50
N SER H 344 11.09 15.53 -25.85
CA SER H 344 11.05 16.15 -27.16
C SER H 344 12.28 17.04 -27.35
N ILE H 345 12.60 17.81 -26.29
CA ILE H 345 13.73 18.71 -26.32
C ILE H 345 15.04 17.96 -26.41
N LEU H 346 15.22 16.97 -25.55
CA LEU H 346 16.46 16.21 -25.48
C LEU H 346 16.71 15.41 -26.74
N ALA H 347 15.69 14.72 -27.25
CA ALA H 347 15.82 13.90 -28.44
C ALA H 347 16.34 14.69 -29.62
N SER H 348 15.92 15.96 -29.68
CA SER H 348 16.23 16.91 -30.75
C SER H 348 17.52 17.70 -30.59
N LEU H 349 18.23 17.61 -29.45
CA LEU H 349 19.42 18.45 -29.28
C LEU H 349 20.58 17.91 -30.11
N SER H 350 21.36 18.81 -30.72
CA SER H 350 22.51 18.37 -31.51
C SER H 350 23.58 17.69 -30.67
N THR H 351 23.62 18.06 -29.39
CA THR H 351 24.59 17.55 -28.44
C THR H 351 24.16 16.22 -27.86
N PHE H 352 23.02 15.76 -28.34
CA PHE H 352 22.48 14.50 -27.89
C PHE H 352 22.34 13.56 -29.07
N GLN H 353 22.96 13.86 -30.21
CA GLN H 353 22.77 12.91 -31.31
C GLN H 353 23.73 11.74 -31.25
N GLN H 354 24.71 11.83 -30.36
CA GLN H 354 25.68 10.78 -30.18
C GLN H 354 25.27 9.89 -29.00
N MET H 355 24.16 10.22 -28.34
CA MET H 355 23.73 9.46 -27.16
C MET H 355 22.81 8.30 -27.50
N TRP H 356 22.39 8.21 -28.75
CA TRP H 356 21.47 7.18 -29.21
C TRP H 356 22.14 5.83 -29.45
N ILE H 357 21.48 4.74 -29.01
CA ILE H 357 21.94 3.38 -29.24
C ILE H 357 21.43 2.99 -30.59
N THR H 358 22.27 2.54 -31.50
CA THR H 358 21.74 2.18 -32.82
C THR H 358 21.30 0.73 -32.82
N LYS H 359 20.48 0.34 -33.82
CA LYS H 359 20.11 -1.07 -33.89
C LYS H 359 21.15 -1.85 -34.68
N GLN H 360 22.30 -1.87 -34.08
CA GLN H 360 23.50 -2.57 -34.48
C GLN H 360 24.21 -2.75 -33.18
N GLU H 361 24.49 -1.63 -32.51
CA GLU H 361 25.18 -1.70 -31.23
C GLU H 361 24.38 -2.55 -30.27
N TYR H 362 23.06 -2.40 -30.34
CA TYR H 362 22.12 -3.17 -29.55
C TYR H 362 22.27 -4.66 -29.73
N ASP H 363 22.40 -5.13 -30.97
CA ASP H 363 22.40 -6.55 -31.21
C ASP H 363 23.75 -7.15 -30.92
N GLU H 364 24.81 -6.37 -31.14
CA GLU H 364 26.14 -6.87 -30.86
C GLU H 364 26.32 -7.04 -29.34
N ALA H 365 25.78 -6.08 -28.57
CA ALA H 365 25.88 -6.05 -27.12
C ALA H 365 24.73 -6.70 -26.33
N GLY H 366 23.52 -6.67 -26.88
CA GLY H 366 22.33 -7.12 -26.16
C GLY H 366 21.82 -5.95 -25.31
N PRO H 367 20.69 -6.10 -24.60
CA PRO H 367 19.99 -5.07 -23.80
C PRO H 367 20.77 -4.52 -22.62
N SER H 368 21.85 -5.18 -22.22
CA SER H 368 22.68 -4.70 -21.13
C SER H 368 23.42 -3.43 -21.58
N ILE H 369 23.42 -3.16 -22.89
CA ILE H 369 24.03 -2.00 -23.51
C ILE H 369 23.46 -0.70 -22.98
N VAL H 370 22.25 -0.74 -22.49
CA VAL H 370 21.62 0.45 -21.99
C VAL H 370 22.44 1.06 -20.84
N HIS H 371 23.22 0.23 -20.13
CA HIS H 371 24.03 0.65 -19.00
C HIS H 371 25.33 1.32 -19.45
N ARG H 372 25.69 1.18 -20.71
CA ARG H 372 26.92 1.79 -21.22
C ARG H 372 26.62 3.02 -22.06
N LYS H 373 25.52 2.99 -22.80
CA LYS H 373 25.18 4.07 -23.71
C LYS H 373 24.23 5.17 -23.19
N CYS H 374 23.34 4.87 -22.24
CA CYS H 374 22.39 5.92 -21.88
C CYS H 374 22.78 6.82 -20.69
N PHE H 375 23.36 6.22 -19.64
CA PHE H 375 23.71 6.93 -18.41
C PHE H 375 24.32 6.00 -17.35
N ASP I 1 28.18 -4.90 44.16
CA ASP I 1 28.28 -6.31 43.81
C ASP I 1 29.73 -6.67 43.60
N GLU I 2 30.53 -5.62 43.52
CA GLU I 2 31.97 -5.73 43.33
C GLU I 2 32.63 -5.59 44.71
N ASP I 3 33.86 -6.09 44.86
CA ASP I 3 34.56 -5.98 46.13
C ASP I 3 35.49 -4.77 46.21
N GLU I 4 35.38 -3.91 45.23
CA GLU I 4 36.14 -2.68 45.11
C GLU I 4 35.30 -1.65 44.35
N THR I 5 35.58 -0.37 44.55
CA THR I 5 34.89 0.69 43.81
C THR I 5 35.56 0.84 42.46
N THR I 6 35.46 -0.21 41.66
CA THR I 6 36.05 -0.27 40.34
C THR I 6 35.31 0.65 39.42
N ALA I 7 36.03 1.28 38.53
CA ALA I 7 35.40 2.17 37.60
C ALA I 7 34.51 1.42 36.64
N LEU I 8 33.45 2.06 36.18
CA LEU I 8 32.63 1.46 35.16
C LEU I 8 33.14 1.98 33.84
N VAL I 9 33.15 1.13 32.83
CA VAL I 9 33.62 1.55 31.51
C VAL I 9 32.51 1.42 30.49
N CYS I 10 32.20 2.53 29.82
CA CYS I 10 31.13 2.55 28.81
C CYS I 10 31.55 3.16 27.49
N ASP I 11 31.81 2.31 26.52
CA ASP I 11 32.30 2.73 25.22
C ASP I 11 31.11 3.10 24.34
N ASN I 12 30.65 4.34 24.49
CA ASN I 12 29.44 4.84 23.84
C ASN I 12 29.66 5.44 22.49
N GLY I 13 29.38 4.69 21.44
CA GLY I 13 29.60 5.18 20.10
C GLY I 13 28.28 5.46 19.39
N SER I 14 28.39 5.67 18.08
CA SER I 14 27.25 5.97 17.20
C SER I 14 26.58 4.67 16.71
N GLY I 15 27.16 3.54 17.13
CA GLY I 15 26.70 2.19 16.81
C GLY I 15 26.13 1.58 18.09
N LEU I 16 26.92 0.71 18.73
CA LEU I 16 26.59 0.06 19.99
C LEU I 16 27.45 0.57 21.14
N VAL I 17 26.88 0.54 22.33
CA VAL I 17 27.56 0.87 23.57
C VAL I 17 28.06 -0.40 24.21
N LYS I 18 29.35 -0.47 24.46
CA LYS I 18 29.84 -1.65 25.15
C LYS I 18 30.12 -1.29 26.60
N ALA I 19 29.53 -2.02 27.54
CA ALA I 19 29.74 -1.64 28.93
C ALA I 19 30.02 -2.80 29.86
N GLY I 20 30.84 -2.53 30.87
CA GLY I 20 31.23 -3.48 31.91
C GLY I 20 32.06 -2.75 32.94
N PHE I 21 32.86 -3.48 33.73
CA PHE I 21 33.63 -2.78 34.75
C PHE I 21 35.12 -2.88 34.49
N ALA I 22 35.85 -1.90 35.01
CA ALA I 22 37.28 -1.87 34.87
C ALA I 22 37.91 -3.03 35.58
N GLY I 23 38.89 -3.60 34.91
CA GLY I 23 39.63 -4.71 35.43
C GLY I 23 39.16 -5.99 34.76
N ASP I 24 37.99 -5.95 34.08
CA ASP I 24 37.59 -7.17 33.43
C ASP I 24 38.21 -7.22 32.03
N ASP I 25 37.94 -8.32 31.34
CA ASP I 25 38.38 -8.60 29.98
C ASP I 25 37.39 -8.18 28.91
N ALA I 26 36.12 -8.13 29.27
CA ALA I 26 35.07 -7.89 28.30
C ALA I 26 33.93 -7.13 28.94
N PRO I 27 33.09 -6.43 28.16
CA PRO I 27 31.91 -5.76 28.63
C PRO I 27 30.92 -6.80 29.13
N ARG I 28 30.08 -6.41 30.08
CA ARG I 28 29.05 -7.28 30.64
C ARG I 28 27.88 -7.37 29.69
N ALA I 29 27.62 -6.27 29.00
CA ALA I 29 26.51 -6.20 28.06
C ALA I 29 26.81 -5.19 26.97
N VAL I 30 26.17 -5.38 25.82
CA VAL I 30 26.32 -4.42 24.74
C VAL I 30 24.93 -3.96 24.36
N PHE I 31 24.80 -2.69 23.98
CA PHE I 31 23.50 -2.14 23.67
C PHE I 31 23.52 -1.30 22.43
N PRO I 32 22.58 -1.36 21.52
CA PRO I 32 22.49 -0.41 20.43
C PRO I 32 22.36 0.97 21.06
N SER I 33 22.98 2.02 20.50
CA SER I 33 22.81 3.37 21.07
C SER I 33 21.49 3.92 20.55
N ILE I 34 20.39 3.27 20.93
CA ILE I 34 19.06 3.56 20.42
C ILE I 34 17.94 3.78 21.42
N VAL I 35 17.13 4.79 21.15
CA VAL I 35 15.87 4.97 21.86
C VAL I 35 14.77 4.88 20.79
N GLY I 36 13.85 3.95 21.00
CA GLY I 36 12.81 3.68 20.02
C GLY I 36 11.47 4.24 20.43
N ARG I 37 10.67 4.65 19.44
CA ARG I 37 9.35 5.18 19.76
C ARG I 37 8.28 4.68 18.76
N PRO I 38 7.09 4.23 19.20
CA PRO I 38 6.02 3.75 18.33
C PRO I 38 5.59 4.78 17.31
N ARG I 39 5.32 4.30 16.09
CA ARG I 39 4.85 5.16 15.01
C ARG I 39 3.40 4.81 14.64
N HIS I 40 2.75 4.08 15.53
CA HIS I 40 1.38 3.59 15.37
C HIS I 40 0.48 3.91 16.56
N GLN I 41 -0.82 3.97 16.28
CA GLN I 41 -1.87 4.13 17.28
C GLN I 41 -2.25 2.80 17.91
N GLY I 42 -2.25 2.76 19.24
CA GLY I 42 -2.61 1.55 19.97
C GLY I 42 -4.08 1.24 19.74
N VAL I 43 -4.40 -0.04 19.62
CA VAL I 43 -5.77 -0.46 19.40
C VAL I 43 -6.33 -1.28 20.58
N MET I 44 -5.51 -2.18 21.14
CA MET I 44 -5.94 -3.04 22.23
C MET I 44 -5.56 -2.33 23.55
N VAL I 45 -6.33 -2.54 24.62
CA VAL I 45 -6.02 -1.84 25.87
C VAL I 45 -5.60 -2.75 27.04
N GLY I 46 -4.51 -2.37 27.70
CA GLY I 46 -3.99 -3.21 28.76
C GLY I 46 -2.90 -4.14 28.23
N MET I 47 -2.20 -3.65 27.21
CA MET I 47 -1.15 -4.34 26.48
C MET I 47 0.24 -3.95 26.94
N GLY I 48 0.32 -3.20 28.04
CA GLY I 48 1.60 -2.65 28.43
C GLY I 48 1.91 -1.65 27.32
N GLN I 49 3.11 -1.75 26.72
CA GLN I 49 3.58 -0.89 25.63
C GLN I 49 4.10 0.45 26.16
N LYS I 50 5.36 0.69 25.87
CA LYS I 50 6.07 1.85 26.39
C LYS I 50 5.95 3.06 25.46
N ASP I 51 6.19 4.24 26.01
CA ASP I 51 6.19 5.46 25.21
C ASP I 51 7.49 5.50 24.40
N SER I 52 8.51 4.94 25.04
CA SER I 52 9.83 4.85 24.49
C SER I 52 10.54 3.58 24.99
N TYR I 53 11.38 3.03 24.14
CA TYR I 53 12.14 1.80 24.39
C TYR I 53 13.62 2.07 24.37
N VAL I 54 14.40 1.32 25.14
CA VAL I 54 15.83 1.61 25.12
C VAL I 54 16.76 0.42 24.79
N GLY I 55 17.76 0.70 23.95
CA GLY I 55 18.77 -0.27 23.60
C GLY I 55 18.19 -1.47 22.87
N ASP I 56 18.41 -2.63 23.44
CA ASP I 56 17.94 -3.87 22.89
C ASP I 56 16.43 -3.97 22.98
N GLU I 57 15.79 -3.20 23.86
CA GLU I 57 14.33 -3.24 23.91
C GLU I 57 13.81 -2.61 22.62
N ALA I 58 14.47 -1.53 22.22
CA ALA I 58 14.10 -0.75 21.07
C ALA I 58 14.33 -1.55 19.81
N GLN I 59 15.38 -2.35 19.81
CA GLN I 59 15.64 -3.16 18.65
C GLN I 59 14.67 -4.36 18.62
N SER I 60 14.41 -5.01 19.75
CA SER I 60 13.54 -6.19 19.75
C SER I 60 12.09 -5.89 19.37
N LYS I 61 11.61 -4.69 19.72
CA LYS I 61 10.24 -4.26 19.44
C LYS I 61 10.13 -3.36 18.20
N ARG I 62 11.22 -3.28 17.42
CA ARG I 62 11.38 -2.39 16.28
C ARG I 62 10.36 -2.53 15.17
N GLY I 63 9.60 -3.62 15.13
CA GLY I 63 8.62 -3.80 14.06
C GLY I 63 7.70 -2.60 13.90
N ILE I 64 7.34 -1.91 14.99
CA ILE I 64 6.49 -0.73 14.88
C ILE I 64 7.11 0.54 15.44
N LEU I 65 8.41 0.55 15.63
CA LEU I 65 9.07 1.70 16.22
C LEU I 65 9.92 2.42 15.20
N THR I 66 10.08 3.71 15.39
CA THR I 66 11.05 4.44 14.59
C THR I 66 12.24 4.48 15.54
N LEU I 67 13.43 4.18 15.03
CA LEU I 67 14.57 4.13 15.95
C LEU I 67 15.57 5.24 15.74
N LYS I 68 15.84 5.96 16.82
CA LYS I 68 16.77 7.07 16.74
C LYS I 68 18.04 6.80 17.54
N TYR I 69 19.14 7.27 16.97
CA TYR I 69 20.44 7.21 17.61
C TYR I 69 20.80 8.59 18.18
N PRO I 70 20.94 8.78 19.51
CA PRO I 70 21.30 10.02 20.18
C PRO I 70 22.70 10.52 19.83
N ILE I 71 23.52 9.60 19.29
CA ILE I 71 24.89 9.88 18.90
C ILE I 71 25.05 9.78 17.39
N GLU I 72 25.54 10.86 16.80
CA GLU I 72 25.79 10.96 15.37
C GLU I 72 27.22 11.36 15.11
N HIS I 73 27.95 10.59 14.32
CA HIS I 73 29.33 10.93 13.99
C HIS I 73 30.17 11.18 15.22
N GLY I 74 29.94 10.36 16.25
CA GLY I 74 30.67 10.41 17.50
C GLY I 74 30.15 11.40 18.55
N ILE I 75 29.18 12.24 18.22
CA ILE I 75 28.69 13.23 19.19
C ILE I 75 27.25 13.08 19.66
N ILE I 76 27.06 13.24 20.97
CA ILE I 76 25.73 13.20 21.52
C ILE I 76 25.02 14.49 21.18
N THR I 77 23.87 14.38 20.54
CA THR I 77 23.07 15.54 20.20
C THR I 77 21.81 15.47 21.04
N ASN I 78 21.52 14.26 21.55
CA ASN I 78 20.36 14.06 22.40
C ASN I 78 20.75 13.38 23.72
N TRP I 79 20.91 14.21 24.74
CA TRP I 79 21.37 13.73 26.03
C TRP I 79 20.28 13.22 26.92
N ASP I 80 19.02 13.43 26.56
CA ASP I 80 17.94 12.90 27.35
C ASP I 80 17.85 11.42 27.04
N ASP I 81 18.08 11.08 25.77
CA ASP I 81 18.08 9.70 25.36
C ASP I 81 19.34 9.02 25.88
N MET I 82 20.46 9.75 25.99
CA MET I 82 21.62 9.08 26.57
C MET I 82 21.41 8.82 28.05
N GLU I 83 20.69 9.70 28.77
CA GLU I 83 20.41 9.40 30.17
C GLU I 83 19.65 8.07 30.23
N LYS I 84 18.69 7.84 29.32
CA LYS I 84 17.93 6.58 29.30
C LYS I 84 18.82 5.38 28.98
N ILE I 85 19.73 5.54 28.02
CA ILE I 85 20.64 4.47 27.63
C ILE I 85 21.55 4.10 28.77
N TRP I 86 22.08 5.10 29.46
CA TRP I 86 22.93 4.84 30.60
C TRP I 86 22.13 4.29 31.77
N HIS I 87 20.90 4.74 31.97
CA HIS I 87 20.14 4.16 33.07
C HIS I 87 20.00 2.68 32.81
N HIS I 88 19.63 2.32 31.59
CA HIS I 88 19.47 0.93 31.19
C HIS I 88 20.78 0.16 31.32
N THR I 89 21.85 0.74 30.78
CA THR I 89 23.15 0.10 30.82
C THR I 89 23.57 -0.23 32.22
N PHE I 90 23.45 0.74 33.11
CA PHE I 90 23.90 0.56 34.45
C PHE I 90 22.96 -0.22 35.34
N TYR I 91 21.67 0.13 35.37
CA TYR I 91 20.77 -0.51 36.30
C TYR I 91 20.03 -1.74 35.82
N ASN I 92 19.83 -1.92 34.52
CA ASN I 92 19.04 -3.05 34.10
C ASN I 92 19.97 -4.24 33.76
N GLU I 93 21.06 -3.99 33.01
CA GLU I 93 21.92 -5.12 32.65
C GLU I 93 23.24 -5.26 33.42
N LEU I 94 23.98 -4.18 33.67
CA LEU I 94 25.21 -4.32 34.47
C LEU I 94 24.82 -4.45 35.94
N ARG I 95 23.65 -3.88 36.22
CA ARG I 95 22.98 -3.78 37.52
C ARG I 95 23.86 -3.17 38.62
N VAL I 96 24.48 -2.06 38.28
CA VAL I 96 25.37 -1.31 39.14
C VAL I 96 24.89 0.12 39.30
N ALA I 97 25.32 0.73 40.38
CA ALA I 97 24.99 2.11 40.63
C ALA I 97 26.23 2.97 40.55
N PRO I 98 26.43 3.81 39.49
CA PRO I 98 27.59 4.65 39.25
C PRO I 98 27.86 5.56 40.43
N GLU I 99 26.86 5.79 41.27
CA GLU I 99 27.00 6.61 42.44
C GLU I 99 28.17 6.09 43.31
N GLU I 100 28.41 4.77 43.30
CA GLU I 100 29.49 4.16 44.06
C GLU I 100 30.73 3.78 43.22
N HIS I 101 30.77 4.18 41.94
CA HIS I 101 31.88 3.82 41.05
C HIS I 101 32.30 4.97 40.13
N PRO I 102 33.60 5.24 39.89
CA PRO I 102 34.08 6.19 38.89
C PRO I 102 33.60 5.73 37.51
N THR I 103 33.34 6.63 36.56
CA THR I 103 32.95 6.16 35.21
C THR I 103 33.81 6.73 34.08
N LEU I 104 34.25 5.83 33.19
CA LEU I 104 35.09 6.22 32.06
C LEU I 104 34.30 6.13 30.75
N LEU I 105 34.31 7.25 30.03
CA LEU I 105 33.65 7.42 28.74
C LEU I 105 34.70 7.67 27.68
N THR I 106 34.35 7.49 26.40
CA THR I 106 35.35 7.64 25.35
C THR I 106 34.93 8.60 24.22
N GLU I 107 35.92 9.22 23.54
CA GLU I 107 35.67 10.04 22.32
C GLU I 107 36.94 10.25 21.45
N ALA I 108 36.73 10.65 20.18
CA ALA I 108 37.84 11.05 19.31
C ALA I 108 38.43 12.40 19.80
N PRO I 109 39.75 12.66 19.67
CA PRO I 109 40.41 13.93 20.03
C PRO I 109 39.84 15.23 19.46
N LEU I 110 39.20 15.20 18.28
CA LEU I 110 38.62 16.41 17.69
C LEU I 110 37.11 16.35 17.68
N ASN I 111 36.55 15.50 18.52
CA ASN I 111 35.11 15.39 18.69
C ASN I 111 34.70 16.75 19.24
N PRO I 112 33.67 17.44 18.73
CA PRO I 112 33.29 18.75 19.22
C PRO I 112 33.10 18.69 20.73
N LYS I 113 33.49 19.78 21.38
CA LYS I 113 33.55 19.94 22.84
C LYS I 113 32.28 19.62 23.61
N ALA I 114 31.13 19.89 23.01
CA ALA I 114 29.89 19.62 23.69
C ALA I 114 29.77 18.14 24.07
N ASN I 115 30.39 17.23 23.31
CA ASN I 115 30.23 15.81 23.61
C ASN I 115 30.81 15.48 24.98
N ARG I 116 32.09 15.79 25.22
CA ARG I 116 32.67 15.42 26.50
C ARG I 116 32.06 16.22 27.64
N GLU I 117 31.59 17.44 27.37
CA GLU I 117 31.00 18.26 28.42
C GLU I 117 29.65 17.73 28.84
N LYS I 118 28.81 17.32 27.88
CA LYS I 118 27.51 16.79 28.25
C LYS I 118 27.67 15.41 28.84
N MET I 119 28.66 14.61 28.39
CA MET I 119 28.83 13.30 28.99
C MET I 119 29.20 13.43 30.47
N THR I 120 30.06 14.41 30.78
CA THR I 120 30.50 14.70 32.13
C THR I 120 29.31 15.17 32.97
N GLN I 121 28.48 16.05 32.42
CA GLN I 121 27.35 16.52 33.19
C GLN I 121 26.34 15.41 33.45
N ILE I 122 26.06 14.55 32.49
CA ILE I 122 25.05 13.52 32.76
C ILE I 122 25.55 12.62 33.88
N MET I 123 26.80 12.16 33.79
CA MET I 123 27.21 11.24 34.84
C MET I 123 27.31 11.89 36.22
N PHE I 124 27.71 13.16 36.31
CA PHE I 124 27.77 13.80 37.61
C PHE I 124 26.42 14.27 38.13
N GLU I 125 25.45 14.58 37.24
CA GLU I 125 24.19 15.09 37.74
C GLU I 125 23.04 14.07 37.82
N THR I 126 22.96 13.11 36.90
CA THR I 126 21.83 12.19 36.94
C THR I 126 22.23 10.89 37.62
N PHE I 127 23.52 10.56 37.54
CA PHE I 127 24.00 9.34 38.18
C PHE I 127 24.80 9.63 39.45
N ASN I 128 25.20 10.89 39.60
CA ASN I 128 25.96 11.39 40.74
C ASN I 128 27.22 10.55 41.00
N VAL I 129 27.92 10.24 39.91
CA VAL I 129 29.13 9.44 39.89
C VAL I 129 30.20 10.15 40.73
N PRO I 130 30.98 9.48 41.59
CA PRO I 130 32.01 10.08 42.42
C PRO I 130 33.16 10.62 41.61
N ALA I 131 33.33 10.12 40.38
CA ALA I 131 34.42 10.59 39.54
C ALA I 131 34.18 10.32 38.06
N MET I 132 34.82 11.14 37.21
CA MET I 132 34.75 10.99 35.76
C MET I 132 36.01 11.14 34.98
N TYR I 133 36.06 10.43 33.87
CA TYR I 133 37.11 10.70 32.92
C TYR I 133 36.63 10.40 31.52
N VAL I 134 36.95 11.29 30.59
CA VAL I 134 36.67 11.07 29.19
C VAL I 134 38.00 10.79 28.51
N ALA I 135 38.11 9.62 27.92
CA ALA I 135 39.33 9.13 27.32
C ALA I 135 39.35 9.19 25.81
N ILE I 136 40.57 9.25 25.29
CA ILE I 136 40.87 9.25 23.87
C ILE I 136 40.79 7.85 23.27
N GLN I 137 40.05 7.68 22.18
CA GLN I 137 39.91 6.37 21.53
C GLN I 137 41.23 5.76 21.08
N ALA I 138 42.14 6.60 20.60
CA ALA I 138 43.44 6.13 20.15
C ALA I 138 44.28 5.62 21.32
N VAL I 139 44.17 6.27 22.47
CA VAL I 139 44.90 5.88 23.67
C VAL I 139 44.43 4.55 24.14
N LEU I 140 43.13 4.39 24.13
CA LEU I 140 42.52 3.18 24.57
C LEU I 140 42.90 2.03 23.62
N SER I 141 42.95 2.31 22.31
CA SER I 141 43.32 1.29 21.34
C SER I 141 44.79 0.89 21.53
N LEU I 142 45.66 1.88 21.79
CA LEU I 142 47.07 1.59 22.01
C LEU I 142 47.30 0.75 23.26
N TYR I 143 46.54 1.00 24.34
CA TYR I 143 46.77 0.15 25.49
C TYR I 143 46.34 -1.29 25.18
N ALA I 144 45.19 -1.44 24.52
CA ALA I 144 44.65 -2.75 24.20
C ALA I 144 45.57 -3.54 23.28
N SER I 145 46.23 -2.84 22.35
CA SER I 145 47.14 -3.44 21.37
C SER I 145 48.58 -3.61 21.84
N GLY I 146 48.93 -3.15 23.05
CA GLY I 146 50.30 -3.27 23.49
C GLY I 146 51.30 -2.30 22.84
N ARG I 147 50.86 -1.07 22.51
CA ARG I 147 51.76 -0.11 21.87
C ARG I 147 51.72 1.28 22.48
N THR I 148 52.82 2.01 22.37
CA THR I 148 52.84 3.42 22.77
C THR I 148 53.04 4.30 21.54
N THR I 149 53.47 3.67 20.46
CA THR I 149 53.76 4.36 19.22
C THR I 149 53.06 3.68 18.06
N GLY I 150 52.38 4.48 17.25
CA GLY I 150 51.71 3.99 16.05
C GLY I 150 50.61 4.92 15.57
N ILE I 151 50.02 4.55 14.44
CA ILE I 151 48.91 5.33 13.89
C ILE I 151 47.64 4.70 14.29
N VAL I 152 46.72 5.40 14.95
CA VAL I 152 45.50 4.67 15.23
C VAL I 152 44.45 5.06 14.22
N LEU I 153 44.11 4.10 13.40
CA LEU I 153 43.14 4.21 12.33
C LEU I 153 41.92 3.48 12.85
N ASP I 154 40.95 4.26 13.25
CA ASP I 154 39.75 3.88 13.95
C ASP I 154 38.40 3.89 13.22
N SER I 155 38.42 3.79 11.88
CA SER I 155 37.28 3.68 10.92
C SER I 155 35.92 3.08 11.37
N GLY I 156 35.36 3.54 12.49
CA GLY I 156 34.13 2.98 13.01
C GLY I 156 32.89 3.60 12.44
N ASP I 157 31.76 3.44 13.15
CA ASP I 157 30.44 3.87 12.66
C ASP I 157 30.30 5.39 12.48
N GLY I 158 30.92 6.15 13.39
CA GLY I 158 30.80 7.60 13.41
C GLY I 158 31.76 8.35 12.49
N VAL I 159 33.02 8.44 12.90
CA VAL I 159 34.03 9.14 12.12
C VAL I 159 35.31 8.32 12.05
N THR I 160 36.18 8.65 11.10
CA THR I 160 37.51 8.08 11.09
C THR I 160 38.37 9.20 11.65
N HIS I 161 39.05 8.94 12.78
CA HIS I 161 39.87 9.95 13.45
C HIS I 161 41.31 9.98 12.96
N ASN I 162 41.89 8.79 12.82
CA ASN I 162 43.26 8.62 12.31
C ASN I 162 44.40 9.47 12.95
N VAL I 163 44.66 9.28 14.25
CA VAL I 163 45.69 10.10 14.91
C VAL I 163 47.00 9.38 15.20
N PRO I 164 48.14 9.91 14.73
CA PRO I 164 49.47 9.42 15.02
C PRO I 164 49.84 9.77 16.45
N ILE I 165 50.38 8.78 17.16
CA ILE I 165 50.88 8.90 18.53
C ILE I 165 52.32 8.36 18.65
N TYR I 166 53.22 9.11 19.29
CA TYR I 166 54.61 8.64 19.46
C TYR I 166 55.00 8.72 20.91
N GLU I 167 55.50 7.62 21.50
CA GLU I 167 55.85 7.57 22.93
C GLU I 167 54.71 8.02 23.83
N GLY I 168 53.48 7.71 23.45
CA GLY I 168 52.34 8.10 24.24
C GLY I 168 51.94 9.58 24.09
N TYR I 169 52.47 10.29 23.09
CA TYR I 169 52.12 11.69 22.92
C TYR I 169 51.43 11.98 21.59
N ALA I 170 50.50 12.93 21.58
CA ALA I 170 49.81 13.27 20.35
C ALA I 170 50.72 14.01 19.42
N LEU I 171 50.51 13.78 18.15
CA LEU I 171 51.18 14.52 17.10
C LEU I 171 50.05 15.17 16.30
N PRO I 172 49.31 16.15 16.90
CA PRO I 172 48.02 16.67 16.46
C PRO I 172 48.01 17.34 15.11
N HIS I 173 49.16 17.80 14.66
CA HIS I 173 49.25 18.48 13.40
C HIS I 173 49.12 17.50 12.25
N ALA I 174 49.27 16.22 12.57
CA ALA I 174 49.23 15.16 11.61
C ALA I 174 47.95 14.34 11.74
N ILE I 175 46.91 14.87 12.38
CA ILE I 175 45.68 14.06 12.44
C ILE I 175 44.93 14.19 11.14
N MET I 176 44.81 13.09 10.42
CA MET I 176 44.17 13.18 9.12
C MET I 176 42.74 12.71 9.29
N ARG I 177 41.98 13.53 10.01
CA ARG I 177 40.59 13.25 10.32
C ARG I 177 39.76 13.24 9.07
N LEU I 178 38.81 12.31 9.02
CA LEU I 178 37.95 12.20 7.87
C LEU I 178 36.47 11.91 8.16
N ASP I 179 35.59 12.71 7.54
CA ASP I 179 34.15 12.53 7.70
C ASP I 179 33.61 11.47 6.73
N LEU I 180 34.08 10.24 6.95
CA LEU I 180 33.74 9.02 6.22
C LEU I 180 33.72 7.88 7.23
N ALA I 181 32.58 7.18 7.32
CA ALA I 181 32.44 6.16 8.35
C ALA I 181 31.53 4.99 7.99
N GLY I 182 31.51 4.01 8.89
CA GLY I 182 30.71 2.81 8.73
C GLY I 182 29.22 3.11 8.50
N ARG I 183 28.70 4.19 9.09
CA ARG I 183 27.30 4.56 8.90
C ARG I 183 27.01 4.96 7.44
N ASP I 184 28.04 5.45 6.72
CA ASP I 184 27.86 5.90 5.35
C ASP I 184 27.89 4.68 4.46
N LEU I 185 28.66 3.68 4.90
CA LEU I 185 28.77 2.45 4.14
C LEU I 185 27.42 1.73 4.22
N THR I 186 26.76 1.82 5.40
CA THR I 186 25.44 1.22 5.62
C THR I 186 24.43 1.91 4.72
N ASP I 187 24.49 3.25 4.66
CA ASP I 187 23.56 4.01 3.83
C ASP I 187 23.74 3.67 2.35
N TYR I 188 24.99 3.49 1.96
CA TYR I 188 25.33 3.12 0.59
C TYR I 188 24.79 1.73 0.28
N LEU I 189 24.93 0.80 1.21
CA LEU I 189 24.45 -0.55 0.99
C LEU I 189 22.91 -0.51 0.89
N MET I 190 22.22 0.31 1.70
CA MET I 190 20.76 0.35 1.53
C MET I 190 20.39 0.78 0.11
N LYS I 191 21.09 1.78 -0.41
CA LYS I 191 20.82 2.28 -1.75
C LYS I 191 21.17 1.31 -2.88
N ILE I 192 22.31 0.63 -2.74
CA ILE I 192 22.79 -0.27 -3.80
C ILE I 192 21.92 -1.53 -3.81
N LEU I 193 21.37 -1.93 -2.65
CA LEU I 193 20.51 -3.10 -2.62
C LEU I 193 19.11 -2.74 -3.14
N THR I 194 18.72 -1.47 -2.99
CA THR I 194 17.46 -1.00 -3.51
C THR I 194 17.48 -1.22 -5.03
N GLU I 195 18.64 -0.98 -5.64
CA GLU I 195 18.86 -1.16 -7.08
C GLU I 195 18.73 -2.63 -7.54
N ARG I 196 18.75 -3.57 -6.60
CA ARG I 196 18.65 -4.98 -6.91
C ARG I 196 17.23 -5.50 -6.72
N GLY I 197 16.32 -4.60 -6.38
CA GLY I 197 14.92 -4.97 -6.17
C GLY I 197 14.56 -5.19 -4.70
N TYR I 198 15.43 -4.84 -3.77
CA TYR I 198 15.16 -5.01 -2.37
C TYR I 198 15.28 -3.67 -1.69
N SER I 199 14.22 -2.89 -1.71
CA SER I 199 14.29 -1.54 -1.16
C SER I 199 14.50 -1.55 0.33
N PHE I 200 15.38 -0.68 0.80
CA PHE I 200 15.62 -0.54 2.24
C PHE I 200 15.59 0.94 2.67
N VAL I 201 14.42 1.45 3.03
CA VAL I 201 14.28 2.88 3.35
C VAL I 201 13.72 3.19 4.76
N THR I 202 13.17 2.19 5.46
CA THR I 202 12.55 2.39 6.78
C THR I 202 13.52 1.98 7.88
N THR I 203 13.18 2.24 9.14
CA THR I 203 14.05 1.83 10.25
C THR I 203 14.28 0.33 10.31
N ALA I 204 13.23 -0.46 10.16
CA ALA I 204 13.42 -1.90 10.25
C ALA I 204 14.36 -2.34 9.15
N GLU I 205 14.19 -1.75 7.97
CA GLU I 205 15.00 -2.08 6.84
C GLU I 205 16.46 -1.68 7.05
N ARG I 206 16.69 -0.53 7.68
CA ARG I 206 18.05 -0.06 7.97
C ARG I 206 18.77 -0.99 8.92
N GLU I 207 18.09 -1.48 9.97
CA GLU I 207 18.72 -2.40 10.91
C GLU I 207 19.07 -3.71 10.20
N ILE I 208 18.21 -4.15 9.28
CA ILE I 208 18.49 -5.36 8.51
C ILE I 208 19.71 -5.16 7.63
N VAL I 209 19.81 -4.03 6.95
CA VAL I 209 20.98 -3.79 6.11
C VAL I 209 22.24 -3.74 6.94
N ARG I 210 22.21 -3.12 8.12
CA ARG I 210 23.41 -3.13 8.93
C ARG I 210 23.80 -4.58 9.25
N ASP I 211 22.81 -5.45 9.55
CA ASP I 211 23.12 -6.84 9.85
C ASP I 211 23.67 -7.55 8.59
N ILE I 212 23.13 -7.21 7.41
CA ILE I 212 23.62 -7.79 6.16
C ILE I 212 25.06 -7.40 5.97
N LYS I 213 25.35 -6.12 6.16
CA LYS I 213 26.69 -5.61 5.95
C LYS I 213 27.70 -6.34 6.80
N GLU I 214 27.38 -6.48 8.10
CA GLU I 214 28.29 -7.09 9.05
C GLU I 214 28.62 -8.54 8.73
N LYS I 215 27.65 -9.27 8.17
CA LYS I 215 27.87 -10.68 7.83
C LYS I 215 28.31 -10.98 6.38
N LEU I 216 27.86 -10.18 5.40
CA LEU I 216 28.15 -10.46 3.99
C LEU I 216 29.20 -9.59 3.29
N CYS I 217 29.46 -8.39 3.78
CA CYS I 217 30.32 -7.49 3.02
C CYS I 217 31.81 -7.59 3.33
N TYR I 218 32.61 -7.20 2.34
CA TYR I 218 34.08 -7.22 2.42
C TYR I 218 34.73 -6.15 1.57
N VAL I 219 36.02 -5.89 1.78
CA VAL I 219 36.68 -4.88 0.93
C VAL I 219 37.63 -5.49 -0.10
N ALA I 220 38.16 -6.67 0.21
CA ALA I 220 39.10 -7.38 -0.66
C ALA I 220 40.44 -6.65 -0.76
N LEU I 221 41.39 -7.34 -1.40
CA LEU I 221 42.74 -6.80 -1.57
C LEU I 221 42.91 -6.08 -2.91
N ASP I 222 42.10 -6.45 -3.92
CA ASP I 222 42.19 -5.86 -5.26
C ASP I 222 40.80 -5.67 -5.84
N PHE I 223 40.30 -4.44 -5.76
CA PHE I 223 38.93 -4.10 -6.15
C PHE I 223 38.60 -4.37 -7.59
N GLU I 224 39.47 -3.95 -8.48
CA GLU I 224 39.20 -4.07 -9.89
C GLU I 224 39.13 -5.52 -10.32
N ASN I 225 40.03 -6.36 -9.80
CA ASN I 225 39.97 -7.76 -10.18
C ASN I 225 38.79 -8.45 -9.51
N GLU I 226 38.46 -8.00 -8.29
CA GLU I 226 37.37 -8.63 -7.56
C GLU I 226 36.06 -8.33 -8.28
N MET I 227 35.91 -7.09 -8.78
CA MET I 227 34.72 -6.68 -9.52
C MET I 227 34.73 -7.28 -10.91
N ALA I 228 35.88 -7.47 -11.53
CA ALA I 228 35.86 -8.07 -12.86
C ALA I 228 35.19 -9.43 -12.78
N THR I 229 35.44 -10.18 -11.70
CA THR I 229 34.78 -11.47 -11.55
C THR I 229 33.37 -11.31 -10.98
N ALA I 230 33.19 -10.52 -9.91
CA ALA I 230 31.88 -10.42 -9.27
C ALA I 230 30.81 -9.86 -10.19
N ALA I 231 31.20 -8.97 -11.10
CA ALA I 231 30.29 -8.38 -12.05
C ALA I 231 30.02 -9.31 -13.24
N SER I 232 30.79 -10.39 -13.37
CA SER I 232 30.67 -11.30 -14.50
C SER I 232 30.05 -12.64 -14.12
N SER I 233 30.11 -13.00 -12.83
CA SER I 233 29.61 -14.31 -12.42
C SER I 233 28.97 -14.40 -11.04
N SER I 234 27.90 -15.18 -11.00
CA SER I 234 27.09 -15.46 -9.82
C SER I 234 27.84 -16.26 -8.77
N SER I 235 29.00 -16.80 -9.15
CA SER I 235 29.81 -17.59 -8.23
C SER I 235 30.29 -16.78 -7.03
N LEU I 236 30.29 -15.44 -7.12
CA LEU I 236 30.70 -14.65 -5.97
C LEU I 236 29.51 -14.04 -5.20
N GLU I 237 28.27 -14.45 -5.49
CA GLU I 237 27.14 -13.94 -4.73
C GLU I 237 26.97 -14.69 -3.43
N LYS I 238 26.48 -13.98 -2.42
CA LYS I 238 26.17 -14.60 -1.14
C LYS I 238 24.78 -14.25 -0.67
N SER I 239 24.04 -15.26 -0.21
CA SER I 239 22.69 -15.05 0.28
C SER I 239 22.61 -14.65 1.75
N TYR I 240 21.49 -14.00 2.06
CA TYR I 240 21.11 -13.59 3.40
C TYR I 240 19.61 -13.77 3.63
N GLU I 241 19.27 -14.28 4.81
CA GLU I 241 17.90 -14.47 5.21
C GLU I 241 17.35 -13.27 5.97
N LEU I 242 16.24 -12.73 5.50
CA LEU I 242 15.62 -11.60 6.16
C LEU I 242 14.61 -12.16 7.15
N PRO I 243 14.24 -11.43 8.22
CA PRO I 243 13.29 -11.84 9.24
C PRO I 243 11.94 -12.36 8.74
N ASP I 244 11.46 -11.89 7.58
CA ASP I 244 10.18 -12.36 7.11
C ASP I 244 10.27 -13.54 6.15
N GLY I 245 11.46 -14.11 6.00
CA GLY I 245 11.68 -15.23 5.10
C GLY I 245 12.18 -14.81 3.71
N GLN I 246 12.36 -13.53 3.45
CA GLN I 246 12.88 -13.17 2.12
C GLN I 246 14.36 -13.50 2.02
N VAL I 247 14.78 -13.86 0.82
CA VAL I 247 16.20 -14.09 0.62
C VAL I 247 16.74 -13.13 -0.42
N ILE I 248 17.81 -12.46 -0.01
CA ILE I 248 18.52 -11.49 -0.82
C ILE I 248 19.89 -12.02 -1.14
N THR I 249 20.35 -11.84 -2.36
CA THR I 249 21.72 -12.21 -2.65
C THR I 249 22.39 -10.94 -3.06
N ILE I 250 23.68 -10.85 -2.77
CA ILE I 250 24.47 -9.69 -3.10
C ILE I 250 25.70 -10.13 -3.90
N GLY I 251 25.99 -9.45 -5.03
CA GLY I 251 27.11 -9.79 -5.90
C GLY I 251 28.26 -8.84 -5.72
N ASN I 252 28.51 -7.97 -6.70
CA ASN I 252 29.65 -7.07 -6.56
C ASN I 252 29.35 -5.94 -5.58
N GLU I 253 28.08 -5.80 -5.22
CA GLU I 253 27.62 -4.77 -4.32
C GLU I 253 28.14 -5.06 -2.91
N ARG I 254 28.48 -6.34 -2.71
CA ARG I 254 28.98 -6.95 -1.51
C ARG I 254 30.27 -6.30 -1.09
N PHE I 255 31.03 -5.79 -2.07
CA PHE I 255 32.30 -5.14 -1.81
C PHE I 255 32.35 -3.71 -2.34
N ARG I 256 31.45 -3.37 -3.27
CA ARG I 256 31.45 -2.02 -3.81
C ARG I 256 31.04 -1.01 -2.77
N CYS I 257 30.22 -1.43 -1.80
CA CYS I 257 29.80 -0.54 -0.73
C CYS I 257 31.03 -0.20 0.12
N PRO I 258 31.57 -1.22 0.80
CA PRO I 258 32.76 -1.17 1.66
C PRO I 258 33.96 -0.49 1.02
N GLU I 259 34.07 -0.62 -0.31
CA GLU I 259 35.13 -0.03 -1.11
C GLU I 259 35.17 1.48 -1.01
N THR I 260 34.07 2.08 -0.58
CA THR I 260 33.92 3.52 -0.44
C THR I 260 34.97 4.04 0.55
N LEU I 261 35.47 3.16 1.44
CA LEU I 261 36.50 3.53 2.38
C LEU I 261 37.78 3.88 1.61
N PHE I 262 37.99 3.25 0.46
CA PHE I 262 39.16 3.47 -0.36
C PHE I 262 38.80 4.40 -1.53
N GLN I 263 37.51 4.43 -1.87
CA GLN I 263 36.99 5.28 -2.94
C GLN I 263 35.71 5.96 -2.44
N PRO I 264 35.88 7.10 -1.74
CA PRO I 264 34.81 7.90 -1.12
C PRO I 264 33.88 8.58 -2.10
N SER I 265 34.35 8.72 -3.34
CA SER I 265 33.60 9.34 -4.41
C SER I 265 32.36 8.54 -4.75
N PHE I 266 32.31 7.28 -4.30
CA PHE I 266 31.17 6.40 -4.56
C PHE I 266 29.91 6.92 -3.87
N ILE I 267 30.07 7.72 -2.82
CA ILE I 267 28.91 8.27 -2.11
C ILE I 267 28.90 9.79 -2.17
N GLY I 268 29.67 10.36 -3.11
CA GLY I 268 29.72 11.81 -3.28
C GLY I 268 30.68 12.53 -2.33
N MET I 269 31.56 11.80 -1.62
CA MET I 269 32.47 12.44 -0.69
C MET I 269 33.75 12.87 -1.38
N GLU I 270 34.29 14.02 -0.97
CA GLU I 270 35.58 14.44 -1.49
C GLU I 270 36.65 14.02 -0.50
N SER I 271 37.34 12.94 -0.84
CA SER I 271 38.34 12.38 0.04
C SER I 271 39.31 11.46 -0.68
N ALA I 272 40.52 11.40 -0.15
CA ALA I 272 41.55 10.51 -0.67
C ALA I 272 41.33 9.05 -0.27
N GLY I 273 40.50 8.83 0.75
CA GLY I 273 40.26 7.49 1.27
C GLY I 273 41.08 7.24 2.52
N ILE I 274 40.68 6.19 3.27
CA ILE I 274 41.32 5.90 4.55
C ILE I 274 42.79 5.49 4.46
N HIS I 275 43.23 4.91 3.34
CA HIS I 275 44.61 4.50 3.27
C HIS I 275 45.55 5.64 2.95
N GLU I 276 45.04 6.68 2.30
CA GLU I 276 45.91 7.79 1.98
C GLU I 276 45.99 8.65 3.20
N THR I 277 44.88 8.75 3.96
CA THR I 277 44.92 9.53 5.16
C THR I 277 45.81 8.81 6.19
N THR I 278 45.83 7.45 6.20
CA THR I 278 46.71 6.72 7.11
C THR I 278 48.16 7.05 6.76
N TYR I 279 48.46 7.02 5.47
CA TYR I 279 49.77 7.34 4.98
C TYR I 279 50.20 8.74 5.37
N ASN I 280 49.32 9.71 5.17
CA ASN I 280 49.65 11.09 5.50
C ASN I 280 49.81 11.29 7.01
N SER I 281 49.08 10.55 7.84
CA SER I 281 49.29 10.70 9.28
C SER I 281 50.73 10.33 9.63
N ILE I 282 51.30 9.36 8.91
CA ILE I 282 52.68 8.99 9.15
C ILE I 282 53.60 10.06 8.55
N MET I 283 53.36 10.43 7.30
CA MET I 283 54.20 11.35 6.55
C MET I 283 54.30 12.75 7.16
N LYS I 284 53.22 13.21 7.76
CA LYS I 284 53.16 14.55 8.33
C LYS I 284 53.85 14.66 9.69
N CYS I 285 54.34 13.54 10.21
CA CYS I 285 55.06 13.53 11.47
C CYS I 285 56.55 13.72 11.16
N ASP I 286 57.35 14.11 12.15
CA ASP I 286 58.76 14.34 11.89
C ASP I 286 59.46 13.10 11.35
N ILE I 287 60.50 13.33 10.57
CA ILE I 287 61.22 12.25 9.93
C ILE I 287 61.78 11.18 10.87
N ASP I 288 62.08 11.52 12.12
CA ASP I 288 62.57 10.55 13.10
C ASP I 288 61.43 9.87 13.88
N ILE I 289 60.20 10.22 13.51
CA ILE I 289 58.97 9.64 14.04
C ILE I 289 58.44 8.65 13.01
N ARG I 290 58.46 9.08 11.75
CA ARG I 290 57.95 8.31 10.62
C ARG I 290 58.36 6.84 10.59
N LYS I 291 59.60 6.54 10.94
CA LYS I 291 60.05 5.15 10.88
C LYS I 291 59.29 4.25 11.87
N ASP I 292 58.87 4.81 13.00
CA ASP I 292 58.23 4.03 14.02
C ASP I 292 56.76 3.96 13.74
N LEU I 293 56.23 4.98 13.10
CA LEU I 293 54.82 4.93 12.79
C LEU I 293 54.63 3.98 11.58
N TYR I 294 55.59 3.93 10.64
CA TYR I 294 55.47 3.02 9.50
C TYR I 294 55.44 1.57 9.96
N ALA I 295 56.23 1.26 10.97
CA ALA I 295 56.32 -0.07 11.53
C ALA I 295 55.14 -0.42 12.44
N ASN I 296 54.30 0.57 12.76
CA ASN I 296 53.20 0.37 13.69
C ASN I 296 51.90 1.03 13.25
N ASN I 297 51.28 0.51 12.19
CA ASN I 297 49.97 1.00 11.77
C ASN I 297 48.94 0.26 12.63
N VAL I 298 48.28 0.96 13.54
CA VAL I 298 47.38 0.29 14.48
C VAL I 298 45.93 0.38 14.02
N MET I 299 45.35 -0.79 13.77
CA MET I 299 43.99 -0.86 13.31
C MET I 299 43.03 -1.07 14.47
N SER I 300 41.98 -0.27 14.50
CA SER I 300 40.94 -0.34 15.51
C SER I 300 39.63 0.19 15.00
N GLY I 301 38.61 0.14 15.83
CA GLY I 301 37.31 0.62 15.42
C GLY I 301 36.56 -0.41 14.57
N GLY I 302 35.46 0.05 14.03
CA GLY I 302 34.56 -0.78 13.24
C GLY I 302 35.08 -0.88 11.83
N THR I 303 34.41 -1.66 10.96
CA THR I 303 34.86 -1.85 9.57
C THR I 303 36.18 -2.63 9.44
N THR I 304 36.88 -2.82 10.56
CA THR I 304 38.14 -3.52 10.66
C THR I 304 37.93 -5.01 10.56
N MET I 305 36.68 -5.38 10.60
CA MET I 305 36.24 -6.75 10.49
C MET I 305 35.75 -7.09 9.08
N TYR I 306 36.02 -6.21 8.08
CA TYR I 306 35.74 -6.57 6.69
C TYR I 306 36.86 -7.48 6.19
N PRO I 307 36.59 -8.61 5.55
CA PRO I 307 37.63 -9.43 4.97
C PRO I 307 38.45 -8.59 3.99
N GLY I 308 39.77 -8.75 4.08
CA GLY I 308 40.74 -8.05 3.24
C GLY I 308 41.16 -6.68 3.77
N ILE I 309 40.55 -6.20 4.86
CA ILE I 309 40.90 -4.84 5.29
C ILE I 309 42.27 -4.69 5.92
N ALA I 310 42.73 -5.64 6.74
CA ALA I 310 44.06 -5.43 7.32
C ALA I 310 45.13 -5.59 6.27
N ASP I 311 44.92 -6.56 5.38
CA ASP I 311 45.89 -6.87 4.35
C ASP I 311 46.00 -5.75 3.36
N ARG I 312 44.83 -5.17 3.07
CA ARG I 312 44.70 -4.07 2.13
C ARG I 312 45.26 -2.78 2.71
N MET I 313 45.01 -2.50 3.98
CA MET I 313 45.54 -1.26 4.51
C MET I 313 47.06 -1.30 4.50
N GLN I 314 47.69 -2.44 4.83
CA GLN I 314 49.14 -2.46 4.79
C GLN I 314 49.62 -2.31 3.34
N LYS I 315 48.96 -2.99 2.38
CA LYS I 315 49.36 -2.87 0.98
C LYS I 315 49.27 -1.45 0.46
N GLU I 316 48.18 -0.77 0.78
CA GLU I 316 47.97 0.57 0.28
C GLU I 316 48.98 1.56 0.84
N ILE I 317 49.35 1.44 2.12
CA ILE I 317 50.32 2.41 2.62
C ILE I 317 51.75 2.01 2.25
N THR I 318 52.09 0.71 2.20
CA THR I 318 53.46 0.31 1.85
C THR I 318 53.74 0.72 0.41
N ALA I 319 52.69 0.77 -0.42
CA ALA I 319 52.79 1.18 -1.82
C ALA I 319 53.08 2.68 -1.97
N LEU I 320 52.79 3.49 -0.94
CA LEU I 320 53.00 4.94 -0.96
C LEU I 320 54.31 5.28 -0.24
N ALA I 321 54.67 4.42 0.69
CA ALA I 321 55.85 4.50 1.52
C ALA I 321 57.11 4.29 0.68
N PRO I 322 58.27 4.79 1.10
CA PRO I 322 59.55 4.60 0.45
C PRO I 322 60.01 3.16 0.54
N SER I 323 60.88 2.79 -0.39
CA SER I 323 61.50 1.47 -0.47
C SER I 323 62.53 1.31 0.63
N THR I 324 63.06 0.09 0.77
CA THR I 324 64.05 -0.31 1.80
C THR I 324 63.41 -0.50 3.17
N MET I 325 62.65 0.48 3.61
CA MET I 325 61.95 0.45 4.88
C MET I 325 60.81 -0.56 4.90
N LYS I 326 60.64 -1.18 6.07
CA LYS I 326 59.56 -2.12 6.29
C LYS I 326 58.37 -1.41 6.93
N ILE I 327 57.20 -1.59 6.34
CA ILE I 327 55.95 -1.00 6.80
C ILE I 327 55.06 -2.14 7.28
N LYS I 328 54.51 -2.03 8.50
CA LYS I 328 53.72 -3.13 9.05
C LYS I 328 52.38 -2.73 9.68
N ILE I 329 51.38 -3.62 9.57
CA ILE I 329 50.09 -3.39 10.21
C ILE I 329 49.83 -4.31 11.39
N ILE I 330 49.28 -3.71 12.42
CA ILE I 330 48.86 -4.35 13.64
C ILE I 330 47.34 -4.43 13.62
N ALA I 331 46.81 -5.65 13.55
CA ALA I 331 45.36 -5.81 13.43
C ALA I 331 44.90 -7.08 14.18
N PRO I 332 44.94 -7.07 15.51
CA PRO I 332 44.67 -8.18 16.41
C PRO I 332 43.18 -8.50 16.44
N PRO I 333 42.83 -9.71 16.92
CA PRO I 333 41.43 -10.12 17.05
C PRO I 333 40.70 -9.23 18.05
N GLU I 334 41.43 -8.27 18.62
CA GLU I 334 40.89 -7.31 19.57
C GLU I 334 40.53 -6.00 18.87
N ARG I 335 40.56 -6.02 17.53
CA ARG I 335 40.21 -4.86 16.73
C ARG I 335 38.76 -4.51 16.98
N LYS I 336 38.50 -3.21 17.06
CA LYS I 336 37.18 -2.59 17.35
C LYS I 336 36.74 -2.74 18.82
N TYR I 337 37.12 -3.84 19.45
CA TYR I 337 36.79 -4.08 20.86
C TYR I 337 37.97 -3.58 21.69
N SER I 338 38.79 -2.75 21.06
CA SER I 338 39.99 -2.18 21.65
C SER I 338 39.74 -0.93 22.47
N VAL I 339 38.70 -0.18 22.13
CA VAL I 339 38.44 1.03 22.89
C VAL I 339 37.91 0.64 24.27
N TRP I 340 36.97 -0.30 24.33
CA TRP I 340 36.45 -0.74 25.62
C TRP I 340 37.57 -1.37 26.44
N ILE I 341 38.37 -2.23 25.80
CA ILE I 341 39.45 -2.94 26.49
C ILE I 341 40.42 -1.94 27.06
N GLY I 342 40.78 -0.93 26.27
CA GLY I 342 41.65 0.11 26.73
C GLY I 342 41.05 0.84 27.92
N GLY I 343 39.73 1.00 27.97
CA GLY I 343 39.06 1.69 29.06
C GLY I 343 39.26 0.95 30.36
N SER I 344 39.15 -0.37 30.29
CA SER I 344 39.36 -1.22 31.45
C SER I 344 40.81 -1.08 31.96
N ILE I 345 41.76 -1.10 31.01
CA ILE I 345 43.17 -0.99 31.34
C ILE I 345 43.49 0.36 31.93
N LEU I 346 43.05 1.42 31.26
CA LEU I 346 43.34 2.78 31.67
C LEU I 346 42.72 3.13 33.00
N ALA I 347 41.45 2.77 33.20
CA ALA I 347 40.74 3.07 34.42
C ALA I 347 41.44 2.49 35.63
N SER I 348 42.06 1.31 35.44
CA SER I 348 42.75 0.54 36.45
C SER I 348 44.23 0.89 36.69
N LEU I 349 44.82 1.79 35.89
CA LEU I 349 46.25 2.07 36.07
C LEU I 349 46.44 2.94 37.32
N SER I 350 47.49 2.67 38.10
CA SER I 350 47.72 3.48 39.30
C SER I 350 48.06 4.92 38.98
N THR I 351 48.65 5.16 37.82
CA THR I 351 49.04 6.49 37.39
C THR I 351 47.85 7.27 36.88
N PHE I 352 46.74 6.59 36.66
CA PHE I 352 45.55 7.20 36.12
C PHE I 352 44.68 7.69 37.25
N GLN I 353 45.12 7.45 38.47
CA GLN I 353 44.30 7.85 39.59
C GLN I 353 44.49 9.33 39.80
N GLN I 354 45.45 9.93 39.07
CA GLN I 354 45.67 11.35 39.14
C GLN I 354 44.93 12.06 38.00
N MET I 355 44.30 11.28 37.11
CA MET I 355 43.58 11.83 35.95
C MET I 355 42.08 11.95 36.20
N TRP I 356 41.54 11.10 37.08
CA TRP I 356 40.10 11.10 37.37
C TRP I 356 39.63 12.43 38.00
N ILE I 357 38.50 12.94 37.53
CA ILE I 357 37.87 14.17 38.04
C ILE I 357 36.98 13.77 39.17
N THR I 358 37.08 14.37 40.35
CA THR I 358 36.18 13.90 41.41
C THR I 358 34.92 14.76 41.52
N LYS I 359 33.91 14.23 42.23
CA LYS I 359 32.65 14.95 42.50
C LYS I 359 32.86 15.88 43.70
N GLN I 360 33.82 16.76 43.52
CA GLN I 360 34.26 17.77 44.44
C GLN I 360 34.61 18.95 43.56
N GLU I 361 35.62 18.71 42.71
CA GLU I 361 36.16 19.64 41.75
C GLU I 361 35.05 19.98 40.78
N TYR I 362 34.25 18.97 40.46
CA TYR I 362 33.09 19.11 39.61
C TYR I 362 32.16 20.17 40.12
N ASP I 363 31.93 20.26 41.42
CA ASP I 363 30.90 21.19 41.84
C ASP I 363 31.37 22.61 41.76
N GLU I 364 32.66 22.81 42.03
CA GLU I 364 33.23 24.15 41.96
C GLU I 364 33.34 24.65 40.50
N ALA I 365 33.72 23.75 39.59
CA ALA I 365 33.92 24.09 38.19
C ALA I 365 32.73 23.85 37.25
N GLY I 366 31.86 22.91 37.56
CA GLY I 366 30.77 22.52 36.67
C GLY I 366 31.36 21.57 35.63
N PRO I 367 30.58 21.09 34.65
CA PRO I 367 30.95 20.10 33.64
C PRO I 367 32.04 20.56 32.70
N SER I 368 32.30 21.87 32.68
CA SER I 368 33.33 22.46 31.84
C SER I 368 34.71 22.00 32.31
N ILE I 369 34.75 21.42 33.51
CA ILE I 369 35.94 20.86 34.14
C ILE I 369 36.58 19.80 33.27
N VAL I 370 35.79 19.16 32.44
CA VAL I 370 36.31 18.12 31.58
C VAL I 370 37.38 18.67 30.64
N HIS I 371 37.33 19.98 30.33
CA HIS I 371 38.27 20.59 29.41
C HIS I 371 39.54 21.03 30.12
N ARG I 372 39.54 20.94 31.45
CA ARG I 372 40.69 21.34 32.25
C ARG I 372 41.44 20.10 32.73
N LYS I 373 40.69 19.02 32.96
CA LYS I 373 41.21 17.81 33.54
C LYS I 373 41.43 16.58 32.64
N CYS I 374 40.69 16.42 31.52
CA CYS I 374 40.85 15.17 30.78
C CYS I 374 41.95 15.17 29.70
N PHE I 375 41.87 16.08 28.74
CA PHE I 375 42.83 16.16 27.62
C PHE I 375 42.50 17.29 26.66
N ASP J 1 44.66 47.77 -20.01
CA ASP J 1 45.04 48.27 -21.33
C ASP J 1 46.46 48.83 -21.33
N GLU J 2 47.18 48.61 -22.42
CA GLU J 2 48.55 49.09 -22.54
C GLU J 2 48.83 49.57 -23.96
N ASP J 3 49.52 50.70 -24.06
CA ASP J 3 49.86 51.27 -25.37
C ASP J 3 51.35 51.23 -25.64
N GLU J 4 52.06 50.42 -24.87
CA GLU J 4 53.52 50.29 -25.04
C GLU J 4 53.98 48.88 -24.71
N THR J 5 55.10 48.45 -25.30
CA THR J 5 55.64 47.11 -25.03
C THR J 5 56.44 47.08 -23.74
N THR J 6 55.76 47.36 -22.64
CA THR J 6 56.37 47.39 -21.32
C THR J 6 56.54 45.99 -20.80
N ALA J 7 57.31 45.83 -19.74
CA ALA J 7 57.45 44.49 -19.19
C ALA J 7 56.18 44.10 -18.47
N LEU J 8 55.87 42.83 -18.49
CA LEU J 8 54.74 42.36 -17.71
C LEU J 8 55.30 41.94 -16.39
N VAL J 9 54.51 42.13 -15.34
CA VAL J 9 54.92 41.76 -13.99
C VAL J 9 53.90 40.82 -13.37
N CYS J 10 54.38 39.70 -12.82
CA CYS J 10 53.45 38.74 -12.19
C CYS J 10 54.02 37.98 -10.98
N ASP J 11 53.44 38.24 -9.80
CA ASP J 11 53.83 37.59 -8.55
C ASP J 11 52.95 36.36 -8.37
N ASN J 12 53.56 35.21 -8.11
CA ASN J 12 52.81 33.95 -8.01
C ASN J 12 53.04 33.13 -6.75
N GLY J 13 52.05 33.08 -5.87
CA GLY J 13 52.21 32.30 -4.65
C GLY J 13 51.23 31.14 -4.57
N SER J 14 51.16 30.49 -3.40
CA SER J 14 50.25 29.37 -3.13
C SER J 14 48.84 29.87 -2.84
N GLY J 15 48.73 31.18 -2.69
CA GLY J 15 47.49 31.89 -2.43
C GLY J 15 46.92 32.41 -3.74
N LEU J 16 47.37 33.60 -4.14
CA LEU J 16 46.91 34.31 -5.32
C LEU J 16 48.02 34.77 -6.27
N VAL J 17 47.62 34.99 -7.52
CA VAL J 17 48.47 35.54 -8.56
C VAL J 17 48.10 36.98 -8.94
N LYS J 18 49.06 37.88 -8.78
CA LYS J 18 48.83 39.28 -9.09
C LYS J 18 49.56 39.64 -10.36
N ALA J 19 48.88 40.28 -11.30
CA ALA J 19 49.56 40.65 -12.54
C ALA J 19 49.10 41.97 -13.13
N GLY J 20 49.99 42.58 -13.89
CA GLY J 20 49.71 43.83 -14.57
C GLY J 20 50.89 44.26 -15.41
N PHE J 21 50.87 45.51 -15.84
CA PHE J 21 51.90 46.04 -16.70
C PHE J 21 52.90 46.88 -15.93
N ALA J 22 54.19 46.71 -16.21
CA ALA J 22 55.21 47.47 -15.52
C ALA J 22 55.02 48.95 -15.76
N GLY J 23 55.18 49.69 -14.68
CA GLY J 23 55.06 51.13 -14.65
C GLY J 23 53.83 51.54 -13.84
N ASP J 24 52.90 50.61 -13.57
CA ASP J 24 51.74 50.99 -12.76
C ASP J 24 52.05 50.80 -11.25
N ASP J 25 51.09 51.13 -10.39
CA ASP J 25 51.23 50.99 -8.93
C ASP J 25 50.33 49.89 -8.37
N ALA J 26 49.78 49.10 -9.26
CA ALA J 26 48.89 48.02 -8.90
C ALA J 26 48.80 47.01 -10.03
N PRO J 27 48.50 45.74 -9.75
CA PRO J 27 48.24 44.74 -10.74
C PRO J 27 46.94 45.14 -11.37
N ARG J 28 46.69 44.76 -12.61
CA ARG J 28 45.43 45.12 -13.23
C ARG J 28 44.49 43.93 -13.16
N ALA J 29 45.05 42.78 -12.77
CA ALA J 29 44.30 41.55 -12.67
C ALA J 29 44.81 40.72 -11.50
N VAL J 30 43.89 40.21 -10.69
CA VAL J 30 44.30 39.33 -9.60
C VAL J 30 43.43 38.09 -9.62
N PHE J 31 44.05 36.93 -9.66
CA PHE J 31 43.32 35.67 -9.67
C PHE J 31 43.82 34.75 -8.59
N PRO J 32 42.98 33.88 -8.02
CA PRO J 32 43.36 32.83 -7.12
C PRO J 32 44.31 31.88 -7.83
N SER J 33 45.30 31.30 -7.13
CA SER J 33 46.19 30.34 -7.79
C SER J 33 45.48 28.98 -7.83
N ILE J 34 44.36 28.93 -8.53
CA ILE J 34 43.51 27.76 -8.52
C ILE J 34 43.05 27.25 -9.87
N VAL J 35 43.16 25.94 -10.04
CA VAL J 35 42.57 25.26 -11.18
C VAL J 35 41.55 24.26 -10.62
N GLY J 36 40.31 24.40 -11.04
CA GLY J 36 39.22 23.58 -10.54
C GLY J 36 38.83 22.50 -11.52
N ARG J 37 38.37 21.37 -10.99
CA ARG J 37 37.93 20.25 -11.83
C ARG J 37 36.63 19.63 -11.27
N PRO J 38 35.67 19.30 -12.16
CA PRO J 38 34.41 18.71 -11.75
C PRO J 38 34.62 17.31 -11.19
N ARG J 39 33.86 16.99 -10.14
CA ARG J 39 33.92 15.68 -9.50
C ARG J 39 32.59 14.92 -9.58
N HIS J 40 31.75 15.30 -10.53
CA HIS J 40 30.43 14.73 -10.74
C HIS J 40 30.17 14.26 -12.16
N GLN J 41 29.23 13.32 -12.29
CA GLN J 41 28.75 12.82 -13.57
C GLN J 41 27.66 13.71 -14.14
N GLY J 42 27.87 14.18 -15.37
CA GLY J 42 26.90 15.02 -16.03
C GLY J 42 25.69 14.20 -16.49
N VAL J 43 24.50 14.79 -16.42
CA VAL J 43 23.32 14.12 -16.95
C VAL J 43 22.63 14.92 -18.06
N MET J 44 22.65 16.25 -17.96
CA MET J 44 22.01 17.07 -18.97
C MET J 44 23.04 17.29 -20.06
N VAL J 45 22.61 17.53 -21.30
CA VAL J 45 23.58 17.78 -22.37
C VAL J 45 23.33 19.15 -23.00
N GLY J 46 24.36 19.69 -23.67
CA GLY J 46 24.21 21.01 -24.26
C GLY J 46 24.31 22.06 -23.17
N MET J 47 25.07 21.72 -22.12
CA MET J 47 25.26 22.55 -20.93
C MET J 47 26.59 23.27 -20.90
N GLY J 48 27.36 23.22 -21.98
CA GLY J 48 28.71 23.75 -21.92
C GLY J 48 29.44 22.84 -20.94
N GLN J 49 30.08 23.43 -19.92
CA GLN J 49 30.84 22.73 -18.87
C GLN J 49 32.25 22.38 -19.30
N LYS J 50 33.20 22.90 -18.55
CA LYS J 50 34.61 22.79 -18.87
C LYS J 50 35.26 21.57 -18.24
N ASP J 51 36.42 21.17 -18.80
CA ASP J 51 37.19 20.07 -18.23
C ASP J 51 37.91 20.56 -17.00
N SER J 52 38.27 21.83 -17.05
CA SER J 52 38.96 22.54 -16.00
C SER J 52 38.57 24.01 -16.01
N TYR J 53 38.61 24.60 -14.83
CA TYR J 53 38.27 26.00 -14.62
C TYR J 53 39.45 26.72 -14.02
N VAL J 54 39.71 27.96 -14.40
CA VAL J 54 40.88 28.63 -13.79
C VAL J 54 40.62 29.99 -13.14
N GLY J 55 41.25 30.20 -11.99
CA GLY J 55 41.15 31.48 -11.30
C GLY J 55 39.74 31.73 -10.79
N ASP J 56 39.13 32.80 -11.29
CA ASP J 56 37.80 33.15 -10.88
C ASP J 56 36.79 32.15 -11.41
N GLU J 57 37.11 31.43 -12.49
CA GLU J 57 36.19 30.46 -13.02
C GLU J 57 36.10 29.31 -12.03
N ALA J 58 37.26 28.98 -11.47
CA ALA J 58 37.39 27.88 -10.53
C ALA J 58 36.59 28.15 -9.28
N GLN J 59 36.62 29.40 -8.82
CA GLN J 59 35.81 29.70 -7.65
C GLN J 59 34.32 29.87 -7.98
N SER J 60 33.98 30.48 -9.12
CA SER J 60 32.58 30.73 -9.44
C SER J 60 31.75 29.47 -9.62
N LYS J 61 32.35 28.41 -10.15
CA LYS J 61 31.63 27.15 -10.37
C LYS J 61 32.01 26.06 -9.36
N ARG J 62 32.68 26.46 -8.27
CA ARG J 62 33.26 25.57 -7.25
C ARG J 62 32.29 24.64 -6.56
N GLY J 63 30.99 24.88 -6.63
CA GLY J 63 30.04 24.02 -5.94
C GLY J 63 30.24 22.54 -6.29
N ILE J 64 30.66 22.22 -7.52
CA ILE J 64 30.89 20.82 -7.89
C ILE J 64 32.32 20.52 -8.32
N LEU J 65 33.25 21.42 -7.98
CA LEU J 65 34.64 21.24 -8.39
C LEU J 65 35.52 20.94 -7.22
N THR J 66 36.60 20.22 -7.46
CA THR J 66 37.63 20.07 -6.44
C THR J 66 38.61 21.16 -6.81
N LEU J 67 39.11 21.91 -5.84
CA LEU J 67 40.02 22.99 -6.17
C LEU J 67 41.45 22.74 -5.69
N LYS J 68 42.39 22.83 -6.63
CA LYS J 68 43.81 22.59 -6.33
C LYS J 68 44.67 23.78 -6.72
N TYR J 69 45.76 23.99 -6.00
CA TYR J 69 46.69 25.04 -6.36
C TYR J 69 48.04 24.42 -6.75
N PRO J 70 48.77 25.01 -7.73
CA PRO J 70 50.09 24.61 -8.25
C PRO J 70 51.35 24.93 -7.45
N ILE J 71 51.26 25.79 -6.43
CA ILE J 71 52.45 26.22 -5.69
C ILE J 71 52.43 25.80 -4.21
N GLU J 72 53.48 25.12 -3.78
CA GLU J 72 53.55 24.63 -2.39
C GLU J 72 54.75 25.12 -1.63
N HIS J 73 54.50 25.87 -0.57
CA HIS J 73 55.54 26.40 0.32
C HIS J 73 56.65 27.10 -0.43
N GLY J 74 56.23 27.89 -1.42
CA GLY J 74 57.11 28.66 -2.28
C GLY J 74 57.46 28.05 -3.65
N ILE J 75 57.17 26.79 -3.93
CA ILE J 75 57.58 26.31 -5.27
C ILE J 75 56.48 25.81 -6.18
N ILE J 76 56.73 25.91 -7.48
CA ILE J 76 55.81 25.34 -8.43
C ILE J 76 55.99 23.83 -8.50
N THR J 77 54.89 23.11 -8.30
CA THR J 77 54.85 21.66 -8.35
C THR J 77 54.06 21.24 -9.58
N ASN J 78 53.20 22.14 -10.06
CA ASN J 78 52.38 21.86 -11.22
C ASN J 78 52.49 22.97 -12.27
N TRP J 79 53.44 22.80 -13.19
CA TRP J 79 53.73 23.82 -14.19
C TRP J 79 52.56 23.99 -15.16
N ASP J 80 51.78 22.91 -15.37
CA ASP J 80 50.69 22.95 -16.32
C ASP J 80 49.60 23.88 -15.78
N ASP J 81 49.35 23.81 -14.49
CA ASP J 81 48.36 24.67 -13.93
C ASP J 81 48.87 26.11 -13.92
N MET J 82 50.18 26.33 -13.72
CA MET J 82 50.65 27.73 -13.80
C MET J 82 50.51 28.28 -15.21
N GLU J 83 50.69 27.44 -16.22
CA GLU J 83 50.53 27.91 -17.59
C GLU J 83 49.07 28.33 -17.81
N LYS J 84 48.10 27.57 -17.26
CA LYS J 84 46.68 27.92 -17.42
C LYS J 84 46.34 29.24 -16.74
N ILE J 85 46.92 29.45 -15.56
CA ILE J 85 46.68 30.64 -14.79
C ILE J 85 47.23 31.85 -15.51
N TRP J 86 48.46 31.74 -16.02
CA TRP J 86 49.07 32.83 -16.75
C TRP J 86 48.42 33.02 -18.10
N HIS J 87 47.94 31.95 -18.72
CA HIS J 87 47.33 32.11 -20.02
C HIS J 87 46.07 32.93 -19.84
N HIS J 88 45.26 32.56 -18.85
CA HIS J 88 44.03 33.28 -18.58
C HIS J 88 44.33 34.71 -18.13
N THR J 89 45.24 34.86 -17.17
CA THR J 89 45.54 36.17 -16.66
C THR J 89 46.06 37.10 -17.76
N PHE J 90 47.00 36.63 -18.57
CA PHE J 90 47.56 37.50 -19.57
C PHE J 90 46.64 37.70 -20.76
N TYR J 91 46.11 36.63 -21.36
CA TYR J 91 45.33 36.79 -22.58
C TYR J 91 43.86 37.16 -22.38
N ASN J 92 43.20 36.68 -21.32
CA ASN J 92 41.78 36.98 -21.18
C ASN J 92 41.51 38.20 -20.33
N GLU J 93 42.30 38.41 -19.27
CA GLU J 93 42.00 39.54 -18.40
C GLU J 93 42.83 40.79 -18.73
N LEU J 94 44.14 40.63 -18.89
CA LEU J 94 45.01 41.77 -19.18
C LEU J 94 45.02 42.07 -20.69
N ARG J 95 44.52 41.11 -21.46
CA ARG J 95 44.44 41.16 -22.93
C ARG J 95 45.79 41.43 -23.58
N VAL J 96 46.80 40.74 -23.10
CA VAL J 96 48.14 40.88 -23.60
C VAL J 96 48.80 39.56 -23.94
N ALA J 97 49.48 39.55 -25.08
CA ALA J 97 50.25 38.41 -25.50
C ALA J 97 51.71 38.63 -25.12
N PRO J 98 52.32 37.89 -24.17
CA PRO J 98 53.69 38.02 -23.67
C PRO J 98 54.72 37.92 -24.79
N GLU J 99 54.35 37.39 -25.94
CA GLU J 99 55.25 37.29 -27.06
C GLU J 99 55.84 38.66 -27.39
N GLU J 100 55.07 39.74 -27.19
CA GLU J 100 55.54 41.09 -27.49
C GLU J 100 56.06 41.87 -26.26
N HIS J 101 56.14 41.22 -25.08
CA HIS J 101 56.55 41.89 -23.84
C HIS J 101 57.52 41.06 -22.96
N PRO J 102 58.61 41.63 -22.41
CA PRO J 102 59.49 40.98 -21.43
C PRO J 102 58.67 40.64 -20.19
N THR J 103 58.94 39.54 -19.49
CA THR J 103 58.16 39.25 -18.26
C THR J 103 59.01 39.01 -17.00
N LEU J 104 58.58 39.68 -15.92
CA LEU J 104 59.20 39.58 -14.62
C LEU J 104 58.42 38.72 -13.61
N LEU J 105 59.06 37.63 -13.17
CA LEU J 105 58.48 36.70 -12.20
C LEU J 105 59.30 36.78 -10.91
N THR J 106 58.73 36.34 -9.78
CA THR J 106 59.41 36.53 -8.49
C THR J 106 59.55 35.29 -7.60
N GLU J 107 60.59 35.31 -6.72
CA GLU J 107 60.78 34.33 -5.63
C GLU J 107 61.74 34.88 -4.52
N ALA J 108 61.65 34.44 -3.29
CA ALA J 108 62.69 34.77 -2.28
C ALA J 108 64.01 34.01 -2.62
N PRO J 109 65.22 34.46 -2.18
CA PRO J 109 66.53 33.89 -2.51
C PRO J 109 66.77 32.41 -2.15
N LEU J 110 66.07 31.87 -1.15
CA LEU J 110 66.29 30.46 -0.77
C LEU J 110 65.29 29.53 -1.42
N ASN J 111 64.45 30.06 -2.27
CA ASN J 111 63.45 29.27 -2.94
C ASN J 111 64.21 28.21 -3.76
N PRO J 112 63.88 26.91 -3.69
CA PRO J 112 64.55 25.86 -4.44
C PRO J 112 64.63 26.26 -5.89
N LYS J 113 65.80 25.98 -6.50
CA LYS J 113 66.11 26.44 -7.86
C LYS J 113 65.16 25.95 -8.94
N ALA J 114 64.50 24.83 -8.72
CA ALA J 114 63.57 24.31 -9.72
C ALA J 114 62.48 25.32 -10.02
N ASN J 115 62.14 26.16 -9.04
CA ASN J 115 61.07 27.12 -9.21
C ASN J 115 61.44 28.20 -10.21
N ARG J 116 62.69 28.65 -10.17
CA ARG J 116 63.16 29.70 -11.07
C ARG J 116 63.32 29.16 -12.48
N GLU J 117 63.68 27.88 -12.58
CA GLU J 117 63.86 27.24 -13.87
C GLU J 117 62.50 27.04 -14.54
N LYS J 118 61.48 26.65 -13.75
CA LYS J 118 60.13 26.45 -14.31
C LYS J 118 59.52 27.78 -14.71
N MET J 119 59.71 28.83 -13.90
CA MET J 119 59.13 30.11 -14.27
C MET J 119 59.70 30.58 -15.62
N THR J 120 61.03 30.40 -15.78
CA THR J 120 61.74 30.77 -16.98
C THR J 120 61.29 29.94 -18.18
N GLN J 121 61.19 28.62 -18.00
CA GLN J 121 60.81 27.73 -19.08
C GLN J 121 59.39 27.93 -19.57
N ILE J 122 58.44 28.14 -18.66
CA ILE J 122 57.07 28.26 -19.13
C ILE J 122 56.95 29.53 -19.96
N MET J 123 57.47 30.65 -19.45
CA MET J 123 57.29 31.84 -20.23
C MET J 123 58.03 31.81 -21.57
N PHE J 124 59.21 31.17 -21.64
CA PHE J 124 59.90 31.11 -22.93
C PHE J 124 59.34 30.08 -23.89
N GLU J 125 58.87 28.93 -23.40
CA GLU J 125 58.40 27.91 -24.33
C GLU J 125 56.90 27.86 -24.60
N THR J 126 56.02 28.28 -23.66
CA THR J 126 54.60 28.19 -23.99
C THR J 126 54.04 29.57 -24.34
N PHE J 127 54.70 30.62 -23.84
CA PHE J 127 54.26 31.99 -24.13
C PHE J 127 55.14 32.73 -25.14
N ASN J 128 56.31 32.18 -25.44
CA ASN J 128 57.30 32.76 -26.35
C ASN J 128 57.69 34.18 -25.96
N VAL J 129 57.87 34.42 -24.67
CA VAL J 129 58.22 35.75 -24.17
C VAL J 129 59.60 36.10 -24.73
N PRO J 130 59.86 37.30 -25.24
CA PRO J 130 61.15 37.70 -25.79
C PRO J 130 62.24 37.80 -24.75
N ALA J 131 61.84 37.94 -23.48
CA ALA J 131 62.81 38.04 -22.40
C ALA J 131 62.24 37.68 -21.02
N MET J 132 63.14 37.25 -20.14
CA MET J 132 62.78 36.92 -18.75
C MET J 132 63.71 37.36 -17.67
N TYR J 133 63.13 37.62 -16.51
CA TYR J 133 63.94 37.83 -15.33
C TYR J 133 63.19 37.33 -14.12
N VAL J 134 63.92 36.70 -13.21
CA VAL J 134 63.37 36.29 -11.94
C VAL J 134 63.99 37.16 -10.86
N ALA J 135 63.15 37.88 -10.15
CA ALA J 135 63.60 38.80 -9.12
C ALA J 135 63.34 38.27 -7.74
N ILE J 136 64.12 38.77 -6.83
CA ILE J 136 63.98 38.45 -5.44
C ILE J 136 62.76 39.15 -4.80
N GLN J 137 61.93 38.41 -4.12
CA GLN J 137 60.73 38.99 -3.47
C GLN J 137 61.07 40.06 -2.43
N ALA J 138 62.19 39.88 -1.72
CA ALA J 138 62.65 40.86 -0.74
C ALA J 138 63.07 42.18 -1.43
N VAL J 139 63.65 42.06 -2.62
CA VAL J 139 64.08 43.20 -3.42
C VAL J 139 62.88 43.99 -3.84
N LEU J 140 61.86 43.28 -4.25
CA LEU J 140 60.69 43.96 -4.72
C LEU J 140 59.91 44.54 -3.54
N SER J 141 59.90 43.86 -2.40
CA SER J 141 59.20 44.42 -1.26
C SER J 141 59.87 45.72 -0.81
N LEU J 142 61.20 45.77 -0.81
CA LEU J 142 61.85 47.00 -0.41
C LEU J 142 61.60 48.11 -1.44
N TYR J 143 61.56 47.80 -2.74
CA TYR J 143 61.27 48.89 -3.66
C TYR J 143 59.89 49.47 -3.39
N ALA J 144 58.90 48.59 -3.18
CA ALA J 144 57.52 49.02 -2.95
C ALA J 144 57.37 49.87 -1.71
N SER J 145 58.16 49.54 -0.69
CA SER J 145 58.14 50.22 0.60
C SER J 145 58.98 51.49 0.64
N GLY J 146 59.73 51.80 -0.43
CA GLY J 146 60.59 52.97 -0.38
C GLY J 146 61.86 52.75 0.45
N ARG J 147 62.40 51.53 0.42
CA ARG J 147 63.60 51.19 1.18
C ARG J 147 64.67 50.50 0.32
N THR J 148 65.94 50.58 0.78
CA THR J 148 67.05 49.89 0.14
C THR J 148 67.63 49.00 1.21
N THR J 149 67.22 49.35 2.40
CA THR J 149 67.66 48.67 3.61
C THR J 149 66.46 48.31 4.44
N GLY J 150 66.41 47.06 4.86
CA GLY J 150 65.36 46.58 5.73
C GLY J 150 65.24 45.06 5.67
N ILE J 151 64.39 44.52 6.54
CA ILE J 151 64.23 43.07 6.54
C ILE J 151 62.87 42.70 6.06
N VAL J 152 62.79 41.89 5.02
CA VAL J 152 61.46 41.60 4.52
C VAL J 152 60.88 40.32 5.06
N LEU J 153 59.83 40.50 5.87
CA LEU J 153 59.11 39.40 6.50
C LEU J 153 57.89 39.10 5.63
N ASP J 154 58.08 38.19 4.67
CA ASP J 154 57.09 37.86 3.67
C ASP J 154 56.14 36.79 4.15
N SER J 155 55.29 37.15 5.09
CA SER J 155 54.37 36.20 5.70
C SER J 155 53.18 35.89 4.81
N GLY J 156 53.47 35.21 3.72
CA GLY J 156 52.45 34.89 2.71
C GLY J 156 51.72 33.60 3.03
N ASP J 157 51.12 32.99 2.00
CA ASP J 157 50.30 31.77 2.10
C ASP J 157 51.12 30.48 2.25
N GLY J 158 52.25 30.42 1.55
CA GLY J 158 53.12 29.24 1.46
C GLY J 158 54.18 29.12 2.54
N VAL J 159 55.19 29.98 2.41
CA VAL J 159 56.38 30.03 3.26
C VAL J 159 56.75 31.45 3.65
N THR J 160 57.38 31.63 4.83
CA THR J 160 57.91 32.93 5.24
C THR J 160 59.46 32.82 5.14
N HIS J 161 60.16 33.75 4.49
CA HIS J 161 61.63 33.62 4.39
C HIS J 161 62.38 34.60 5.26
N ASN J 162 61.78 35.76 5.53
CA ASN J 162 62.40 36.81 6.36
C ASN J 162 63.83 37.14 5.91
N VAL J 163 63.93 37.78 4.74
CA VAL J 163 65.21 38.09 4.13
C VAL J 163 65.76 39.52 4.36
N PRO J 164 66.89 39.69 5.08
CA PRO J 164 67.56 40.96 5.34
C PRO J 164 68.37 41.45 4.13
N ILE J 165 68.22 42.73 3.80
CA ILE J 165 68.98 43.42 2.74
C ILE J 165 69.56 44.77 3.26
N TYR J 166 70.85 45.03 3.02
CA TYR J 166 71.46 46.32 3.46
C TYR J 166 72.08 47.04 2.28
N GLU J 167 71.71 48.31 2.04
CA GLU J 167 72.21 49.09 0.89
C GLU J 167 72.02 48.35 -0.43
N GLY J 168 70.92 47.61 -0.54
CA GLY J 168 70.66 46.87 -1.74
C GLY J 168 71.44 45.55 -1.87
N TYR J 169 72.12 45.11 -0.81
CA TYR J 169 72.90 43.88 -0.89
C TYR J 169 72.32 42.74 -0.04
N ALA J 170 72.45 41.51 -0.53
CA ALA J 170 71.95 40.38 0.20
C ALA J 170 72.84 40.07 1.36
N LEU J 171 72.22 39.58 2.42
CA LEU J 171 72.92 39.12 3.59
C LEU J 171 72.42 37.68 3.80
N PRO J 172 72.71 36.76 2.84
CA PRO J 172 72.09 35.44 2.68
C PRO J 172 72.33 34.48 3.82
N HIS J 173 73.39 34.70 4.58
CA HIS J 173 73.73 33.83 5.67
C HIS J 173 72.76 34.01 6.81
N ALA J 174 72.01 35.11 6.77
CA ALA J 174 71.06 35.45 7.80
C ALA J 174 69.63 35.20 7.37
N ILE J 175 69.37 34.47 6.27
CA ILE J 175 67.96 34.25 5.94
C ILE J 175 67.45 33.06 6.75
N MET J 176 66.50 33.34 7.61
CA MET J 176 65.91 32.37 8.53
C MET J 176 64.56 31.84 8.02
N ARG J 177 64.60 30.92 7.06
CA ARG J 177 63.38 30.35 6.50
C ARG J 177 62.48 29.69 7.54
N LEU J 178 61.20 30.02 7.48
CA LEU J 178 60.23 29.46 8.41
C LEU J 178 59.06 28.71 7.77
N ASP J 179 58.83 27.49 8.27
CA ASP J 179 57.73 26.65 7.81
C ASP J 179 56.43 26.97 8.54
N LEU J 180 55.97 28.19 8.30
CA LEU J 180 54.72 28.75 8.78
C LEU J 180 54.23 29.85 7.87
N ALA J 181 53.00 29.66 7.40
CA ALA J 181 52.37 30.59 6.49
C ALA J 181 50.84 30.54 6.57
N GLY J 182 50.19 31.44 5.85
CA GLY J 182 48.74 31.59 5.86
C GLY J 182 47.95 30.30 5.61
N ARG J 183 48.46 29.39 4.79
CA ARG J 183 47.81 28.12 4.50
C ARG J 183 47.72 27.24 5.77
N ASP J 184 48.70 27.40 6.69
CA ASP J 184 48.77 26.57 7.88
C ASP J 184 47.85 27.19 8.92
N LEU J 185 47.73 28.52 8.84
CA LEU J 185 46.89 29.23 9.77
C LEU J 185 45.43 28.82 9.49
N THR J 186 45.10 28.62 8.18
CA THR J 186 43.76 28.16 7.79
C THR J 186 43.52 26.78 8.38
N ASP J 187 44.51 25.89 8.30
CA ASP J 187 44.34 24.53 8.83
C ASP J 187 44.10 24.54 10.35
N TYR J 188 44.81 25.42 11.07
CA TYR J 188 44.60 25.53 12.51
C TYR J 188 43.16 25.90 12.78
N LEU J 189 42.68 26.90 12.04
CA LEU J 189 41.33 27.38 12.24
C LEU J 189 40.33 26.27 11.90
N MET J 190 40.56 25.48 10.85
CA MET J 190 39.60 24.41 10.56
C MET J 190 39.50 23.43 11.76
N LYS J 191 40.63 23.12 12.40
CA LYS J 191 40.57 22.20 13.53
C LYS J 191 39.87 22.79 14.75
N ILE J 192 40.12 24.07 15.04
CA ILE J 192 39.51 24.69 16.22
C ILE J 192 38.00 24.94 15.96
N LEU J 193 37.63 25.19 14.70
CA LEU J 193 36.22 25.39 14.40
C LEU J 193 35.48 24.04 14.51
N THR J 194 36.20 22.92 14.28
CA THR J 194 35.63 21.59 14.44
C THR J 194 35.31 21.40 15.92
N GLU J 195 36.20 21.87 16.81
CA GLU J 195 35.97 21.78 18.26
C GLU J 195 34.67 22.53 18.66
N ARG J 196 34.36 23.62 17.93
CA ARG J 196 33.15 24.42 18.17
C ARG J 196 31.88 23.79 17.55
N GLY J 197 32.03 22.67 16.83
CA GLY J 197 30.90 21.99 16.19
C GLY J 197 30.71 22.22 14.69
N TYR J 198 31.67 22.85 14.02
CA TYR J 198 31.55 23.09 12.59
C TYR J 198 32.68 22.43 11.82
N SER J 199 32.41 21.28 11.22
CA SER J 199 33.47 20.58 10.49
C SER J 199 33.61 21.19 9.10
N PHE J 200 34.85 21.49 8.71
CA PHE J 200 35.14 22.03 7.40
C PHE J 200 36.25 21.25 6.69
N VAL J 201 35.90 20.26 5.88
CA VAL J 201 36.95 19.42 5.28
C VAL J 201 37.00 19.36 3.74
N THR J 202 35.87 19.62 3.06
CA THR J 202 35.77 19.50 1.58
C THR J 202 36.18 20.81 0.93
N THR J 203 36.33 20.85 -0.39
CA THR J 203 36.76 22.10 -1.01
C THR J 203 35.92 23.33 -0.68
N ALA J 204 34.59 23.22 -0.75
CA ALA J 204 33.79 24.40 -0.47
C ALA J 204 34.03 24.86 0.96
N GLU J 205 34.13 23.91 1.85
CA GLU J 205 34.32 24.15 3.26
C GLU J 205 35.70 24.75 3.57
N ARG J 206 36.73 24.28 2.87
CA ARG J 206 38.08 24.77 3.06
C ARG J 206 38.16 26.24 2.62
N GLU J 207 37.47 26.57 1.51
CA GLU J 207 37.40 27.94 0.99
C GLU J 207 36.66 28.84 1.99
N ILE J 208 35.63 28.32 2.65
CA ILE J 208 34.93 29.11 3.64
C ILE J 208 35.84 29.47 4.78
N VAL J 209 36.58 28.49 5.30
CA VAL J 209 37.42 28.81 6.44
C VAL J 209 38.49 29.80 6.04
N ARG J 210 39.09 29.66 4.86
CA ARG J 210 40.07 30.62 4.41
C ARG J 210 39.44 32.03 4.39
N ASP J 211 38.19 32.14 3.89
CA ASP J 211 37.50 33.44 3.83
C ASP J 211 37.22 33.97 5.24
N ILE J 212 36.86 33.08 6.18
CA ILE J 212 36.62 33.48 7.55
C ILE J 212 37.88 34.05 8.13
N LYS J 213 38.98 33.35 7.95
CA LYS J 213 40.24 33.80 8.49
C LYS J 213 40.59 35.21 8.04
N GLU J 214 40.49 35.45 6.72
CA GLU J 214 40.86 36.71 6.13
C GLU J 214 40.00 37.89 6.59
N LYS J 215 38.71 37.62 6.86
CA LYS J 215 37.80 38.68 7.28
C LYS J 215 37.58 38.83 8.80
N LEU J 216 37.69 37.75 9.57
CA LEU J 216 37.39 37.82 11.01
C LEU J 216 38.59 37.84 11.95
N CYS J 217 39.74 37.31 11.54
CA CYS J 217 40.83 37.19 12.48
C CYS J 217 41.74 38.39 12.64
N TYR J 218 42.35 38.47 13.80
CA TYR J 218 43.33 39.50 14.15
C TYR J 218 44.36 38.88 15.07
N VAL J 219 45.55 39.45 15.15
CA VAL J 219 46.56 38.82 16.02
C VAL J 219 46.34 38.86 17.54
N ALA J 220 45.96 40.02 18.07
CA ALA J 220 45.78 40.31 19.51
C ALA J 220 47.08 40.87 20.08
N LEU J 221 47.06 42.14 20.48
CA LEU J 221 48.29 42.78 21.01
C LEU J 221 48.79 41.95 22.20
N ASP J 222 47.88 41.61 23.11
CA ASP J 222 48.19 40.76 24.26
C ASP J 222 47.40 39.46 24.16
N PHE J 223 48.05 38.35 23.82
CA PHE J 223 47.28 37.13 23.62
C PHE J 223 46.51 36.67 24.83
N GLU J 224 47.19 36.60 25.95
CA GLU J 224 46.61 36.07 27.18
C GLU J 224 45.49 36.95 27.70
N ASN J 225 45.65 38.26 27.59
CA ASN J 225 44.63 39.17 28.09
C ASN J 225 43.42 39.16 27.16
N GLU J 226 43.68 39.05 25.85
CA GLU J 226 42.61 39.07 24.88
C GLU J 226 41.80 37.79 25.06
N MET J 227 42.49 36.66 25.30
CA MET J 227 41.88 35.36 25.54
C MET J 227 41.16 35.34 26.86
N ALA J 228 41.70 35.96 27.91
CA ALA J 228 40.98 35.93 29.17
C ALA J 228 39.59 36.54 28.99
N THR J 229 39.51 37.59 28.16
CA THR J 229 38.21 38.20 27.91
C THR J 229 37.40 37.41 26.86
N ALA J 230 38.02 37.05 25.74
CA ALA J 230 37.34 36.36 24.64
C ALA J 230 36.79 35.02 25.05
N ALA J 231 37.47 34.35 25.99
CA ALA J 231 37.06 33.06 26.49
C ALA J 231 35.94 33.19 27.53
N SER J 232 35.72 34.41 28.04
CA SER J 232 34.75 34.65 29.10
C SER J 232 33.50 35.37 28.60
N SER J 233 33.61 36.10 27.48
CA SER J 233 32.49 36.90 27.01
C SER J 233 32.19 36.84 25.54
N SER J 234 30.91 36.58 25.27
CA SER J 234 30.33 36.45 23.94
C SER J 234 30.36 37.77 23.17
N SER J 235 30.62 38.87 23.88
CA SER J 235 30.67 40.18 23.24
C SER J 235 31.85 40.30 22.30
N LEU J 236 32.82 39.38 22.40
CA LEU J 236 33.97 39.40 21.52
C LEU J 236 33.83 38.44 20.34
N GLU J 237 32.68 37.76 20.22
CA GLU J 237 32.49 36.86 19.10
C GLU J 237 32.03 37.61 17.88
N LYS J 238 32.58 37.23 16.74
CA LYS J 238 32.18 37.82 15.47
C LYS J 238 31.42 36.79 14.66
N SER J 239 30.27 37.20 14.15
CA SER J 239 29.44 36.32 13.35
C SER J 239 29.76 36.40 11.87
N TYR J 240 30.03 35.23 11.30
CA TYR J 240 30.32 35.06 9.89
C TYR J 240 29.17 34.32 9.24
N GLU J 241 28.69 34.84 8.12
CA GLU J 241 27.59 34.19 7.44
C GLU J 241 28.12 33.24 6.38
N LEU J 242 27.71 31.98 6.51
CA LEU J 242 28.14 30.90 5.66
C LEU J 242 27.34 31.03 4.36
N PRO J 243 27.83 30.53 3.21
CA PRO J 243 27.20 30.59 1.90
C PRO J 243 25.76 30.09 1.82
N ASP J 244 25.35 29.19 2.72
CA ASP J 244 24.00 28.67 2.65
C ASP J 244 23.02 29.39 3.56
N GLY J 245 23.42 30.51 4.17
CA GLY J 245 22.53 31.27 5.06
C GLY J 245 22.71 30.92 6.54
N GLN J 246 23.49 29.89 6.84
CA GLN J 246 23.73 29.52 8.22
C GLN J 246 24.84 30.40 8.73
N VAL J 247 24.99 30.48 10.05
CA VAL J 247 26.08 31.28 10.57
C VAL J 247 26.94 30.50 11.53
N ILE J 248 28.16 30.99 11.69
CA ILE J 248 29.15 30.50 12.63
C ILE J 248 29.64 31.66 13.47
N THR J 249 29.77 31.50 14.77
CA THR J 249 30.34 32.59 15.54
C THR J 249 31.67 32.09 16.01
N ILE J 250 32.64 33.00 16.00
CA ILE J 250 34.01 32.69 16.39
C ILE J 250 34.47 33.64 17.52
N GLY J 251 34.98 33.07 18.63
CA GLY J 251 35.38 33.82 19.83
C GLY J 251 36.86 33.99 19.97
N ASN J 252 37.50 33.25 20.87
CA ASN J 252 38.94 33.45 21.04
C ASN J 252 39.70 32.76 19.90
N GLU J 253 38.97 31.98 19.11
CA GLU J 253 39.49 31.25 17.99
C GLU J 253 39.84 32.24 16.88
N ARG J 254 39.23 33.42 17.00
CA ARG J 254 39.35 34.55 16.11
C ARG J 254 40.78 35.05 16.10
N PHE J 255 41.47 34.88 17.22
CA PHE J 255 42.85 35.34 17.36
C PHE J 255 43.82 34.17 17.54
N ARG J 256 43.30 33.03 17.95
CA ARG J 256 44.18 31.86 18.15
C ARG J 256 44.69 31.35 16.81
N CYS J 257 43.94 31.58 15.72
CA CYS J 257 44.46 31.23 14.40
C CYS J 257 45.76 31.99 14.07
N PRO J 258 45.80 33.34 13.96
CA PRO J 258 47.00 34.14 13.73
C PRO J 258 48.01 34.06 14.86
N GLU J 259 47.60 33.66 16.07
CA GLU J 259 48.52 33.49 17.18
C GLU J 259 49.58 32.47 16.83
N THR J 260 49.31 31.58 15.89
CA THR J 260 50.25 30.55 15.49
C THR J 260 51.54 31.22 14.96
N LEU J 261 51.43 32.47 14.51
CA LEU J 261 52.54 33.27 14.01
C LEU J 261 53.50 33.59 15.15
N PHE J 262 52.98 33.56 16.39
CA PHE J 262 53.72 33.84 17.60
C PHE J 262 53.85 32.56 18.44
N GLN J 263 53.08 31.54 18.02
CA GLN J 263 53.04 30.21 18.61
C GLN J 263 52.93 29.07 17.57
N PRO J 264 53.94 28.79 16.72
CA PRO J 264 53.96 27.77 15.67
C PRO J 264 53.73 26.36 16.21
N SER J 265 53.89 26.20 17.53
CA SER J 265 53.66 24.93 18.20
C SER J 265 52.19 24.53 18.06
N PHE J 266 51.33 25.52 17.73
CA PHE J 266 49.90 25.32 17.52
C PHE J 266 49.62 24.40 16.34
N ILE J 267 50.57 24.33 15.40
CA ILE J 267 50.43 23.48 14.23
C ILE J 267 51.55 22.43 14.22
N GLY J 268 52.19 22.20 15.37
CA GLY J 268 53.24 21.20 15.50
C GLY J 268 54.63 21.66 15.03
N MET J 269 54.84 22.95 14.79
CA MET J 269 56.14 23.40 14.30
C MET J 269 57.12 23.73 15.42
N GLU J 270 58.38 23.33 15.22
CA GLU J 270 59.42 23.62 16.18
C GLU J 270 59.99 25.02 15.95
N SER J 271 59.20 26.00 16.32
CA SER J 271 59.55 27.41 16.17
C SER J 271 58.78 28.29 17.11
N ALA J 272 59.38 29.42 17.46
CA ALA J 272 58.70 30.43 18.26
C ALA J 272 57.84 31.35 17.38
N GLY J 273 58.13 31.48 16.08
CA GLY J 273 57.28 32.38 15.29
C GLY J 273 57.98 33.36 14.36
N ILE J 274 57.15 34.21 13.74
CA ILE J 274 57.61 35.21 12.80
C ILE J 274 58.42 36.29 13.47
N HIS J 275 58.16 36.58 14.75
CA HIS J 275 58.96 37.58 15.42
C HIS J 275 60.30 37.02 15.83
N GLU J 276 60.39 35.68 15.93
CA GLU J 276 61.63 35.06 16.32
C GLU J 276 62.54 35.05 15.12
N THR J 277 61.98 34.75 13.94
CA THR J 277 62.80 34.77 12.75
C THR J 277 63.15 36.22 12.44
N THR J 278 62.25 37.19 12.69
CA THR J 278 62.58 38.58 12.41
C THR J 278 63.83 38.92 13.20
N TYR J 279 63.83 38.50 14.46
CA TYR J 279 64.94 38.72 15.38
C TYR J 279 66.20 37.95 15.00
N ASN J 280 66.07 36.70 14.58
CA ASN J 280 67.27 35.96 14.25
C ASN J 280 67.93 36.43 12.95
N SER J 281 67.15 36.87 11.95
CA SER J 281 67.76 37.34 10.71
C SER J 281 68.56 38.59 11.00
N ILE J 282 68.05 39.47 11.84
CA ILE J 282 68.82 40.66 12.16
C ILE J 282 70.00 40.35 13.07
N MET J 283 69.82 39.42 14.00
CA MET J 283 70.84 39.03 14.96
C MET J 283 72.11 38.53 14.27
N LYS J 284 71.95 37.85 13.13
CA LYS J 284 73.09 37.32 12.40
C LYS J 284 73.69 38.31 11.37
N CYS J 285 73.14 39.52 11.28
CA CYS J 285 73.66 40.50 10.35
C CYS J 285 74.83 41.21 11.03
N ASP J 286 75.70 41.84 10.25
CA ASP J 286 76.86 42.53 10.81
C ASP J 286 76.45 43.55 11.86
N ILE J 287 77.29 43.68 12.87
CA ILE J 287 77.02 44.59 13.98
C ILE J 287 76.78 46.03 13.52
N ASP J 288 77.39 46.45 12.39
CA ASP J 288 77.18 47.80 11.86
C ASP J 288 76.07 47.90 10.81
N ILE J 289 75.32 46.82 10.64
CA ILE J 289 74.13 46.72 9.80
C ILE J 289 72.87 46.81 10.64
N ARG J 290 72.90 46.07 11.74
CA ARG J 290 71.80 45.94 12.69
C ARG J 290 71.03 47.20 13.01
N LYS J 291 71.72 48.31 13.24
CA LYS J 291 70.99 49.52 13.60
C LYS J 291 70.04 50.00 12.50
N ASP J 292 70.38 49.75 11.23
CA ASP J 292 69.56 50.26 10.15
C ASP J 292 68.45 49.26 9.88
N LEU J 293 68.74 47.99 10.09
CA LEU J 293 67.68 47.01 9.86
C LEU J 293 66.67 47.07 11.03
N TYR J 294 67.11 47.32 12.27
CA TYR J 294 66.15 47.34 13.40
C TYR J 294 65.18 48.48 13.32
N ALA J 295 65.64 49.60 12.78
CA ALA J 295 64.79 50.76 12.58
C ALA J 295 63.90 50.63 11.34
N ASN J 296 64.13 49.58 10.54
CA ASN J 296 63.41 49.34 9.30
C ASN J 296 63.07 47.86 9.09
N ASN J 297 62.35 47.25 10.02
CA ASN J 297 61.93 45.87 9.80
C ASN J 297 60.70 46.01 8.91
N VAL J 298 60.58 45.23 7.85
CA VAL J 298 59.48 45.46 6.89
C VAL J 298 58.47 44.33 6.72
N MET J 299 57.19 44.68 6.88
CA MET J 299 56.16 43.68 6.63
C MET J 299 55.93 43.60 5.13
N SER J 300 55.74 42.40 4.62
CA SER J 300 55.44 42.24 3.20
C SER J 300 54.60 41.02 2.98
N GLY J 301 53.85 41.01 1.88
CA GLY J 301 53.01 39.86 1.63
C GLY J 301 51.79 40.02 2.50
N GLY J 302 50.96 38.98 2.57
CA GLY J 302 49.71 38.98 3.33
C GLY J 302 49.91 38.55 4.78
N THR J 303 48.80 38.27 5.50
CA THR J 303 48.77 37.97 6.97
C THR J 303 49.15 39.21 7.84
N THR J 304 49.72 40.21 7.19
CA THR J 304 50.12 41.51 7.70
C THR J 304 48.89 42.38 7.81
N MET J 305 47.78 41.85 7.31
CA MET J 305 46.51 42.57 7.30
C MET J 305 45.88 42.64 8.69
N TYR J 306 46.33 41.75 9.58
CA TYR J 306 45.80 41.70 10.94
C TYR J 306 45.98 43.04 11.66
N PRO J 307 44.86 43.69 12.01
CA PRO J 307 44.89 44.97 12.71
C PRO J 307 45.42 44.81 14.13
N GLY J 308 45.96 43.63 14.42
CA GLY J 308 46.52 43.32 15.73
C GLY J 308 48.02 43.12 15.56
N ILE J 309 48.38 42.71 14.36
CA ILE J 309 49.74 42.43 13.95
C ILE J 309 50.65 43.65 13.97
N ALA J 310 50.16 44.86 13.67
CA ALA J 310 51.09 45.98 13.63
C ALA J 310 51.73 46.26 14.99
N ASP J 311 50.93 46.19 16.05
CA ASP J 311 51.45 46.47 17.37
C ASP J 311 52.04 45.24 17.98
N ARG J 312 51.48 44.08 17.65
CA ARG J 312 51.97 42.81 18.16
C ARG J 312 53.41 42.57 17.75
N MET J 313 53.72 42.82 16.48
CA MET J 313 55.08 42.63 16.01
C MET J 313 56.03 43.64 16.59
N GLN J 314 55.69 44.94 16.59
CA GLN J 314 56.71 45.82 17.10
C GLN J 314 56.97 45.55 18.57
N LYS J 315 55.95 45.18 19.35
CA LYS J 315 56.16 44.85 20.76
C LYS J 315 57.09 43.66 20.92
N GLU J 316 56.86 42.60 20.13
CA GLU J 316 57.63 41.36 20.20
C GLU J 316 59.09 41.53 19.77
N ILE J 317 59.34 42.40 18.79
CA ILE J 317 60.71 42.62 18.35
C ILE J 317 61.39 43.56 19.34
N THR J 318 60.71 44.63 19.76
CA THR J 318 61.28 45.61 20.68
C THR J 318 61.75 44.91 21.95
N ALA J 319 60.97 43.92 22.42
CA ALA J 319 61.27 43.12 23.59
C ALA J 319 62.59 42.33 23.50
N LEU J 320 63.01 41.98 22.28
CA LEU J 320 64.21 41.19 22.05
C LEU J 320 65.39 42.09 21.62
N ALA J 321 65.04 43.19 20.96
CA ALA J 321 65.92 44.16 20.37
C ALA J 321 66.76 44.94 21.41
N PRO J 322 67.95 45.46 21.04
CA PRO J 322 68.83 46.30 21.84
C PRO J 322 68.24 47.64 22.25
N SER J 323 68.71 48.14 23.39
CA SER J 323 68.37 49.45 23.94
C SER J 323 69.13 50.52 23.19
N THR J 324 68.82 51.82 23.44
CA THR J 324 69.46 53.00 22.79
C THR J 324 69.00 53.22 21.34
N MET J 325 69.01 52.15 20.58
CA MET J 325 68.63 52.05 19.19
C MET J 325 67.14 52.23 19.00
N LYS J 326 66.74 52.88 17.92
CA LYS J 326 65.32 52.97 17.62
C LYS J 326 64.87 51.69 16.95
N ILE J 327 63.83 51.07 17.49
CA ILE J 327 63.34 49.84 16.92
C ILE J 327 62.00 50.14 16.27
N LYS J 328 61.86 49.79 14.99
CA LYS J 328 60.62 50.12 14.29
C LYS J 328 60.20 49.14 13.20
N ILE J 329 58.88 48.90 13.09
CA ILE J 329 58.37 48.10 11.99
C ILE J 329 57.55 48.92 11.02
N ILE J 330 57.90 48.75 9.75
CA ILE J 330 57.27 49.41 8.65
C ILE J 330 56.13 48.49 8.20
N ALA J 331 54.92 49.00 8.18
CA ALA J 331 53.75 48.21 7.79
C ALA J 331 52.98 49.03 6.78
N PRO J 332 53.50 49.11 5.53
CA PRO J 332 53.09 50.01 4.48
C PRO J 332 51.75 49.56 3.91
N PRO J 333 51.00 50.46 3.24
CA PRO J 333 49.77 50.17 2.52
C PRO J 333 50.00 49.25 1.32
N GLU J 334 51.24 49.22 0.86
CA GLU J 334 51.64 48.39 -0.27
C GLU J 334 51.77 46.94 0.19
N ARG J 335 51.03 46.61 1.25
CA ARG J 335 51.02 45.27 1.79
C ARG J 335 50.17 44.36 0.91
N LYS J 336 50.38 43.06 1.05
CA LYS J 336 49.64 42.04 0.27
C LYS J 336 49.79 42.28 -1.24
N TYR J 337 50.35 43.42 -1.60
CA TYR J 337 50.62 43.76 -3.01
C TYR J 337 52.04 44.30 -3.26
N SER J 338 52.88 44.28 -2.23
CA SER J 338 54.22 44.86 -2.30
C SER J 338 55.17 44.20 -3.27
N VAL J 339 55.02 42.91 -3.49
CA VAL J 339 55.93 42.29 -4.41
C VAL J 339 55.58 42.71 -5.83
N TRP J 340 54.29 42.72 -6.17
CA TRP J 340 53.90 43.12 -7.50
C TRP J 340 54.34 44.57 -7.76
N ILE J 341 54.10 45.44 -6.77
CA ILE J 341 54.44 46.85 -6.91
C ILE J 341 55.94 46.99 -7.07
N GLY J 342 56.71 46.29 -6.26
CA GLY J 342 58.14 46.34 -6.40
C GLY J 342 58.56 45.84 -7.77
N GLY J 343 57.85 44.83 -8.29
CA GLY J 343 58.10 44.25 -9.59
C GLY J 343 57.95 45.30 -10.66
N SER J 344 56.90 46.11 -10.57
CA SER J 344 56.67 47.20 -11.50
C SER J 344 57.81 48.21 -11.43
N ILE J 345 58.23 48.52 -10.20
CA ILE J 345 59.31 49.47 -9.99
C ILE J 345 60.59 48.94 -10.61
N LEU J 346 60.92 47.67 -10.37
CA LEU J 346 62.14 47.10 -10.93
C LEU J 346 62.08 46.98 -12.45
N ALA J 347 60.98 46.43 -12.94
CA ALA J 347 60.78 46.15 -14.35
C ALA J 347 60.87 47.39 -15.21
N SER J 348 60.41 48.53 -14.67
CA SER J 348 60.41 49.79 -15.37
C SER J 348 61.70 50.63 -15.20
N LEU J 349 62.71 50.16 -14.43
CA LEU J 349 63.92 50.96 -14.26
C LEU J 349 64.75 50.91 -15.52
N SER J 350 65.40 52.03 -15.88
CA SER J 350 66.28 51.99 -17.05
C SER J 350 67.53 51.15 -16.79
N THR J 351 67.88 51.06 -15.51
CA THR J 351 69.04 50.33 -15.02
C THR J 351 68.79 48.83 -14.98
N PHE J 352 67.55 48.43 -15.25
CA PHE J 352 67.17 47.04 -15.25
C PHE J 352 67.02 46.51 -16.66
N GLN J 353 67.26 47.32 -17.69
CA GLN J 353 66.95 46.77 -19.00
C GLN J 353 68.08 45.94 -19.56
N GLN J 354 69.18 45.89 -18.83
CA GLN J 354 70.33 45.11 -19.19
C GLN J 354 70.33 43.79 -18.41
N MET J 355 69.32 43.62 -17.53
CA MET J 355 69.25 42.45 -16.66
C MET J 355 68.45 41.28 -17.23
N TRP J 356 67.88 41.46 -18.40
CA TRP J 356 67.00 40.47 -19.01
C TRP J 356 67.71 39.30 -19.68
N ILE J 357 67.13 38.10 -19.54
CA ILE J 357 67.58 36.92 -20.27
C ILE J 357 66.85 37.03 -21.57
N THR J 358 67.52 36.99 -22.70
CA THR J 358 66.77 37.13 -23.95
C THR J 358 66.31 35.79 -24.48
N LYS J 359 65.35 35.77 -25.41
CA LYS J 359 64.97 34.49 -26.01
C LYS J 359 65.89 34.20 -27.20
N GLN J 360 67.13 34.01 -26.84
CA GLN J 360 68.25 33.66 -27.66
C GLN J 360 69.15 32.94 -26.70
N GLU J 361 69.51 33.66 -25.62
CA GLU J 361 70.35 33.09 -24.60
C GLU J 361 69.65 31.90 -23.98
N TYR J 362 68.33 32.04 -23.79
CA TYR J 362 67.49 30.99 -23.26
C TYR J 362 67.54 29.72 -24.07
N ASP J 363 67.42 29.80 -25.38
CA ASP J 363 67.35 28.57 -26.14
C ASP J 363 68.72 27.95 -26.29
N GLU J 364 69.76 28.78 -26.34
CA GLU J 364 71.10 28.23 -26.45
C GLU J 364 71.48 27.43 -25.19
N ALA J 365 71.10 27.96 -24.01
CA ALA J 365 71.44 27.34 -22.74
C ALA J 365 70.38 26.44 -22.08
N GLY J 366 69.10 26.73 -22.32
CA GLY J 366 68.00 26.06 -21.64
C GLY J 366 67.69 26.85 -20.35
N PRO J 367 66.63 26.48 -19.60
CA PRO J 367 66.11 27.16 -18.41
C PRO J 367 67.03 27.21 -17.22
N SER J 368 68.07 26.40 -17.20
CA SER J 368 69.02 26.41 -16.10
C SER J 368 69.79 27.74 -16.10
N ILE J 369 69.71 28.47 -17.22
CA ILE J 369 70.34 29.75 -17.43
C ILE J 369 69.93 30.80 -16.42
N VAL J 370 68.73 30.69 -15.90
CA VAL J 370 68.20 31.64 -14.94
C VAL J 370 69.05 31.68 -13.68
N HIS J 371 69.69 30.55 -13.38
CA HIS J 371 70.53 30.35 -12.21
C HIS J 371 71.83 31.17 -12.32
N ARG J 372 72.23 31.50 -13.54
CA ARG J 372 73.46 32.26 -13.75
C ARG J 372 73.16 33.72 -14.07
N LYS J 373 72.02 33.96 -14.73
CA LYS J 373 71.64 35.29 -15.17
C LYS J 373 70.88 36.18 -14.20
N CYS J 374 70.12 35.63 -13.25
CA CYS J 374 69.32 36.52 -12.42
C CYS J 374 69.93 36.95 -11.07
N PHE J 375 70.50 36.01 -10.32
CA PHE J 375 71.06 36.27 -8.99
C PHE J 375 71.62 35.00 -8.37
N ASP K 1 83.83 1.68 38.86
CA ASP K 1 84.14 0.35 38.34
C ASP K 1 85.60 0.27 37.92
N GLU K 2 86.30 1.38 38.10
CA GLU K 2 87.73 1.45 37.76
C GLU K 2 88.57 0.96 38.94
N ASP K 3 89.77 0.46 38.66
CA ASP K 3 90.66 -0.09 39.68
C ASP K 3 91.74 0.87 40.22
N GLU K 4 91.67 2.13 39.83
CA GLU K 4 92.62 3.14 40.26
C GLU K 4 91.96 4.50 40.32
N THR K 5 92.46 5.36 41.21
CA THR K 5 91.94 6.72 41.36
C THR K 5 92.62 7.62 40.35
N THR K 6 92.32 7.36 39.09
CA THR K 6 92.91 8.07 37.96
C THR K 6 91.97 9.17 37.53
N ALA K 7 92.51 10.31 37.16
CA ALA K 7 91.67 11.41 36.74
C ALA K 7 90.92 11.05 35.49
N LEU K 8 89.71 11.56 35.35
CA LEU K 8 88.96 11.34 34.13
C LEU K 8 89.41 12.37 33.13
N VAL K 9 89.23 12.07 31.87
CA VAL K 9 89.50 13.00 30.81
C VAL K 9 88.17 13.24 30.13
N CYS K 10 87.74 14.50 30.04
CA CYS K 10 86.45 14.80 29.40
C CYS K 10 86.48 15.98 28.43
N ASP K 11 86.66 15.69 27.15
CA ASP K 11 86.78 16.75 26.17
C ASP K 11 85.37 17.15 25.74
N ASN K 12 84.79 18.09 26.49
CA ASN K 12 83.40 18.55 26.32
C ASN K 12 83.28 19.74 25.39
N GLY K 13 82.86 19.54 24.15
CA GLY K 13 82.76 20.64 23.20
C GLY K 13 81.33 21.01 22.83
N SER K 14 81.20 21.86 21.80
CA SER K 14 79.91 22.37 21.28
C SER K 14 79.19 21.31 20.44
N GLY K 15 79.92 20.26 20.11
CA GLY K 15 79.47 19.15 19.32
C GLY K 15 79.23 17.95 20.22
N LEU K 16 80.30 17.19 20.42
CA LEU K 16 80.34 15.97 21.19
C LEU K 16 81.29 16.03 22.38
N VAL K 17 81.11 15.05 23.27
CA VAL K 17 81.94 14.86 24.44
C VAL K 17 82.69 13.53 24.42
N LYS K 18 84.01 13.59 24.48
CA LYS K 18 84.78 12.35 24.55
C LYS K 18 85.32 12.16 25.94
N ALA K 19 84.79 11.18 26.67
CA ALA K 19 85.22 11.00 28.04
C ALA K 19 85.80 9.60 28.31
N GLY K 20 86.74 9.52 29.25
CA GLY K 20 87.36 8.26 29.62
C GLY K 20 88.31 8.43 30.79
N PHE K 21 89.13 7.41 31.04
CA PHE K 21 90.01 7.44 32.19
C PHE K 21 91.46 7.70 31.79
N ALA K 22 92.11 8.60 32.52
CA ALA K 22 93.49 8.93 32.23
C ALA K 22 94.36 7.72 32.37
N GLY K 23 95.30 7.61 31.45
CA GLY K 23 96.26 6.54 31.38
C GLY K 23 95.90 5.59 30.24
N ASP K 24 94.67 5.68 29.73
CA ASP K 24 94.29 4.82 28.61
C ASP K 24 94.57 5.56 27.27
N ASP K 25 94.30 4.90 26.14
CA ASP K 25 94.52 5.48 24.81
C ASP K 25 93.26 5.90 24.05
N ALA K 26 92.11 5.80 24.68
CA ALA K 26 90.87 6.14 24.02
C ALA K 26 89.78 6.48 25.04
N PRO K 27 88.78 7.29 24.69
CA PRO K 27 87.63 7.57 25.50
C PRO K 27 86.79 6.31 25.62
N ARG K 28 86.02 6.21 26.70
CA ARG K 28 85.16 5.05 26.92
C ARG K 28 83.68 5.44 26.81
N ALA K 29 83.40 6.72 27.03
CA ALA K 29 82.05 7.24 26.94
C ALA K 29 81.96 8.37 25.95
N VAL K 30 81.31 8.12 24.82
CA VAL K 30 81.23 9.20 23.84
C VAL K 30 79.78 9.53 23.60
N PHE K 31 79.45 10.78 23.91
CA PHE K 31 78.09 11.26 23.79
C PHE K 31 78.08 12.56 23.06
N PRO K 32 76.99 12.93 22.40
CA PRO K 32 76.80 14.25 21.86
C PRO K 32 76.57 15.17 23.04
N SER K 33 76.90 16.46 22.93
CA SER K 33 76.62 17.41 24.00
C SER K 33 75.18 17.88 23.90
N ILE K 34 74.26 16.95 24.06
CA ILE K 34 72.84 17.23 23.90
C ILE K 34 71.94 16.91 25.08
N VAL K 35 71.09 17.89 25.39
CA VAL K 35 70.04 17.67 26.37
C VAL K 35 68.73 17.89 25.61
N GLY K 36 67.89 16.86 25.60
CA GLY K 36 66.64 16.90 24.85
C GLY K 36 65.42 17.05 25.71
N ARG K 37 64.40 17.73 25.19
CA ARG K 37 63.15 17.89 25.95
C ARG K 37 61.91 17.71 25.05
N PRO K 38 60.85 17.04 25.51
CA PRO K 38 59.64 16.79 24.73
C PRO K 38 58.96 18.08 24.37
N ARG K 39 58.46 18.15 23.14
CA ARG K 39 57.75 19.35 22.65
C ARG K 39 56.29 19.06 22.31
N HIS K 40 55.76 17.96 22.83
CA HIS K 40 54.40 17.50 22.59
C HIS K 40 53.60 17.24 23.85
N GLN K 41 52.27 17.31 23.69
CA GLN K 41 51.31 16.99 24.74
C GLN K 41 51.03 15.51 24.82
N GLY K 42 51.21 14.95 26.01
CA GLY K 42 50.99 13.53 26.24
C GLY K 42 49.52 13.16 26.21
N VAL K 43 49.23 11.95 25.73
CA VAL K 43 47.88 11.41 25.72
C VAL K 43 47.76 10.13 26.56
N MET K 44 48.79 9.30 26.55
CA MET K 44 48.76 8.06 27.29
C MET K 44 49.34 8.33 28.67
N VAL K 45 48.98 7.53 29.67
CA VAL K 45 49.48 7.72 31.03
C VAL K 45 50.22 6.47 31.50
N GLY K 46 51.24 6.64 32.36
CA GLY K 46 52.00 5.47 32.82
C GLY K 46 53.01 5.07 31.78
N MET K 47 53.50 6.07 31.04
CA MET K 47 54.44 5.94 29.94
C MET K 47 55.86 6.28 30.35
N GLY K 48 56.12 6.42 31.65
CA GLY K 48 57.43 6.89 32.07
C GLY K 48 57.50 8.33 31.58
N GLN K 49 58.51 8.64 30.77
CA GLN K 49 58.76 9.97 30.18
C GLN K 49 59.50 10.92 31.10
N LYS K 50 60.67 11.32 30.62
CA LYS K 50 61.58 12.17 31.38
C LYS K 50 61.31 13.64 31.10
N ASP K 51 61.76 14.52 32.01
CA ASP K 51 61.64 15.95 31.79
C ASP K 51 62.65 16.36 30.75
N SER K 52 63.78 15.66 30.81
CA SER K 52 64.90 15.85 29.94
C SER K 52 65.64 14.54 29.71
N TYR K 53 66.24 14.44 28.54
CA TYR K 53 67.00 13.28 28.10
C TYR K 53 68.43 13.69 27.82
N VAL K 54 69.41 12.85 28.07
CA VAL K 54 70.77 13.31 27.75
C VAL K 54 71.60 12.37 26.89
N GLY K 55 72.50 12.96 26.13
CA GLY K 55 73.45 12.17 25.37
C GLY K 55 72.72 11.30 24.36
N ASP K 56 72.93 9.99 24.49
CA ASP K 56 72.33 9.04 23.60
C ASP K 56 70.83 8.91 23.85
N GLU K 57 70.36 9.27 25.06
CA GLU K 57 68.95 9.19 25.35
C GLU K 57 68.25 10.27 24.54
N ALA K 58 68.91 11.42 24.46
CA ALA K 58 68.38 12.58 23.77
C ALA K 58 68.24 12.27 22.30
N GLN K 59 69.22 11.56 21.74
CA GLN K 59 69.08 11.21 20.35
C GLN K 59 68.12 10.04 20.12
N SER K 60 68.12 9.02 20.99
CA SER K 60 67.26 7.85 20.77
C SER K 60 65.76 8.17 20.79
N LYS K 61 65.36 9.14 21.60
CA LYS K 61 63.94 9.52 21.70
C LYS K 61 63.62 10.83 20.99
N ARG K 62 64.56 11.30 20.16
CA ARG K 62 64.52 12.61 19.50
C ARG K 62 63.33 12.84 18.59
N GLY K 63 62.61 11.81 18.19
CA GLY K 63 61.49 12.01 17.29
C GLY K 63 60.54 13.09 17.79
N ILE K 64 60.35 13.22 19.11
CA ILE K 64 59.46 14.26 19.66
C ILE K 64 60.16 15.23 20.60
N LEU K 65 61.48 15.28 20.55
CA LEU K 65 62.21 16.16 21.45
C LEU K 65 62.80 17.30 20.69
N THR K 66 62.97 18.43 21.35
CA THR K 66 63.72 19.50 20.74
C THR K 66 65.11 19.30 21.33
N LEU K 67 66.14 19.32 20.50
CA LEU K 67 67.46 19.08 21.04
C LEU K 67 68.33 20.32 21.06
N LYS K 68 68.87 20.58 22.25
CA LYS K 68 69.71 21.74 22.52
C LYS K 68 71.13 21.34 22.89
N TYR K 69 72.06 22.20 22.56
CA TYR K 69 73.47 22.04 22.91
C TYR K 69 73.87 23.07 23.98
N PRO K 70 74.23 22.66 25.23
CA PRO K 70 74.64 23.50 26.36
C PRO K 70 75.93 24.31 26.13
N ILE K 71 76.70 23.86 25.13
CA ILE K 71 77.96 24.47 24.75
C ILE K 71 77.87 25.07 23.35
N GLU K 72 78.31 26.32 23.22
CA GLU K 72 78.29 27.07 21.97
C GLU K 72 79.59 27.82 21.70
N HIS K 73 80.17 27.61 20.52
CA HIS K 73 81.39 28.28 20.09
C HIS K 73 82.51 28.26 21.13
N GLY K 74 82.68 27.10 21.77
CA GLY K 74 83.74 26.89 22.75
C GLY K 74 83.37 27.09 24.23
N ILE K 75 82.20 27.66 24.56
CA ILE K 75 81.89 27.84 25.99
C ILE K 75 80.57 27.25 26.47
N ILE K 76 80.48 27.02 27.78
CA ILE K 76 79.23 26.56 28.34
C ILE K 76 78.32 27.73 28.58
N THR K 77 77.13 27.65 28.02
CA THR K 77 76.15 28.71 28.17
C THR K 77 75.09 28.22 29.15
N ASN K 78 74.98 26.90 29.29
CA ASN K 78 74.02 26.30 30.20
C ASN K 78 74.69 25.24 31.07
N TRP K 79 75.19 25.65 32.22
CA TRP K 79 75.92 24.75 33.09
C TRP K 79 75.03 23.73 33.78
N ASP K 80 73.73 24.02 33.92
CA ASP K 80 72.82 23.05 34.55
C ASP K 80 72.69 21.87 33.61
N ASP K 81 72.62 22.18 32.31
CA ASP K 81 72.55 21.10 31.34
C ASP K 81 73.87 20.35 31.26
N MET K 82 75.00 21.04 31.48
CA MET K 82 76.24 20.28 31.51
C MET K 82 76.32 19.39 32.74
N GLU K 83 75.71 19.78 33.86
CA GLU K 83 75.73 18.88 35.02
C GLU K 83 74.98 17.60 34.66
N LYS K 84 73.90 17.72 33.87
CA LYS K 84 73.13 16.55 33.45
C LYS K 84 73.96 15.64 32.51
N ILE K 85 74.73 16.26 31.59
CA ILE K 85 75.57 15.49 30.68
C ILE K 85 76.65 14.77 31.47
N TRP K 86 77.30 15.51 32.37
CA TRP K 86 78.35 14.99 33.22
C TRP K 86 77.88 13.93 34.16
N HIS K 87 76.72 14.09 34.78
CA HIS K 87 76.28 13.06 35.69
C HIS K 87 76.12 11.75 34.95
N HIS K 88 75.48 11.78 33.79
CA HIS K 88 75.27 10.58 33.00
C HIS K 88 76.59 10.00 32.51
N THR K 89 77.45 10.85 31.96
CA THR K 89 78.70 10.40 31.44
C THR K 89 79.53 9.73 32.53
N PHE K 90 79.59 10.37 33.71
CA PHE K 90 80.39 9.86 34.79
C PHE K 90 79.79 8.64 35.46
N TYR K 91 78.53 8.72 35.89
CA TYR K 91 77.96 7.64 36.67
C TYR K 91 77.30 6.50 35.92
N ASN K 92 76.76 6.73 34.72
CA ASN K 92 76.07 5.64 34.05
C ASN K 92 76.96 4.95 33.03
N GLU K 93 77.71 5.75 32.26
CA GLU K 93 78.54 5.17 31.18
C GLU K 93 79.97 4.84 31.60
N LEU K 94 80.68 5.80 32.20
CA LEU K 94 82.05 5.56 32.65
C LEU K 94 82.03 4.76 33.95
N ARG K 95 80.90 4.88 34.63
CA ARG K 95 80.57 4.27 35.92
C ARG K 95 81.57 4.58 37.03
N VAL K 96 81.83 5.87 37.15
CA VAL K 96 82.75 6.47 38.10
C VAL K 96 82.21 7.68 38.84
N ALA K 97 82.52 7.76 40.13
CA ALA K 97 82.18 8.94 40.90
C ALA K 97 83.39 9.89 40.97
N PRO K 98 83.30 11.16 40.49
CA PRO K 98 84.36 12.18 40.45
C PRO K 98 84.98 12.44 41.81
N GLU K 99 84.29 12.08 42.88
CA GLU K 99 84.76 12.27 44.23
C GLU K 99 86.17 11.67 44.42
N GLU K 100 86.48 10.56 43.74
CA GLU K 100 87.82 9.97 43.86
C GLU K 100 88.63 10.10 42.56
N HIS K 101 88.14 10.86 41.59
CA HIS K 101 88.73 11.00 40.24
C HIS K 101 88.80 12.46 39.73
N PRO K 102 89.90 13.21 39.99
CA PRO K 102 90.05 14.67 39.79
C PRO K 102 89.48 15.28 38.50
N THR K 103 89.61 14.62 37.37
CA THR K 103 89.01 15.07 36.10
C THR K 103 89.63 16.30 35.43
N LEU K 104 90.06 16.07 34.19
CA LEU K 104 90.62 17.08 33.33
C LEU K 104 89.59 17.50 32.28
N LEU K 105 89.36 18.80 32.19
CA LEU K 105 88.45 19.39 31.23
C LEU K 105 89.28 20.14 30.22
N THR K 106 88.71 20.52 29.08
CA THR K 106 89.50 21.21 28.07
C THR K 106 88.93 22.59 27.68
N GLU K 107 89.82 23.45 27.17
CA GLU K 107 89.44 24.78 26.66
C GLU K 107 90.41 25.31 25.59
N ALA K 108 89.94 26.30 24.85
CA ALA K 108 90.80 27.02 23.90
C ALA K 108 91.59 28.12 24.66
N PRO K 109 92.83 28.46 24.29
CA PRO K 109 93.64 29.52 24.89
C PRO K 109 93.02 30.92 25.11
N LEU K 110 92.19 31.40 24.18
CA LEU K 110 91.56 32.73 24.35
C LEU K 110 90.08 32.61 24.74
N ASN K 111 89.67 31.43 25.19
CA ASN K 111 88.33 31.13 25.65
C ASN K 111 88.01 32.05 26.83
N PRO K 112 86.81 32.67 26.92
CA PRO K 112 86.42 33.54 28.02
C PRO K 112 86.64 32.93 29.39
N LYS K 113 87.12 33.76 30.32
CA LYS K 113 87.47 33.40 31.69
C LYS K 113 86.31 32.75 32.42
N ALA K 114 85.12 33.25 32.14
CA ALA K 114 83.91 32.75 32.76
C ALA K 114 83.72 31.25 32.52
N ASN K 115 84.15 30.72 31.38
CA ASN K 115 83.92 29.33 31.12
C ASN K 115 84.84 28.43 31.94
N ARG K 116 86.10 28.82 32.02
CA ARG K 116 87.09 28.06 32.79
C ARG K 116 86.79 28.06 34.30
N GLU K 117 86.21 29.15 34.80
CA GLU K 117 85.90 29.21 36.22
C GLU K 117 84.58 28.50 36.50
N LYS K 118 83.62 28.54 35.55
CA LYS K 118 82.35 27.88 35.78
C LYS K 118 82.56 26.37 35.76
N MET K 119 83.41 25.86 34.86
CA MET K 119 83.66 24.42 34.82
C MET K 119 84.27 23.96 36.13
N THR K 120 85.19 24.78 36.67
CA THR K 120 85.85 24.48 37.92
C THR K 120 84.83 24.43 39.05
N GLN K 121 83.94 25.42 39.10
CA GLN K 121 82.93 25.48 40.15
C GLN K 121 81.99 24.30 40.14
N ILE K 122 81.53 23.87 38.98
CA ILE K 122 80.59 22.76 39.00
C ILE K 122 81.26 21.49 39.47
N MET K 123 82.47 21.22 39.00
CA MET K 123 83.05 19.98 39.45
C MET K 123 83.34 19.98 40.94
N PHE K 124 83.72 21.14 41.52
CA PHE K 124 83.97 21.19 42.97
C PHE K 124 82.72 21.28 43.84
N GLU K 125 81.68 21.98 43.41
CA GLU K 125 80.50 22.14 44.26
C GLU K 125 79.36 21.15 43.98
N THR K 126 79.25 20.60 42.77
CA THR K 126 78.17 19.67 42.47
C THR K 126 78.67 18.23 42.50
N PHE K 127 79.87 18.01 42.00
CA PHE K 127 80.38 16.65 41.95
C PHE K 127 81.39 16.30 43.06
N ASN K 128 81.78 17.30 43.86
CA ASN K 128 82.73 17.16 44.95
C ASN K 128 84.04 16.52 44.52
N VAL K 129 84.55 16.97 43.38
CA VAL K 129 85.81 16.47 42.86
C VAL K 129 86.92 16.86 43.83
N PRO K 130 87.86 15.93 44.10
CA PRO K 130 88.93 16.22 45.04
C PRO K 130 89.94 17.24 44.53
N ALA K 131 90.00 17.40 43.22
CA ALA K 131 90.91 18.32 42.57
C ALA K 131 90.44 18.59 41.15
N MET K 132 90.88 19.68 40.53
CA MET K 132 90.54 20.01 39.13
C MET K 132 91.64 20.53 38.25
N TYR K 133 91.50 20.28 36.94
CA TYR K 133 92.37 20.92 36.00
C TYR K 133 91.66 21.20 34.68
N VAL K 134 91.89 22.37 34.10
CA VAL K 134 91.36 22.68 32.78
C VAL K 134 92.57 22.87 31.85
N ALA K 135 92.62 22.04 30.82
CA ALA K 135 93.72 21.98 29.87
C ALA K 135 93.49 22.70 28.57
N ILE K 136 94.59 23.10 27.97
CA ILE K 136 94.58 23.67 26.64
C ILE K 136 94.57 22.56 25.59
N GLN K 137 93.62 22.62 24.67
CA GLN K 137 93.47 21.58 23.64
C GLN K 137 94.73 21.47 22.78
N ALA K 138 95.41 22.59 22.53
CA ALA K 138 96.64 22.61 21.75
C ALA K 138 97.75 21.82 22.45
N VAL K 139 97.79 21.86 23.78
CA VAL K 139 98.77 21.13 24.56
C VAL K 139 98.52 19.67 24.42
N LEU K 140 97.25 19.33 24.51
CA LEU K 140 96.89 17.95 24.48
C LEU K 140 97.14 17.39 23.07
N SER K 141 96.87 18.19 22.05
CA SER K 141 97.06 17.75 20.69
C SER K 141 98.53 17.48 20.42
N LEU K 142 99.41 18.36 20.91
CA LEU K 142 100.83 18.14 20.72
C LEU K 142 101.32 16.93 21.51
N TYR K 143 100.81 16.68 22.73
CA TYR K 143 101.29 15.48 23.41
C TYR K 143 100.94 14.22 22.63
N ALA K 144 99.70 14.17 22.14
CA ALA K 144 99.18 13.01 21.43
C ALA K 144 99.97 12.73 20.15
N SER K 145 100.41 13.79 19.50
CA SER K 145 101.17 13.71 18.26
C SER K 145 102.67 13.50 18.47
N GLY K 146 103.16 13.49 19.71
CA GLY K 146 104.60 13.34 19.94
C GLY K 146 105.40 14.62 19.66
N ARG K 147 104.83 15.78 19.91
CA ARG K 147 105.50 17.04 19.66
C ARG K 147 105.40 18.05 20.80
N THR K 148 106.38 18.97 20.85
CA THR K 148 106.35 20.10 21.77
C THR K 148 106.20 21.40 20.98
N THR K 149 106.26 21.25 19.66
CA THR K 149 106.21 22.39 18.76
C THR K 149 105.24 22.17 17.62
N GLY K 150 104.45 23.19 17.33
CA GLY K 150 103.56 23.17 16.18
C GLY K 150 102.36 24.10 16.28
N ILE K 151 101.63 24.17 15.17
CA ILE K 151 100.42 24.99 15.11
C ILE K 151 99.27 24.08 15.31
N VAL K 152 98.46 24.32 16.32
CA VAL K 152 97.36 23.39 16.44
C VAL K 152 96.10 23.98 15.87
N LEU K 153 95.61 23.26 14.88
CA LEU K 153 94.40 23.59 14.20
C LEU K 153 93.36 22.65 14.75
N ASP K 154 92.58 23.16 15.68
CA ASP K 154 91.61 22.44 16.48
C ASP K 154 90.20 22.60 15.96
N SER K 155 90.13 22.91 14.65
CA SER K 155 88.99 23.06 13.72
C SER K 155 87.68 22.28 13.99
N GLY K 156 87.20 22.26 15.22
CA GLY K 156 86.03 21.49 15.58
C GLY K 156 84.73 22.22 15.29
N ASP K 157 83.67 21.82 16.00
CA ASP K 157 82.31 22.34 15.85
C ASP K 157 82.12 23.79 16.28
N GLY K 158 82.84 24.20 17.33
CA GLY K 158 82.72 25.52 17.94
C GLY K 158 83.56 26.65 17.33
N VAL K 159 84.85 26.65 17.59
CA VAL K 159 85.77 27.69 17.11
C VAL K 159 87.04 27.07 16.57
N THR K 160 87.66 27.69 15.55
CA THR K 160 88.98 27.22 15.11
C THR K 160 89.92 28.19 15.82
N HIS K 161 90.84 27.70 16.64
CA HIS K 161 91.60 28.66 17.42
C HIS K 161 92.96 29.04 16.82
N ASN K 162 93.50 28.20 15.92
CA ASN K 162 94.77 28.47 15.26
C ASN K 162 95.91 28.85 16.22
N VAL K 163 96.24 27.98 17.18
CA VAL K 163 97.22 28.39 18.19
C VAL K 163 98.61 27.72 18.14
N PRO K 164 99.71 28.50 17.96
CA PRO K 164 101.09 28.06 17.97
C PRO K 164 101.66 27.84 19.38
N ILE K 165 102.46 26.78 19.50
CA ILE K 165 103.27 26.41 20.67
C ILE K 165 104.71 26.08 20.21
N TYR K 166 105.73 26.60 20.90
CA TYR K 166 107.14 26.29 20.54
C TYR K 166 107.93 25.85 21.75
N GLU K 167 108.57 24.69 21.69
CA GLU K 167 109.33 24.13 22.82
C GLU K 167 108.47 24.06 24.09
N GLY K 168 107.18 23.78 23.91
CA GLY K 168 106.26 23.70 25.03
C GLY K 168 105.77 25.05 25.55
N TYR K 169 106.17 26.15 24.92
CA TYR K 169 105.73 27.47 25.40
C TYR K 169 104.65 28.08 24.51
N ALA K 170 103.69 28.78 25.10
CA ALA K 170 102.66 29.39 24.28
C ALA K 170 103.24 30.59 23.57
N LEU K 171 102.75 30.85 22.36
CA LEU K 171 103.14 32.05 21.66
C LEU K 171 101.85 32.82 21.37
N PRO K 172 101.17 33.35 22.43
CA PRO K 172 99.80 33.86 22.41
C PRO K 172 99.55 35.03 21.51
N HIS K 173 100.59 35.78 21.18
CA HIS K 173 100.40 36.95 20.36
C HIS K 173 100.06 36.57 18.94
N ALA K 174 100.36 35.32 18.59
CA ALA K 174 100.14 34.78 17.26
C ALA K 174 98.91 33.89 17.19
N ILE K 175 98.07 33.87 18.23
CA ILE K 175 96.87 33.03 18.11
C ILE K 175 95.85 33.76 17.26
N MET K 176 95.33 33.07 16.23
CA MET K 176 94.37 33.71 15.34
C MET K 176 92.98 33.15 15.59
N ARG K 177 92.21 33.71 16.51
CA ARG K 177 90.93 33.08 16.79
C ARG K 177 90.00 33.30 15.59
N LEU K 178 89.38 32.22 15.09
CA LEU K 178 88.51 32.33 13.93
C LEU K 178 87.07 31.85 14.14
N ASP K 179 86.13 32.74 13.79
CA ASP K 179 84.71 32.44 13.89
C ASP K 179 84.17 31.72 12.66
N LEU K 180 84.68 30.51 12.51
CA LEU K 180 84.33 29.53 11.50
C LEU K 180 84.60 28.15 12.03
N ALA K 181 83.55 27.35 12.09
CA ALA K 181 83.65 26.02 12.65
C ALA K 181 82.64 25.04 12.07
N GLY K 182 82.76 23.78 12.46
CA GLY K 182 81.92 22.70 11.94
C GLY K 182 80.41 22.98 12.04
N ARG K 183 79.95 23.73 13.06
CA ARG K 183 78.54 24.05 13.20
C ARG K 183 78.05 24.97 12.06
N ASP K 184 78.96 25.79 11.51
CA ASP K 184 78.60 26.74 10.47
C ASP K 184 78.57 26.01 9.16
N LEU K 185 79.43 24.99 9.05
CA LEU K 185 79.48 24.23 7.83
C LEU K 185 78.16 23.46 7.70
N THR K 186 77.61 22.98 8.84
CA THR K 186 76.32 22.27 8.86
C THR K 186 75.22 23.23 8.42
N ASP K 187 75.23 24.46 8.94
CA ASP K 187 74.18 25.42 8.60
C ASP K 187 74.22 25.80 7.12
N TYR K 188 75.43 25.91 6.58
CA TYR K 188 75.60 26.24 5.17
C TYR K 188 74.99 25.13 4.32
N LEU K 189 75.27 23.88 4.69
CA LEU K 189 74.73 22.73 3.97
C LEU K 189 73.21 22.75 4.05
N MET K 190 72.63 23.07 5.21
CA MET K 190 71.16 23.10 5.26
C MET K 190 70.61 24.13 4.24
N LYS K 191 71.28 25.28 4.12
CA LYS K 191 70.81 26.28 3.17
C LYS K 191 70.99 25.86 1.70
N ILE K 192 72.10 25.22 1.36
CA ILE K 192 72.25 24.84 -0.05
C ILE K 192 71.47 23.53 -0.37
N LEU K 193 71.14 22.73 0.64
CA LEU K 193 70.28 21.58 0.37
C LEU K 193 68.85 22.09 0.14
N THR K 194 68.51 23.26 0.72
CA THR K 194 67.21 23.90 0.51
C THR K 194 67.15 24.28 -0.98
N GLU K 195 68.27 24.78 -1.54
CA GLU K 195 68.33 25.16 -2.96
C GLU K 195 68.02 23.95 -3.86
N ARG K 196 68.37 22.75 -3.39
CA ARG K 196 68.12 21.53 -4.16
C ARG K 196 66.73 20.93 -3.97
N GLY K 197 65.90 21.58 -3.14
CA GLY K 197 64.54 21.10 -2.88
C GLY K 197 64.35 20.30 -1.60
N TYR K 198 65.37 20.29 -0.75
CA TYR K 198 65.30 19.57 0.51
C TYR K 198 65.62 20.47 1.68
N SER K 199 64.63 21.23 2.15
CA SER K 199 64.83 22.14 3.27
C SER K 199 65.02 21.37 4.57
N PHE K 200 65.97 21.78 5.39
CA PHE K 200 66.22 21.19 6.71
C PHE K 200 66.28 22.26 7.80
N VAL K 201 65.29 22.31 8.70
CA VAL K 201 65.29 23.32 9.77
C VAL K 201 65.05 22.82 11.22
N THR K 202 64.33 21.71 11.39
CA THR K 202 63.90 21.20 12.71
C THR K 202 64.97 20.34 13.35
N THR K 203 64.81 19.96 14.61
CA THR K 203 65.85 19.15 15.22
C THR K 203 66.17 17.87 14.46
N ALA K 204 65.16 17.12 14.02
CA ALA K 204 65.50 15.90 13.32
C ALA K 204 66.29 16.23 12.07
N GLU K 205 65.87 17.29 11.40
CA GLU K 205 66.51 17.72 10.18
C GLU K 205 67.93 18.24 10.39
N ARG K 206 68.17 18.96 11.49
CA ARG K 206 69.49 19.49 11.81
C ARG K 206 70.47 18.35 12.06
N GLU K 207 70.00 17.31 12.78
CA GLU K 207 70.84 16.16 13.08
C GLU K 207 71.14 15.37 11.80
N ILE K 208 70.17 15.29 10.88
CA ILE K 208 70.40 14.62 9.62
C ILE K 208 71.45 15.33 8.81
N VAL K 209 71.37 16.64 8.70
CA VAL K 209 72.34 17.34 7.88
C VAL K 209 73.72 17.22 8.47
N ARG K 210 73.85 17.30 9.80
CA ARG K 210 75.19 17.10 10.36
C ARG K 210 75.72 15.72 9.97
N ASP K 211 74.86 14.69 10.01
CA ASP K 211 75.29 13.34 9.63
C ASP K 211 75.65 13.29 8.13
N ILE K 212 74.90 14.02 7.28
CA ILE K 212 75.21 14.05 5.85
C ILE K 212 76.58 14.63 5.64
N LYS K 213 76.84 15.75 6.31
CA LYS K 213 78.13 16.41 6.17
C LYS K 213 79.28 15.49 6.51
N GLU K 214 79.18 14.82 7.66
CA GLU K 214 80.24 13.95 8.16
C GLU K 214 80.56 12.78 7.25
N LYS K 215 79.51 12.23 6.63
CA LYS K 215 79.61 11.10 5.72
C LYS K 215 79.92 11.45 4.25
N LEU K 216 79.33 12.51 3.70
CA LEU K 216 79.47 12.82 2.28
C LEU K 216 80.46 13.93 1.89
N CYS K 217 80.74 14.89 2.77
CA CYS K 217 81.52 16.04 2.33
C CYS K 217 83.04 15.87 2.32
N TYR K 218 83.67 16.64 1.45
CA TYR K 218 85.14 16.65 1.28
C TYR K 218 85.65 17.95 0.73
N VAL K 219 86.97 18.17 0.79
CA VAL K 219 87.52 19.40 0.20
C VAL K 219 88.29 19.18 -1.09
N ALA K 220 89.04 18.08 -1.18
CA ALA K 220 89.91 17.81 -2.33
C ALA K 220 90.96 18.92 -2.47
N LEU K 221 91.78 18.83 -3.52
CA LEU K 221 92.86 19.80 -3.72
C LEU K 221 92.58 20.96 -4.70
N ASP K 222 91.43 20.95 -5.39
CA ASP K 222 91.13 22.00 -6.37
C ASP K 222 89.63 22.22 -6.52
N PHE K 223 89.13 23.27 -5.84
CA PHE K 223 87.70 23.53 -5.78
C PHE K 223 87.04 23.82 -7.12
N GLU K 224 87.67 24.69 -7.90
CA GLU K 224 87.07 25.10 -9.14
C GLU K 224 86.98 23.97 -10.14
N ASN K 225 88.00 23.11 -10.21
CA ASN K 225 87.91 22.01 -11.14
C ASN K 225 86.92 20.97 -10.63
N GLU K 226 86.85 20.80 -9.30
CA GLU K 226 85.96 19.80 -8.74
C GLU K 226 84.52 20.27 -8.98
N MET K 227 84.28 21.58 -8.83
CA MET K 227 82.99 22.20 -9.08
C MET K 227 82.62 22.13 -10.54
N ALA K 228 83.58 22.34 -11.44
CA ALA K 228 83.25 22.29 -12.84
C ALA K 228 82.66 20.95 -13.23
N THR K 229 83.18 19.86 -12.67
CA THR K 229 82.60 18.58 -13.03
C THR K 229 81.39 18.24 -12.16
N ALA K 230 81.40 18.58 -10.87
CA ALA K 230 80.27 18.26 -9.99
C ALA K 230 79.00 18.96 -10.43
N ALA K 231 79.15 20.16 -10.96
CA ALA K 231 78.03 20.96 -11.42
C ALA K 231 77.56 20.53 -12.82
N SER K 232 78.33 19.68 -13.50
CA SER K 232 78.03 19.29 -14.87
C SER K 232 77.56 17.84 -14.99
N SER K 233 77.89 17.00 -14.01
CA SER K 233 77.57 15.58 -14.11
C SER K 233 77.25 14.83 -12.82
N SER K 234 76.34 13.87 -12.96
CA SER K 234 75.87 12.97 -11.91
C SER K 234 76.98 12.05 -11.42
N SER K 235 78.09 11.99 -12.16
CA SER K 235 79.21 11.14 -11.82
C SER K 235 79.89 11.59 -10.52
N LEU K 236 79.64 12.82 -10.05
CA LEU K 236 80.23 13.24 -8.78
C LEU K 236 79.17 13.38 -7.68
N GLU K 237 77.99 12.79 -7.91
CA GLU K 237 76.93 12.84 -6.91
C GLU K 237 76.98 11.63 -6.01
N LYS K 238 76.55 11.83 -4.77
CA LYS K 238 76.47 10.75 -3.79
C LYS K 238 75.13 10.81 -3.09
N SER K 239 74.50 9.66 -2.95
CA SER K 239 73.22 9.62 -2.27
C SER K 239 73.38 9.34 -0.79
N TYR K 240 72.53 9.98 -0.01
CA TYR K 240 72.44 9.79 1.42
C TYR K 240 71.06 9.29 1.78
N GLU K 241 70.99 8.30 2.65
CA GLU K 241 69.72 7.76 3.08
C GLU K 241 69.18 8.44 4.32
N LEU K 242 67.99 8.99 4.20
CA LEU K 242 67.32 9.71 5.25
C LEU K 242 66.66 8.64 6.14
N PRO K 243 66.43 8.90 7.44
CA PRO K 243 65.84 7.98 8.41
C PRO K 243 64.52 7.32 8.04
N ASP K 244 63.70 7.92 7.19
CA ASP K 244 62.43 7.31 6.87
C ASP K 244 62.43 6.43 5.63
N GLY K 245 63.61 6.18 5.05
CA GLY K 245 63.70 5.35 3.84
C GLY K 245 63.80 6.19 2.57
N GLN K 246 63.61 7.51 2.69
CA GLN K 246 63.71 8.38 1.53
C GLN K 246 65.16 8.75 1.35
N VAL K 247 65.52 9.22 0.16
CA VAL K 247 66.90 9.60 -0.04
C VAL K 247 67.03 11.01 -0.58
N ILE K 248 68.22 11.55 -0.38
CA ILE K 248 68.63 12.83 -0.90
C ILE K 248 69.90 12.64 -1.74
N THR K 249 69.94 13.20 -2.94
CA THR K 249 71.15 13.07 -3.73
C THR K 249 71.79 14.43 -3.79
N ILE K 250 73.08 14.46 -3.43
CA ILE K 250 73.89 15.66 -3.29
C ILE K 250 75.09 15.73 -4.27
N GLY K 251 75.24 16.89 -4.94
CA GLY K 251 76.26 17.14 -5.97
C GLY K 251 77.39 18.00 -5.45
N ASN K 252 77.54 19.21 -5.97
CA ASN K 252 78.70 20.02 -5.60
C ASN K 252 78.59 20.62 -4.20
N GLU K 253 77.44 20.43 -3.55
CA GLU K 253 77.18 20.93 -2.21
C GLU K 253 78.06 20.16 -1.24
N ARG K 254 78.46 18.99 -1.72
CA ARG K 254 79.28 18.02 -1.07
C ARG K 254 80.65 18.61 -0.75
N PHE K 255 81.11 19.53 -1.58
CA PHE K 255 82.41 20.16 -1.39
C PHE K 255 82.30 21.65 -1.15
N ARG K 256 81.17 22.24 -1.58
CA ARG K 256 80.97 23.68 -1.40
C ARG K 256 80.85 23.99 0.07
N CYS K 257 80.40 23.01 0.84
CA CYS K 257 80.24 23.20 2.29
C CYS K 257 81.58 23.44 2.98
N PRO K 258 82.45 22.43 3.02
CA PRO K 258 83.74 22.50 3.66
C PRO K 258 84.64 23.50 2.99
N GLU K 259 84.37 23.86 1.73
CA GLU K 259 85.15 24.87 1.04
C GLU K 259 85.08 26.19 1.78
N THR K 260 84.08 26.38 2.66
CA THR K 260 83.89 27.59 3.44
C THR K 260 85.12 27.81 4.33
N LEU K 261 85.85 26.72 4.61
CA LEU K 261 87.07 26.73 5.38
C LEU K 261 88.13 27.51 4.62
N PHE K 262 88.04 27.50 3.29
CA PHE K 262 88.97 28.20 2.43
C PHE K 262 88.29 29.45 1.86
N GLN K 263 86.95 29.49 1.93
CA GLN K 263 86.10 30.59 1.48
C GLN K 263 84.99 30.97 2.49
N PRO K 264 85.31 31.58 3.66
CA PRO K 264 84.41 31.93 4.77
C PRO K 264 83.28 32.86 4.37
N SER K 265 83.44 33.53 3.23
CA SER K 265 82.45 34.46 2.72
C SER K 265 81.15 33.71 2.39
N PHE K 266 81.23 32.38 2.27
CA PHE K 266 80.10 31.53 1.98
C PHE K 266 79.04 31.59 3.09
N ILE K 267 79.48 31.94 4.31
CA ILE K 267 78.55 32.04 5.44
C ILE K 267 78.50 33.48 5.95
N GLY K 268 78.98 34.43 5.15
CA GLY K 268 78.99 35.83 5.54
C GLY K 268 80.12 36.20 6.50
N MET K 269 81.19 35.40 6.56
CA MET K 269 82.28 35.70 7.48
C MET K 269 83.39 36.50 6.85
N GLU K 270 83.88 37.48 7.58
CA GLU K 270 84.96 38.29 7.07
C GLU K 270 86.28 37.63 7.38
N SER K 271 86.65 36.69 6.54
CA SER K 271 87.87 35.92 6.72
C SER K 271 88.42 35.37 5.43
N ALA K 272 89.74 35.22 5.40
CA ALA K 272 90.42 34.63 4.25
C ALA K 272 90.49 33.11 4.33
N GLY K 273 90.06 32.54 5.46
CA GLY K 273 90.07 31.09 5.62
C GLY K 273 91.10 30.55 6.62
N ILE K 274 90.98 29.25 6.87
CA ILE K 274 91.80 28.54 7.84
C ILE K 274 93.27 28.46 7.45
N HIS K 275 93.60 28.49 6.15
CA HIS K 275 95.00 28.43 5.77
C HIS K 275 95.68 29.77 5.96
N GLU K 276 94.90 30.86 5.95
CA GLU K 276 95.46 32.17 6.16
C GLU K 276 95.75 32.31 7.63
N THR K 277 94.84 31.78 8.46
CA THR K 277 95.02 31.86 9.89
C THR K 277 96.14 30.93 10.34
N THR K 278 96.31 29.79 9.67
CA THR K 278 97.40 28.88 10.02
C THR K 278 98.69 29.59 9.70
N TYR K 279 98.73 30.19 8.52
CA TYR K 279 99.90 30.92 8.05
C TYR K 279 100.27 32.05 9.00
N ASN K 280 99.29 32.85 9.42
CA ASN K 280 99.57 33.95 10.31
C ASN K 280 100.02 33.45 11.69
N SER K 281 99.52 32.29 12.14
CA SER K 281 99.97 31.79 13.43
C SER K 281 101.47 31.46 13.34
N ILE K 282 101.92 31.02 12.16
CA ILE K 282 103.33 30.72 11.96
C ILE K 282 104.11 32.02 11.74
N MET K 283 103.63 32.85 10.83
CA MET K 283 104.29 34.08 10.41
C MET K 283 104.46 35.11 11.51
N LYS K 284 103.51 35.18 12.44
CA LYS K 284 103.54 36.16 13.51
C LYS K 284 104.48 35.75 14.65
N CYS K 285 105.10 34.58 14.55
CA CYS K 285 106.05 34.11 15.53
C CYS K 285 107.43 34.55 15.03
N ASP K 286 108.43 34.57 15.91
CA ASP K 286 109.75 35.03 15.49
C ASP K 286 110.33 34.23 14.35
N ILE K 287 111.20 34.88 13.59
CA ILE K 287 111.80 34.26 12.41
C ILE K 287 112.53 32.93 12.66
N ASP K 288 113.08 32.72 13.85
CA ASP K 288 113.75 31.46 14.17
C ASP K 288 112.80 30.42 14.79
N ILE K 289 111.52 30.77 14.86
CA ILE K 289 110.43 29.91 15.31
C ILE K 289 109.69 29.39 14.09
N ARG K 290 109.45 30.29 13.14
CA ARG K 290 108.72 30.00 11.92
C ARG K 290 109.11 28.70 11.21
N LYS K 291 110.39 28.39 11.17
CA LYS K 291 110.81 27.17 10.47
C LYS K 291 110.28 25.89 11.13
N ASP K 292 110.11 25.92 12.45
CA ASP K 292 109.72 24.74 13.17
C ASP K 292 108.22 24.64 13.16
N LEU K 293 107.55 25.78 13.12
CA LEU K 293 106.11 25.73 13.06
C LEU K 293 105.68 25.33 11.63
N TYR K 294 106.42 25.77 10.59
CA TYR K 294 106.05 25.37 9.22
C TYR K 294 106.12 23.87 9.06
N ALA K 295 107.13 23.26 9.68
CA ALA K 295 107.37 21.83 9.63
C ALA K 295 106.47 21.01 10.56
N ASN K 296 105.67 21.69 11.40
CA ASN K 296 104.81 21.04 12.36
C ASN K 296 103.45 21.71 12.43
N ASN K 297 102.72 21.64 11.33
CA ASN K 297 101.36 22.12 11.21
C ASN K 297 100.49 20.94 11.67
N VAL K 298 99.81 21.07 12.81
CA VAL K 298 99.11 19.94 13.42
C VAL K 298 97.60 19.95 13.31
N MET K 299 97.04 18.88 12.73
CA MET K 299 95.60 18.79 12.59
C MET K 299 95.07 18.20 13.89
N SER K 300 94.00 18.76 14.42
CA SER K 300 93.39 18.26 15.65
C SER K 300 91.89 18.51 15.68
N GLY K 301 91.17 17.69 16.40
CA GLY K 301 89.73 17.91 16.51
C GLY K 301 88.97 17.51 15.24
N GLY K 302 87.74 18.01 15.14
CA GLY K 302 86.84 17.67 14.04
C GLY K 302 87.16 18.40 12.75
N THR K 303 86.44 18.05 11.68
CA THR K 303 86.64 18.61 10.31
C THR K 303 87.99 18.19 9.68
N THR K 304 88.90 17.63 10.48
CA THR K 304 90.21 17.18 10.04
C THR K 304 90.06 15.87 9.30
N MET K 305 88.84 15.35 9.35
CA MET K 305 88.43 14.13 8.70
C MET K 305 87.70 14.37 7.37
N TYR K 306 87.76 15.61 6.80
CA TYR K 306 87.25 15.82 5.43
C TYR K 306 88.30 15.28 4.46
N PRO K 307 87.98 14.40 3.51
CA PRO K 307 88.95 13.90 2.57
C PRO K 307 89.63 15.04 1.83
N GLY K 308 90.96 14.93 1.75
CA GLY K 308 91.82 15.89 1.09
C GLY K 308 92.26 17.05 1.99
N ILE K 309 91.76 17.14 3.22
CA ILE K 309 92.10 18.31 4.06
C ILE K 309 93.53 18.39 4.54
N ALA K 310 94.18 17.28 4.89
CA ALA K 310 95.56 17.43 5.37
C ALA K 310 96.47 17.91 4.24
N ASP K 311 96.21 17.44 3.02
CA ASP K 311 97.04 17.83 1.90
C ASP K 311 96.61 19.16 1.34
N ARG K 312 95.32 19.45 1.43
CA ARG K 312 94.77 20.72 0.96
C ARG K 312 95.42 21.83 1.77
N MET K 313 95.51 21.64 3.09
CA MET K 313 96.13 22.63 3.94
C MET K 313 97.61 22.75 3.67
N GLN K 314 98.32 21.63 3.46
CA GLN K 314 99.76 21.77 3.25
C GLN K 314 99.98 22.59 1.99
N LYS K 315 99.16 22.34 0.96
CA LYS K 315 99.23 23.07 -0.30
C LYS K 315 98.93 24.56 -0.14
N GLU K 316 97.85 24.88 0.60
CA GLU K 316 97.42 26.25 0.81
C GLU K 316 98.40 27.06 1.68
N ILE K 317 99.07 26.41 2.64
CA ILE K 317 100.04 27.14 3.44
C ILE K 317 101.28 27.30 2.57
N THR K 318 101.69 26.26 1.85
CA THR K 318 102.87 26.31 0.98
C THR K 318 102.74 27.47 0.00
N ALA K 319 101.55 27.70 -0.52
CA ALA K 319 101.23 28.77 -1.45
C ALA K 319 101.44 30.18 -0.86
N LEU K 320 101.39 30.32 0.47
CA LEU K 320 101.55 31.58 1.17
C LEU K 320 102.98 31.72 1.72
N ALA K 321 103.55 30.57 2.05
CA ALA K 321 104.88 30.42 2.64
C ALA K 321 105.99 30.78 1.65
N PRO K 322 107.18 31.17 2.15
CA PRO K 322 108.38 31.36 1.37
C PRO K 322 108.80 30.04 0.72
N SER K 323 109.49 30.14 -0.41
CA SER K 323 110.01 28.98 -1.12
C SER K 323 111.17 28.40 -0.34
N THR K 324 111.67 27.22 -0.73
CA THR K 324 112.76 26.48 -0.06
C THR K 324 112.28 25.80 1.23
N MET K 325 111.57 26.55 2.05
CA MET K 325 111.01 26.10 3.31
C MET K 325 110.10 24.90 3.14
N LYS K 326 110.23 23.96 4.07
CA LYS K 326 109.37 22.79 4.08
C LYS K 326 108.18 22.99 4.98
N ILE K 327 107.02 22.88 4.40
CA ILE K 327 105.77 23.00 5.11
C ILE K 327 105.25 21.58 5.26
N LYS K 328 104.95 21.19 6.48
CA LYS K 328 104.51 19.82 6.70
C LYS K 328 103.33 19.70 7.63
N ILE K 329 102.38 18.86 7.23
CA ILE K 329 101.24 18.56 8.08
C ILE K 329 101.28 17.21 8.74
N ILE K 330 101.00 17.27 10.04
CA ILE K 330 100.93 16.16 10.94
C ILE K 330 99.45 15.79 10.99
N ALA K 331 99.10 14.61 10.48
CA ALA K 331 97.69 14.24 10.42
C ALA K 331 97.51 12.72 10.56
N PRO K 332 97.74 12.17 11.75
CA PRO K 332 97.66 10.76 12.05
C PRO K 332 96.20 10.34 12.03
N PRO K 333 95.89 9.04 11.94
CA PRO K 333 94.56 8.47 11.99
C PRO K 333 93.89 8.72 13.34
N GLU K 334 94.71 9.04 14.33
CA GLU K 334 94.21 9.38 15.65
C GLU K 334 93.72 10.83 15.61
N ARG K 335 93.36 11.30 14.40
CA ARG K 335 92.86 12.64 14.19
C ARG K 335 91.55 12.77 14.95
N LYS K 336 91.38 13.94 15.57
CA LYS K 336 90.25 14.32 16.42
C LYS K 336 90.21 13.59 17.78
N TYR K 337 90.80 12.40 17.90
CA TYR K 337 90.81 11.79 19.21
C TYR K 337 92.06 12.20 19.98
N SER K 338 92.89 13.03 19.34
CA SER K 338 94.17 13.48 19.88
C SER K 338 94.04 14.42 21.07
N VAL K 339 92.94 15.13 21.19
CA VAL K 339 92.79 15.97 22.36
C VAL K 339 92.55 15.05 23.56
N TRP K 340 91.68 14.05 23.38
CA TRP K 340 91.41 13.12 24.46
C TRP K 340 92.71 12.42 24.88
N ILE K 341 93.48 11.97 23.89
CA ILE K 341 94.72 11.24 24.16
C ILE K 341 95.68 12.14 24.91
N GLY K 342 95.82 13.39 24.49
CA GLY K 342 96.70 14.26 25.24
C GLY K 342 96.18 14.46 26.65
N GLY K 343 94.85 14.54 26.83
CA GLY K 343 94.29 14.74 28.17
C GLY K 343 94.72 13.61 29.10
N SER K 344 94.73 12.39 28.57
CA SER K 344 95.17 11.20 29.29
C SER K 344 96.65 11.29 29.64
N ILE K 345 97.46 11.73 28.66
CA ILE K 345 98.90 11.86 28.85
C ILE K 345 99.21 12.90 29.90
N LEU K 346 98.57 14.06 29.82
CA LEU K 346 98.86 15.12 30.78
C LEU K 346 98.33 14.80 32.17
N ALA K 347 97.08 14.34 32.29
CA ALA K 347 96.47 14.09 33.59
C ALA K 347 97.24 13.09 34.44
N SER K 348 97.78 12.05 33.77
CA SER K 348 98.52 10.97 34.42
C SER K 348 100.03 11.22 34.55
N LEU K 349 100.52 12.35 34.02
CA LEU K 349 101.93 12.66 34.04
C LEU K 349 102.43 12.96 35.45
N SER K 350 103.51 12.31 35.88
CA SER K 350 104.03 12.54 37.24
C SER K 350 104.52 13.97 37.46
N THR K 351 104.96 14.60 36.38
CA THR K 351 105.50 15.96 36.32
C THR K 351 104.36 16.98 36.37
N PHE K 352 103.15 16.47 36.31
CA PHE K 352 102.00 17.33 36.33
C PHE K 352 101.10 17.06 37.52
N GLN K 353 101.55 16.31 38.52
CA GLN K 353 100.61 16.11 39.61
C GLN K 353 100.38 17.36 40.46
N GLN K 354 101.39 18.21 40.54
CA GLN K 354 101.32 19.44 41.32
C GLN K 354 100.47 20.50 40.62
N MET K 355 100.09 20.25 39.36
CA MET K 355 99.31 21.20 38.59
C MET K 355 97.82 21.10 38.88
N TRP K 356 97.41 20.05 39.61
CA TRP K 356 95.99 19.89 39.93
C TRP K 356 95.61 20.84 41.06
N ILE K 357 94.45 21.49 40.95
CA ILE K 357 93.98 22.39 42.00
C ILE K 357 93.26 21.52 42.97
N THR K 358 93.63 21.51 44.23
CA THR K 358 92.93 20.60 45.15
C THR K 358 91.69 21.26 45.72
N LYS K 359 90.79 20.45 46.33
CA LYS K 359 89.62 21.06 46.96
C LYS K 359 89.94 21.51 48.38
N GLN K 360 90.86 22.46 48.43
CA GLN K 360 91.34 23.20 49.57
C GLN K 360 91.60 24.56 49.02
N GLU K 361 92.47 24.57 48.01
CA GLU K 361 92.88 25.77 47.31
C GLU K 361 91.66 26.37 46.65
N TYR K 362 90.79 25.49 46.12
CA TYR K 362 89.56 25.89 45.49
C TYR K 362 88.65 26.68 46.40
N ASP K 363 88.42 26.22 47.62
CA ASP K 363 87.47 26.93 48.44
C ASP K 363 88.08 28.19 49.02
N GLU K 364 89.39 28.17 49.26
CA GLU K 364 90.03 29.37 49.78
C GLU K 364 90.01 30.51 48.75
N ALA K 365 90.24 30.18 47.48
CA ALA K 365 90.30 31.16 46.39
C ALA K 365 89.02 31.33 45.58
N GLY K 366 88.20 30.31 45.50
CA GLY K 366 87.02 30.30 44.63
C GLY K 366 87.45 29.81 43.25
N PRO K 367 86.51 29.60 42.31
CA PRO K 367 86.69 29.04 40.97
C PRO K 367 87.56 29.82 40.02
N SER K 368 87.83 31.09 40.33
CA SER K 368 88.65 31.93 39.50
C SER K 368 90.10 31.45 39.54
N ILE K 369 90.41 30.60 40.53
CA ILE K 369 91.72 30.01 40.76
C ILE K 369 92.26 29.25 39.57
N VAL K 370 91.37 28.71 38.75
CA VAL K 370 91.78 27.93 37.60
C VAL K 370 92.64 28.77 36.64
N HIS K 371 92.38 30.09 36.63
CA HIS K 371 93.04 31.08 35.81
C HIS K 371 94.48 31.30 36.23
N ARG K 372 94.81 31.02 37.49
CA ARG K 372 96.15 31.24 38.00
C ARG K 372 96.95 29.94 38.13
N LYS K 373 96.25 28.83 38.36
CA LYS K 373 96.91 27.55 38.58
C LYS K 373 97.12 26.64 37.37
N CYS K 374 96.26 26.70 36.35
CA CYS K 374 96.43 25.72 35.28
C CYS K 374 97.53 26.03 34.24
N PHE K 375 97.89 27.29 34.09
CA PHE K 375 98.85 27.75 33.08
C PHE K 375 99.06 29.26 33.15
N ASP L 1 90.41 76.71 -3.30
CA ASP L 1 89.67 77.82 -2.70
C ASP L 1 90.63 78.76 -1.98
N GLU L 2 91.89 78.38 -1.97
CA GLU L 2 92.95 79.17 -1.35
C GLU L 2 93.35 80.32 -2.27
N ASP L 3 93.76 81.45 -1.71
CA ASP L 3 94.19 82.61 -2.49
C ASP L 3 95.70 82.78 -2.61
N GLU L 4 96.44 81.74 -2.24
CA GLU L 4 97.90 81.72 -2.32
C GLU L 4 98.36 80.30 -2.56
N THR L 5 99.53 80.14 -3.18
CA THR L 5 100.08 78.81 -3.44
C THR L 5 100.84 78.28 -2.23
N THR L 6 100.11 78.17 -1.13
CA THR L 6 100.63 77.64 0.12
C THR L 6 100.84 76.15 -0.01
N ALA L 7 101.86 75.64 0.63
CA ALA L 7 102.07 74.21 0.56
C ALA L 7 100.96 73.46 1.23
N LEU L 8 100.65 72.28 0.72
CA LEU L 8 99.68 71.47 1.40
C LEU L 8 100.47 70.61 2.35
N VAL L 9 99.91 70.35 3.52
CA VAL L 9 100.60 69.52 4.49
C VAL L 9 99.73 68.33 4.92
N CYS L 10 100.28 67.11 4.83
CA CYS L 10 99.49 65.95 5.26
C CYS L 10 100.29 64.80 5.86
N ASP L 11 99.79 64.30 7.00
CA ASP L 11 100.39 63.17 7.68
C ASP L 11 99.52 61.96 7.37
N ASN L 12 99.96 61.13 6.43
CA ASN L 12 99.17 59.97 6.01
C ASN L 12 99.59 58.68 6.74
N GLY L 13 99.19 58.50 8.00
CA GLY L 13 99.71 57.37 8.77
C GLY L 13 98.84 56.11 8.68
N SER L 14 99.19 55.11 9.51
CA SER L 14 98.48 53.81 9.59
C SER L 14 97.16 53.93 10.31
N GLY L 15 96.97 55.05 10.98
CA GLY L 15 95.79 55.36 11.74
C GLY L 15 95.01 56.42 10.98
N LEU L 16 95.28 57.67 11.33
CA LEU L 16 94.62 58.86 10.80
C LEU L 16 95.42 59.59 9.72
N VAL L 17 94.65 60.30 8.90
CA VAL L 17 95.10 61.22 7.87
C VAL L 17 94.84 62.64 8.33
N LYS L 18 95.90 63.39 8.56
CA LYS L 18 95.69 64.75 9.01
C LYS L 18 96.04 65.71 7.91
N ALA L 19 95.16 66.67 7.61
CA ALA L 19 95.53 67.58 6.55
C ALA L 19 95.03 69.00 6.74
N GLY L 20 95.78 69.92 6.15
CA GLY L 20 95.49 71.35 6.16
C GLY L 20 96.50 72.04 5.29
N PHE L 21 96.60 73.36 5.39
CA PHE L 21 97.55 74.07 4.55
C PHE L 21 98.67 74.64 5.40
N ALA L 22 99.83 74.83 4.79
CA ALA L 22 100.94 75.41 5.51
C ALA L 22 100.60 76.82 5.93
N GLY L 23 100.96 77.11 7.16
CA GLY L 23 100.73 78.40 7.76
C GLY L 23 99.61 78.30 8.80
N ASP L 24 98.81 77.22 8.80
CA ASP L 24 97.79 77.16 9.85
C ASP L 24 98.43 76.56 11.11
N ASP L 25 97.65 76.46 12.18
CA ASP L 25 98.11 75.88 13.45
C ASP L 25 97.45 74.54 13.78
N ALA L 26 96.73 74.00 12.83
CA ALA L 26 96.02 72.75 13.00
C ALA L 26 95.65 72.21 11.65
N PRO L 27 95.42 70.90 11.50
CA PRO L 27 94.89 70.33 10.29
C PRO L 27 93.49 70.86 10.20
N ARG L 28 92.98 71.05 8.99
CA ARG L 28 91.61 71.54 8.84
C ARG L 28 90.66 70.38 9.02
N ALA L 29 91.12 69.20 8.64
CA ALA L 29 90.31 68.00 8.76
C ALA L 29 91.17 66.80 9.08
N VAL L 30 90.60 65.89 9.87
CA VAL L 30 91.25 64.64 10.19
C VAL L 30 90.28 63.48 9.99
N PHE L 31 90.71 62.43 9.31
CA PHE L 31 89.87 61.25 9.14
C PHE L 31 90.79 60.02 9.04
N PRO L 32 90.32 58.79 9.25
CA PRO L 32 91.06 57.53 9.10
C PRO L 32 91.58 57.23 7.71
N SER L 33 92.76 56.60 7.64
CA SER L 33 93.37 56.20 6.37
C SER L 33 92.74 54.93 5.85
N ILE L 34 91.46 55.02 5.51
CA ILE L 34 90.69 53.85 5.09
C ILE L 34 90.06 53.86 3.71
N VAL L 35 90.27 52.76 2.99
CA VAL L 35 89.52 52.53 1.75
C VAL L 35 88.75 51.22 1.95
N GLY L 36 87.43 51.30 1.86
CA GLY L 36 86.55 50.16 2.13
C GLY L 36 85.98 49.54 0.88
N ARG L 37 85.71 48.23 0.93
CA ARG L 37 85.12 47.55 -0.22
C ARG L 37 84.00 46.58 0.18
N PRO L 38 82.88 46.49 -0.57
CA PRO L 38 81.78 45.58 -0.30
C PRO L 38 82.24 44.15 -0.21
N ARG L 39 81.70 43.45 0.78
CA ARG L 39 82.01 42.03 1.00
C ARG L 39 80.77 41.17 0.74
N HIS L 40 79.78 41.77 0.08
CA HIS L 40 78.48 41.17 -0.24
C HIS L 40 78.07 41.34 -1.69
N GLN L 41 77.22 40.43 -2.15
CA GLN L 41 76.60 40.47 -3.48
C GLN L 41 75.37 41.35 -3.49
N GLY L 42 75.35 42.30 -4.44
CA GLY L 42 74.21 43.19 -4.58
C GLY L 42 72.99 42.49 -5.17
N VAL L 43 71.80 42.84 -4.71
CA VAL L 43 70.56 42.30 -5.26
C VAL L 43 69.56 43.34 -5.76
N MET L 44 69.66 44.58 -5.29
CA MET L 44 68.71 45.58 -5.77
C MET L 44 69.38 46.33 -6.93
N VAL L 45 68.56 46.72 -7.90
CA VAL L 45 69.01 47.39 -9.13
C VAL L 45 68.80 48.90 -9.09
N GLY L 46 69.80 49.66 -9.55
CA GLY L 46 69.68 51.12 -9.54
C GLY L 46 70.00 51.72 -8.18
N MET L 47 70.87 51.03 -7.44
CA MET L 47 71.26 51.42 -6.09
C MET L 47 72.54 52.25 -6.03
N GLY L 48 73.07 52.66 -7.19
CA GLY L 48 74.36 53.33 -7.18
C GLY L 48 75.36 52.27 -6.74
N GLN L 49 76.08 52.54 -5.65
CA GLN L 49 77.09 51.65 -5.05
C GLN L 49 78.46 51.72 -5.69
N LYS L 50 79.43 52.08 -4.87
CA LYS L 50 80.79 52.26 -5.34
C LYS L 50 81.55 50.94 -5.27
N ASP L 51 82.64 50.84 -6.02
CA ASP L 51 83.50 49.67 -5.91
C ASP L 51 84.31 49.76 -4.64
N SER L 52 84.58 51.00 -4.23
CA SER L 52 85.34 51.31 -3.05
C SER L 52 84.90 52.66 -2.47
N TYR L 53 85.02 52.77 -1.15
CA TYR L 53 84.64 53.96 -0.39
C TYR L 53 85.83 54.54 0.33
N VAL L 54 85.90 55.86 0.50
CA VAL L 54 87.09 56.42 1.15
C VAL L 54 86.86 57.28 2.40
N GLY L 55 87.69 57.06 3.42
CA GLY L 55 87.67 57.84 4.65
C GLY L 55 86.38 57.67 5.40
N ASP L 56 85.68 58.75 5.61
CA ASP L 56 84.43 58.75 6.33
C ASP L 56 83.36 58.02 5.54
N GLU L 57 83.52 57.89 4.21
CA GLU L 57 82.55 57.15 3.43
C GLU L 57 82.70 55.68 3.76
N ALA L 58 83.97 55.26 3.95
CA ALA L 58 84.28 53.88 4.22
C ALA L 58 83.74 53.49 5.58
N GLN L 59 83.83 54.41 6.55
CA GLN L 59 83.24 54.09 7.83
C GLN L 59 81.71 54.19 7.81
N SER L 60 81.15 55.18 7.10
CA SER L 60 79.70 55.36 7.10
C SER L 60 78.93 54.18 6.52
N LYS L 61 79.50 53.54 5.50
CA LYS L 61 78.86 52.41 4.83
C LYS L 61 79.45 51.06 5.24
N ARG L 62 80.26 51.06 6.31
CA ARG L 62 81.04 49.91 6.76
C ARG L 62 80.25 48.67 7.10
N GLY L 63 78.95 48.77 7.31
CA GLY L 63 78.15 47.59 7.67
C GLY L 63 78.37 46.43 6.70
N ILE L 64 78.62 46.71 5.42
CA ILE L 64 78.86 45.65 4.44
C ILE L 64 80.22 45.73 3.77
N LEU L 65 81.15 46.48 4.36
CA LEU L 65 82.47 46.65 3.75
C LEU L 65 83.53 46.00 4.58
N THR L 66 84.62 45.62 3.94
CA THR L 66 85.81 45.20 4.66
C THR L 66 86.68 46.44 4.60
N LEU L 67 87.31 46.86 5.71
CA LEU L 67 88.06 48.11 5.63
C LEU L 67 89.56 47.92 5.73
N LYS L 68 90.28 48.49 4.76
CA LYS L 68 91.73 48.36 4.72
C LYS L 68 92.44 49.69 4.93
N TYR L 69 93.59 49.61 5.59
CA TYR L 69 94.48 50.75 5.81
C TYR L 69 95.74 50.59 4.94
N PRO L 70 95.95 51.41 3.89
CA PRO L 70 97.06 51.37 2.93
C PRO L 70 98.47 51.52 3.52
N ILE L 71 98.55 52.11 4.71
CA ILE L 71 99.82 52.34 5.38
C ILE L 71 100.01 51.31 6.48
N GLU L 72 101.12 50.58 6.38
CA GLU L 72 101.43 49.48 7.28
C GLU L 72 102.54 49.85 8.25
N HIS L 73 102.17 50.20 9.47
CA HIS L 73 103.15 50.59 10.50
C HIS L 73 104.14 51.66 10.02
N GLY L 74 103.62 52.66 9.33
CA GLY L 74 104.41 53.76 8.82
C GLY L 74 104.78 53.70 7.33
N ILE L 75 104.61 52.58 6.63
CA ILE L 75 104.96 52.59 5.19
C ILE L 75 103.79 52.42 4.24
N ILE L 76 103.84 53.12 3.11
CA ILE L 76 102.77 52.96 2.14
C ILE L 76 103.03 51.83 1.19
N THR L 77 102.07 50.90 1.15
CA THR L 77 102.18 49.77 0.27
C THR L 77 101.03 49.83 -0.73
N ASN L 78 99.82 50.15 -0.26
CA ASN L 78 98.72 50.19 -1.20
C ASN L 78 98.58 51.61 -1.71
N TRP L 79 99.43 51.95 -2.67
CA TRP L 79 99.48 53.31 -3.17
C TRP L 79 98.21 53.68 -3.91
N ASP L 80 97.45 52.70 -4.41
CA ASP L 80 96.26 52.99 -5.19
C ASP L 80 95.16 53.45 -4.26
N ASP L 81 95.10 52.85 -3.08
CA ASP L 81 94.10 53.28 -2.13
C ASP L 81 94.53 54.62 -1.55
N MET L 82 95.84 54.85 -1.45
CA MET L 82 96.27 56.13 -0.95
C MET L 82 96.04 57.23 -1.97
N GLU L 83 96.10 56.93 -3.27
CA GLU L 83 95.77 57.95 -4.24
C GLU L 83 94.34 58.42 -3.97
N LYS L 84 93.43 57.46 -3.70
CA LYS L 84 92.04 57.80 -3.38
C LYS L 84 91.93 58.60 -2.08
N ILE L 85 92.72 58.25 -1.07
CA ILE L 85 92.69 58.99 0.19
C ILE L 85 93.17 60.41 -0.02
N TRP L 86 94.27 60.61 -0.74
CA TRP L 86 94.78 61.93 -1.04
C TRP L 86 93.80 62.73 -1.86
N HIS L 87 93.21 62.11 -2.88
CA HIS L 87 92.27 62.86 -3.70
C HIS L 87 91.12 63.34 -2.82
N HIS L 88 90.60 62.46 -1.96
CA HIS L 88 89.52 62.83 -1.08
C HIS L 88 89.98 63.95 -0.12
N THR L 89 91.15 63.78 0.49
CA THR L 89 91.69 64.73 1.46
C THR L 89 91.81 66.12 0.85
N PHE L 90 92.35 66.18 -0.35
CA PHE L 90 92.60 67.44 -1.00
C PHE L 90 91.35 68.05 -1.61
N TYR L 91 90.60 67.29 -2.40
CA TYR L 91 89.50 67.86 -3.14
C TYR L 91 88.15 67.90 -2.41
N ASN L 92 87.85 66.91 -1.55
CA ASN L 92 86.54 66.86 -0.91
C ASN L 92 86.54 67.43 0.51
N GLU L 93 87.70 67.84 0.99
CA GLU L 93 87.84 68.38 2.33
C GLU L 93 88.53 69.73 2.35
N LEU L 94 89.77 69.78 1.88
CA LEU L 94 90.52 71.02 1.88
C LEU L 94 90.11 71.89 0.71
N ARG L 95 89.60 71.27 -0.36
CA ARG L 95 89.16 71.93 -1.58
C ARG L 95 90.31 72.67 -2.24
N VAL L 96 91.40 71.92 -2.35
CA VAL L 96 92.64 72.34 -2.97
C VAL L 96 92.99 71.29 -3.99
N ALA L 97 93.88 71.65 -4.90
CA ALA L 97 94.36 70.70 -5.87
C ALA L 97 95.87 70.77 -5.87
N PRO L 98 96.63 69.68 -5.57
CA PRO L 98 98.10 69.63 -5.50
C PRO L 98 98.73 70.22 -6.74
N GLU L 99 98.06 70.13 -7.88
CA GLU L 99 98.59 70.71 -9.11
C GLU L 99 98.97 72.20 -8.91
N GLU L 100 98.21 72.92 -8.09
CA GLU L 100 98.43 74.34 -7.83
C GLU L 100 99.20 74.64 -6.53
N HIS L 101 99.63 73.61 -5.80
CA HIS L 101 100.31 73.78 -4.51
C HIS L 101 101.46 72.79 -4.31
N PRO L 102 102.61 73.18 -3.74
CA PRO L 102 103.68 72.25 -3.41
C PRO L 102 103.17 71.38 -2.26
N THR L 103 103.60 70.12 -2.13
CA THR L 103 103.07 69.28 -1.03
C THR L 103 104.12 68.62 -0.13
N LEU L 104 103.88 68.72 1.19
CA LEU L 104 104.72 68.13 2.20
C LEU L 104 104.05 66.95 2.92
N LEU L 105 104.76 65.82 2.90
CA LEU L 105 104.36 64.56 3.53
C LEU L 105 105.42 64.20 4.54
N THR L 106 105.12 63.34 5.53
CA THR L 106 106.19 63.01 6.48
C THR L 106 106.29 61.54 6.92
N GLU L 107 107.51 61.15 7.34
CA GLU L 107 107.84 59.80 7.81
C GLU L 107 108.92 59.78 8.93
N ALA L 108 108.98 58.68 9.69
CA ALA L 108 109.99 58.50 10.74
C ALA L 108 111.41 58.40 10.14
N PRO L 109 112.48 58.85 10.83
CA PRO L 109 113.88 58.77 10.39
C PRO L 109 114.40 57.39 9.93
N LEU L 110 113.87 56.26 10.45
CA LEU L 110 114.33 54.93 10.03
C LEU L 110 113.26 54.20 9.25
N ASN L 111 112.33 54.95 8.68
CA ASN L 111 111.28 54.43 7.84
C ASN L 111 111.96 53.96 6.52
N PRO L 112 111.67 52.76 5.98
CA PRO L 112 112.23 52.27 4.74
C PRO L 112 112.08 53.30 3.63
N LYS L 113 113.12 53.44 2.81
CA LYS L 113 113.20 54.44 1.75
C LYS L 113 112.11 54.32 0.69
N ALA L 114 111.53 53.14 0.60
CA ALA L 114 110.49 52.88 -0.38
C ALA L 114 109.30 53.81 -0.14
N ASN L 115 109.05 54.17 1.13
CA ASN L 115 107.91 54.99 1.47
C ASN L 115 108.04 56.39 0.89
N ARG L 116 109.22 56.98 1.06
CA ARG L 116 109.49 58.32 0.56
C ARG L 116 109.51 58.35 -0.97
N GLU L 117 109.97 57.28 -1.60
CA GLU L 117 110.03 57.23 -3.04
C GLU L 117 108.65 57.08 -3.65
N LYS L 118 107.79 56.23 -3.05
CA LYS L 118 106.47 56.04 -3.60
C LYS L 118 105.60 57.26 -3.37
N MET L 119 105.71 57.90 -2.20
CA MET L 119 104.89 59.09 -1.98
C MET L 119 105.25 60.18 -2.98
N THR L 120 106.55 60.32 -3.26
CA THR L 120 107.05 61.30 -4.20
C THR L 120 106.55 60.98 -5.60
N GLN L 121 106.61 59.70 -5.99
CA GLN L 121 106.19 59.32 -7.31
C GLN L 121 104.72 59.60 -7.58
N ILE L 122 103.87 59.28 -6.63
CA ILE L 122 102.46 59.46 -6.89
C ILE L 122 102.08 60.93 -6.87
N MET L 123 102.59 61.70 -5.93
CA MET L 123 102.18 63.08 -5.96
C MET L 123 102.62 63.78 -7.25
N PHE L 124 103.80 63.43 -7.78
CA PHE L 124 104.22 64.04 -9.05
C PHE L 124 103.56 63.46 -10.30
N GLU L 125 103.31 62.15 -10.34
CA GLU L 125 102.74 61.56 -11.55
C GLU L 125 101.22 61.50 -11.61
N THR L 126 100.51 61.39 -10.48
CA THR L 126 99.05 61.29 -10.61
C THR L 126 98.37 62.59 -10.21
N PHE L 127 99.01 63.37 -9.35
CA PHE L 127 98.41 64.65 -8.93
C PHE L 127 99.06 65.89 -9.57
N ASN L 128 100.16 65.67 -10.28
CA ASN L 128 100.93 66.72 -10.95
C ASN L 128 101.35 67.86 -10.03
N VAL L 129 101.75 67.53 -8.81
CA VAL L 129 102.14 68.54 -7.85
C VAL L 129 103.39 69.25 -8.38
N PRO L 130 103.52 70.58 -8.34
CA PRO L 130 104.68 71.31 -8.84
C PRO L 130 105.95 71.04 -8.03
N ALA L 131 105.79 70.58 -6.79
CA ALA L 131 106.93 70.27 -5.94
C ALA L 131 106.59 69.32 -4.80
N MET L 132 107.61 68.64 -4.31
CA MET L 132 107.47 67.74 -3.17
C MET L 132 108.54 67.80 -2.14
N TYR L 133 108.17 67.45 -0.90
CA TYR L 133 109.13 67.42 0.20
C TYR L 133 108.74 66.42 1.31
N VAL L 134 109.52 65.34 1.46
CA VAL L 134 109.21 64.38 2.48
C VAL L 134 110.01 64.76 3.71
N ALA L 135 109.28 65.08 4.76
CA ALA L 135 109.79 65.55 6.02
C ALA L 135 109.95 64.44 7.00
N ILE L 136 110.78 64.69 7.98
CA ILE L 136 111.00 63.76 9.06
C ILE L 136 110.00 64.04 10.19
N GLN L 137 109.28 63.02 10.64
CA GLN L 137 108.27 63.20 11.70
C GLN L 137 108.89 63.71 12.98
N ALA L 138 110.12 63.30 13.26
CA ALA L 138 110.85 63.75 14.45
C ALA L 138 111.17 65.25 14.40
N VAL L 139 111.46 65.73 13.20
CA VAL L 139 111.76 67.13 12.99
C VAL L 139 110.51 67.93 13.21
N LEU L 140 109.41 67.40 12.69
CA LEU L 140 108.18 68.11 12.79
C LEU L 140 107.65 68.04 14.23
N SER L 141 107.90 66.92 14.92
CA SER L 141 107.44 66.81 16.29
C SER L 141 108.14 67.82 17.18
N LEU L 142 109.44 68.04 16.97
CA LEU L 142 110.09 69.03 17.82
C LEU L 142 109.74 70.45 17.36
N TYR L 143 109.48 70.68 16.06
CA TYR L 143 109.12 72.05 15.72
C TYR L 143 107.83 72.44 16.42
N ALA L 144 106.86 71.53 16.41
CA ALA L 144 105.57 71.84 17.02
C ALA L 144 105.66 72.05 18.52
N SER L 145 106.52 71.26 19.20
CA SER L 145 106.67 71.40 20.63
C SER L 145 107.60 72.54 21.04
N GLY L 146 108.41 73.06 20.12
CA GLY L 146 109.30 74.16 20.45
C GLY L 146 110.66 73.76 20.96
N ARG L 147 111.23 72.72 20.37
CA ARG L 147 112.56 72.29 20.79
C ARG L 147 113.51 72.06 19.62
N THR L 148 114.80 72.30 19.87
CA THR L 148 115.85 71.99 18.91
C THR L 148 116.60 70.80 19.46
N THR L 149 116.37 70.58 20.75
CA THR L 149 117.00 69.51 21.50
C THR L 149 115.96 68.74 22.29
N GLY L 150 116.00 67.41 22.15
CA GLY L 150 115.10 66.54 22.90
C GLY L 150 114.91 65.18 22.26
N ILE L 151 114.09 64.36 22.90
CA ILE L 151 113.81 63.02 22.38
C ILE L 151 112.45 62.96 21.78
N VAL L 152 112.34 62.53 20.54
CA VAL L 152 111.01 62.44 20.01
C VAL L 152 110.40 61.09 20.30
N LEU L 153 109.32 61.16 21.06
CA LEU L 153 108.53 60.03 21.48
C LEU L 153 107.21 60.17 20.75
N ASP L 154 107.13 59.54 19.59
CA ASP L 154 106.05 59.66 18.64
C ASP L 154 105.06 58.51 18.64
N SER L 155 105.03 57.74 19.72
CA SER L 155 104.18 56.58 20.11
C SER L 155 102.75 56.45 19.51
N GLY L 156 102.58 56.66 18.22
CA GLY L 156 101.28 56.65 17.59
C GLY L 156 100.86 55.27 17.11
N ASP L 157 99.93 55.24 16.15
CA ASP L 157 99.34 54.00 15.68
C ASP L 157 100.30 53.04 14.99
N GLY L 158 101.28 53.57 14.25
CA GLY L 158 102.17 52.74 13.46
C GLY L 158 103.37 52.16 14.20
N VAL L 159 104.34 53.02 14.49
CA VAL L 159 105.57 52.59 15.15
C VAL L 159 106.04 53.65 16.12
N THR L 160 106.73 53.27 17.20
CA THR L 160 107.33 54.25 18.11
C THR L 160 108.76 54.43 17.60
N HIS L 161 109.17 55.67 17.35
CA HIS L 161 110.50 55.96 16.78
C HIS L 161 111.69 56.18 17.73
N ASN L 162 111.45 56.86 18.85
CA ASN L 162 112.47 57.16 19.87
C ASN L 162 113.79 57.80 19.40
N VAL L 163 113.75 59.02 18.80
CA VAL L 163 115.03 59.62 18.32
C VAL L 163 115.52 60.86 19.05
N PRO L 164 116.77 60.88 19.53
CA PRO L 164 117.41 62.04 20.09
C PRO L 164 117.91 62.97 18.99
N ILE L 165 117.62 64.25 19.18
CA ILE L 165 118.07 65.36 18.33
C ILE L 165 118.73 66.40 19.24
N TYR L 166 119.93 66.89 18.87
CA TYR L 166 120.61 67.91 19.68
C TYR L 166 121.00 69.12 18.84
N GLU L 167 120.57 70.31 19.25
CA GLU L 167 120.83 71.53 18.49
C GLU L 167 120.47 71.39 17.02
N GLY L 168 119.37 70.72 16.73
CA GLY L 168 118.94 70.54 15.36
C GLY L 168 119.62 69.40 14.59
N TYR L 169 120.52 68.66 15.24
CA TYR L 169 121.27 67.55 14.62
C TYR L 169 120.76 66.20 15.04
N ALA L 170 120.80 65.23 14.13
CA ALA L 170 120.38 63.91 14.54
C ALA L 170 121.52 63.22 15.25
N LEU L 171 121.18 62.35 16.18
CA LEU L 171 122.15 61.52 16.85
C LEU L 171 121.70 60.07 16.57
N PRO L 172 121.77 59.62 15.28
CA PRO L 172 121.11 58.46 14.72
C PRO L 172 121.50 57.12 15.29
N HIS L 173 122.67 57.03 15.90
CA HIS L 173 123.13 55.76 16.44
C HIS L 173 122.34 55.39 17.67
N ALA L 174 121.66 56.38 18.25
CA ALA L 174 120.90 56.21 19.45
C ALA L 174 119.40 56.08 19.16
N ILE L 175 119.01 55.92 17.90
CA ILE L 175 117.59 55.75 17.61
C ILE L 175 117.14 54.34 17.97
N MET L 176 116.07 54.24 18.74
CA MET L 176 115.57 52.92 19.11
C MET L 176 114.21 52.63 18.43
N ARG L 177 114.18 52.42 17.12
CA ARG L 177 112.90 52.13 16.45
C ARG L 177 112.22 50.91 17.07
N LEU L 178 111.00 51.06 17.57
CA LEU L 178 110.35 49.95 18.22
C LEU L 178 108.99 49.51 17.67
N ASP L 179 108.86 48.21 17.47
CA ASP L 179 107.62 47.63 16.98
C ASP L 179 106.61 47.42 18.12
N LEU L 180 106.14 48.55 18.63
CA LEU L 180 105.16 48.69 19.70
C LEU L 180 104.36 49.95 19.40
N ALA L 181 103.05 49.78 19.15
CA ALA L 181 102.25 50.92 18.73
C ALA L 181 100.75 50.85 19.08
N GLY L 182 100.06 51.97 18.86
CA GLY L 182 98.63 52.10 19.10
C GLY L 182 97.81 51.05 18.35
N ARG L 183 98.28 50.61 17.18
CA ARG L 183 97.64 49.58 16.38
C ARG L 183 97.66 48.23 17.09
N ASP L 184 98.70 47.97 17.90
CA ASP L 184 98.83 46.69 18.56
C ASP L 184 97.92 46.72 19.75
N LEU L 185 97.77 47.91 20.33
CA LEU L 185 96.89 48.05 21.47
C LEU L 185 95.45 47.75 21.06
N THR L 186 95.04 48.17 19.86
CA THR L 186 93.66 47.87 19.46
C THR L 186 93.46 46.36 19.38
N ASP L 187 94.40 45.64 18.77
CA ASP L 187 94.23 44.20 18.64
C ASP L 187 94.35 43.48 20.00
N TYR L 188 95.22 43.98 20.86
CA TYR L 188 95.38 43.37 22.17
C TYR L 188 94.10 43.55 22.98
N LEU L 189 93.49 44.73 22.91
CA LEU L 189 92.27 44.98 23.64
C LEU L 189 91.18 44.03 23.09
N MET L 190 91.12 43.79 21.77
CA MET L 190 90.11 42.84 21.25
C MET L 190 90.29 41.48 21.93
N LYS L 191 91.55 41.03 22.10
CA LYS L 191 91.81 39.75 22.76
C LYS L 191 91.47 39.73 24.26
N ILE L 192 91.78 40.79 25.01
CA ILE L 192 91.44 40.74 26.45
C ILE L 192 89.93 41.02 26.68
N LEU L 193 89.26 41.66 25.73
CA LEU L 193 87.82 41.81 25.87
C LEU L 193 87.15 40.47 25.55
N THR L 194 87.82 39.62 24.74
CA THR L 194 87.35 38.27 24.44
C THR L 194 87.40 37.48 25.75
N GLU L 195 88.46 37.69 26.55
CA GLU L 195 88.60 37.01 27.85
C GLU L 195 87.41 37.34 28.76
N ARG L 196 86.85 38.54 28.61
CA ARG L 196 85.71 38.96 29.43
C ARG L 196 84.35 38.47 28.92
N GLY L 197 84.34 37.76 27.78
CA GLY L 197 83.11 37.25 27.22
C GLY L 197 82.54 38.06 26.06
N TYR L 198 83.31 39.02 25.56
CA TYR L 198 82.88 39.84 24.43
C TYR L 198 83.91 39.71 23.32
N SER L 199 83.77 38.66 22.50
CA SER L 199 84.73 38.44 21.43
C SER L 199 84.63 39.48 20.33
N PHE L 200 85.78 39.95 19.84
CA PHE L 200 85.89 40.88 18.73
C PHE L 200 86.91 40.36 17.72
N VAL L 201 86.49 40.03 16.47
CA VAL L 201 87.44 39.54 15.45
C VAL L 201 87.36 40.23 14.06
N THR L 202 86.24 40.90 13.74
CA THR L 202 85.97 41.47 12.39
C THR L 202 86.33 42.94 12.29
N THR L 203 86.26 43.52 11.07
CA THR L 203 86.55 44.96 10.94
C THR L 203 85.63 45.80 11.77
N ALA L 204 84.32 45.51 11.74
CA ALA L 204 83.41 46.34 12.51
C ALA L 204 83.78 46.26 13.97
N GLU L 205 84.11 45.06 14.42
CA GLU L 205 84.48 44.83 15.79
C GLU L 205 85.78 45.54 16.16
N ARG L 206 86.73 45.56 15.24
CA ARG L 206 88.00 46.26 15.41
C ARG L 206 87.78 47.77 15.53
N GLU L 207 86.88 48.32 14.72
CA GLU L 207 86.56 49.75 14.78
C GLU L 207 85.83 50.04 16.12
N ILE L 208 85.02 49.09 16.60
CA ILE L 208 84.39 49.28 17.89
C ILE L 208 85.44 49.31 18.98
N VAL L 209 86.39 48.37 18.93
CA VAL L 209 87.42 48.33 19.94
C VAL L 209 88.33 49.54 19.91
N ARG L 210 88.61 50.07 18.72
CA ARG L 210 89.45 51.25 18.59
C ARG L 210 88.75 52.44 19.27
N ASP L 211 87.42 52.42 19.24
CA ASP L 211 86.61 53.47 19.84
C ASP L 211 86.59 53.28 21.35
N ILE L 212 86.53 52.02 21.81
CA ILE L 212 86.56 51.76 23.24
C ILE L 212 87.87 52.24 23.79
N LYS L 213 88.96 51.90 23.12
CA LYS L 213 90.28 52.27 23.58
C LYS L 213 90.44 53.80 23.67
N GLU L 214 90.07 54.49 22.61
CA GLU L 214 90.22 55.93 22.50
C GLU L 214 89.41 56.67 23.57
N LYS L 215 88.23 56.12 23.95
CA LYS L 215 87.39 56.75 24.95
C LYS L 215 87.56 56.26 26.41
N LEU L 216 87.90 54.98 26.64
CA LEU L 216 87.98 54.45 28.01
C LEU L 216 89.39 54.26 28.58
N CYS L 217 90.41 54.11 27.73
CA CYS L 217 91.74 53.74 28.23
C CYS L 217 92.65 54.82 28.78
N TYR L 218 93.50 54.35 29.69
CA TYR L 218 94.54 55.12 30.36
C TYR L 218 95.66 54.19 30.78
N VAL L 219 96.82 54.71 31.19
CA VAL L 219 97.88 53.80 31.65
C VAL L 219 98.03 53.75 33.17
N ALA L 220 97.90 54.90 33.84
CA ALA L 220 98.07 55.08 35.29
C ALA L 220 99.54 55.23 35.69
N LEU L 221 99.78 55.99 36.75
CA LEU L 221 101.16 56.13 37.23
C LEU L 221 101.69 54.84 37.88
N ASP L 222 100.87 54.15 38.67
CA ASP L 222 101.29 52.89 39.30
C ASP L 222 100.43 51.74 38.79
N PHE L 223 100.97 50.94 37.88
CA PHE L 223 100.18 49.88 37.25
C PHE L 223 99.68 48.82 38.19
N GLU L 224 100.57 48.28 39.01
CA GLU L 224 100.22 47.18 39.88
C GLU L 224 99.15 47.57 40.89
N ASN L 225 99.19 48.81 41.35
CA ASN L 225 98.19 49.23 42.33
C ASN L 225 96.86 49.45 41.65
N GLU L 226 96.89 50.00 40.41
CA GLU L 226 95.66 50.26 39.68
C GLU L 226 95.04 48.92 39.32
N MET L 227 95.90 47.94 38.98
CA MET L 227 95.50 46.59 38.64
C MET L 227 94.86 45.91 39.82
N ALA L 228 95.49 46.02 41.00
CA ALA L 228 94.95 45.36 42.17
C ALA L 228 93.56 45.85 42.51
N THR L 229 93.29 47.14 42.36
CA THR L 229 91.95 47.61 42.67
C THR L 229 90.97 47.34 41.53
N ALA L 230 91.40 47.50 40.27
CA ALA L 230 90.50 47.27 39.14
C ALA L 230 90.06 45.82 39.07
N ALA L 231 90.96 44.92 39.48
CA ALA L 231 90.69 43.50 39.47
C ALA L 231 89.85 43.06 40.67
N SER L 232 89.67 43.95 41.67
CA SER L 232 88.97 43.62 42.89
C SER L 232 87.63 44.32 43.04
N SER L 233 87.41 45.42 42.32
CA SER L 233 86.19 46.20 42.49
C SER L 233 85.64 46.91 41.26
N SER L 234 84.32 46.97 41.23
CA SER L 234 83.53 47.62 40.18
C SER L 234 83.74 49.13 40.16
N SER L 235 84.34 49.66 41.22
CA SER L 235 84.59 51.08 41.34
C SER L 235 85.59 51.59 40.30
N LEU L 236 86.35 50.70 39.64
CA LEU L 236 87.25 51.17 38.59
C LEU L 236 86.79 50.70 37.20
N GLU L 237 85.53 50.26 37.10
CA GLU L 237 84.99 49.83 35.83
C GLU L 237 84.30 50.97 35.11
N LYS L 238 84.32 50.90 33.79
CA LYS L 238 83.62 51.86 32.96
C LYS L 238 82.94 51.18 31.81
N SER L 239 81.67 51.52 31.61
CA SER L 239 80.94 50.95 30.51
C SER L 239 81.16 51.68 29.20
N TYR L 240 80.89 50.95 28.14
CA TYR L 240 80.91 51.44 26.78
C TYR L 240 79.68 50.95 26.02
N GLU L 241 79.09 51.87 25.28
CA GLU L 241 77.92 51.56 24.47
C GLU L 241 78.32 51.27 23.03
N LEU L 242 77.96 50.08 22.56
CA LEU L 242 78.32 49.65 21.23
C LEU L 242 77.31 50.21 20.23
N PRO L 243 77.66 50.34 18.94
CA PRO L 243 76.79 50.78 17.86
C PRO L 243 75.46 50.03 17.77
N ASP L 244 75.42 48.76 18.18
CA ASP L 244 74.18 48.04 18.10
C ASP L 244 73.39 48.04 19.40
N GLY L 245 73.76 48.86 20.37
CA GLY L 245 73.02 48.92 21.63
C GLY L 245 73.55 47.97 22.70
N GLN L 246 74.55 47.14 22.39
CA GLN L 246 75.08 46.27 23.43
C GLN L 246 75.94 47.08 24.37
N VAL L 247 76.01 46.66 25.62
CA VAL L 247 76.88 47.35 26.55
C VAL L 247 77.93 46.41 27.11
N ILE L 248 79.16 46.88 27.04
CA ILE L 248 80.30 46.15 27.55
C ILE L 248 80.84 46.88 28.77
N THR L 249 81.10 46.15 29.84
CA THR L 249 81.68 46.77 31.02
C THR L 249 83.10 46.28 31.07
N ILE L 250 84.04 47.23 31.15
CA ILE L 250 85.47 46.99 31.12
C ILE L 250 86.18 47.40 32.42
N GLY L 251 87.00 46.48 32.98
CA GLY L 251 87.68 46.70 34.25
C GLY L 251 89.14 46.98 34.06
N ASN L 252 90.00 46.04 34.46
CA ASN L 252 91.42 46.32 34.39
C ASN L 252 91.96 46.29 32.97
N GLU L 253 91.16 45.87 32.00
CA GLU L 253 91.56 45.82 30.61
C GLU L 253 91.72 47.23 30.07
N ARG L 254 91.07 48.15 30.79
CA ARG L 254 91.02 49.56 30.52
C ARG L 254 92.43 50.16 30.56
N PHE L 255 93.30 49.54 31.35
CA PHE L 255 94.67 49.99 31.49
C PHE L 255 95.67 48.88 31.16
N ARG L 256 95.24 47.61 31.26
CA ARG L 256 96.16 46.52 30.94
C ARG L 256 96.54 46.56 29.50
N CYS L 257 95.66 47.07 28.66
CA CYS L 257 95.97 47.20 27.24
C CYS L 257 97.11 48.20 27.07
N PRO L 258 96.83 49.47 27.39
CA PRO L 258 97.78 50.58 27.33
C PRO L 258 99.09 50.31 28.06
N GLU L 259 99.06 49.52 29.12
CA GLU L 259 100.23 49.16 29.90
C GLU L 259 101.27 48.40 29.07
N THR L 260 100.85 47.85 27.92
CA THR L 260 101.70 47.09 27.00
C THR L 260 102.83 48.01 26.53
N LEU L 261 102.58 49.31 26.57
CA LEU L 261 103.55 50.32 26.19
C LEU L 261 104.75 50.25 27.14
N PHE L 262 104.52 49.87 28.40
CA PHE L 262 105.56 49.77 29.41
C PHE L 262 105.95 48.30 29.60
N GLN L 263 105.02 47.41 29.26
CA GLN L 263 105.24 45.96 29.33
C GLN L 263 104.77 45.34 28.01
N PRO L 264 105.67 45.33 27.00
CA PRO L 264 105.45 44.84 25.64
C PRO L 264 105.30 43.34 25.57
N SER L 265 105.72 42.65 26.62
CA SER L 265 105.62 41.21 26.70
C SER L 265 104.17 40.77 26.69
N PHE L 266 103.24 41.70 26.98
CA PHE L 266 101.82 41.39 26.98
C PHE L 266 101.35 40.97 25.58
N ILE L 267 102.04 41.45 24.54
CA ILE L 267 101.70 41.15 23.16
C ILE L 267 102.80 40.34 22.50
N GLY L 268 103.65 39.72 23.32
CA GLY L 268 104.73 38.87 22.84
C GLY L 268 105.92 39.63 22.26
N MET L 269 106.11 40.91 22.63
CA MET L 269 107.21 41.66 22.07
C MET L 269 108.45 41.62 22.96
N GLU L 270 109.60 41.47 22.33
CA GLU L 270 110.84 41.47 23.08
C GLU L 270 111.30 42.90 23.31
N SER L 271 110.75 43.50 24.35
CA SER L 271 111.05 44.88 24.65
C SER L 271 110.86 45.23 26.11
N ALA L 272 111.68 46.17 26.57
CA ALA L 272 111.64 46.67 27.95
C ALA L 272 110.64 47.80 28.14
N GLY L 273 109.97 48.23 27.08
CA GLY L 273 109.01 49.32 27.17
C GLY L 273 109.53 50.65 26.66
N ILE L 274 108.60 51.57 26.40
CA ILE L 274 108.92 52.88 25.84
C ILE L 274 109.78 53.77 26.76
N HIS L 275 109.69 53.58 28.08
CA HIS L 275 110.52 54.36 28.96
C HIS L 275 111.98 53.93 28.91
N GLU L 276 112.25 52.67 28.55
CA GLU L 276 113.63 52.24 28.55
C GLU L 276 114.24 52.63 27.24
N THR L 277 113.45 52.62 26.17
CA THR L 277 114.01 53.01 24.89
C THR L 277 114.33 54.50 24.94
N THR L 278 113.52 55.28 25.65
CA THR L 278 113.78 56.70 25.78
C THR L 278 115.10 56.86 26.55
N TYR L 279 115.20 56.15 27.67
CA TYR L 279 116.37 56.20 28.51
C TYR L 279 117.65 55.83 27.78
N ASN L 280 117.64 54.71 27.05
CA ASN L 280 118.83 54.26 26.37
C ASN L 280 119.20 55.19 25.22
N SER L 281 118.21 55.79 24.53
CA SER L 281 118.57 56.69 23.44
C SER L 281 119.34 57.89 23.99
N ILE L 282 119.09 58.24 25.25
CA ILE L 282 119.82 59.33 25.86
C ILE L 282 121.16 58.81 26.35
N MET L 283 121.17 57.65 27.00
CA MET L 283 122.40 57.10 27.57
C MET L 283 123.47 56.82 26.50
N LYS L 284 123.07 56.59 25.24
CA LYS L 284 124.02 56.35 24.16
C LYS L 284 124.62 57.66 23.60
N CYS L 285 124.12 58.82 24.06
CA CYS L 285 124.58 60.13 23.63
C CYS L 285 125.69 60.64 24.58
N ASP L 286 126.52 61.59 24.14
CA ASP L 286 127.58 62.11 25.00
C ASP L 286 127.02 62.81 26.25
N ILE L 287 127.79 62.82 27.33
CA ILE L 287 127.33 63.41 28.59
C ILE L 287 126.98 64.90 28.55
N ASP L 288 127.48 65.64 27.55
CA ASP L 288 127.16 67.05 27.41
C ASP L 288 125.90 67.25 26.56
N ILE L 289 125.33 66.14 26.12
CA ILE L 289 124.09 66.07 25.37
C ILE L 289 122.99 65.61 26.31
N ARG L 290 123.32 64.60 27.14
CA ARG L 290 122.39 63.92 28.03
C ARG L 290 121.72 64.88 28.99
N LYS L 291 122.46 65.90 29.44
CA LYS L 291 121.89 66.83 30.40
C LYS L 291 120.68 67.58 29.79
N ASP L 292 120.69 67.78 28.47
CA ASP L 292 119.63 68.51 27.81
C ASP L 292 118.54 67.56 27.33
N LEU L 293 118.93 66.34 26.94
CA LEU L 293 117.91 65.41 26.45
C LEU L 293 117.05 64.86 27.59
N TYR L 294 117.62 64.61 28.77
CA TYR L 294 116.79 64.06 29.86
C TYR L 294 115.74 65.04 30.33
N ALA L 295 116.05 66.33 30.23
CA ALA L 295 115.15 67.40 30.65
C ALA L 295 114.12 67.73 29.57
N ASN L 296 114.25 67.11 28.38
CA ASN L 296 113.40 67.38 27.25
C ASN L 296 112.99 66.11 26.49
N ASN L 297 112.24 65.24 27.15
CA ASN L 297 111.66 64.06 26.51
C ASN L 297 110.36 64.57 25.94
N VAL L 298 110.17 64.54 24.63
CA VAL L 298 109.00 65.20 24.04
C VAL L 298 107.98 64.29 23.39
N MET L 299 106.74 64.36 23.87
CA MET L 299 105.67 63.55 23.32
C MET L 299 105.01 64.14 22.08
N SER L 300 104.71 63.22 21.16
CA SER L 300 104.04 63.44 19.90
C SER L 300 103.26 62.17 19.55
N GLY L 301 102.22 62.29 18.76
CA GLY L 301 101.48 61.08 18.37
C GLY L 301 100.42 60.64 19.39
N GLY L 302 99.67 59.59 19.07
CA GLY L 302 98.62 59.10 19.94
C GLY L 302 99.21 58.29 21.06
N THR L 303 98.38 57.78 21.97
CA THR L 303 98.78 57.04 23.19
C THR L 303 99.45 57.95 24.24
N THR L 304 99.96 59.11 23.80
CA THR L 304 100.62 60.09 24.66
C THR L 304 99.57 60.91 25.36
N MET L 305 98.35 60.69 24.93
CA MET L 305 97.19 61.37 25.43
C MET L 305 96.55 60.53 26.57
N TYR L 306 97.11 59.34 26.90
CA TYR L 306 96.53 58.54 27.97
C TYR L 306 96.84 59.16 29.34
N PRO L 307 95.90 59.24 30.27
CA PRO L 307 96.17 59.68 31.62
C PRO L 307 97.25 58.79 32.23
N GLY L 308 98.22 59.45 32.87
CA GLY L 308 99.35 58.80 33.52
C GLY L 308 100.53 58.51 32.60
N ILE L 309 100.44 58.77 31.29
CA ILE L 309 101.54 58.39 30.40
C ILE L 309 102.80 59.25 30.54
N ALA L 310 102.65 60.56 30.73
CA ALA L 310 103.82 61.41 30.87
C ALA L 310 104.41 61.23 32.25
N ASP L 311 103.56 60.91 33.21
CA ASP L 311 104.05 60.77 34.56
C ASP L 311 104.67 59.40 34.73
N ARG L 312 104.09 58.42 34.03
CA ARG L 312 104.56 57.05 34.06
C ARG L 312 105.94 56.97 33.42
N MET L 313 106.12 57.57 32.25
CA MET L 313 107.43 57.51 31.63
C MET L 313 108.42 58.35 32.38
N GLN L 314 108.02 59.52 32.90
CA GLN L 314 108.99 60.35 33.58
C GLN L 314 109.47 59.63 34.82
N LYS L 315 108.56 58.95 35.55
CA LYS L 315 108.93 58.19 36.74
C LYS L 315 109.92 57.09 36.43
N GLU L 316 109.68 56.33 35.36
CA GLU L 316 110.57 55.24 35.04
C GLU L 316 111.92 55.73 34.53
N ILE L 317 111.92 56.81 33.75
CA ILE L 317 113.16 57.32 33.22
C ILE L 317 113.96 57.87 34.37
N THR L 318 113.30 58.59 35.28
CA THR L 318 113.91 59.19 36.45
C THR L 318 114.51 58.08 37.33
N ALA L 319 113.79 56.98 37.51
CA ALA L 319 114.29 55.86 38.29
C ALA L 319 115.57 55.25 37.69
N LEU L 320 115.63 55.19 36.34
CA LEU L 320 116.79 54.62 35.65
C LEU L 320 117.95 55.64 35.55
N ALA L 321 117.61 56.91 35.45
CA ALA L 321 118.53 58.03 35.32
C ALA L 321 119.28 58.32 36.62
N PRO L 322 120.48 58.93 36.55
CA PRO L 322 121.23 59.41 37.68
C PRO L 322 120.57 60.62 38.36
N SER L 323 120.88 60.82 39.63
CA SER L 323 120.41 61.91 40.48
C SER L 323 121.09 63.25 40.14
N THR L 324 120.62 64.34 40.79
CA THR L 324 121.10 65.74 40.61
C THR L 324 120.52 66.36 39.32
N MET L 325 120.67 65.63 38.24
CA MET L 325 120.17 65.94 36.92
C MET L 325 118.65 65.88 36.94
N LYS L 326 118.00 66.75 36.17
CA LYS L 326 116.55 66.71 36.14
C LYS L 326 116.04 66.02 34.89
N ILE L 327 115.01 65.21 35.08
CA ILE L 327 114.34 64.47 34.04
C ILE L 327 112.93 65.00 33.86
N LYS L 328 112.55 65.35 32.63
CA LYS L 328 111.20 65.87 32.39
C LYS L 328 110.57 65.47 31.06
N ILE L 329 109.24 65.23 31.11
CA ILE L 329 108.49 65.02 29.88
C ILE L 329 107.63 66.21 29.50
N ILE L 330 107.77 66.58 28.25
CA ILE L 330 107.08 67.67 27.63
C ILE L 330 105.90 67.00 26.92
N ALA L 331 104.69 67.34 27.29
CA ALA L 331 103.52 66.68 26.73
C ALA L 331 102.41 67.69 26.51
N PRO L 332 102.52 68.52 25.46
CA PRO L 332 101.64 69.64 25.21
C PRO L 332 100.27 69.12 24.77
N PRO L 333 99.18 69.90 24.93
CA PRO L 333 97.82 69.61 24.46
C PRO L 333 97.70 69.39 22.96
N GLU L 334 98.65 69.93 22.20
CA GLU L 334 98.66 69.77 20.75
C GLU L 334 99.15 68.36 20.44
N ARG L 335 98.76 67.41 21.29
CA ARG L 335 99.15 66.02 21.13
C ARG L 335 98.41 65.35 19.98
N LYS L 336 98.96 64.22 19.53
CA LYS L 336 98.44 63.39 18.43
C LYS L 336 98.36 64.13 17.09
N TYR L 337 98.20 65.44 17.11
CA TYR L 337 98.13 66.21 15.87
C TYR L 337 99.32 67.20 15.71
N SER L 338 100.29 67.11 16.62
CA SER L 338 101.42 68.03 16.62
C SER L 338 102.39 67.83 15.48
N VAL L 339 102.46 66.64 14.91
CA VAL L 339 103.39 66.45 13.80
C VAL L 339 102.84 67.20 12.58
N TRP L 340 101.51 67.27 12.46
CA TRP L 340 100.93 68.01 11.34
C TRP L 340 101.36 69.46 11.48
N ILE L 341 101.26 69.97 12.71
CA ILE L 341 101.58 71.35 13.01
C ILE L 341 103.03 71.59 12.67
N GLY L 342 103.89 70.65 13.03
CA GLY L 342 105.28 70.78 12.69
C GLY L 342 105.47 70.87 11.19
N GLY L 343 104.64 70.15 10.41
CA GLY L 343 104.68 70.16 8.94
C GLY L 343 104.38 71.54 8.43
N SER L 344 103.40 72.21 9.03
CA SER L 344 103.02 73.58 8.71
C SER L 344 104.18 74.53 9.00
N ILE L 345 104.85 74.29 10.14
CA ILE L 345 105.98 75.12 10.52
C ILE L 345 107.08 74.94 9.51
N LEU L 346 107.41 73.70 9.14
CA LEU L 346 108.51 73.49 8.19
C LEU L 346 108.18 74.03 6.82
N ALA L 347 106.96 73.73 6.34
CA ALA L 347 106.53 74.11 5.02
C ALA L 347 106.56 75.62 4.81
N SER L 348 106.27 76.37 5.88
CA SER L 348 106.24 77.83 5.85
C SER L 348 107.58 78.53 6.21
N LEU L 349 108.66 77.79 6.52
CA LEU L 349 109.91 78.48 6.89
C LEU L 349 110.54 79.06 5.63
N SER L 350 111.15 80.24 5.73
CA SER L 350 111.83 80.80 4.55
C SER L 350 113.07 79.99 4.19
N THR L 351 113.64 79.36 5.21
CA THR L 351 114.85 78.54 5.12
C THR L 351 114.57 77.18 4.53
N PHE L 352 113.30 76.89 4.29
CA PHE L 352 112.85 75.64 3.74
C PHE L 352 112.44 75.77 2.28
N GLN L 353 112.51 76.96 1.70
CA GLN L 353 111.94 77.02 0.35
C GLN L 353 112.92 76.57 -0.71
N GLN L 354 114.13 76.25 -0.28
CA GLN L 354 115.15 75.75 -1.17
C GLN L 354 115.23 74.23 -1.07
N MET L 355 114.41 73.64 -0.20
CA MET L 355 114.44 72.19 0.05
C MET L 355 113.49 71.37 -0.81
N TRP L 356 112.69 72.04 -1.63
CA TRP L 356 111.68 71.39 -2.46
C TRP L 356 112.22 70.69 -3.69
N ILE L 357 111.66 69.53 -4.01
CA ILE L 357 111.96 68.84 -5.25
C ILE L 357 111.02 69.46 -6.23
N THR L 358 111.49 70.00 -7.34
CA THR L 358 110.51 70.61 -8.24
C THR L 358 110.08 69.61 -9.29
N LYS L 359 108.96 69.86 -9.99
CA LYS L 359 108.56 68.93 -11.04
C LYS L 359 109.26 69.26 -12.36
N GLN L 360 110.56 69.09 -12.32
CA GLN L 360 111.52 69.23 -13.38
C GLN L 360 112.61 68.27 -13.01
N GLU L 361 113.15 68.50 -11.81
CA GLU L 361 114.21 67.67 -11.25
C GLU L 361 113.66 66.27 -11.09
N TYR L 362 112.39 66.19 -10.67
CA TYR L 362 111.70 64.94 -10.50
C TYR L 362 111.64 64.11 -11.76
N ASP L 363 111.30 64.71 -12.90
CA ASP L 363 111.14 63.89 -14.07
C ASP L 363 112.49 63.54 -14.67
N GLU L 364 113.46 64.42 -14.52
CA GLU L 364 114.79 64.12 -15.04
C GLU L 364 115.43 62.95 -14.29
N ALA L 365 115.24 62.91 -12.96
CA ALA L 365 115.83 61.87 -12.11
C ALA L 365 114.92 60.68 -11.75
N GLY L 366 113.61 60.89 -11.71
CA GLY L 366 112.66 59.89 -11.26
C GLY L 366 112.51 60.04 -9.73
N PRO L 367 111.60 59.29 -9.09
CA PRO L 367 111.24 59.36 -7.67
C PRO L 367 112.34 59.06 -6.68
N SER L 368 113.42 58.41 -7.14
CA SER L 368 114.54 58.09 -6.27
C SER L 368 115.23 59.37 -5.79
N ILE L 369 114.93 60.47 -6.47
CA ILE L 369 115.45 61.80 -6.19
C ILE L 369 115.17 62.25 -4.77
N VAL L 370 114.07 61.78 -4.19
CA VAL L 370 113.70 62.17 -2.84
C VAL L 370 114.77 61.78 -1.83
N HIS L 371 115.49 60.69 -2.13
CA HIS L 371 116.52 60.12 -1.30
C HIS L 371 117.74 61.04 -1.22
N ARG L 372 117.90 61.94 -2.19
CA ARG L 372 119.03 62.84 -2.19
C ARG L 372 118.62 64.27 -1.86
N LYS L 373 117.41 64.68 -2.28
CA LYS L 373 116.95 66.05 -2.08
C LYS L 373 116.35 66.38 -0.72
N CYS L 374 115.70 65.43 -0.03
CA CYS L 374 115.04 65.83 1.20
C CYS L 374 115.87 65.82 2.47
N PHE L 375 116.76 64.85 2.62
CA PHE L 375 117.58 64.68 3.81
C PHE L 375 118.50 63.47 3.71
N ASP M 1 141.57 13.28 30.83
CA ASP M 1 142.07 13.16 29.46
C ASP M 1 143.49 13.68 29.32
N GLU M 2 143.84 14.66 30.16
CA GLU M 2 145.17 15.24 30.13
C GLU M 2 146.12 14.49 31.06
N ASP M 3 147.38 14.37 30.64
CA ASP M 3 148.39 13.67 31.43
C ASP M 3 149.41 14.57 32.13
N GLU M 4 149.11 15.87 32.16
CA GLU M 4 149.95 16.88 32.78
C GLU M 4 149.07 18.06 33.20
N THR M 5 149.50 18.82 34.19
CA THR M 5 148.73 19.98 34.63
C THR M 5 148.98 21.19 33.73
N THR M 6 148.63 21.05 32.46
CA THR M 6 148.79 22.12 31.49
C THR M 6 147.78 23.18 31.81
N ALA M 7 148.12 24.43 31.61
CA ALA M 7 147.14 25.46 31.84
C ALA M 7 146.04 25.40 30.81
N LEU M 8 144.85 25.82 31.17
CA LEU M 8 143.77 25.89 30.19
C LEU M 8 143.75 27.32 29.70
N VAL M 9 143.47 27.52 28.42
CA VAL M 9 143.51 28.87 27.88
C VAL M 9 142.24 29.36 27.18
N CYS M 10 141.76 30.54 27.61
CA CYS M 10 140.59 31.16 26.97
C CYS M 10 140.74 32.63 26.64
N ASP M 11 140.21 33.01 25.48
CA ASP M 11 140.16 34.42 25.06
C ASP M 11 138.70 34.82 25.01
N ASN M 12 138.24 35.52 26.07
CA ASN M 12 136.83 35.84 26.27
C ASN M 12 136.45 37.24 25.82
N GLY M 13 135.83 37.36 24.66
CA GLY M 13 135.49 38.69 24.20
C GLY M 13 134.01 38.99 24.40
N SER M 14 133.60 40.14 23.86
CA SER M 14 132.22 40.64 23.92
C SER M 14 131.38 39.93 22.85
N GLY M 15 132.07 39.19 22.00
CA GLY M 15 131.53 38.44 20.90
C GLY M 15 131.52 36.95 21.28
N LEU M 16 132.66 36.29 21.06
CA LEU M 16 132.89 34.87 21.27
C LEU M 16 134.05 34.59 22.22
N VAL M 17 134.06 33.35 22.73
CA VAL M 17 135.12 32.82 23.56
C VAL M 17 135.86 31.69 22.87
N LYS M 18 137.15 31.87 22.66
CA LYS M 18 137.94 30.80 22.05
C LYS M 18 138.59 30.03 23.17
N ALA M 19 138.57 28.70 23.09
CA ALA M 19 139.15 27.91 24.16
C ALA M 19 139.88 26.65 23.72
N GLY M 20 140.91 26.30 24.46
CA GLY M 20 141.70 25.11 24.27
C GLY M 20 142.67 24.99 25.43
N PHE M 21 143.80 24.32 25.23
CA PHE M 21 144.74 24.13 26.32
C PHE M 21 146.11 24.67 25.99
N ALA M 22 146.87 25.01 27.02
CA ALA M 22 148.22 25.52 26.84
C ALA M 22 149.10 24.48 26.21
N GLY M 23 149.92 24.96 25.30
CA GLY M 23 150.82 24.12 24.55
C GLY M 23 150.28 23.79 23.16
N ASP M 24 148.98 24.04 22.87
CA ASP M 24 148.52 23.73 21.51
C ASP M 24 148.76 24.96 20.63
N ASP M 25 148.44 24.86 19.34
CA ASP M 25 148.58 25.97 18.39
C ASP M 25 147.22 26.38 17.82
N ALA M 26 146.17 25.93 18.47
CA ALA M 26 144.81 26.23 18.06
C ALA M 26 143.84 25.98 19.23
N PRO M 27 142.70 26.66 19.27
CA PRO M 27 141.64 26.42 20.22
C PRO M 27 141.02 25.09 19.84
N ARG M 28 140.35 24.43 20.78
CA ARG M 28 139.69 23.17 20.47
C ARG M 28 138.21 23.39 20.24
N ALA M 29 137.66 24.46 20.81
CA ALA M 29 136.25 24.79 20.69
C ALA M 29 136.04 26.29 20.78
N VAL M 30 134.98 26.77 20.17
CA VAL M 30 134.60 28.17 20.29
C VAL M 30 133.14 28.25 20.67
N PHE M 31 132.84 29.16 21.59
CA PHE M 31 131.49 29.35 22.06
C PHE M 31 131.20 30.81 21.89
N PRO M 32 129.97 31.24 21.61
CA PRO M 32 129.62 32.64 21.65
C PRO M 32 129.58 33.02 23.12
N SER M 33 129.83 34.29 23.47
CA SER M 33 129.73 34.74 24.87
C SER M 33 128.27 35.05 25.17
N ILE M 34 127.42 34.04 25.07
CA ILE M 34 125.99 34.22 25.24
C ILE M 34 125.30 33.33 26.27
N VAL M 35 124.47 33.97 27.07
CA VAL M 35 123.58 33.22 27.95
C VAL M 35 122.15 33.63 27.58
N GLY M 36 121.35 32.63 27.22
CA GLY M 36 120.00 32.89 26.75
C GLY M 36 118.95 32.56 27.77
N ARG M 37 117.86 33.31 27.76
CA ARG M 37 116.77 33.04 28.70
C ARG M 37 115.40 33.16 28.03
N PRO M 38 114.44 32.24 28.31
CA PRO M 38 113.13 32.24 27.70
C PRO M 38 112.35 33.48 28.07
N ARG M 39 111.63 34.01 27.09
CA ARG M 39 110.79 35.19 27.30
C ARG M 39 109.30 34.87 27.19
N HIS M 40 108.99 33.59 27.26
CA HIS M 40 107.63 33.07 27.16
C HIS M 40 107.25 32.20 28.35
N GLN M 41 105.96 32.14 28.60
CA GLN M 41 105.36 31.28 29.63
C GLN M 41 105.13 29.88 29.10
N GLY M 42 105.64 28.88 29.82
CA GLY M 42 105.46 27.50 29.40
C GLY M 42 103.99 27.14 29.50
N VAL M 43 103.50 26.36 28.53
CA VAL M 43 102.11 25.91 28.51
C VAL M 43 102.05 24.39 28.69
N MET M 44 102.99 23.67 28.06
CA MET M 44 103.03 22.21 28.14
C MET M 44 103.77 21.85 29.42
N VAL M 45 103.58 20.63 29.90
CA VAL M 45 104.26 20.16 31.10
C VAL M 45 105.19 18.96 30.82
N GLY M 46 106.41 18.97 31.34
CA GLY M 46 107.30 17.84 31.10
C GLY M 46 108.18 17.95 29.85
N MET M 47 108.44 19.17 29.38
CA MET M 47 109.27 19.38 28.19
C MET M 47 110.70 19.82 28.56
N GLY M 48 111.11 19.54 29.80
CA GLY M 48 112.42 19.96 30.30
C GLY M 48 112.42 21.47 30.40
N GLN M 49 113.39 22.11 29.75
CA GLN M 49 113.60 23.57 29.70
C GLN M 49 114.41 24.13 30.85
N LYS M 50 115.52 24.74 30.48
CA LYS M 50 116.49 25.30 31.43
C LYS M 50 116.10 26.72 31.81
N ASP M 51 116.67 27.20 32.92
CA ASP M 51 116.43 28.59 33.34
C ASP M 51 117.18 29.50 32.38
N SER M 52 118.31 28.99 31.94
CA SER M 52 119.18 29.66 31.01
C SER M 52 119.97 28.66 30.19
N TYR M 53 120.33 29.09 28.99
CA TYR M 53 121.09 28.28 28.04
C TYR M 53 122.45 28.91 27.82
N VAL M 54 123.48 28.11 27.63
CA VAL M 54 124.81 28.71 27.47
C VAL M 54 125.55 28.41 26.18
N GLY M 55 126.14 29.46 25.60
CA GLY M 55 126.95 29.32 24.40
C GLY M 55 126.12 28.87 23.22
N ASP M 56 126.50 27.75 22.65
CA ASP M 56 125.83 27.18 21.52
C ASP M 56 124.43 26.71 21.87
N GLU M 57 124.16 26.44 23.17
CA GLU M 57 122.80 26.07 23.52
C GLU M 57 121.90 27.27 23.36
N ALA M 58 122.45 28.44 23.73
CA ALA M 58 121.69 29.67 23.71
C ALA M 58 121.31 30.02 22.29
N GLN M 59 122.23 29.79 21.36
CA GLN M 59 121.85 30.07 19.99
C GLN M 59 120.91 28.99 19.41
N SER M 60 121.12 27.71 19.74
CA SER M 60 120.27 26.66 19.16
C SER M 60 118.79 26.76 19.58
N LYS M 61 118.55 27.24 20.80
CA LYS M 61 117.19 27.39 21.33
C LYS M 61 116.65 28.83 21.26
N ARG M 62 117.36 29.69 20.53
CA ARG M 62 117.10 31.13 20.47
C ARG M 62 115.75 31.57 19.97
N GLY M 63 114.99 30.70 19.32
CA GLY M 63 113.69 31.11 18.80
C GLY M 63 112.82 31.79 19.85
N ILE M 64 112.91 31.38 21.12
CA ILE M 64 112.12 32.02 22.18
C ILE M 64 112.96 32.60 23.32
N LEU M 65 114.26 32.79 23.07
CA LEU M 65 115.12 33.29 24.13
C LEU M 65 115.55 34.70 23.84
N THR M 66 115.80 35.45 24.88
CA THR M 66 116.42 36.74 24.69
C THR M 66 117.89 36.41 24.91
N LEU M 67 118.77 36.89 24.05
CA LEU M 67 120.17 36.53 24.21
C LEU M 67 121.04 37.68 24.67
N LYS M 68 121.68 37.49 25.83
CA LYS M 68 122.52 38.51 26.42
C LYS M 68 123.99 38.14 26.40
N TYR M 69 124.83 39.15 26.24
CA TYR M 69 126.28 39.01 26.26
C TYR M 69 126.85 39.54 27.59
N PRO M 70 127.45 38.71 28.48
CA PRO M 70 128.03 39.07 29.78
C PRO M 70 129.24 40.02 29.71
N ILE M 71 129.83 40.12 28.51
CA ILE M 71 130.98 40.95 28.26
C ILE M 71 130.65 42.10 27.30
N GLU M 72 131.05 43.31 27.70
CA GLU M 72 130.84 44.53 26.92
C GLU M 72 132.09 45.43 26.91
N HIS M 73 132.50 45.86 25.72
CA HIS M 73 133.67 46.72 25.53
C HIS M 73 134.92 46.20 26.26
N GLY M 74 135.12 44.90 26.22
CA GLY M 74 136.29 44.28 26.83
C GLY M 74 136.17 43.80 28.29
N ILE M 75 135.08 44.10 29.01
CA ILE M 75 135.01 43.63 30.40
C ILE M 75 133.79 42.80 30.76
N ILE M 76 133.90 42.02 31.83
CA ILE M 76 132.79 41.24 32.29
C ILE M 76 131.93 42.09 33.20
N THR M 77 130.66 42.21 32.85
CA THR M 77 129.73 42.98 33.65
C THR M 77 128.81 42.00 34.37
N ASN M 78 128.72 40.79 33.81
CA ASN M 78 127.91 39.73 34.40
C ASN M 78 128.72 38.45 34.58
N TRP M 79 129.25 38.27 35.77
CA TRP M 79 130.10 37.14 36.01
C TRP M 79 129.40 35.88 36.40
N ASP M 80 128.10 35.95 36.71
CA ASP M 80 127.40 34.71 37.05
C ASP M 80 127.25 33.95 35.74
N ASP M 81 127.01 34.70 34.67
CA ASP M 81 126.88 34.12 33.35
C ASP M 81 128.23 33.63 32.85
N MET M 82 129.32 34.36 33.18
CA MET M 82 130.62 33.86 32.76
C MET M 82 130.99 32.58 33.48
N GLU M 83 130.52 32.38 34.73
CA GLU M 83 130.83 31.11 35.38
C GLU M 83 130.17 29.96 34.64
N LYS M 84 128.93 30.15 34.17
CA LYS M 84 128.29 29.07 33.40
C LYS M 84 129.03 28.84 32.08
N ILE M 85 129.49 29.93 31.46
CA ILE M 85 130.25 29.81 30.22
C ILE M 85 131.53 29.05 30.46
N TRP M 86 132.27 29.38 31.52
CA TRP M 86 133.52 28.70 31.82
C TRP M 86 133.33 27.25 32.20
N HIS M 87 132.27 26.91 32.93
CA HIS M 87 132.10 25.49 33.19
C HIS M 87 131.92 24.76 31.86
N HIS M 88 131.07 25.30 31.02
CA HIS M 88 130.79 24.68 29.75
C HIS M 88 132.07 24.64 28.87
N THR M 89 132.74 25.78 28.77
CA THR M 89 133.93 25.97 27.97
C THR M 89 135.11 25.09 28.39
N PHE M 90 135.38 25.00 29.69
CA PHE M 90 136.50 24.21 30.17
C PHE M 90 136.16 22.74 30.39
N TYR M 91 135.00 22.45 30.99
CA TYR M 91 134.68 21.08 31.31
C TYR M 91 133.76 20.37 30.33
N ASN M 92 132.74 21.02 29.78
CA ASN M 92 131.85 20.19 28.97
C ASN M 92 132.45 19.80 27.63
N GLU M 93 133.20 20.72 27.00
CA GLU M 93 133.79 20.38 25.69
C GLU M 93 135.28 20.02 25.70
N LEU M 94 136.08 20.71 26.50
CA LEU M 94 137.53 20.46 26.54
C LEU M 94 137.80 19.27 27.47
N ARG M 95 136.81 18.99 28.30
CA ARG M 95 136.77 17.94 29.33
C ARG M 95 137.82 18.07 30.40
N VAL M 96 138.12 19.30 30.81
CA VAL M 96 139.07 19.45 31.88
C VAL M 96 138.51 20.31 32.98
N ALA M 97 138.50 19.78 34.20
CA ALA M 97 138.03 20.57 35.31
C ALA M 97 139.21 21.43 35.80
N PRO M 98 139.09 22.79 35.86
CA PRO M 98 140.13 23.74 36.26
C PRO M 98 140.70 23.43 37.64
N GLU M 99 139.97 22.69 38.46
CA GLU M 99 140.45 22.35 39.80
C GLU M 99 141.85 21.75 39.76
N GLU M 100 142.17 20.95 38.73
CA GLU M 100 143.49 20.33 38.66
C GLU M 100 144.44 20.98 37.62
N HIS M 101 144.04 22.11 37.01
CA HIS M 101 144.83 22.74 35.96
C HIS M 101 144.83 24.29 36.06
N PRO M 102 145.97 24.99 35.88
CA PRO M 102 146.08 26.45 35.89
C PRO M 102 145.22 27.05 34.79
N THR M 103 144.75 28.29 34.95
CA THR M 103 143.97 28.92 33.87
C THR M 103 144.46 30.30 33.45
N LEU M 104 144.56 30.52 32.14
CA LEU M 104 144.93 31.81 31.60
C LEU M 104 143.76 32.47 30.88
N LEU M 105 143.47 33.68 31.34
CA LEU M 105 142.40 34.54 30.81
C LEU M 105 143.08 35.78 30.22
N THR M 106 142.44 36.48 29.29
CA THR M 106 143.08 37.62 28.65
C THR M 106 142.37 38.96 28.83
N GLU M 107 143.12 40.05 28.65
CA GLU M 107 142.62 41.43 28.69
C GLU M 107 143.41 42.42 27.82
N ALA M 108 142.77 43.54 27.46
CA ALA M 108 143.48 44.65 26.80
C ALA M 108 144.44 45.30 27.83
N PRO M 109 145.58 45.91 27.46
CA PRO M 109 146.52 46.58 28.36
C PRO M 109 145.91 47.62 29.34
N LEU M 110 144.84 48.33 28.95
CA LEU M 110 144.22 49.35 29.82
C LEU M 110 142.88 48.88 30.32
N ASN M 111 142.62 47.60 30.20
CA ASN M 111 141.36 47.02 30.63
C ASN M 111 141.24 47.31 32.13
N PRO M 112 140.08 47.78 32.62
CA PRO M 112 139.85 48.12 34.01
C PRO M 112 140.29 47.01 34.92
N LYS M 113 140.97 47.39 36.02
CA LYS M 113 141.54 46.43 36.95
C LYS M 113 140.47 45.55 37.57
N ALA M 114 139.27 46.08 37.70
CA ALA M 114 138.19 45.31 38.27
C ALA M 114 137.95 44.04 37.47
N ASN M 115 138.16 44.06 36.15
CA ASN M 115 137.90 42.89 35.35
C ASN M 115 138.95 41.82 35.55
N ARG M 116 140.24 42.20 35.61
CA ARG M 116 141.26 41.18 35.83
C ARG M 116 141.15 40.63 37.25
N GLU M 117 140.67 41.46 38.19
CA GLU M 117 140.48 41.01 39.56
C GLU M 117 139.33 40.01 39.64
N LYS M 118 138.23 40.24 38.92
CA LYS M 118 137.15 39.27 38.94
C LYS M 118 137.55 38.02 38.19
N MET M 119 138.27 38.14 37.08
CA MET M 119 138.64 36.91 36.39
C MET M 119 139.48 36.02 37.31
N THR M 120 140.38 36.64 38.07
CA THR M 120 141.23 35.94 39.02
C THR M 120 140.39 35.36 40.16
N GLN M 121 139.47 36.16 40.72
CA GLN M 121 138.66 35.70 41.83
C GLN M 121 137.75 34.55 41.45
N ILE M 122 137.16 34.60 40.29
CA ILE M 122 136.22 33.59 39.89
C ILE M 122 136.91 32.26 39.71
N MET M 123 138.02 32.27 38.97
CA MET M 123 138.63 30.98 38.77
C MET M 123 139.18 30.38 40.07
N PHE M 124 139.64 31.21 41.01
CA PHE M 124 140.13 30.67 42.29
C PHE M 124 139.03 30.28 43.28
N GLU M 125 137.95 31.05 43.39
CA GLU M 125 136.93 30.72 44.38
C GLU M 125 135.77 29.86 43.88
N THR M 126 135.45 29.90 42.58
CA THR M 126 134.34 29.09 42.07
C THR M 126 134.85 27.82 41.42
N PHE M 127 135.98 27.92 40.72
CA PHE M 127 136.49 26.74 40.02
C PHE M 127 137.66 26.05 40.71
N ASN M 128 138.16 26.67 41.78
CA ASN M 128 139.29 26.20 42.59
C ASN M 128 140.55 25.93 41.76
N VAL M 129 140.82 26.80 40.80
CA VAL M 129 141.96 26.63 39.92
C VAL M 129 143.24 26.71 40.78
N PRO M 130 144.24 25.83 40.62
CA PRO M 130 145.47 25.87 41.39
C PRO M 130 146.32 27.11 41.12
N ALA M 131 146.12 27.75 39.96
CA ALA M 131 146.87 28.94 39.61
C ALA M 131 146.17 29.80 38.56
N MET M 132 146.50 31.09 38.55
CA MET M 132 145.97 32.03 37.57
C MET M 132 146.91 33.01 36.96
N TYR M 133 146.59 33.37 35.73
CA TYR M 133 147.25 34.46 35.09
C TYR M 133 146.32 35.21 34.17
N VAL M 134 146.37 36.54 34.20
CA VAL M 134 145.61 37.32 33.25
C VAL M 134 146.62 37.99 32.31
N ALA M 135 146.50 37.68 31.03
CA ALA M 135 147.44 38.09 29.99
C ALA M 135 147.01 39.26 29.16
N ILE M 136 148.00 40.00 28.67
CA ILE M 136 147.73 41.08 27.74
C ILE M 136 147.54 40.54 26.33
N GLN M 137 146.42 40.89 25.71
CA GLN M 137 146.09 40.38 24.38
C GLN M 137 147.14 40.74 23.31
N ALA M 138 147.72 41.93 23.43
CA ALA M 138 148.75 42.37 22.49
C ALA M 138 150.00 41.52 22.57
N VAL M 139 150.33 41.04 23.76
CA VAL M 139 151.49 40.22 23.96
C VAL M 139 151.26 38.91 23.26
N LEU M 140 150.05 38.41 23.45
CA LEU M 140 149.72 37.14 22.91
C LEU M 140 149.71 37.17 21.37
N SER M 141 149.21 38.26 20.80
CA SER M 141 149.18 38.37 19.35
C SER M 141 150.59 38.36 18.78
N LEU M 142 151.50 39.13 19.40
CA LEU M 142 152.86 39.18 18.93
C LEU M 142 153.55 37.83 19.07
N TYR M 143 153.29 37.08 20.15
CA TYR M 143 153.94 35.79 20.23
C TYR M 143 153.54 34.88 19.08
N ALA M 144 152.24 34.82 18.82
CA ALA M 144 151.69 33.94 17.81
C ALA M 144 152.16 34.28 16.41
N SER M 145 152.33 35.57 16.14
CA SER M 145 152.76 36.05 14.83
C SER M 145 154.27 36.03 14.65
N GLY M 146 155.02 35.70 15.70
CA GLY M 146 156.47 35.73 15.61
C GLY M 146 157.08 37.11 15.65
N ARG M 147 156.50 38.00 16.45
CA ARG M 147 156.97 39.35 16.57
C ARG M 147 157.19 39.74 18.03
N THR M 148 158.06 40.72 18.24
CA THR M 148 158.35 41.26 19.55
C THR M 148 158.04 42.73 19.45
N THR M 149 157.88 43.12 18.19
CA THR M 149 157.65 44.50 17.82
C THR M 149 156.48 44.66 16.84
N GLY M 150 155.64 45.65 17.12
CA GLY M 150 154.55 46.01 16.22
C GLY M 150 153.41 46.73 16.91
N ILE M 151 152.43 47.18 16.11
CA ILE M 151 151.25 47.85 16.67
C ILE M 151 150.17 46.83 16.71
N VAL M 152 149.64 46.52 17.88
CA VAL M 152 148.61 45.50 17.83
C VAL M 152 147.21 46.06 17.81
N LEU M 153 146.53 45.70 16.73
CA LEU M 153 145.15 46.06 16.49
C LEU M 153 144.34 44.83 16.75
N ASP M 154 143.60 44.87 17.84
CA ASP M 154 142.78 43.79 18.35
C ASP M 154 141.29 44.01 18.04
N SER M 155 141.05 44.90 17.07
CA SER M 155 139.79 45.37 16.42
C SER M 155 138.52 44.47 16.46
N GLY M 156 138.20 43.87 17.58
CA GLY M 156 137.09 42.94 17.69
C GLY M 156 135.77 43.60 18.00
N ASP M 157 134.85 42.79 18.56
CA ASP M 157 133.47 43.17 18.87
C ASP M 157 133.33 44.23 19.96
N GLY M 158 134.24 44.20 20.95
CA GLY M 158 134.19 45.08 22.12
C GLY M 158 134.86 46.45 21.96
N VAL M 159 136.17 46.48 22.00
CA VAL M 159 136.92 47.73 21.91
C VAL M 159 138.15 47.54 21.03
N THR M 160 138.57 48.61 20.34
CA THR M 160 139.82 48.57 19.59
C THR M 160 140.85 49.16 20.55
N HIS M 161 141.89 48.40 20.88
CA HIS M 161 142.91 48.83 21.85
C HIS M 161 144.09 49.64 21.31
N ASN M 162 144.68 49.15 20.22
CA ASN M 162 145.80 49.77 19.50
C ASN M 162 147.04 50.05 20.35
N VAL M 163 147.83 49.01 20.66
CA VAL M 163 149.03 49.28 21.47
C VAL M 163 150.36 48.96 20.80
N PRO M 164 151.30 49.91 20.73
CA PRO M 164 152.64 49.70 20.25
C PRO M 164 153.49 48.99 21.30
N ILE M 165 154.24 47.99 20.86
CA ILE M 165 155.21 47.24 21.64
C ILE M 165 156.54 47.20 20.87
N TYR M 166 157.66 47.49 21.53
CA TYR M 166 158.97 47.45 20.84
C TYR M 166 159.99 46.66 21.62
N GLU M 167 160.59 45.65 21.00
CA GLU M 167 161.56 44.77 21.65
C GLU M 167 160.98 44.21 22.94
N GLY M 168 159.69 43.90 22.93
CA GLY M 168 159.06 43.36 24.11
C GLY M 168 158.62 44.38 25.16
N TYR M 169 158.85 45.68 24.92
CA TYR M 169 158.48 46.74 25.89
C TYR M 169 157.20 47.44 25.54
N ALA M 170 156.41 47.79 26.56
CA ALA M 170 155.21 48.54 26.26
C ALA M 170 155.58 49.99 26.04
N LEU M 171 154.85 50.64 25.16
CA LEU M 171 155.02 52.05 24.91
C LEU M 171 153.65 52.72 25.16
N PRO M 172 153.16 52.75 26.42
CA PRO M 172 151.80 53.09 26.82
C PRO M 172 151.35 54.50 26.49
N HIS M 173 152.29 55.41 26.32
CA HIS M 173 151.97 56.79 26.02
C HIS M 173 151.46 56.96 24.61
N ALA M 174 151.67 55.92 23.81
CA ALA M 174 151.29 55.89 22.43
C ALA M 174 150.07 54.97 22.20
N ILE M 175 149.37 54.56 23.26
CA ILE M 175 148.16 53.73 23.08
C ILE M 175 147.00 54.60 22.66
N MET M 176 146.28 54.20 21.61
CA MET M 176 145.14 54.99 21.18
C MET M 176 143.86 54.19 21.36
N ARG M 177 143.43 54.01 22.61
CA ARG M 177 142.27 53.15 22.84
C ARG M 177 141.07 53.84 22.24
N LEU M 178 140.24 53.10 21.52
CA LEU M 178 139.10 53.67 20.87
C LEU M 178 137.80 52.87 21.04
N ASP M 179 136.73 53.57 21.46
CA ASP M 179 135.43 52.91 21.62
C ASP M 179 134.67 52.83 20.28
N LEU M 180 135.26 52.07 19.37
CA LEU M 180 134.80 51.74 18.01
C LEU M 180 135.00 50.24 17.84
N ALA M 181 133.91 49.50 17.62
CA ALA M 181 134.09 48.05 17.55
C ALA M 181 133.04 47.30 16.72
N GLY M 182 133.29 46.00 16.52
CA GLY M 182 132.45 45.12 15.72
C GLY M 182 130.97 45.12 16.12
N ARG M 183 130.66 45.32 17.41
CA ARG M 183 129.27 45.36 17.85
C ARG M 183 128.55 46.58 17.27
N ASP M 184 129.31 47.67 17.02
CA ASP M 184 128.72 48.90 16.55
C ASP M 184 128.55 48.78 15.05
N LEU M 185 129.44 48.00 14.44
CA LEU M 185 129.35 47.84 13.00
C LEU M 185 128.03 47.09 12.72
N THR M 186 127.73 46.09 13.56
CA THR M 186 126.50 45.29 13.42
C THR M 186 125.28 46.18 13.60
N ASP M 187 125.31 47.06 14.61
CA ASP M 187 124.18 47.94 14.87
C ASP M 187 123.92 48.86 13.68
N TYR M 188 125.00 49.34 13.05
CA TYR M 188 124.86 50.21 11.89
C TYR M 188 124.21 49.44 10.75
N LEU M 189 124.66 48.19 10.53
CA LEU M 189 124.08 47.38 9.46
C LEU M 189 122.60 47.16 9.73
N MET M 190 122.20 46.94 10.98
CA MET M 190 120.78 46.74 11.25
C MET M 190 119.98 48.00 10.80
N LYS M 191 120.51 49.19 11.08
CA LYS M 191 119.82 50.42 10.70
C LYS M 191 119.78 50.67 9.18
N ILE M 192 120.87 50.39 8.46
CA ILE M 192 120.85 50.60 7.01
C ILE M 192 120.05 49.49 6.29
N LEU M 193 119.97 48.28 6.86
CA LEU M 193 119.14 47.26 6.25
C LEU M 193 117.66 47.60 6.49
N THR M 194 117.38 48.33 7.59
CA THR M 194 116.04 48.81 7.88
C THR M 194 115.62 49.79 6.77
N GLU M 195 116.56 50.66 6.35
CA GLU M 195 116.29 51.61 5.26
C GLU M 195 115.92 50.88 3.96
N ARG M 196 116.45 49.69 3.78
CA ARG M 196 116.18 48.89 2.58
C ARG M 196 114.87 48.10 2.64
N GLY M 197 114.16 48.19 3.76
CA GLY M 197 112.90 47.48 3.91
C GLY M 197 112.97 46.20 4.75
N TYR M 198 114.09 45.97 5.41
CA TYR M 198 114.25 44.80 6.26
C TYR M 198 114.61 45.20 7.66
N SER M 199 113.62 45.58 8.44
CA SER M 199 113.86 45.98 9.82
C SER M 199 114.25 44.79 10.66
N PHE M 200 115.22 44.97 11.54
CA PHE M 200 115.64 43.93 12.48
C PHE M 200 115.65 44.53 13.89
N VAL M 201 114.75 44.10 14.77
CA VAL M 201 114.70 44.67 16.13
C VAL M 201 114.78 43.68 17.31
N THR M 202 114.54 42.38 17.07
CA THR M 202 114.52 41.36 18.14
C THR M 202 115.87 40.62 18.18
N THR M 203 116.07 39.77 19.20
CA THR M 203 117.30 38.98 19.26
C THR M 203 117.50 38.10 18.06
N ALA M 204 116.46 37.40 17.61
CA ALA M 204 116.66 36.52 16.46
C ALA M 204 117.11 37.35 15.28
N GLU M 205 116.50 38.51 15.12
CA GLU M 205 116.82 39.40 14.02
C GLU M 205 118.23 39.99 14.12
N ARG M 206 118.66 40.28 15.36
CA ARG M 206 119.99 40.81 15.58
C ARG M 206 121.04 39.77 15.21
N GLU M 207 120.79 38.52 15.58
CA GLU M 207 121.71 37.43 15.27
C GLU M 207 121.72 37.20 13.75
N ILE M 208 120.59 37.40 13.06
CA ILE M 208 120.64 37.28 11.62
C ILE M 208 121.54 38.34 11.03
N VAL M 209 121.42 39.58 11.50
CA VAL M 209 122.25 40.63 10.92
C VAL M 209 123.73 40.38 11.13
N ARG M 210 124.09 39.81 12.28
CA ARG M 210 125.48 39.51 12.57
C ARG M 210 125.97 38.39 11.65
N ASP M 211 125.04 37.55 11.20
CA ASP M 211 125.37 36.45 10.30
C ASP M 211 125.51 36.99 8.87
N ILE M 212 124.68 37.99 8.53
CA ILE M 212 124.76 38.63 7.23
C ILE M 212 126.09 39.31 7.13
N LYS M 213 126.47 40.06 8.17
CA LYS M 213 127.73 40.76 8.15
C LYS M 213 128.91 39.83 7.96
N GLU M 214 128.94 38.76 8.76
CA GLU M 214 130.05 37.82 8.73
C GLU M 214 130.18 37.11 7.37
N LYS M 215 129.06 36.82 6.69
CA LYS M 215 129.15 36.16 5.39
C LYS M 215 129.21 37.09 4.16
N LEU M 216 128.57 38.26 4.19
CA LEU M 216 128.51 39.15 3.02
C LEU M 216 129.40 40.39 3.02
N CYS M 217 129.78 40.88 4.19
CA CYS M 217 130.47 42.16 4.24
C CYS M 217 131.96 42.18 4.05
N TYR M 218 132.42 43.33 3.59
CA TYR M 218 133.84 43.60 3.34
C TYR M 218 134.16 45.06 3.51
N VAL M 219 135.43 45.44 3.66
CA VAL M 219 135.72 46.87 3.79
C VAL M 219 135.94 47.55 2.47
N ALA M 220 136.56 46.84 1.52
CA ALA M 220 136.91 47.34 0.19
C ALA M 220 138.22 48.11 0.26
N LEU M 221 139.06 47.98 -0.78
CA LEU M 221 140.31 48.72 -0.82
C LEU M 221 140.06 50.21 -0.99
N ASP M 222 139.05 50.55 -1.80
CA ASP M 222 138.66 51.94 -2.04
C ASP M 222 137.15 52.07 -1.93
N PHE M 223 136.72 52.50 -0.74
CA PHE M 223 135.31 52.57 -0.37
C PHE M 223 134.47 53.47 -1.24
N GLU M 224 134.93 54.68 -1.48
CA GLU M 224 134.09 55.62 -2.18
C GLU M 224 133.89 55.16 -3.62
N ASN M 225 134.92 54.58 -4.24
CA ASN M 225 134.72 54.11 -5.61
C ASN M 225 133.86 52.84 -5.62
N GLU M 226 134.01 52.00 -4.59
CA GLU M 226 133.26 50.76 -4.54
C GLU M 226 131.79 51.10 -4.33
N MET M 227 131.51 52.10 -3.45
CA MET M 227 130.16 52.58 -3.18
C MET M 227 129.56 53.24 -4.39
N ALA M 228 130.35 53.99 -5.14
CA ALA M 228 129.79 54.66 -6.30
C ALA M 228 129.16 53.65 -7.25
N THR M 229 129.79 52.47 -7.41
CA THR M 229 129.16 51.49 -8.28
C THR M 229 128.11 50.65 -7.53
N ALA M 230 128.38 50.26 -6.28
CA ALA M 230 127.43 49.43 -5.54
C ALA M 230 126.11 50.12 -5.29
N ALA M 231 126.15 51.42 -5.10
CA ALA M 231 124.95 52.19 -4.83
C ALA M 231 124.21 52.56 -6.13
N SER M 232 124.83 52.27 -7.29
CA SER M 232 124.26 52.63 -8.58
C SER M 232 123.78 51.41 -9.38
N SER M 233 124.30 50.23 -9.07
CA SER M 233 123.97 49.04 -9.85
C SER M 233 123.91 47.72 -9.09
N SER M 234 122.99 46.88 -9.55
CA SER M 234 122.71 45.54 -9.02
C SER M 234 123.89 44.59 -9.23
N SER M 235 124.83 44.98 -10.08
CA SER M 235 126.00 44.17 -10.38
C SER M 235 126.91 43.97 -9.17
N LEU M 236 126.77 44.79 -8.11
CA LEU M 236 127.59 44.58 -6.91
C LEU M 236 126.74 44.14 -5.70
N GLU M 237 125.51 43.67 -5.97
CA GLU M 237 124.64 43.20 -4.89
C GLU M 237 124.82 41.72 -4.63
N LYS M 238 124.63 41.34 -3.38
CA LYS M 238 124.70 39.95 -2.98
C LYS M 238 123.54 39.60 -2.07
N SER M 239 122.91 38.46 -2.34
CA SER M 239 121.82 38.03 -1.50
C SER M 239 122.26 37.17 -0.32
N TYR M 240 121.38 37.11 0.65
CA TYR M 240 121.50 36.32 1.86
C TYR M 240 120.19 35.62 2.16
N GLU M 241 120.29 34.35 2.57
CA GLU M 241 119.11 33.58 2.92
C GLU M 241 118.74 33.72 4.39
N LEU M 242 117.54 34.23 4.63
CA LEU M 242 117.05 34.45 5.98
C LEU M 242 116.55 33.08 6.45
N PRO M 243 116.51 32.78 7.76
CA PRO M 243 116.09 31.51 8.34
C PRO M 243 114.72 30.98 7.92
N ASP M 244 113.80 31.83 7.50
CA ASP M 244 112.49 31.36 7.14
C ASP M 244 112.29 31.12 5.64
N GLY M 245 113.36 31.18 4.85
CA GLY M 245 113.24 30.95 3.41
C GLY M 245 113.14 32.25 2.62
N GLN M 246 113.00 33.38 3.31
CA GLN M 246 112.94 34.66 2.64
C GLN M 246 114.35 35.11 2.37
N VAL M 247 114.52 36.04 1.46
CA VAL M 247 115.86 36.53 1.21
C VAL M 247 115.93 38.04 1.30
N ILE M 248 117.15 38.50 1.52
CA ILE M 248 117.50 39.91 1.56
C ILE M 248 118.59 40.18 0.54
N THR M 249 118.44 41.25 -0.24
CA THR M 249 119.48 41.60 -1.21
C THR M 249 120.12 42.88 -0.72
N ILE M 250 121.45 42.87 -0.61
CA ILE M 250 122.26 43.96 -0.07
C ILE M 250 123.30 44.53 -1.08
N GLY M 251 123.36 45.89 -1.21
CA GLY M 251 124.24 46.59 -2.15
C GLY M 251 125.43 47.22 -1.45
N ASN M 252 125.49 48.56 -1.43
CA ASN M 252 126.63 49.25 -0.82
C ASN M 252 126.67 49.10 0.68
N GLU M 253 125.58 48.66 1.28
CA GLU M 253 125.45 48.47 2.72
C GLU M 253 126.38 47.33 3.15
N ARG M 254 126.71 46.49 2.16
CA ARG M 254 127.56 45.33 2.25
C ARG M 254 128.95 45.75 2.69
N PHE M 255 129.35 46.96 2.31
CA PHE M 255 130.66 47.47 2.66
C PHE M 255 130.58 48.76 3.47
N ARG M 256 129.40 49.39 3.48
CA ARG M 256 129.23 50.62 4.24
C ARG M 256 129.26 50.29 5.72
N CYS M 257 128.72 49.15 6.12
CA CYS M 257 128.82 48.77 7.53
C CYS M 257 130.28 48.68 8.01
N PRO M 258 131.15 47.80 7.46
CA PRO M 258 132.57 47.67 7.76
C PRO M 258 133.34 48.98 7.62
N GLU M 259 132.90 49.85 6.72
CA GLU M 259 133.52 51.13 6.49
C GLU M 259 133.52 52.01 7.71
N THR M 260 132.63 51.76 8.67
CA THR M 260 132.53 52.56 9.88
C THR M 260 133.87 52.48 10.63
N LEU M 261 134.66 51.43 10.37
CA LEU M 261 135.97 51.28 10.97
C LEU M 261 136.89 52.40 10.49
N PHE M 262 136.68 52.87 9.26
CA PHE M 262 137.49 53.90 8.65
C PHE M 262 136.74 55.24 8.71
N GLN M 263 135.42 55.16 8.83
CA GLN M 263 134.55 56.33 8.94
C GLN M 263 133.57 56.10 10.09
N PRO M 264 134.01 56.37 11.33
CA PRO M 264 133.29 56.18 12.58
C PRO M 264 132.11 57.13 12.75
N SER M 265 132.10 58.20 11.97
CA SER M 265 131.04 59.19 12.01
C SER M 265 129.71 58.55 11.60
N PHE M 266 129.77 57.38 10.93
CA PHE M 266 128.56 56.69 10.49
C PHE M 266 127.72 56.26 11.69
N ILE M 267 128.34 56.08 12.86
CA ILE M 267 127.67 55.67 14.08
C ILE M 267 127.77 56.74 15.15
N GLY M 268 128.07 57.98 14.75
CA GLY M 268 128.15 59.07 15.71
C GLY M 268 129.41 59.02 16.56
N MET M 269 130.48 58.38 16.07
CA MET M 269 131.69 58.29 16.88
C MET M 269 132.70 59.37 16.51
N GLU M 270 133.29 59.98 17.52
CA GLU M 270 134.29 61.02 17.30
C GLU M 270 135.64 60.38 17.03
N SER M 271 135.85 59.96 15.78
CA SER M 271 137.08 59.31 15.39
C SER M 271 137.37 59.41 13.92
N ALA M 272 138.65 59.42 13.58
CA ALA M 272 139.09 59.47 12.20
C ALA M 272 139.27 58.07 11.61
N GLY M 273 139.03 57.03 12.42
CA GLY M 273 139.15 55.65 11.97
C GLY M 273 140.37 54.90 12.50
N ILE M 274 140.32 53.58 12.32
CA ILE M 274 141.33 52.66 12.81
C ILE M 274 142.72 52.85 12.20
N HIS M 275 142.82 53.42 10.99
CA HIS M 275 144.13 53.64 10.42
C HIS M 275 144.80 54.89 10.97
N GLU M 276 144.06 55.83 11.56
CA GLU M 276 144.75 56.98 12.08
C GLU M 276 145.05 56.66 13.52
N THR M 277 144.24 55.78 14.09
CA THR M 277 144.42 55.31 15.44
C THR M 277 145.77 54.55 15.43
N THR M 278 145.96 53.68 14.43
CA THR M 278 147.19 52.91 14.27
C THR M 278 148.38 53.85 14.03
N TYR M 279 148.20 54.77 13.09
CA TYR M 279 149.24 55.72 12.73
C TYR M 279 149.72 56.59 13.90
N ASN M 280 148.78 57.07 14.72
CA ASN M 280 149.15 57.91 15.84
C ASN M 280 149.96 57.14 16.86
N SER M 281 149.73 55.84 17.02
CA SER M 281 150.53 55.07 17.95
C SER M 281 151.96 54.98 17.46
N ILE M 282 152.13 54.87 16.15
CA ILE M 282 153.48 54.80 15.60
C ILE M 282 154.14 56.19 15.79
N MET M 283 153.40 57.23 15.44
CA MET M 283 153.85 58.63 15.49
C MET M 283 154.35 59.06 16.87
N LYS M 284 153.68 58.59 17.91
CA LYS M 284 154.01 58.92 19.29
C LYS M 284 155.19 58.14 19.89
N CYS M 285 155.70 57.16 19.18
CA CYS M 285 156.81 56.38 19.68
C CYS M 285 158.12 57.06 19.28
N ASP M 286 159.22 56.71 19.95
CA ASP M 286 160.51 57.34 19.62
C ASP M 286 160.90 57.11 18.18
N ILE M 287 161.67 58.04 17.66
CA ILE M 287 162.06 58.03 16.26
C ILE M 287 162.79 56.76 15.77
N ASP M 288 163.52 56.06 16.65
CA ASP M 288 164.20 54.80 16.28
C ASP M 288 163.34 53.56 16.60
N ILE M 289 162.10 53.82 16.97
CA ILE M 289 161.06 52.83 17.20
C ILE M 289 160.15 52.78 15.99
N ARG M 290 159.76 53.98 15.54
CA ARG M 290 158.85 54.17 14.42
C ARG M 290 159.12 53.32 13.18
N LYS M 291 160.38 53.14 12.81
CA LYS M 291 160.66 52.37 11.60
C LYS M 291 160.21 50.91 11.72
N ASP M 292 160.24 50.37 12.93
CA ASP M 292 159.93 48.99 13.13
C ASP M 292 158.44 48.85 13.30
N LEU M 293 157.82 49.89 13.83
CA LEU M 293 156.38 49.81 13.98
C LEU M 293 155.71 50.05 12.61
N TYR M 294 156.31 50.88 11.73
CA TYR M 294 155.71 51.09 10.40
C TYR M 294 155.75 49.81 9.61
N ALA M 295 156.80 49.02 9.81
CA ALA M 295 157.00 47.75 9.16
C ALA M 295 156.23 46.58 9.81
N ASN M 296 155.54 46.84 10.93
CA ASN M 296 154.83 45.78 11.65
C ASN M 296 153.46 46.19 12.21
N ASN M 297 152.48 46.35 11.33
CA ASN M 297 151.09 46.63 11.76
C ASN M 297 150.45 45.25 12.01
N VAL M 298 150.20 44.89 13.26
CA VAL M 298 149.77 43.52 13.58
C VAL M 298 148.27 43.32 13.74
N MET M 299 147.71 42.39 12.93
CA MET M 299 146.26 42.14 12.91
C MET M 299 145.77 40.95 13.77
N SER M 300 144.93 41.27 14.76
CA SER M 300 144.37 40.32 15.72
C SER M 300 142.93 40.67 16.03
N GLY M 301 142.14 39.70 16.46
CA GLY M 301 140.77 40.04 16.81
C GLY M 301 139.90 39.99 15.58
N GLY M 302 138.63 40.27 15.78
CA GLY M 302 137.68 40.19 14.69
C GLY M 302 137.76 41.39 13.80
N THR M 303 136.96 41.42 12.72
CA THR M 303 136.97 42.47 11.69
C THR M 303 138.27 42.45 10.82
N THR M 304 139.31 41.76 11.30
CA THR M 304 140.59 41.67 10.60
C THR M 304 140.49 40.68 9.45
N MET M 305 139.36 39.99 9.42
CA MET M 305 139.05 39.01 8.40
C MET M 305 138.02 39.54 7.38
N TYR M 306 137.79 40.87 7.32
CA TYR M 306 136.96 41.42 6.23
C TYR M 306 137.80 41.41 4.96
N PRO M 307 137.26 41.10 3.78
CA PRO M 307 137.98 41.27 2.54
C PRO M 307 138.38 42.72 2.34
N GLY M 308 139.62 42.91 1.91
CA GLY M 308 140.19 44.22 1.65
C GLY M 308 140.84 44.86 2.89
N ILE M 309 140.68 44.26 4.09
CA ILE M 309 141.23 44.94 5.26
C ILE M 309 142.74 44.87 5.36
N ALA M 310 143.35 43.76 4.99
CA ALA M 310 144.79 43.69 5.12
C ALA M 310 145.46 44.64 4.13
N ASP M 311 144.86 44.76 2.96
CA ASP M 311 145.46 45.57 1.91
C ASP M 311 145.15 47.02 2.14
N ARG M 312 143.96 47.26 2.69
CA ARG M 312 143.47 48.59 3.00
C ARG M 312 144.25 49.19 4.16
N MET M 313 144.49 48.41 5.21
CA MET M 313 145.23 48.97 6.33
C MET M 313 146.67 49.29 5.91
N GLN M 314 147.31 48.45 5.09
CA GLN M 314 148.66 48.81 4.70
C GLN M 314 148.65 50.09 3.84
N LYS M 315 147.67 50.21 2.92
CA LYS M 315 147.54 51.38 2.04
C LYS M 315 147.25 52.68 2.82
N GLU M 316 146.33 52.59 3.79
CA GLU M 316 145.93 53.75 4.58
C GLU M 316 147.07 54.25 5.44
N ILE M 317 147.88 53.35 6.00
CA ILE M 317 149.01 53.83 6.79
C ILE M 317 150.05 54.41 5.85
N THR M 318 150.29 53.77 4.70
CA THR M 318 151.26 54.26 3.73
C THR M 318 150.94 55.70 3.35
N ALA M 319 149.65 55.99 3.18
CA ALA M 319 149.14 57.31 2.83
C ALA M 319 149.37 58.39 3.91
N LEU M 320 149.58 57.98 5.16
CA LEU M 320 149.77 58.89 6.30
C LEU M 320 151.27 59.01 6.64
N ALA M 321 151.97 57.92 6.41
CA ALA M 321 153.38 57.74 6.69
C ALA M 321 154.26 58.56 5.76
N PRO M 322 155.49 58.91 6.16
CA PRO M 322 156.49 59.55 5.33
C PRO M 322 156.86 58.63 4.17
N SER M 323 157.32 59.22 3.08
CA SER M 323 157.81 58.50 1.91
C SER M 323 159.14 57.89 2.28
N THR M 324 159.72 57.04 1.42
CA THR M 324 161.00 56.33 1.66
C THR M 324 160.79 55.11 2.57
N MET M 325 160.10 55.33 3.67
CA MET M 325 159.76 54.32 4.66
C MET M 325 158.91 53.21 4.10
N LYS M 326 159.20 51.98 4.53
CA LYS M 326 158.40 50.84 4.16
C LYS M 326 157.35 50.54 5.21
N ILE M 327 156.12 50.58 4.78
CA ILE M 327 154.98 50.30 5.61
C ILE M 327 154.52 48.90 5.31
N LYS M 328 154.41 48.09 6.34
CA LYS M 328 154.02 46.70 6.15
C LYS M 328 153.00 46.20 7.15
N ILE M 329 152.07 45.39 6.67
CA ILE M 329 151.09 44.83 7.56
C ILE M 329 151.36 43.35 7.78
N ILE M 330 151.18 42.91 9.01
CA ILE M 330 151.37 41.53 9.34
C ILE M 330 149.97 40.94 9.37
N ALA M 331 149.63 40.25 8.29
CA ALA M 331 148.26 39.77 8.14
C ALA M 331 148.18 38.44 7.38
N PRO M 332 148.74 37.36 7.94
CA PRO M 332 148.73 36.01 7.40
C PRO M 332 147.32 35.46 7.56
N PRO M 333 146.96 34.34 6.92
CA PRO M 333 145.69 33.63 7.11
C PRO M 333 145.40 33.31 8.58
N GLU M 334 146.45 33.10 9.36
CA GLU M 334 146.31 32.82 10.78
C GLU M 334 146.12 34.14 11.53
N ARG M 335 145.76 35.19 10.79
CA ARG M 335 145.53 36.51 11.36
C ARG M 335 144.36 36.47 12.31
N LYS M 336 144.46 37.26 13.38
CA LYS M 336 143.48 37.41 14.48
C LYS M 336 143.42 36.21 15.45
N TYR M 337 143.52 34.99 14.95
CA TYR M 337 143.52 33.81 15.80
C TYR M 337 144.84 33.78 16.56
N SER M 338 145.56 34.89 16.47
CA SER M 338 146.86 35.08 17.10
C SER M 338 146.75 35.32 18.59
N VAL M 339 145.62 35.87 19.06
CA VAL M 339 145.51 36.09 20.48
C VAL M 339 145.26 34.78 21.25
N TRP M 340 144.45 33.87 20.70
CA TRP M 340 144.25 32.64 21.45
C TRP M 340 145.55 31.88 21.49
N ILE M 341 146.21 31.82 20.33
CA ILE M 341 147.44 31.05 20.19
C ILE M 341 148.48 31.61 21.11
N GLY M 342 148.61 32.92 21.19
CA GLY M 342 149.55 33.48 22.11
C GLY M 342 149.26 33.07 23.54
N GLY M 343 147.98 32.94 23.92
CA GLY M 343 147.67 32.54 25.30
C GLY M 343 148.30 31.18 25.59
N SER M 344 148.21 30.28 24.60
CA SER M 344 148.81 28.96 24.69
C SER M 344 150.33 29.00 24.80
N ILE M 345 150.93 29.91 24.00
CA ILE M 345 152.37 30.08 23.96
C ILE M 345 152.87 30.62 25.29
N LEU M 346 152.20 31.64 25.81
CA LEU M 346 152.65 32.25 27.05
C LEU M 346 152.51 31.30 28.20
N ALA M 347 151.36 30.63 28.31
CA ALA M 347 151.09 29.73 29.40
C ALA M 347 152.13 28.63 29.53
N SER M 348 152.61 28.15 28.37
CA SER M 348 153.59 27.08 28.26
C SER M 348 155.07 27.53 28.16
N LEU M 349 155.38 28.84 28.21
CA LEU M 349 156.80 29.23 28.13
C LEU M 349 157.49 28.84 29.43
N SER M 350 158.73 28.37 29.36
CA SER M 350 159.46 28.02 30.59
C SER M 350 159.80 29.27 31.39
N THR M 351 159.90 30.40 30.68
CA THR M 351 160.23 31.70 31.22
C THR M 351 159.04 32.38 31.84
N PHE M 352 157.92 31.69 31.80
CA PHE M 352 156.71 32.24 32.35
C PHE M 352 156.14 31.35 33.43
N GLN M 353 156.91 30.36 33.93
CA GLN M 353 156.27 29.56 34.95
C GLN M 353 156.16 30.30 36.29
N GLN M 354 157.10 31.18 36.54
CA GLN M 354 157.14 31.97 37.76
C GLN M 354 156.09 33.08 37.76
N MET M 355 155.44 33.30 36.62
CA MET M 355 154.45 34.36 36.51
C MET M 355 153.06 33.89 36.94
N TRP M 356 152.88 32.60 37.18
CA TRP M 356 151.58 32.09 37.60
C TRP M 356 151.32 32.41 39.06
N ILE M 357 150.11 32.90 39.37
CA ILE M 357 149.74 33.19 40.75
C ILE M 357 149.25 31.88 41.28
N THR M 358 149.78 31.39 42.39
CA THR M 358 149.28 30.09 42.84
C THR M 358 148.13 30.29 43.80
N LYS M 359 147.35 29.22 44.07
CA LYS M 359 146.28 29.36 45.06
C LYS M 359 146.86 29.12 46.44
N GLN M 360 147.75 30.02 46.80
CA GLN M 360 148.46 30.11 48.04
C GLN M 360 148.53 31.59 48.28
N GLU M 361 149.24 32.24 47.34
CA GLU M 361 149.46 33.66 47.30
C GLU M 361 148.13 34.36 47.17
N TYR M 362 147.26 33.75 46.34
CA TYR M 362 145.92 34.26 46.13
C TYR M 362 145.12 34.39 47.39
N ASP M 363 145.11 33.37 48.24
CA ASP M 363 144.25 33.48 49.40
C ASP M 363 144.87 34.38 50.45
N GLU M 364 146.20 34.42 50.52
CA GLU M 364 146.82 35.31 51.48
C GLU M 364 146.56 36.79 51.15
N ALA M 365 146.62 37.13 49.84
CA ALA M 365 146.44 38.50 49.37
C ALA M 365 145.02 38.87 48.92
N GLY M 366 144.25 37.92 48.43
CA GLY M 366 142.96 38.17 47.83
C GLY M 366 143.17 38.49 46.34
N PRO M 367 142.10 38.68 45.54
CA PRO M 367 142.11 38.87 44.09
C PRO M 367 142.82 40.12 43.62
N SER M 368 143.06 41.08 44.51
CA SER M 368 143.76 42.32 44.14
C SER M 368 145.20 41.99 43.74
N ILE M 369 145.64 40.77 44.10
CA ILE M 369 146.95 40.23 43.80
C ILE M 369 147.25 40.22 42.32
N VAL M 370 146.24 40.07 41.48
CA VAL M 370 146.53 40.02 40.06
C VAL M 370 147.18 41.31 39.60
N HIS M 371 146.82 42.45 40.22
CA HIS M 371 147.34 43.73 39.83
C HIS M 371 148.83 43.87 40.18
N ARG M 372 149.31 43.03 41.11
CA ARG M 372 150.68 43.08 41.58
C ARG M 372 151.56 42.05 40.87
N LYS M 373 150.94 40.94 40.44
CA LYS M 373 151.67 39.82 39.87
C LYS M 373 151.62 39.62 38.34
N CYS M 374 150.52 39.94 37.67
CA CYS M 374 150.49 39.57 36.25
C CYS M 374 151.36 40.41 35.30
N PHE M 375 151.60 41.66 35.63
CA PHE M 375 152.40 42.58 34.82
C PHE M 375 152.47 43.97 35.44
N ASP N 1 136.82 101.42 21.11
CA ASP N 1 136.44 101.14 22.49
C ASP N 1 137.36 101.81 23.50
N GLU N 2 138.65 101.85 23.17
CA GLU N 2 139.66 102.43 24.06
C GLU N 2 139.95 103.88 23.70
N ASP N 3 140.37 104.66 24.70
CA ASP N 3 140.71 106.06 24.52
C ASP N 3 142.22 106.35 24.41
N GLU N 4 143.01 105.30 24.23
CA GLU N 4 144.46 105.39 24.08
C GLU N 4 144.96 104.28 23.20
N THR N 5 146.07 104.51 22.50
CA THR N 5 146.67 103.51 21.63
C THR N 5 147.60 102.59 22.41
N THR N 6 147.03 101.96 23.42
CA THR N 6 147.74 101.04 24.27
C THR N 6 148.03 99.77 23.52
N ALA N 7 149.18 99.17 23.75
CA ALA N 7 149.50 97.92 23.10
C ALA N 7 148.58 96.83 23.62
N LEU N 8 148.28 95.83 22.81
CA LEU N 8 147.47 94.72 23.27
C LEU N 8 148.37 93.56 23.61
N VAL N 9 147.94 92.73 24.54
CA VAL N 9 148.71 91.55 24.92
C VAL N 9 147.90 90.24 24.88
N CYS N 10 148.46 89.21 24.23
CA CYS N 10 147.77 87.90 24.19
C CYS N 10 148.72 86.69 24.26
N ASP N 11 148.43 85.82 25.23
CA ASP N 11 149.22 84.61 25.53
C ASP N 11 148.48 83.35 25.01
N ASN N 12 148.99 82.73 23.94
CA ASN N 12 148.31 81.63 23.24
C ASN N 12 148.98 80.25 23.34
N GLY N 13 148.42 79.34 24.11
CA GLY N 13 149.03 78.02 24.26
C GLY N 13 148.28 76.89 23.55
N SER N 14 148.65 75.66 23.89
CA SER N 14 148.06 74.44 23.34
C SER N 14 146.73 74.07 24.03
N GLY N 15 146.41 74.77 25.12
CA GLY N 15 145.18 74.59 25.89
C GLY N 15 144.39 75.87 25.86
N LEU N 16 144.89 76.90 26.54
CA LEU N 16 144.16 78.18 26.67
C LEU N 16 144.83 79.46 26.13
N VAL N 17 143.96 80.44 25.88
CA VAL N 17 144.28 81.78 25.41
C VAL N 17 143.82 82.88 26.37
N LYS N 18 144.74 83.73 26.77
CA LYS N 18 144.33 84.83 27.64
C LYS N 18 144.74 86.15 27.03
N ALA N 19 143.89 87.14 27.17
CA ALA N 19 144.21 88.41 26.56
C ALA N 19 143.58 89.60 27.25
N GLY N 20 144.13 90.78 26.96
CA GLY N 20 143.67 92.07 27.47
C GLY N 20 144.57 93.14 26.91
N PHE N 21 144.51 94.35 27.43
CA PHE N 21 145.41 95.37 26.90
C PHE N 21 146.52 95.70 27.87
N ALA N 22 147.62 96.20 27.31
CA ALA N 22 148.74 96.59 28.12
C ALA N 22 148.34 97.71 29.04
N GLY N 23 148.81 97.62 30.25
CA GLY N 23 148.52 98.58 31.27
C GLY N 23 147.50 98.00 32.24
N ASP N 24 146.80 96.91 31.86
CA ASP N 24 145.88 96.37 32.85
C ASP N 24 146.72 95.41 33.70
N ASP N 25 146.09 94.80 34.72
CA ASP N 25 146.81 93.88 35.64
C ASP N 25 146.39 92.44 35.53
N ALA N 26 145.58 92.15 34.55
CA ALA N 26 145.06 90.82 34.32
C ALA N 26 144.54 90.79 32.91
N PRO N 27 144.42 89.63 32.28
CA PRO N 27 143.77 89.51 31.01
C PRO N 27 142.33 89.86 31.25
N ARG N 28 141.70 90.46 30.25
CA ARG N 28 140.31 90.87 30.35
C ARG N 28 139.39 89.73 29.96
N ALA N 29 139.91 88.76 29.20
CA ALA N 29 139.10 87.62 28.82
C ALA N 29 139.95 86.37 28.73
N VAL N 30 139.31 85.25 29.03
CA VAL N 30 139.94 83.95 28.93
C VAL N 30 139.14 83.05 28.00
N PHE N 31 139.83 82.52 27.00
CA PHE N 31 139.25 81.63 26.02
C PHE N 31 140.09 80.39 25.95
N PRO N 32 139.54 79.25 25.56
CA PRO N 32 140.28 78.07 25.23
C PRO N 32 140.88 78.32 23.85
N SER N 33 141.97 77.65 23.49
CA SER N 33 142.53 77.76 22.14
C SER N 33 141.77 76.82 21.22
N ILE N 34 140.47 77.07 21.06
CA ILE N 34 139.60 76.17 20.32
C ILE N 34 138.75 76.68 19.18
N VAL N 35 138.78 75.91 18.11
CA VAL N 35 137.84 76.08 17.02
C VAL N 35 137.08 74.75 16.91
N GLY N 36 135.77 74.82 17.11
CA GLY N 36 134.93 73.64 17.13
C GLY N 36 134.24 73.42 15.83
N ARG N 37 134.00 72.15 15.48
CA ARG N 37 133.30 71.79 14.25
C ARG N 37 132.30 70.67 14.49
N PRO N 38 131.11 70.75 13.87
CA PRO N 38 130.09 69.72 14.05
C PRO N 38 130.58 68.40 13.51
N ARG N 39 130.22 67.33 14.23
CA ARG N 39 130.57 65.96 13.84
C ARG N 39 129.32 65.12 13.54
N HIS N 40 128.20 65.80 13.31
CA HIS N 40 126.89 65.22 13.02
C HIS N 40 126.20 65.86 11.83
N GLN N 41 125.26 65.11 11.23
CA GLN N 41 124.41 65.59 10.15
C GLN N 41 123.18 66.31 10.68
N GLY N 42 122.96 67.54 10.19
CA GLY N 42 121.81 68.33 10.62
C GLY N 42 120.53 67.66 10.17
N VAL N 43 119.50 67.71 11.02
CA VAL N 43 118.23 67.09 10.71
C VAL N 43 117.10 68.13 10.57
N MET N 44 117.09 69.15 11.45
CA MET N 44 116.04 70.16 11.45
C MET N 44 116.47 71.37 10.57
N VAL N 45 115.49 71.99 9.90
CA VAL N 45 115.70 73.16 9.04
C VAL N 45 115.49 74.49 9.77
N GLY N 46 116.35 75.49 9.54
CA GLY N 46 116.18 76.80 10.18
C GLY N 46 116.73 76.84 11.60
N MET N 47 117.73 76.03 11.87
CA MET N 47 118.34 75.91 13.19
C MET N 47 119.56 76.78 13.38
N GLY N 48 119.88 77.60 12.38
CA GLY N 48 121.12 78.34 12.44
C GLY N 48 122.19 77.27 12.35
N GLN N 49 123.13 77.24 13.29
CA GLN N 49 124.22 76.27 13.36
C GLN N 49 125.37 76.66 12.43
N LYS N 50 126.53 76.86 13.03
CA LYS N 50 127.69 77.35 12.33
C LYS N 50 128.55 76.24 11.74
N ASP N 51 129.39 76.61 10.77
CA ASP N 51 130.33 75.66 10.18
C ASP N 51 131.47 75.43 11.14
N SER N 52 131.75 76.46 11.93
CA SER N 52 132.79 76.45 12.92
C SER N 52 132.42 77.39 14.07
N TYR N 53 132.87 77.02 15.26
CA TYR N 53 132.63 77.77 16.47
C TYR N 53 133.93 78.19 17.08
N VAL N 54 134.00 79.34 17.73
CA VAL N 54 135.28 79.72 18.31
C VAL N 54 135.24 80.05 19.79
N GLY N 55 136.29 79.62 20.48
CA GLY N 55 136.49 79.92 21.89
C GLY N 55 135.42 79.34 22.79
N ASP N 56 134.76 80.22 23.52
CA ASP N 56 133.73 79.85 24.45
C ASP N 56 132.48 79.33 23.77
N GLU N 57 132.25 79.70 22.50
CA GLU N 57 131.03 79.19 21.89
C GLU N 57 131.29 77.72 21.56
N ALA N 58 132.54 77.43 21.17
CA ALA N 58 132.92 76.09 20.79
C ALA N 58 132.75 75.16 22.00
N GLN N 59 133.08 75.65 23.19
CA GLN N 59 132.83 74.83 24.35
C GLN N 59 131.34 74.75 24.70
N SER N 60 130.59 75.86 24.59
CA SER N 60 129.18 75.83 24.98
C SER N 60 128.33 74.88 24.11
N LYS N 61 128.70 74.74 22.84
CA LYS N 61 128.00 73.89 21.88
C LYS N 61 128.67 72.52 21.66
N ARG N 62 129.67 72.21 22.51
CA ARG N 62 130.55 71.03 22.38
C ARG N 62 129.88 69.69 22.37
N GLY N 63 128.63 69.57 22.83
CA GLY N 63 127.99 68.27 22.88
C GLY N 63 128.06 67.54 21.53
N ILE N 64 128.02 68.26 20.40
CA ILE N 64 128.12 67.60 19.10
C ILE N 64 129.27 68.12 18.25
N LEU N 65 130.27 68.73 18.87
CA LEU N 65 131.40 69.26 18.14
C LEU N 65 132.65 68.49 18.45
N THR N 66 133.57 68.49 17.51
CA THR N 66 134.90 67.98 17.77
C THR N 66 135.69 69.25 18.00
N LEU N 67 136.47 69.31 19.08
CA LEU N 67 137.18 70.57 19.33
C LEU N 67 138.66 70.47 18.98
N LYS N 68 139.09 71.36 18.10
CA LYS N 68 140.48 71.33 17.66
C LYS N 68 141.30 72.44 18.28
N TYR N 69 142.54 72.10 18.57
CA TYR N 69 143.51 73.02 19.14
C TYR N 69 144.62 73.32 18.11
N PRO N 70 144.78 74.57 17.62
CA PRO N 70 145.71 75.03 16.59
C PRO N 70 147.19 75.08 16.99
N ILE N 71 147.48 74.98 18.31
CA ILE N 71 148.84 75.05 18.83
C ILE N 71 149.33 73.72 19.40
N GLU N 72 150.42 73.21 18.82
CA GLU N 72 150.99 71.89 19.12
C GLU N 72 152.33 71.98 19.85
N HIS N 73 152.36 71.62 21.13
CA HIS N 73 153.61 71.70 21.90
C HIS N 73 154.26 73.09 21.82
N GLY N 74 153.40 74.09 21.87
CA GLY N 74 153.80 75.49 21.81
C GLY N 74 153.81 76.14 20.41
N ILE N 75 153.66 75.39 19.32
CA ILE N 75 153.68 76.01 17.98
C ILE N 75 152.37 76.06 17.20
N ILE N 76 152.08 77.22 16.63
CA ILE N 76 150.88 77.33 15.82
C ILE N 76 151.09 76.58 14.51
N THR N 77 150.23 75.61 14.25
CA THR N 77 150.29 74.84 13.02
C THR N 77 149.06 75.18 12.20
N ASN N 78 148.06 75.76 12.88
CA ASN N 78 146.86 76.18 12.20
C ASN N 78 146.55 77.65 12.52
N TRP N 79 147.00 78.49 11.61
CA TRP N 79 146.91 79.93 11.77
C TRP N 79 145.60 80.50 11.29
N ASP N 80 144.80 79.67 10.62
CA ASP N 80 143.50 80.12 10.18
C ASP N 80 142.61 80.11 11.40
N ASP N 81 142.86 79.14 12.29
CA ASP N 81 142.10 79.04 13.50
C ASP N 81 142.56 80.09 14.50
N MET N 82 143.86 80.43 14.51
CA MET N 82 144.27 81.46 15.45
C MET N 82 143.72 82.81 15.06
N GLU N 83 143.57 83.07 13.76
CA GLU N 83 142.99 84.35 13.35
C GLU N 83 141.57 84.47 13.88
N LYS N 84 140.77 83.38 13.80
CA LYS N 84 139.39 83.43 14.30
C LYS N 84 139.34 83.62 15.81
N ILE N 85 140.26 82.97 16.53
CA ILE N 85 140.33 83.07 17.98
C ILE N 85 140.64 84.50 18.37
N TRP N 86 141.59 85.12 17.70
CA TRP N 86 141.97 86.49 17.98
C TRP N 86 140.90 87.46 17.50
N HIS N 87 140.21 87.17 16.41
CA HIS N 87 139.21 88.11 15.94
C HIS N 87 138.14 88.22 17.02
N HIS N 88 137.68 87.07 17.49
CA HIS N 88 136.65 87.01 18.51
C HIS N 88 137.15 87.61 19.82
N THR N 89 138.35 87.20 20.25
CA THR N 89 138.89 87.71 21.49
C THR N 89 139.03 89.23 21.48
N PHE N 90 139.63 89.78 20.42
CA PHE N 90 139.89 91.21 20.43
C PHE N 90 138.66 92.07 20.17
N TYR N 91 137.80 91.67 19.24
CA TYR N 91 136.68 92.55 18.89
C TYR N 91 135.38 92.27 19.64
N ASN N 92 135.11 91.04 20.05
CA ASN N 92 133.83 90.80 20.69
C ASN N 92 133.92 90.87 22.21
N GLU N 93 134.99 90.35 22.80
CA GLU N 93 135.03 90.29 24.27
C GLU N 93 135.98 91.26 24.99
N LEU N 94 137.20 91.46 24.50
CA LEU N 94 138.14 92.32 25.23
C LEU N 94 137.82 93.78 25.02
N ARG N 95 137.08 94.04 23.94
CA ARG N 95 136.68 95.35 23.48
C ARG N 95 137.88 96.24 23.19
N VAL N 96 138.75 95.75 22.31
CA VAL N 96 139.94 96.47 21.87
C VAL N 96 139.93 96.46 20.34
N ALA N 97 140.71 97.30 19.68
CA ALA N 97 140.67 97.29 18.21
C ALA N 97 142.05 97.26 17.61
N PRO N 98 142.70 96.10 17.41
CA PRO N 98 144.11 95.92 17.02
C PRO N 98 144.58 96.83 15.88
N GLU N 99 143.70 97.22 14.97
CA GLU N 99 144.11 98.11 13.89
C GLU N 99 144.73 99.41 14.45
N GLU N 100 144.26 99.83 15.62
CA GLU N 100 144.70 101.05 16.29
C GLU N 100 145.70 100.80 17.44
N HIS N 101 146.17 99.56 17.64
CA HIS N 101 147.05 99.27 18.78
C HIS N 101 148.22 98.36 18.39
N PRO N 102 149.45 98.55 18.89
CA PRO N 102 150.55 97.60 18.75
C PRO N 102 150.12 96.30 19.42
N THR N 103 150.53 95.12 18.95
CA THR N 103 150.17 93.87 19.67
C THR N 103 151.35 92.97 20.01
N LEU N 104 151.39 92.54 21.27
CA LEU N 104 152.42 91.66 21.78
C LEU N 104 151.85 90.28 22.00
N LEU N 105 152.51 89.31 21.40
CA LEU N 105 152.13 87.92 21.51
C LEU N 105 153.30 87.18 22.12
N THR N 106 153.02 86.10 22.81
CA THR N 106 154.10 85.33 23.44
C THR N 106 154.44 83.99 22.77
N GLU N 107 155.64 83.45 23.09
CA GLU N 107 156.08 82.12 22.64
C GLU N 107 157.23 81.54 23.49
N ALA N 108 157.58 80.28 23.22
CA ALA N 108 158.78 79.70 23.81
C ALA N 108 160.02 80.12 22.95
N PRO N 109 161.18 80.48 23.53
CA PRO N 109 162.42 80.81 22.83
C PRO N 109 162.97 79.82 21.78
N LEU N 110 162.72 78.51 21.95
CA LEU N 110 163.23 77.52 20.99
C LEU N 110 162.12 76.99 20.11
N ASN N 111 160.99 77.68 20.13
CA ASN N 111 159.85 77.33 19.31
C ASN N 111 160.34 77.51 17.87
N PRO N 112 159.98 76.67 16.88
CA PRO N 112 160.37 76.85 15.50
C PRO N 112 159.97 78.25 15.05
N LYS N 113 160.77 78.84 14.17
CA LYS N 113 160.61 80.23 13.74
C LYS N 113 159.28 80.51 13.07
N ALA N 114 158.65 79.46 12.56
CA ALA N 114 157.38 79.56 11.90
C ALA N 114 156.32 80.11 12.85
N ASN N 115 156.44 79.83 14.16
CA ASN N 115 155.44 80.28 15.12
C ASN N 115 155.38 81.79 15.14
N ARG N 116 156.55 82.40 15.31
CA ARG N 116 156.67 83.85 15.35
C ARG N 116 156.36 84.48 14.01
N GLU N 117 156.73 83.81 12.92
CA GLU N 117 156.48 84.36 11.60
C GLU N 117 154.99 84.38 11.29
N LYS N 118 154.27 83.31 11.62
CA LYS N 118 152.85 83.31 11.31
C LYS N 118 152.04 84.19 12.24
N MET N 119 152.39 84.28 13.53
CA MET N 119 151.56 85.16 14.36
C MET N 119 151.77 86.62 13.95
N THR N 120 152.98 86.92 13.45
CA THR N 120 153.33 88.24 12.95
C THR N 120 152.53 88.52 11.69
N GLN N 121 152.46 87.53 10.79
CA GLN N 121 151.71 87.71 9.56
C GLN N 121 150.22 87.90 9.82
N ILE N 122 149.64 87.16 10.77
CA ILE N 122 148.21 87.31 10.99
C ILE N 122 147.90 88.71 11.51
N MET N 123 148.65 89.16 12.53
CA MET N 123 148.29 90.44 13.06
C MET N 123 148.53 91.58 12.06
N PHE N 124 149.58 91.49 11.22
CA PHE N 124 149.80 92.56 10.26
C PHE N 124 148.90 92.51 9.02
N GLU N 125 148.53 91.32 8.55
CA GLU N 125 147.71 91.26 7.34
C GLU N 125 146.20 91.09 7.54
N THR N 126 145.72 90.47 8.64
CA THR N 126 144.27 90.32 8.75
C THR N 126 143.71 91.32 9.77
N PHE N 127 144.55 91.77 10.70
CA PHE N 127 144.13 92.76 11.71
C PHE N 127 144.66 94.16 11.43
N ASN N 128 145.62 94.27 10.51
CA ASN N 128 146.28 95.53 10.17
C ASN N 128 146.87 96.21 11.41
N VAL N 129 147.48 95.43 12.29
CA VAL N 129 148.04 95.97 13.51
C VAL N 129 149.18 96.91 13.10
N PRO N 130 149.32 98.12 13.66
CA PRO N 130 150.38 99.06 13.33
C PRO N 130 151.76 98.56 13.75
N ALA N 131 151.82 97.64 14.71
CA ALA N 131 153.10 97.12 15.15
C ALA N 131 153.01 95.77 15.85
N MET N 132 154.14 95.03 15.85
CA MET N 132 154.23 93.74 16.52
C MET N 132 155.48 93.45 17.32
N TYR N 133 155.30 92.62 18.35
CA TYR N 133 156.43 92.08 19.07
C TYR N 133 156.12 90.66 19.55
N VAL N 134 157.08 89.76 19.43
CA VAL N 134 156.91 88.42 19.97
C VAL N 134 157.84 88.21 21.18
N ALA N 135 157.21 87.93 22.33
CA ALA N 135 157.87 87.84 23.63
C ALA N 135 158.09 86.44 24.14
N ILE N 136 159.07 86.31 25.03
CA ILE N 136 159.37 85.06 25.71
C ILE N 136 158.41 84.86 26.89
N GLN N 137 157.63 83.77 26.90
CA GLN N 137 156.63 83.60 27.96
C GLN N 137 157.28 83.56 29.33
N ALA N 138 158.40 82.87 29.37
CA ALA N 138 159.18 82.67 30.56
C ALA N 138 159.84 83.95 31.11
N VAL N 139 160.06 84.98 30.31
CA VAL N 139 160.71 86.15 30.89
C VAL N 139 159.61 86.99 31.51
N LEU N 140 158.45 86.99 30.85
CA LEU N 140 157.33 87.78 31.27
C LEU N 140 156.90 87.34 32.67
N SER N 141 157.06 86.06 32.98
CA SER N 141 156.71 85.55 34.30
C SER N 141 157.47 86.31 35.41
N LEU N 142 158.75 86.65 35.17
CA LEU N 142 159.54 87.39 36.15
C LEU N 142 159.09 88.82 36.25
N TYR N 143 158.73 89.39 35.10
CA TYR N 143 158.33 90.79 35.16
C TYR N 143 157.06 90.89 36.01
N ALA N 144 156.14 89.95 35.79
CA ALA N 144 154.87 89.89 36.52
C ALA N 144 155.06 89.63 37.99
N SER N 145 156.07 88.84 38.31
CA SER N 145 156.39 88.42 39.67
C SER N 145 157.21 89.45 40.44
N GLY N 146 157.65 90.54 39.80
CA GLY N 146 158.49 91.50 40.50
C GLY N 146 159.94 91.04 40.65
N ARG N 147 160.44 90.27 39.69
CA ARG N 147 161.79 89.75 39.72
C ARG N 147 162.50 89.98 38.39
N THR N 148 163.83 90.04 38.41
CA THR N 148 164.58 90.13 37.17
C THR N 148 165.42 88.89 36.91
N THR N 149 165.63 88.09 37.95
CA THR N 149 166.48 86.93 37.81
C THR N 149 165.82 85.68 38.38
N GLY N 150 165.92 84.58 37.64
CA GLY N 150 165.42 83.31 38.12
C GLY N 150 165.25 82.25 37.04
N ILE N 151 164.88 81.06 37.45
CA ILE N 151 164.63 79.97 36.50
C ILE N 151 163.18 79.93 36.28
N VAL N 152 162.75 80.02 35.04
CA VAL N 152 161.32 80.02 34.91
C VAL N 152 160.75 78.82 34.21
N LEU N 153 159.89 78.14 34.96
CA LEU N 153 159.14 77.04 34.41
C LEU N 153 157.82 77.66 34.10
N ASP N 154 157.51 77.78 32.81
CA ASP N 154 156.32 78.42 32.33
C ASP N 154 155.18 77.45 32.13
N SER N 155 155.43 76.20 32.50
CA SER N 155 154.46 75.12 32.55
C SER N 155 153.26 75.31 31.64
N GLY N 156 153.46 75.20 30.32
CA GLY N 156 152.35 75.47 29.45
C GLY N 156 151.47 74.23 29.30
N ASP N 157 150.66 74.24 28.27
CA ASP N 157 149.74 73.16 28.02
C ASP N 157 150.42 72.10 27.16
N GLY N 158 151.33 72.54 26.28
CA GLY N 158 152.00 71.63 25.36
C GLY N 158 153.51 71.51 25.59
N VAL N 159 154.11 72.48 26.26
CA VAL N 159 155.54 72.50 26.50
C VAL N 159 155.91 73.20 27.81
N THR N 160 156.97 72.71 28.48
CA THR N 160 157.55 73.46 29.59
C THR N 160 158.89 73.93 29.04
N HIS N 161 159.06 75.25 28.96
CA HIS N 161 160.26 75.87 28.38
C HIS N 161 161.55 75.84 29.20
N ASN N 162 161.43 76.09 30.50
CA ASN N 162 162.58 76.10 31.42
C ASN N 162 163.83 76.91 31.06
N VAL N 163 163.69 78.24 30.97
CA VAL N 163 164.85 79.06 30.62
C VAL N 163 165.29 79.94 31.78
N PRO N 164 166.59 79.94 32.13
CA PRO N 164 167.16 80.81 33.11
C PRO N 164 167.19 82.23 32.56
N ILE N 165 166.82 83.19 33.40
CA ILE N 165 166.83 84.61 33.06
C ILE N 165 167.72 85.38 34.04
N TYR N 166 168.59 86.26 33.54
CA TYR N 166 169.43 87.11 34.40
C TYR N 166 169.27 88.59 34.04
N GLU N 167 168.95 89.41 35.04
CA GLU N 167 168.72 90.87 34.87
C GLU N 167 167.67 91.17 33.80
N GLY N 168 166.64 90.33 33.71
CA GLY N 168 165.57 90.49 32.76
C GLY N 168 165.83 89.89 31.36
N TYR N 169 167.00 89.25 31.15
CA TYR N 169 167.34 88.68 29.83
C TYR N 169 167.55 87.17 29.87
N ALA N 170 167.19 86.47 28.81
CA ALA N 170 167.40 85.03 28.76
C ALA N 170 168.87 84.65 28.59
N LEU N 171 169.22 83.49 29.14
CA LEU N 171 170.53 82.89 28.95
C LEU N 171 170.34 81.67 28.02
N PRO N 172 170.39 81.83 26.68
CA PRO N 172 170.00 80.84 25.69
C PRO N 172 170.87 79.59 25.64
N HIS N 173 172.06 79.65 26.23
CA HIS N 173 172.96 78.51 26.19
C HIS N 173 172.58 77.47 27.25
N ALA N 174 171.67 77.86 28.15
CA ALA N 174 171.29 77.02 29.28
C ALA N 174 169.80 76.68 29.32
N ILE N 175 169.16 76.62 28.15
CA ILE N 175 167.75 76.24 28.10
C ILE N 175 167.61 74.74 28.14
N MET N 176 166.76 74.23 29.04
CA MET N 176 166.60 72.78 29.11
C MET N 176 165.11 72.46 28.88
N ARG N 177 164.67 72.58 27.64
CA ARG N 177 163.27 72.35 27.29
C ARG N 177 162.78 70.96 27.61
N LEU N 178 161.55 70.86 28.13
CA LEU N 178 161.00 69.56 28.46
C LEU N 178 159.68 69.23 27.75
N ASP N 179 159.64 68.04 27.15
CA ASP N 179 158.44 67.55 26.47
C ASP N 179 157.47 66.89 27.45
N LEU N 180 156.95 67.74 28.33
CA LEU N 180 155.96 67.45 29.34
C LEU N 180 155.19 68.70 29.71
N ALA N 181 153.88 68.62 29.55
CA ALA N 181 153.03 69.76 29.85
C ALA N 181 151.62 69.34 30.27
N GLY N 182 150.75 70.33 30.55
CA GLY N 182 149.42 70.04 31.08
C GLY N 182 148.60 69.03 30.26
N ARG N 183 148.77 69.02 28.93
CA ARG N 183 148.08 68.11 28.02
C ARG N 183 148.49 66.65 28.25
N ASP N 184 149.74 66.42 28.66
CA ASP N 184 150.25 65.07 28.83
C ASP N 184 149.84 64.57 30.18
N LEU N 185 149.72 65.49 31.13
CA LEU N 185 149.33 65.10 32.47
C LEU N 185 147.89 64.57 32.36
N THR N 186 147.07 65.27 31.57
CA THR N 186 145.66 64.89 31.34
C THR N 186 145.61 63.51 30.69
N ASP N 187 146.48 63.27 29.70
CA ASP N 187 146.47 61.97 29.02
C ASP N 187 146.82 60.83 29.99
N TYR N 188 147.77 61.06 30.90
CA TYR N 188 148.12 60.03 31.86
C TYR N 188 146.90 59.73 32.72
N LEU N 189 146.21 60.79 33.17
CA LEU N 189 145.04 60.63 34.02
C LEU N 189 143.97 59.83 33.28
N MET N 190 143.76 60.09 31.99
CA MET N 190 142.73 59.34 31.27
C MET N 190 143.02 57.82 31.29
N LYS N 191 144.30 57.43 31.18
CA LYS N 191 144.63 56.00 31.21
C LYS N 191 144.42 55.38 32.59
N ILE N 192 144.78 56.09 33.64
CA ILE N 192 144.60 55.52 34.98
C ILE N 192 143.11 55.60 35.43
N LEU N 193 142.33 56.53 34.87
CA LEU N 193 140.90 56.54 35.19
C LEU N 193 140.23 55.38 34.43
N THR N 194 140.84 54.98 33.29
CA THR N 194 140.39 53.82 32.53
C THR N 194 140.62 52.57 33.40
N GLU N 195 141.76 52.52 34.10
CA GLU N 195 142.06 51.39 34.98
C GLU N 195 140.95 51.24 36.06
N ARG N 196 140.34 52.36 36.44
CA ARG N 196 139.28 52.35 37.45
C ARG N 196 137.88 51.98 36.94
N GLY N 197 137.73 51.76 35.64
CA GLY N 197 136.42 51.41 35.08
C GLY N 197 135.67 52.51 34.33
N TYR N 198 136.31 53.64 34.05
CA TYR N 198 135.67 54.74 33.33
C TYR N 198 136.24 54.85 31.94
N SER N 199 135.53 55.51 31.03
CA SER N 199 136.08 55.69 29.69
C SER N 199 135.94 57.11 29.24
N PHE N 200 137.07 57.73 28.90
CA PHE N 200 137.06 59.10 28.43
C PHE N 200 137.77 59.22 27.08
N VAL N 201 137.02 59.11 25.98
CA VAL N 201 137.59 59.07 24.64
C VAL N 201 137.31 60.32 23.79
N THR N 202 136.06 60.79 23.80
CA THR N 202 135.59 61.89 22.93
C THR N 202 135.96 63.25 23.49
N THR N 203 135.78 64.34 22.71
CA THR N 203 136.16 65.64 23.25
C THR N 203 135.45 65.94 24.54
N ALA N 204 134.14 65.72 24.60
CA ALA N 204 133.45 66.07 25.84
C ALA N 204 134.07 65.34 27.02
N GLU N 205 134.42 64.09 26.81
CA GLU N 205 135.03 63.29 27.84
C GLU N 205 136.47 63.73 28.19
N ARG N 206 137.24 64.12 27.19
CA ARG N 206 138.62 64.56 27.40
C ARG N 206 138.64 65.89 28.17
N GLU N 207 137.67 66.76 27.89
CA GLU N 207 137.57 68.07 28.56
C GLU N 207 137.22 67.84 30.03
N ILE N 208 136.40 66.81 30.31
CA ILE N 208 136.08 66.48 31.68
C ILE N 208 137.30 66.04 32.43
N VAL N 209 138.12 65.18 31.85
CA VAL N 209 139.29 64.74 32.60
C VAL N 209 140.19 65.90 32.93
N ARG N 210 140.37 66.84 31.99
CA ARG N 210 141.15 68.02 32.32
C ARG N 210 140.52 68.76 33.52
N ASP N 211 139.19 68.90 33.52
CA ASP N 211 138.51 69.61 34.62
C ASP N 211 138.67 68.85 35.94
N ILE N 212 138.69 67.51 35.88
CA ILE N 212 138.88 66.69 37.07
C ILE N 212 140.23 66.97 37.65
N LYS N 213 141.24 66.96 36.79
CA LYS N 213 142.59 67.19 37.23
C LYS N 213 142.72 68.53 37.96
N GLU N 214 142.16 69.57 37.37
CA GLU N 214 142.28 70.91 37.92
C GLU N 214 141.67 71.06 39.31
N LYS N 215 140.56 70.35 39.55
CA LYS N 215 139.89 70.44 40.85
C LYS N 215 140.30 69.37 41.89
N LEU N 216 140.68 68.16 41.47
CA LEU N 216 141.00 67.10 42.42
C LEU N 216 142.48 66.78 42.64
N CYS N 217 143.36 67.08 41.68
CA CYS N 217 144.74 66.64 41.76
C CYS N 217 145.76 67.50 42.51
N TYR N 218 146.82 66.81 42.95
CA TYR N 218 147.96 67.39 43.66
C TYR N 218 149.24 66.61 43.42
N VAL N 219 150.41 67.19 43.72
CA VAL N 219 151.65 66.42 43.49
C VAL N 219 152.11 65.67 44.72
N ALA N 220 151.94 66.27 45.90
CA ALA N 220 152.38 65.73 47.19
C ALA N 220 153.87 65.93 47.37
N LEU N 221 154.26 66.12 48.64
CA LEU N 221 155.66 66.25 49.02
C LEU N 221 156.43 64.93 48.88
N ASP N 222 155.75 63.81 49.17
CA ASP N 222 156.38 62.49 49.11
C ASP N 222 155.44 61.49 48.43
N PHE N 223 155.71 61.23 47.16
CA PHE N 223 154.86 60.39 46.31
C PHE N 223 154.69 58.97 46.79
N GLU N 224 155.79 58.33 47.14
CA GLU N 224 155.71 56.93 47.53
C GLU N 224 154.93 56.76 48.81
N ASN N 225 155.10 57.67 49.77
CA ASN N 225 154.34 57.52 51.00
C ASN N 225 152.88 57.90 50.76
N GLU N 226 152.63 58.86 49.88
CA GLU N 226 151.27 59.29 49.61
C GLU N 226 150.54 58.14 48.92
N MET N 227 151.24 57.45 47.99
CA MET N 227 150.72 56.29 47.29
C MET N 227 150.51 55.13 48.22
N ALA N 228 151.42 54.91 49.16
CA ALA N 228 151.23 53.78 50.05
C ALA N 228 149.91 53.89 50.80
N THR N 229 149.54 55.11 51.21
CA THR N 229 148.26 55.24 51.89
C THR N 229 147.08 55.39 50.91
N ALA N 230 147.26 56.11 49.80
CA ALA N 230 146.15 56.33 48.86
C ALA N 230 145.71 55.04 48.20
N ALA N 231 146.64 54.12 48.01
CA ALA N 231 146.36 52.84 47.41
C ALA N 231 145.76 51.87 48.42
N SER N 232 145.80 52.22 49.71
CA SER N 232 145.34 51.35 50.78
C SER N 232 144.00 51.79 51.39
N SER N 233 143.64 53.07 51.23
CA SER N 233 142.43 53.57 51.87
C SER N 233 141.61 54.61 51.12
N SER N 234 140.30 54.44 51.23
CA SER N 234 139.26 55.29 50.65
C SER N 234 139.26 56.68 51.23
N SER N 235 139.97 56.87 52.34
CA SER N 235 140.07 58.17 52.99
C SER N 235 140.84 59.16 52.12
N LEU N 236 141.56 58.66 51.10
CA LEU N 236 142.29 59.55 50.21
C LEU N 236 141.54 59.79 48.92
N GLU N 237 140.32 59.24 48.80
CA GLU N 237 139.53 59.39 47.59
C GLU N 237 138.64 60.61 47.61
N LYS N 238 138.44 61.19 46.43
CA LYS N 238 137.54 62.31 46.25
C LYS N 238 136.65 62.09 45.04
N SER N 239 135.39 62.50 45.13
CA SER N 239 134.51 62.33 43.99
C SER N 239 134.34 63.62 43.19
N TYR N 240 134.26 63.43 41.88
CA TYR N 240 134.01 64.47 40.90
C TYR N 240 132.66 64.24 40.24
N GLU N 241 131.90 65.32 40.06
CA GLU N 241 130.60 65.23 39.41
C GLU N 241 130.68 65.43 37.90
N LEU N 242 130.21 64.42 37.16
CA LEU N 242 130.23 64.42 35.72
C LEU N 242 128.98 65.20 35.27
N PRO N 243 128.95 65.81 34.07
CA PRO N 243 127.84 66.60 33.52
C PRO N 243 126.45 65.96 33.53
N ASP N 244 126.35 64.63 33.45
CA ASP N 244 125.04 64.01 33.42
C ASP N 244 124.55 63.54 34.79
N GLY N 245 125.22 63.91 35.87
CA GLY N 245 124.77 63.50 37.19
C GLY N 245 125.49 62.25 37.71
N GLN N 246 126.27 61.60 36.85
CA GLN N 246 127.00 60.43 37.30
C GLN N 246 128.27 60.95 37.94
N VAL N 247 128.91 60.12 38.75
CA VAL N 247 130.13 60.59 39.38
C VAL N 247 131.27 59.61 39.17
N ILE N 248 132.47 60.13 39.34
CA ILE N 248 133.69 59.35 39.31
C ILE N 248 134.48 59.55 40.61
N THR N 249 134.89 58.45 41.22
CA THR N 249 135.67 58.53 42.45
C THR N 249 137.10 58.23 42.10
N ILE N 250 137.99 59.13 42.52
CA ILE N 250 139.40 59.07 42.21
C ILE N 250 140.29 58.95 43.46
N GLY N 251 141.23 57.99 43.46
CA GLY N 251 142.11 57.66 44.58
C GLY N 251 143.53 58.12 44.38
N ASN N 252 144.46 57.19 44.19
CA ASN N 252 145.85 57.62 44.06
C ASN N 252 146.13 58.22 42.70
N GLU N 253 145.15 58.18 41.80
CA GLU N 253 145.26 58.74 40.47
C GLU N 253 145.30 60.24 40.57
N ARG N 254 144.81 60.71 41.72
CA ARG N 254 144.69 62.08 42.12
C ARG N 254 146.07 62.72 42.17
N PHE N 255 147.10 61.90 42.41
CA PHE N 255 148.46 62.38 42.49
C PHE N 255 149.37 61.71 41.47
N ARG N 256 148.99 60.53 40.99
CA ARG N 256 149.81 59.81 40.01
C ARG N 256 149.86 60.61 38.71
N CYS N 257 148.77 61.30 38.37
CA CYS N 257 148.80 62.16 37.20
C CYS N 257 149.85 63.29 37.32
N PRO N 258 149.74 64.23 38.28
CA PRO N 258 150.67 65.31 38.59
C PRO N 258 152.10 64.86 38.80
N GLU N 259 152.28 63.64 39.32
CA GLU N 259 153.59 63.05 39.60
C GLU N 259 154.44 62.96 38.37
N THR N 260 153.82 62.93 37.19
CA THR N 260 154.54 62.83 35.92
C THR N 260 155.59 63.96 35.88
N LEU N 261 155.30 65.10 36.51
CA LEU N 261 156.19 66.25 36.54
C LEU N 261 157.51 65.88 37.20
N PHE N 262 157.47 64.98 38.17
CA PHE N 262 158.69 64.57 38.85
C PHE N 262 159.17 63.25 38.24
N GLN N 263 158.24 62.51 37.63
CA GLN N 263 158.54 61.24 36.96
C GLN N 263 157.95 61.16 35.53
N PRO N 264 158.53 61.85 34.51
CA PRO N 264 158.08 61.94 33.12
C PRO N 264 158.02 60.61 32.41
N SER N 265 158.66 59.59 33.00
CA SER N 265 158.68 58.23 32.50
C SER N 265 157.25 57.68 32.47
N PHE N 266 156.35 58.31 33.23
CA PHE N 266 154.95 57.95 33.31
C PHE N 266 154.27 58.11 31.95
N ILE N 267 154.76 59.04 31.11
CA ILE N 267 154.19 59.26 29.79
C ILE N 267 155.20 58.88 28.72
N GLY N 268 156.19 58.07 29.08
CA GLY N 268 157.17 57.59 28.12
C GLY N 268 158.27 58.60 27.82
N MET N 269 158.41 59.67 28.62
CA MET N 269 159.42 60.65 28.34
C MET N 269 160.77 60.33 28.95
N GLU N 270 161.82 60.54 28.17
CA GLU N 270 163.19 60.31 28.65
C GLU N 270 163.65 61.52 29.45
N SER N 271 163.17 61.63 30.68
CA SER N 271 163.48 62.74 31.57
C SER N 271 163.39 62.37 33.04
N ALA N 272 164.24 63.03 33.83
CA ALA N 272 164.28 62.86 35.28
C ALA N 272 163.30 63.77 36.03
N GLY N 273 162.57 64.62 35.30
CA GLY N 273 161.60 65.51 35.95
C GLY N 273 161.97 66.99 35.96
N ILE N 274 160.96 67.80 36.30
CA ILE N 274 161.08 69.26 36.30
C ILE N 274 162.12 69.80 37.26
N HIS N 275 162.45 69.08 38.33
CA HIS N 275 163.46 69.58 39.23
C HIS N 275 164.87 69.35 38.70
N GLU N 276 165.05 68.39 37.79
CA GLU N 276 166.38 68.15 37.29
C GLU N 276 166.61 69.10 36.14
N THR N 277 165.56 69.37 35.37
CA THR N 277 165.72 70.27 34.25
C THR N 277 165.96 71.68 34.84
N THR N 278 165.30 72.00 35.98
CA THR N 278 165.50 73.29 36.65
C THR N 278 166.97 73.39 37.09
N TYR N 279 167.44 72.32 37.72
CA TYR N 279 168.81 72.24 38.21
C TYR N 279 169.83 72.41 37.09
N ASN N 280 169.64 71.72 35.97
CA ASN N 280 170.59 71.83 34.88
C ASN N 280 170.62 73.24 34.30
N SER N 281 169.47 73.92 34.25
CA SER N 281 169.46 75.28 33.72
C SER N 281 170.30 76.17 34.60
N ILE N 282 170.23 75.96 35.91
CA ILE N 282 171.00 76.74 36.87
C ILE N 282 172.48 76.40 36.76
N MET N 283 172.80 75.11 36.71
CA MET N 283 174.17 74.62 36.69
C MET N 283 174.94 75.01 35.43
N LYS N 284 174.24 75.20 34.32
CA LYS N 284 174.87 75.54 33.05
C LYS N 284 175.13 77.06 32.93
N CYS N 285 174.62 77.84 33.88
CA CYS N 285 174.79 79.30 33.86
C CYS N 285 176.08 79.72 34.56
N ASP N 286 176.49 80.97 34.30
CA ASP N 286 177.71 81.53 34.88
C ASP N 286 177.73 81.46 36.40
N ILE N 287 178.91 81.28 36.96
CA ILE N 287 179.05 81.15 38.41
C ILE N 287 178.58 82.38 39.20
N ASP N 288 178.58 83.58 38.58
CA ASP N 288 178.10 84.77 39.28
C ASP N 288 176.60 85.01 39.02
N ILE N 289 175.99 84.15 38.22
CA ILE N 289 174.57 84.20 37.88
C ILE N 289 173.79 83.11 38.62
N ARG N 290 174.33 81.90 38.64
CA ARG N 290 173.63 80.76 39.19
C ARG N 290 173.23 80.93 40.65
N LYS N 291 173.98 81.72 41.44
CA LYS N 291 173.58 81.88 42.83
C LYS N 291 172.20 82.56 42.94
N ASP N 292 171.88 83.42 41.96
CA ASP N 292 170.65 84.16 41.98
C ASP N 292 169.57 83.31 41.37
N LEU N 293 169.97 82.44 40.45
CA LEU N 293 168.99 81.57 39.83
C LEU N 293 168.53 80.51 40.88
N TYR N 294 169.45 80.02 41.72
CA TYR N 294 169.08 79.03 42.76
C TYR N 294 168.07 79.62 43.75
N ALA N 295 168.28 80.88 44.10
CA ALA N 295 167.44 81.58 45.07
C ALA N 295 166.13 82.07 44.46
N ASN N 296 165.95 81.89 43.16
CA ASN N 296 164.76 82.36 42.46
C ASN N 296 164.25 81.32 41.45
N ASN N 297 163.79 80.19 41.95
CA ASN N 297 163.19 79.17 41.12
C ASN N 297 161.72 79.54 40.97
N VAL N 298 161.32 79.99 39.78
CA VAL N 298 160.00 80.56 39.59
C VAL N 298 158.98 79.58 39.04
N MET N 299 157.87 79.48 39.76
CA MET N 299 156.81 78.62 39.32
C MET N 299 155.81 79.50 38.62
N SER N 300 155.64 79.32 37.33
CA SER N 300 154.72 80.14 36.56
C SER N 300 153.90 79.25 35.68
N GLY N 301 152.98 79.84 34.96
CA GLY N 301 152.15 79.01 34.09
C GLY N 301 151.22 78.15 34.94
N GLY N 302 150.83 77.00 34.37
CA GLY N 302 149.88 76.09 35.02
C GLY N 302 150.59 75.08 35.88
N THR N 303 149.86 74.16 36.52
CA THR N 303 150.42 73.09 37.42
C THR N 303 151.00 73.64 38.74
N THR N 304 151.18 74.96 38.81
CA THR N 304 151.77 75.64 39.95
C THR N 304 150.74 75.74 41.05
N MET N 305 149.53 75.38 40.68
CA MET N 305 148.37 75.39 41.49
C MET N 305 148.09 73.99 42.06
N TYR N 306 149.08 73.06 41.92
CA TYR N 306 148.97 71.76 42.56
C TYR N 306 149.49 71.85 44.01
N PRO N 307 148.75 71.36 45.01
CA PRO N 307 149.23 71.29 46.36
C PRO N 307 150.51 70.47 46.46
N GLY N 308 151.44 71.00 47.24
CA GLY N 308 152.74 70.38 47.49
C GLY N 308 153.81 70.68 46.44
N ILE N 309 153.48 71.40 45.36
CA ILE N 309 154.51 71.57 44.34
C ILE N 309 155.60 72.57 44.71
N ALA N 310 155.28 73.69 45.34
CA ALA N 310 156.33 74.63 45.69
C ALA N 310 157.25 74.05 46.77
N ASP N 311 156.68 73.23 47.65
CA ASP N 311 157.47 72.70 48.75
C ASP N 311 158.30 71.56 48.27
N ARG N 312 157.74 70.79 47.35
CA ARG N 312 158.41 69.65 46.76
C ARG N 312 159.57 70.12 45.88
N MET N 313 159.33 71.16 45.09
CA MET N 313 160.38 71.67 44.24
C MET N 313 161.53 72.24 45.07
N GLN N 314 161.27 72.94 46.19
CA GLN N 314 162.43 73.41 46.93
C GLN N 314 163.23 72.22 47.44
N LYS N 315 162.55 71.16 47.92
CA LYS N 315 163.24 69.96 48.41
C LYS N 315 164.06 69.27 47.33
N GLU N 316 163.45 69.12 46.14
CA GLU N 316 164.03 68.40 45.01
C GLU N 316 165.23 69.13 44.41
N ILE N 317 165.24 70.47 44.43
CA ILE N 317 166.39 71.19 43.87
C ILE N 317 167.45 71.26 44.96
N THR N 318 167.05 71.53 46.21
CA THR N 318 168.00 71.60 47.32
C THR N 318 168.82 70.32 47.37
N ALA N 319 168.17 69.18 47.13
CA ALA N 319 168.78 67.85 47.11
C ALA N 319 169.89 67.69 46.06
N LEU N 320 169.82 68.46 44.96
CA LEU N 320 170.77 68.39 43.86
C LEU N 320 171.83 69.50 43.97
N ALA N 321 171.39 70.63 44.53
CA ALA N 321 172.16 71.84 44.69
C ALA N 321 173.35 71.65 45.64
N PRO N 322 174.46 72.38 45.44
CA PRO N 322 175.63 72.40 46.30
C PRO N 322 175.31 73.14 47.58
N SER N 323 176.18 73.00 48.57
CA SER N 323 176.07 73.72 49.82
C SER N 323 176.40 75.18 49.57
N THR N 324 176.15 76.04 50.58
CA THR N 324 176.34 77.51 50.51
C THR N 324 175.19 78.18 49.75
N MET N 325 174.86 77.66 48.58
CA MET N 325 173.81 78.22 47.76
C MET N 325 172.46 78.20 48.45
N LYS N 326 171.71 79.28 48.24
CA LYS N 326 170.35 79.45 48.74
C LYS N 326 169.36 78.94 47.72
N ILE N 327 168.49 78.01 48.10
CA ILE N 327 167.51 77.49 47.16
C ILE N 327 166.11 77.86 47.59
N LYS N 328 165.43 78.65 46.75
CA LYS N 328 164.09 79.14 47.09
C LYS N 328 163.14 79.23 45.91
N ILE N 329 161.84 79.11 46.20
CA ILE N 329 160.78 79.26 45.21
C ILE N 329 159.90 80.47 45.30
N ILE N 330 159.75 81.06 44.12
CA ILE N 330 158.92 82.21 43.88
C ILE N 330 157.62 81.67 43.30
N ALA N 331 156.50 81.87 43.99
CA ALA N 331 155.22 81.32 43.54
C ALA N 331 154.08 82.26 43.93
N PRO N 332 153.96 83.41 43.26
CA PRO N 332 153.08 84.53 43.57
C PRO N 332 151.63 84.19 43.20
N PRO N 333 150.64 84.95 43.71
CA PRO N 333 149.23 84.89 43.32
C PRO N 333 149.02 85.07 41.82
N GLU N 334 149.92 85.82 41.20
CA GLU N 334 149.87 86.06 39.76
C GLU N 334 150.27 84.78 39.04
N ARG N 335 149.98 83.65 39.66
CA ARG N 335 150.26 82.35 39.09
C ARG N 335 149.31 82.09 37.93
N LYS N 336 149.77 81.25 37.00
CA LYS N 336 148.99 80.88 35.80
C LYS N 336 148.65 82.10 34.93
N TYR N 337 148.50 83.27 35.54
CA TYR N 337 148.24 84.49 34.78
C TYR N 337 149.47 85.41 34.63
N SER N 338 150.62 84.97 35.14
CA SER N 338 151.85 85.76 35.19
C SER N 338 152.46 86.04 33.84
N VAL N 339 152.25 85.17 32.87
CA VAL N 339 152.84 85.44 31.57
C VAL N 339 152.11 86.61 30.93
N TRP N 340 150.78 86.59 31.01
CA TRP N 340 150.01 87.68 30.42
C TRP N 340 150.40 89.00 31.09
N ILE N 341 150.49 88.98 32.42
CA ILE N 341 150.78 90.19 33.18
C ILE N 341 152.14 90.73 32.79
N GLY N 342 153.14 89.87 32.68
CA GLY N 342 154.44 90.37 32.29
C GLY N 342 154.38 91.02 30.92
N GLY N 343 153.54 90.49 30.01
CA GLY N 343 153.38 91.04 28.67
C GLY N 343 152.85 92.47 28.73
N SER N 344 151.94 92.74 29.68
CA SER N 344 151.36 94.07 29.90
C SER N 344 152.44 95.02 30.35
N ILE N 345 153.27 94.54 31.26
CA ILE N 345 154.35 95.34 31.79
C ILE N 345 155.34 95.65 30.70
N LEU N 346 155.76 94.64 29.93
CA LEU N 346 156.76 94.86 28.91
C LEU N 346 156.26 95.74 27.77
N ALA N 347 155.05 95.48 27.28
CA ALA N 347 154.51 96.19 26.13
C ALA N 347 154.43 97.70 26.35
N SER N 348 154.12 98.07 27.60
CA SER N 348 153.97 99.45 28.02
C SER N 348 155.24 100.15 28.54
N LEU N 349 156.39 99.46 28.61
CA LEU N 349 157.58 100.13 29.14
C LEU N 349 158.13 101.12 28.12
N SER N 350 158.60 102.27 28.60
CA SER N 350 159.21 103.27 27.70
C SER N 350 160.51 102.75 27.11
N THR N 351 161.15 101.84 27.83
CA THR N 351 162.43 101.26 27.46
C THR N 351 162.26 100.08 26.52
N PHE N 352 161.02 99.79 26.16
CA PHE N 352 160.67 98.76 25.23
C PHE N 352 160.02 99.34 23.97
N GLN N 353 159.91 100.67 23.84
CA GLN N 353 159.16 101.12 22.68
C GLN N 353 159.90 100.90 21.37
N GLN N 354 161.22 100.89 21.44
CA GLN N 354 162.10 100.69 20.31
C GLN N 354 162.04 99.24 19.81
N MET N 355 161.44 98.33 20.60
CA MET N 355 161.39 96.94 20.22
C MET N 355 160.18 96.61 19.36
N TRP N 356 159.29 97.56 19.13
CA TRP N 356 158.12 97.28 18.33
C TRP N 356 158.45 97.33 16.83
N ILE N 357 158.01 96.30 16.08
CA ILE N 357 158.20 96.26 14.64
C ILE N 357 157.04 97.01 14.07
N THR N 358 157.26 98.02 13.25
CA THR N 358 156.10 98.75 12.74
C THR N 358 155.60 98.16 11.44
N LYS N 359 154.38 98.53 11.03
CA LYS N 359 153.88 98.06 9.74
C LYS N 359 154.40 98.99 8.65
N GLN N 360 155.70 98.95 8.51
CA GLN N 360 156.52 99.68 7.58
C GLN N 360 157.59 98.69 7.22
N GLU N 361 158.35 98.33 8.28
CA GLU N 361 159.42 97.37 8.27
C GLU N 361 158.87 96.02 7.88
N TYR N 362 157.66 95.73 8.38
CA TYR N 362 156.95 94.50 8.08
C TYR N 362 156.75 94.27 6.61
N ASP N 363 156.29 95.26 5.86
CA ASP N 363 156.02 95.00 4.47
C ASP N 363 157.29 95.01 3.66
N GLU N 364 158.27 95.81 4.07
CA GLU N 364 159.53 95.82 3.33
C GLU N 364 160.26 94.47 3.43
N ALA N 365 160.26 93.87 4.63
CA ALA N 365 160.94 92.61 4.88
C ALA N 365 160.06 91.35 4.82
N GLY N 366 158.77 91.49 5.07
CA GLY N 366 157.85 90.36 5.16
C GLY N 366 157.83 89.88 6.62
N PRO N 367 156.93 88.95 6.98
CA PRO N 367 156.70 88.45 8.34
C PRO N 367 157.89 87.79 8.99
N SER N 368 158.87 87.34 8.20
CA SER N 368 160.04 86.69 8.74
C SER N 368 160.88 87.66 9.56
N ILE N 369 160.59 88.97 9.43
CA ILE N 369 161.26 90.05 10.14
C ILE N 369 161.24 89.88 11.64
N VAL N 370 160.22 89.25 12.18
CA VAL N 370 160.17 89.09 13.61
C VAL N 370 161.37 88.29 14.11
N HIS N 371 161.88 87.36 13.30
CA HIS N 371 163.03 86.54 13.62
C HIS N 371 164.31 87.39 13.72
N ARG N 372 164.32 88.54 13.06
CA ARG N 372 165.47 89.42 13.03
C ARG N 372 165.41 90.40 14.19
N LYS N 373 164.19 90.78 14.61
CA LYS N 373 164.03 91.82 15.61
C LYS N 373 163.56 91.47 17.04
N CYS N 374 162.73 90.43 17.26
CA CYS N 374 162.18 90.31 18.61
C CYS N 374 163.16 89.84 19.70
N PHE N 375 164.14 89.04 19.33
CA PHE N 375 165.17 88.52 20.22
C PHE N 375 166.11 87.59 19.48
N ASP O 1 192.88 35.90 19.52
CA ASP O 1 194.16 36.15 20.21
C ASP O 1 195.29 36.34 19.21
N GLU O 2 196.31 37.07 19.62
CA GLU O 2 197.46 37.33 18.75
C GLU O 2 198.51 36.23 18.90
N ASP O 3 199.54 36.28 18.07
CA ASP O 3 200.60 35.28 18.11
C ASP O 3 201.81 35.79 18.89
N GLU O 4 201.68 36.98 19.47
CA GLU O 4 202.76 37.57 20.24
C GLU O 4 202.14 38.40 21.36
N THR O 5 202.86 38.61 22.44
CA THR O 5 202.33 39.41 23.56
C THR O 5 202.45 40.90 23.27
N THR O 6 201.69 41.34 22.27
CA THR O 6 201.66 42.71 21.82
C THR O 6 200.67 43.42 22.68
N ALA O 7 200.85 44.71 22.89
CA ALA O 7 199.89 45.42 23.69
C ALA O 7 198.58 45.59 23.00
N LEU O 8 197.51 45.63 23.75
CA LEU O 8 196.23 45.96 23.15
C LEU O 8 196.14 47.47 23.26
N VAL O 9 195.55 48.12 22.26
CA VAL O 9 195.45 49.58 22.27
C VAL O 9 194.04 50.13 22.14
N CYS O 10 193.65 51.01 23.07
CA CYS O 10 192.34 51.64 22.98
C CYS O 10 192.37 53.15 23.22
N ASP O 11 191.68 53.89 22.35
CA ASP O 11 191.57 55.33 22.46
C ASP O 11 190.27 55.71 23.16
N ASN O 12 190.29 56.08 24.45
CA ASN O 12 189.02 56.23 25.17
C ASN O 12 188.41 57.61 25.06
N GLY O 13 187.70 57.88 23.96
CA GLY O 13 187.16 59.22 23.80
C GLY O 13 185.81 59.39 24.51
N SER O 14 185.32 60.63 24.54
CA SER O 14 184.03 60.97 25.15
C SER O 14 182.88 60.57 24.25
N GLY O 15 183.22 60.28 23.01
CA GLY O 15 182.32 59.88 21.95
C GLY O 15 182.48 58.39 21.74
N LEU O 16 183.47 58.02 20.94
CA LEU O 16 183.85 56.67 20.54
C LEU O 16 185.16 56.15 21.12
N VAL O 17 185.25 54.82 21.22
CA VAL O 17 186.46 54.13 21.62
C VAL O 17 187.03 53.36 20.44
N LYS O 18 188.23 53.72 20.04
CA LYS O 18 188.84 53.00 18.92
C LYS O 18 189.72 51.92 19.48
N ALA O 19 189.62 50.69 18.96
CA ALA O 19 190.45 49.63 19.52
C ALA O 19 191.01 48.65 18.52
N GLY O 20 192.18 48.12 18.82
CA GLY O 20 192.86 47.12 18.02
C GLY O 20 194.11 46.68 18.75
N PHE O 21 195.04 46.02 18.07
CA PHE O 21 196.24 45.57 18.78
C PHE O 21 197.43 46.39 18.31
N ALA O 22 198.43 46.53 19.18
CA ALA O 22 199.62 47.25 18.80
C ALA O 22 200.34 46.55 17.68
N GLY O 23 200.78 47.34 16.74
CA GLY O 23 201.48 46.85 15.57
C GLY O 23 200.57 46.98 14.36
N ASP O 24 199.25 47.15 14.54
CA ASP O 24 198.45 47.32 13.35
C ASP O 24 198.49 48.79 12.96
N ASP O 25 197.83 49.13 11.84
CA ASP O 25 197.75 50.52 11.35
C ASP O 25 196.34 51.08 11.41
N ALA O 26 195.48 50.37 12.11
CA ALA O 26 194.09 50.74 12.25
C ALA O 26 193.50 50.00 13.43
N PRO O 27 192.43 50.49 14.05
CA PRO O 27 191.70 49.78 15.06
C PRO O 27 191.04 48.61 14.36
N ARG O 28 190.81 47.51 15.08
CA ARG O 28 190.14 46.36 14.51
C ARG O 28 188.63 46.56 14.61
N ALA O 29 188.22 47.29 15.63
CA ALA O 29 186.82 47.57 15.87
C ALA O 29 186.69 48.93 16.53
N VAL O 30 185.57 49.59 16.28
CA VAL O 30 185.31 50.86 16.93
C VAL O 30 183.94 50.77 17.58
N PHE O 31 183.87 51.16 18.83
CA PHE O 31 182.66 51.08 19.60
C PHE O 31 182.35 52.47 20.09
N PRO O 32 181.11 52.88 20.28
CA PRO O 32 180.78 54.12 20.93
C PRO O 32 181.08 53.94 22.41
N SER O 33 181.41 55.01 23.14
CA SER O 33 181.61 54.94 24.59
C SER O 33 180.26 55.00 25.27
N ILE O 34 179.42 54.02 24.98
CA ILE O 34 178.05 53.99 25.45
C ILE O 34 177.57 52.75 26.16
N VAL O 35 176.87 53.00 27.26
CA VAL O 35 176.14 51.95 27.93
C VAL O 35 174.66 52.39 27.94
N GLY O 36 173.81 51.57 27.34
CA GLY O 36 172.40 51.94 27.18
C GLY O 36 171.49 51.23 28.16
N ARG O 37 170.45 51.91 28.60
CA ARG O 37 169.50 51.33 29.55
C ARG O 37 168.12 51.16 28.90
N PRO O 38 167.36 50.17 29.38
CA PRO O 38 166.01 49.88 28.85
C PRO O 38 165.00 50.98 29.18
N ARG O 39 164.92 51.36 30.46
CA ARG O 39 164.03 52.42 30.99
C ARG O 39 162.50 52.16 31.04
N HIS O 40 161.92 51.51 30.04
CA HIS O 40 160.49 51.23 30.02
C HIS O 40 160.20 49.85 30.63
N GLN O 41 158.94 49.64 31.02
CA GLN O 41 158.57 48.36 31.62
C GLN O 41 158.33 47.33 30.53
N GLY O 42 158.98 46.16 30.68
CA GLY O 42 158.81 45.08 29.72
C GLY O 42 157.39 44.56 29.81
N VAL O 43 156.81 44.20 28.68
CA VAL O 43 155.46 43.68 28.63
C VAL O 43 155.42 42.20 28.23
N MET O 44 156.25 41.82 27.26
CA MET O 44 156.25 40.45 26.78
C MET O 44 157.24 39.60 27.59
N VAL O 45 156.89 38.34 27.83
CA VAL O 45 157.71 37.38 28.57
C VAL O 45 158.61 36.55 27.65
N GLY O 46 159.89 36.34 28.06
CA GLY O 46 160.81 35.53 27.26
C GLY O 46 161.48 36.30 26.13
N MET O 47 161.61 37.60 26.32
CA MET O 47 162.19 38.51 25.32
C MET O 47 163.67 38.73 25.47
N GLY O 48 164.28 38.06 26.43
CA GLY O 48 165.67 38.36 26.73
C GLY O 48 165.65 39.78 27.25
N GLN O 49 166.46 40.65 26.65
CA GLN O 49 166.58 42.07 27.01
C GLN O 49 167.49 42.26 28.22
N LYS O 50 168.55 43.01 27.99
CA LYS O 50 169.56 43.23 29.00
C LYS O 50 169.20 44.39 29.91
N ASP O 51 169.79 44.42 31.10
CA ASP O 51 169.60 45.53 32.02
C ASP O 51 170.38 46.73 31.52
N SER O 52 171.45 46.43 30.78
CA SER O 52 172.32 47.41 30.19
C SER O 52 172.93 46.82 28.92
N TYR O 53 173.12 47.68 27.92
CA TYR O 53 173.69 47.30 26.64
C TYR O 53 175.02 47.98 26.44
N VAL O 54 175.97 47.31 25.83
CA VAL O 54 177.28 47.94 25.65
C VAL O 54 177.70 48.21 24.20
N GLY O 55 178.23 49.41 23.98
CA GLY O 55 178.79 49.78 22.69
C GLY O 55 177.79 49.79 21.57
N ASP O 56 178.08 49.01 20.55
CA ASP O 56 177.26 48.90 19.38
C ASP O 56 175.93 48.23 19.68
N GLU O 57 175.84 47.48 20.79
CA GLU O 57 174.58 46.88 21.15
C GLU O 57 173.66 47.98 21.64
N ALA O 58 174.26 48.96 22.33
CA ALA O 58 173.51 50.06 22.89
C ALA O 58 172.94 50.92 21.77
N GLN O 59 173.73 51.12 20.70
CA GLN O 59 173.14 51.87 19.60
C GLN O 59 172.15 51.02 18.79
N SER O 60 172.41 49.72 18.62
CA SER O 60 171.54 48.88 17.80
C SER O 60 170.13 48.74 18.36
N LYS O 61 170.02 48.72 19.69
CA LYS O 61 168.76 48.58 20.42
C LYS O 61 168.25 49.91 20.99
N ARG O 62 168.83 51.04 20.52
CA ARG O 62 168.57 52.38 21.04
C ARG O 62 167.15 52.88 21.00
N GLY O 63 166.27 52.27 20.20
CA GLY O 63 164.90 52.78 20.14
C GLY O 63 164.26 52.89 21.53
N ILE O 64 164.62 51.99 22.47
CA ILE O 64 164.07 52.07 23.82
C ILE O 64 165.16 52.29 24.87
N LEU O 65 166.35 52.70 24.47
CA LEU O 65 167.38 52.89 25.48
C LEU O 65 167.75 54.32 25.66
N THR O 66 168.05 54.68 26.89
CA THR O 66 168.64 55.99 27.13
C THR O 66 170.11 55.70 26.94
N LEU O 67 170.83 56.53 26.21
CA LEU O 67 172.25 56.21 26.02
C LEU O 67 173.16 57.15 26.79
N LYS O 68 173.92 56.56 27.71
CA LYS O 68 174.81 57.33 28.56
C LYS O 68 176.26 57.13 28.18
N TYR O 69 177.04 58.20 28.37
CA TYR O 69 178.46 58.19 28.12
C TYR O 69 179.25 58.24 29.44
N PRO O 70 180.03 57.19 29.82
CA PRO O 70 180.84 57.06 31.03
C PRO O 70 181.96 58.10 31.15
N ILE O 71 182.27 58.73 30.00
CA ILE O 71 183.30 59.73 29.86
C ILE O 71 182.70 61.13 29.67
N GLU O 72 183.09 62.03 30.57
CA GLU O 72 182.61 63.39 30.62
C GLU O 72 183.67 64.37 30.17
N HIS O 73 183.59 64.82 28.93
CA HIS O 73 184.56 65.75 28.38
C HIS O 73 186.00 65.29 28.58
N GLY O 74 186.21 64.01 28.33
CA GLY O 74 187.52 63.37 28.42
C GLY O 74 187.81 62.59 29.72
N ILE O 75 187.03 62.76 30.78
CA ILE O 75 187.35 61.99 32.01
C ILE O 75 186.33 60.92 32.35
N ILE O 76 186.83 59.72 32.66
CA ILE O 76 185.94 58.64 33.03
C ILE O 76 185.46 58.88 34.44
N THR O 77 184.15 58.93 34.60
CA THR O 77 183.56 59.12 35.92
C THR O 77 182.82 57.85 36.29
N ASN O 78 182.45 57.05 35.27
CA ASN O 78 181.75 55.81 35.53
C ASN O 78 182.63 54.64 35.11
N TRP O 79 183.43 54.13 36.06
CA TRP O 79 184.39 53.09 35.75
C TRP O 79 183.69 51.78 35.46
N ASP O 80 182.49 51.59 36.02
CA ASP O 80 181.77 50.33 35.84
C ASP O 80 181.37 50.20 34.39
N ASP O 81 180.89 51.29 33.82
CA ASP O 81 180.50 51.22 32.44
C ASP O 81 181.72 51.08 31.55
N MET O 82 182.85 51.73 31.90
CA MET O 82 184.02 51.52 31.06
C MET O 82 184.56 50.10 31.18
N GLU O 83 184.46 49.46 32.35
CA GLU O 83 184.92 48.09 32.46
C GLU O 83 184.14 47.20 31.50
N LYS O 84 182.82 47.43 31.37
CA LYS O 84 182.02 46.66 30.42
C LYS O 84 182.42 46.94 28.98
N ILE O 85 182.70 48.21 28.66
CA ILE O 85 183.13 48.59 27.32
C ILE O 85 184.45 47.94 26.98
N TRP O 86 185.41 47.99 27.89
CA TRP O 86 186.71 47.37 27.69
C TRP O 86 186.57 45.86 27.58
N HIS O 87 185.74 45.23 28.40
CA HIS O 87 185.58 43.79 28.28
C HIS O 87 185.06 43.43 26.92
N HIS O 88 184.01 44.12 26.50
CA HIS O 88 183.40 43.87 25.20
C HIS O 88 184.41 44.13 24.09
N THR O 89 185.10 45.24 24.16
CA THR O 89 186.07 45.61 23.16
C THR O 89 187.17 44.58 22.98
N PHE O 90 187.78 44.18 24.09
CA PHE O 90 188.91 43.29 24.07
C PHE O 90 188.51 41.85 23.81
N TYR O 91 187.42 41.39 24.43
CA TYR O 91 187.01 40.01 24.35
C TYR O 91 186.10 39.63 23.18
N ASN O 92 185.17 40.50 22.74
CA ASN O 92 184.27 40.08 21.68
C ASN O 92 184.77 40.40 20.26
N GLU O 93 185.42 41.56 20.04
CA GLU O 93 185.84 41.88 18.66
C GLU O 93 187.34 41.74 18.44
N LEU O 94 188.15 42.17 19.41
CA LEU O 94 189.60 42.01 19.26
C LEU O 94 189.94 40.55 19.55
N ARG O 95 189.10 39.97 20.40
CA ARG O 95 189.15 38.59 20.89
C ARG O 95 190.47 38.20 21.54
N VAL O 96 190.99 39.13 22.34
CA VAL O 96 192.20 38.91 23.09
C VAL O 96 191.98 39.27 24.54
N ALA O 97 192.28 38.35 25.45
CA ALA O 97 192.13 38.65 26.86
C ALA O 97 193.37 39.40 27.39
N PRO O 98 193.24 40.61 27.98
CA PRO O 98 194.31 41.46 28.51
C PRO O 98 195.18 40.74 29.54
N GLU O 99 194.68 39.68 30.14
CA GLU O 99 195.45 38.95 31.12
C GLU O 99 196.82 38.54 30.57
N GLU O 100 196.90 38.19 29.27
CA GLU O 100 198.16 37.78 28.68
C GLU O 100 198.83 38.84 27.79
N HIS O 101 198.29 40.06 27.79
CA HIS O 101 198.78 41.15 26.93
C HIS O 101 198.83 42.49 27.66
N PRO O 102 199.86 43.32 27.48
CA PRO O 102 199.96 44.64 28.08
C PRO O 102 198.90 45.54 27.44
N THR O 103 198.44 46.58 28.11
CA THR O 103 197.45 47.48 27.48
C THR O 103 197.80 48.95 27.52
N LEU O 104 197.61 49.61 26.38
CA LEU O 104 197.81 51.04 26.27
C LEU O 104 196.46 51.70 26.12
N LEU O 105 196.19 52.64 27.02
CA LEU O 105 194.94 53.39 26.98
C LEU O 105 195.26 54.85 26.84
N THR O 106 194.53 55.54 25.99
CA THR O 106 194.84 56.96 25.84
C THR O 106 193.87 57.83 26.62
N GLU O 107 194.32 59.06 26.86
CA GLU O 107 193.55 60.15 27.46
C GLU O 107 193.94 61.50 26.86
N ALA O 108 193.05 62.47 27.00
CA ALA O 108 193.33 63.80 26.50
C ALA O 108 194.59 64.37 27.20
N PRO O 109 195.43 65.17 26.52
CA PRO O 109 196.68 65.76 27.01
C PRO O 109 196.74 66.49 28.35
N LEU O 110 195.69 67.22 28.73
CA LEU O 110 195.74 67.93 30.01
C LEU O 110 194.66 67.36 30.93
N ASN O 111 194.26 66.12 30.66
CA ASN O 111 193.25 65.39 31.40
C ASN O 111 193.73 65.20 32.85
N PRO O 112 192.90 65.48 33.89
CA PRO O 112 193.24 65.34 35.30
C PRO O 112 193.76 63.95 35.59
N LYS O 113 194.72 63.87 36.51
CA LYS O 113 195.43 62.62 36.87
C LYS O 113 194.50 61.52 37.36
N ALA O 114 193.32 61.89 37.80
CA ALA O 114 192.36 60.92 38.27
C ALA O 114 191.98 59.93 37.17
N ASN O 115 191.99 60.39 35.90
CA ASN O 115 191.58 59.52 34.81
C ASN O 115 192.63 58.47 34.50
N ARG O 116 193.89 58.88 34.45
CA ARG O 116 194.94 57.93 34.14
C ARG O 116 195.10 56.95 35.28
N GLU O 117 194.82 57.41 36.50
CA GLU O 117 194.90 56.57 37.69
C GLU O 117 193.79 55.53 37.67
N LYS O 118 192.56 55.92 37.32
CA LYS O 118 191.49 54.94 37.29
C LYS O 118 191.67 53.96 36.15
N MET O 119 192.16 54.42 34.98
CA MET O 119 192.35 53.49 33.88
C MET O 119 193.39 52.44 34.26
N THR O 120 194.45 52.88 34.95
CA THR O 120 195.51 52.00 35.40
C THR O 120 194.95 50.99 36.39
N GLN O 121 194.13 51.47 37.34
CA GLN O 121 193.58 50.57 38.34
C GLN O 121 192.66 49.52 37.78
N ILE O 122 191.79 49.89 36.85
CA ILE O 122 190.87 48.88 36.36
C ILE O 122 191.60 47.86 35.51
N MET O 123 192.51 48.30 34.64
CA MET O 123 193.15 47.27 33.85
C MET O 123 193.97 46.31 34.70
N PHE O 124 194.60 46.80 35.78
CA PHE O 124 195.35 45.87 36.64
C PHE O 124 194.49 45.05 37.59
N GLU O 125 193.40 45.62 38.13
CA GLU O 125 192.62 44.86 39.10
C GLU O 125 191.41 44.08 38.55
N THR O 126 190.77 44.51 37.45
CA THR O 126 189.62 43.72 37.00
C THR O 126 190.00 42.89 35.77
N PHE O 127 191.01 43.35 35.02
CA PHE O 127 191.45 42.62 33.82
C PHE O 127 192.76 41.84 34.00
N ASN O 128 193.47 42.10 35.09
CA ASN O 128 194.77 41.50 35.41
C ASN O 128 195.79 41.67 34.30
N VAL O 129 195.83 42.85 33.70
CA VAL O 129 196.74 43.11 32.60
C VAL O 129 198.17 43.03 33.16
N PRO O 130 199.15 42.39 32.51
CA PRO O 130 200.52 42.30 32.99
C PRO O 130 201.23 43.66 33.02
N ALA O 131 200.76 44.63 32.23
CA ALA O 131 201.38 45.94 32.23
C ALA O 131 200.46 47.03 31.68
N MET O 132 200.76 48.28 32.06
CA MET O 132 200.02 49.45 31.57
C MET O 132 200.81 50.66 31.12
N TYR O 133 200.26 51.34 30.13
CA TYR O 133 200.77 52.64 29.75
C TYR O 133 199.61 53.57 29.42
N VAL O 134 199.68 54.79 29.92
CA VAL O 134 198.69 55.79 29.58
C VAL O 134 199.32 56.83 28.68
N ALA O 135 198.70 57.03 27.53
CA ALA O 135 199.25 57.93 26.54
C ALA O 135 198.52 59.25 26.36
N ILE O 136 199.29 60.25 25.95
CA ILE O 136 198.78 61.57 25.57
C ILE O 136 198.27 61.48 24.14
N GLN O 137 197.01 61.80 23.89
CA GLN O 137 196.49 61.66 22.52
C GLN O 137 197.26 62.51 21.51
N ALA O 138 197.68 63.68 21.94
CA ALA O 138 198.43 64.58 21.09
C ALA O 138 199.79 64.02 20.66
N VAL O 139 200.48 63.23 21.50
CA VAL O 139 201.78 62.77 21.02
C VAL O 139 201.50 61.67 20.05
N LEU O 140 200.44 60.92 20.33
CA LEU O 140 200.14 59.78 19.49
C LEU O 140 199.84 60.29 18.07
N SER O 141 199.14 61.42 17.99
CA SER O 141 198.82 62.00 16.71
C SER O 141 200.05 62.38 15.91
N LEU O 142 201.02 63.05 16.54
CA LEU O 142 202.17 63.39 15.72
C LEU O 142 202.92 62.14 15.29
N TYR O 143 203.04 61.13 16.16
CA TYR O 143 203.80 59.95 15.77
C TYR O 143 203.13 59.27 14.57
N ALA O 144 201.79 59.22 14.58
CA ALA O 144 201.02 58.62 13.50
C ALA O 144 201.26 59.33 12.17
N SER O 145 201.50 60.65 12.23
CA SER O 145 201.73 61.49 11.06
C SER O 145 203.21 61.61 10.69
N GLY O 146 204.10 60.92 11.43
CA GLY O 146 205.53 60.99 11.16
C GLY O 146 206.22 62.24 11.71
N ARG O 147 205.64 62.85 12.75
CA ARG O 147 206.20 64.06 13.32
C ARG O 147 206.62 63.89 14.76
N THR O 148 207.61 64.68 15.14
CA THR O 148 208.02 64.75 16.53
C THR O 148 207.71 66.15 17.08
N THR O 149 207.47 67.11 16.19
CA THR O 149 207.20 68.47 16.58
C THR O 149 205.97 69.00 15.84
N GLY O 150 205.10 69.72 16.55
CA GLY O 150 203.89 70.33 15.98
C GLY O 150 202.79 70.56 17.01
N ILE O 151 201.83 71.48 16.73
CA ILE O 151 200.67 71.57 17.66
C ILE O 151 199.63 70.59 17.21
N VAL O 152 199.18 69.73 18.08
CA VAL O 152 198.14 68.84 17.63
C VAL O 152 196.78 69.47 17.83
N LEU O 153 196.02 69.43 16.76
CA LEU O 153 194.69 69.99 16.70
C LEU O 153 193.76 68.80 16.93
N ASP O 154 193.31 68.61 18.18
CA ASP O 154 192.57 67.41 18.55
C ASP O 154 191.06 67.56 18.76
N SER O 155 190.49 68.65 18.23
CA SER O 155 189.06 69.07 18.16
C SER O 155 187.93 67.98 18.20
N GLY O 156 187.98 67.04 19.14
CA GLY O 156 187.03 65.92 19.23
C GLY O 156 185.75 66.28 19.96
N ASP O 157 185.02 65.25 20.41
CA ASP O 157 183.70 65.31 21.08
C ASP O 157 183.69 65.92 22.48
N GLY O 158 184.72 65.64 23.26
CA GLY O 158 184.79 66.04 24.65
C GLY O 158 185.37 67.43 24.92
N VAL O 159 186.67 67.51 24.77
CA VAL O 159 187.45 68.71 25.02
C VAL O 159 188.50 68.91 23.93
N THR O 160 188.79 70.17 23.57
CA THR O 160 189.84 70.50 22.60
C THR O 160 191.10 70.90 23.39
N HIS O 161 192.29 70.36 23.08
CA HIS O 161 193.47 70.76 23.88
C HIS O 161 194.51 71.65 23.21
N ASN O 162 194.64 71.59 21.89
CA ASN O 162 195.62 72.40 21.13
C ASN O 162 197.03 72.48 21.74
N VAL O 163 197.53 71.31 22.16
CA VAL O 163 198.84 71.08 22.82
C VAL O 163 200.09 71.15 21.93
N PRO O 164 201.21 71.74 22.45
CA PRO O 164 202.49 71.84 21.75
C PRO O 164 203.44 70.69 22.10
N ILE O 165 203.96 70.02 21.08
CA ILE O 165 204.87 68.89 21.25
C ILE O 165 206.20 69.19 20.56
N TYR O 166 207.31 68.89 21.24
CA TYR O 166 208.64 69.08 20.67
C TYR O 166 209.50 67.84 20.92
N GLU O 167 210.14 67.34 19.85
CA GLU O 167 210.99 66.15 19.93
C GLU O 167 210.30 64.94 20.58
N GLY O 168 209.01 64.75 20.27
CA GLY O 168 208.26 63.60 20.74
C GLY O 168 207.47 63.76 22.05
N TYR O 169 207.66 64.85 22.80
CA TYR O 169 206.95 65.04 24.07
C TYR O 169 206.27 66.42 24.21
N ALA O 170 205.17 66.43 24.97
CA ALA O 170 204.36 67.65 25.20
C ALA O 170 205.05 68.71 26.04
N LEU O 171 204.61 69.95 25.82
CA LEU O 171 205.04 71.15 26.53
C LEU O 171 203.82 71.74 27.27
N PRO O 172 203.46 71.22 28.47
CA PRO O 172 202.22 71.48 29.20
C PRO O 172 201.99 72.92 29.63
N HIS O 173 203.03 73.74 29.72
CA HIS O 173 202.83 75.10 30.17
C HIS O 173 202.08 75.91 29.13
N ALA O 174 202.04 75.40 27.89
CA ALA O 174 201.40 76.08 26.79
C ALA O 174 200.19 75.33 26.25
N ILE O 175 199.58 74.43 27.02
CA ILE O 175 198.38 73.79 26.46
C ILE O 175 197.19 74.71 26.62
N MET O 176 196.54 75.03 25.50
CA MET O 176 195.40 75.94 25.53
C MET O 176 194.08 75.16 25.55
N ARG O 177 193.75 74.60 26.70
CA ARG O 177 192.58 73.75 26.77
C ARG O 177 191.31 74.58 26.58
N LEU O 178 190.44 74.09 25.72
CA LEU O 178 189.19 74.78 25.42
C LEU O 178 187.93 73.96 25.69
N ASP O 179 187.01 74.58 26.42
CA ASP O 179 185.72 73.97 26.76
C ASP O 179 184.69 74.17 25.65
N LEU O 180 185.03 73.65 24.49
CA LEU O 180 184.21 73.59 23.29
C LEU O 180 184.61 72.35 22.52
N ALA O 181 183.63 71.50 22.26
CA ALA O 181 183.89 70.27 21.55
C ALA O 181 182.69 69.75 20.76
N GLY O 182 182.90 68.68 20.02
CA GLY O 182 181.89 68.08 19.14
C GLY O 182 180.56 67.78 19.84
N ARG O 183 180.56 67.47 21.15
CA ARG O 183 179.34 67.22 21.88
C ARG O 183 178.48 68.49 21.97
N ASP O 184 179.13 69.67 21.98
CA ASP O 184 178.45 70.95 22.10
C ASP O 184 177.93 71.29 20.73
N LEU O 185 178.67 70.86 19.71
CA LEU O 185 178.24 71.13 18.35
C LEU O 185 176.95 70.33 18.10
N THR O 186 176.86 69.09 18.62
CA THR O 186 175.63 68.31 18.43
C THR O 186 174.46 69.01 19.10
N ASP O 187 174.67 69.52 20.34
CA ASP O 187 173.58 70.20 21.05
C ASP O 187 173.14 71.48 20.32
N TYR O 188 174.11 72.23 19.79
CA TYR O 188 173.80 73.45 19.07
C TYR O 188 173.00 73.13 17.83
N LEU O 189 173.42 72.08 17.09
CA LEU O 189 172.71 71.71 15.88
C LEU O 189 171.28 71.26 16.25
N MET O 190 171.08 70.55 17.37
CA MET O 190 169.71 70.15 17.73
C MET O 190 168.83 71.41 17.89
N LYS O 191 169.36 72.45 18.54
CA LYS O 191 168.60 73.68 18.74
C LYS O 191 168.34 74.48 17.45
N ILE O 192 169.32 74.60 16.56
CA ILE O 192 169.07 75.38 15.34
C ILE O 192 168.21 74.57 14.34
N LEU O 193 168.25 73.23 14.40
CA LEU O 193 167.38 72.45 13.53
C LEU O 193 165.94 72.53 14.07
N THR O 194 165.81 72.76 15.38
CA THR O 194 164.50 72.96 15.99
C THR O 194 163.92 74.26 15.42
N GLU O 195 164.77 75.29 15.27
CA GLU O 195 164.31 76.56 14.71
C GLU O 195 163.74 76.36 13.29
N ARG O 196 164.28 75.40 12.55
CA ARG O 196 163.83 75.11 11.20
C ARG O 196 162.55 74.25 11.13
N GLY O 197 162.05 73.80 12.29
CA GLY O 197 160.85 72.97 12.33
C GLY O 197 161.08 71.49 12.59
N TYR O 198 162.28 71.09 12.96
CA TYR O 198 162.59 69.70 13.24
C TYR O 198 163.16 69.55 14.62
N SER O 199 162.31 69.49 15.63
CA SER O 199 162.78 69.41 17.00
C SER O 199 163.47 68.08 17.29
N PHE O 200 164.61 68.17 17.99
CA PHE O 200 165.38 67.01 18.44
C PHE O 200 165.67 67.17 19.93
N VAL O 201 165.17 66.24 20.76
CA VAL O 201 165.31 66.29 22.22
C VAL O 201 165.90 65.03 22.89
N THR O 202 165.33 63.88 22.56
CA THR O 202 165.62 62.59 23.23
C THR O 202 166.89 61.96 22.69
N THR O 203 167.38 60.88 23.32
CA THR O 203 168.58 60.20 22.83
C THR O 203 168.47 59.78 21.39
N ALA O 204 167.35 59.18 21.00
CA ALA O 204 167.28 58.74 19.61
C ALA O 204 167.40 59.96 18.69
N GLU O 205 166.77 61.06 19.07
CA GLU O 205 166.82 62.27 18.26
C GLU O 205 168.22 62.89 18.26
N ARG O 206 168.91 62.83 19.40
CA ARG O 206 170.27 63.33 19.55
C ARG O 206 171.25 62.56 18.67
N GLU O 207 171.07 61.24 18.64
CA GLU O 207 171.90 60.37 17.83
C GLU O 207 171.70 60.75 16.37
N ILE O 208 170.45 60.99 15.98
CA ILE O 208 170.18 61.38 14.60
C ILE O 208 170.89 62.69 14.29
N VAL O 209 170.83 63.67 15.18
CA VAL O 209 171.49 64.93 14.90
C VAL O 209 172.98 64.78 14.74
N ARG O 210 173.58 63.87 15.51
CA ARG O 210 175.01 63.61 15.42
C ARG O 210 175.35 63.00 14.06
N ASP O 211 174.37 62.30 13.47
CA ASP O 211 174.57 61.68 12.17
C ASP O 211 174.43 62.74 11.08
N ILE O 212 173.49 63.67 11.29
CA ILE O 212 173.30 64.77 10.36
C ILE O 212 174.57 65.60 10.36
N LYS O 213 175.09 65.91 11.53
CA LYS O 213 176.28 66.71 11.64
C LYS O 213 177.46 66.09 10.88
N GLU O 214 177.69 64.79 11.13
CA GLU O 214 178.81 64.07 10.57
C GLU O 214 178.78 63.94 9.05
N LYS O 215 177.56 63.84 8.47
CA LYS O 215 177.42 63.70 7.03
C LYS O 215 177.09 64.98 6.25
N LEU O 216 176.37 65.93 6.84
CA LEU O 216 175.97 67.15 6.13
C LEU O 216 176.70 68.44 6.47
N CYS O 217 177.30 68.53 7.66
CA CYS O 217 177.86 69.81 8.05
C CYS O 217 179.30 70.03 7.59
N TYR O 218 179.65 71.30 7.48
CA TYR O 218 181.00 71.69 7.05
C TYR O 218 181.41 73.04 7.59
N VAL O 219 182.69 73.37 7.49
CA VAL O 219 183.18 74.65 7.97
C VAL O 219 183.29 75.74 6.90
N ALA O 220 183.85 75.39 5.74
CA ALA O 220 184.11 76.32 4.61
C ALA O 220 185.27 77.27 4.91
N LEU O 221 185.97 77.72 3.87
CA LEU O 221 187.06 78.66 4.08
C LEU O 221 186.61 80.09 4.44
N ASP O 222 185.59 80.61 3.74
CA ASP O 222 185.09 81.96 4.03
C ASP O 222 183.71 81.87 4.64
N PHE O 223 183.62 81.91 5.96
CA PHE O 223 182.32 81.66 6.56
C PHE O 223 181.32 82.78 6.28
N GLU O 224 181.79 84.00 6.06
CA GLU O 224 180.85 85.11 5.84
C GLU O 224 180.17 84.99 4.49
N ASN O 225 180.92 84.52 3.51
CA ASN O 225 180.42 84.41 2.16
C ASN O 225 179.50 83.21 2.04
N GLU O 226 179.87 82.15 2.78
CA GLU O 226 179.11 80.91 2.76
C GLU O 226 177.77 81.18 3.44
N MET O 227 177.82 81.96 4.54
CA MET O 227 176.67 82.35 5.34
C MET O 227 175.71 83.20 4.56
N ALA O 228 176.23 84.25 3.92
CA ALA O 228 175.37 85.12 3.17
C ALA O 228 174.69 84.36 2.05
N THR O 229 175.40 83.43 1.41
CA THR O 229 174.80 82.68 0.32
C THR O 229 173.78 81.67 0.82
N ALA O 230 174.13 80.85 1.82
CA ALA O 230 173.23 79.80 2.28
C ALA O 230 171.97 80.36 2.90
N ALA O 231 172.08 81.52 3.51
CA ALA O 231 170.94 82.15 4.14
C ALA O 231 170.05 82.85 3.10
N SER O 232 170.54 82.97 1.86
CA SER O 232 169.83 83.67 0.81
C SER O 232 169.38 82.74 -0.33
N SER O 233 169.99 81.54 -0.44
CA SER O 233 169.70 80.65 -1.55
C SER O 233 169.76 79.15 -1.27
N SER O 234 168.86 78.44 -1.92
CA SER O 234 168.70 77.00 -1.85
C SER O 234 169.89 76.24 -2.42
N SER O 235 170.78 76.95 -3.12
CA SER O 235 171.94 76.32 -3.74
C SER O 235 172.89 75.71 -2.71
N LEU O 236 172.87 76.16 -1.45
CA LEU O 236 173.74 75.53 -0.46
C LEU O 236 172.98 74.62 0.50
N GLU O 237 171.72 74.29 0.19
CA GLU O 237 170.95 73.40 1.05
C GLU O 237 171.18 71.94 0.71
N LYS O 238 171.12 71.09 1.74
CA LYS O 238 171.23 69.65 1.56
C LYS O 238 170.23 68.86 2.39
N SER O 239 169.61 67.87 1.75
CA SER O 239 168.63 67.00 2.40
C SER O 239 169.27 65.77 3.06
N TYR O 240 168.75 65.43 4.24
CA TYR O 240 169.12 64.25 5.01
C TYR O 240 167.91 63.37 5.33
N GLU O 241 168.07 62.06 5.12
CA GLU O 241 166.99 61.13 5.42
C GLU O 241 167.10 60.63 6.86
N LEU O 242 165.99 60.71 7.59
CA LEU O 242 165.97 60.30 8.97
C LEU O 242 165.46 58.86 9.00
N PRO O 243 165.78 58.07 10.06
CA PRO O 243 165.32 56.70 10.26
C PRO O 243 163.82 56.47 10.12
N ASP O 244 162.98 57.46 10.44
CA ASP O 244 161.55 57.23 10.33
C ASP O 244 160.95 57.67 9.00
N GLY O 245 161.79 58.06 8.04
CA GLY O 245 161.32 58.49 6.75
C GLY O 245 161.18 60.02 6.65
N GLN O 246 161.42 60.75 7.72
CA GLN O 246 161.35 62.19 7.57
C GLN O 246 162.56 62.65 6.79
N VAL O 247 162.42 63.75 6.07
CA VAL O 247 163.56 64.33 5.41
C VAL O 247 163.72 65.76 5.88
N ILE O 248 164.94 66.08 6.30
CA ILE O 248 165.27 67.42 6.78
C ILE O 248 166.18 68.09 5.79
N THR O 249 165.88 69.33 5.44
CA THR O 249 166.76 70.04 4.53
C THR O 249 167.34 71.18 5.32
N ILE O 250 168.68 71.27 5.30
CA ILE O 250 169.44 72.22 6.09
C ILE O 250 170.23 73.20 5.22
N GLY O 251 170.12 74.50 5.54
CA GLY O 251 170.77 75.61 4.82
C GLY O 251 171.97 76.17 5.57
N ASN O 252 171.92 77.43 5.99
CA ASN O 252 173.08 78.01 6.65
C ASN O 252 173.46 77.32 7.97
N GLU O 253 172.49 76.67 8.60
CA GLU O 253 172.69 75.93 9.84
C GLU O 253 173.71 74.79 9.66
N ARG O 254 173.85 74.36 8.39
CA ARG O 254 174.72 73.29 7.93
C ARG O 254 176.17 73.62 8.25
N PHE O 255 176.49 74.91 8.26
CA PHE O 255 177.84 75.36 8.53
C PHE O 255 177.89 76.26 9.76
N ARG O 256 176.74 76.81 10.17
CA ARG O 256 176.75 77.68 11.35
C ARG O 256 177.09 76.90 12.59
N CYS O 257 176.63 75.66 12.67
CA CYS O 257 177.01 74.88 13.83
C CYS O 257 178.54 74.71 13.93
N PRO O 258 179.25 74.12 12.93
CA PRO O 258 180.71 74.00 12.86
C PRO O 258 181.45 75.30 13.09
N GLU O 259 180.86 76.45 12.73
CA GLU O 259 181.50 77.74 12.95
C GLU O 259 181.75 78.01 14.42
N THR O 260 181.07 77.29 15.33
CA THR O 260 181.19 77.44 16.78
C THR O 260 182.63 77.10 17.21
N LEU O 261 183.33 76.32 16.38
CA LEU O 261 184.71 75.97 16.62
C LEU O 261 185.58 77.22 16.53
N PHE O 262 185.15 78.19 15.71
CA PHE O 262 185.88 79.41 15.48
C PHE O 262 185.18 80.55 16.24
N GLN O 263 183.92 80.30 16.61
CA GLN O 263 183.11 81.25 17.38
C GLN O 263 182.31 80.49 18.46
N PRO O 264 182.96 80.15 19.59
CA PRO O 264 182.44 79.40 20.74
C PRO O 264 181.34 80.14 21.50
N SER O 265 181.22 81.44 21.23
CA SER O 265 180.21 82.26 21.86
C SER O 265 178.81 81.80 21.44
N PHE O 266 178.73 81.04 20.34
CA PHE O 266 177.46 80.54 19.83
C PHE O 266 176.79 79.58 20.82
N ILE O 267 177.58 78.97 21.71
CA ILE O 267 177.05 78.04 22.69
C ILE O 267 177.27 78.56 24.12
N GLY O 268 177.61 79.85 24.26
CA GLY O 268 177.84 80.46 25.56
C GLY O 268 179.28 80.38 26.12
N MET O 269 180.27 80.08 25.30
CA MET O 269 181.65 79.99 25.77
C MET O 269 182.42 81.27 25.49
N GLU O 270 183.21 81.73 26.45
CA GLU O 270 184.05 82.89 26.23
C GLU O 270 185.42 82.42 25.74
N SER O 271 185.61 82.51 24.44
CA SER O 271 186.80 82.02 23.76
C SER O 271 187.03 82.67 22.41
N ALA O 272 188.29 82.68 22.00
CA ALA O 272 188.68 83.22 20.71
C ALA O 272 188.57 82.22 19.55
N GLY O 273 188.25 80.96 19.85
CA GLY O 273 188.15 79.94 18.81
C GLY O 273 189.42 79.09 18.67
N ILE O 274 189.29 77.94 18.00
CA ILE O 274 190.38 76.97 17.89
C ILE O 274 191.62 77.48 17.12
N HIS O 275 191.46 78.43 16.20
CA HIS O 275 192.63 78.95 15.52
C HIS O 275 193.48 79.85 16.41
N GLU O 276 192.86 80.49 17.41
CA GLU O 276 193.63 81.37 18.25
C GLU O 276 194.23 80.57 19.34
N THR O 277 193.51 79.56 19.82
CA THR O 277 194.10 78.77 20.88
C THR O 277 195.31 78.02 20.30
N THR O 278 195.28 77.65 19.01
CA THR O 278 196.45 77.02 18.39
C THR O 278 197.60 78.03 18.37
N TYR O 279 197.30 79.25 17.95
CA TYR O 279 198.27 80.32 17.88
C TYR O 279 198.92 80.63 19.24
N ASN O 280 198.11 80.71 20.29
CA ASN O 280 198.63 81.01 21.61
C ASN O 280 199.48 79.86 22.16
N SER O 281 199.12 78.61 21.86
CA SER O 281 199.94 77.49 22.33
C SER O 281 201.34 77.61 21.76
N ILE O 282 201.40 78.02 20.50
CA ILE O 282 202.66 78.18 19.80
C ILE O 282 203.43 79.38 20.34
N MET O 283 202.73 80.50 20.52
CA MET O 283 203.28 81.76 20.99
C MET O 283 203.97 81.64 22.35
N LYS O 284 203.48 80.76 23.22
CA LYS O 284 204.07 80.59 24.54
C LYS O 284 205.29 79.66 24.55
N CYS O 285 205.59 79.04 23.42
CA CYS O 285 206.70 78.10 23.30
C CYS O 285 207.98 78.81 22.85
N ASP O 286 209.12 78.15 23.07
CA ASP O 286 210.44 78.72 22.74
C ASP O 286 210.55 79.19 21.29
N ILE O 287 211.30 80.27 21.10
CA ILE O 287 211.47 80.87 19.79
C ILE O 287 212.05 79.90 18.74
N ASP O 288 212.86 78.92 19.16
CA ASP O 288 213.42 77.97 18.20
C ASP O 288 212.56 76.71 18.05
N ILE O 289 211.45 76.65 18.78
CA ILE O 289 210.51 75.54 18.73
C ILE O 289 209.29 75.94 17.92
N ARG O 290 208.80 77.14 18.18
CA ARG O 290 207.61 77.69 17.53
C ARG O 290 207.61 77.68 16.00
N LYS O 291 208.77 77.78 15.36
CA LYS O 291 208.77 77.81 13.91
C LYS O 291 208.24 76.49 13.34
N ASP O 292 208.50 75.40 14.08
CA ASP O 292 208.14 74.04 13.72
C ASP O 292 206.76 73.72 14.23
N LEU O 293 206.38 74.34 15.35
CA LEU O 293 205.05 74.06 15.85
C LEU O 293 204.02 74.60 14.85
N TYR O 294 204.29 75.80 14.31
CA TYR O 294 203.39 76.43 13.34
C TYR O 294 203.31 75.65 12.04
N ALA O 295 204.44 75.09 11.60
CA ALA O 295 204.57 74.37 10.34
C ALA O 295 204.05 72.94 10.37
N ASN O 296 203.64 72.43 11.53
CA ASN O 296 203.20 71.06 11.61
C ASN O 296 201.94 70.93 12.43
N ASN O 297 200.89 71.66 12.07
CA ASN O 297 199.72 71.56 12.91
C ASN O 297 198.90 70.35 12.47
N VAL O 298 199.27 69.21 13.03
CA VAL O 298 198.72 67.90 12.72
C VAL O 298 197.36 67.66 13.34
N MET O 299 196.41 67.26 12.50
CA MET O 299 195.05 67.02 12.96
C MET O 299 194.75 65.61 13.44
N SER O 300 193.94 65.54 14.49
CA SER O 300 193.51 64.30 15.10
C SER O 300 192.12 64.49 15.66
N GLY O 301 191.47 63.38 15.95
CA GLY O 301 190.16 63.44 16.58
C GLY O 301 189.05 63.82 15.60
N GLY O 302 187.92 64.15 16.18
CA GLY O 302 186.71 64.48 15.46
C GLY O 302 186.72 65.88 14.91
N THR O 303 185.70 66.22 14.13
CA THR O 303 185.55 67.55 13.48
C THR O 303 186.62 67.82 12.39
N THR O 304 187.66 66.99 12.33
CA THR O 304 188.76 67.09 11.40
C THR O 304 188.29 66.67 10.02
N MET O 305 187.14 66.03 10.01
CA MET O 305 186.51 65.54 8.83
C MET O 305 185.42 66.49 8.32
N TYR O 306 185.39 67.75 8.81
CA TYR O 306 184.49 68.74 8.22
C TYR O 306 185.15 69.32 6.97
N PRO O 307 184.48 69.42 5.82
CA PRO O 307 185.01 70.07 4.65
C PRO O 307 185.36 71.52 4.96
N GLY O 308 186.53 71.95 4.52
CA GLY O 308 186.98 73.32 4.70
C GLY O 308 187.60 73.62 6.07
N ILE O 309 187.64 72.64 7.00
CA ILE O 309 188.19 73.00 8.31
C ILE O 309 189.69 73.15 8.30
N ALA O 310 190.40 72.31 7.55
CA ALA O 310 191.85 72.41 7.53
C ALA O 310 192.27 73.75 6.94
N ASP O 311 191.50 74.23 5.97
CA ASP O 311 191.85 75.45 5.28
C ASP O 311 191.40 76.66 6.09
N ARG O 312 190.28 76.53 6.78
CA ARG O 312 189.76 77.61 7.62
C ARG O 312 190.72 77.87 8.77
N MET O 313 191.26 76.80 9.36
CA MET O 313 192.19 76.94 10.45
C MET O 313 193.52 77.49 9.96
N GLN O 314 194.00 77.06 8.79
CA GLN O 314 195.30 77.55 8.37
C GLN O 314 195.23 79.03 8.05
N LYS O 315 194.12 79.48 7.42
CA LYS O 315 193.97 80.88 7.08
C LYS O 315 194.00 81.75 8.33
N GLU O 316 193.26 81.33 9.38
CA GLU O 316 193.22 82.14 10.58
C GLU O 316 194.54 82.09 11.35
N ILE O 317 195.21 80.94 11.38
CA ILE O 317 196.46 80.83 12.09
C ILE O 317 197.50 81.67 11.39
N THR O 318 197.54 81.59 10.05
CA THR O 318 198.49 82.33 9.25
C THR O 318 198.31 83.82 9.51
N ALA O 319 197.05 84.28 9.58
CA ALA O 319 196.76 85.69 9.85
C ALA O 319 197.28 86.16 11.22
N LEU O 320 197.23 85.28 12.23
CA LEU O 320 197.69 85.64 13.57
C LEU O 320 199.21 85.47 13.74
N ALA O 321 199.76 84.47 13.06
CA ALA O 321 201.16 84.09 13.14
C ALA O 321 202.11 85.15 12.57
N PRO O 322 203.33 85.26 13.12
CA PRO O 322 204.40 86.13 12.66
C PRO O 322 205.06 85.57 11.40
N SER O 323 205.77 86.45 10.70
CA SER O 323 206.60 86.09 9.56
C SER O 323 207.83 85.36 10.07
N THR O 324 208.66 84.80 9.17
CA THR O 324 209.87 84.00 9.51
C THR O 324 209.48 82.55 9.86
N MET O 325 208.51 82.43 10.74
CA MET O 325 207.95 81.17 11.22
C MET O 325 207.13 80.57 10.06
N LYS O 326 206.98 79.24 9.98
CA LYS O 326 206.20 78.73 8.84
C LYS O 326 204.90 78.14 9.31
N ILE O 327 203.81 78.43 8.61
CA ILE O 327 202.50 77.94 9.03
C ILE O 327 201.92 76.92 8.06
N LYS O 328 201.57 75.75 8.58
CA LYS O 328 200.93 74.72 7.76
C LYS O 328 200.10 73.72 8.57
N ILE O 329 198.91 73.38 8.06
CA ILE O 329 198.10 72.34 8.67
C ILE O 329 198.28 71.03 7.96
N ILE O 330 198.49 70.00 8.75
CA ILE O 330 198.73 68.70 8.19
C ILE O 330 197.42 67.92 8.37
N ALA O 331 196.82 67.52 7.25
CA ALA O 331 195.53 66.85 7.29
C ALA O 331 195.59 65.52 6.53
N PRO O 332 196.26 64.50 7.08
CA PRO O 332 196.52 63.23 6.45
C PRO O 332 195.23 62.40 6.42
N PRO O 333 195.14 61.36 5.58
CA PRO O 333 194.09 60.35 5.56
C PRO O 333 193.89 59.68 6.92
N GLU O 334 194.98 59.60 7.67
CA GLU O 334 194.97 59.01 9.00
C GLU O 334 194.31 59.98 9.96
N ARG O 335 193.41 60.80 9.41
CA ARG O 335 192.68 61.79 10.21
C ARG O 335 191.69 61.05 11.10
N LYS O 336 191.42 61.62 12.26
CA LYS O 336 190.52 61.04 13.29
C LYS O 336 191.03 59.69 13.81
N TYR O 337 191.71 58.91 12.97
CA TYR O 337 192.27 57.65 13.42
C TYR O 337 193.74 57.79 13.83
N SER O 338 194.27 59.03 13.79
CA SER O 338 195.68 59.31 14.07
C SER O 338 196.03 59.08 15.54
N VAL O 339 195.05 59.18 16.43
CA VAL O 339 195.35 58.91 17.83
C VAL O 339 195.51 57.41 18.05
N TRP O 340 194.59 56.61 17.50
CA TRP O 340 194.71 55.17 17.70
C TRP O 340 196.03 54.67 17.13
N ILE O 341 196.37 55.13 15.91
CA ILE O 341 197.56 54.69 15.23
C ILE O 341 198.78 55.03 16.05
N GLY O 342 198.83 56.24 16.60
CA GLY O 342 199.96 56.56 17.44
C GLY O 342 200.04 55.63 18.65
N GLY O 343 198.89 55.18 19.20
CA GLY O 343 198.89 54.28 20.36
C GLY O 343 199.60 52.98 20.00
N SER O 344 199.35 52.49 18.79
CA SER O 344 199.98 51.28 18.26
C SER O 344 201.49 51.50 18.22
N ILE O 345 201.87 52.68 17.73
CA ILE O 345 203.28 53.04 17.62
C ILE O 345 203.95 53.13 18.99
N LEU O 346 203.35 53.81 19.97
CA LEU O 346 204.01 53.93 21.27
C LEU O 346 204.11 52.64 22.00
N ALA O 347 203.12 51.78 21.87
CA ALA O 347 203.22 50.53 22.57
C ALA O 347 204.46 49.77 22.11
N SER O 348 204.77 49.84 20.79
CA SER O 348 205.91 49.17 20.19
C SER O 348 207.24 49.97 20.11
N LEU O 349 207.20 51.31 20.25
CA LEU O 349 208.46 52.09 20.16
C LEU O 349 209.43 51.73 21.25
N SER O 350 210.70 51.61 20.88
CA SER O 350 211.75 51.26 21.83
C SER O 350 211.92 52.29 22.94
N THR O 351 211.63 53.56 22.64
CA THR O 351 211.80 54.64 23.59
C THR O 351 210.73 54.65 24.67
N PHE O 352 209.66 53.89 24.44
CA PHE O 352 208.56 53.78 25.38
C PHE O 352 208.54 52.41 26.07
N GLN O 353 209.56 51.56 25.87
CA GLN O 353 209.47 50.23 26.47
C GLN O 353 209.68 50.25 27.97
N GLN O 354 210.37 51.27 28.46
CA GLN O 354 210.63 51.39 29.88
C GLN O 354 209.52 52.16 30.57
N MET O 355 208.51 52.61 29.79
CA MET O 355 207.40 53.37 30.34
C MET O 355 206.26 52.48 30.78
N TRP O 356 206.39 51.18 30.55
CA TRP O 356 205.32 50.26 30.91
C TRP O 356 205.36 49.98 32.41
N ILE O 357 204.20 50.09 33.05
CA ILE O 357 204.04 49.81 34.47
C ILE O 357 203.85 48.34 34.53
N THR O 358 204.63 47.59 35.29
CA THR O 358 204.38 46.15 35.29
C THR O 358 203.37 45.80 36.39
N LYS O 359 202.76 44.61 36.33
CA LYS O 359 201.87 44.23 37.43
C LYS O 359 202.68 43.59 38.55
N GLN O 360 203.52 44.43 39.12
CA GLN O 360 204.40 44.22 40.24
C GLN O 360 204.53 45.60 40.80
N GLU O 361 205.04 46.50 39.95
CA GLU O 361 205.25 47.89 40.34
C GLU O 361 203.92 48.49 40.74
N TYR O 362 202.88 48.10 40.00
CA TYR O 362 201.52 48.50 40.24
C TYR O 362 201.04 48.16 41.64
N ASP O 363 201.30 46.95 42.12
CA ASP O 363 200.71 46.57 43.39
C ASP O 363 201.53 47.14 44.51
N GLU O 364 202.83 47.30 44.29
CA GLU O 364 203.69 47.86 45.32
C GLU O 364 203.34 49.34 45.57
N ALA O 365 203.07 50.08 44.48
CA ALA O 365 202.76 51.52 44.55
C ALA O 365 201.28 51.90 44.49
N GLY O 366 200.45 51.08 43.87
CA GLY O 366 199.05 51.40 43.65
C GLY O 366 198.97 52.14 42.30
N PRO O 367 197.77 52.44 41.79
CA PRO O 367 197.49 53.04 40.48
C PRO O 367 198.04 54.43 40.27
N SER O 368 198.37 55.14 41.36
CA SER O 368 198.89 56.50 41.28
C SER O 368 200.26 56.50 40.63
N ILE O 369 200.87 55.31 40.52
CA ILE O 369 202.16 55.07 39.90
C ILE O 369 202.22 55.57 38.47
N VAL O 370 201.07 55.61 37.82
CA VAL O 370 200.97 56.06 36.44
C VAL O 370 201.45 57.48 36.28
N HIS O 371 201.31 58.29 37.34
CA HIS O 371 201.69 59.68 37.37
C HIS O 371 203.21 59.84 37.31
N ARG O 372 203.94 58.81 37.72
CA ARG O 372 205.38 58.87 37.73
C ARG O 372 205.97 58.13 36.51
N LYS O 373 205.28 57.06 36.09
CA LYS O 373 205.75 56.20 35.01
C LYS O 373 205.42 56.58 33.56
N CYS O 374 204.30 57.25 33.27
CA CYS O 374 203.98 57.39 31.84
C CYS O 374 204.37 58.70 31.13
N PHE O 375 204.37 59.82 31.83
CA PHE O 375 204.65 61.13 31.25
C PHE O 375 204.56 62.25 32.29
N LEU P 13 -208.11 -56.39 -5.71
CA LEU P 13 -206.96 -55.94 -4.93
C LEU P 13 -206.06 -57.04 -4.41
N LYS P 14 -206.46 -58.31 -4.43
CA LYS P 14 -205.53 -59.29 -3.86
C LYS P 14 -204.17 -59.25 -4.52
N LEU P 15 -204.13 -59.04 -5.83
CA LEU P 15 -202.84 -59.02 -6.52
C LEU P 15 -202.01 -57.83 -6.10
N ASP P 16 -202.66 -56.72 -5.80
CA ASP P 16 -201.93 -55.52 -5.45
C ASP P 16 -201.49 -55.65 -4.02
N LYS P 17 -202.31 -56.29 -3.21
CA LYS P 17 -201.95 -56.48 -1.83
C LYS P 17 -200.81 -57.42 -1.73
N GLU P 18 -200.89 -58.50 -2.50
CA GLU P 18 -199.86 -59.52 -2.53
C GLU P 18 -198.55 -58.96 -3.06
N ASN P 19 -198.61 -58.08 -4.06
CA ASN P 19 -197.37 -57.54 -4.56
C ASN P 19 -196.82 -56.54 -3.54
N ALA P 20 -197.72 -55.72 -2.97
CA ALA P 20 -197.35 -54.74 -1.99
C ALA P 20 -196.82 -55.41 -0.75
N LEU P 21 -197.39 -56.56 -0.39
CA LEU P 21 -197.05 -57.35 0.77
C LEU P 21 -195.76 -58.10 0.58
N ASP P 22 -195.53 -58.70 -0.59
CA ASP P 22 -194.25 -59.35 -0.74
C ASP P 22 -193.20 -58.29 -0.64
N ARG P 23 -193.49 -57.11 -1.16
CA ARG P 23 -192.57 -56.02 -1.03
C ARG P 23 -192.57 -55.50 0.40
N ALA P 24 -193.69 -55.47 1.10
CA ALA P 24 -193.67 -54.97 2.46
C ALA P 24 -192.82 -55.81 3.34
N GLU P 25 -192.96 -57.11 3.19
CA GLU P 25 -192.24 -58.02 4.02
C GLU P 25 -190.81 -58.14 3.57
N GLN P 26 -190.57 -58.13 2.26
CA GLN P 26 -189.19 -58.24 1.85
C GLN P 26 -188.48 -56.95 2.17
N ALA P 27 -189.14 -55.81 1.97
CA ALA P 27 -188.54 -54.52 2.23
C ALA P 27 -188.27 -54.37 3.69
N GLU P 28 -189.17 -54.89 4.55
CA GLU P 28 -188.96 -54.80 5.99
C GLU P 28 -187.82 -55.73 6.35
N ALA P 29 -187.76 -56.90 5.72
CA ALA P 29 -186.68 -57.84 5.97
C ALA P 29 -185.36 -57.26 5.50
N ASP P 30 -185.40 -56.55 4.38
CA ASP P 30 -184.22 -55.94 3.80
C ASP P 30 -183.85 -54.69 4.55
N LYS P 31 -184.82 -53.96 5.10
CA LYS P 31 -184.46 -52.75 5.81
C LYS P 31 -183.89 -53.21 7.10
N LYS P 32 -184.37 -54.34 7.63
CA LYS P 32 -183.81 -54.84 8.83
C LYS P 32 -182.41 -55.29 8.51
N ALA P 33 -182.24 -56.01 7.39
CA ALA P 33 -180.92 -56.43 7.02
C ALA P 33 -180.02 -55.23 6.81
N ALA P 34 -180.53 -54.15 6.22
CA ALA P 34 -179.71 -52.97 5.98
C ALA P 34 -179.35 -52.31 7.29
N GLU P 35 -180.28 -52.26 8.25
CA GLU P 35 -180.02 -51.69 9.55
C GLU P 35 -179.06 -52.58 10.32
N ASP P 36 -179.18 -53.90 10.18
CA ASP P 36 -178.30 -54.82 10.86
C ASP P 36 -176.94 -54.83 10.20
N ARG P 37 -176.89 -54.69 8.87
CA ARG P 37 -175.61 -54.65 8.20
C ARG P 37 -174.95 -53.35 8.50
N SER P 38 -175.70 -52.25 8.48
CA SER P 38 -175.10 -50.98 8.80
C SER P 38 -174.80 -50.90 10.27
N LYS P 39 -175.56 -51.58 11.12
CA LYS P 39 -175.22 -51.58 12.52
C LYS P 39 -173.98 -52.40 12.75
N GLN P 40 -173.89 -53.57 12.13
CA GLN P 40 -172.73 -54.39 12.37
C GLN P 40 -171.54 -53.70 11.77
N LEU P 41 -171.68 -53.07 10.62
CA LEU P 41 -170.56 -52.37 10.03
C LEU P 41 -170.20 -51.20 10.87
N GLU P 42 -171.17 -50.47 11.43
CA GLU P 42 -170.83 -49.35 12.27
C GLU P 42 -170.09 -49.85 13.49
N ASP P 43 -170.52 -50.97 14.07
CA ASP P 43 -169.84 -51.47 15.24
C ASP P 43 -168.47 -51.99 14.86
N GLU P 44 -168.34 -52.61 13.68
CA GLU P 44 -167.07 -53.10 13.21
C GLU P 44 -166.24 -51.93 12.77
N LEU P 45 -166.86 -50.88 12.24
CA LEU P 45 -166.16 -49.70 11.79
C LEU P 45 -165.52 -49.08 13.00
N VAL P 46 -166.28 -49.04 14.10
CA VAL P 46 -165.77 -48.53 15.35
C VAL P 46 -164.69 -49.46 15.86
N SER P 47 -164.88 -50.78 15.78
CA SER P 47 -163.82 -51.67 16.22
C SER P 47 -162.58 -51.44 15.38
N LEU P 48 -162.74 -51.19 14.08
CA LEU P 48 -161.59 -50.92 13.24
C LEU P 48 -161.01 -49.55 13.56
N GLN P 49 -161.86 -48.59 13.94
CA GLN P 49 -161.38 -47.25 14.30
C GLN P 49 -160.58 -47.30 15.58
N LYS P 50 -161.03 -48.13 16.52
CA LYS P 50 -160.36 -48.31 17.79
C LYS P 50 -159.10 -49.11 17.61
N LYS P 51 -159.15 -50.13 16.76
CA LYS P 51 -157.98 -50.93 16.47
C LYS P 51 -157.00 -50.08 15.69
N LEU P 52 -157.49 -49.20 14.81
CA LEU P 52 -156.63 -48.27 14.11
C LEU P 52 -156.06 -47.30 15.10
N LYS P 53 -156.86 -46.77 16.02
CA LYS P 53 -156.28 -45.85 16.97
C LYS P 53 -155.20 -46.59 17.72
N GLY P 54 -155.46 -47.87 18.02
CA GLY P 54 -154.51 -48.72 18.69
C GLY P 54 -153.24 -48.80 17.85
N THR P 55 -153.33 -49.14 16.56
CA THR P 55 -152.11 -49.25 15.77
C THR P 55 -151.46 -47.88 15.60
N GLU P 56 -152.22 -46.78 15.54
CA GLU P 56 -151.62 -45.46 15.41
C GLU P 56 -150.86 -45.10 16.68
N ASP P 57 -151.41 -45.43 17.85
CA ASP P 57 -150.73 -45.14 19.09
C ASP P 57 -149.54 -46.05 19.25
N GLU P 58 -149.69 -47.32 18.85
CA GLU P 58 -148.58 -48.25 18.96
C GLU P 58 -147.51 -47.82 17.97
N LEU P 59 -147.93 -47.29 16.82
CA LEU P 59 -147.04 -46.83 15.78
C LEU P 59 -146.27 -45.68 16.30
N ASP P 60 -146.94 -44.72 16.93
CA ASP P 60 -146.18 -43.62 17.46
C ASP P 60 -145.26 -44.15 18.53
N LYS P 61 -145.70 -45.10 19.35
CA LYS P 61 -144.79 -45.62 20.34
C LYS P 61 -143.59 -46.34 19.73
N TYR P 62 -143.78 -47.09 18.65
CA TYR P 62 -142.67 -47.79 18.02
C TYR P 62 -141.78 -46.83 17.25
N SER P 63 -142.40 -45.82 16.65
CA SER P 63 -141.73 -44.79 15.88
C SER P 63 -140.90 -43.94 16.80
N GLU P 64 -141.46 -43.62 17.98
CA GLU P 64 -140.78 -42.85 18.99
C GLU P 64 -139.75 -43.73 19.68
N ALA P 65 -140.10 -44.98 20.00
CA ALA P 65 -139.14 -45.85 20.62
C ALA P 65 -137.99 -46.00 19.67
N LEU P 66 -138.30 -46.01 18.37
CA LEU P 66 -137.31 -46.05 17.35
C LEU P 66 -136.56 -44.77 17.25
N LYS P 67 -137.21 -43.61 17.25
CA LYS P 67 -136.39 -42.42 17.10
C LYS P 67 -135.42 -42.36 18.26
N ASP P 68 -135.84 -42.87 19.44
CA ASP P 68 -134.99 -42.86 20.59
C ASP P 68 -133.96 -43.97 20.53
N ALA P 69 -134.32 -45.17 20.06
CA ALA P 69 -133.31 -46.22 19.96
C ALA P 69 -132.32 -45.82 18.90
N GLN P 70 -132.82 -45.20 17.85
CA GLN P 70 -132.06 -44.74 16.73
C GLN P 70 -131.22 -43.55 17.12
N GLU P 71 -131.73 -42.63 17.94
CA GLU P 71 -130.93 -41.49 18.36
C GLU P 71 -129.89 -41.98 19.32
N LYS P 72 -130.27 -42.86 20.24
CA LYS P 72 -129.32 -43.41 21.16
C LYS P 72 -128.28 -44.16 20.34
N LEU P 73 -128.71 -44.82 19.26
CA LEU P 73 -127.80 -45.48 18.34
C LEU P 73 -126.93 -44.50 17.63
N GLU P 74 -127.45 -43.38 17.16
CA GLU P 74 -126.57 -42.46 16.47
C GLU P 74 -125.57 -41.92 17.46
N LEU P 75 -125.99 -41.72 18.70
CA LEU P 75 -125.13 -41.25 19.75
C LEU P 75 -124.14 -42.32 20.20
N ALA P 76 -124.56 -43.58 20.22
CA ALA P 76 -123.69 -44.70 20.59
C ALA P 76 -122.75 -45.00 19.46
N GLU P 77 -123.22 -44.81 18.24
CA GLU P 77 -122.44 -45.01 17.05
C GLU P 77 -121.47 -43.88 16.98
N LYS P 78 -121.92 -42.67 17.33
CA LYS P 78 -121.04 -41.53 17.38
C LYS P 78 -120.04 -41.75 18.46
N LYS P 79 -120.48 -42.20 19.63
CA LYS P 79 -119.55 -42.48 20.69
C LYS P 79 -118.55 -43.48 20.20
N ALA P 80 -118.99 -44.52 19.51
CA ALA P 80 -118.09 -45.50 18.96
C ALA P 80 -117.21 -44.91 17.90
N THR P 81 -117.74 -44.01 17.08
CA THR P 81 -116.99 -43.37 16.00
C THR P 81 -115.91 -42.51 16.56
N ASP P 82 -116.24 -41.76 17.59
CA ASP P 82 -115.32 -40.86 18.23
C ASP P 82 -114.39 -41.66 19.11
N ALA P 83 -114.90 -42.70 19.76
CA ALA P 83 -114.06 -43.53 20.60
C ALA P 83 -113.09 -44.23 19.71
N GLU P 84 -113.56 -44.66 18.53
CA GLU P 84 -112.75 -45.32 17.53
C GLU P 84 -111.84 -44.31 16.90
N ALA P 85 -112.31 -43.07 16.71
CA ALA P 85 -111.44 -42.07 16.17
C ALA P 85 -110.29 -41.95 17.13
N ASP P 86 -110.58 -42.06 18.42
CA ASP P 86 -109.56 -42.07 19.41
C ASP P 86 -108.88 -43.41 19.53
N VAL P 87 -109.51 -44.55 19.26
CA VAL P 87 -108.73 -45.77 19.31
C VAL P 87 -107.63 -45.60 18.29
N ALA P 88 -108.00 -45.08 17.13
CA ALA P 88 -107.06 -44.81 16.07
C ALA P 88 -106.10 -43.68 16.41
N SER P 89 -106.55 -42.59 17.05
CA SER P 89 -105.63 -41.50 17.35
C SER P 89 -104.68 -41.95 18.41
N LEU P 90 -105.14 -42.82 19.28
CA LEU P 90 -104.31 -43.37 20.31
C LEU P 90 -103.40 -44.34 19.67
N ASN P 91 -103.86 -45.17 18.74
CA ASN P 91 -102.93 -46.08 18.12
C ASN P 91 -101.91 -45.33 17.33
N ARG P 92 -102.28 -44.20 16.75
CA ARG P 92 -101.29 -43.44 16.04
C ARG P 92 -100.29 -42.89 17.03
N ARG P 93 -100.75 -42.36 18.16
CA ARG P 93 -99.81 -41.83 19.14
C ARG P 93 -99.01 -42.95 19.76
N ILE P 94 -99.59 -44.12 19.94
CA ILE P 94 -98.91 -45.23 20.53
C ILE P 94 -97.86 -45.64 19.60
N GLN P 95 -98.17 -45.76 18.32
CA GLN P 95 -97.14 -46.15 17.40
C GLN P 95 -96.14 -45.06 17.18
N LEU P 96 -96.54 -43.80 17.25
CA LEU P 96 -95.55 -42.76 17.10
C LEU P 96 -94.63 -42.77 18.28
N VAL P 97 -95.17 -42.98 19.47
CA VAL P 97 -94.37 -42.98 20.67
C VAL P 97 -93.60 -44.30 20.77
N GLU P 98 -94.22 -45.45 20.44
CA GLU P 98 -93.52 -46.74 20.43
C GLU P 98 -92.45 -46.67 19.38
N GLU P 99 -92.69 -46.01 18.26
CA GLU P 99 -91.67 -45.89 17.26
C GLU P 99 -90.60 -44.95 17.78
N GLU P 100 -90.96 -43.86 18.44
CA GLU P 100 -89.93 -43.01 18.99
C GLU P 100 -89.18 -43.75 20.08
N LEU P 101 -89.87 -44.62 20.82
CA LEU P 101 -89.27 -45.44 21.84
C LEU P 101 -88.37 -46.47 21.25
N ASP P 102 -88.79 -47.14 20.19
CA ASP P 102 -87.95 -48.13 19.59
C ASP P 102 -86.77 -47.43 19.01
N ARG P 103 -87.00 -46.25 18.45
CA ARG P 103 -85.94 -45.45 17.89
C ARG P 103 -85.09 -44.93 19.01
N ALA P 104 -85.67 -44.59 20.15
CA ALA P 104 -84.86 -44.12 21.25
C ALA P 104 -83.98 -45.26 21.68
N GLN P 105 -84.53 -46.49 21.64
CA GLN P 105 -83.81 -47.69 22.00
C GLN P 105 -82.80 -48.10 20.92
N GLU P 106 -83.09 -47.81 19.64
CA GLU P 106 -82.15 -48.05 18.54
C GLU P 106 -81.03 -47.05 18.65
N ARG P 107 -81.41 -45.83 19.00
CA ARG P 107 -80.48 -44.74 19.14
C ARG P 107 -79.75 -44.91 20.42
N LEU P 108 -80.37 -45.56 21.40
CA LEU P 108 -79.73 -45.88 22.66
C LEU P 108 -78.77 -46.96 22.41
N ALA P 109 -79.18 -48.02 21.71
CA ALA P 109 -78.26 -49.09 21.43
C ALA P 109 -77.10 -48.54 20.64
N THR P 110 -77.39 -47.59 19.74
CA THR P 110 -76.37 -46.96 18.96
C THR P 110 -75.54 -46.09 19.87
N ALA P 111 -76.15 -45.30 20.75
CA ALA P 111 -75.43 -44.42 21.65
C ALA P 111 -74.55 -45.23 22.55
N LEU P 112 -75.02 -46.40 22.96
CA LEU P 112 -74.30 -47.30 23.81
C LEU P 112 -73.19 -47.94 23.02
N GLN P 113 -73.44 -48.26 21.75
CA GLN P 113 -72.40 -48.79 20.88
C GLN P 113 -71.36 -47.71 20.59
N LYS P 114 -71.82 -46.48 20.46
CA LYS P 114 -70.97 -45.35 20.17
C LYS P 114 -70.30 -44.94 21.46
N LEU P 115 -70.94 -45.24 22.59
CA LEU P 115 -70.34 -45.07 23.89
C LEU P 115 -69.25 -46.09 23.96
N GLU P 116 -69.48 -47.32 23.51
CA GLU P 116 -68.42 -48.29 23.50
C GLU P 116 -67.31 -47.75 22.61
N GLU P 117 -67.63 -47.10 21.49
CA GLU P 117 -66.58 -46.53 20.66
C GLU P 117 -65.87 -45.40 21.38
N ALA P 118 -66.59 -44.57 22.14
CA ALA P 118 -66.03 -43.45 22.90
C ALA P 118 -65.19 -43.92 24.07
N GLU P 119 -65.63 -44.97 24.75
CA GLU P 119 -64.91 -45.55 25.86
C GLU P 119 -63.75 -46.27 25.26
N LYS P 120 -63.97 -46.93 24.13
CA LYS P 120 -62.91 -47.59 23.43
C LYS P 120 -61.94 -46.54 23.03
N ALA P 121 -62.41 -45.38 22.54
CA ALA P 121 -61.50 -44.33 22.17
C ALA P 121 -60.74 -43.90 23.41
N ALA P 122 -61.41 -43.85 24.55
CA ALA P 122 -60.72 -43.51 25.79
C ALA P 122 -59.69 -44.55 26.10
N ASP P 123 -59.98 -45.81 25.80
CA ASP P 123 -59.06 -46.89 26.07
C ASP P 123 -57.95 -46.87 25.05
N GLU P 124 -58.24 -46.49 23.81
CA GLU P 124 -57.23 -46.42 22.77
C GLU P 124 -56.30 -45.30 23.08
N SER P 125 -56.86 -44.19 23.57
CA SER P 125 -56.11 -43.01 23.92
C SER P 125 -55.34 -43.26 25.20
N GLU P 126 -55.94 -44.02 26.14
CA GLU P 126 -55.29 -44.35 27.41
C GLU P 126 -54.18 -45.37 27.13
N ARG P 127 -54.46 -46.35 26.27
CA ARG P 127 -53.47 -47.34 25.87
C ARG P 127 -52.44 -46.62 25.07
N GLY P 128 -52.89 -45.64 24.30
CA GLY P 128 -52.04 -44.80 23.51
C GLY P 128 -51.09 -44.19 24.49
N MET P 129 -51.60 -43.59 25.56
CA MET P 129 -50.72 -43.01 26.54
C MET P 129 -49.85 -44.04 27.20
N LYS P 130 -50.35 -45.22 27.52
CA LYS P 130 -49.48 -46.17 28.18
C LYS P 130 -48.32 -46.57 27.29
N VAL P 131 -48.60 -46.81 26.01
CA VAL P 131 -47.58 -47.18 25.06
C VAL P 131 -46.68 -46.02 24.79
N ILE P 132 -47.26 -44.86 24.56
CA ILE P 132 -46.57 -43.62 24.27
C ILE P 132 -45.83 -43.09 25.46
N GLU P 133 -46.41 -43.18 26.64
CA GLU P 133 -45.72 -42.69 27.82
C GLU P 133 -44.57 -43.59 28.07
N SER P 134 -44.78 -44.90 27.92
CA SER P 134 -43.70 -45.83 28.13
C SER P 134 -42.69 -45.61 27.04
N ARG P 135 -43.16 -45.38 25.81
CA ARG P 135 -42.30 -45.11 24.68
C ARG P 135 -41.62 -43.79 24.86
N ALA P 136 -42.34 -42.78 25.34
CA ALA P 136 -41.77 -41.48 25.55
C ALA P 136 -40.69 -41.64 26.56
N GLN P 137 -40.89 -42.51 27.56
CA GLN P 137 -39.86 -42.79 28.53
C GLN P 137 -38.73 -43.56 27.86
N LYS P 138 -39.04 -44.50 26.98
CA LYS P 138 -37.99 -45.25 26.29
C LYS P 138 -37.18 -44.28 25.46
N ASP P 139 -37.84 -43.30 24.89
CA ASP P 139 -37.20 -42.28 24.09
C ASP P 139 -36.44 -41.36 24.99
N GLU P 140 -36.96 -41.07 26.18
CA GLU P 140 -36.26 -40.26 27.16
C GLU P 140 -35.00 -40.98 27.56
N GLU P 141 -35.10 -42.30 27.71
CA GLU P 141 -33.97 -43.13 28.08
C GLU P 141 -33.00 -43.24 26.94
N LYS P 142 -33.46 -43.43 25.71
CA LYS P 142 -32.54 -43.49 24.58
C LYS P 142 -31.86 -42.16 24.41
N MET P 143 -32.61 -41.10 24.64
CA MET P 143 -32.15 -39.73 24.58
C MET P 143 -31.13 -39.55 25.70
N GLU P 144 -31.46 -39.95 26.93
CA GLU P 144 -30.53 -39.85 28.03
C GLU P 144 -29.28 -40.65 27.72
N ILE P 145 -29.44 -41.80 27.10
CA ILE P 145 -28.34 -42.64 26.72
C ILE P 145 -27.52 -41.94 25.68
N GLN P 146 -28.13 -41.31 24.68
CA GLN P 146 -27.35 -40.56 23.70
C GLN P 146 -26.69 -39.38 24.37
N GLU P 147 -27.33 -38.77 25.38
CA GLU P 147 -26.71 -37.68 26.11
C GLU P 147 -25.52 -38.19 26.87
N ILE P 148 -25.67 -39.32 27.53
CA ILE P 148 -24.58 -39.87 28.29
C ILE P 148 -23.47 -40.26 27.38
N GLN P 149 -23.80 -40.93 26.30
CA GLN P 149 -22.82 -41.37 25.35
C GLN P 149 -22.15 -40.22 24.63
N LEU P 150 -22.89 -39.17 24.27
CA LEU P 150 -22.24 -38.08 23.57
C LEU P 150 -21.42 -37.38 24.57
N LYS P 151 -21.83 -37.35 25.85
CA LYS P 151 -21.05 -36.69 26.85
C LYS P 151 -19.81 -37.51 27.10
N GLU P 152 -19.92 -38.82 27.14
CA GLU P 152 -18.73 -39.60 27.35
C GLU P 152 -17.81 -39.39 26.18
N ALA P 153 -18.37 -39.41 24.97
CA ALA P 153 -17.63 -39.21 23.75
C ALA P 153 -17.09 -37.81 23.70
N LYS P 154 -17.85 -36.87 24.23
CA LYS P 154 -17.46 -35.49 24.27
C LYS P 154 -16.37 -35.34 25.25
N HIS P 155 -16.42 -36.07 26.34
CA HIS P 155 -15.40 -36.00 27.36
C HIS P 155 -14.18 -36.67 26.81
N ILE P 156 -14.37 -37.71 25.98
CA ILE P 156 -13.23 -38.32 25.35
C ILE P 156 -12.67 -37.27 24.47
N ALA P 157 -13.52 -36.56 23.71
CA ALA P 157 -13.12 -35.47 22.86
C ALA P 157 -12.49 -34.36 23.69
N GLU P 158 -12.99 -34.06 24.89
CA GLU P 158 -12.37 -33.02 25.68
C GLU P 158 -10.97 -33.45 26.02
N ASP P 159 -10.78 -34.73 26.35
CA ASP P 159 -9.47 -35.24 26.66
C ASP P 159 -8.69 -35.54 25.42
N ALA P 160 -9.34 -35.95 24.35
CA ALA P 160 -8.62 -36.25 23.13
C ALA P 160 -8.11 -34.95 22.57
N ASP P 161 -8.91 -33.89 22.72
CA ASP P 161 -8.59 -32.56 22.27
C ASP P 161 -7.60 -31.96 23.23
N ARG P 162 -7.77 -32.25 24.52
CA ARG P 162 -6.85 -31.75 25.53
C ARG P 162 -5.49 -32.39 25.30
N LYS P 163 -5.49 -33.69 25.09
CA LYS P 163 -4.27 -34.43 24.82
C LYS P 163 -3.69 -33.91 23.55
N TYR P 164 -4.54 -33.66 22.54
CA TYR P 164 -4.09 -33.08 21.29
C TYR P 164 -3.40 -31.79 21.59
N GLU P 165 -4.03 -30.92 22.38
CA GLU P 165 -3.44 -29.66 22.75
C GLU P 165 -2.14 -29.89 23.46
N GLU P 166 -2.04 -30.86 24.36
CA GLU P 166 -0.78 -31.06 25.03
C GLU P 166 0.30 -31.45 24.05
N VAL P 167 -0.01 -32.33 23.10
CA VAL P 167 1.01 -32.70 22.15
C VAL P 167 1.25 -31.65 21.10
N ALA P 168 0.21 -30.93 20.72
CA ALA P 168 0.30 -29.85 19.76
C ALA P 168 1.06 -28.69 20.36
N ARG P 169 0.85 -28.45 21.64
CA ARG P 169 1.56 -27.42 22.36
C ARG P 169 2.97 -27.86 22.52
N LYS P 170 3.16 -29.11 22.91
CA LYS P 170 4.49 -29.64 23.03
C LYS P 170 5.10 -29.66 21.68
N LEU P 171 4.34 -29.88 20.62
CA LEU P 171 4.91 -29.84 19.31
C LEU P 171 5.38 -28.45 19.06
N VAL P 172 4.60 -27.45 19.38
CA VAL P 172 5.06 -26.08 19.18
C VAL P 172 6.31 -25.83 19.99
N ILE P 173 6.35 -26.31 21.22
CA ILE P 173 7.53 -26.10 22.05
C ILE P 173 8.71 -26.84 21.47
N ILE P 174 8.52 -28.08 21.08
CA ILE P 174 9.49 -28.95 20.49
C ILE P 174 9.88 -28.46 19.11
N GLU P 175 8.92 -27.95 18.32
CA GLU P 175 9.22 -27.34 17.04
C GLU P 175 10.00 -26.09 17.30
N SER P 176 9.64 -25.33 18.32
CA SER P 176 10.38 -24.13 18.60
C SER P 176 11.76 -24.54 19.03
N ASP P 177 11.86 -25.61 19.82
CA ASP P 177 13.15 -26.04 20.26
C ASP P 177 13.89 -26.58 19.07
N LEU P 178 13.19 -27.22 18.13
CA LEU P 178 13.83 -27.73 16.93
C LEU P 178 14.35 -26.59 16.13
N GLU P 179 13.56 -25.56 15.96
CA GLU P 179 13.94 -24.42 15.19
C GLU P 179 15.13 -23.76 15.82
N ARG P 180 15.18 -23.69 17.15
CA ARG P 180 16.32 -23.06 17.78
C ARG P 180 17.48 -24.01 17.85
N ALA P 181 17.22 -25.31 17.91
CA ALA P 181 18.31 -26.26 17.93
C ALA P 181 18.93 -26.29 16.57
N GLU P 182 18.10 -26.18 15.53
CA GLU P 182 18.58 -26.10 14.18
C GLU P 182 19.22 -24.77 14.01
N GLU P 183 18.64 -23.72 14.60
CA GLU P 183 19.24 -22.42 14.50
C GLU P 183 20.61 -22.51 15.11
N ARG P 184 20.75 -23.18 16.25
CA ARG P 184 22.06 -23.32 16.84
C ARG P 184 22.94 -24.12 15.92
N ALA P 185 22.42 -25.17 15.30
CA ALA P 185 23.24 -25.92 14.36
C ALA P 185 23.69 -25.01 13.21
N GLU P 186 22.81 -24.11 12.76
CA GLU P 186 23.07 -23.16 11.69
C GLU P 186 24.00 -22.04 12.12
N LEU P 187 23.88 -21.60 13.37
CA LEU P 187 24.71 -20.56 13.92
C LEU P 187 26.08 -21.12 14.10
N SER P 188 26.11 -22.38 14.57
CA SER P 188 27.31 -23.11 14.78
C SER P 188 27.89 -23.45 13.44
N GLU P 189 27.04 -23.76 12.45
CA GLU P 189 27.51 -24.03 11.11
C GLU P 189 28.09 -22.76 10.53
N GLY P 190 27.45 -21.63 10.80
CA GLY P 190 27.90 -20.33 10.36
C GLY P 190 29.26 -20.08 10.95
N LYS P 191 29.38 -20.21 12.28
CA LYS P 191 30.63 -20.02 12.97
C LYS P 191 31.65 -21.02 12.49
N CYS P 192 31.20 -22.24 12.24
CA CYS P 192 32.07 -23.29 11.79
C CYS P 192 32.65 -22.88 10.48
N ALA P 193 31.81 -22.43 9.55
CA ALA P 193 32.29 -22.02 8.26
C ALA P 193 33.24 -20.86 8.42
N GLU P 194 32.96 -19.93 9.33
CA GLU P 194 33.87 -18.81 9.50
C GLU P 194 35.18 -19.29 10.03
N LEU P 195 35.13 -20.21 10.99
CA LEU P 195 36.30 -20.78 11.60
C LEU P 195 37.07 -21.64 10.64
N GLU P 196 36.36 -22.32 9.74
CA GLU P 196 36.93 -23.18 8.73
C GLU P 196 37.66 -22.31 7.72
N GLU P 197 37.03 -21.20 7.35
CA GLU P 197 37.61 -20.24 6.43
C GLU P 197 38.79 -19.57 7.07
N GLU P 198 38.68 -19.28 8.37
CA GLU P 198 39.76 -18.70 9.13
C GLU P 198 40.83 -19.74 9.34
N LEU P 199 40.46 -21.00 9.52
CA LEU P 199 41.47 -22.01 9.73
C LEU P 199 42.27 -22.11 8.47
N LYS P 200 41.59 -22.13 7.32
CA LYS P 200 42.34 -22.18 6.09
C LYS P 200 43.08 -20.91 5.84
N THR P 201 42.50 -19.76 6.12
CA THR P 201 43.16 -18.50 5.88
C THR P 201 44.38 -18.35 6.75
N VAL P 202 44.26 -18.69 8.02
CA VAL P 202 45.34 -18.58 8.96
C VAL P 202 46.36 -19.64 8.67
N THR P 203 45.94 -20.86 8.37
CA THR P 203 46.86 -21.92 8.05
C THR P 203 47.59 -21.53 6.79
N ASN P 204 46.88 -20.97 5.82
CA ASN P 204 47.51 -20.58 4.57
C ASN P 204 48.42 -19.40 4.79
N ASN P 205 48.04 -18.50 5.71
CA ASN P 205 48.90 -17.39 6.04
C ASN P 205 50.09 -17.93 6.81
N LEU P 206 49.88 -18.99 7.57
CA LEU P 206 50.95 -19.60 8.31
C LEU P 206 51.90 -20.16 7.31
N LYS P 207 51.39 -20.89 6.31
CA LYS P 207 52.20 -21.49 5.27
C LYS P 207 52.92 -20.40 4.51
N SER P 208 52.24 -19.26 4.29
CA SER P 208 52.87 -18.16 3.62
C SER P 208 54.01 -17.72 4.51
N LEU P 209 53.78 -17.60 5.81
CA LEU P 209 54.78 -17.24 6.79
C LEU P 209 55.78 -18.34 7.09
N GLU P 210 55.47 -19.58 6.81
CA GLU P 210 56.46 -20.63 6.98
C GLU P 210 57.45 -20.37 5.88
N ALA P 211 56.90 -20.11 4.69
CA ALA P 211 57.71 -19.82 3.55
C ALA P 211 58.38 -18.49 3.70
N GLN P 212 57.71 -17.49 4.26
CA GLN P 212 58.33 -16.20 4.40
C GLN P 212 59.36 -16.22 5.47
N ALA P 213 59.09 -16.90 6.59
CA ALA P 213 60.05 -16.96 7.65
C ALA P 213 61.29 -17.61 7.08
N GLU P 214 61.10 -18.63 6.21
CA GLU P 214 62.21 -19.25 5.55
C GLU P 214 62.84 -18.29 4.56
N LYS P 215 62.07 -17.53 3.81
CA LYS P 215 62.67 -16.59 2.88
C LYS P 215 63.45 -15.53 3.62
N TYR P 216 62.97 -15.12 4.78
CA TYR P 216 63.62 -14.10 5.57
C TYR P 216 64.86 -14.71 6.20
N SER P 217 64.81 -16.00 6.56
CA SER P 217 65.94 -16.75 7.08
C SER P 217 66.99 -16.82 5.98
N GLN P 218 66.50 -17.06 4.77
CA GLN P 218 67.36 -17.12 3.62
C GLN P 218 67.93 -15.75 3.41
N LYS P 219 67.13 -14.70 3.61
CA LYS P 219 67.67 -13.37 3.48
C LYS P 219 68.71 -13.15 4.56
N GLU P 220 68.50 -13.73 5.74
CA GLU P 220 69.49 -13.60 6.81
C GLU P 220 70.82 -14.21 6.35
N ASP P 221 70.75 -15.32 5.63
CA ASP P 221 71.91 -16.04 5.10
C ASP P 221 72.49 -15.40 3.84
N ARG P 222 71.62 -14.86 3.00
CA ARG P 222 71.98 -14.23 1.74
C ARG P 222 72.60 -12.92 2.10
N TYR P 223 72.08 -12.32 3.16
CA TYR P 223 72.54 -11.05 3.65
C TYR P 223 73.86 -11.29 4.36
N GLU P 224 73.96 -12.43 5.05
CA GLU P 224 75.20 -12.71 5.72
C GLU P 224 76.24 -12.93 4.65
N GLU P 225 75.85 -13.54 3.53
CA GLU P 225 76.79 -13.68 2.46
C GLU P 225 77.11 -12.32 1.87
N GLU P 226 76.13 -11.42 1.69
CA GLU P 226 76.49 -10.10 1.17
C GLU P 226 77.40 -9.38 2.14
N ILE P 227 77.19 -9.57 3.41
CA ILE P 227 78.01 -8.99 4.43
C ILE P 227 79.37 -9.57 4.29
N LYS P 228 79.48 -10.89 4.13
CA LYS P 228 80.74 -11.57 3.96
C LYS P 228 81.44 -11.08 2.70
N VAL P 229 80.69 -10.86 1.63
CA VAL P 229 81.26 -10.40 0.39
C VAL P 229 81.78 -9.01 0.56
N LEU P 230 81.00 -8.16 1.19
CA LEU P 230 81.40 -6.81 1.42
C LEU P 230 82.50 -6.78 2.45
N SER P 231 82.48 -7.71 3.40
CA SER P 231 83.48 -7.83 4.44
C SER P 231 84.77 -8.23 3.80
N ASP P 232 84.75 -9.17 2.86
CA ASP P 232 85.98 -9.55 2.22
C ASP P 232 86.43 -8.41 1.32
N LYS P 233 85.49 -7.77 0.63
CA LYS P 233 85.82 -6.63 -0.21
C LYS P 233 86.35 -5.51 0.65
N LEU P 234 85.80 -5.37 1.85
CA LEU P 234 86.20 -4.35 2.80
C LEU P 234 87.55 -4.67 3.31
N LYS P 235 87.80 -5.91 3.70
CA LYS P 235 89.10 -6.25 4.20
C LYS P 235 90.10 -5.99 3.10
N GLU P 236 89.74 -6.29 1.86
CA GLU P 236 90.62 -6.03 0.75
C GLU P 236 90.73 -4.52 0.53
N ALA P 237 89.63 -3.77 0.65
CA ALA P 237 89.64 -2.32 0.48
C ALA P 237 90.38 -1.68 1.63
N GLU P 238 90.27 -2.25 2.82
CA GLU P 238 90.98 -1.76 3.97
C GLU P 238 92.41 -2.17 3.82
N THR P 239 92.65 -3.34 3.23
CA THR P 239 94.01 -3.72 3.01
C THR P 239 94.60 -2.75 2.05
N ARG P 240 93.89 -2.41 0.98
CA ARG P 240 94.39 -1.46 0.01
C ARG P 240 94.51 -0.08 0.62
N ALA P 241 93.54 0.34 1.41
CA ALA P 241 93.61 1.65 2.01
C ALA P 241 94.73 1.71 3.01
N GLU P 242 94.91 0.66 3.81
CA GLU P 242 95.95 0.60 4.81
C GLU P 242 97.27 0.26 4.18
N PHE P 243 97.26 -0.54 3.14
CA PHE P 243 98.48 -0.85 2.44
C PHE P 243 98.99 0.40 1.89
N ALA P 244 98.11 1.10 1.20
CA ALA P 244 98.45 2.33 0.61
C ALA P 244 98.74 3.35 1.67
N GLU P 245 98.06 3.31 2.81
CA GLU P 245 98.36 4.30 3.83
C GLU P 245 99.75 4.03 4.40
N ARG P 246 100.10 2.77 4.59
CA ARG P 246 101.40 2.43 5.08
C ARG P 246 102.43 2.80 4.02
N SER P 247 102.09 2.54 2.76
CA SER P 247 102.96 2.83 1.66
C SER P 247 103.06 4.31 1.46
N VAL P 248 101.96 5.03 1.63
CA VAL P 248 102.03 6.45 1.40
C VAL P 248 102.84 7.01 2.52
N THR P 249 102.72 6.46 3.72
CA THR P 249 103.52 6.95 4.83
C THR P 249 104.97 6.78 4.47
N LYS P 250 105.35 5.63 3.93
CA LYS P 250 106.72 5.42 3.53
C LYS P 250 107.13 6.40 2.44
N LEU P 251 106.22 6.68 1.51
CA LEU P 251 106.49 7.62 0.44
C LEU P 251 106.61 9.02 0.97
N GLU P 252 105.80 9.37 1.96
CA GLU P 252 105.85 10.69 2.58
C GLU P 252 107.19 10.82 3.24
N LYS P 253 107.66 9.74 3.87
CA LYS P 253 108.96 9.74 4.47
C LYS P 253 109.99 9.88 3.37
N SER P 254 109.78 9.19 2.24
CA SER P 254 110.72 9.31 1.16
C SER P 254 110.75 10.75 0.71
N ILE P 255 109.61 11.44 0.67
CA ILE P 255 109.62 12.82 0.28
C ILE P 255 110.35 13.63 1.33
N ASP P 256 110.08 13.42 2.60
CA ASP P 256 110.77 14.24 3.58
C ASP P 256 112.27 14.07 3.46
N ASP P 257 112.71 12.83 3.20
CA ASP P 257 114.12 12.55 3.08
C ASP P 257 114.63 13.12 1.79
N LEU P 258 113.81 13.03 0.76
CA LEU P 258 114.17 13.45 -0.55
C LEU P 258 114.34 14.94 -0.56
N GLU P 259 113.47 15.64 0.12
CA GLU P 259 113.55 17.06 0.15
C GLU P 259 114.78 17.43 0.96
N ASP P 260 115.05 16.73 2.04
CA ASP P 260 116.26 17.06 2.76
C ASP P 260 117.48 16.81 1.89
N GLU P 261 117.45 15.76 1.08
CA GLU P 261 118.54 15.48 0.18
C GLU P 261 118.61 16.58 -0.86
N LEU P 262 117.46 17.07 -1.31
CA LEU P 262 117.35 18.09 -2.32
C LEU P 262 117.93 19.35 -1.81
N TYR P 263 117.65 19.62 -0.56
CA TYR P 263 118.15 20.81 0.05
C TYR P 263 119.61 20.62 0.16
N ALA P 264 120.06 19.45 0.55
CA ALA P 264 121.49 19.31 0.60
C ALA P 264 122.08 19.52 -0.78
N GLN P 265 121.41 19.08 -1.84
CA GLN P 265 122.06 19.25 -3.12
C GLN P 265 122.08 20.72 -3.45
N LYS P 266 120.98 21.41 -3.19
CA LYS P 266 120.87 22.82 -3.50
C LYS P 266 121.74 23.68 -2.65
N LEU P 267 121.83 23.35 -1.39
CA LEU P 267 122.59 24.08 -0.41
C LEU P 267 124.04 23.86 -0.62
N LYS P 268 124.42 22.65 -0.97
CA LYS P 268 125.83 22.40 -1.20
C LYS P 268 126.18 23.01 -2.52
N TYR P 269 125.29 22.92 -3.50
CA TYR P 269 125.56 23.49 -4.78
C TYR P 269 125.67 24.97 -4.67
N LYS P 270 124.71 25.57 -4.00
CA LYS P 270 124.68 26.97 -3.77
C LYS P 270 125.91 27.37 -3.05
N ALA P 271 126.24 26.66 -1.98
CA ALA P 271 127.41 27.01 -1.24
C ALA P 271 128.64 26.91 -2.07
N ILE P 272 128.75 25.90 -2.92
CA ILE P 272 129.94 25.76 -3.72
C ILE P 272 130.00 26.78 -4.84
N SER P 273 128.91 26.98 -5.55
CA SER P 273 128.93 27.92 -6.64
C SER P 273 129.17 29.30 -6.12
N GLU P 274 128.54 29.64 -4.98
CA GLU P 274 128.70 30.94 -4.42
C GLU P 274 130.02 31.09 -3.70
N GLU P 275 130.51 30.04 -3.03
CA GLU P 275 131.77 30.24 -2.35
C GLU P 275 132.81 30.43 -3.40
N LEU P 276 132.64 29.84 -4.59
CA LEU P 276 133.61 30.13 -5.61
C LEU P 276 133.38 31.45 -6.25
N ASP P 277 132.14 31.88 -6.49
CA ASP P 277 132.02 33.18 -7.12
C ASP P 277 132.64 34.21 -6.21
N HIS P 278 132.42 34.08 -4.92
CA HIS P 278 132.96 35.04 -4.02
C HIS P 278 134.44 34.79 -3.79
N ALA P 279 134.87 33.54 -3.68
CA ALA P 279 136.29 33.34 -3.43
C ALA P 279 137.07 33.89 -4.58
N LEU P 280 136.62 33.68 -5.82
CA LEU P 280 137.34 34.20 -6.97
C LEU P 280 137.16 35.69 -7.15
N ASN P 281 136.01 36.26 -6.72
CA ASN P 281 135.81 37.70 -6.85
C ASN P 281 136.65 38.47 -5.85
N ASP P 282 136.90 37.89 -4.67
CA ASP P 282 137.76 38.58 -3.71
C ASP P 282 139.21 38.15 -3.92
N MET P 283 139.44 36.86 -4.17
CA MET P 283 140.78 36.35 -4.38
C MET P 283 141.12 36.51 -5.84
N THR P 284 141.30 37.74 -6.27
CA THR P 284 141.61 37.98 -7.66
C THR P 284 143.08 38.25 -7.85
N SER P 285 143.73 38.72 -6.82
CA SER P 285 145.14 39.04 -6.93
C SER P 285 146.01 37.86 -6.61
N ILE P 286 145.90 36.80 -7.43
CA ILE P 286 146.54 35.47 -7.38
C ILE P 286 145.49 34.40 -7.26
N LEU Q 13 -208.43 -55.98 3.35
CA LEU Q 13 -207.85 -55.88 2.01
C LEU Q 13 -207.89 -54.48 1.39
N LYS Q 14 -208.99 -53.75 1.57
CA LYS Q 14 -209.18 -52.46 0.90
C LYS Q 14 -208.01 -51.51 1.00
N LEU Q 15 -207.47 -51.35 2.19
CA LEU Q 15 -206.35 -50.47 2.40
C LEU Q 15 -205.10 -51.25 2.67
N ASP Q 16 -205.12 -52.56 2.43
CA ASP Q 16 -203.98 -53.35 2.81
C ASP Q 16 -202.93 -53.35 1.76
N LYS Q 17 -203.31 -53.06 0.52
CA LYS Q 17 -202.26 -52.98 -0.46
C LYS Q 17 -201.57 -51.67 -0.16
N GLU Q 18 -202.33 -50.70 0.34
CA GLU Q 18 -201.79 -49.41 0.69
C GLU Q 18 -200.99 -49.51 1.97
N ASN Q 19 -201.44 -50.32 2.93
CA ASN Q 19 -200.70 -50.43 4.17
C ASN Q 19 -199.41 -51.17 3.90
N ALA Q 20 -199.51 -52.22 3.08
CA ALA Q 20 -198.36 -52.99 2.71
C ALA Q 20 -197.46 -52.16 1.81
N LEU Q 21 -198.04 -51.35 0.94
CA LEU Q 21 -197.21 -50.59 0.06
C LEU Q 21 -196.52 -49.49 0.82
N ASP Q 22 -197.22 -48.86 1.76
CA ASP Q 22 -196.59 -47.82 2.53
C ASP Q 22 -195.53 -48.44 3.38
N ARG Q 23 -195.76 -49.66 3.87
CA ARG Q 23 -194.74 -50.33 4.64
C ARG Q 23 -193.58 -50.67 3.75
N ALA Q 24 -193.85 -51.11 2.52
CA ALA Q 24 -192.81 -51.45 1.60
C ALA Q 24 -191.98 -50.27 1.21
N GLU Q 25 -192.64 -49.13 0.99
CA GLU Q 25 -191.98 -47.91 0.58
C GLU Q 25 -191.25 -47.29 1.75
N GLN Q 26 -191.82 -47.37 2.94
CA GLN Q 26 -191.14 -46.83 4.10
C GLN Q 26 -189.97 -47.70 4.43
N ALA Q 27 -190.15 -49.01 4.33
CA ALA Q 27 -189.09 -49.92 4.60
C ALA Q 27 -188.03 -49.78 3.53
N GLU Q 28 -188.42 -49.54 2.28
CA GLU Q 28 -187.46 -49.38 1.21
C GLU Q 28 -186.69 -48.08 1.43
N ALA Q 29 -187.38 -47.01 1.87
CA ALA Q 29 -186.72 -45.75 2.13
C ALA Q 29 -185.71 -45.88 3.27
N ASP Q 30 -186.07 -46.65 4.31
CA ASP Q 30 -185.19 -46.86 5.44
C ASP Q 30 -184.11 -47.84 5.07
N LYS Q 31 -184.45 -48.81 4.24
CA LYS Q 31 -183.51 -49.80 3.78
C LYS Q 31 -182.45 -49.08 3.05
N LYS Q 32 -182.84 -48.19 2.15
CA LYS Q 32 -181.87 -47.45 1.37
C LYS Q 32 -181.06 -46.58 2.27
N ALA Q 33 -181.67 -45.87 3.21
CA ALA Q 33 -180.82 -45.05 4.05
C ALA Q 33 -179.80 -45.90 4.78
N ALA Q 34 -180.24 -47.08 5.24
CA ALA Q 34 -179.40 -48.01 5.93
C ALA Q 34 -178.45 -48.75 5.00
N GLU Q 35 -178.81 -48.94 3.73
CA GLU Q 35 -177.98 -49.64 2.77
C GLU Q 35 -176.89 -48.69 2.34
N ASP Q 36 -177.24 -47.41 2.24
CA ASP Q 36 -176.28 -46.40 1.90
C ASP Q 36 -175.37 -46.27 3.10
N ARG Q 37 -175.91 -46.34 4.34
CA ARG Q 37 -175.01 -46.32 5.48
C ARG Q 37 -174.16 -47.55 5.45
N SER Q 38 -174.72 -48.71 5.10
CA SER Q 38 -173.92 -49.91 5.05
C SER Q 38 -172.78 -49.72 4.07
N LYS Q 39 -173.05 -49.17 2.89
CA LYS Q 39 -171.97 -48.96 1.94
C LYS Q 39 -170.96 -47.95 2.47
N GLN Q 40 -171.42 -46.87 3.09
CA GLN Q 40 -170.52 -45.85 3.59
C GLN Q 40 -169.65 -46.39 4.71
N LEU Q 41 -170.25 -47.18 5.58
CA LEU Q 41 -169.60 -47.77 6.71
C LEU Q 41 -168.65 -48.84 6.26
N GLU Q 42 -169.03 -49.61 5.23
CA GLU Q 42 -168.16 -50.64 4.71
C GLU Q 42 -166.99 -49.99 4.01
N ASP Q 43 -167.23 -48.93 3.24
CA ASP Q 43 -166.11 -48.31 2.57
C ASP Q 43 -165.22 -47.67 3.59
N GLU Q 44 -165.79 -47.07 4.64
CA GLU Q 44 -164.94 -46.50 5.67
C GLU Q 44 -164.26 -47.61 6.40
N LEU Q 45 -164.91 -48.75 6.62
CA LEU Q 45 -164.33 -49.86 7.35
C LEU Q 45 -163.18 -50.42 6.60
N VAL Q 46 -163.34 -50.61 5.30
CA VAL Q 46 -162.30 -51.18 4.50
C VAL Q 46 -161.15 -50.20 4.41
N SER Q 47 -161.44 -48.92 4.19
CA SER Q 47 -160.37 -47.95 4.12
C SER Q 47 -159.69 -47.83 5.46
N LEU Q 48 -160.47 -47.91 6.54
CA LEU Q 48 -160.00 -47.79 7.90
C LEU Q 48 -159.17 -49.01 8.23
N GLN Q 49 -159.61 -50.17 7.76
CA GLN Q 49 -158.90 -51.41 7.94
C GLN Q 49 -157.62 -51.37 7.14
N LYS Q 50 -157.66 -50.76 5.98
CA LYS Q 50 -156.45 -50.60 5.20
C LYS Q 50 -155.53 -49.61 5.91
N LYS Q 51 -156.09 -48.58 6.56
CA LYS Q 51 -155.29 -47.65 7.35
C LYS Q 51 -154.73 -48.41 8.52
N LEU Q 52 -155.53 -49.33 9.10
CA LEU Q 52 -155.13 -50.15 10.23
C LEU Q 52 -153.98 -50.98 9.83
N LYS Q 53 -154.09 -51.62 8.67
CA LYS Q 53 -153.05 -52.47 8.16
C LYS Q 53 -151.88 -51.65 7.71
N GLY Q 54 -152.13 -50.44 7.26
CA GLY Q 54 -151.10 -49.53 6.86
C GLY Q 54 -150.25 -49.27 8.10
N THR Q 55 -150.92 -48.90 9.20
CA THR Q 55 -150.22 -48.62 10.42
C THR Q 55 -149.68 -49.88 11.04
N GLU Q 56 -150.37 -51.03 10.93
CA GLU Q 56 -149.90 -52.29 11.49
C GLU Q 56 -148.64 -52.70 10.78
N ASP Q 57 -148.60 -52.49 9.46
CA ASP Q 57 -147.43 -52.79 8.65
C ASP Q 57 -146.33 -51.86 9.11
N GLU Q 58 -146.68 -50.60 9.37
CA GLU Q 58 -145.70 -49.69 9.90
C GLU Q 58 -145.30 -50.08 11.32
N LEU Q 59 -146.20 -50.66 12.13
CA LEU Q 59 -145.81 -51.01 13.48
C LEU Q 59 -144.72 -52.00 13.35
N ASP Q 60 -144.86 -52.93 12.40
CA ASP Q 60 -143.82 -53.91 12.23
C ASP Q 60 -142.58 -53.27 11.67
N LYS Q 61 -142.71 -52.31 10.76
CA LYS Q 61 -141.51 -51.68 10.22
C LYS Q 61 -140.75 -50.93 11.30
N TYR Q 62 -141.49 -50.28 12.20
CA TYR Q 62 -140.88 -49.53 13.27
C TYR Q 62 -140.40 -50.47 14.34
N SER Q 63 -141.11 -51.58 14.55
CA SER Q 63 -140.75 -52.60 15.53
C SER Q 63 -139.47 -53.26 15.09
N GLU Q 64 -139.37 -53.52 13.78
CA GLU Q 64 -138.20 -54.13 13.20
C GLU Q 64 -137.09 -53.11 13.19
N ALA Q 65 -137.39 -51.88 12.82
CA ALA Q 65 -136.37 -50.87 12.83
C ALA Q 65 -135.94 -50.65 14.26
N LEU Q 66 -136.87 -50.77 15.22
CA LEU Q 66 -136.59 -50.62 16.63
C LEU Q 66 -135.79 -51.75 17.18
N LYS Q 67 -136.13 -52.99 16.84
CA LYS Q 67 -135.32 -54.04 17.42
C LYS Q 67 -133.94 -53.92 16.82
N ASP Q 68 -133.85 -53.46 15.57
CA ASP Q 68 -132.56 -53.32 14.94
C ASP Q 68 -131.86 -52.09 15.46
N ALA Q 69 -132.57 -51.00 15.71
CA ALA Q 69 -131.91 -49.81 16.23
C ALA Q 69 -131.45 -50.09 17.63
N GLN Q 70 -132.27 -50.80 18.39
CA GLN Q 70 -131.96 -51.14 19.75
C GLN Q 70 -130.86 -52.18 19.80
N GLU Q 71 -130.84 -53.15 18.88
CA GLU Q 71 -129.78 -54.14 18.86
C GLU Q 71 -128.51 -53.49 18.41
N LYS Q 72 -128.61 -52.63 17.41
CA LYS Q 72 -127.46 -51.92 16.94
C LYS Q 72 -127.01 -51.01 18.06
N LEU Q 73 -127.94 -50.46 18.82
CA LEU Q 73 -127.58 -49.66 19.98
C LEU Q 73 -126.87 -50.49 20.99
N GLU Q 74 -127.33 -51.70 21.28
CA GLU Q 74 -126.61 -52.47 22.25
C GLU Q 74 -125.22 -52.77 21.71
N LEU Q 75 -125.14 -53.03 20.40
CA LEU Q 75 -123.87 -53.34 19.75
C LEU Q 75 -123.04 -52.11 19.48
N ALA Q 76 -123.65 -50.96 19.26
CA ALA Q 76 -122.94 -49.72 19.03
C ALA Q 76 -122.45 -49.21 20.33
N GLU Q 77 -123.23 -49.43 21.38
CA GLU Q 77 -122.83 -49.05 22.69
C GLU Q 77 -121.77 -50.02 23.11
N LYS Q 78 -121.92 -51.30 22.76
CA LYS Q 78 -120.89 -52.25 23.07
C LYS Q 78 -119.66 -51.86 22.31
N LYS Q 79 -119.78 -51.58 21.02
CA LYS Q 79 -118.67 -51.19 20.20
C LYS Q 79 -118.05 -49.94 20.76
N ALA Q 80 -118.87 -49.01 21.23
CA ALA Q 80 -118.40 -47.80 21.84
C ALA Q 80 -117.69 -48.09 23.11
N THR Q 81 -118.19 -49.05 23.86
CA THR Q 81 -117.63 -49.48 25.11
C THR Q 81 -116.32 -50.15 24.85
N ASP Q 82 -116.26 -50.96 23.81
CA ASP Q 82 -115.08 -51.69 23.44
C ASP Q 82 -114.09 -50.73 22.86
N ALA Q 83 -114.55 -49.78 22.05
CA ALA Q 83 -113.70 -48.78 21.45
C ALA Q 83 -113.19 -47.88 22.53
N GLU Q 84 -114.02 -47.55 23.51
CA GLU Q 84 -113.63 -46.72 24.62
C GLU Q 84 -112.71 -47.53 25.51
N ALA Q 85 -113.00 -48.82 25.67
CA ALA Q 85 -112.16 -49.70 26.46
C ALA Q 85 -110.82 -49.79 25.79
N ASP Q 86 -110.81 -49.80 24.45
CA ASP Q 86 -109.57 -49.80 23.73
C ASP Q 86 -108.95 -48.46 23.93
N VAL Q 87 -109.71 -47.38 23.92
CA VAL Q 87 -109.05 -46.12 24.19
C VAL Q 87 -108.44 -46.16 25.57
N ALA Q 88 -109.13 -46.68 26.57
CA ALA Q 88 -108.59 -46.78 27.91
C ALA Q 88 -107.35 -47.67 27.98
N SER Q 89 -107.36 -48.80 27.26
CA SER Q 89 -106.22 -49.71 27.24
C SER Q 89 -105.09 -49.04 26.53
N LEU Q 90 -105.44 -48.28 25.53
CA LEU Q 90 -104.53 -47.56 24.73
C LEU Q 90 -104.07 -46.31 25.45
N ASN Q 91 -104.89 -45.76 26.37
CA ASN Q 91 -104.46 -44.60 27.14
C ASN Q 91 -103.39 -45.10 28.04
N ARG Q 92 -103.56 -46.34 28.52
CA ARG Q 92 -102.56 -46.97 29.34
C ARG Q 92 -101.35 -47.26 28.47
N ARG Q 93 -101.54 -47.74 27.24
CA ARG Q 93 -100.39 -47.98 26.39
C ARG Q 93 -99.66 -46.68 26.18
N ILE Q 94 -100.37 -45.55 25.99
CA ILE Q 94 -99.71 -44.26 25.87
C ILE Q 94 -99.01 -43.87 27.11
N GLN Q 95 -99.64 -43.99 28.25
CA GLN Q 95 -98.91 -43.50 29.40
C GLN Q 95 -97.69 -44.36 29.62
N LEU Q 96 -97.80 -45.65 29.38
CA LEU Q 96 -96.69 -46.54 29.59
C LEU Q 96 -95.59 -46.33 28.57
N VAL Q 97 -95.96 -46.14 27.30
CA VAL Q 97 -94.95 -45.96 26.28
C VAL Q 97 -94.41 -44.55 26.32
N GLU Q 98 -95.25 -43.61 26.73
CA GLU Q 98 -94.88 -42.20 26.83
C GLU Q 98 -93.81 -42.09 27.91
N GLU Q 99 -94.07 -42.72 29.05
CA GLU Q 99 -93.10 -42.69 30.11
C GLU Q 99 -91.87 -43.44 29.67
N GLU Q 100 -92.03 -44.58 28.98
CA GLU Q 100 -90.86 -45.29 28.53
C GLU Q 100 -90.10 -44.47 27.52
N LEU Q 101 -90.78 -43.69 26.69
CA LEU Q 101 -90.07 -42.82 25.79
C LEU Q 101 -89.35 -41.72 26.54
N ASP Q 102 -89.98 -41.10 27.53
CA ASP Q 102 -89.27 -40.05 28.25
C ASP Q 102 -88.05 -40.65 28.93
N ARG Q 103 -88.20 -41.88 29.41
CA ARG Q 103 -87.13 -42.60 30.06
C ARG Q 103 -86.09 -43.01 29.05
N ALA Q 104 -86.50 -43.41 27.84
CA ALA Q 104 -85.59 -43.82 26.79
C ALA Q 104 -84.82 -42.64 26.30
N GLN Q 105 -85.46 -41.48 26.27
CA GLN Q 105 -84.82 -40.24 25.87
C GLN Q 105 -83.80 -39.88 26.93
N GLU Q 106 -84.13 -40.14 28.19
CA GLU Q 106 -83.20 -39.90 29.27
C GLU Q 106 -82.07 -40.92 29.21
N ARG Q 107 -82.39 -42.18 28.88
CA ARG Q 107 -81.38 -43.24 28.75
C ARG Q 107 -80.47 -42.92 27.59
N LEU Q 108 -81.05 -42.41 26.53
CA LEU Q 108 -80.33 -42.02 25.35
C LEU Q 108 -79.48 -40.85 25.68
N ALA Q 109 -80.03 -39.86 26.36
CA ALA Q 109 -79.26 -38.72 26.75
C ALA Q 109 -78.15 -39.17 27.66
N THR Q 110 -78.42 -40.14 28.53
CA THR Q 110 -77.43 -40.63 29.44
C THR Q 110 -76.32 -41.31 28.69
N ALA Q 111 -76.66 -42.17 27.73
CA ALA Q 111 -75.64 -42.86 26.97
C ALA Q 111 -74.81 -41.87 26.19
N LEU Q 112 -75.47 -40.85 25.67
CA LEU Q 112 -74.81 -39.81 24.91
C LEU Q 112 -73.98 -38.92 25.80
N GLN Q 113 -74.44 -38.64 27.02
CA GLN Q 113 -73.67 -37.85 27.96
C GLN Q 113 -72.46 -38.64 28.40
N LYS Q 114 -72.64 -39.95 28.58
CA LYS Q 114 -71.55 -40.81 28.92
C LYS Q 114 -70.60 -40.84 27.75
N LEU Q 115 -71.14 -40.82 26.54
CA LEU Q 115 -70.36 -40.82 25.32
C LEU Q 115 -69.58 -39.54 25.31
N GLU Q 116 -70.22 -38.42 25.63
CA GLU Q 116 -69.51 -37.16 25.65
C GLU Q 116 -68.41 -37.19 26.67
N GLU Q 117 -68.66 -37.78 27.84
CA GLU Q 117 -67.65 -37.85 28.87
C GLU Q 117 -66.55 -38.83 28.51
N ALA Q 118 -66.91 -39.94 27.88
CA ALA Q 118 -65.97 -40.96 27.46
C ALA Q 118 -65.15 -40.47 26.31
N GLU Q 119 -65.81 -39.75 25.41
CA GLU Q 119 -65.14 -39.18 24.25
C GLU Q 119 -64.25 -38.07 24.77
N LYS Q 120 -64.77 -37.30 25.73
CA LYS Q 120 -64.01 -36.24 26.34
C LYS Q 120 -62.84 -36.87 27.03
N ALA Q 121 -63.05 -38.01 27.69
CA ALA Q 121 -61.96 -38.71 28.33
C ALA Q 121 -60.99 -39.12 27.27
N ALA Q 122 -61.49 -39.56 26.11
CA ALA Q 122 -60.63 -39.92 25.02
C ALA Q 122 -59.86 -38.75 24.52
N ASP Q 123 -60.48 -37.57 24.52
CA ASP Q 123 -59.84 -36.37 24.05
C ASP Q 123 -58.83 -35.91 25.06
N GLU Q 124 -59.14 -36.06 26.33
CA GLU Q 124 -58.25 -35.68 27.40
C GLU Q 124 -57.10 -36.64 27.40
N SER Q 125 -57.41 -37.89 27.13
CA SER Q 125 -56.43 -38.92 27.07
C SER Q 125 -55.57 -38.64 25.86
N GLU Q 126 -56.17 -38.20 24.73
CA GLU Q 126 -55.34 -37.82 23.61
C GLU Q 126 -54.54 -36.59 23.94
N ARG Q 127 -55.11 -35.63 24.65
CA ARG Q 127 -54.34 -34.44 24.98
C ARG Q 127 -53.15 -34.83 25.84
N GLY Q 128 -53.36 -35.74 26.78
CA GLY Q 128 -52.29 -36.23 27.61
C GLY Q 128 -51.27 -36.87 26.72
N MET Q 129 -51.78 -37.72 25.81
CA MET Q 129 -51.03 -38.48 24.83
C MET Q 129 -50.27 -37.58 23.91
N LYS Q 130 -50.84 -36.45 23.53
CA LYS Q 130 -50.20 -35.54 22.63
C LYS Q 130 -49.12 -34.81 23.35
N VAL Q 131 -49.29 -34.57 24.63
CA VAL Q 131 -48.20 -33.96 25.35
C VAL Q 131 -47.07 -34.98 25.45
N ILE Q 132 -47.38 -36.23 25.79
CA ILE Q 132 -46.35 -37.26 25.86
C ILE Q 132 -45.91 -37.78 24.50
N GLU Q 133 -46.75 -37.66 23.47
CA GLU Q 133 -46.33 -38.01 22.13
C GLU Q 133 -45.40 -36.93 21.69
N SER Q 134 -45.75 -35.68 22.02
CA SER Q 134 -44.92 -34.56 21.69
C SER Q 134 -43.66 -34.69 22.47
N ARG Q 135 -43.76 -35.18 23.72
CA ARG Q 135 -42.58 -35.38 24.54
C ARG Q 135 -41.75 -36.47 23.93
N ALA Q 136 -42.39 -37.55 23.46
CA ALA Q 136 -41.61 -38.57 22.85
C ALA Q 136 -40.89 -37.98 21.67
N GLN Q 137 -41.58 -37.13 20.91
CA GLN Q 137 -41.01 -36.48 19.75
C GLN Q 137 -39.91 -35.52 20.15
N LYS Q 138 -40.09 -34.79 21.23
CA LYS Q 138 -39.05 -33.89 21.67
C LYS Q 138 -37.84 -34.71 22.03
N ASP Q 139 -38.07 -35.85 22.67
CA ASP Q 139 -37.00 -36.74 23.04
C ASP Q 139 -36.44 -37.45 21.83
N GLU Q 140 -37.27 -37.73 20.81
CA GLU Q 140 -36.78 -38.35 19.59
C GLU Q 140 -35.88 -37.36 18.90
N GLU Q 141 -36.30 -36.09 18.88
CA GLU Q 141 -35.54 -35.03 18.26
C GLU Q 141 -34.28 -34.80 19.01
N LYS Q 142 -34.36 -34.78 20.34
CA LYS Q 142 -33.19 -34.59 21.14
C LYS Q 142 -32.30 -35.76 20.96
N MET Q 143 -32.86 -36.97 20.90
CA MET Q 143 -32.09 -38.16 20.72
C MET Q 143 -31.35 -38.09 19.42
N GLU Q 144 -32.02 -37.69 18.34
CA GLU Q 144 -31.43 -37.57 17.02
C GLU Q 144 -30.37 -36.49 16.98
N ILE Q 145 -30.62 -35.39 17.69
CA ILE Q 145 -29.66 -34.30 17.76
C ILE Q 145 -28.46 -34.80 18.51
N GLN Q 146 -28.72 -35.50 19.61
CA GLN Q 146 -27.74 -36.09 20.47
C GLN Q 146 -27.02 -37.23 19.78
N GLU Q 147 -27.70 -37.92 18.88
CA GLU Q 147 -27.13 -38.99 18.10
C GLU Q 147 -26.13 -38.37 17.15
N ILE Q 148 -26.50 -37.23 16.57
CA ILE Q 148 -25.59 -36.48 15.71
C ILE Q 148 -24.47 -35.95 16.56
N GLN Q 149 -24.79 -35.40 17.73
CA GLN Q 149 -23.76 -34.90 18.59
C GLN Q 149 -22.89 -36.05 19.05
N LEU Q 150 -23.43 -37.24 19.23
CA LEU Q 150 -22.64 -38.41 19.56
C LEU Q 150 -21.76 -38.80 18.42
N LYS Q 151 -22.28 -38.84 17.20
CA LYS Q 151 -21.36 -39.27 16.17
C LYS Q 151 -20.31 -38.20 16.04
N GLU Q 152 -20.66 -36.92 16.27
CA GLU Q 152 -19.71 -35.84 16.17
C GLU Q 152 -18.82 -35.74 17.40
N ALA Q 153 -19.35 -36.02 18.58
CA ALA Q 153 -18.58 -35.98 19.81
C ALA Q 153 -17.60 -37.10 19.77
N LYS Q 154 -18.04 -38.22 19.20
CA LYS Q 154 -17.18 -39.35 19.09
C LYS Q 154 -16.32 -39.16 17.88
N HIS Q 155 -16.83 -38.48 16.85
CA HIS Q 155 -16.02 -38.23 15.69
C HIS Q 155 -14.86 -37.46 16.16
N ILE Q 156 -15.09 -36.42 16.95
CA ILE Q 156 -14.05 -35.62 17.53
C ILE Q 156 -13.25 -36.43 18.49
N ALA Q 157 -13.87 -37.26 19.32
CA ALA Q 157 -12.99 -38.02 20.17
C ALA Q 157 -11.97 -38.75 19.33
N GLU Q 158 -12.44 -39.33 18.23
CA GLU Q 158 -11.58 -40.04 17.33
C GLU Q 158 -10.70 -39.12 16.52
N ASP Q 159 -11.24 -37.98 16.09
CA ASP Q 159 -10.54 -37.05 15.22
C ASP Q 159 -9.51 -36.33 16.00
N ALA Q 160 -9.81 -36.04 17.24
CA ALA Q 160 -8.89 -35.39 18.12
C ALA Q 160 -7.80 -36.38 18.38
N ASP Q 161 -8.13 -37.68 18.51
CA ASP Q 161 -7.10 -38.69 18.63
C ASP Q 161 -6.37 -38.90 17.31
N ARG Q 162 -7.05 -38.70 16.18
CA ARG Q 162 -6.42 -38.83 14.89
C ARG Q 162 -5.40 -37.69 14.74
N LYS Q 163 -5.83 -36.51 15.16
CA LYS Q 163 -5.01 -35.32 15.15
C LYS Q 163 -3.97 -35.44 16.21
N TYR Q 164 -4.29 -36.07 17.34
CA TYR Q 164 -3.34 -36.33 18.38
C TYR Q 164 -2.24 -37.09 17.76
N GLU Q 165 -2.56 -38.15 17.05
CA GLU Q 165 -1.50 -38.92 16.46
C GLU Q 165 -0.82 -38.14 15.37
N GLU Q 166 -1.51 -37.35 14.58
CA GLU Q 166 -0.78 -36.62 13.57
C GLU Q 166 0.21 -35.66 14.18
N VAL Q 167 -0.24 -34.94 15.20
CA VAL Q 167 0.62 -33.97 15.88
C VAL Q 167 1.61 -34.65 16.83
N ALA Q 168 1.15 -35.72 17.48
CA ALA Q 168 1.99 -36.46 18.41
C ALA Q 168 3.08 -37.16 17.62
N ARG Q 169 2.74 -37.57 16.41
CA ARG Q 169 3.70 -38.20 15.54
C ARG Q 169 4.68 -37.13 15.15
N LYS Q 170 4.18 -35.93 14.82
CA LYS Q 170 5.06 -34.84 14.56
C LYS Q 170 5.83 -34.52 15.82
N LEU Q 171 5.22 -34.63 16.99
CA LEU Q 171 5.96 -34.35 18.20
C LEU Q 171 7.12 -35.30 18.28
N VAL Q 172 6.91 -36.57 17.99
CA VAL Q 172 7.99 -37.54 18.00
C VAL Q 172 9.01 -37.28 16.89
N ILE Q 173 8.55 -36.96 15.69
CA ILE Q 173 9.46 -36.72 14.57
C ILE Q 173 10.26 -35.48 14.82
N ILE Q 174 9.61 -34.43 15.24
CA ILE Q 174 10.20 -33.15 15.52
C ILE Q 174 11.09 -33.31 16.74
N GLU Q 175 10.65 -34.05 17.77
CA GLU Q 175 11.48 -34.29 18.94
C GLU Q 175 12.71 -35.09 18.53
N SER Q 176 12.55 -36.07 17.64
CA SER Q 176 13.67 -36.85 17.15
C SER Q 176 14.60 -35.92 16.39
N ASP Q 177 14.00 -35.04 15.56
CA ASP Q 177 14.73 -34.05 14.79
C ASP Q 177 15.36 -33.07 15.74
N LEU Q 178 14.71 -32.80 16.88
CA LEU Q 178 15.22 -31.91 17.91
C LEU Q 178 16.41 -32.53 18.55
N GLU Q 179 16.32 -33.79 18.92
CA GLU Q 179 17.47 -34.40 19.55
C GLU Q 179 18.60 -34.39 18.55
N ARG Q 180 18.28 -34.62 17.28
CA ARG Q 180 19.27 -34.58 16.24
C ARG Q 180 19.75 -33.15 16.01
N ALA Q 181 18.87 -32.16 16.08
CA ALA Q 181 19.22 -30.76 15.90
C ALA Q 181 20.10 -30.29 17.02
N GLU Q 182 19.82 -30.76 18.23
CA GLU Q 182 20.62 -30.42 19.37
C GLU Q 182 21.93 -31.12 19.20
N GLU Q 183 21.90 -32.37 18.74
CA GLU Q 183 23.11 -33.12 18.48
C GLU Q 183 23.91 -32.39 17.43
N ARG Q 184 23.26 -31.87 16.40
CA ARG Q 184 23.93 -31.14 15.35
C ARG Q 184 24.43 -29.83 15.90
N ALA Q 185 23.69 -29.20 16.80
CA ALA Q 185 24.21 -27.99 17.38
C ALA Q 185 25.48 -28.34 18.13
N GLU Q 186 25.48 -29.48 18.81
CA GLU Q 186 26.63 -29.97 19.56
C GLU Q 186 27.76 -30.43 18.65
N LEU Q 187 27.44 -31.06 17.53
CA LEU Q 187 28.43 -31.52 16.58
C LEU Q 187 29.07 -30.37 15.85
N SER Q 188 28.27 -29.37 15.49
CA SER Q 188 28.76 -28.20 14.81
C SER Q 188 29.49 -27.33 15.81
N GLU Q 189 29.03 -27.30 17.07
CA GLU Q 189 29.67 -26.56 18.14
C GLU Q 189 30.94 -27.28 18.50
N GLY Q 190 30.90 -28.59 18.47
CA GLY Q 190 32.00 -29.45 18.75
C GLY Q 190 33.05 -29.15 17.72
N LYS Q 191 32.65 -29.21 16.44
CA LYS Q 191 33.54 -28.91 15.36
C LYS Q 191 34.01 -27.48 15.50
N CYS Q 192 33.15 -26.55 15.92
CA CYS Q 192 33.64 -25.20 16.09
C CYS Q 192 34.71 -25.20 17.12
N ALA Q 193 34.51 -25.88 18.24
CA ALA Q 193 35.52 -25.92 19.28
C ALA Q 193 36.79 -26.57 18.78
N GLU Q 194 36.65 -27.60 17.94
CA GLU Q 194 37.82 -28.25 17.38
C GLU Q 194 38.54 -27.29 16.48
N LEU Q 195 37.78 -26.52 15.70
CA LEU Q 195 38.33 -25.53 14.82
C LEU Q 195 38.91 -24.41 15.63
N GLU Q 196 38.31 -24.06 16.74
CA GLU Q 196 38.85 -23.01 17.57
C GLU Q 196 40.18 -23.47 18.10
N GLU Q 197 40.30 -24.73 18.47
CA GLU Q 197 41.58 -25.20 18.96
C GLU Q 197 42.57 -25.31 17.81
N GLU Q 198 42.11 -25.75 16.64
CA GLU Q 198 42.98 -25.87 15.48
C GLU Q 198 43.34 -24.51 14.96
N LEU Q 199 42.39 -23.59 15.05
CA LEU Q 199 42.58 -22.22 14.60
C LEU Q 199 43.51 -21.55 15.53
N LYS Q 200 43.32 -21.72 16.83
CA LYS Q 200 44.24 -21.15 17.78
C LYS Q 200 45.57 -21.81 17.61
N THR Q 201 45.60 -23.10 17.31
CA THR Q 201 46.87 -23.75 17.10
C THR Q 201 47.58 -23.15 15.91
N VAL Q 202 46.90 -22.95 14.78
CA VAL Q 202 47.59 -22.36 13.66
C VAL Q 202 47.76 -20.88 13.86
N THR Q 203 46.88 -20.22 14.58
CA THR Q 203 46.99 -18.80 14.84
C THR Q 203 48.17 -18.57 15.73
N ASN Q 204 48.35 -19.41 16.73
CA ASN Q 204 49.43 -19.31 17.67
C ASN Q 204 50.70 -19.75 16.98
N ASN Q 205 50.61 -20.75 16.10
CA ASN Q 205 51.77 -21.16 15.37
C ASN Q 205 52.05 -20.11 14.34
N LEU Q 206 51.01 -19.41 13.88
CA LEU Q 206 51.20 -18.32 12.97
C LEU Q 206 51.89 -17.24 13.73
N LYS Q 207 51.46 -16.97 14.97
CA LYS Q 207 52.13 -15.95 15.76
C LYS Q 207 53.57 -16.34 15.90
N SER Q 208 53.85 -17.64 16.05
CA SER Q 208 55.22 -18.08 16.11
C SER Q 208 55.89 -17.83 14.79
N LEU Q 209 55.26 -18.19 13.66
CA LEU Q 209 55.86 -17.99 12.35
C LEU Q 209 55.91 -16.55 11.95
N GLU Q 210 54.96 -15.78 12.42
CA GLU Q 210 54.88 -14.38 12.17
C GLU Q 210 55.96 -13.74 12.97
N ALA Q 211 56.12 -14.17 14.22
CA ALA Q 211 57.18 -13.69 15.09
C ALA Q 211 58.49 -14.14 14.53
N GLN Q 212 58.54 -15.33 13.96
CA GLN Q 212 59.78 -15.77 13.38
C GLN Q 212 60.03 -14.95 12.18
N ALA Q 213 59.00 -14.70 11.39
CA ALA Q 213 59.16 -13.89 10.22
C ALA Q 213 59.57 -12.50 10.65
N GLU Q 214 59.03 -12.04 11.77
CA GLU Q 214 59.34 -10.74 12.31
C GLU Q 214 60.76 -10.69 12.75
N LYS Q 215 61.20 -11.72 13.46
CA LYS Q 215 62.54 -11.84 13.98
C LYS Q 215 63.49 -12.00 12.85
N TYR Q 216 63.08 -12.74 11.83
CA TYR Q 216 63.91 -12.96 10.69
C TYR Q 216 63.96 -11.68 9.92
N SER Q 217 62.86 -10.92 9.93
CA SER Q 217 62.83 -9.64 9.26
C SER Q 217 63.62 -8.62 10.08
N GLN Q 218 63.62 -8.73 11.40
CA GLN Q 218 64.37 -7.83 12.27
C GLN Q 218 65.83 -8.11 12.10
N LYS Q 219 66.18 -9.37 12.01
CA LYS Q 219 67.54 -9.76 11.80
C LYS Q 219 67.90 -9.43 10.39
N GLU Q 220 66.98 -9.67 9.46
CA GLU Q 220 67.18 -9.33 8.07
C GLU Q 220 67.48 -7.84 7.96
N ASP Q 221 66.75 -7.02 8.72
CA ASP Q 221 66.98 -5.60 8.72
C ASP Q 221 68.28 -5.33 9.40
N ARG Q 222 68.59 -6.05 10.47
CA ARG Q 222 69.87 -5.84 11.10
C ARG Q 222 70.98 -6.18 10.13
N TYR Q 223 70.76 -7.20 9.31
CA TYR Q 223 71.73 -7.62 8.35
C TYR Q 223 71.74 -6.63 7.21
N GLU Q 224 70.61 -6.02 6.87
CA GLU Q 224 70.56 -5.03 5.82
C GLU Q 224 71.30 -3.82 6.30
N GLU Q 225 71.14 -3.53 7.57
CA GLU Q 225 71.80 -2.44 8.23
C GLU Q 225 73.25 -2.78 8.29
N GLU Q 226 73.60 -4.04 8.52
CA GLU Q 226 74.97 -4.48 8.55
C GLU Q 226 75.52 -4.39 7.14
N ILE Q 227 74.71 -4.69 6.13
CA ILE Q 227 75.14 -4.54 4.77
C ILE Q 227 75.38 -3.09 4.56
N LYS Q 228 74.49 -2.23 5.04
CA LYS Q 228 74.67 -0.82 4.90
C LYS Q 228 75.94 -0.40 5.62
N VAL Q 229 76.24 -0.98 6.79
CA VAL Q 229 77.46 -0.62 7.46
C VAL Q 229 78.63 -1.06 6.64
N LEU Q 230 78.59 -2.28 6.15
CA LEU Q 230 79.66 -2.80 5.38
C LEU Q 230 79.74 -2.13 4.04
N SER Q 231 78.60 -1.76 3.50
CA SER Q 231 78.54 -1.10 2.22
C SER Q 231 79.15 0.26 2.39
N ASP Q 232 78.79 0.95 3.48
CA ASP Q 232 79.36 2.26 3.72
C ASP Q 232 80.80 2.15 4.08
N LYS Q 233 81.18 1.13 4.83
CA LYS Q 233 82.56 0.99 5.19
C LYS Q 233 83.35 0.63 3.97
N LEU Q 234 82.76 -0.15 3.07
CA LEU Q 234 83.39 -0.52 1.83
C LEU Q 234 83.47 0.68 0.95
N LYS Q 235 82.43 1.49 0.87
CA LYS Q 235 82.52 2.65 0.04
C LYS Q 235 83.56 3.58 0.58
N GLU Q 236 83.62 3.72 1.90
CA GLU Q 236 84.61 4.57 2.50
C GLU Q 236 85.98 3.95 2.33
N ALA Q 237 86.08 2.64 2.48
CA ALA Q 237 87.34 1.95 2.35
C ALA Q 237 87.76 1.88 0.93
N GLU Q 238 86.81 1.77 0.01
CA GLU Q 238 87.10 1.72 -1.39
C GLU Q 238 87.48 3.12 -1.84
N THR Q 239 86.79 4.11 -1.31
CA THR Q 239 87.08 5.49 -1.60
C THR Q 239 88.44 5.78 -1.06
N ARG Q 240 88.72 5.34 0.17
CA ARG Q 240 90.00 5.47 0.78
C ARG Q 240 90.99 4.55 0.11
N ALA Q 241 90.57 3.39 -0.37
CA ALA Q 241 91.52 2.56 -1.07
C ALA Q 241 91.96 3.33 -2.27
N GLU Q 242 91.01 4.01 -2.93
CA GLU Q 242 91.36 4.80 -4.07
C GLU Q 242 92.14 6.01 -3.68
N PHE Q 243 91.78 6.68 -2.60
CA PHE Q 243 92.48 7.89 -2.25
C PHE Q 243 93.83 7.59 -1.72
N ALA Q 244 93.95 6.52 -0.95
CA ALA Q 244 95.21 6.15 -0.39
C ALA Q 244 96.08 5.60 -1.49
N GLU Q 245 95.53 4.78 -2.40
CA GLU Q 245 96.31 4.27 -3.50
C GLU Q 245 96.63 5.38 -4.45
N ARG Q 246 95.71 6.32 -4.60
CA ARG Q 246 95.90 7.48 -5.43
C ARG Q 246 96.99 8.29 -4.82
N SER Q 247 96.98 8.43 -3.50
CA SER Q 247 98.01 9.17 -2.82
C SER Q 247 99.31 8.41 -3.00
N VAL Q 248 99.25 7.08 -2.99
CA VAL Q 248 100.43 6.29 -3.24
C VAL Q 248 100.93 6.47 -4.63
N THR Q 249 100.08 6.45 -5.65
CA THR Q 249 100.61 6.59 -6.98
C THR Q 249 100.89 8.05 -7.31
N LYS Q 250 100.22 8.96 -6.60
CA LYS Q 250 100.45 10.38 -6.73
C LYS Q 250 101.77 10.70 -6.11
N LEU Q 251 102.08 10.08 -4.96
CA LEU Q 251 103.35 10.31 -4.35
C LEU Q 251 104.38 9.50 -5.05
N GLU Q 252 104.10 8.29 -5.49
CA GLU Q 252 105.14 7.60 -6.21
C GLU Q 252 105.49 8.42 -7.41
N LYS Q 253 104.49 9.03 -8.05
CA LYS Q 253 104.78 9.86 -9.17
C LYS Q 253 105.46 11.15 -8.76
N SER Q 254 105.00 11.84 -7.70
CA SER Q 254 105.62 13.10 -7.35
C SER Q 254 107.01 12.85 -6.84
N ILE Q 255 107.22 11.69 -6.26
CA ILE Q 255 108.51 11.26 -5.79
C ILE Q 255 109.33 10.92 -6.97
N ASP Q 256 108.82 10.19 -7.94
CA ASP Q 256 109.66 9.93 -9.09
C ASP Q 256 110.01 11.23 -9.75
N ASP Q 257 108.97 12.03 -9.97
CA ASP Q 257 109.06 13.35 -10.58
C ASP Q 257 109.86 14.26 -9.67
N LEU Q 258 109.93 13.88 -8.39
CA LEU Q 258 110.73 14.57 -7.42
C LEU Q 258 112.10 14.01 -7.71
N GLU Q 259 112.40 12.84 -7.14
CA GLU Q 259 113.70 12.15 -7.31
C GLU Q 259 114.39 12.23 -8.68
N ASP Q 260 113.63 12.08 -9.76
CA ASP Q 260 114.14 12.12 -11.13
C ASP Q 260 114.67 13.50 -11.46
N GLU Q 261 113.90 14.51 -11.08
CA GLU Q 261 114.31 15.89 -11.26
C GLU Q 261 115.35 16.16 -10.17
N LEU Q 262 115.13 15.54 -9.00
CA LEU Q 262 116.04 15.65 -7.89
C LEU Q 262 117.40 15.04 -8.18
N TYR Q 263 117.47 13.92 -8.90
CA TYR Q 263 118.71 13.20 -9.24
C TYR Q 263 119.40 14.01 -10.27
N ALA Q 264 118.59 14.70 -11.07
CA ALA Q 264 119.25 15.56 -12.02
C ALA Q 264 120.07 16.58 -11.26
N GLN Q 265 119.47 17.17 -10.24
CA GLN Q 265 120.18 18.11 -9.39
C GLN Q 265 121.25 17.27 -8.74
N LYS Q 266 120.85 16.18 -8.10
CA LYS Q 266 121.78 15.27 -7.42
C LYS Q 266 123.00 14.85 -8.25
N LEU Q 267 122.79 14.52 -9.51
CA LEU Q 267 123.88 14.11 -10.40
C LEU Q 267 124.66 15.28 -11.02
N LYS Q 268 124.00 16.42 -11.19
CA LYS Q 268 124.67 17.58 -11.80
C LYS Q 268 125.22 18.61 -10.80
N TYR Q 269 124.57 18.75 -9.65
CA TYR Q 269 125.06 19.70 -8.65
C TYR Q 269 126.34 19.16 -8.07
N LYS Q 270 126.42 17.86 -7.83
CA LYS Q 270 127.65 17.37 -7.31
C LYS Q 270 128.62 17.25 -8.46
N ALA Q 271 128.22 16.77 -9.63
CA ALA Q 271 129.18 16.69 -10.72
C ALA Q 271 129.67 18.06 -11.18
N ILE Q 272 128.82 19.08 -11.16
CA ILE Q 272 129.25 20.42 -11.59
C ILE Q 272 130.19 20.96 -10.56
N SER Q 273 129.81 20.86 -9.30
CA SER Q 273 130.62 21.35 -8.21
C SER Q 273 131.85 20.48 -8.05
N GLU Q 274 131.71 19.19 -8.35
CA GLU Q 274 132.82 18.25 -8.23
C GLU Q 274 133.44 19.16 -9.27
N GLU Q 275 133.36 18.73 -10.52
CA GLU Q 275 134.22 18.98 -11.63
C GLU Q 275 134.74 20.37 -11.50
N LEU Q 276 133.97 21.26 -10.88
CA LEU Q 276 134.49 22.57 -10.60
C LEU Q 276 135.65 22.39 -9.65
N ASP Q 277 135.50 21.58 -8.60
CA ASP Q 277 136.61 21.39 -7.66
C ASP Q 277 137.76 20.63 -8.30
N HIS Q 278 137.47 19.73 -9.22
CA HIS Q 278 138.51 19.01 -9.91
C HIS Q 278 139.28 20.01 -10.68
N ALA Q 279 138.52 20.81 -11.42
CA ALA Q 279 139.09 21.82 -12.21
C ALA Q 279 139.83 22.75 -11.31
N LEU Q 280 139.35 23.03 -10.10
CA LEU Q 280 140.09 23.94 -9.25
C LEU Q 280 141.45 23.42 -8.93
N ASN Q 281 141.58 22.13 -8.69
CA ASN Q 281 142.94 21.72 -8.39
C ASN Q 281 143.83 22.12 -9.57
N ASP Q 282 143.33 21.89 -10.79
CA ASP Q 282 144.05 22.25 -12.02
C ASP Q 282 144.04 23.76 -12.36
N MET Q 283 142.97 24.47 -12.01
CA MET Q 283 142.78 25.90 -12.29
C MET Q 283 143.81 26.69 -11.57
N THR Q 284 144.16 26.19 -10.41
CA THR Q 284 145.09 26.77 -9.48
C THR Q 284 146.54 26.32 -9.75
N SER Q 285 146.74 25.44 -10.76
CA SER Q 285 148.08 24.98 -11.14
C SER Q 285 148.51 25.97 -12.22
N ILE Q 286 149.33 26.91 -11.80
CA ILE Q 286 149.67 28.06 -12.62
C ILE Q 286 151.17 28.32 -12.69
N MET R 3 138.54 28.50 -3.11
CA MET R 3 139.89 28.36 -3.62
C MET R 3 140.94 28.33 -2.54
N ASP R 4 141.07 27.18 -1.88
CA ASP R 4 141.99 26.96 -0.78
C ASP R 4 143.41 27.00 -1.27
N ALA R 5 143.58 26.48 -2.48
CA ALA R 5 144.87 26.45 -3.12
C ALA R 5 145.32 27.87 -3.33
N ILE R 6 144.38 28.73 -3.68
CA ILE R 6 144.70 30.10 -3.91
C ILE R 6 144.87 30.79 -2.61
N LYS R 7 144.00 30.58 -1.66
CA LYS R 7 144.18 31.35 -0.45
C LYS R 7 145.62 31.22 0.04
N LYS R 8 146.16 30.00 0.07
CA LYS R 8 147.53 29.89 0.51
C LYS R 8 148.55 30.31 -0.52
N LYS R 9 148.33 30.03 -1.81
CA LYS R 9 149.32 30.42 -2.80
C LYS R 9 149.38 31.92 -2.89
N MET R 10 148.24 32.57 -2.67
CA MET R 10 148.09 33.98 -2.64
C MET R 10 148.88 34.57 -1.53
N GLN R 11 148.79 33.99 -0.37
CA GLN R 11 149.58 34.51 0.72
C GLN R 11 151.06 34.28 0.42
N MET R 12 151.39 33.12 -0.14
CA MET R 12 152.78 32.83 -0.44
C MET R 12 153.35 33.80 -1.44
N LEU R 13 152.63 34.06 -2.52
CA LEU R 13 153.18 34.93 -3.53
C LEU R 13 153.12 36.37 -3.13
N LYS R 14 152.07 36.81 -2.43
CA LYS R 14 152.10 38.19 -2.06
C LYS R 14 153.23 38.43 -1.10
N LEU R 15 153.44 37.51 -0.17
CA LEU R 15 154.52 37.69 0.77
C LEU R 15 155.86 37.55 0.11
N ASP R 16 156.00 36.59 -0.80
CA ASP R 16 157.29 36.40 -1.41
C ASP R 16 157.62 37.53 -2.35
N LYS R 17 156.64 38.08 -3.07
CA LYS R 17 156.95 39.18 -3.98
C LYS R 17 157.14 40.43 -3.20
N GLU R 18 156.43 40.59 -2.09
CA GLU R 18 156.59 41.79 -1.34
C GLU R 18 157.94 41.78 -0.70
N ASN R 19 158.37 40.61 -0.25
CA ASN R 19 159.66 40.53 0.38
C ASN R 19 160.73 40.68 -0.68
N ALA R 20 160.55 40.07 -1.84
CA ALA R 20 161.54 40.21 -2.90
C ALA R 20 161.61 41.63 -3.36
N LEU R 21 160.47 42.32 -3.41
CA LEU R 21 160.42 43.70 -3.83
C LEU R 21 161.04 44.56 -2.78
N ASP R 22 160.78 44.28 -1.51
CA ASP R 22 161.38 45.06 -0.47
C ASP R 22 162.89 44.89 -0.59
N ARG R 23 163.35 43.67 -0.90
CA ARG R 23 164.76 43.47 -1.11
C ARG R 23 165.25 44.23 -2.33
N ALA R 24 164.49 44.24 -3.44
CA ALA R 24 164.92 44.95 -4.63
C ALA R 24 165.07 46.42 -4.37
N GLU R 25 164.14 46.96 -3.62
CA GLU R 25 164.13 48.36 -3.34
C GLU R 25 165.26 48.72 -2.40
N GLN R 26 165.51 47.90 -1.38
CA GLN R 26 166.59 48.16 -0.44
C GLN R 26 167.93 47.96 -1.08
N ALA R 27 168.02 46.94 -1.92
CA ALA R 27 169.28 46.64 -2.53
C ALA R 27 169.78 47.83 -3.31
N GLU R 28 168.87 48.53 -3.99
CA GLU R 28 169.31 49.72 -4.68
C GLU R 28 169.38 50.92 -3.74
N ALA R 29 168.34 51.09 -2.90
CA ALA R 29 168.17 52.24 -2.02
C ALA R 29 169.29 52.42 -1.02
N ASP R 30 169.91 51.33 -0.60
CA ASP R 30 171.01 51.40 0.34
C ASP R 30 172.19 52.21 -0.21
N LYS R 31 172.31 52.30 -1.54
CA LYS R 31 173.37 53.00 -2.22
C LYS R 31 174.73 52.47 -1.86
N MET S 3 140.53 30.41 -13.70
CA MET S 3 139.87 31.68 -13.65
C MET S 3 140.94 32.63 -14.10
N ASP S 4 140.63 33.58 -14.94
CA ASP S 4 141.69 34.45 -15.39
C ASP S 4 142.32 35.21 -14.27
N ALA S 5 141.54 35.63 -13.29
CA ALA S 5 142.13 36.40 -12.25
C ALA S 5 143.22 35.64 -11.53
N ILE S 6 143.01 34.36 -11.30
CA ILE S 6 143.99 33.62 -10.56
C ILE S 6 145.16 33.25 -11.44
N LYS S 7 144.91 32.92 -12.70
CA LYS S 7 146.03 32.53 -13.51
C LYS S 7 146.89 33.71 -13.83
N LYS S 8 146.27 34.80 -14.22
CA LYS S 8 147.00 35.95 -14.63
C LYS S 8 147.72 36.59 -13.47
N LYS S 9 147.10 36.69 -12.31
CA LYS S 9 147.82 37.33 -11.24
C LYS S 9 148.75 36.36 -10.57
N MET S 10 148.47 35.06 -10.53
CA MET S 10 149.45 34.24 -9.89
C MET S 10 150.72 34.34 -10.69
N GLN S 11 150.62 34.33 -12.03
CA GLN S 11 151.86 34.43 -12.78
C GLN S 11 152.48 35.81 -12.63
N MET S 12 151.68 36.88 -12.63
CA MET S 12 152.28 38.21 -12.51
C MET S 12 152.90 38.47 -11.17
N LEU S 13 152.30 37.96 -10.10
CA LEU S 13 152.83 38.19 -8.78
C LEU S 13 154.06 37.31 -8.62
N LYS S 14 154.04 36.13 -9.24
CA LYS S 14 155.20 35.24 -9.24
C LYS S 14 156.34 35.95 -9.93
N LEU S 15 156.03 36.62 -11.06
CA LEU S 15 157.03 37.38 -11.79
C LEU S 15 157.49 38.59 -11.02
N ASP S 16 156.60 39.27 -10.30
CA ASP S 16 157.10 40.41 -9.54
C ASP S 16 158.13 39.91 -8.57
N LYS S 17 157.89 38.73 -7.97
CA LYS S 17 158.82 38.14 -7.04
C LYS S 17 160.13 37.78 -7.68
N GLU S 18 160.07 37.10 -8.83
CA GLU S 18 161.28 36.66 -9.50
C GLU S 18 162.07 37.83 -10.01
N ASN S 19 161.38 38.84 -10.49
CA ASN S 19 162.05 39.98 -11.05
C ASN S 19 162.64 40.79 -9.93
N ALA S 20 161.91 40.92 -8.83
CA ALA S 20 162.37 41.66 -7.69
C ALA S 20 163.53 40.95 -7.04
N LEU S 21 163.49 39.63 -7.02
CA LEU S 21 164.55 38.86 -6.44
C LEU S 21 165.81 39.10 -7.25
N ASP S 22 165.70 39.04 -8.59
CA ASP S 22 166.87 39.25 -9.41
C ASP S 22 167.36 40.69 -9.28
N ARG S 23 166.43 41.64 -9.15
CA ARG S 23 166.79 43.04 -8.98
C ARG S 23 167.49 43.22 -7.66
N ALA S 24 167.06 42.50 -6.62
CA ALA S 24 167.73 42.65 -5.36
C ALA S 24 169.15 42.17 -5.45
N GLU S 25 169.34 41.05 -6.13
CA GLU S 25 170.69 40.51 -6.25
C GLU S 25 171.55 41.42 -7.10
N GLN S 26 170.97 41.95 -8.17
CA GLN S 26 171.68 42.81 -9.08
C GLN S 26 172.04 44.12 -8.42
N ALA S 27 171.05 44.77 -7.82
CA ALA S 27 171.28 46.05 -7.19
C ALA S 27 172.20 45.88 -6.01
N GLU S 28 172.09 44.77 -5.28
CA GLU S 28 172.96 44.56 -4.15
C GLU S 28 174.38 44.42 -4.64
N ALA S 29 174.58 43.73 -5.76
CA ALA S 29 175.91 43.59 -6.32
C ALA S 29 176.49 44.96 -6.71
N ASP S 30 175.63 45.86 -7.21
CA ASP S 30 176.05 47.21 -7.56
C ASP S 30 176.33 48.08 -6.34
N LYS S 31 175.59 47.84 -5.26
CA LYS S 31 175.65 48.61 -4.05
C LYS S 31 176.28 47.82 -2.90
N PHE T 1 163.15 25.72 6.24
CA PHE T 1 161.98 26.51 5.89
C PHE T 1 161.44 26.30 4.47
N ASP T 2 162.29 26.37 3.46
CA ASP T 2 161.81 26.23 2.09
C ASP T 2 161.34 24.81 1.82
N ASP T 3 161.76 23.89 2.66
CA ASP T 3 161.36 22.52 2.58
C ASP T 3 159.93 22.38 3.02
N ILE T 4 159.43 23.36 3.78
CA ILE T 4 158.06 23.32 4.22
C ILE T 4 157.27 23.60 3.00
N HIS T 5 157.72 24.60 2.26
CA HIS T 5 157.02 24.97 1.06
C HIS T 5 157.05 23.86 0.04
N ARG T 6 158.19 23.16 -0.05
CA ARG T 6 158.23 22.05 -0.96
C ARG T 6 157.28 20.95 -0.51
N LYS T 7 157.23 20.67 0.80
CA LYS T 7 156.33 19.65 1.32
C LYS T 7 154.89 20.04 1.06
N ARG T 8 154.59 21.33 1.15
CA ARG T 8 153.25 21.77 0.87
C ARG T 8 152.93 21.51 -0.59
N MET T 9 153.86 21.80 -1.49
CA MET T 9 153.55 21.51 -2.87
C MET T 9 153.45 20.02 -3.11
N GLU T 10 154.27 19.23 -2.43
CA GLU T 10 154.20 17.79 -2.64
C GLU T 10 152.87 17.25 -2.19
N LYS T 11 152.35 17.71 -1.06
CA LYS T 11 151.09 17.16 -0.62
C LYS T 11 149.97 17.72 -1.45
N ASP T 12 150.09 18.98 -1.88
CA ASP T 12 149.02 19.59 -2.63
C ASP T 12 148.93 19.04 -4.01
N LEU T 13 150.06 18.68 -4.61
CA LEU T 13 150.02 18.13 -5.94
C LEU T 13 149.71 16.65 -5.88
N ASN T 14 150.09 15.97 -4.80
CA ASN T 14 149.72 14.59 -4.72
C ASN T 14 148.23 14.55 -4.49
N GLU T 15 147.73 15.54 -3.73
CA GLU T 15 146.33 15.70 -3.46
C GLU T 15 145.64 16.17 -4.71
N LEU T 16 146.26 17.04 -5.49
CA LEU T 16 145.61 17.49 -6.69
C LEU T 16 145.35 16.32 -7.57
N GLN T 17 146.34 15.46 -7.77
CA GLN T 17 146.04 14.41 -8.70
C GLN T 17 145.07 13.43 -8.09
N ALA T 18 145.18 13.19 -6.77
CA ALA T 18 144.26 12.29 -6.09
C ALA T 18 142.86 12.86 -6.18
N LEU T 19 142.75 14.18 -6.11
CA LEU T 19 141.52 14.93 -6.17
C LEU T 19 140.99 14.97 -7.56
N ILE T 20 141.77 15.27 -8.58
CA ILE T 20 141.18 15.37 -9.89
C ILE T 20 140.50 14.05 -10.12
N GLU T 21 141.23 12.98 -9.79
CA GLU T 21 140.67 11.66 -9.88
C GLU T 21 139.52 11.43 -8.93
N ALA T 22 139.64 11.75 -7.65
CA ALA T 22 138.56 11.49 -6.71
C ALA T 22 137.34 12.35 -6.97
N HIS T 23 137.53 13.56 -7.39
CA HIS T 23 136.45 14.47 -7.61
C HIS T 23 135.64 13.91 -8.77
N PHE T 24 136.32 13.67 -9.88
CA PHE T 24 135.67 13.10 -11.02
C PHE T 24 135.18 11.69 -10.81
N GLU T 25 136.02 10.79 -10.33
CA GLU T 25 135.62 9.42 -10.19
C GLU T 25 134.59 9.25 -9.10
N ASN T 26 134.65 10.01 -8.01
CA ASN T 26 133.63 9.73 -7.03
C ASN T 26 132.31 10.14 -7.63
N ARG T 27 132.28 11.23 -8.40
CA ARG T 27 131.02 11.54 -9.02
C ARG T 27 130.69 10.57 -10.13
N LYS T 28 131.64 10.16 -10.95
CA LYS T 28 131.20 9.28 -12.00
C LYS T 28 130.73 7.99 -11.44
N LYS T 29 131.38 7.48 -10.42
CA LYS T 29 130.88 6.26 -9.87
C LYS T 29 129.54 6.50 -9.20
N GLU T 30 129.43 7.47 -8.30
CA GLU T 30 128.15 7.61 -7.62
C GLU T 30 127.04 8.02 -8.53
N GLU T 31 127.33 8.99 -9.38
CA GLU T 31 126.39 9.56 -10.32
C GLU T 31 125.97 8.61 -11.43
N GLU T 32 126.89 7.85 -12.00
CA GLU T 32 126.46 6.99 -13.07
C GLU T 32 125.76 5.79 -12.45
N GLU T 33 126.22 5.36 -11.26
CA GLU T 33 125.55 4.27 -10.59
C GLU T 33 124.16 4.72 -10.18
N LEU T 34 124.03 5.98 -9.74
CA LEU T 34 122.76 6.52 -9.33
C LEU T 34 121.80 6.67 -10.47
N VAL T 35 122.27 7.14 -11.63
CA VAL T 35 121.28 7.27 -12.67
C VAL T 35 121.00 5.88 -13.19
N SER T 36 122.00 5.02 -13.34
CA SER T 36 121.70 3.71 -13.85
C SER T 36 120.68 3.04 -12.94
N LEU T 37 120.91 3.13 -11.63
CA LEU T 37 119.99 2.57 -10.69
C LEU T 37 118.64 3.21 -10.75
N LYS T 38 118.60 4.52 -10.78
CA LYS T 38 117.34 5.18 -10.74
C LYS T 38 116.71 5.32 -12.10
N ASP T 39 117.44 5.00 -13.17
CA ASP T 39 116.85 4.99 -14.48
C ASP T 39 116.02 3.75 -14.44
N ARG T 40 116.58 2.69 -13.84
CA ARG T 40 115.84 1.47 -13.68
C ARG T 40 114.72 1.67 -12.68
N ILE T 41 114.95 2.38 -11.58
CA ILE T 41 113.84 2.54 -10.66
C ILE T 41 112.74 3.29 -11.33
N GLU T 42 113.10 4.31 -12.11
CA GLU T 42 112.13 5.12 -12.84
C GLU T 42 111.34 4.27 -13.83
N ARG T 43 112.02 3.35 -14.50
CA ARG T 43 111.35 2.52 -15.46
C ARG T 43 110.46 1.52 -14.76
N ARG T 44 110.94 0.96 -13.65
CA ARG T 44 110.16 -0.02 -12.94
C ARG T 44 108.94 0.63 -12.33
N ARG T 45 109.08 1.86 -11.83
CA ARG T 45 107.93 2.54 -11.28
C ARG T 45 106.95 2.83 -12.38
N ALA T 46 107.43 3.24 -13.56
CA ALA T 46 106.54 3.54 -14.68
C ALA T 46 105.82 2.28 -15.12
N GLU T 47 106.52 1.14 -15.10
CA GLU T 47 105.87 -0.10 -15.48
C GLU T 47 104.82 -0.46 -14.45
N ARG T 48 105.14 -0.29 -13.17
CA ARG T 48 104.17 -0.63 -12.16
C ARG T 48 102.99 0.30 -12.22
N ALA T 49 103.24 1.58 -12.50
CA ALA T 49 102.20 2.55 -12.61
C ALA T 49 101.27 2.21 -13.75
N GLU T 50 101.82 1.73 -14.87
CA GLU T 50 100.98 1.35 -15.97
C GLU T 50 100.17 0.14 -15.59
N GLN T 51 100.81 -0.80 -14.91
CA GLN T 51 100.13 -2.00 -14.51
C GLN T 51 99.02 -1.68 -13.54
N GLN T 52 99.23 -0.73 -12.62
CA GLN T 52 98.18 -0.38 -11.69
C GLN T 52 97.06 0.34 -12.41
N ARG T 53 97.37 1.18 -13.38
CA ARG T 53 96.33 1.85 -14.14
C ARG T 53 95.47 0.80 -14.84
N ILE T 54 96.11 -0.25 -15.36
CA ILE T 54 95.40 -1.33 -16.02
C ILE T 54 94.56 -2.09 -15.00
N ARG T 55 95.14 -2.33 -13.83
CA ARG T 55 94.45 -3.04 -12.76
C ARG T 55 93.21 -2.26 -12.31
N ASN T 56 93.33 -0.94 -12.27
CA ASN T 56 92.23 -0.11 -11.86
C ASN T 56 91.13 -0.18 -12.92
N GLU T 57 91.50 -0.18 -14.20
CA GLU T 57 90.51 -0.27 -15.26
C GLU T 57 89.78 -1.61 -15.20
N ARG T 58 90.53 -2.67 -14.91
CA ARG T 58 89.94 -4.00 -14.82
C ARG T 58 88.98 -4.08 -13.64
N GLU T 59 89.32 -3.46 -12.50
CA GLU T 59 88.42 -3.48 -11.36
C GLU T 59 87.18 -2.67 -11.68
N LYS T 60 87.35 -1.55 -12.38
CA LYS T 60 86.20 -0.74 -12.70
C LYS T 60 85.23 -1.56 -13.54
N GLU T 61 85.72 -2.38 -14.45
CA GLU T 61 84.81 -3.24 -15.22
C GLU T 61 84.18 -4.31 -14.34
N ARG T 62 84.95 -4.85 -13.39
CA ARG T 62 84.43 -5.86 -12.46
C ARG T 62 83.31 -5.29 -11.59
N GLN T 63 83.36 -3.98 -11.33
CA GLN T 63 82.38 -3.27 -10.52
C GLN T 63 81.14 -2.79 -11.27
N ASN T 64 81.03 -3.06 -12.59
CA ASN T 64 79.87 -2.61 -13.36
C ASN T 64 78.66 -3.51 -13.11
N GLY T 113 13.41 -18.21 -17.04
CA GLY T 113 11.96 -18.18 -16.92
C GLY T 113 11.28 -19.08 -17.92
N LYS T 114 10.31 -18.55 -18.67
CA LYS T 114 9.59 -19.29 -19.71
C LYS T 114 9.57 -18.59 -21.05
N ARG T 115 9.19 -17.32 -21.09
CA ARG T 115 9.27 -16.63 -22.37
C ARG T 115 10.69 -16.62 -22.88
N GLN T 116 11.67 -16.81 -22.02
CA GLN T 116 12.96 -17.27 -22.49
C GLN T 116 12.83 -18.55 -23.28
N THR T 117 11.92 -19.43 -22.88
CA THR T 117 11.76 -20.65 -23.65
C THR T 117 11.17 -20.32 -25.00
N GLU T 118 10.26 -19.35 -25.04
CA GLU T 118 9.81 -18.87 -26.35
C GLU T 118 10.92 -18.22 -27.15
N ARG T 119 11.80 -17.50 -26.50
CA ARG T 119 12.95 -16.92 -27.18
C ARG T 119 13.77 -17.99 -27.84
N GLU T 120 14.27 -18.93 -27.04
CA GLU T 120 15.03 -20.03 -27.60
C GLU T 120 14.20 -20.81 -28.59
N LYS T 121 12.88 -20.83 -28.42
CA LYS T 121 12.03 -21.40 -29.44
C LYS T 121 12.34 -20.73 -30.76
N LYS T 122 12.33 -19.41 -30.77
CA LYS T 122 12.66 -18.68 -31.97
C LYS T 122 14.07 -19.00 -32.42
N LYS T 123 14.98 -19.16 -31.48
CA LYS T 123 16.37 -19.40 -31.85
C LYS T 123 16.49 -20.74 -32.54
N LYS T 124 15.71 -21.70 -32.08
CA LYS T 124 15.60 -22.96 -32.78
C LYS T 124 14.91 -22.76 -34.11
N ILE T 125 13.92 -21.89 -34.14
CA ILE T 125 13.24 -21.61 -35.40
C ILE T 125 14.25 -21.13 -36.41
N LEU T 126 15.13 -20.23 -35.99
CA LEU T 126 16.29 -19.89 -36.78
C LEU T 126 17.07 -21.15 -37.15
N ALA T 127 17.38 -21.95 -36.15
CA ALA T 127 18.20 -23.15 -36.33
C ALA T 127 17.57 -24.17 -37.25
N GLU T 128 16.29 -24.03 -37.54
CA GLU T 128 15.54 -25.07 -38.22
C GLU T 128 14.79 -24.56 -39.44
N ARG T 129 14.82 -23.26 -39.71
CA ARG T 129 14.37 -22.78 -41.01
C ARG T 129 15.18 -23.38 -42.14
N ARG T 130 16.35 -23.94 -41.82
CA ARG T 130 17.09 -24.77 -42.75
C ARG T 130 16.38 -26.12 -42.87
N LYS T 131 16.29 -26.64 -44.08
CA LYS T 131 15.86 -28.02 -44.25
C LYS T 131 17.00 -28.90 -43.74
N VAL T 132 16.97 -30.19 -44.03
CA VAL T 132 18.14 -31.02 -43.78
C VAL T 132 19.05 -30.93 -45.00
N LEU T 133 20.36 -30.74 -44.75
CA LEU T 133 21.34 -30.54 -45.82
C LEU T 133 22.20 -31.79 -45.91
N ALA T 134 21.98 -32.56 -46.96
CA ALA T 134 22.62 -33.86 -47.15
C ALA T 134 23.64 -33.74 -48.27
N ILE T 135 24.91 -33.52 -47.91
CA ILE T 135 25.97 -33.45 -48.91
C ILE T 135 27.28 -34.09 -48.46
N ASP T 136 27.21 -35.16 -47.65
CA ASP T 136 28.44 -35.72 -47.08
C ASP T 136 28.93 -36.97 -47.80
N HIS T 137 28.16 -38.06 -47.76
CA HIS T 137 28.66 -39.38 -48.15
C HIS T 137 28.38 -39.74 -49.61
N LEU T 138 27.23 -39.34 -50.15
CA LEU T 138 26.83 -39.79 -51.48
C LEU T 138 27.62 -39.07 -52.57
N ASN T 139 27.30 -39.43 -53.82
CA ASN T 139 28.02 -38.93 -54.98
C ASN T 139 27.46 -37.58 -55.44
N GLU T 140 27.86 -37.15 -56.63
CA GLU T 140 27.65 -35.76 -57.05
C GLU T 140 26.20 -35.46 -57.40
N ASP T 141 25.46 -36.46 -57.90
CA ASP T 141 24.07 -36.23 -58.29
C ASP T 141 23.24 -35.77 -57.09
N GLN T 142 23.36 -36.48 -55.97
CA GLN T 142 22.65 -36.08 -54.76
C GLN T 142 23.19 -34.76 -54.21
N LEU T 143 24.45 -34.44 -54.48
CA LEU T 143 25.00 -33.15 -54.07
C LEU T 143 24.26 -32.00 -54.76
N ARG T 144 24.18 -32.05 -56.10
CA ARG T 144 23.44 -31.03 -56.84
C ARG T 144 21.96 -31.06 -56.47
N GLU T 145 21.42 -32.26 -56.22
CA GLU T 145 20.06 -32.33 -55.70
C GLU T 145 19.92 -31.48 -54.45
N LYS T 146 20.84 -31.64 -53.50
CA LYS T 146 20.73 -30.89 -52.27
C LYS T 146 20.73 -29.41 -52.56
N ALA T 147 21.78 -28.93 -53.23
CA ALA T 147 21.89 -27.51 -53.53
C ALA T 147 20.63 -26.97 -54.19
N LYS T 148 20.19 -27.60 -55.28
CA LYS T 148 19.13 -27.03 -56.09
C LYS T 148 17.74 -27.23 -55.50
N GLU T 149 17.52 -28.29 -54.73
CA GLU T 149 16.26 -28.39 -54.00
C GLU T 149 16.20 -27.29 -52.95
N LEU T 150 17.35 -26.95 -52.37
CA LEU T 150 17.42 -25.74 -51.56
C LEU T 150 17.08 -24.52 -52.39
N TRP T 151 17.71 -24.41 -53.56
CA TRP T 151 17.49 -23.29 -54.48
C TRP T 151 16.00 -23.10 -54.72
N GLN T 152 15.31 -24.17 -55.06
CA GLN T 152 13.90 -24.02 -55.40
C GLN T 152 13.05 -23.78 -54.17
N SER T 153 13.40 -24.37 -53.04
CA SER T 153 12.66 -24.06 -51.83
C SER T 153 12.83 -22.61 -51.44
N ILE T 154 14.06 -22.08 -51.52
CA ILE T 154 14.28 -20.64 -51.44
C ILE T 154 13.34 -19.94 -52.38
N TYR T 155 13.63 -20.06 -53.68
CA TYR T 155 12.78 -19.62 -54.77
C TYR T 155 11.32 -19.51 -54.36
N ASN T 156 10.79 -20.56 -53.76
CA ASN T 156 9.43 -20.53 -53.23
C ASN T 156 9.30 -19.48 -52.14
N LEU T 157 10.22 -19.48 -51.18
CA LEU T 157 10.05 -18.58 -50.05
C LEU T 157 10.22 -17.15 -50.50
N GLU T 158 11.04 -16.97 -51.53
CA GLU T 158 11.16 -15.70 -52.23
C GLU T 158 9.80 -15.26 -52.77
N ALA T 159 9.12 -16.17 -53.48
CA ALA T 159 7.77 -15.89 -53.93
C ALA T 159 6.92 -15.38 -52.78
N GLU T 160 6.86 -16.17 -51.72
CA GLU T 160 6.00 -15.87 -50.58
C GLU T 160 6.32 -14.50 -50.02
N LYS T 161 7.59 -14.13 -50.02
CA LYS T 161 8.00 -12.83 -49.57
C LYS T 161 7.41 -11.73 -50.44
N PHE T 162 7.67 -11.81 -51.75
CA PHE T 162 7.14 -10.80 -52.66
C PHE T 162 5.64 -10.67 -52.50
N ASP T 163 4.96 -11.81 -52.44
CA ASP T 163 3.52 -11.78 -52.54
C ASP T 163 2.89 -11.39 -51.22
N LEU T 164 3.57 -11.66 -50.11
CA LEU T 164 3.09 -11.13 -48.85
C LEU T 164 3.33 -9.64 -48.80
N GLN T 165 4.38 -9.16 -49.46
CA GLN T 165 4.49 -7.73 -49.66
C GLN T 165 3.29 -7.22 -50.43
N GLU T 166 2.96 -7.90 -51.52
CA GLU T 166 1.82 -7.49 -52.35
C GLU T 166 0.54 -7.47 -51.56
N LYS T 167 0.27 -8.59 -50.87
CA LYS T 167 -0.85 -8.69 -49.97
C LYS T 167 -0.81 -7.58 -48.95
N PHE T 168 0.36 -7.25 -48.44
CA PHE T 168 0.42 -6.19 -47.47
C PHE T 168 0.21 -4.84 -48.13
N LYS T 169 0.47 -4.73 -49.42
CA LYS T 169 0.24 -3.47 -50.12
C LYS T 169 -1.25 -3.22 -50.27
N GLN T 170 -1.94 -4.17 -50.90
CA GLN T 170 -3.40 -4.09 -50.92
C GLN T 170 -3.97 -4.12 -49.50
N GLN T 171 -3.20 -4.67 -48.56
CA GLN T 171 -3.63 -4.75 -47.17
C GLN T 171 -3.65 -3.39 -46.52
N LYS T 172 -2.50 -2.71 -46.54
CA LYS T 172 -2.44 -1.32 -46.12
C LYS T 172 -3.36 -0.46 -46.94
N TYR T 173 -3.67 -0.85 -48.17
CA TYR T 173 -4.61 -0.09 -48.96
C TYR T 173 -6.03 -0.17 -48.40
N GLU T 174 -6.57 -1.39 -48.34
CA GLU T 174 -7.90 -1.58 -47.78
C GLU T 174 -7.93 -1.23 -46.30
N ILE T 175 -6.78 -1.15 -45.65
CA ILE T 175 -6.76 -0.66 -44.28
C ILE T 175 -6.57 0.85 -44.24
N ASN T 176 -6.08 1.46 -45.32
CA ASN T 176 -6.31 2.89 -45.51
C ASN T 176 -7.80 3.13 -45.45
N VAL T 177 -8.55 2.31 -46.17
CA VAL T 177 -10.00 2.34 -46.07
C VAL T 177 -10.43 2.14 -44.62
N LEU T 178 -9.86 1.13 -43.97
CA LEU T 178 -10.32 0.72 -42.65
C LEU T 178 -10.07 1.83 -41.63
N ARG T 179 -8.91 2.46 -41.70
CA ARG T 179 -8.64 3.59 -40.83
C ARG T 179 -9.52 4.77 -41.22
N ASN T 180 -9.87 4.89 -42.50
CA ASN T 180 -10.80 5.94 -42.89
C ASN T 180 -12.12 5.77 -42.19
N ARG T 181 -12.71 4.58 -42.28
CA ARG T 181 -13.96 4.31 -41.59
C ARG T 181 -13.78 4.36 -40.07
N ILE T 182 -12.60 4.01 -39.58
CA ILE T 182 -12.29 4.31 -38.18
C ILE T 182 -12.59 5.75 -37.89
N ASN T 183 -11.97 6.64 -38.65
CA ASN T 183 -12.15 8.06 -38.48
C ASN T 183 -13.61 8.43 -38.64
N ASP T 184 -14.22 7.93 -39.71
CA ASP T 184 -15.64 8.06 -39.97
C ASP T 184 -16.46 7.68 -38.76
N ASN T 185 -15.91 6.83 -37.90
CA ASN T 185 -16.50 6.52 -36.61
C ASN T 185 -15.69 7.07 -35.46
N GLN T 186 -14.42 7.36 -35.70
CA GLN T 186 -13.53 7.84 -34.68
C GLN T 186 -12.20 8.23 -35.28
N ILE U 1 -33.71 5.60 -67.11
CA ILE U 1 -33.65 5.69 -68.55
C ILE U 1 -34.16 4.41 -69.15
N SER U 2 -34.66 4.46 -70.37
CA SER U 2 -34.70 3.21 -71.11
C SER U 2 -33.26 2.76 -71.29
N ALA U 3 -32.76 2.00 -70.31
CA ALA U 3 -31.30 1.93 -70.18
C ALA U 3 -30.77 0.51 -70.10
N SER U 4 -31.16 -0.35 -71.03
CA SER U 4 -30.32 -1.48 -71.38
C SER U 4 -28.88 -1.03 -71.54
N ARG U 5 -28.71 0.21 -72.02
CA ARG U 5 -27.44 0.91 -71.89
C ARG U 5 -26.89 0.76 -70.49
N LYS U 6 -27.74 0.95 -69.47
CA LYS U 6 -27.23 0.88 -68.09
C LYS U 6 -26.91 -0.55 -67.68
N LEU U 7 -27.69 -1.53 -68.14
CA LEU U 7 -27.40 -2.91 -67.73
C LEU U 7 -26.06 -3.38 -68.27
N GLN U 8 -25.91 -3.29 -69.60
CA GLN U 8 -24.65 -3.75 -70.16
C GLN U 8 -23.51 -2.85 -69.71
N LEU U 9 -23.79 -1.57 -69.49
CA LEU U 9 -22.87 -0.71 -68.76
C LEU U 9 -22.34 -1.40 -67.53
N LYS U 10 -23.21 -1.65 -66.55
CA LYS U 10 -22.72 -2.00 -65.23
C LYS U 10 -22.06 -3.36 -65.23
N THR U 11 -22.54 -4.31 -66.04
CA THR U 11 -21.73 -5.50 -66.16
C THR U 11 -20.35 -5.14 -66.67
N LEU U 12 -20.27 -4.33 -67.74
CA LEU U 12 -19.00 -3.90 -68.28
C LEU U 12 -18.20 -3.07 -67.28
N LEU U 13 -18.87 -2.43 -66.35
CA LEU U 13 -18.24 -1.50 -65.43
C LEU U 13 -17.58 -2.23 -64.29
N LEU U 14 -18.33 -3.12 -63.64
CA LEU U 14 -17.71 -4.00 -62.68
C LEU U 14 -16.65 -4.86 -63.36
N GLN U 15 -16.87 -5.19 -64.63
CA GLN U 15 -15.84 -5.82 -65.44
C GLN U 15 -14.59 -4.96 -65.46
N ILE U 16 -14.70 -3.71 -65.89
CA ILE U 16 -13.52 -2.86 -66.06
C ILE U 16 -12.88 -2.52 -64.73
N ALA U 17 -13.65 -2.53 -63.65
CA ALA U 17 -13.05 -2.27 -62.35
C ALA U 17 -12.23 -3.46 -61.89
N LYS U 18 -12.79 -4.67 -62.01
CA LYS U 18 -11.96 -5.83 -61.77
C LYS U 18 -10.82 -5.91 -62.77
N GLN U 19 -10.99 -5.27 -63.94
CA GLN U 19 -9.95 -5.25 -64.97
C GLN U 19 -8.84 -4.27 -64.64
N GLU U 20 -9.16 -3.16 -63.99
CA GLU U 20 -8.11 -2.29 -63.50
C GLU U 20 -7.37 -2.95 -62.36
N LEU U 21 -8.11 -3.68 -61.52
CA LEU U 21 -7.47 -4.60 -60.58
C LEU U 21 -6.59 -5.58 -61.32
N GLU U 22 -7.04 -6.02 -62.48
CA GLU U 22 -6.33 -7.04 -63.23
C GLU U 22 -5.08 -6.49 -63.91
N ARG U 23 -5.07 -5.22 -64.29
CA ARG U 23 -3.86 -4.65 -64.88
C ARG U 23 -2.86 -4.31 -63.79
N GLU U 24 -3.34 -3.72 -62.71
CA GLU U 24 -2.65 -3.77 -61.43
C GLU U 24 -2.00 -5.13 -61.20
N ALA U 25 -2.78 -6.20 -61.40
CA ALA U 25 -2.30 -7.54 -61.08
C ALA U 25 -1.35 -8.10 -62.12
N GLU U 26 -1.50 -7.74 -63.40
CA GLU U 26 -0.56 -8.22 -64.39
C GLU U 26 0.81 -7.64 -64.12
N GLU U 27 0.87 -6.35 -63.84
CA GLU U 27 2.13 -5.78 -63.36
C GLU U 27 2.64 -6.56 -62.14
N ARG U 28 1.77 -6.75 -61.14
CA ARG U 28 2.19 -7.33 -59.87
C ARG U 28 2.78 -8.73 -60.06
N ARG U 29 2.03 -9.61 -60.73
CA ARG U 29 2.50 -10.99 -60.84
C ARG U 29 3.60 -11.12 -61.85
N GLY U 30 3.74 -10.17 -62.76
CA GLY U 30 4.93 -10.21 -63.55
C GLY U 30 6.03 -10.15 -62.53
N GLU U 31 6.07 -9.06 -61.78
CA GLU U 31 7.15 -8.87 -60.81
C GLU U 31 7.31 -10.11 -59.95
N LYS U 32 6.19 -10.69 -59.56
CA LYS U 32 6.16 -11.90 -58.77
C LYS U 32 6.96 -13.02 -59.43
N GLY U 33 6.50 -13.49 -60.58
CA GLY U 33 7.14 -14.62 -61.23
C GLY U 33 8.56 -14.30 -61.69
N ARG U 34 8.76 -13.06 -62.13
CA ARG U 34 10.11 -12.61 -62.49
C ARG U 34 11.06 -12.82 -61.31
N ALA U 35 10.72 -12.19 -60.18
CA ALA U 35 11.48 -12.38 -58.96
C ALA U 35 11.57 -13.85 -58.57
N LEU U 36 10.58 -14.65 -58.92
CA LEU U 36 10.66 -16.07 -58.65
C LEU U 36 11.84 -16.70 -59.37
N SER U 37 11.83 -16.62 -60.70
CA SER U 37 12.85 -17.31 -61.47
C SER U 37 14.24 -16.76 -61.17
N THR U 38 14.30 -15.51 -60.71
CA THR U 38 15.61 -14.95 -60.43
C THR U 38 16.09 -15.27 -59.02
N ARG U 39 15.29 -14.90 -58.02
CA ARG U 39 15.66 -14.98 -56.60
C ARG U 39 16.27 -16.33 -56.27
N CYS U 40 15.80 -17.36 -56.92
CA CYS U 40 16.64 -18.50 -57.20
C CYS U 40 16.62 -18.67 -58.71
N GLN U 41 17.71 -18.42 -59.28
CA GLN U 41 18.03 -18.47 -60.69
C GLN U 41 18.40 -19.89 -61.05
N PRO U 42 17.83 -20.43 -62.09
CA PRO U 42 18.29 -21.74 -62.55
C PRO U 42 19.77 -21.69 -62.81
N LEU U 43 20.52 -22.48 -62.05
CA LEU U 43 21.95 -22.30 -61.95
C LEU U 43 22.70 -23.09 -63.02
N GLU U 44 24.01 -22.95 -63.00
CA GLU U 44 24.90 -23.43 -64.05
C GLU U 44 25.84 -24.45 -63.45
N LEU U 45 26.22 -25.47 -64.25
CA LEU U 45 26.64 -26.73 -63.66
C LEU U 45 28.00 -27.25 -64.08
N ALA U 46 28.40 -27.11 -65.34
CA ALA U 46 29.38 -28.02 -65.92
C ALA U 46 30.79 -27.80 -65.38
N GLY U 47 31.44 -28.91 -65.01
CA GLY U 47 32.87 -28.94 -64.78
C GLY U 47 33.35 -28.44 -63.44
N LEU U 48 32.46 -28.14 -62.51
CA LEU U 48 32.86 -27.45 -61.28
C LEU U 48 33.56 -28.39 -60.31
N GLY U 49 34.15 -27.79 -59.26
CA GLY U 49 34.87 -28.54 -58.26
C GLY U 49 34.06 -28.84 -57.01
N PHE U 50 34.34 -30.01 -56.44
CA PHE U 50 33.47 -30.61 -55.43
C PHE U 50 33.30 -29.74 -54.20
N ALA U 51 34.38 -29.14 -53.72
CA ALA U 51 34.29 -28.31 -52.53
C ALA U 51 33.29 -27.19 -52.75
N GLU U 52 33.40 -26.52 -53.89
CA GLU U 52 32.46 -25.46 -54.22
C GLU U 52 31.03 -26.02 -54.28
N LEU U 53 30.88 -27.26 -54.72
CA LEU U 53 29.55 -27.86 -54.83
C LEU U 53 28.90 -28.02 -53.46
N GLN U 54 29.63 -28.61 -52.51
CA GLN U 54 29.05 -28.74 -51.18
C GLN U 54 28.86 -27.37 -50.55
N ASP U 55 29.78 -26.43 -50.83
CA ASP U 55 29.59 -25.07 -50.35
C ASP U 55 28.27 -24.51 -50.85
N LEU U 56 27.95 -24.77 -52.10
CA LEU U 56 26.72 -24.23 -52.67
C LEU U 56 25.49 -24.95 -52.15
N CYS U 57 25.59 -26.24 -51.88
CA CYS U 57 24.46 -26.92 -51.27
C CYS U 57 24.15 -26.27 -49.93
N ARG U 58 25.16 -26.22 -49.07
CA ARG U 58 25.01 -25.52 -47.81
C ARG U 58 24.49 -24.11 -48.02
N GLN U 59 24.97 -23.45 -49.07
CA GLN U 59 24.63 -22.06 -49.30
C GLN U 59 23.16 -21.92 -49.61
N LEU U 60 22.70 -22.61 -50.64
CA LEU U 60 21.31 -22.58 -51.00
C LEU U 60 20.46 -23.07 -49.85
N HIS U 61 21.04 -23.90 -48.99
CA HIS U 61 20.32 -24.39 -47.83
C HIS U 61 20.04 -23.27 -46.84
N ALA U 62 21.10 -22.61 -46.39
CA ALA U 62 20.95 -21.47 -45.51
C ALA U 62 20.14 -20.38 -46.19
N ARG U 63 20.17 -20.34 -47.51
CA ARG U 63 19.33 -19.41 -48.22
C ARG U 63 17.87 -19.79 -48.05
N VAL U 64 17.56 -21.08 -48.07
CA VAL U 64 16.21 -21.52 -47.73
C VAL U 64 15.84 -21.00 -46.35
N ASP U 65 16.70 -21.29 -45.38
CA ASP U 65 16.48 -20.85 -44.01
C ASP U 65 16.16 -19.37 -43.97
N LYS U 66 16.99 -18.56 -44.62
CA LYS U 66 16.90 -17.12 -44.50
C LYS U 66 15.70 -16.58 -45.24
N VAL U 67 15.50 -17.02 -46.49
CA VAL U 67 14.38 -16.57 -47.28
C VAL U 67 13.09 -16.97 -46.60
N ASP U 68 13.09 -18.15 -46.00
CA ASP U 68 12.01 -18.60 -45.15
C ASP U 68 11.74 -17.58 -44.08
N GLU U 69 12.77 -17.25 -43.30
CA GLU U 69 12.59 -16.26 -42.25
C GLU U 69 11.96 -15.00 -42.80
N GLU U 70 12.45 -14.54 -43.95
CA GLU U 70 12.07 -13.23 -44.44
C GLU U 70 10.62 -13.22 -44.92
N ARG U 71 10.27 -14.12 -45.84
CA ARG U 71 8.88 -14.20 -46.24
C ARG U 71 7.98 -14.51 -45.06
N TYR U 72 8.49 -15.24 -44.07
CA TYR U 72 7.72 -15.47 -42.86
C TYR U 72 7.44 -14.17 -42.13
N ASP U 73 8.40 -13.26 -42.13
CA ASP U 73 8.14 -11.97 -41.52
C ASP U 73 7.08 -11.20 -42.29
N ILE U 74 7.19 -11.22 -43.62
CA ILE U 74 6.16 -10.57 -44.43
C ILE U 74 4.82 -11.18 -44.10
N GLU U 75 4.80 -12.49 -43.87
CA GLU U 75 3.61 -13.18 -43.41
C GLU U 75 3.14 -12.64 -42.08
N ALA U 76 4.04 -12.58 -41.11
CA ALA U 76 3.61 -12.28 -39.75
C ALA U 76 2.97 -10.93 -39.73
N LYS U 77 3.57 -9.98 -40.44
CA LYS U 77 2.97 -8.66 -40.49
C LYS U 77 1.72 -8.64 -41.34
N VAL U 78 1.73 -9.29 -42.49
CA VAL U 78 0.52 -9.49 -43.25
C VAL U 78 -0.56 -10.05 -42.37
N THR U 79 -0.20 -10.97 -41.50
CA THR U 79 -1.13 -11.61 -40.60
C THR U 79 -1.63 -10.62 -39.57
N LYS U 80 -0.74 -9.77 -39.10
CA LYS U 80 -1.15 -8.76 -38.16
C LYS U 80 -2.15 -7.81 -38.80
N ASN U 81 -1.85 -7.38 -40.02
CA ASN U 81 -2.82 -6.57 -40.75
C ASN U 81 -4.00 -7.38 -41.21
N ILE U 82 -3.89 -8.70 -41.20
CA ILE U 82 -5.02 -9.55 -41.55
C ILE U 82 -5.99 -9.59 -40.40
N THR U 83 -5.46 -9.90 -39.21
CA THR U 83 -6.20 -9.71 -37.99
C THR U 83 -6.73 -8.30 -37.91
N GLU U 84 -5.98 -7.35 -38.43
CA GLU U 84 -6.45 -5.98 -38.47
C GLU U 84 -7.59 -5.82 -39.45
N ILE U 85 -7.52 -6.49 -40.59
CA ILE U 85 -8.65 -6.51 -41.47
C ILE U 85 -9.83 -7.12 -40.74
N ALA U 86 -9.62 -8.26 -40.11
CA ALA U 86 -10.62 -8.85 -39.25
C ALA U 86 -11.16 -7.83 -38.25
N ASP U 87 -10.28 -7.03 -37.68
CA ASP U 87 -10.68 -6.25 -36.53
C ASP U 87 -11.13 -4.86 -36.91
N LEU U 88 -10.35 -4.12 -37.66
CA LEU U 88 -10.90 -2.94 -38.28
C LEU U 88 -12.18 -3.27 -39.01
N THR U 89 -12.13 -4.20 -39.96
CA THR U 89 -13.35 -4.67 -40.60
C THR U 89 -14.43 -4.96 -39.58
N GLN U 90 -14.22 -5.98 -38.76
CA GLN U 90 -15.25 -6.43 -37.84
C GLN U 90 -15.71 -5.31 -36.92
N LYS U 91 -14.80 -4.53 -36.41
CA LYS U 91 -15.08 -3.66 -35.28
C LYS U 91 -15.52 -2.28 -35.71
N ILE U 92 -14.90 -1.69 -36.72
CA ILE U 92 -15.54 -0.56 -37.36
C ILE U 92 -16.88 -1.00 -37.90
N PHE U 93 -16.91 -2.08 -38.65
CA PHE U 93 -18.13 -2.75 -39.07
C PHE U 93 -19.13 -2.87 -37.93
N ASP U 94 -18.63 -2.98 -36.71
CA ASP U 94 -19.48 -2.81 -35.55
C ASP U 94 -19.92 -1.36 -35.42
N LEU U 95 -18.99 -0.43 -35.58
CA LEU U 95 -19.36 0.99 -35.73
C LEU U 95 -20.07 1.23 -37.05
N ARG U 96 -20.06 0.27 -37.97
CA ARG U 96 -20.25 0.58 -39.38
C ARG U 96 -21.00 -0.47 -40.21
N GLY U 97 -21.45 -1.57 -39.62
CA GLY U 97 -22.26 -2.50 -40.41
C GLY U 97 -23.26 -3.29 -39.59
N LYS U 98 -23.37 -4.58 -39.90
CA LYS U 98 -23.93 -5.69 -39.13
C LYS U 98 -25.43 -5.96 -39.32
N PHE U 99 -26.21 -5.07 -39.94
CA PHE U 99 -27.48 -5.47 -40.53
C PHE U 99 -27.36 -5.50 -42.03
N LYS U 100 -26.13 -5.50 -42.52
CA LYS U 100 -25.90 -5.87 -43.89
C LYS U 100 -26.53 -7.22 -44.21
N ARG U 101 -26.55 -8.12 -43.24
CA ARG U 101 -27.58 -9.14 -43.28
C ARG U 101 -28.92 -8.40 -43.19
N PRO U 102 -29.69 -8.40 -44.26
CA PRO U 102 -30.91 -7.60 -44.28
C PRO U 102 -31.95 -8.26 -43.39
N THR U 103 -33.17 -7.78 -43.52
CA THR U 103 -34.25 -8.61 -43.03
C THR U 103 -34.22 -9.87 -43.88
N LEU U 104 -33.34 -10.77 -43.51
CA LEU U 104 -33.17 -11.98 -44.29
C LEU U 104 -34.49 -12.71 -44.32
N ARG U 105 -35.20 -12.59 -45.43
CA ARG U 105 -36.50 -13.19 -45.59
C ARG U 105 -36.31 -14.49 -46.34
N ARG U 106 -36.82 -15.58 -45.79
CA ARG U 106 -36.84 -16.81 -46.55
C ARG U 106 -38.06 -16.89 -47.44
N VAL U 107 -39.05 -16.03 -47.21
CA VAL U 107 -40.07 -15.84 -48.22
C VAL U 107 -39.40 -15.44 -49.52
N ARG U 108 -38.17 -14.96 -49.44
CA ARG U 108 -37.28 -14.98 -50.58
C ARG U 108 -36.77 -16.41 -50.76
N ILE U 109 -37.68 -17.37 -50.71
CA ILE U 109 -37.40 -18.75 -51.08
C ILE U 109 -37.06 -18.75 -52.56
N SER U 110 -36.67 -19.90 -53.08
CA SER U 110 -36.46 -19.90 -54.51
C SER U 110 -37.80 -19.47 -55.08
N ALA U 111 -37.84 -18.21 -55.49
CA ALA U 111 -39.11 -17.59 -55.82
C ALA U 111 -39.66 -18.19 -57.09
N ASP U 112 -38.81 -18.36 -58.08
CA ASP U 112 -39.15 -19.18 -59.22
C ASP U 112 -39.69 -20.52 -58.76
N ALA U 113 -39.13 -21.08 -57.68
CA ALA U 113 -39.59 -22.38 -57.22
C ALA U 113 -41.01 -22.34 -56.70
N MET U 114 -41.28 -21.49 -55.70
CA MET U 114 -42.64 -21.42 -55.18
C MET U 114 -43.61 -20.98 -56.26
N MET U 115 -43.20 -20.06 -57.11
CA MET U 115 -43.94 -19.73 -58.31
C MET U 115 -44.36 -20.98 -59.04
N GLN U 116 -43.37 -21.76 -59.49
CA GLN U 116 -43.65 -22.94 -60.28
C GLN U 116 -44.56 -23.89 -59.51
N ALA U 117 -44.32 -24.02 -58.20
CA ALA U 117 -45.17 -24.81 -57.33
C ALA U 117 -46.60 -24.33 -57.38
N LEU U 118 -46.81 -23.06 -57.68
CA LEU U 118 -48.17 -22.54 -57.77
C LEU U 118 -48.66 -22.38 -59.21
N LEU U 119 -47.79 -22.53 -60.21
CA LEU U 119 -48.15 -22.29 -61.60
C LEU U 119 -48.13 -23.53 -62.48
N GLY U 120 -47.07 -24.32 -62.46
CA GLY U 120 -47.01 -25.54 -63.26
C GLY U 120 -46.03 -25.42 -64.44
N ALA U 121 -46.53 -25.71 -65.64
CA ALA U 121 -45.65 -25.83 -66.80
C ALA U 121 -45.69 -24.60 -67.69
N ARG U 122 -46.25 -23.50 -67.20
CA ARG U 122 -46.35 -22.32 -68.03
C ARG U 122 -45.02 -21.56 -68.00
N ALA U 123 -43.97 -22.14 -67.43
CA ALA U 123 -42.69 -21.43 -67.28
C ALA U 123 -41.63 -22.22 -68.02
N LYS U 124 -41.51 -21.97 -69.31
CA LYS U 124 -40.60 -22.76 -70.12
C LYS U 124 -39.52 -21.95 -70.81
N GLU U 125 -39.84 -20.80 -71.41
CA GLU U 125 -38.77 -19.97 -71.95
C GLU U 125 -37.96 -19.33 -70.82
N SER U 126 -38.50 -19.30 -69.62
CA SER U 126 -37.74 -18.86 -68.46
C SER U 126 -38.34 -19.47 -67.20
N ASP V 1 -35.83 1.63 -63.16
CA ASP V 1 -36.37 2.02 -64.45
C ASP V 1 -35.64 1.43 -65.61
N ASP V 2 -34.34 1.61 -65.58
CA ASP V 2 -33.44 1.22 -66.64
C ASP V 2 -33.46 -0.30 -66.78
N ILE V 3 -33.40 -0.95 -65.63
CA ILE V 3 -33.50 -2.39 -65.54
C ILE V 3 -34.71 -2.92 -66.30
N TYR V 4 -35.81 -2.16 -66.28
CA TYR V 4 -37.02 -2.59 -66.98
C TYR V 4 -36.69 -2.79 -68.44
N LYS V 5 -35.96 -1.82 -68.97
CA LYS V 5 -35.65 -1.74 -70.39
C LYS V 5 -34.65 -2.82 -70.80
N ALA V 6 -33.65 -3.08 -69.96
CA ALA V 6 -32.74 -4.17 -70.30
C ALA V 6 -33.46 -5.51 -70.35
N ALA V 7 -34.25 -5.81 -69.32
CA ALA V 7 -34.93 -7.09 -69.29
C ALA V 7 -35.88 -7.24 -70.46
N VAL V 8 -36.51 -6.14 -70.90
CA VAL V 8 -37.33 -6.29 -72.09
C VAL V 8 -36.44 -6.45 -73.33
N GLU V 9 -35.17 -6.02 -73.25
CA GLU V 9 -34.29 -6.39 -74.36
C GLU V 9 -34.03 -7.88 -74.39
N GLN V 10 -34.16 -8.58 -73.26
CA GLN V 10 -34.07 -10.04 -73.34
C GLN V 10 -35.08 -10.62 -74.34
N LEU V 11 -36.37 -10.50 -74.04
CA LEU V 11 -37.39 -11.21 -74.81
C LEU V 11 -38.33 -10.21 -75.49
N THR V 12 -39.34 -10.73 -76.19
CA THR V 12 -40.20 -9.90 -77.02
C THR V 12 -41.59 -9.71 -76.42
N GLU V 13 -42.50 -9.14 -77.21
CA GLU V 13 -43.72 -8.48 -76.73
C GLU V 13 -44.98 -9.32 -76.89
N GLU V 14 -45.04 -10.17 -77.90
CA GLU V 14 -46.14 -11.11 -78.00
C GLU V 14 -46.32 -11.83 -76.69
N GLN V 15 -45.19 -12.24 -76.09
CA GLN V 15 -45.18 -12.67 -74.71
C GLN V 15 -46.04 -11.77 -73.86
N LYS V 16 -45.81 -10.46 -73.94
CA LYS V 16 -46.57 -9.54 -73.10
C LYS V 16 -48.05 -9.63 -73.39
N ASN V 17 -48.41 -9.90 -74.63
CA ASN V 17 -49.83 -10.03 -74.95
C ASN V 17 -50.44 -11.20 -74.21
N GLU V 18 -49.76 -12.34 -74.25
CA GLU V 18 -50.32 -13.48 -73.54
C GLU V 18 -50.25 -13.28 -72.03
N PHE V 19 -49.30 -12.48 -71.57
CA PHE V 19 -49.35 -12.04 -70.19
C PHE V 19 -50.67 -11.37 -69.91
N LYS V 20 -51.00 -10.39 -70.75
CA LYS V 20 -52.26 -9.69 -70.62
C LYS V 20 -53.41 -10.67 -70.57
N ALA V 21 -53.31 -11.76 -71.33
CA ALA V 21 -54.31 -12.81 -71.23
C ALA V 21 -54.37 -13.38 -69.81
N ALA V 22 -53.23 -13.85 -69.32
CA ALA V 22 -53.14 -14.32 -67.94
C ALA V 22 -53.74 -13.33 -66.97
N PHE V 23 -53.73 -12.07 -67.35
CA PHE V 23 -54.09 -11.05 -66.37
C PHE V 23 -55.56 -10.73 -66.45
N ASP V 24 -56.14 -10.68 -67.65
CA ASP V 24 -57.59 -10.72 -67.73
C ASP V 24 -58.09 -11.82 -66.84
N ILE V 25 -57.36 -12.93 -66.82
CA ILE V 25 -57.63 -13.94 -65.81
C ILE V 25 -57.42 -13.39 -64.42
N PHE V 26 -56.39 -12.56 -64.22
CA PHE V 26 -56.16 -12.03 -62.88
C PHE V 26 -56.84 -10.70 -62.60
N VAL V 27 -56.89 -9.78 -63.57
CA VAL V 27 -56.87 -8.35 -63.28
C VAL V 27 -58.06 -7.91 -62.45
N LEU V 28 -58.90 -8.85 -62.08
CA LEU V 28 -59.88 -8.64 -61.04
C LEU V 28 -59.11 -8.17 -59.81
N GLY V 29 -59.41 -6.97 -59.32
CA GLY V 29 -58.76 -6.46 -58.12
C GLY V 29 -58.04 -5.11 -58.13
N ALA V 30 -58.57 -4.14 -58.88
CA ALA V 30 -58.14 -2.75 -58.77
C ALA V 30 -59.25 -1.90 -58.16
N GLU V 31 -58.98 -1.25 -57.03
CA GLU V 31 -59.98 -0.37 -56.44
C GLU V 31 -59.98 1.00 -57.10
N ASP V 32 -58.85 1.38 -57.71
CA ASP V 32 -58.56 2.75 -58.07
C ASP V 32 -57.84 2.84 -59.39
N GLY V 33 -58.08 1.91 -60.31
CA GLY V 33 -57.18 1.72 -61.44
C GLY V 33 -55.80 1.31 -61.02
N CYS V 34 -55.48 1.41 -59.74
CA CYS V 34 -54.23 0.98 -59.18
C CYS V 34 -54.51 -0.35 -58.51
N ILE V 35 -53.46 -1.02 -58.09
CA ILE V 35 -53.59 -2.14 -57.19
C ILE V 35 -52.92 -1.68 -55.91
N SER V 36 -53.67 -0.98 -55.09
CA SER V 36 -53.15 -0.35 -53.88
C SER V 36 -53.48 -1.19 -52.66
N THR V 37 -53.34 -0.57 -51.49
CA THR V 37 -53.42 -1.28 -50.22
C THR V 37 -54.64 -2.20 -50.16
N LYS V 38 -55.83 -1.62 -50.36
CA LYS V 38 -57.02 -2.46 -50.36
C LYS V 38 -57.00 -3.47 -51.49
N GLU V 39 -56.38 -3.14 -52.62
CA GLU V 39 -56.30 -4.12 -53.70
C GLU V 39 -55.35 -5.23 -53.37
N LEU V 40 -54.18 -4.88 -52.81
CA LEU V 40 -53.31 -5.92 -52.25
C LEU V 40 -54.16 -6.86 -51.42
N GLY V 41 -54.89 -6.29 -50.45
CA GLY V 41 -55.81 -7.09 -49.66
C GLY V 41 -56.74 -7.93 -50.53
N LYS V 42 -57.39 -7.31 -51.51
CA LYS V 42 -58.45 -8.00 -52.24
C LYS V 42 -57.90 -9.15 -53.08
N VAL V 43 -56.97 -8.84 -53.96
CA VAL V 43 -56.45 -9.89 -54.83
C VAL V 43 -55.63 -10.91 -54.05
N MET V 44 -55.20 -10.59 -52.83
CA MET V 44 -54.41 -11.56 -52.11
C MET V 44 -55.29 -12.44 -51.24
N ARG V 45 -56.29 -11.86 -50.58
CA ARG V 45 -57.25 -12.72 -49.91
C ARG V 45 -58.20 -13.36 -50.91
N MET V 46 -58.08 -13.02 -52.20
CA MET V 46 -58.65 -13.87 -53.23
C MET V 46 -58.41 -15.33 -52.90
N LEU V 47 -57.23 -15.64 -52.36
CA LEU V 47 -56.94 -16.93 -51.77
C LEU V 47 -56.78 -16.86 -50.26
N GLY V 48 -57.31 -15.84 -49.61
CA GLY V 48 -57.18 -15.68 -48.18
C GLY V 48 -55.80 -15.26 -47.74
N GLN V 49 -55.08 -14.51 -48.55
CA GLN V 49 -53.65 -14.31 -48.38
C GLN V 49 -53.34 -12.82 -48.44
N ASN V 50 -52.11 -12.46 -48.06
CA ASN V 50 -51.47 -11.16 -48.26
C ASN V 50 -49.97 -11.37 -48.10
N PRO V 51 -49.12 -10.59 -48.79
CA PRO V 51 -47.67 -10.81 -48.69
C PRO V 51 -47.14 -10.65 -47.27
N THR V 52 -45.91 -11.09 -47.01
CA THR V 52 -45.36 -10.89 -45.69
C THR V 52 -45.38 -9.39 -45.42
N PRO V 53 -46.11 -8.95 -44.41
CA PRO V 53 -46.53 -7.55 -44.37
C PRO V 53 -45.39 -6.57 -44.46
N GLU V 54 -44.17 -7.02 -44.15
CA GLU V 54 -43.02 -6.22 -44.52
C GLU V 54 -43.07 -5.89 -46.00
N GLU V 55 -43.24 -6.90 -46.84
CA GLU V 55 -43.43 -6.64 -48.26
C GLU V 55 -44.61 -5.72 -48.49
N LEU V 56 -45.70 -5.95 -47.77
CA LEU V 56 -46.95 -5.29 -48.12
C LEU V 56 -46.90 -3.79 -47.81
N GLN V 57 -46.70 -3.43 -46.55
CA GLN V 57 -46.59 -2.01 -46.22
C GLN V 57 -45.38 -1.37 -46.88
N GLU V 58 -44.31 -2.15 -47.07
CA GLU V 58 -43.23 -1.71 -47.92
C GLU V 58 -43.76 -1.17 -49.24
N MET V 59 -44.55 -1.97 -49.94
CA MET V 59 -45.14 -1.49 -51.18
C MET V 59 -46.07 -0.32 -50.92
N ILE V 60 -46.76 -0.32 -49.78
CA ILE V 60 -47.72 0.75 -49.49
C ILE V 60 -47.03 2.10 -49.51
N ASP V 61 -46.02 2.27 -48.67
CA ASP V 61 -45.42 3.57 -48.46
C ASP V 61 -44.07 3.71 -49.15
N GLU V 62 -43.19 2.72 -48.99
CA GLU V 62 -41.76 2.93 -49.12
C GLU V 62 -41.30 2.92 -50.57
N VAL V 63 -41.42 1.77 -51.25
CA VAL V 63 -40.88 1.63 -52.60
C VAL V 63 -41.38 2.70 -53.55
N ASP V 64 -42.35 3.50 -53.11
CA ASP V 64 -42.66 4.76 -53.76
C ASP V 64 -41.41 5.61 -53.77
N GLU V 65 -40.66 5.50 -54.86
CA GLU V 65 -39.56 6.43 -55.05
C GLU V 65 -40.09 7.78 -55.52
N ASP V 66 -41.12 7.77 -56.34
CA ASP V 66 -41.56 8.95 -57.06
C ASP V 66 -42.42 9.89 -56.23
N GLY V 67 -42.95 9.43 -55.12
CA GLY V 67 -44.08 10.11 -54.53
C GLY V 67 -45.40 9.55 -54.97
N SER V 68 -45.42 8.34 -55.54
CA SER V 68 -46.68 7.64 -55.76
C SER V 68 -47.43 7.44 -54.45
N GLY V 69 -46.72 7.39 -53.34
CA GLY V 69 -47.31 7.27 -52.03
C GLY V 69 -47.94 5.94 -51.72
N THR V 70 -48.39 5.20 -52.73
CA THR V 70 -49.17 3.99 -52.54
C THR V 70 -48.59 2.87 -53.38
N VAL V 71 -49.17 1.68 -53.19
CA VAL V 71 -48.98 0.62 -54.17
C VAL V 71 -49.83 1.02 -55.37
N ASP V 72 -49.19 1.40 -56.46
CA ASP V 72 -49.95 1.71 -57.65
C ASP V 72 -50.54 0.42 -58.20
N PHE V 73 -51.24 0.47 -59.34
CA PHE V 73 -51.36 -0.78 -60.08
C PHE V 73 -49.98 -1.23 -60.44
N ASP V 74 -49.15 -0.28 -60.85
CA ASP V 74 -47.79 -0.58 -61.22
C ASP V 74 -47.04 -1.27 -60.09
N GLU V 75 -47.27 -0.89 -58.83
CA GLU V 75 -46.42 -1.42 -57.76
C GLU V 75 -46.83 -2.84 -57.33
N PHE V 76 -48.12 -3.13 -57.29
CA PHE V 76 -48.53 -4.51 -57.08
C PHE V 76 -48.08 -5.39 -58.22
N LEU V 77 -48.23 -4.90 -59.46
CA LEU V 77 -47.64 -5.59 -60.58
C LEU V 77 -46.15 -5.80 -60.37
N VAL V 78 -45.45 -4.80 -59.81
CA VAL V 78 -44.00 -4.89 -59.61
C VAL V 78 -43.67 -6.09 -58.75
N MET V 79 -44.33 -6.22 -57.61
CA MET V 79 -44.03 -7.38 -56.78
C MET V 79 -44.35 -8.67 -57.55
N MET V 80 -45.57 -8.75 -58.10
CA MET V 80 -46.03 -9.99 -58.72
C MET V 80 -45.18 -10.39 -59.92
N VAL V 81 -44.44 -9.46 -60.51
CA VAL V 81 -43.63 -9.84 -61.68
C VAL V 81 -42.16 -10.01 -61.32
N ARG V 82 -41.64 -9.21 -60.38
CA ARG V 82 -40.27 -9.44 -59.92
C ARG V 82 -40.15 -10.79 -59.22
N CYS V 83 -41.26 -11.54 -59.14
CA CYS V 83 -41.23 -12.95 -58.70
C CYS V 83 -40.05 -13.78 -59.27
N MET V 84 -40.02 -14.04 -60.58
CA MET V 84 -39.09 -15.04 -61.12
C MET V 84 -37.68 -14.49 -61.19
N LYS V 85 -36.73 -15.24 -60.67
CA LYS V 85 -35.41 -14.72 -60.37
C LYS V 85 -34.49 -14.78 -61.60
N ASP V 86 -33.90 -13.62 -61.98
CA ASP V 86 -33.03 -13.52 -63.16
C ASP V 86 -31.83 -12.54 -63.09
N ASP V 87 -31.67 -11.76 -62.01
CA ASP V 87 -30.58 -10.77 -61.97
C ASP V 87 -29.21 -11.44 -62.09
N SER V 88 -28.26 -10.72 -62.66
CA SER V 88 -26.91 -11.24 -62.84
C SER V 88 -25.99 -10.54 -61.86
N LYS V 89 -25.29 -11.33 -61.06
CA LYS V 89 -23.94 -11.06 -60.56
C LYS V 89 -23.79 -9.88 -59.61
N GLY V 90 -24.83 -9.06 -59.43
CA GLY V 90 -24.98 -8.29 -58.21
C GLY V 90 -23.73 -7.83 -57.48
N LYS V 91 -22.76 -7.25 -58.19
CA LYS V 91 -21.37 -7.30 -57.73
C LYS V 91 -21.16 -6.46 -56.47
N SER V 92 -20.23 -6.95 -55.63
CA SER V 92 -20.29 -6.65 -54.20
C SER V 92 -18.88 -6.73 -53.59
N GLU V 93 -18.85 -7.07 -52.28
CA GLU V 93 -17.75 -6.73 -51.39
C GLU V 93 -16.38 -7.03 -51.97
N GLU V 94 -16.06 -8.30 -52.18
CA GLU V 94 -14.68 -8.59 -52.53
C GLU V 94 -14.36 -8.07 -53.91
N GLU V 95 -15.25 -8.33 -54.86
CA GLU V 95 -15.28 -7.57 -56.10
C GLU V 95 -15.05 -6.10 -55.80
N LEU V 96 -16.06 -5.45 -55.21
CA LEU V 96 -16.05 -4.00 -55.12
C LEU V 96 -14.81 -3.47 -54.40
N SER V 97 -14.16 -4.28 -53.57
CA SER V 97 -12.98 -3.85 -52.84
C SER V 97 -11.74 -3.89 -53.70
N ASP V 98 -11.53 -5.03 -54.36
CA ASP V 98 -10.45 -5.09 -55.34
C ASP V 98 -10.64 -4.01 -56.38
N LEU V 99 -11.89 -3.76 -56.77
CA LEU V 99 -12.20 -2.63 -57.64
C LEU V 99 -11.81 -1.33 -56.98
N PHE V 100 -12.23 -1.14 -55.73
CA PHE V 100 -11.96 0.06 -54.98
C PHE V 100 -10.48 0.37 -54.96
N ARG V 101 -9.64 -0.65 -55.08
CA ARG V 101 -8.21 -0.39 -55.17
C ARG V 101 -7.91 0.61 -56.27
N MET V 102 -8.34 0.33 -57.49
CA MET V 102 -8.11 1.24 -58.58
C MET V 102 -9.11 2.37 -58.61
N PHE V 103 -10.29 2.16 -58.03
CA PHE V 103 -11.18 3.27 -57.75
C PHE V 103 -10.46 4.26 -56.84
N ASP V 104 -10.16 3.83 -55.62
CA ASP V 104 -9.29 4.64 -54.77
C ASP V 104 -7.85 4.26 -55.11
N LYS V 105 -7.49 4.51 -56.38
CA LYS V 105 -6.09 4.44 -56.77
C LYS V 105 -5.22 5.22 -55.83
N ASN V 106 -5.82 6.21 -55.16
CA ASN V 106 -5.13 6.98 -54.14
C ASN V 106 -4.41 6.06 -53.16
N ALA V 107 -4.77 4.78 -53.12
CA ALA V 107 -4.25 3.84 -52.16
C ALA V 107 -4.61 4.26 -50.75
N ASP V 108 -5.80 4.84 -50.57
CA ASP V 108 -6.11 5.56 -49.36
C ASP V 108 -7.46 5.23 -48.75
N GLY V 109 -8.30 4.48 -49.43
CA GLY V 109 -9.66 4.33 -48.99
C GLY V 109 -10.52 5.54 -49.23
N TYR V 110 -10.14 6.40 -50.16
CA TYR V 110 -10.96 7.55 -50.52
C TYR V 110 -10.70 7.89 -51.97
N ILE V 111 -11.62 7.46 -52.83
CA ILE V 111 -11.49 7.56 -54.28
C ILE V 111 -11.42 9.01 -54.68
N ASP V 112 -10.72 9.31 -55.75
CA ASP V 112 -10.90 10.61 -56.38
C ASP V 112 -11.77 10.45 -57.63
N LEU V 113 -12.10 11.57 -58.27
CA LEU V 113 -13.06 11.53 -59.37
C LEU V 113 -12.55 10.69 -60.54
N ASP V 114 -11.35 10.98 -61.00
CA ASP V 114 -10.98 10.54 -62.34
C ASP V 114 -10.54 9.09 -62.42
N GLU V 115 -10.14 8.45 -61.32
CA GLU V 115 -9.99 7.01 -61.37
C GLU V 115 -11.32 6.36 -61.75
N LEU V 116 -12.38 6.72 -61.02
CA LEU V 116 -13.72 6.30 -61.38
C LEU V 116 -14.08 6.73 -62.79
N LYS V 117 -13.68 7.94 -63.20
CA LYS V 117 -13.98 8.36 -64.56
C LYS V 117 -13.34 7.42 -65.57
N ILE V 118 -12.10 7.01 -65.30
CA ILE V 118 -11.41 6.07 -66.19
C ILE V 118 -12.16 4.76 -66.24
N MET V 119 -12.54 4.23 -65.07
CA MET V 119 -13.29 2.99 -65.05
C MET V 119 -14.56 3.14 -65.85
N LEU V 120 -15.28 4.23 -65.63
CA LEU V 120 -16.50 4.55 -66.39
C LEU V 120 -16.22 4.51 -67.88
N GLN V 121 -15.21 5.25 -68.31
CA GLN V 121 -14.89 5.35 -69.72
C GLN V 121 -14.45 4.02 -70.30
N ALA V 122 -13.96 3.10 -69.47
CA ALA V 122 -13.44 1.84 -69.96
C ALA V 122 -14.35 0.65 -69.63
N THR V 123 -15.54 0.90 -69.10
CA THR V 123 -16.47 -0.20 -68.84
C THR V 123 -16.71 -1.01 -70.10
N GLY V 124 -17.27 -0.37 -71.10
CA GLY V 124 -17.82 -1.04 -72.24
C GLY V 124 -19.11 -0.36 -72.65
N GLU V 125 -19.58 0.61 -71.86
CA GLU V 125 -20.77 1.35 -72.26
C GLU V 125 -20.81 2.74 -71.64
N THR V 126 -21.99 3.36 -71.71
CA THR V 126 -22.26 4.80 -71.66
C THR V 126 -22.24 5.50 -70.30
N ILE V 127 -21.42 6.52 -70.16
CA ILE V 127 -21.27 7.26 -68.92
C ILE V 127 -21.94 8.62 -69.09
N THR V 128 -23.17 8.75 -68.62
CA THR V 128 -23.81 10.06 -68.62
C THR V 128 -23.32 10.80 -67.40
N GLU V 129 -22.75 11.98 -67.62
CA GLU V 129 -22.36 12.80 -66.50
C GLU V 129 -23.57 13.22 -65.69
N ASP V 130 -24.77 13.07 -66.24
CA ASP V 130 -25.94 12.92 -65.39
C ASP V 130 -25.73 11.80 -64.39
N ASP V 131 -25.44 10.60 -64.90
CA ASP V 131 -25.23 9.49 -64.01
C ASP V 131 -23.99 9.70 -63.17
N ILE V 132 -22.98 10.41 -63.68
CA ILE V 132 -21.85 10.73 -62.83
C ILE V 132 -22.28 11.64 -61.69
N GLU V 133 -23.20 12.56 -61.96
CA GLU V 133 -23.79 13.36 -60.91
C GLU V 133 -24.53 12.47 -59.92
N GLU V 134 -25.30 11.53 -60.43
CA GLU V 134 -25.89 10.51 -59.58
C GLU V 134 -24.81 9.92 -58.68
N LEU V 135 -23.74 9.42 -59.30
CA LEU V 135 -22.74 8.65 -58.56
C LEU V 135 -22.02 9.50 -57.53
N MET V 136 -21.81 10.78 -57.80
CA MET V 136 -21.22 11.61 -56.76
C MET V 136 -22.18 11.75 -55.59
N LYS V 137 -23.47 11.89 -55.89
CA LYS V 137 -24.46 11.89 -54.81
C LYS V 137 -24.39 10.58 -54.03
N ASP V 138 -24.19 9.46 -54.75
CA ASP V 138 -24.33 8.15 -54.16
C ASP V 138 -23.03 7.65 -53.53
N GLY V 139 -22.08 7.25 -54.38
CA GLY V 139 -20.82 6.65 -54.00
C GLY V 139 -20.19 7.25 -52.78
N ASP V 140 -19.68 8.47 -52.91
CA ASP V 140 -19.24 9.15 -51.71
C ASP V 140 -20.48 9.39 -50.87
N LYS V 141 -20.81 8.45 -49.99
CA LYS V 141 -21.88 8.73 -49.05
C LYS V 141 -21.53 9.95 -48.22
N ASN V 142 -20.26 10.10 -47.87
CA ASN V 142 -19.80 11.36 -47.32
C ASN V 142 -20.01 12.49 -48.31
N ASN V 143 -19.98 12.18 -49.61
CA ASN V 143 -20.10 13.16 -50.67
C ASN V 143 -19.03 14.23 -50.56
N ASP V 144 -17.87 13.84 -50.03
CA ASP V 144 -16.74 14.74 -49.92
C ASP V 144 -15.80 14.63 -51.10
N GLY V 145 -16.30 14.17 -52.25
CA GLY V 145 -15.44 13.97 -53.39
C GLY V 145 -14.43 12.86 -53.21
N ARG V 146 -14.48 12.15 -52.10
CA ARG V 146 -13.56 11.04 -51.88
C ARG V 146 -14.30 9.98 -51.05
N ILE V 147 -14.20 8.73 -51.49
CA ILE V 147 -15.19 7.72 -51.11
C ILE V 147 -14.49 6.64 -50.27
N ASP V 148 -14.96 6.47 -49.04
CA ASP V 148 -14.57 5.26 -48.33
C ASP V 148 -15.27 4.07 -48.98
N TYR V 149 -14.68 2.89 -48.83
CA TYR V 149 -15.06 1.79 -49.71
C TYR V 149 -16.53 1.43 -49.59
N ASP V 150 -17.01 1.15 -48.37
CA ASP V 150 -18.39 0.70 -48.22
C ASP V 150 -19.37 1.66 -48.86
N GLU V 151 -19.06 2.96 -48.78
CA GLU V 151 -19.85 3.94 -49.52
C GLU V 151 -19.96 3.53 -50.99
N PHE V 152 -18.81 3.35 -51.64
CA PHE V 152 -18.76 2.84 -53.00
C PHE V 152 -19.44 1.49 -53.12
N LEU V 153 -19.41 0.69 -52.07
CA LEU V 153 -20.05 -0.63 -52.10
C LEU V 153 -21.54 -0.48 -52.30
N GLU V 154 -22.22 0.10 -51.33
CA GLU V 154 -23.65 0.29 -51.43
C GLU V 154 -23.99 1.13 -52.65
N PHE V 155 -23.05 1.93 -53.10
CA PHE V 155 -23.13 2.60 -54.38
C PHE V 155 -23.03 1.62 -55.54
N MET V 156 -22.45 0.45 -55.34
CA MET V 156 -22.24 -0.50 -56.41
C MET V 156 -22.66 -1.92 -56.05
N LYS V 157 -23.08 -2.15 -54.82
CA LYS V 157 -23.48 -3.50 -54.42
C LYS V 157 -24.70 -3.94 -55.20
N GLY V 158 -24.78 -5.25 -55.45
CA GLY V 158 -26.02 -5.88 -55.83
C GLY V 158 -26.48 -5.68 -57.26
N VAL V 159 -25.59 -5.29 -58.17
CA VAL V 159 -26.02 -5.05 -59.54
C VAL V 159 -25.14 -5.84 -60.50
N GLU V 160 -25.73 -6.22 -61.63
CA GLU V 160 -25.02 -6.81 -62.77
C GLU V 160 -23.68 -6.20 -63.12
N LEU W 13 -205.81 -114.87 -52.94
CA LEU W 13 -206.77 -113.78 -53.01
C LEU W 13 -206.21 -112.58 -53.73
N LYS W 14 -207.08 -111.60 -53.96
CA LYS W 14 -206.66 -110.32 -54.54
C LYS W 14 -205.73 -109.62 -53.58
N LEU W 15 -205.83 -109.96 -52.33
CA LEU W 15 -205.04 -109.34 -51.32
C LEU W 15 -203.68 -109.98 -51.26
N ASP W 16 -203.54 -111.18 -51.78
CA ASP W 16 -202.25 -111.79 -51.71
C ASP W 16 -201.50 -111.29 -52.90
N LYS W 17 -202.24 -111.09 -54.00
CA LYS W 17 -201.59 -110.57 -55.18
C LYS W 17 -201.35 -109.12 -54.99
N GLU W 18 -202.23 -108.44 -54.26
CA GLU W 18 -202.03 -107.03 -54.11
C GLU W 18 -200.85 -106.82 -53.21
N ASN W 19 -200.67 -107.67 -52.20
CA ASN W 19 -199.53 -107.48 -51.34
C ASN W 19 -198.25 -107.88 -52.04
N ALA W 20 -198.28 -108.96 -52.81
CA ALA W 20 -197.11 -109.38 -53.53
C ALA W 20 -196.80 -108.38 -54.61
N LEU W 21 -197.85 -107.80 -55.20
CA LEU W 21 -197.70 -106.79 -56.21
C LEU W 21 -197.22 -105.55 -55.56
N ASP W 22 -197.69 -105.21 -54.38
CA ASP W 22 -197.17 -104.02 -53.76
C ASP W 22 -195.70 -104.26 -53.52
N ARG W 23 -195.31 -105.49 -53.16
CA ARG W 23 -193.89 -105.70 -53.01
C ARG W 23 -193.20 -105.56 -54.36
N ALA W 24 -193.78 -106.11 -55.43
CA ALA W 24 -193.19 -106.00 -56.75
C ALA W 24 -193.24 -104.62 -57.32
N GLU W 25 -194.33 -103.93 -57.10
CA GLU W 25 -194.55 -102.61 -57.64
C GLU W 25 -193.70 -101.66 -56.91
N GLN W 26 -193.64 -101.81 -55.59
CA GLN W 26 -192.80 -100.98 -54.82
C GLN W 26 -191.38 -101.33 -55.16
N ALA W 27 -191.07 -102.61 -55.38
CA ALA W 27 -189.71 -102.96 -55.73
C ALA W 27 -189.37 -102.31 -57.07
N GLU W 28 -190.32 -102.24 -58.01
CA GLU W 28 -190.08 -101.55 -59.26
C GLU W 28 -189.91 -100.06 -59.02
N ALA W 29 -190.70 -99.49 -58.09
CA ALA W 29 -190.59 -98.09 -57.70
C ALA W 29 -189.25 -97.87 -57.00
N ASP W 30 -188.81 -98.88 -56.27
CA ASP W 30 -187.55 -98.86 -55.58
C ASP W 30 -186.47 -99.05 -56.56
N LYS W 31 -186.74 -99.76 -57.66
CA LYS W 31 -185.77 -99.91 -58.71
C LYS W 31 -185.68 -98.57 -59.35
N LYS W 32 -186.80 -97.89 -59.52
CA LYS W 32 -186.70 -96.58 -60.09
C LYS W 32 -185.85 -95.75 -59.17
N ALA W 33 -186.14 -95.76 -57.87
CA ALA W 33 -185.38 -94.97 -56.94
C ALA W 33 -183.93 -95.41 -56.83
N ALA W 34 -183.67 -96.71 -56.88
CA ALA W 34 -182.33 -97.27 -56.78
C ALA W 34 -181.58 -96.96 -58.03
N GLU W 35 -182.29 -96.94 -59.15
CA GLU W 35 -181.74 -96.60 -60.43
C GLU W 35 -181.54 -95.12 -60.43
N ASP W 36 -182.44 -94.35 -59.82
CA ASP W 36 -182.21 -92.93 -59.80
C ASP W 36 -180.98 -92.70 -58.98
N ARG W 37 -180.83 -93.42 -57.87
CA ARG W 37 -179.63 -93.20 -57.11
C ARG W 37 -178.40 -93.65 -57.86
N SER W 38 -178.45 -94.79 -58.53
CA SER W 38 -177.27 -95.26 -59.19
C SER W 38 -176.98 -94.53 -60.48
N LYS W 39 -177.99 -94.03 -61.17
CA LYS W 39 -177.69 -93.33 -62.40
C LYS W 39 -177.21 -91.95 -62.00
N GLN W 40 -177.73 -91.41 -60.89
CA GLN W 40 -177.29 -90.12 -60.42
C GLN W 40 -175.90 -90.25 -59.91
N LEU W 41 -175.58 -91.35 -59.23
CA LEU W 41 -174.23 -91.55 -58.76
C LEU W 41 -173.30 -91.77 -59.91
N GLU W 42 -173.74 -92.46 -60.96
CA GLU W 42 -172.86 -92.61 -62.11
C GLU W 42 -172.66 -91.23 -62.71
N ASP W 43 -173.73 -90.42 -62.81
CA ASP W 43 -173.60 -89.06 -63.34
C ASP W 43 -172.68 -88.27 -62.44
N GLU W 44 -172.74 -88.57 -61.15
CA GLU W 44 -171.87 -87.93 -60.21
C GLU W 44 -170.54 -88.65 -60.11
N LEU W 45 -170.35 -89.83 -60.70
CA LEU W 45 -169.01 -90.33 -60.71
C LEU W 45 -168.37 -89.58 -61.81
N VAL W 46 -169.19 -89.24 -62.80
CA VAL W 46 -168.68 -88.44 -63.88
C VAL W 46 -168.46 -87.06 -63.34
N SER W 47 -169.37 -86.47 -62.57
CA SER W 47 -169.10 -85.13 -62.08
C SER W 47 -167.96 -85.16 -61.11
N LEU W 48 -167.78 -86.23 -60.34
CA LEU W 48 -166.69 -86.24 -59.41
C LEU W 48 -165.40 -86.50 -60.12
N GLN W 49 -165.43 -87.37 -61.12
CA GLN W 49 -164.24 -87.68 -61.89
C GLN W 49 -163.86 -86.46 -62.69
N LYS W 50 -164.85 -85.78 -63.22
CA LYS W 50 -164.69 -84.58 -64.01
C LYS W 50 -164.18 -83.47 -63.14
N LYS W 51 -164.70 -83.36 -61.92
CA LYS W 51 -164.26 -82.35 -61.01
C LYS W 51 -162.92 -82.74 -60.42
N LEU W 52 -162.65 -84.06 -60.32
CA LEU W 52 -161.36 -84.58 -59.87
C LEU W 52 -160.36 -84.16 -60.89
N LYS W 53 -160.70 -84.37 -62.17
CA LYS W 53 -159.86 -83.98 -63.28
C LYS W 53 -159.89 -82.49 -63.44
N GLY W 54 -160.96 -81.85 -63.04
CA GLY W 54 -161.03 -80.42 -63.04
C GLY W 54 -159.90 -79.98 -62.12
N THR W 55 -159.86 -80.56 -60.92
CA THR W 55 -158.82 -80.28 -59.96
C THR W 55 -157.47 -80.81 -60.45
N GLU W 56 -157.41 -81.95 -61.13
CA GLU W 56 -156.11 -82.46 -61.59
C GLU W 56 -155.52 -81.53 -62.65
N ASP W 57 -156.37 -81.04 -63.54
CA ASP W 57 -155.97 -80.13 -64.60
C ASP W 57 -155.51 -78.84 -63.94
N GLU W 58 -156.26 -78.41 -62.94
CA GLU W 58 -155.89 -77.23 -62.20
C GLU W 58 -154.63 -77.52 -61.39
N LEU W 59 -154.40 -78.75 -60.91
CA LEU W 59 -153.19 -79.01 -60.17
C LEU W 59 -152.05 -78.75 -61.05
N ASP W 60 -152.16 -79.17 -62.30
CA ASP W 60 -151.08 -78.90 -63.20
C ASP W 60 -151.01 -77.43 -63.47
N LYS W 61 -152.13 -76.73 -63.59
CA LYS W 61 -152.01 -75.31 -63.84
C LYS W 61 -151.30 -74.60 -62.70
N TYR W 62 -151.58 -75.00 -61.46
CA TYR W 62 -150.93 -74.40 -60.29
C TYR W 62 -149.50 -74.92 -60.10
N SER W 63 -149.31 -76.20 -60.40
CA SER W 63 -148.02 -76.88 -60.26
C SER W 63 -147.07 -76.28 -61.26
N GLU W 64 -147.58 -76.02 -62.46
CA GLU W 64 -146.81 -75.42 -63.52
C GLU W 64 -146.61 -73.96 -63.19
N ALA W 65 -147.68 -73.27 -62.82
CA ALA W 65 -147.51 -71.88 -62.46
C ALA W 65 -146.55 -71.79 -61.29
N LEU W 66 -146.59 -72.78 -60.40
CA LEU W 66 -145.70 -72.87 -59.26
C LEU W 66 -144.31 -73.17 -59.66
N LYS W 67 -144.07 -74.17 -60.52
CA LYS W 67 -142.69 -74.44 -60.85
C LYS W 67 -142.13 -73.25 -61.59
N ASP W 68 -142.99 -72.52 -62.30
CA ASP W 68 -142.56 -71.37 -63.03
C ASP W 68 -142.35 -70.24 -62.05
N ALA W 69 -143.22 -70.09 -61.05
CA ALA W 69 -143.00 -69.04 -60.06
C ALA W 69 -141.73 -69.33 -59.32
N GLN W 70 -141.47 -70.61 -59.06
CA GLN W 70 -140.29 -71.08 -58.35
C GLN W 70 -139.05 -70.96 -59.20
N GLU W 71 -139.15 -71.20 -60.50
CA GLU W 71 -138.02 -71.04 -61.37
C GLU W 71 -137.74 -69.57 -61.54
N LYS W 72 -138.80 -68.77 -61.66
CA LYS W 72 -138.70 -67.34 -61.76
C LYS W 72 -138.15 -66.82 -60.47
N LEU W 73 -138.54 -67.43 -59.36
CA LEU W 73 -138.06 -67.09 -58.04
C LEU W 73 -136.61 -67.43 -57.90
N GLU W 74 -136.20 -68.60 -58.35
CA GLU W 74 -134.80 -68.94 -58.23
C GLU W 74 -134.03 -68.03 -59.15
N LEU W 75 -134.57 -67.75 -60.31
CA LEU W 75 -133.91 -66.88 -61.23
C LEU W 75 -133.84 -65.48 -60.70
N ALA W 76 -134.94 -64.95 -60.16
CA ALA W 76 -135.01 -63.61 -59.59
C ALA W 76 -134.15 -63.54 -58.37
N GLU W 77 -134.07 -64.65 -57.65
CA GLU W 77 -133.21 -64.71 -56.49
C GLU W 77 -131.82 -64.62 -57.01
N LYS W 78 -131.53 -65.27 -58.13
CA LYS W 78 -130.22 -65.18 -58.73
C LYS W 78 -130.05 -63.83 -59.42
N LYS W 79 -131.10 -63.20 -59.91
CA LYS W 79 -130.90 -61.89 -60.48
C LYS W 79 -130.43 -61.03 -59.34
N ALA W 80 -131.08 -61.21 -58.18
CA ALA W 80 -130.75 -60.51 -56.97
C ALA W 80 -129.43 -60.95 -56.38
N THR W 81 -129.09 -62.23 -56.47
CA THR W 81 -127.86 -62.78 -55.92
C THR W 81 -126.71 -62.32 -56.76
N ASP W 82 -126.90 -62.25 -58.07
CA ASP W 82 -125.88 -61.80 -58.97
C ASP W 82 -125.82 -60.31 -58.86
N ALA W 83 -126.98 -59.64 -58.79
CA ALA W 83 -127.00 -58.21 -58.57
C ALA W 83 -126.41 -57.96 -57.21
N GLU W 84 -126.65 -58.86 -56.26
CA GLU W 84 -126.08 -58.70 -54.96
C GLU W 84 -124.59 -58.95 -55.04
N ALA W 85 -124.15 -59.93 -55.81
CA ALA W 85 -122.75 -60.19 -55.93
C ALA W 85 -122.07 -59.00 -56.55
N ASP W 86 -122.76 -58.34 -57.49
CA ASP W 86 -122.26 -57.20 -58.19
C ASP W 86 -122.30 -55.99 -57.29
N VAL W 87 -123.35 -55.83 -56.49
CA VAL W 87 -123.35 -54.67 -55.65
C VAL W 87 -122.36 -54.92 -54.56
N ALA W 88 -122.23 -56.17 -54.11
CA ALA W 88 -121.29 -56.54 -53.09
C ALA W 88 -119.90 -56.31 -53.60
N SER W 89 -119.65 -56.60 -54.87
CA SER W 89 -118.36 -56.35 -55.47
C SER W 89 -118.15 -54.87 -55.47
N LEU W 90 -119.19 -54.15 -55.85
CA LEU W 90 -119.15 -52.73 -55.85
C LEU W 90 -119.05 -52.20 -54.45
N ASN W 91 -119.72 -52.80 -53.48
CA ASN W 91 -119.60 -52.31 -52.13
C ASN W 91 -118.18 -52.50 -51.69
N ARG W 92 -117.56 -53.60 -52.07
CA ARG W 92 -116.18 -53.77 -51.71
C ARG W 92 -115.36 -52.71 -52.40
N ARG W 93 -115.68 -52.43 -53.67
CA ARG W 93 -114.98 -51.38 -54.38
C ARG W 93 -115.27 -50.02 -53.80
N ILE W 94 -116.45 -49.75 -53.27
CA ILE W 94 -116.65 -48.40 -52.78
C ILE W 94 -115.90 -48.34 -51.49
N GLN W 95 -115.92 -49.40 -50.71
CA GLN W 95 -115.21 -49.35 -49.47
C GLN W 95 -113.74 -49.20 -49.68
N LEU W 96 -113.18 -49.88 -50.67
CA LEU W 96 -111.77 -49.81 -50.93
C LEU W 96 -111.36 -48.54 -51.65
N VAL W 97 -112.18 -48.10 -52.57
CA VAL W 97 -111.89 -46.93 -53.35
C VAL W 97 -112.15 -45.71 -52.53
N GLU W 98 -113.28 -45.67 -51.85
CA GLU W 98 -113.62 -44.56 -50.99
C GLU W 98 -112.61 -44.56 -49.87
N GLU W 99 -112.16 -45.74 -49.39
CA GLU W 99 -111.15 -45.68 -48.38
C GLU W 99 -109.93 -45.03 -48.98
N GLU W 100 -109.58 -45.37 -50.22
CA GLU W 100 -108.47 -44.70 -50.86
C GLU W 100 -108.79 -43.24 -51.14
N LEU W 101 -110.04 -42.91 -51.42
CA LEU W 101 -110.45 -41.53 -51.65
C LEU W 101 -110.07 -40.76 -50.43
N ASP W 102 -110.44 -41.31 -49.28
CA ASP W 102 -110.16 -40.71 -48.01
C ASP W 102 -108.71 -40.78 -47.66
N ARG W 103 -108.03 -41.84 -48.05
CA ARG W 103 -106.62 -41.93 -47.77
C ARG W 103 -105.90 -40.99 -48.69
N ALA W 104 -106.37 -40.87 -49.93
CA ALA W 104 -105.78 -39.97 -50.88
C ALA W 104 -106.07 -38.57 -50.45
N GLN W 105 -107.27 -38.36 -49.90
CA GLN W 105 -107.68 -37.07 -49.42
C GLN W 105 -106.92 -36.74 -48.18
N GLU W 106 -106.61 -37.74 -47.36
CA GLU W 106 -105.84 -37.55 -46.14
C GLU W 106 -104.39 -37.35 -46.50
N ARG W 107 -103.92 -38.09 -47.51
CA ARG W 107 -102.54 -37.94 -47.97
C ARG W 107 -102.47 -36.54 -48.54
N LEU W 108 -103.53 -36.15 -49.23
CA LEU W 108 -103.63 -34.84 -49.80
C LEU W 108 -103.67 -33.83 -48.71
N ALA W 109 -104.50 -34.02 -47.70
CA ALA W 109 -104.53 -33.07 -46.64
C ALA W 109 -103.16 -32.99 -46.04
N THR W 110 -102.48 -34.11 -45.93
CA THR W 110 -101.16 -34.16 -45.39
C THR W 110 -100.22 -33.39 -46.28
N ALA W 111 -100.29 -33.62 -47.60
CA ALA W 111 -99.43 -32.93 -48.54
C ALA W 111 -99.69 -31.45 -48.52
N LEU W 112 -100.95 -31.06 -48.34
CA LEU W 112 -101.37 -29.69 -48.32
C LEU W 112 -100.97 -29.02 -47.03
N GLN W 113 -101.05 -29.74 -45.92
CA GLN W 113 -100.63 -29.22 -44.64
C GLN W 113 -99.14 -29.09 -44.65
N LYS W 114 -98.46 -30.08 -45.26
CA LYS W 114 -97.04 -30.03 -45.41
C LYS W 114 -96.70 -28.92 -46.35
N LEU W 115 -97.54 -28.69 -47.37
CA LEU W 115 -97.34 -27.60 -48.29
C LEU W 115 -97.45 -26.30 -47.57
N GLU W 116 -98.44 -26.15 -46.70
CA GLU W 116 -98.53 -24.90 -45.99
C GLU W 116 -97.29 -24.71 -45.16
N GLU W 117 -96.80 -25.77 -44.53
CA GLU W 117 -95.61 -25.64 -43.72
C GLU W 117 -94.38 -25.44 -44.59
N ALA W 118 -94.34 -26.07 -45.76
CA ALA W 118 -93.25 -25.96 -46.72
C ALA W 118 -93.22 -24.56 -47.28
N GLU W 119 -94.40 -23.95 -47.44
CA GLU W 119 -94.50 -22.59 -47.91
C GLU W 119 -94.10 -21.67 -46.77
N LYS W 120 -94.46 -22.01 -45.54
CA LYS W 120 -94.03 -21.19 -44.42
C LYS W 120 -92.53 -21.30 -44.36
N ALA W 121 -92.00 -22.51 -44.60
CA ALA W 121 -90.58 -22.76 -44.64
C ALA W 121 -90.00 -22.06 -45.84
N ALA W 122 -90.72 -21.99 -46.95
CA ALA W 122 -90.19 -21.28 -48.09
C ALA W 122 -90.03 -19.85 -47.69
N ASP W 123 -91.01 -19.34 -46.95
CA ASP W 123 -90.96 -17.99 -46.49
C ASP W 123 -89.93 -17.80 -45.41
N GLU W 124 -89.74 -18.76 -44.52
CA GLU W 124 -88.75 -18.61 -43.48
C GLU W 124 -87.33 -18.80 -43.99
N SER W 125 -87.13 -19.71 -44.93
CA SER W 125 -85.82 -19.93 -45.51
C SER W 125 -85.52 -18.82 -46.50
N GLU W 126 -86.54 -18.28 -47.17
CA GLU W 126 -86.38 -17.17 -48.08
C GLU W 126 -86.25 -15.88 -47.31
N ARG W 127 -87.07 -15.70 -46.27
CA ARG W 127 -86.99 -14.51 -45.46
C ARG W 127 -85.65 -14.59 -44.81
N GLY W 128 -85.30 -15.77 -44.29
CA GLY W 128 -84.03 -15.99 -43.68
C GLY W 128 -82.97 -15.61 -44.68
N MET W 129 -83.03 -16.14 -45.88
CA MET W 129 -82.05 -15.80 -46.89
C MET W 129 -81.99 -14.29 -47.09
N LYS W 130 -83.12 -13.62 -47.13
CA LYS W 130 -83.15 -12.16 -47.30
C LYS W 130 -82.65 -11.40 -46.07
N VAL W 131 -82.91 -11.91 -44.88
CA VAL W 131 -82.48 -11.34 -43.60
C VAL W 131 -81.00 -11.52 -43.51
N ILE W 132 -80.54 -12.67 -43.91
CA ILE W 132 -79.16 -13.03 -43.98
C ILE W 132 -78.50 -12.28 -45.08
N GLU W 133 -79.15 -12.11 -46.22
CA GLU W 133 -78.53 -11.35 -47.29
C GLU W 133 -78.41 -9.94 -46.81
N SER W 134 -79.41 -9.46 -46.07
CA SER W 134 -79.35 -8.13 -45.51
C SER W 134 -78.24 -8.09 -44.48
N ARG W 135 -78.17 -9.09 -43.61
CA ARG W 135 -77.13 -9.16 -42.61
C ARG W 135 -75.79 -9.38 -43.24
N ALA W 136 -75.74 -10.23 -44.26
CA ALA W 136 -74.51 -10.54 -44.92
C ALA W 136 -74.03 -9.29 -45.56
N GLN W 137 -74.95 -8.49 -46.12
CA GLN W 137 -74.61 -7.23 -46.74
C GLN W 137 -74.19 -6.24 -45.68
N LYS W 138 -74.85 -6.23 -44.52
CA LYS W 138 -74.43 -5.30 -43.50
C LYS W 138 -73.05 -5.68 -43.04
N ASP W 139 -72.78 -6.97 -42.91
CA ASP W 139 -71.52 -7.46 -42.45
C ASP W 139 -70.47 -7.32 -43.53
N GLU W 140 -70.88 -7.43 -44.80
CA GLU W 140 -69.98 -7.29 -45.93
C GLU W 140 -69.59 -5.86 -46.04
N GLU W 141 -70.55 -4.94 -45.85
CA GLU W 141 -70.21 -3.55 -45.90
C GLU W 141 -69.36 -3.24 -44.71
N LYS W 142 -69.73 -3.72 -43.53
CA LYS W 142 -68.89 -3.47 -42.38
C LYS W 142 -67.53 -4.07 -42.61
N MET W 143 -67.45 -5.21 -43.27
CA MET W 143 -66.19 -5.82 -43.58
C MET W 143 -65.38 -4.91 -44.46
N GLU W 144 -65.96 -4.44 -45.57
CA GLU W 144 -65.27 -3.57 -46.48
C GLU W 144 -65.04 -2.20 -45.89
N ILE W 145 -65.98 -1.72 -45.08
CA ILE W 145 -65.85 -0.43 -44.46
C ILE W 145 -64.73 -0.51 -43.47
N GLN W 146 -64.69 -1.55 -42.65
CA GLN W 146 -63.65 -1.70 -41.67
C GLN W 146 -62.36 -2.04 -42.37
N GLU W 147 -62.39 -2.74 -43.51
CA GLU W 147 -61.17 -3.06 -44.24
C GLU W 147 -60.56 -1.83 -44.90
N ILE W 148 -61.40 -1.00 -45.51
CA ILE W 148 -60.93 0.21 -46.14
C ILE W 148 -60.48 1.15 -45.05
N GLN W 149 -61.29 1.26 -44.01
CA GLN W 149 -60.94 2.09 -42.89
C GLN W 149 -59.79 1.48 -42.12
N LEU W 150 -59.59 0.15 -42.18
CA LEU W 150 -58.42 -0.44 -41.56
C LEU W 150 -57.23 -0.01 -42.31
N LYS W 151 -57.29 -0.08 -43.62
CA LYS W 151 -56.13 0.35 -44.37
C LYS W 151 -55.87 1.79 -44.01
N GLU W 152 -56.93 2.60 -43.87
CA GLU W 152 -56.68 3.97 -43.51
C GLU W 152 -56.18 4.06 -42.08
N ALA W 153 -56.72 3.29 -41.14
CA ALA W 153 -56.30 3.31 -39.74
C ALA W 153 -54.85 2.90 -39.63
N LYS W 154 -54.45 1.96 -40.49
CA LYS W 154 -53.08 1.51 -40.60
C LYS W 154 -52.26 2.61 -41.18
N HIS W 155 -52.81 3.35 -42.16
CA HIS W 155 -52.09 4.45 -42.76
C HIS W 155 -52.04 5.59 -41.76
N ILE W 156 -53.02 5.69 -40.87
CA ILE W 156 -52.96 6.72 -39.87
C ILE W 156 -51.92 6.23 -38.91
N ALA W 157 -51.89 4.94 -38.58
CA ALA W 157 -50.84 4.46 -37.70
C ALA W 157 -49.49 4.69 -38.34
N GLU W 158 -49.37 4.50 -39.65
CA GLU W 158 -48.12 4.74 -40.31
C GLU W 158 -47.82 6.21 -40.24
N ASP W 159 -48.83 7.05 -40.40
CA ASP W 159 -48.69 8.49 -40.35
C ASP W 159 -48.49 8.96 -38.94
N ALA W 160 -49.15 8.32 -37.99
CA ALA W 160 -49.08 8.63 -36.59
C ALA W 160 -47.71 8.26 -36.09
N ASP W 161 -47.18 7.17 -36.63
CA ASP W 161 -45.86 6.72 -36.28
C ASP W 161 -44.90 7.56 -37.07
N ARG W 162 -45.31 7.96 -38.27
CA ARG W 162 -44.47 8.80 -39.12
C ARG W 162 -44.27 10.18 -38.53
N LYS W 163 -45.35 10.78 -38.02
CA LYS W 163 -45.26 12.10 -37.42
C LYS W 163 -44.56 11.94 -36.13
N TYR W 164 -44.77 10.81 -35.44
CA TYR W 164 -44.07 10.51 -34.23
C TYR W 164 -42.61 10.47 -34.51
N GLU W 165 -42.22 9.76 -35.55
CA GLU W 165 -40.83 9.68 -35.90
C GLU W 165 -40.30 11.03 -36.32
N GLU W 166 -41.05 11.83 -37.02
CA GLU W 166 -40.48 13.11 -37.40
C GLU W 166 -40.22 13.97 -36.19
N VAL W 167 -41.15 13.97 -35.24
CA VAL W 167 -40.99 14.79 -34.05
C VAL W 167 -40.04 14.13 -33.06
N ALA W 168 -40.05 12.80 -32.96
CA ALA W 168 -39.20 12.03 -32.08
C ALA W 168 -37.81 12.10 -32.60
N ARG W 169 -37.67 12.14 -33.92
CA ARG W 169 -36.38 12.25 -34.52
C ARG W 169 -35.90 13.64 -34.25
N LYS W 170 -36.78 14.65 -34.36
CA LYS W 170 -36.34 15.97 -33.99
C LYS W 170 -35.95 15.93 -32.54
N LEU W 171 -36.71 15.24 -31.70
CA LEU W 171 -36.33 15.17 -30.31
C LEU W 171 -34.93 14.60 -30.25
N VAL W 172 -34.64 13.52 -30.97
CA VAL W 172 -33.32 12.93 -30.97
C VAL W 172 -32.26 13.87 -31.50
N ILE W 173 -32.55 14.60 -32.57
CA ILE W 173 -31.62 15.53 -33.19
C ILE W 173 -31.33 16.70 -32.27
N ILE W 174 -32.39 17.25 -31.69
CA ILE W 174 -32.32 18.37 -30.79
C ILE W 174 -31.63 17.87 -29.56
N GLU W 175 -31.97 16.66 -29.11
CA GLU W 175 -31.36 15.99 -27.98
C GLU W 175 -29.91 15.71 -28.29
N SER W 176 -29.59 15.32 -29.51
CA SER W 176 -28.21 15.06 -29.85
C SER W 176 -27.44 16.37 -29.81
N ASP W 177 -28.09 17.45 -30.28
CA ASP W 177 -27.48 18.76 -30.21
C ASP W 177 -27.44 19.21 -28.78
N LEU W 178 -28.42 18.79 -27.98
CA LEU W 178 -28.54 19.09 -26.56
C LEU W 178 -27.42 18.43 -25.87
N GLU W 179 -27.15 17.17 -26.19
CA GLU W 179 -26.08 16.44 -25.56
C GLU W 179 -24.78 17.08 -25.89
N ARG W 180 -24.62 17.51 -27.14
CA ARG W 180 -23.42 18.21 -27.54
C ARG W 180 -23.37 19.59 -26.97
N ALA W 181 -24.51 20.26 -26.86
CA ALA W 181 -24.58 21.59 -26.30
C ALA W 181 -24.35 21.51 -24.82
N GLU W 182 -24.86 20.43 -24.22
CA GLU W 182 -24.68 20.18 -22.80
C GLU W 182 -23.22 19.80 -22.63
N GLU W 183 -22.68 19.05 -23.59
CA GLU W 183 -21.30 18.66 -23.56
C GLU W 183 -20.51 19.93 -23.63
N ARG W 184 -20.90 20.86 -24.49
CA ARG W 184 -20.22 22.13 -24.56
C ARG W 184 -20.39 22.84 -23.25
N ALA W 185 -21.56 22.78 -22.64
CA ALA W 185 -21.70 23.41 -21.36
C ALA W 185 -20.75 22.79 -20.38
N GLU W 186 -20.56 21.48 -20.42
CA GLU W 186 -19.67 20.77 -19.54
C GLU W 186 -18.20 21.06 -19.85
N LEU W 187 -17.86 21.15 -21.12
CA LEU W 187 -16.51 21.43 -21.57
C LEU W 187 -16.16 22.85 -21.25
N SER W 188 -17.12 23.73 -21.46
CA SER W 188 -17.02 25.15 -21.23
C SER W 188 -17.06 25.39 -19.75
N GLU W 189 -17.83 24.58 -19.02
CA GLU W 189 -17.92 24.69 -17.58
C GLU W 189 -16.64 24.13 -17.05
N GLY W 190 -16.10 23.13 -17.72
CA GLY W 190 -14.85 22.56 -17.37
C GLY W 190 -13.86 23.68 -17.46
N LYS W 191 -13.78 24.33 -18.63
CA LYS W 191 -12.88 25.45 -18.82
C LYS W 191 -13.18 26.54 -17.85
N CYS W 192 -14.45 26.80 -17.60
CA CYS W 192 -14.87 27.85 -16.67
C CYS W 192 -14.27 27.56 -15.31
N ALA W 193 -14.44 26.33 -14.84
CA ALA W 193 -13.91 25.94 -13.56
C ALA W 193 -12.39 25.96 -13.59
N GLU W 194 -11.78 25.56 -14.69
CA GLU W 194 -10.34 25.54 -14.77
C GLU W 194 -9.80 26.94 -14.72
N LEU W 195 -10.46 27.83 -15.42
CA LEU W 195 -10.08 29.21 -15.45
C LEU W 195 -10.33 29.82 -14.12
N GLU W 196 -11.42 29.41 -13.47
CA GLU W 196 -11.76 29.90 -12.16
C GLU W 196 -10.69 29.47 -11.19
N GLU W 197 -10.23 28.23 -11.30
CA GLU W 197 -9.18 27.72 -10.45
C GLU W 197 -7.90 28.46 -10.74
N GLU W 198 -7.63 28.73 -12.02
CA GLU W 198 -6.47 29.48 -12.43
C GLU W 198 -6.66 30.91 -12.02
N LEU W 199 -7.88 31.40 -12.07
CA LEU W 199 -8.18 32.77 -11.72
C LEU W 199 -7.88 32.91 -10.30
N LYS W 200 -8.37 32.01 -9.49
CA LYS W 200 -8.15 32.06 -8.09
C LYS W 200 -6.70 31.81 -7.78
N THR W 201 -6.03 30.92 -8.48
CA THR W 201 -4.64 30.70 -8.19
C THR W 201 -3.85 31.94 -8.48
N VAL W 202 -4.10 32.53 -9.62
CA VAL W 202 -3.43 33.72 -10.07
C VAL W 202 -3.82 34.90 -9.22
N THR W 203 -5.09 35.00 -8.86
CA THR W 203 -5.62 36.06 -8.02
C THR W 203 -5.01 35.89 -6.65
N ASN W 204 -4.88 34.66 -6.18
CA ASN W 204 -4.30 34.42 -4.88
C ASN W 204 -2.85 34.76 -4.96
N ASN W 205 -2.22 34.50 -6.10
CA ASN W 205 -0.87 34.89 -6.29
C ASN W 205 -0.82 36.39 -6.42
N LEU W 206 -1.83 36.99 -7.02
CA LEU W 206 -1.90 38.43 -7.18
C LEU W 206 -1.90 39.03 -5.82
N LYS W 207 -2.76 38.50 -4.95
CA LYS W 207 -2.88 38.99 -3.61
C LYS W 207 -1.62 38.76 -2.81
N SER W 208 -0.98 37.59 -2.97
CA SER W 208 0.25 37.38 -2.23
C SER W 208 1.30 38.30 -2.81
N LEU W 209 1.20 38.59 -4.10
CA LEU W 209 2.11 39.50 -4.76
C LEU W 209 1.78 40.92 -4.47
N GLU W 210 0.54 41.23 -4.18
CA GLU W 210 0.20 42.59 -3.83
C GLU W 210 0.86 42.79 -2.49
N ALA W 211 0.72 41.76 -1.63
CA ALA W 211 1.32 41.80 -0.32
C ALA W 211 2.81 41.84 -0.46
N GLN W 212 3.38 41.10 -1.41
CA GLN W 212 4.80 41.14 -1.62
C GLN W 212 5.22 42.38 -2.31
N ALA W 213 4.47 42.89 -3.27
CA ALA W 213 4.94 44.07 -3.90
C ALA W 213 4.97 45.15 -2.84
N GLU W 214 3.97 45.19 -1.95
CA GLU W 214 4.01 46.20 -0.92
C GLU W 214 5.05 45.88 0.12
N LYS W 215 5.18 44.64 0.55
CA LYS W 215 6.21 44.33 1.53
C LYS W 215 7.55 44.61 0.94
N TYR W 216 7.66 44.36 -0.36
CA TYR W 216 8.89 44.59 -1.09
C TYR W 216 9.14 46.08 -1.27
N SER W 217 8.07 46.87 -1.38
CA SER W 217 8.28 48.31 -1.54
C SER W 217 8.73 48.80 -0.19
N GLN W 218 8.22 48.15 0.86
CA GLN W 218 8.58 48.48 2.21
C GLN W 218 9.99 48.03 2.43
N LYS W 219 10.38 46.87 1.88
CA LYS W 219 11.74 46.40 1.97
C LYS W 219 12.61 47.29 1.15
N GLU W 220 12.07 47.79 0.03
CA GLU W 220 12.78 48.75 -0.82
C GLU W 220 13.18 49.96 0.03
N ASP W 221 12.30 50.31 0.97
CA ASP W 221 12.54 51.36 1.95
C ASP W 221 13.36 50.88 3.17
N ARG W 222 13.16 49.65 3.65
CA ARG W 222 13.93 49.15 4.80
C ARG W 222 15.37 48.99 4.42
N TYR W 223 15.57 48.55 3.18
CA TYR W 223 16.91 48.33 2.64
C TYR W 223 17.51 49.68 2.30
N GLU W 224 16.68 50.56 1.76
CA GLU W 224 17.15 51.89 1.40
C GLU W 224 17.57 52.57 2.70
N GLU W 225 16.80 52.30 3.76
CA GLU W 225 17.07 52.83 5.07
C GLU W 225 18.32 52.18 5.58
N GLU W 226 18.49 50.87 5.38
CA GLU W 226 19.73 50.30 5.85
C GLU W 226 20.87 50.98 5.11
N ILE W 227 20.71 51.28 3.83
CA ILE W 227 21.74 52.02 3.12
C ILE W 227 21.93 53.40 3.68
N LYS W 228 20.85 54.11 3.98
CA LYS W 228 20.98 55.45 4.50
C LYS W 228 21.64 55.43 5.87
N VAL W 229 21.28 54.47 6.69
CA VAL W 229 21.82 54.35 8.01
C VAL W 229 23.26 53.98 7.90
N LEU W 230 23.60 53.01 7.06
CA LEU W 230 24.97 52.63 6.86
C LEU W 230 25.72 53.75 6.24
N SER W 231 25.10 54.51 5.35
CA SER W 231 25.79 55.63 4.76
C SER W 231 26.14 56.60 5.86
N ASP W 232 25.20 56.86 6.79
CA ASP W 232 25.50 57.76 7.90
C ASP W 232 26.48 57.19 8.89
N LYS W 233 26.40 55.88 9.14
CA LYS W 233 27.29 55.24 10.09
C LYS W 233 28.66 55.18 9.48
N LEU W 234 28.73 54.98 8.17
CA LEU W 234 29.97 54.98 7.43
C LEU W 234 30.52 56.36 7.43
N LYS W 235 29.72 57.36 7.15
CA LYS W 235 30.27 58.69 7.18
C LYS W 235 30.85 58.93 8.55
N GLU W 236 30.18 58.50 9.62
CA GLU W 236 30.76 58.69 10.91
C GLU W 236 31.98 57.81 11.13
N ALA W 237 31.97 56.55 10.70
CA ALA W 237 33.13 55.73 10.94
C ALA W 237 34.32 56.21 10.15
N GLU W 238 34.06 56.64 8.91
CA GLU W 238 35.10 57.14 8.04
C GLU W 238 35.58 58.51 8.51
N THR W 239 34.66 59.33 8.97
CA THR W 239 35.01 60.66 9.46
C THR W 239 35.78 60.51 10.73
N ARG W 240 35.30 59.63 11.61
CA ARG W 240 35.95 59.38 12.87
C ARG W 240 37.27 58.72 12.59
N ALA W 241 37.34 57.83 11.59
CA ALA W 241 38.59 57.19 11.27
C ALA W 241 39.59 58.13 10.70
N GLU W 242 39.15 59.04 9.83
CA GLU W 242 40.08 59.95 9.22
C GLU W 242 40.48 60.97 10.26
N PHE W 243 39.52 61.41 11.07
CA PHE W 243 39.84 62.35 12.09
C PHE W 243 40.79 61.74 13.06
N ALA W 244 40.45 60.55 13.54
CA ALA W 244 41.25 59.85 14.49
C ALA W 244 42.58 59.59 13.84
N GLU W 245 42.62 59.36 12.53
CA GLU W 245 43.87 59.18 11.82
C GLU W 245 44.64 60.49 11.90
N ARG W 246 43.96 61.63 11.91
CA ARG W 246 44.70 62.86 12.11
C ARG W 246 45.20 62.85 13.54
N SER W 247 44.41 62.36 14.49
CA SER W 247 44.95 62.27 15.84
C SER W 247 46.12 61.31 15.85
N VAL W 248 46.09 60.28 14.98
CA VAL W 248 47.21 59.36 14.89
C VAL W 248 48.40 60.11 14.36
N THR W 249 48.25 60.89 13.29
CA THR W 249 49.40 61.60 12.76
C THR W 249 49.86 62.75 13.65
N LYS W 250 48.95 63.34 14.40
CA LYS W 250 49.30 64.41 15.32
C LYS W 250 50.03 63.88 16.53
N LEU W 251 49.56 62.74 17.07
CA LEU W 251 50.25 62.14 18.18
C LEU W 251 51.56 61.62 17.68
N GLU W 252 51.57 60.99 16.51
CA GLU W 252 52.77 60.44 15.91
C GLU W 252 53.79 61.52 15.62
N LYS W 253 53.34 62.64 15.08
CA LYS W 253 54.20 63.74 14.79
C LYS W 253 54.74 64.31 16.05
N SER W 254 53.89 64.44 17.06
CA SER W 254 54.31 64.98 18.32
C SER W 254 55.31 64.03 18.94
N ILE W 255 55.12 62.73 18.80
CA ILE W 255 56.05 61.74 19.29
C ILE W 255 57.37 61.90 18.61
N ASP W 256 57.38 62.07 17.29
CA ASP W 256 58.64 62.28 16.60
C ASP W 256 59.28 63.58 17.01
N ASP W 257 58.50 64.62 17.25
CA ASP W 257 59.06 65.89 17.65
C ASP W 257 59.60 65.82 19.06
N LEU W 258 58.90 65.09 19.92
CA LEU W 258 59.33 64.92 21.29
C LEU W 258 60.57 64.09 21.28
N GLU W 259 60.65 63.11 20.36
CA GLU W 259 61.84 62.29 20.23
C GLU W 259 62.98 63.14 19.68
N ASP W 260 62.72 64.06 18.76
CA ASP W 260 63.80 64.89 18.30
C ASP W 260 64.27 65.77 19.44
N GLU W 261 63.34 66.22 20.28
CA GLU W 261 63.67 67.02 21.45
C GLU W 261 64.36 66.17 22.48
N LEU W 262 63.96 64.91 22.60
CA LEU W 262 64.53 63.99 23.56
C LEU W 262 65.92 63.74 23.13
N TYR W 263 66.10 63.48 21.85
CA TYR W 263 67.38 63.28 21.30
C TYR W 263 68.23 64.48 21.53
N ALA W 264 67.72 65.66 21.17
CA ALA W 264 68.50 66.84 21.38
C ALA W 264 68.84 66.98 22.86
N GLN W 265 67.90 66.64 23.73
CA GLN W 265 68.13 66.70 25.14
C GLN W 265 69.16 65.69 25.59
N LYS W 266 69.13 64.52 24.99
CA LYS W 266 70.04 63.45 25.26
C LYS W 266 71.39 63.83 24.77
N LEU W 267 71.43 64.48 23.62
CA LEU W 267 72.63 64.94 23.00
C LEU W 267 73.25 66.02 23.83
N LYS W 268 72.44 66.93 24.35
CA LYS W 268 73.00 67.97 25.17
C LYS W 268 73.43 67.36 26.47
N TYR W 269 72.65 66.45 27.01
CA TYR W 269 73.04 65.83 28.24
C TYR W 269 74.36 65.17 28.10
N LYS W 270 74.45 64.37 27.06
CA LYS W 270 75.61 63.64 26.71
C LYS W 270 76.75 64.58 26.49
N ALA W 271 76.54 65.62 25.70
CA ALA W 271 77.59 66.54 25.41
C ALA W 271 78.09 67.22 26.65
N ILE W 272 77.21 67.54 27.57
CA ILE W 272 77.60 68.23 28.77
C ILE W 272 78.29 67.29 29.71
N SER W 273 77.72 66.12 29.93
CA SER W 273 78.34 65.22 30.86
C SER W 273 79.69 64.87 30.31
N GLU W 274 79.78 64.59 29.02
CA GLU W 274 81.02 64.25 28.41
C GLU W 274 81.97 65.40 28.35
N GLU W 275 81.51 66.62 28.09
CA GLU W 275 82.40 67.76 28.05
C GLU W 275 83.02 67.94 29.43
N LEU W 276 82.20 67.80 30.47
CA LEU W 276 82.67 67.88 31.84
C LEU W 276 83.53 66.73 32.24
N ASP W 277 83.19 65.52 31.80
CA ASP W 277 83.96 64.35 32.17
C ASP W 277 85.26 64.40 31.44
N HIS W 278 85.23 64.88 30.22
CA HIS W 278 86.41 65.04 29.42
C HIS W 278 87.30 66.05 30.01
N ALA W 279 86.74 67.22 30.27
CA ALA W 279 87.50 68.27 30.82
C ALA W 279 87.96 67.89 32.19
N LEU W 280 87.15 67.16 32.94
CA LEU W 280 87.53 66.72 34.25
C LEU W 280 88.61 65.71 34.14
N ASN W 281 88.55 64.80 33.20
CA ASN W 281 89.63 63.86 33.14
C ASN W 281 90.92 64.62 32.85
N ASP W 282 90.84 65.61 31.95
CA ASP W 282 91.99 66.42 31.59
C ASP W 282 92.44 67.24 32.78
N MET W 283 91.46 67.69 33.56
CA MET W 283 91.64 68.51 34.72
C MET W 283 91.42 67.79 36.02
N THR W 284 91.49 66.45 36.03
CA THR W 284 91.40 65.75 37.30
C THR W 284 92.62 66.19 38.00
N SER W 285 93.71 66.22 37.23
CA SER W 285 94.95 66.70 37.73
C SER W 285 94.98 68.19 37.52
N ILE W 286 94.88 68.86 38.63
CA ILE W 286 94.83 70.29 38.83
C ILE W 286 93.48 70.81 38.40
N LEU X 13 -205.42 -113.30 -60.25
CA LEU X 13 -205.32 -113.06 -58.81
C LEU X 13 -204.70 -114.22 -58.03
N LYS X 14 -205.30 -115.40 -58.11
CA LYS X 14 -204.83 -116.55 -57.33
C LYS X 14 -203.33 -116.85 -57.44
N LEU X 15 -202.80 -116.78 -58.65
CA LEU X 15 -201.40 -117.07 -58.88
C LEU X 15 -200.60 -115.82 -58.99
N ASP X 16 -201.25 -114.70 -58.75
CA ASP X 16 -200.60 -113.44 -58.90
C ASP X 16 -199.85 -113.17 -57.65
N LYS X 17 -200.25 -113.75 -56.54
CA LYS X 17 -199.39 -113.53 -55.39
C LYS X 17 -198.03 -114.13 -55.72
N GLU X 18 -198.03 -115.25 -56.47
CA GLU X 18 -196.84 -115.95 -56.84
C GLU X 18 -196.14 -115.26 -57.98
N ASN X 19 -196.90 -114.73 -58.94
CA ASN X 19 -196.27 -114.08 -60.07
C ASN X 19 -195.69 -112.79 -59.59
N ALA X 20 -196.38 -112.14 -58.68
CA ALA X 20 -195.95 -110.89 -58.11
C ALA X 20 -194.90 -111.14 -57.08
N LEU X 21 -194.88 -112.30 -56.43
CA LEU X 21 -193.81 -112.56 -55.50
C LEU X 21 -192.56 -112.79 -56.31
N ASP X 22 -192.66 -113.51 -57.41
CA ASP X 22 -191.51 -113.75 -58.26
C ASP X 22 -191.15 -112.44 -58.94
N ARG X 23 -192.16 -111.63 -59.27
CA ARG X 23 -191.91 -110.34 -59.87
C ARG X 23 -191.19 -109.51 -58.85
N ALA X 24 -191.60 -109.59 -57.57
CA ALA X 24 -190.94 -108.89 -56.50
C ALA X 24 -189.55 -109.44 -56.34
N GLU X 25 -189.35 -110.73 -56.49
CA GLU X 25 -187.99 -111.20 -56.33
C GLU X 25 -187.15 -110.61 -57.43
N GLN X 26 -187.68 -110.56 -58.65
CA GLN X 26 -186.95 -109.98 -59.76
C GLN X 26 -186.81 -108.48 -59.66
N ALA X 27 -187.86 -107.79 -59.23
CA ALA X 27 -187.89 -106.36 -59.11
C ALA X 27 -186.97 -105.96 -58.00
N GLU X 28 -186.92 -106.78 -56.96
CA GLU X 28 -186.01 -106.57 -55.86
C GLU X 28 -184.63 -106.90 -56.33
N ALA X 29 -184.46 -107.93 -57.16
CA ALA X 29 -183.16 -108.26 -57.69
C ALA X 29 -182.64 -107.10 -58.53
N ASP X 30 -183.53 -106.42 -59.23
CA ASP X 30 -183.14 -105.31 -60.07
C ASP X 30 -183.02 -104.02 -59.28
N LYS X 31 -183.82 -103.84 -58.22
CA LYS X 31 -183.64 -102.63 -57.44
C LYS X 31 -182.40 -102.83 -56.67
N LYS X 32 -182.07 -104.08 -56.33
CA LYS X 32 -180.88 -104.43 -55.64
C LYS X 32 -179.73 -104.24 -56.57
N ALA X 33 -179.81 -104.71 -57.81
CA ALA X 33 -178.69 -104.49 -58.67
C ALA X 33 -178.46 -102.99 -58.83
N ALA X 34 -179.55 -102.23 -58.96
CA ALA X 34 -179.42 -100.79 -59.06
C ALA X 34 -178.90 -100.22 -57.76
N GLU X 35 -179.33 -100.76 -56.62
CA GLU X 35 -178.92 -100.33 -55.30
C GLU X 35 -177.50 -100.75 -55.01
N ASP X 36 -177.10 -101.91 -55.51
CA ASP X 36 -175.74 -102.39 -55.35
C ASP X 36 -174.91 -101.47 -56.17
N ARG X 37 -175.40 -101.08 -57.35
CA ARG X 37 -174.67 -100.11 -58.14
C ARG X 37 -174.66 -98.82 -57.36
N SER X 38 -175.76 -98.45 -56.73
CA SER X 38 -175.74 -97.20 -55.99
C SER X 38 -174.68 -97.28 -54.91
N LYS X 39 -174.56 -98.41 -54.22
CA LYS X 39 -173.54 -98.53 -53.20
C LYS X 39 -172.14 -98.51 -53.78
N GLN X 40 -171.93 -99.21 -54.88
CA GLN X 40 -170.63 -99.28 -55.53
C GLN X 40 -170.24 -97.94 -56.09
N LEU X 41 -171.23 -97.24 -56.61
CA LEU X 41 -171.06 -95.95 -57.20
C LEU X 41 -170.89 -94.96 -56.08
N GLU X 42 -171.50 -95.25 -54.95
CA GLU X 42 -171.37 -94.42 -53.77
C GLU X 42 -169.94 -94.55 -53.26
N ASP X 43 -169.39 -95.76 -53.33
CA ASP X 43 -168.03 -95.98 -52.90
C ASP X 43 -167.08 -95.32 -53.88
N GLU X 44 -167.39 -95.39 -55.18
CA GLU X 44 -166.58 -94.75 -56.18
C GLU X 44 -166.70 -93.26 -56.10
N LEU X 45 -167.87 -92.74 -55.81
CA LEU X 45 -168.07 -91.31 -55.76
C LEU X 45 -167.25 -90.81 -54.64
N VAL X 46 -167.33 -91.49 -53.52
CA VAL X 46 -166.59 -91.15 -52.34
C VAL X 46 -165.12 -91.28 -52.60
N SER X 47 -164.71 -92.33 -53.28
CA SER X 47 -163.31 -92.51 -53.61
C SER X 47 -162.86 -91.36 -54.50
N LEU X 48 -163.69 -91.01 -55.48
CA LEU X 48 -163.40 -89.91 -56.37
C LEU X 48 -163.40 -88.62 -55.60
N GLN X 49 -164.28 -88.49 -54.61
CA GLN X 49 -164.33 -87.31 -53.79
C GLN X 49 -163.10 -87.23 -52.93
N LYS X 50 -162.63 -88.35 -52.41
CA LYS X 50 -161.41 -88.33 -51.63
C LYS X 50 -160.25 -87.98 -52.51
N LYS X 51 -160.24 -88.52 -53.72
CA LYS X 51 -159.22 -88.22 -54.69
C LYS X 51 -159.35 -86.80 -55.21
N LEU X 52 -160.59 -86.32 -55.33
CA LEU X 52 -160.89 -84.98 -55.79
C LEU X 52 -160.35 -84.05 -54.78
N LYS X 53 -160.61 -84.33 -53.51
CA LYS X 53 -160.15 -83.54 -52.40
C LYS X 53 -158.67 -83.75 -52.27
N GLY X 54 -158.19 -84.91 -52.63
CA GLY X 54 -156.76 -85.11 -52.63
C GLY X 54 -156.20 -84.05 -53.58
N THR X 55 -156.76 -83.98 -54.80
CA THR X 55 -156.36 -83.04 -55.80
C THR X 55 -156.79 -81.61 -55.49
N GLU X 56 -157.88 -81.40 -54.76
CA GLU X 56 -158.33 -80.04 -54.46
C GLU X 56 -157.47 -79.46 -53.37
N ASP X 57 -157.12 -80.28 -52.39
CA ASP X 57 -156.30 -79.84 -51.31
C ASP X 57 -154.93 -79.63 -51.89
N GLU X 58 -154.54 -80.51 -52.81
CA GLU X 58 -153.30 -80.39 -53.52
C GLU X 58 -153.34 -79.14 -54.39
N LEU X 59 -154.52 -78.83 -54.94
CA LEU X 59 -154.69 -77.63 -55.75
C LEU X 59 -154.29 -76.43 -54.89
N ASP X 60 -154.69 -76.48 -53.63
CA ASP X 60 -154.35 -75.46 -52.69
C ASP X 60 -152.91 -75.60 -52.29
N LYS X 61 -152.38 -76.80 -52.15
CA LYS X 61 -150.98 -76.86 -51.80
C LYS X 61 -150.16 -76.15 -52.86
N TYR X 62 -150.52 -76.33 -54.13
CA TYR X 62 -149.80 -75.70 -55.22
C TYR X 62 -150.17 -74.24 -55.37
N SER X 63 -151.43 -73.88 -55.13
CA SER X 63 -151.95 -72.53 -55.25
C SER X 63 -151.34 -71.68 -54.18
N GLU X 64 -151.22 -72.25 -53.00
CA GLU X 64 -150.63 -71.59 -51.86
C GLU X 64 -149.14 -71.54 -52.09
N ALA X 65 -148.56 -72.65 -52.51
CA ALA X 65 -147.16 -72.64 -52.79
C ALA X 65 -146.91 -71.61 -53.86
N LEU X 66 -147.84 -71.47 -54.81
CA LEU X 66 -147.77 -70.51 -55.87
C LEU X 66 -147.98 -69.12 -55.42
N LYS X 67 -148.98 -68.83 -54.60
CA LYS X 67 -149.11 -67.45 -54.23
C LYS X 67 -147.86 -67.05 -53.49
N ASP X 68 -147.27 -68.00 -52.77
CA ASP X 68 -146.08 -67.71 -52.04
C ASP X 68 -144.90 -67.68 -52.96
N ALA X 69 -144.78 -68.58 -53.93
CA ALA X 69 -143.65 -68.56 -54.83
C ALA X 69 -143.72 -67.33 -55.69
N GLN X 70 -144.93 -66.96 -56.06
CA GLN X 70 -145.19 -65.82 -56.89
C GLN X 70 -144.96 -64.56 -56.12
N GLU X 71 -145.36 -64.51 -54.85
CA GLU X 71 -145.10 -63.31 -54.07
C GLU X 71 -143.62 -63.24 -53.79
N LYS X 72 -143.01 -64.38 -53.49
CA LYS X 72 -141.60 -64.43 -53.26
C LYS X 72 -140.92 -63.97 -54.52
N LEU X 73 -141.46 -64.34 -55.69
CA LEU X 73 -140.92 -63.88 -56.94
C LEU X 73 -141.10 -62.41 -57.02
N GLU X 74 -142.26 -61.87 -56.70
CA GLU X 74 -142.38 -60.42 -56.86
C GLU X 74 -141.38 -59.75 -55.93
N LEU X 75 -141.16 -60.33 -54.78
CA LEU X 75 -140.23 -59.83 -53.80
C LEU X 75 -138.79 -60.11 -54.18
N ALA X 76 -138.50 -61.21 -54.89
CA ALA X 76 -137.16 -61.56 -55.32
C ALA X 76 -136.82 -60.72 -56.51
N GLU X 77 -137.85 -60.41 -57.30
CA GLU X 77 -137.73 -59.57 -58.45
C GLU X 77 -137.56 -58.18 -57.91
N LYS X 78 -138.28 -57.84 -56.84
CA LYS X 78 -138.11 -56.56 -56.21
C LYS X 78 -136.75 -56.51 -55.61
N LYS X 79 -136.32 -57.57 -54.94
CA LYS X 79 -135.01 -57.58 -54.37
C LYS X 79 -134.00 -57.46 -55.48
N ALA X 80 -134.24 -58.11 -56.62
CA ALA X 80 -133.35 -58.00 -57.75
C ALA X 80 -133.36 -56.60 -58.28
N THR X 81 -134.53 -55.97 -58.28
CA THR X 81 -134.70 -54.62 -58.75
C THR X 81 -133.94 -53.69 -57.86
N ASP X 82 -134.04 -53.91 -56.56
CA ASP X 82 -133.38 -53.10 -55.58
C ASP X 82 -131.92 -53.43 -55.55
N ALA X 83 -131.56 -54.71 -55.68
CA ALA X 83 -130.18 -55.11 -55.67
C ALA X 83 -129.51 -54.53 -56.87
N GLU X 84 -130.21 -54.54 -58.01
CA GLU X 84 -129.74 -54.00 -59.26
C GLU X 84 -129.77 -52.49 -59.18
N ALA X 85 -130.77 -51.92 -58.52
CA ALA X 85 -130.83 -50.48 -58.36
C ALA X 85 -129.64 -50.08 -57.54
N ASP X 86 -129.27 -50.93 -56.58
CA ASP X 86 -128.14 -50.71 -55.75
C ASP X 86 -126.90 -51.03 -56.56
N VAL X 87 -126.93 -51.99 -57.48
CA VAL X 87 -125.74 -52.20 -58.28
C VAL X 87 -125.49 -50.96 -59.06
N ALA X 88 -126.52 -50.42 -59.69
CA ALA X 88 -126.43 -49.23 -60.48
C ALA X 88 -126.14 -47.97 -59.67
N SER X 89 -126.73 -47.86 -58.47
CA SER X 89 -126.54 -46.69 -57.63
C SER X 89 -125.17 -46.74 -57.02
N LEU X 90 -124.71 -47.95 -56.72
CA LEU X 90 -123.40 -48.08 -56.20
C LEU X 90 -122.45 -47.95 -57.34
N ASN X 91 -122.76 -48.48 -58.52
CA ASN X 91 -121.80 -48.37 -59.60
C ASN X 91 -121.59 -46.92 -59.82
N ARG X 92 -122.66 -46.14 -59.78
CA ARG X 92 -122.55 -44.72 -59.86
C ARG X 92 -121.65 -44.22 -58.73
N ARG X 93 -121.94 -44.61 -57.48
CA ARG X 93 -121.14 -44.18 -56.35
C ARG X 93 -119.71 -44.67 -56.37
N ILE X 94 -119.47 -45.89 -56.84
CA ILE X 94 -118.13 -46.44 -56.89
C ILE X 94 -117.39 -45.64 -57.88
N GLN X 95 -118.03 -45.37 -59.01
CA GLN X 95 -117.41 -44.57 -60.02
C GLN X 95 -117.18 -43.19 -59.50
N LEU X 96 -118.11 -42.65 -58.71
CA LEU X 96 -117.91 -41.33 -58.17
C LEU X 96 -116.76 -41.32 -57.21
N VAL X 97 -116.61 -42.38 -56.39
CA VAL X 97 -115.46 -42.38 -55.51
C VAL X 97 -114.20 -42.67 -56.29
N GLU X 98 -114.26 -43.45 -57.38
CA GLU X 98 -113.08 -43.66 -58.22
C GLU X 98 -112.68 -42.38 -58.89
N GLU X 99 -113.65 -41.60 -59.35
CA GLU X 99 -113.36 -40.33 -60.00
C GLU X 99 -112.85 -39.35 -58.98
N GLU X 100 -113.47 -39.34 -57.80
CA GLU X 100 -113.05 -38.44 -56.76
C GLU X 100 -111.71 -38.90 -56.26
N LEU X 101 -111.46 -40.21 -56.23
CA LEU X 101 -110.17 -40.74 -55.87
C LEU X 101 -109.15 -40.31 -56.88
N ASP X 102 -109.45 -40.43 -58.17
CA ASP X 102 -108.48 -39.99 -59.13
C ASP X 102 -108.22 -38.52 -58.90
N ARG X 103 -109.28 -37.75 -58.60
CA ARG X 103 -109.10 -36.34 -58.32
C ARG X 103 -108.29 -36.12 -57.07
N ALA X 104 -108.50 -36.91 -56.01
CA ALA X 104 -107.74 -36.77 -54.79
C ALA X 104 -106.28 -37.10 -55.06
N GLN X 105 -106.04 -38.10 -55.93
CA GLN X 105 -104.71 -38.54 -56.32
C GLN X 105 -104.04 -37.50 -57.22
N GLU X 106 -104.80 -36.85 -58.08
CA GLU X 106 -104.29 -35.79 -58.95
C GLU X 106 -104.00 -34.56 -58.12
N ARG X 107 -104.89 -34.27 -57.17
CA ARG X 107 -104.72 -33.17 -56.26
C ARG X 107 -103.55 -33.48 -55.38
N LEU X 108 -103.38 -34.75 -55.01
CA LEU X 108 -102.26 -35.19 -54.21
C LEU X 108 -101.00 -35.06 -55.01
N ALA X 109 -100.98 -35.52 -56.26
CA ALA X 109 -99.78 -35.37 -57.05
C ALA X 109 -99.45 -33.89 -57.17
N THR X 110 -100.48 -33.05 -57.29
CA THR X 110 -100.33 -31.62 -57.39
C THR X 110 -99.82 -31.05 -56.09
N ALA X 111 -100.40 -31.45 -54.95
CA ALA X 111 -99.99 -30.97 -53.65
C ALA X 111 -98.58 -31.40 -53.36
N LEU X 112 -98.21 -32.60 -53.80
CA LEU X 112 -96.90 -33.14 -53.61
C LEU X 112 -95.93 -32.44 -54.52
N GLN X 113 -96.33 -32.10 -55.75
CA GLN X 113 -95.44 -31.35 -56.59
C GLN X 113 -95.27 -29.96 -56.04
N LYS X 114 -96.36 -29.37 -55.53
CA LYS X 114 -96.31 -28.05 -54.93
C LYS X 114 -95.51 -28.13 -53.66
N LEU X 115 -95.63 -29.23 -52.94
CA LEU X 115 -94.88 -29.45 -51.73
C LEU X 115 -93.43 -29.51 -52.08
N GLU X 116 -93.09 -30.21 -53.16
CA GLU X 116 -91.72 -30.27 -53.57
C GLU X 116 -91.29 -28.89 -53.99
N GLU X 117 -92.13 -28.12 -54.67
CA GLU X 117 -91.73 -26.78 -55.08
C GLU X 117 -91.54 -25.85 -53.90
N ALA X 118 -92.43 -25.94 -52.91
CA ALA X 118 -92.39 -25.12 -51.71
C ALA X 118 -91.25 -25.51 -50.82
N GLU X 119 -91.04 -26.80 -50.71
CA GLU X 119 -90.00 -27.34 -49.90
C GLU X 119 -88.70 -27.09 -50.60
N LYS X 120 -88.69 -27.17 -51.93
CA LYS X 120 -87.50 -26.93 -52.70
C LYS X 120 -87.23 -25.46 -52.62
N ALA X 121 -88.27 -24.63 -52.62
CA ALA X 121 -88.02 -23.21 -52.48
C ALA X 121 -87.38 -23.00 -51.14
N ALA X 122 -87.87 -23.70 -50.11
CA ALA X 122 -87.29 -23.58 -48.81
C ALA X 122 -85.87 -24.11 -48.77
N ASP X 123 -85.63 -25.23 -49.45
CA ASP X 123 -84.35 -25.93 -49.46
C ASP X 123 -83.32 -25.16 -50.25
N GLU X 124 -83.73 -24.60 -51.38
CA GLU X 124 -82.85 -23.85 -52.22
C GLU X 124 -82.60 -22.50 -51.59
N SER X 125 -83.64 -21.88 -51.00
CA SER X 125 -83.47 -20.62 -50.35
C SER X 125 -82.67 -20.85 -49.10
N GLU X 126 -82.81 -22.04 -48.47
CA GLU X 126 -82.04 -22.36 -47.31
C GLU X 126 -80.59 -22.53 -47.74
N ARG X 127 -80.32 -23.20 -48.88
CA ARG X 127 -78.95 -23.29 -49.37
C ARG X 127 -78.42 -21.93 -49.74
N GLY X 128 -79.29 -21.09 -50.28
CA GLY X 128 -78.93 -19.75 -50.64
C GLY X 128 -78.47 -19.11 -49.36
N MET X 129 -79.30 -19.23 -48.32
CA MET X 129 -79.07 -18.73 -46.99
C MET X 129 -77.80 -19.33 -46.43
N LYS X 130 -77.54 -20.63 -46.60
CA LYS X 130 -76.34 -21.23 -46.06
C LYS X 130 -75.12 -20.59 -46.65
N VAL X 131 -75.15 -20.33 -47.95
CA VAL X 131 -74.02 -19.70 -48.58
C VAL X 131 -73.89 -18.27 -48.14
N ILE X 132 -74.99 -17.53 -48.12
CA ILE X 132 -74.92 -16.14 -47.69
C ILE X 132 -74.82 -16.01 -46.18
N GLU X 133 -75.21 -17.05 -45.43
CA GLU X 133 -75.05 -17.05 -43.98
C GLU X 133 -73.62 -17.35 -43.70
N SER X 134 -73.03 -18.25 -44.49
CA SER X 134 -71.64 -18.57 -44.36
C SER X 134 -70.91 -17.33 -44.77
N ARG X 135 -71.42 -16.62 -45.79
CA ARG X 135 -70.82 -15.39 -46.20
C ARG X 135 -70.99 -14.37 -45.10
N ALA X 136 -72.17 -14.28 -44.50
CA ALA X 136 -72.33 -13.33 -43.43
C ALA X 136 -71.35 -13.67 -42.35
N GLN X 137 -71.15 -14.97 -42.08
CA GLN X 137 -70.23 -15.40 -41.05
C GLN X 137 -68.81 -15.06 -41.43
N LYS X 138 -68.45 -15.21 -42.68
CA LYS X 138 -67.10 -14.89 -43.11
C LYS X 138 -66.88 -13.40 -43.09
N ASP X 139 -67.91 -12.66 -43.45
CA ASP X 139 -67.89 -11.22 -43.51
C ASP X 139 -68.00 -10.70 -42.11
N GLU X 140 -68.73 -11.40 -41.25
CA GLU X 140 -68.89 -11.02 -39.87
C GLU X 140 -67.56 -11.27 -39.19
N GLU X 141 -66.94 -12.41 -39.43
CA GLU X 141 -65.68 -12.65 -38.81
C GLU X 141 -64.68 -11.70 -39.36
N LYS X 142 -64.70 -11.47 -40.66
CA LYS X 142 -63.73 -10.57 -41.20
C LYS X 142 -63.99 -9.17 -40.72
N MET X 143 -65.24 -8.71 -40.59
CA MET X 143 -65.43 -7.34 -40.16
C MET X 143 -65.04 -7.24 -38.71
N GLU X 144 -65.21 -8.30 -37.91
CA GLU X 144 -64.80 -8.25 -36.52
C GLU X 144 -63.30 -8.20 -36.48
N ILE X 145 -62.66 -8.96 -37.34
CA ILE X 145 -61.23 -8.97 -37.41
C ILE X 145 -60.72 -7.64 -37.83
N GLN X 146 -61.31 -7.09 -38.89
CA GLN X 146 -60.93 -5.81 -39.42
C GLN X 146 -61.28 -4.72 -38.45
N GLU X 147 -62.37 -4.88 -37.70
CA GLU X 147 -62.78 -3.91 -36.72
C GLU X 147 -61.82 -3.92 -35.56
N ILE X 148 -61.44 -5.10 -35.11
CA ILE X 148 -60.50 -5.23 -34.01
C ILE X 148 -59.18 -4.70 -34.47
N GLN X 149 -58.78 -5.06 -35.68
CA GLN X 149 -57.56 -4.58 -36.26
C GLN X 149 -57.65 -3.10 -36.49
N LEU X 150 -58.83 -2.58 -36.82
CA LEU X 150 -59.01 -1.15 -36.99
C LEU X 150 -58.87 -0.51 -35.68
N LYS X 151 -59.49 -1.08 -34.67
CA LYS X 151 -59.38 -0.51 -33.37
C LYS X 151 -57.96 -0.50 -32.99
N GLU X 152 -57.22 -1.58 -33.24
CA GLU X 152 -55.83 -1.57 -32.89
C GLU X 152 -55.00 -0.69 -33.78
N ALA X 153 -55.24 -0.65 -35.08
CA ALA X 153 -54.47 0.20 -35.94
C ALA X 153 -54.73 1.63 -35.53
N LYS X 154 -55.97 1.90 -35.15
CA LYS X 154 -56.34 3.19 -34.70
C LYS X 154 -55.76 3.41 -33.33
N HIS X 155 -55.70 2.39 -32.47
CA HIS X 155 -55.16 2.53 -31.14
C HIS X 155 -53.69 2.71 -31.26
N ILE X 156 -53.09 2.09 -32.26
CA ILE X 156 -51.68 2.25 -32.55
C ILE X 156 -51.51 3.64 -33.02
N ALA X 157 -52.39 4.10 -33.89
CA ALA X 157 -52.31 5.46 -34.37
C ALA X 157 -52.51 6.43 -33.24
N GLU X 158 -53.42 6.13 -32.33
CA GLU X 158 -53.70 6.96 -31.20
C GLU X 158 -52.55 6.90 -30.26
N ASP X 159 -51.95 5.73 -30.11
CA ASP X 159 -50.83 5.54 -29.24
C ASP X 159 -49.65 6.23 -29.84
N ALA X 160 -49.52 6.16 -31.16
CA ALA X 160 -48.48 6.80 -31.89
C ALA X 160 -48.70 8.30 -31.85
N ASP X 161 -49.97 8.74 -31.86
CA ASP X 161 -50.31 10.16 -31.72
C ASP X 161 -50.06 10.56 -30.28
N ARG X 162 -50.32 9.66 -29.32
CA ARG X 162 -50.02 9.99 -27.94
C ARG X 162 -48.55 10.09 -27.81
N LYS X 163 -47.80 9.18 -28.43
CA LYS X 163 -46.37 9.23 -28.39
C LYS X 163 -45.90 10.45 -29.10
N TYR X 164 -46.56 10.84 -30.19
CA TYR X 164 -46.24 12.05 -30.91
C TYR X 164 -46.33 13.17 -29.96
N GLU X 165 -47.42 13.26 -29.20
CA GLU X 165 -47.60 14.32 -28.24
C GLU X 165 -46.64 14.19 -27.08
N GLU X 166 -46.32 12.97 -26.66
CA GLU X 166 -45.38 12.80 -25.57
C GLU X 166 -44.04 13.30 -26.03
N VAL X 167 -43.69 12.97 -27.27
CA VAL X 167 -42.43 13.41 -27.86
C VAL X 167 -42.48 14.86 -28.36
N ALA X 168 -43.68 15.35 -28.67
CA ALA X 168 -43.81 16.70 -29.16
C ALA X 168 -43.68 17.64 -27.98
N ARG X 169 -44.24 17.25 -26.83
CA ARG X 169 -44.12 18.10 -25.66
C ARG X 169 -42.71 17.88 -25.14
N LYS X 170 -42.18 16.65 -25.25
CA LYS X 170 -40.83 16.44 -24.81
C LYS X 170 -39.92 17.04 -25.83
N LEU X 171 -40.34 17.16 -27.09
CA LEU X 171 -39.51 17.85 -28.06
C LEU X 171 -39.41 19.24 -27.56
N VAL X 172 -40.50 19.84 -27.15
CA VAL X 172 -40.43 21.18 -26.61
C VAL X 172 -39.55 21.22 -25.38
N ILE X 173 -39.65 20.23 -24.50
CA ILE X 173 -38.81 20.19 -23.32
C ILE X 173 -37.35 20.10 -23.75
N ILE X 174 -37.07 19.22 -24.70
CA ILE X 174 -35.79 18.97 -25.33
C ILE X 174 -35.28 20.16 -26.10
N GLU X 175 -36.14 20.87 -26.81
CA GLU X 175 -35.78 22.09 -27.50
C GLU X 175 -35.49 23.11 -26.45
N SER X 176 -36.27 23.11 -25.36
CA SER X 176 -36.05 24.04 -24.28
C SER X 176 -34.78 23.64 -23.57
N ASP X 177 -34.51 22.33 -23.48
CA ASP X 177 -33.30 21.85 -22.87
C ASP X 177 -32.14 22.04 -23.82
N LEU X 178 -32.38 22.06 -25.13
CA LEU X 178 -31.34 22.41 -26.07
C LEU X 178 -31.07 23.86 -25.91
N GLU X 179 -32.11 24.67 -25.79
CA GLU X 179 -31.91 26.08 -25.61
C GLU X 179 -31.17 26.29 -24.33
N ARG X 180 -31.50 25.52 -23.28
CA ARG X 180 -30.81 25.57 -22.02
C ARG X 180 -29.45 24.95 -22.12
N ALA X 181 -29.29 23.85 -22.85
CA ALA X 181 -28.00 23.20 -22.98
C ALA X 181 -27.09 24.12 -23.73
N GLU X 182 -27.66 24.82 -24.70
CA GLU X 182 -26.97 25.77 -25.53
C GLU X 182 -26.76 27.01 -24.71
N GLU X 183 -27.73 27.40 -23.90
CA GLU X 183 -27.61 28.55 -23.04
C GLU X 183 -26.50 28.30 -22.10
N ARG X 184 -26.40 27.09 -21.59
CA ARG X 184 -25.36 26.67 -20.69
C ARG X 184 -24.08 26.60 -21.48
N ALA X 185 -24.12 26.18 -22.75
CA ALA X 185 -22.89 26.23 -23.50
C ALA X 185 -22.44 27.67 -23.60
N GLU X 186 -23.37 28.59 -23.84
CA GLU X 186 -23.13 30.02 -23.97
C GLU X 186 -22.80 30.68 -22.66
N LEU X 187 -23.43 30.25 -21.59
CA LEU X 187 -23.27 30.78 -20.27
C LEU X 187 -21.98 30.32 -19.68
N SER X 188 -21.66 29.05 -19.83
CA SER X 188 -20.42 28.51 -19.34
C SER X 188 -19.32 28.99 -20.24
N GLU X 189 -19.56 29.12 -21.55
CA GLU X 189 -18.54 29.61 -22.47
C GLU X 189 -18.37 31.09 -22.24
N GLY X 190 -19.47 31.77 -21.99
CA GLY X 190 -19.51 33.19 -21.75
C GLY X 190 -18.73 33.45 -20.51
N LYS X 191 -19.08 32.73 -19.45
CA LYS X 191 -18.41 32.88 -18.19
C LYS X 191 -17.00 32.40 -18.30
N CYS X 192 -16.71 31.34 -19.06
CA CYS X 192 -15.32 30.95 -19.04
C CYS X 192 -14.56 32.02 -19.80
N ALA X 193 -15.18 32.68 -20.79
CA ALA X 193 -14.53 33.77 -21.50
C ALA X 193 -14.37 34.96 -20.58
N GLU X 194 -15.35 35.18 -19.70
CA GLU X 194 -15.23 36.27 -18.76
C GLU X 194 -14.09 35.97 -17.83
N LEU X 195 -13.96 34.70 -17.45
CA LEU X 195 -12.86 34.27 -16.59
C LEU X 195 -11.58 34.38 -17.36
N GLU X 196 -11.57 34.11 -18.67
CA GLU X 196 -10.34 34.28 -19.40
C GLU X 196 -9.94 35.73 -19.30
N GLU X 197 -10.90 36.64 -19.38
CA GLU X 197 -10.57 38.05 -19.26
C GLU X 197 -10.19 38.40 -17.83
N GLU X 198 -10.87 37.82 -16.83
CA GLU X 198 -10.55 38.09 -15.45
C GLU X 198 -9.20 37.49 -15.14
N LEU X 199 -8.92 36.33 -15.73
CA LEU X 199 -7.69 35.61 -15.55
C LEU X 199 -6.57 36.37 -16.18
N LYS X 200 -6.75 36.84 -17.41
CA LYS X 200 -5.73 37.61 -18.04
C LYS X 200 -5.52 38.88 -17.26
N THR X 201 -6.60 39.46 -16.72
CA THR X 201 -6.48 40.67 -15.93
C THR X 201 -5.70 40.42 -14.67
N VAL X 202 -6.00 39.35 -13.93
CA VAL X 202 -5.26 39.09 -12.73
C VAL X 202 -3.87 38.57 -13.06
N THR X 203 -3.71 37.90 -14.19
CA THR X 203 -2.42 37.42 -14.63
C THR X 203 -1.58 38.61 -14.95
N ASN X 204 -2.15 39.59 -15.64
CA ASN X 204 -1.41 40.77 -15.99
C ASN X 204 -1.16 41.60 -14.75
N ASN X 205 -2.09 41.61 -13.81
CA ASN X 205 -1.88 42.33 -12.58
C ASN X 205 -0.85 41.58 -11.76
N LEU X 206 -0.86 40.26 -11.83
CA LEU X 206 0.12 39.46 -11.15
C LEU X 206 1.46 39.72 -11.75
N LYS X 207 1.54 39.75 -13.08
CA LYS X 207 2.78 40.00 -13.76
C LYS X 207 3.27 41.39 -13.42
N SER X 208 2.35 42.35 -13.28
CA SER X 208 2.71 43.70 -12.90
C SER X 208 3.23 43.72 -11.49
N LEU X 209 2.53 43.05 -10.56
CA LEU X 209 2.92 43.00 -9.17
C LEU X 209 4.15 42.17 -8.98
N GLU X 210 4.31 41.16 -9.82
CA GLU X 210 5.47 40.31 -9.79
C GLU X 210 6.62 41.08 -10.33
N ALA X 211 6.40 41.82 -11.41
CA ALA X 211 7.43 42.65 -11.97
C ALA X 211 7.77 43.71 -10.98
N GLN X 212 6.77 44.22 -10.27
CA GLN X 212 6.97 45.26 -9.29
C GLN X 212 7.69 44.73 -8.09
N ALA X 213 7.25 43.57 -7.61
CA ALA X 213 7.85 42.91 -6.50
C ALA X 213 9.26 42.52 -6.90
N GLU X 214 9.45 42.12 -8.16
CA GLU X 214 10.76 41.76 -8.66
C GLU X 214 11.61 43.00 -8.82
N LYS X 215 11.04 44.09 -9.28
CA LYS X 215 11.83 45.29 -9.35
C LYS X 215 12.24 45.67 -7.96
N TYR X 216 11.35 45.47 -6.99
CA TYR X 216 11.70 45.76 -5.63
C TYR X 216 12.71 44.74 -5.15
N SER X 217 12.58 43.47 -5.51
CA SER X 217 13.52 42.46 -5.05
C SER X 217 14.87 42.78 -5.65
N GLN X 218 14.87 43.35 -6.85
CA GLN X 218 16.08 43.76 -7.50
C GLN X 218 16.62 44.95 -6.79
N LYS X 219 15.77 45.87 -6.33
CA LYS X 219 16.25 47.01 -5.58
C LYS X 219 16.74 46.57 -4.24
N GLU X 220 16.07 45.56 -3.68
CA GLU X 220 16.46 44.99 -2.40
C GLU X 220 17.84 44.40 -2.61
N ASP X 221 18.04 43.73 -3.74
CA ASP X 221 19.33 43.17 -4.02
C ASP X 221 20.31 44.28 -4.28
N ARG X 222 19.92 45.36 -4.95
CA ARG X 222 20.89 46.41 -5.17
C ARG X 222 21.26 46.98 -3.85
N TYR X 223 20.29 47.13 -2.96
CA TYR X 223 20.60 47.65 -1.69
C TYR X 223 21.37 46.61 -0.95
N GLU X 224 21.06 45.35 -1.08
CA GLU X 224 21.77 44.35 -0.31
C GLU X 224 23.20 44.36 -0.74
N GLU X 225 23.45 44.55 -2.02
CA GLU X 225 24.78 44.61 -2.53
C GLU X 225 25.43 45.84 -1.95
N GLU X 226 24.69 46.96 -1.90
CA GLU X 226 25.16 48.21 -1.33
C GLU X 226 25.23 48.16 0.19
N ILE X 227 24.39 47.34 0.82
CA ILE X 227 24.37 47.12 2.25
C ILE X 227 25.60 46.39 2.54
N LYS X 228 25.90 45.36 1.77
CA LYS X 228 27.13 44.65 1.97
C LYS X 228 28.29 45.56 1.69
N VAL X 229 28.19 46.41 0.67
CA VAL X 229 29.28 47.30 0.43
C VAL X 229 29.43 48.28 1.55
N LEU X 230 28.36 48.89 2.03
CA LEU X 230 28.46 49.84 3.11
C LEU X 230 28.60 49.18 4.45
N SER X 231 28.07 48.00 4.62
CA SER X 231 28.23 47.29 5.88
C SER X 231 29.68 46.94 5.96
N ASP X 232 30.26 46.47 4.85
CA ASP X 232 31.66 46.17 4.87
C ASP X 232 32.44 47.45 4.88
N LYS X 233 32.02 48.48 4.15
CA LYS X 233 32.76 49.71 4.16
C LYS X 233 32.73 50.25 5.57
N LEU X 234 31.62 50.06 6.27
CA LEU X 234 31.45 50.46 7.64
C LEU X 234 32.30 49.62 8.54
N LYS X 235 32.32 48.31 8.38
CA LYS X 235 33.16 47.49 9.20
C LYS X 235 34.61 47.84 8.97
N GLU X 236 34.96 48.14 7.74
CA GLU X 236 36.28 48.53 7.34
C GLU X 236 36.59 49.90 7.86
N ALA X 237 35.62 50.82 7.77
CA ALA X 237 35.77 52.18 8.27
C ALA X 237 35.77 52.14 9.74
N GLU X 238 35.03 51.19 10.31
CA GLU X 238 34.96 50.98 11.73
C GLU X 238 36.25 50.36 12.14
N THR X 239 36.81 49.48 11.31
CA THR X 239 38.11 48.90 11.60
C THR X 239 39.10 50.02 11.56
N ARG X 240 38.97 50.93 10.59
CA ARG X 240 39.81 52.10 10.45
C ARG X 240 39.57 53.06 11.60
N ALA X 241 38.33 53.19 12.06
CA ALA X 241 37.99 54.05 13.16
C ALA X 241 38.50 53.47 14.41
N GLU X 242 38.39 52.16 14.53
CA GLU X 242 38.81 51.42 15.69
C GLU X 242 40.29 51.36 15.60
N PHE X 243 40.82 51.21 14.39
CA PHE X 243 42.24 51.20 14.19
C PHE X 243 42.76 52.48 14.62
N ALA X 244 42.16 53.55 14.16
CA ALA X 244 42.62 54.83 14.54
C ALA X 244 42.38 55.01 16.03
N GLU X 245 41.29 54.50 16.61
CA GLU X 245 41.14 54.65 18.05
C GLU X 245 42.23 53.90 18.77
N ARG X 246 42.61 52.73 18.25
CA ARG X 246 43.66 51.93 18.88
C ARG X 246 45.03 52.53 18.60
N SER X 247 45.22 53.01 17.38
CA SER X 247 46.47 53.61 16.97
C SER X 247 46.63 54.85 17.78
N VAL X 248 45.53 55.60 17.93
CA VAL X 248 45.53 56.77 18.76
C VAL X 248 45.79 56.30 20.16
N THR X 249 45.17 55.23 20.63
CA THR X 249 45.43 54.73 21.97
C THR X 249 46.89 54.37 22.14
N LYS X 250 47.48 53.68 21.16
CA LYS X 250 48.88 53.32 21.22
C LYS X 250 49.70 54.57 21.25
N LEU X 251 49.29 55.58 20.49
CA LEU X 251 50.00 56.83 20.44
C LEU X 251 49.65 57.75 21.60
N GLU X 252 48.51 57.47 22.25
CA GLU X 252 48.11 58.22 23.43
C GLU X 252 49.09 57.74 24.48
N LYS X 253 49.39 56.44 24.42
CA LYS X 253 50.35 55.85 25.30
C LYS X 253 51.73 56.30 24.93
N SER X 254 52.09 56.27 23.64
CA SER X 254 53.40 56.68 23.23
C SER X 254 53.57 58.17 23.31
N ILE X 255 52.52 58.96 23.20
CA ILE X 255 52.73 60.37 23.35
C ILE X 255 52.98 60.59 24.79
N ASP X 256 52.25 59.91 25.69
CA ASP X 256 52.47 60.12 27.08
C ASP X 256 53.81 59.54 27.45
N ASP X 257 54.24 58.47 26.79
CA ASP X 257 55.54 57.95 27.12
C ASP X 257 56.56 58.94 26.64
N LEU X 258 56.36 59.57 25.48
CA LEU X 258 57.32 60.56 25.06
C LEU X 258 57.20 61.80 25.88
N GLU X 259 56.00 62.10 26.38
CA GLU X 259 55.79 63.29 27.21
C GLU X 259 56.47 63.10 28.56
N ASP X 260 56.50 61.85 29.01
CA ASP X 260 57.11 61.47 30.26
C ASP X 260 58.59 61.18 30.11
N GLU X 261 58.99 60.66 28.97
CA GLU X 261 60.37 60.38 28.68
C GLU X 261 61.07 61.66 28.32
N LEU X 262 60.42 62.55 27.59
CA LEU X 262 61.07 63.79 27.27
C LEU X 262 61.16 64.56 28.56
N TYR X 263 60.08 64.53 29.34
CA TYR X 263 60.05 65.16 30.63
C TYR X 263 61.13 64.61 31.52
N ALA X 264 61.19 63.29 31.66
CA ALA X 264 62.16 62.66 32.52
C ALA X 264 63.55 62.90 32.03
N GLN X 265 63.76 62.89 30.72
CA GLN X 265 65.09 63.10 30.26
C GLN X 265 65.45 64.53 30.52
N LYS X 266 64.58 65.48 30.29
CA LYS X 266 64.96 66.87 30.58
C LYS X 266 65.14 67.13 32.05
N LEU X 267 64.23 66.57 32.82
CA LEU X 267 64.17 66.70 34.24
C LEU X 267 65.37 66.09 34.86
N LYS X 268 65.90 65.03 34.29
CA LYS X 268 67.09 64.46 34.83
C LYS X 268 68.29 64.94 34.05
N TYR X 269 68.15 65.27 32.80
CA TYR X 269 69.32 65.63 32.04
C TYR X 269 69.74 67.06 32.14
N LYS X 270 68.83 68.01 32.01
CA LYS X 270 69.34 69.33 32.16
C LYS X 270 69.45 69.50 33.67
N ALA X 271 68.51 68.92 34.42
CA ALA X 271 68.68 69.12 35.85
C ALA X 271 70.00 68.53 36.35
N ILE X 272 70.45 67.39 35.83
CA ILE X 272 71.72 66.87 36.31
C ILE X 272 72.89 67.49 35.62
N SER X 273 72.89 67.60 34.30
CA SER X 273 74.06 68.13 33.66
C SER X 273 74.23 69.62 33.82
N GLU X 274 73.13 70.32 33.98
CA GLU X 274 73.18 71.76 34.21
C GLU X 274 73.67 71.94 35.65
N GLU X 275 73.28 70.98 36.48
CA GLU X 275 73.69 70.96 37.88
C GLU X 275 75.18 70.66 37.87
N LEU X 276 75.59 69.76 36.97
CA LEU X 276 77.01 69.44 36.87
C LEU X 276 77.75 70.71 36.42
N ASP X 277 77.15 71.55 35.55
CA ASP X 277 77.78 72.82 35.21
C ASP X 277 77.72 73.80 36.40
N HIS X 278 76.69 73.70 37.24
CA HIS X 278 76.69 74.50 38.45
C HIS X 278 77.83 73.98 39.28
N ALA X 279 77.93 72.67 39.37
CA ALA X 279 79.01 72.13 40.10
C ALA X 279 80.28 72.63 39.43
N LEU X 280 80.37 72.76 38.09
CA LEU X 280 81.58 73.33 37.46
C LEU X 280 81.90 74.64 38.12
N ASN X 281 80.90 75.48 38.35
CA ASN X 281 81.15 76.76 38.97
C ASN X 281 81.96 76.57 40.27
N ASP X 282 81.65 75.50 41.00
CA ASP X 282 82.39 75.19 42.21
C ASP X 282 83.53 74.20 41.95
N MET X 283 83.37 73.27 41.02
CA MET X 283 84.32 72.19 40.81
C MET X 283 85.62 72.70 40.37
N THR X 284 85.56 73.75 39.56
CA THR X 284 86.68 74.39 38.91
C THR X 284 87.13 75.61 39.70
N SER X 285 86.58 75.79 40.87
CA SER X 285 87.04 76.87 41.70
C SER X 285 88.28 76.26 42.31
N ILE X 286 89.06 77.06 43.04
CA ILE X 286 90.27 76.66 43.77
C ILE X 286 91.43 76.81 42.83
N MET Y 3 85.81 72.37 31.72
CA MET Y 3 86.48 72.93 32.87
C MET Y 3 87.69 73.76 32.43
N ASP Y 4 87.39 74.75 31.62
CA ASP Y 4 88.34 75.66 31.06
C ASP Y 4 88.73 76.64 32.12
N ALA Y 5 87.86 76.85 33.09
CA ALA Y 5 88.19 77.77 34.14
C ALA Y 5 89.46 77.27 34.85
N ILE Y 6 89.62 75.97 34.95
CA ILE Y 6 90.80 75.46 35.59
C ILE Y 6 91.89 75.06 34.68
N LYS Y 7 91.60 74.93 33.41
CA LYS Y 7 92.74 74.79 32.54
C LYS Y 7 93.52 76.11 32.70
N LYS Y 8 92.76 77.20 32.84
CA LYS Y 8 93.34 78.52 33.02
C LYS Y 8 93.87 78.73 34.45
N LYS Y 9 93.16 78.24 35.48
CA LYS Y 9 93.67 78.39 36.84
C LYS Y 9 94.92 77.55 36.99
N MET Y 10 94.92 76.37 36.39
CA MET Y 10 96.04 75.47 36.39
C MET Y 10 97.21 76.17 35.83
N GLN Y 11 97.04 76.84 34.69
CA GLN Y 11 98.18 77.51 34.15
C GLN Y 11 98.64 78.60 35.08
N MET Y 12 97.72 79.31 35.73
CA MET Y 12 98.20 80.36 36.60
C MET Y 12 98.98 79.80 37.77
N LEU Y 13 98.50 78.72 38.36
CA LEU Y 13 99.20 78.15 39.48
C LEU Y 13 100.46 77.48 39.04
N LYS Y 14 100.44 76.96 37.82
CA LYS Y 14 101.60 76.33 37.26
C LYS Y 14 102.66 77.38 37.12
N LEU Y 15 102.29 78.57 36.65
CA LEU Y 15 103.26 79.64 36.55
C LEU Y 15 103.71 80.08 37.90
N ASP Y 16 102.81 80.14 38.87
CA ASP Y 16 103.22 80.57 40.19
C ASP Y 16 104.20 79.58 40.78
N LYS Y 17 103.96 78.28 40.60
CA LYS Y 17 104.89 77.32 41.16
C LYS Y 17 106.10 77.21 40.33
N GLU Y 18 105.99 77.40 39.03
CA GLU Y 18 107.14 77.24 38.20
C GLU Y 18 108.09 78.34 38.53
N ASN Y 19 107.56 79.52 38.83
CA ASN Y 19 108.39 80.64 39.17
C ASN Y 19 108.99 80.43 40.55
N ALA Y 20 108.20 79.91 41.51
CA ALA Y 20 108.72 79.64 42.84
C ALA Y 20 109.76 78.53 42.79
N LEU Y 21 109.55 77.58 41.90
CA LEU Y 21 110.41 76.44 41.66
C LEU Y 21 111.65 76.88 40.96
N ASP Y 22 111.52 77.78 40.00
CA ASP Y 22 112.68 78.30 39.31
C ASP Y 22 113.52 78.90 40.42
N ARG Y 23 112.89 79.68 41.31
CA ARG Y 23 113.62 80.23 42.41
C ARG Y 23 114.14 79.16 43.36
N ALA Y 24 113.40 78.08 43.64
CA ALA Y 24 113.93 77.06 44.53
C ALA Y 24 115.18 76.45 43.99
N GLU Y 25 115.18 76.23 42.68
CA GLU Y 25 116.29 75.64 42.00
C GLU Y 25 117.45 76.60 41.93
N GLN Y 26 117.18 77.88 41.69
CA GLN Y 26 118.23 78.88 41.63
C GLN Y 26 118.79 79.10 43.00
N ALA Y 27 117.93 79.18 43.98
CA ALA Y 27 118.36 79.45 45.32
C ALA Y 27 119.30 78.36 45.80
N GLU Y 28 119.02 77.11 45.42
CA GLU Y 28 119.95 76.06 45.75
C GLU Y 28 121.18 76.09 44.82
N ALA Y 29 120.97 76.38 43.53
CA ALA Y 29 122.05 76.42 42.54
C ALA Y 29 123.08 77.47 42.82
N ASP Y 30 122.66 78.59 43.39
CA ASP Y 30 123.49 79.73 43.72
C ASP Y 30 124.59 79.41 44.73
N LYS Y 31 124.35 78.41 45.58
CA LYS Y 31 125.27 77.99 46.63
C LYS Y 31 125.75 79.13 47.52
N MET Z 3 85.00 69.85 43.27
CA MET Z 3 85.49 68.52 42.97
C MET Z 3 86.66 68.27 43.86
N ASP Z 4 86.77 67.07 44.41
CA ASP Z 4 87.90 66.82 45.28
C ASP Z 4 89.20 66.78 44.52
N ALA Z 5 89.16 66.24 43.31
CA ALA Z 5 90.39 66.16 42.55
C ALA Z 5 90.89 67.53 42.19
N ILE Z 6 89.98 68.42 41.84
CA ILE Z 6 90.40 69.75 41.45
C ILE Z 6 90.81 70.50 42.68
N LYS Z 7 89.98 70.50 43.71
CA LYS Z 7 90.35 71.23 44.88
C LYS Z 7 91.68 70.81 45.43
N LYS Z 8 91.90 69.50 45.52
CA LYS Z 8 93.14 69.01 46.06
C LYS Z 8 94.31 69.23 45.16
N LYS Z 9 94.16 69.00 43.87
CA LYS Z 9 95.32 69.09 43.04
C LYS Z 9 95.61 70.56 42.72
N MET Z 10 94.61 71.43 42.77
CA MET Z 10 94.90 72.84 42.69
C MET Z 10 95.71 73.20 43.89
N GLN Z 11 95.33 72.68 45.06
CA GLN Z 11 96.14 72.95 46.23
C GLN Z 11 97.50 72.34 46.05
N MET Z 12 97.61 71.17 45.40
CA MET Z 12 98.94 70.63 45.22
C MET Z 12 99.80 71.52 44.35
N LEU Z 13 99.20 72.23 43.40
CA LEU Z 13 100.00 73.08 42.53
C LEU Z 13 100.33 74.35 43.32
N LYS Z 14 99.40 74.77 44.18
CA LYS Z 14 99.64 75.89 45.06
C LYS Z 14 100.77 75.49 45.99
N LEU Z 15 100.77 74.23 46.43
CA LEU Z 15 101.81 73.70 47.29
C LEU Z 15 103.09 73.59 46.56
N ASP Z 16 103.09 73.23 45.29
CA ASP Z 16 104.38 73.25 44.66
C ASP Z 16 104.90 74.67 44.77
N LYS Z 17 104.03 75.68 44.60
CA LYS Z 17 104.48 77.04 44.77
C LYS Z 17 104.89 77.35 46.19
N GLU Z 18 104.07 76.98 47.17
CA GLU Z 18 104.36 77.33 48.55
C GLU Z 18 105.60 76.64 49.05
N ASN Z 19 105.77 75.39 48.66
CA ASN Z 19 106.88 74.60 49.09
C ASN Z 19 108.12 75.02 48.35
N ALA Z 20 107.98 75.27 47.05
CA ALA Z 20 109.12 75.71 46.28
C ALA Z 20 109.53 77.05 46.74
N LEU Z 21 108.57 77.86 47.11
CA LEU Z 21 108.90 79.17 47.57
C LEU Z 21 109.59 79.06 48.90
N ASP Z 22 109.10 78.21 49.81
CA ASP Z 22 109.80 78.08 51.08
C ASP Z 22 111.20 77.57 50.84
N ARG Z 23 111.37 76.65 49.89
CA ARG Z 23 112.71 76.16 49.60
C ARG Z 23 113.55 77.26 49.03
N ALA Z 24 112.98 78.08 48.15
CA ALA Z 24 113.73 79.16 47.57
C ALA Z 24 114.16 80.15 48.59
N GLU Z 25 113.27 80.47 49.51
CA GLU Z 25 113.59 81.44 50.50
C GLU Z 25 114.60 80.93 51.47
N GLN Z 26 114.47 79.68 51.92
CA GLN Z 26 115.47 79.21 52.85
C GLN Z 26 116.79 78.98 52.16
N ALA Z 27 116.74 78.44 50.95
CA ALA Z 27 117.97 78.16 50.28
C ALA Z 27 118.69 79.43 49.99
N GLU Z 28 117.97 80.45 49.52
CA GLU Z 28 118.54 81.74 49.17
C GLU Z 28 119.05 82.44 50.40
N ALA Z 29 118.34 82.28 51.52
CA ALA Z 29 118.78 82.88 52.76
C ALA Z 29 120.17 82.38 53.12
N ASP Z 30 120.44 81.10 52.84
CA ASP Z 30 121.73 80.52 53.11
C ASP Z 30 122.71 80.65 51.93
N LYS Z 31 122.16 80.68 50.73
CA LYS Z 31 122.86 80.70 49.45
C LYS Z 31 122.53 81.94 48.62
N LEU AA 13 88.90 87.10 37.02
CA LEU AA 13 89.23 88.09 35.99
C LEU AA 13 87.98 88.55 35.28
N ASN AA 14 87.86 89.88 35.15
CA ASN AA 14 86.64 90.52 34.68
C ASN AA 14 86.02 89.82 33.47
N GLU AA 15 86.81 89.53 32.44
CA GLU AA 15 86.26 88.87 31.26
C GLU AA 15 85.76 87.49 31.60
N LEU AA 16 86.60 86.65 32.18
CA LEU AA 16 86.20 85.28 32.45
C LEU AA 16 85.11 85.21 33.51
N GLN AA 17 85.25 85.97 34.60
CA GLN AA 17 84.24 85.90 35.65
C GLN AA 17 82.92 86.45 35.16
N ALA AA 18 82.96 87.53 34.38
CA ALA AA 18 81.73 88.12 33.85
C ALA AA 18 81.04 87.17 32.90
N LEU AA 19 81.79 86.56 31.97
CA LEU AA 19 81.15 85.66 31.02
C LEU AA 19 80.62 84.41 31.71
N ILE AA 20 81.33 83.87 32.70
CA ILE AA 20 80.87 82.65 33.32
C ILE AA 20 79.69 82.92 34.24
N GLU AA 21 79.61 84.14 34.80
CA GLU AA 21 78.41 84.46 35.56
C GLU AA 21 77.23 84.69 34.64
N ALA AA 22 77.46 85.38 33.51
CA ALA AA 22 76.44 85.42 32.47
C ALA AA 22 75.99 84.01 32.14
N HIS AA 23 76.96 83.09 32.01
CA HIS AA 23 76.63 81.69 31.78
C HIS AA 23 75.67 81.19 32.83
N PHE AA 24 76.11 81.17 34.07
CA PHE AA 24 75.29 80.65 35.17
C PHE AA 24 73.89 81.25 35.11
N GLU AA 25 73.79 82.56 35.33
CA GLU AA 25 72.49 83.19 35.47
C GLU AA 25 71.67 82.98 34.22
N ASN AA 26 72.10 83.58 33.10
CA ASN AA 26 71.30 83.59 31.90
C ASN AA 26 70.91 82.17 31.52
N ARG AA 27 71.89 81.31 31.30
CA ARG AA 27 71.60 80.01 30.70
C ARG AA 27 70.81 79.13 31.64
N LYS AA 28 71.19 78.99 32.92
CA LYS AA 28 70.49 78.01 33.74
C LYS AA 28 69.14 78.53 34.21
N LYS AA 29 69.04 79.82 34.53
CA LYS AA 29 67.73 80.43 34.70
C LYS AA 29 66.85 80.11 33.50
N GLU AA 30 67.40 80.29 32.30
CA GLU AA 30 66.69 79.96 31.09
C GLU AA 30 66.33 78.47 31.04
N GLU AA 31 67.24 77.62 31.50
CA GLU AA 31 67.01 76.19 31.48
C GLU AA 31 65.86 75.81 32.37
N GLU AA 32 65.77 76.46 33.54
CA GLU AA 32 64.64 76.21 34.40
C GLU AA 32 63.35 76.77 33.81
N GLU AA 33 63.46 77.89 33.08
CA GLU AA 33 62.31 78.33 32.29
C GLU AA 33 61.84 77.21 31.38
N LEU AA 34 62.78 76.60 30.65
CA LEU AA 34 62.44 75.50 29.76
C LEU AA 34 61.82 74.36 30.53
N VAL AA 35 62.42 73.95 31.64
CA VAL AA 35 61.89 72.87 32.43
C VAL AA 35 60.44 73.15 32.78
N SER AA 36 60.19 74.28 33.43
CA SER AA 36 58.84 74.67 33.77
C SER AA 36 57.90 74.61 32.59
N LEU AA 37 58.22 75.32 31.50
CA LEU AA 37 57.25 75.47 30.42
C LEU AA 37 57.02 74.17 29.67
N LYS AA 38 58.07 73.39 29.44
CA LYS AA 38 57.87 72.08 28.84
C LYS AA 38 57.03 71.20 29.74
N ASP AA 39 57.21 71.30 31.06
CA ASP AA 39 56.34 70.55 31.96
C ASP AA 39 54.90 71.02 31.79
N ARG AA 40 54.71 72.32 31.61
CA ARG AA 40 53.38 72.84 31.34
C ARG AA 40 52.81 72.21 30.09
N ILE AA 41 53.63 72.11 29.04
CA ILE AA 41 53.18 71.53 27.78
C ILE AA 41 52.75 70.09 27.98
N GLU AA 42 53.58 69.31 28.66
CA GLU AA 42 53.29 67.89 28.86
C GLU AA 42 52.03 67.72 29.70
N ARG AA 43 51.88 68.56 30.72
CA ARG AA 43 50.66 68.53 31.51
C ARG AA 43 49.45 68.80 30.65
N ARG AA 44 49.55 69.81 29.77
CA ARG AA 44 48.48 70.07 28.82
C ARG AA 44 48.16 68.81 28.01
N ARG AA 45 49.20 68.17 27.50
CA ARG AA 45 49.01 66.95 26.71
C ARG AA 45 48.22 65.92 27.48
N ALA AA 46 48.68 65.59 28.69
CA ALA AA 46 48.05 64.51 29.43
C ALA AA 46 46.62 64.87 29.84
N GLU AA 47 46.39 66.12 30.25
CA GLU AA 47 45.05 66.50 30.68
C GLU AA 47 44.08 66.47 29.52
N ARG AA 48 44.49 66.98 28.35
CA ARG AA 48 43.58 66.98 27.22
C ARG AA 48 43.34 65.55 26.72
N ALA AA 49 44.35 64.68 26.83
CA ALA AA 49 44.12 63.28 26.49
C ALA AA 49 43.07 62.66 27.41
N GLU AA 50 43.18 62.89 28.72
CA GLU AA 50 42.19 62.36 29.64
C GLU AA 50 40.83 62.94 29.34
N GLN AA 51 40.78 64.22 28.98
CA GLN AA 51 39.52 64.84 28.63
C GLN AA 51 38.88 64.16 27.42
N GLN AA 52 39.68 63.87 26.40
CA GLN AA 52 39.17 63.09 25.28
C GLN AA 52 38.66 61.73 25.75
N ARG AA 53 39.35 61.12 26.72
CA ARG AA 53 38.87 59.85 27.25
C ARG AA 53 37.47 59.99 27.84
N ILE AA 54 37.25 61.04 28.62
CA ILE AA 54 35.94 61.24 29.23
C ILE AA 54 34.91 61.54 28.15
N ARG AA 55 35.30 62.31 27.13
CA ARG AA 55 34.42 62.56 26.00
C ARG AA 55 33.98 61.26 25.34
N ASN AA 56 34.93 60.34 25.14
CA ASN AA 56 34.60 59.05 24.54
C ASN AA 56 33.64 58.26 25.42
N GLU AA 57 33.87 58.31 26.74
CA GLU AA 57 32.91 57.71 27.65
C GLU AA 57 31.50 58.23 27.38
N ARG AA 58 31.33 59.55 27.43
CA ARG AA 58 30.01 60.13 27.25
C ARG AA 58 29.42 59.76 25.89
N GLU AA 59 30.24 59.78 24.84
CA GLU AA 59 29.69 59.54 23.50
C GLU AA 59 29.26 58.10 23.32
N LYS AA 60 30.06 57.14 23.77
CA LYS AA 60 29.62 55.77 23.68
C LYS AA 60 28.37 55.56 24.54
N GLU AA 61 28.23 56.36 25.60
CA GLU AA 61 26.93 56.39 26.26
C GLU AA 61 25.85 56.89 25.32
N ARG AA 62 26.17 57.89 24.49
CA ARG AA 62 25.22 58.29 23.45
C ARG AA 62 25.05 57.20 22.42
N GLN AA 63 26.14 56.56 22.02
CA GLN AA 63 26.03 55.36 21.21
C GLN AA 63 25.62 54.15 22.02
N ASN AA 64 25.42 54.34 23.32
CA ASN AA 64 24.74 53.35 24.15
C ASN AA 64 25.51 52.05 24.22
N GLY AA 113 18.03 22.93 38.55
CA GLY AA 113 16.76 22.27 38.30
C GLY AA 113 16.44 21.20 39.33
N LYS AA 114 16.36 19.95 38.86
CA LYS AA 114 16.11 18.83 39.76
C LYS AA 114 17.13 18.80 40.89
N ARG AA 115 18.41 18.95 40.56
CA ARG AA 115 19.43 19.02 41.58
C ARG AA 115 19.18 20.16 42.55
N GLN AA 116 18.74 21.31 42.04
CA GLN AA 116 18.35 22.42 42.92
C GLN AA 116 17.25 21.99 43.88
N THR AA 117 16.23 21.30 43.38
CA THR AA 117 15.10 20.92 44.23
C THR AA 117 15.52 19.94 45.32
N GLU AA 118 16.24 18.89 44.93
CA GLU AA 118 16.67 17.91 45.94
C GLU AA 118 17.66 18.52 46.92
N ARG AA 119 18.50 19.46 46.44
CA ARG AA 119 19.36 20.20 47.35
C ARG AA 119 18.54 20.99 48.34
N GLU AA 120 17.50 21.69 47.86
CA GLU AA 120 16.64 22.43 48.76
C GLU AA 120 16.02 21.52 49.80
N LYS AA 121 15.52 20.37 49.36
CA LYS AA 121 14.99 19.38 50.29
C LYS AA 121 16.00 19.05 51.38
N LYS AA 122 17.16 18.52 51.00
CA LYS AA 122 18.13 18.09 52.00
C LYS AA 122 18.60 19.24 52.88
N LYS AA 123 18.88 20.40 52.28
CA LYS AA 123 19.51 21.47 53.04
C LYS AA 123 18.53 22.13 54.00
N LYS AA 124 17.28 22.32 53.57
CA LYS AA 124 16.29 22.86 54.50
C LYS AA 124 15.92 21.83 55.56
N ILE AA 125 15.80 20.56 55.18
CA ILE AA 125 15.39 19.55 56.14
C ILE AA 125 16.48 19.36 57.18
N LEU AA 126 17.74 19.61 56.81
CA LEU AA 126 18.80 19.55 57.80
C LEU AA 126 18.91 20.84 58.60
N ALA AA 127 18.83 22.00 57.94
CA ALA AA 127 19.01 23.26 58.67
C ALA AA 127 17.86 23.52 59.63
N GLU AA 128 16.72 22.87 59.41
CA GLU AA 128 15.57 23.06 60.29
C GLU AA 128 15.30 21.85 61.17
N ARG AA 129 15.70 20.65 60.73
CA ARG AA 129 15.64 19.49 61.60
C ARG AA 129 16.82 19.46 62.56
N ARG AA 130 17.94 20.06 62.17
CA ARG AA 130 18.91 20.49 63.15
C ARG AA 130 18.32 21.64 63.96
N LYS AA 131 18.83 21.81 65.17
CA LYS AA 131 18.41 22.90 66.03
C LYS AA 131 19.60 23.80 66.35
N VAL AA 132 19.53 25.04 65.89
CA VAL AA 132 20.56 26.03 66.18
C VAL AA 132 20.53 26.30 67.67
N LEU AA 133 21.61 25.93 68.35
CA LEU AA 133 21.69 26.02 69.79
C LEU AA 133 22.48 27.26 70.20
N ALA AA 134 22.06 27.87 71.30
CA ALA AA 134 22.77 29.03 71.81
C ALA AA 134 24.16 28.62 72.28
N ILE AA 135 25.14 29.52 72.13
CA ILE AA 135 26.53 29.12 72.23
C ILE AA 135 27.26 29.88 73.33
N ASP AA 136 27.42 31.20 73.15
CA ASP AA 136 28.47 31.90 73.90
C ASP AA 136 28.14 32.06 75.37
N HIS AA 137 27.02 32.72 75.69
CA HIS AA 137 26.69 33.05 77.07
C HIS AA 137 26.19 31.86 77.86
N LEU AA 138 25.93 30.73 77.21
CA LEU AA 138 25.39 29.57 77.90
C LEU AA 138 26.43 28.96 78.83
N ASN AA 139 25.96 28.55 80.00
CA ASN AA 139 26.79 27.78 80.91
C ASN AA 139 26.58 26.30 80.66
N GLU AA 140 27.09 25.46 81.56
CA GLU AA 140 27.01 24.02 81.37
C GLU AA 140 25.57 23.55 81.21
N ASP AA 141 24.64 24.15 81.95
CA ASP AA 141 23.27 23.65 81.98
C ASP AA 141 22.57 23.82 80.64
N GLN AA 142 22.45 25.06 80.15
CA GLN AA 142 21.67 25.29 78.94
C GLN AA 142 22.41 24.79 77.69
N LEU AA 143 23.71 25.06 77.63
CA LEU AA 143 24.53 24.48 76.58
C LEU AA 143 24.33 22.97 76.52
N ARG AA 144 24.42 22.30 77.67
CA ARG AA 144 24.39 20.84 77.68
C ARG AA 144 23.00 20.33 77.34
N GLU AA 145 21.95 20.99 77.83
CA GLU AA 145 20.61 20.53 77.49
C GLU AA 145 20.32 20.72 76.01
N LYS AA 146 20.75 21.86 75.44
CA LYS AA 146 20.56 22.07 74.00
C LYS AA 146 21.36 21.06 73.20
N ALA AA 147 22.62 20.84 73.57
CA ALA AA 147 23.47 19.90 72.85
C ALA AA 147 22.93 18.48 72.97
N LYS AA 148 22.45 18.10 74.15
CA LYS AA 148 21.91 16.75 74.33
C LYS AA 148 20.58 16.59 73.59
N GLU AA 149 19.77 17.64 73.55
CA GLU AA 149 18.54 17.59 72.77
C GLU AA 149 18.83 17.41 71.29
N LEU AA 150 19.73 18.23 70.76
CA LEU AA 150 20.16 18.07 69.38
C LEU AA 150 20.80 16.71 69.13
N TRP AA 151 21.52 16.18 70.14
CA TRP AA 151 22.11 14.86 70.00
C TRP AA 151 21.03 13.79 69.93
N GLN AA 152 20.00 13.89 70.77
CA GLN AA 152 18.89 12.96 70.65
C GLN AA 152 18.18 13.14 69.32
N SER AA 153 18.21 14.34 68.76
CA SER AA 153 17.74 14.52 67.40
C SER AA 153 18.55 13.68 66.43
N ILE AA 154 19.88 13.78 66.50
CA ILE AA 154 20.76 12.94 65.69
C ILE AA 154 20.46 11.46 65.95
N TYR AA 155 20.12 11.15 67.19
CA TYR AA 155 19.80 9.78 67.60
C TYR AA 155 18.59 9.27 66.80
N ASN AA 156 17.52 10.06 66.81
CA ASN AA 156 16.35 9.76 65.99
C ASN AA 156 16.74 9.65 64.52
N LEU AA 157 17.67 10.50 64.07
CA LEU AA 157 18.14 10.42 62.69
C LEU AA 157 18.79 9.07 62.42
N GLU AA 158 19.48 8.51 63.41
CA GLU AA 158 20.08 7.20 63.22
C GLU AA 158 19.02 6.12 63.20
N ALA AA 159 18.00 6.25 64.04
CA ALA AA 159 16.86 5.34 63.94
C ALA AA 159 16.25 5.38 62.54
N GLU AA 160 16.11 6.60 62.00
CA GLU AA 160 15.57 6.76 60.66
C GLU AA 160 16.47 6.10 59.63
N LYS AA 161 17.75 6.48 59.60
CA LYS AA 161 18.70 5.85 58.71
C LYS AA 161 18.64 4.33 58.82
N PHE AA 162 18.55 3.82 60.05
CA PHE AA 162 18.60 2.38 60.24
C PHE AA 162 17.37 1.71 59.65
N ASP AA 163 16.18 2.08 60.14
CA ASP AA 163 14.96 1.42 59.67
C ASP AA 163 14.74 1.65 58.19
N LEU AA 164 15.14 2.83 57.70
CA LEU AA 164 15.15 3.06 56.27
C LEU AA 164 16.04 2.05 55.56
N GLN AA 165 17.31 1.92 55.98
CA GLN AA 165 18.20 0.92 55.42
C GLN AA 165 17.62 -0.48 55.54
N GLU AA 166 16.84 -0.73 56.59
CA GLU AA 166 16.17 -2.02 56.70
C GLU AA 166 15.20 -2.23 55.55
N LYS AA 167 14.24 -1.32 55.41
CA LYS AA 167 13.36 -1.33 54.25
C LYS AA 167 14.14 -1.31 52.96
N PHE AA 168 15.33 -0.72 52.98
CA PHE AA 168 16.14 -0.58 51.78
C PHE AA 168 16.69 -1.92 51.36
N LYS AA 169 17.19 -2.71 52.32
CA LYS AA 169 17.62 -4.06 52.01
C LYS AA 169 16.43 -4.93 51.66
N GLN AA 170 15.28 -4.68 52.27
CA GLN AA 170 14.08 -5.40 51.86
C GLN AA 170 13.76 -5.13 50.39
N GLN AA 171 13.57 -3.85 50.03
CA GLN AA 171 13.28 -3.49 48.65
C GLN AA 171 14.47 -3.78 47.73
N LYS AA 172 15.66 -3.95 48.29
CA LYS AA 172 16.83 -4.24 47.48
C LYS AA 172 16.86 -5.70 47.07
N TYR AA 173 16.81 -6.60 48.05
CA TYR AA 173 16.59 -8.00 47.73
C TYR AA 173 15.35 -8.16 46.87
N GLU AA 174 14.29 -7.40 47.17
CA GLU AA 174 13.06 -7.50 46.42
C GLU AA 174 13.21 -7.01 44.99
N ILE AA 175 14.04 -5.99 44.75
CA ILE AA 175 14.23 -5.48 43.40
C ILE AA 175 15.11 -6.45 42.62
N ASN AA 176 16.10 -7.04 43.28
CA ASN AA 176 16.81 -8.16 42.69
C ASN AA 176 15.83 -9.23 42.21
N VAL AA 177 14.89 -9.60 43.06
CA VAL AA 177 13.98 -10.70 42.73
C VAL AA 177 12.96 -10.27 41.69
N LEU AA 178 12.44 -9.05 41.82
CA LEU AA 178 11.59 -8.45 40.80
C LEU AA 178 12.25 -8.46 39.44
N ARG AA 179 13.54 -8.16 39.37
CA ARG AA 179 14.24 -8.16 38.08
C ARG AA 179 14.45 -9.57 37.57
N ASN AA 180 14.87 -10.48 38.45
CA ASN AA 180 15.00 -11.87 38.05
C ASN AA 180 13.67 -12.43 37.59
N ARG AA 181 12.57 -11.88 38.09
CA ARG AA 181 11.25 -12.33 37.67
C ARG AA 181 10.84 -11.70 36.35
N ILE AA 182 11.06 -10.39 36.19
CA ILE AA 182 10.84 -9.75 34.90
C ILE AA 182 11.64 -10.47 33.82
N ASN AA 183 12.73 -11.11 34.22
CA ASN AA 183 13.38 -12.07 33.33
C ASN AA 183 12.56 -13.36 33.23
N ASP AA 184 12.14 -13.92 34.36
CA ASP AA 184 11.43 -15.19 34.36
C ASP AA 184 9.95 -15.01 34.01
N ASN AA 185 9.24 -14.14 34.73
CA ASN AA 185 7.82 -13.88 34.49
C ASN AA 185 7.60 -13.00 33.28
N GLN AA 186 8.62 -12.82 32.46
CA GLN AA 186 8.60 -11.94 31.31
C GLN AA 186 7.41 -12.18 30.40
N ILE BA 1 -1.90 -35.59 46.05
CA ILE BA 1 -1.93 -36.28 47.32
C ILE BA 1 -2.78 -35.51 48.31
N SER BA 2 -3.26 -36.20 49.35
CA SER BA 2 -3.74 -35.50 50.53
C SER BA 2 -2.59 -34.66 51.09
N ALA BA 3 -2.84 -33.36 51.22
CA ALA BA 3 -1.74 -32.42 51.40
C ALA BA 3 -1.13 -32.49 52.80
N SER BA 4 -1.38 -33.56 53.55
CA SER BA 4 -0.87 -33.66 54.92
C SER BA 4 0.64 -33.42 55.02
N ARG BA 5 1.44 -34.12 54.21
CA ARG BA 5 2.88 -33.98 54.36
C ARG BA 5 3.40 -32.69 53.75
N LYS BA 6 2.80 -32.24 52.65
CA LYS BA 6 3.14 -30.90 52.15
C LYS BA 6 2.91 -29.86 53.23
N LEU BA 7 1.77 -29.95 53.92
CA LEU BA 7 1.45 -29.04 55.00
C LEU BA 7 2.45 -29.14 56.14
N GLN BA 8 2.81 -30.37 56.54
CA GLN BA 8 3.70 -30.51 57.69
C GLN BA 8 5.11 -30.04 57.35
N LEU BA 9 5.58 -30.35 56.15
CA LEU BA 9 6.84 -29.80 55.67
C LEU BA 9 6.80 -28.27 55.67
N LYS BA 10 5.75 -27.69 55.08
CA LYS BA 10 5.63 -26.24 55.07
C LYS BA 10 5.55 -25.70 56.50
N THR BA 11 4.95 -26.45 57.41
CA THR BA 11 4.76 -25.96 58.76
C THR BA 11 6.08 -25.93 59.52
N LEU BA 12 6.87 -26.99 59.40
CA LEU BA 12 8.19 -27.00 60.01
C LEU BA 12 9.11 -25.98 59.35
N LEU BA 13 9.00 -25.82 58.03
CA LEU BA 13 9.79 -24.82 57.35
C LEU BA 13 9.33 -23.41 57.72
N LEU BA 14 8.04 -23.24 58.03
CA LEU BA 14 7.57 -21.94 58.46
C LEU BA 14 7.97 -21.68 59.91
N GLN BA 15 8.09 -22.74 60.70
CA GLN BA 15 8.56 -22.53 62.07
C GLN BA 15 10.04 -22.14 62.08
N ILE BA 16 10.86 -22.80 61.25
CA ILE BA 16 12.25 -22.36 61.15
C ILE BA 16 12.33 -21.00 60.46
N ALA BA 17 11.43 -20.71 59.53
CA ALA BA 17 11.40 -19.40 58.89
C ALA BA 17 11.03 -18.33 59.90
N LYS BA 18 10.10 -18.64 60.80
CA LYS BA 18 9.74 -17.70 61.84
C LYS BA 18 10.86 -17.54 62.84
N GLN BA 19 11.64 -18.61 63.07
CA GLN BA 19 12.82 -18.47 63.91
C GLN BA 19 13.86 -17.56 63.27
N GLU BA 20 14.15 -17.79 61.97
CA GLU BA 20 15.08 -16.93 61.25
C GLU BA 20 14.61 -15.49 61.23
N LEU BA 21 13.32 -15.26 60.99
CA LEU BA 21 12.82 -13.90 60.85
C LEU BA 21 12.61 -13.24 62.21
N GLU BA 22 12.36 -14.04 63.25
CA GLU BA 22 12.38 -13.49 64.60
C GLU BA 22 13.80 -13.07 64.97
N ARG BA 23 14.79 -13.89 64.63
CA ARG BA 23 16.17 -13.47 64.79
C ARG BA 23 16.44 -12.18 64.05
N GLU BA 24 15.98 -12.10 62.80
CA GLU BA 24 16.24 -10.91 61.98
C GLU BA 24 15.44 -9.71 62.47
N ALA BA 25 14.30 -9.95 63.11
CA ALA BA 25 13.49 -8.84 63.61
C ALA BA 25 14.03 -8.33 64.94
N GLU BA 26 14.54 -9.23 65.78
CA GLU BA 26 15.29 -8.78 66.95
C GLU BA 26 16.55 -8.06 66.52
N GLU BA 27 17.17 -8.52 65.42
CA GLU BA 27 18.23 -7.74 64.80
C GLU BA 27 17.72 -6.35 64.44
N ARG BA 28 16.56 -6.26 63.81
CA ARG BA 28 16.02 -4.94 63.45
C ARG BA 28 15.83 -4.07 64.68
N ARG BA 29 15.20 -4.59 65.72
CA ARG BA 29 14.90 -3.77 66.89
C ARG BA 29 16.16 -3.42 67.67
N GLY BA 30 16.93 -4.42 68.08
CA GLY BA 30 18.19 -4.15 68.74
C GLY BA 30 19.09 -3.25 67.92
N GLU BA 31 19.44 -3.69 66.71
CA GLU BA 31 20.33 -2.92 65.85
C GLU BA 31 19.74 -1.56 65.50
N LYS BA 32 18.42 -1.37 65.67
CA LYS BA 32 17.88 -0.02 65.63
C LYS BA 32 18.35 0.77 66.83
N GLY BA 33 18.18 0.21 68.02
CA GLY BA 33 18.77 0.80 69.21
C GLY BA 33 20.26 1.07 69.03
N ARG BA 34 20.93 0.20 68.29
CA ARG BA 34 22.38 0.29 68.15
C ARG BA 34 22.76 1.34 67.12
N ALA BA 35 21.99 1.45 66.03
CA ALA BA 35 22.15 2.57 65.13
C ALA BA 35 21.97 3.88 65.85
N LEU BA 36 20.87 4.01 66.58
CA LEU BA 36 20.67 5.12 67.50
C LEU BA 36 21.92 5.40 68.32
N SER BA 37 22.38 4.42 69.09
CA SER BA 37 23.43 4.67 70.08
C SER BA 37 24.77 4.94 69.44
N THR BA 38 25.15 4.17 68.42
CA THR BA 38 26.47 4.30 67.82
C THR BA 38 26.51 5.40 66.78
N ARG BA 39 25.67 5.32 65.74
CA ARG BA 39 25.72 6.31 64.68
C ARG BA 39 25.49 7.71 65.24
N CYS BA 40 24.73 7.83 66.32
CA CYS BA 40 24.68 9.03 67.14
C CYS BA 40 25.34 8.66 68.45
N GLN BA 41 26.67 8.74 68.48
CA GLN BA 41 27.43 8.20 69.59
C GLN BA 41 27.14 8.99 70.87
N PRO BA 42 27.11 8.30 72.01
CA PRO BA 42 26.95 9.01 73.28
C PRO BA 42 28.05 10.04 73.47
N LEU BA 43 27.72 11.12 74.16
CA LEU BA 43 28.61 12.27 74.25
C LEU BA 43 29.44 12.20 75.52
N GLU BA 44 30.63 12.79 75.47
CA GLU BA 44 31.57 12.72 76.59
C GLU BA 44 31.40 13.95 77.49
N LEU BA 45 31.10 13.67 78.75
CA LEU BA 45 30.89 14.72 79.75
C LEU BA 45 31.95 14.72 80.85
N ALA BA 46 32.76 13.67 80.95
CA ALA BA 46 33.75 13.60 82.01
C ALA BA 46 34.96 14.47 81.68
N GLY BA 47 35.27 15.41 82.57
CA GLY BA 47 36.41 16.29 82.38
C GLY BA 47 36.20 17.44 81.41
N LEU BA 48 34.95 17.82 81.12
CA LEU BA 48 34.67 18.90 80.19
C LEU BA 48 34.42 20.20 80.93
N GLY BA 49 34.83 21.30 80.30
CA GLY BA 49 34.59 22.63 80.81
C GLY BA 49 33.72 23.47 79.89
N PHE BA 50 33.90 24.79 80.01
CA PHE BA 50 33.18 25.72 79.14
C PHE BA 50 33.51 25.47 77.68
N ALA BA 51 34.80 25.57 77.34
CA ALA BA 51 35.23 25.46 75.95
C ALA BA 51 35.01 24.06 75.38
N GLU BA 52 35.31 23.03 76.17
CA GLU BA 52 35.19 21.67 75.64
C GLU BA 52 33.73 21.30 75.42
N LEU BA 53 32.84 21.74 76.30
CA LEU BA 53 31.41 21.46 76.10
C LEU BA 53 30.84 22.30 74.97
N GLN BA 54 31.34 23.53 74.80
CA GLN BA 54 30.98 24.31 73.62
C GLN BA 54 31.39 23.60 72.34
N ASP BA 55 32.59 23.03 72.33
CA ASP BA 55 33.06 22.28 71.17
C ASP BA 55 32.19 21.04 70.96
N LEU BA 56 31.79 20.38 72.04
CA LEU BA 56 30.85 19.27 71.92
C LEU BA 56 29.54 19.74 71.28
N CYS BA 57 29.04 20.90 71.69
CA CYS BA 57 27.80 21.43 71.16
C CYS BA 57 27.91 21.72 69.66
N ARG BA 58 28.99 22.36 69.23
CA ARG BA 58 29.09 22.72 67.81
C ARG BA 58 29.49 21.53 66.96
N GLN BA 59 30.29 20.61 67.50
CA GLN BA 59 30.49 19.31 66.88
C GLN BA 59 29.15 18.61 66.68
N LEU BA 60 28.28 18.69 67.67
CA LEU BA 60 26.94 18.13 67.53
C LEU BA 60 26.15 18.86 66.45
N HIS BA 61 26.29 20.18 66.38
CA HIS BA 61 25.56 20.93 65.36
C HIS BA 61 26.00 20.51 63.96
N ALA BA 62 27.31 20.35 63.75
CA ALA BA 62 27.79 19.80 62.49
C ALA BA 62 27.31 18.37 62.28
N ARG BA 63 27.32 17.57 63.35
CA ARG BA 63 26.84 16.20 63.28
C ARG BA 63 25.38 16.16 62.87
N VAL BA 64 24.54 17.02 63.43
CA VAL BA 64 23.12 16.99 63.14
C VAL BA 64 22.85 17.54 61.75
N ASP BA 65 23.61 18.55 61.33
CA ASP BA 65 23.57 18.98 59.94
C ASP BA 65 23.81 17.80 59.01
N LYS BA 66 24.96 17.14 59.16
CA LYS BA 66 25.33 16.09 58.22
C LYS BA 66 24.46 14.86 58.38
N VAL BA 67 24.00 14.56 59.59
CA VAL BA 67 23.25 13.34 59.82
C VAL BA 67 21.78 13.54 59.47
N ASP BA 68 21.27 14.76 59.62
CA ASP BA 68 20.02 15.12 58.98
C ASP BA 68 20.11 14.91 57.48
N GLU BA 69 21.18 15.44 56.88
CA GLU BA 69 21.44 15.15 55.48
C GLU BA 69 21.43 13.64 55.20
N GLU BA 70 22.09 12.86 56.04
CA GLU BA 70 22.24 11.42 55.78
C GLU BA 70 20.93 10.66 55.95
N ARG BA 71 20.12 11.04 56.94
CA ARG BA 71 18.84 10.36 57.10
C ARG BA 71 17.87 10.76 56.00
N TYR BA 72 17.92 12.02 55.56
CA TYR BA 72 17.20 12.40 54.35
C TYR BA 72 17.71 11.61 53.16
N ASP BA 73 19.00 11.30 53.13
CA ASP BA 73 19.57 10.59 51.99
C ASP BA 73 19.13 9.14 51.99
N ILE BA 74 19.20 8.47 53.14
CA ILE BA 74 18.68 7.11 53.24
C ILE BA 74 17.18 7.11 52.95
N GLU BA 75 16.49 8.17 53.38
CA GLU BA 75 15.11 8.40 52.99
C GLU BA 75 14.95 8.34 51.48
N ALA BA 76 15.73 9.13 50.74
CA ALA BA 76 15.60 9.17 49.29
C ALA BA 76 16.03 7.84 48.68
N LYS BA 77 16.99 7.16 49.28
CA LYS BA 77 17.45 5.88 48.76
C LYS BA 77 16.36 4.82 48.87
N VAL BA 78 15.74 4.71 50.05
CA VAL BA 78 14.61 3.79 50.20
C VAL BA 78 13.42 4.29 49.39
N THR BA 79 13.35 5.60 49.17
CA THR BA 79 12.30 6.14 48.30
C THR BA 79 12.48 5.65 46.87
N LYS BA 80 13.72 5.59 46.41
CA LYS BA 80 13.99 5.05 45.08
C LYS BA 80 13.77 3.55 45.06
N ASN BA 81 14.18 2.85 46.12
CA ASN BA 81 13.82 1.44 46.25
C ASN BA 81 12.31 1.24 46.15
N ILE BA 82 11.51 2.10 46.79
CA ILE BA 82 10.07 1.95 46.78
C ILE BA 82 9.50 2.32 45.42
N THR BA 83 10.04 3.38 44.80
CA THR BA 83 9.60 3.77 43.47
C THR BA 83 9.88 2.64 42.46
N GLU BA 84 11.01 1.97 42.62
CA GLU BA 84 11.36 0.90 41.67
C GLU BA 84 10.62 -0.38 42.00
N ILE BA 85 10.35 -0.63 43.28
CA ILE BA 85 9.36 -1.65 43.62
C ILE BA 85 8.06 -1.36 42.90
N ALA BA 86 7.58 -0.12 42.96
CA ALA BA 86 6.32 0.24 42.32
C ALA BA 86 6.39 0.01 40.81
N ASP BA 87 7.47 0.45 40.17
CA ASP BA 87 7.53 0.39 38.71
C ASP BA 87 7.81 -1.02 38.21
N LEU BA 88 8.79 -1.71 38.80
CA LEU BA 88 9.07 -3.08 38.43
C LEU BA 88 7.90 -3.99 38.78
N THR BA 89 7.28 -3.77 39.94
CA THR BA 89 6.09 -4.54 40.28
C THR BA 89 4.92 -4.12 39.42
N GLN BA 90 5.00 -2.95 38.78
CA GLN BA 90 3.96 -2.55 37.84
C GLN BA 90 4.09 -3.32 36.53
N LYS BA 91 5.29 -3.36 35.97
CA LYS BA 91 5.52 -4.22 34.81
C LYS BA 91 5.30 -5.68 35.18
N ILE BA 92 5.47 -6.01 36.45
CA ILE BA 92 5.17 -7.36 36.91
C ILE BA 92 3.67 -7.58 37.05
N PHE BA 93 2.93 -6.55 37.46
CA PHE BA 93 1.48 -6.59 37.36
C PHE BA 93 1.08 -6.90 35.94
N ASP BA 94 1.74 -6.27 34.98
CA ASP BA 94 1.50 -6.55 33.58
C ASP BA 94 1.79 -8.02 33.27
N LEU BA 95 2.99 -8.49 33.64
CA LEU BA 95 3.41 -9.86 33.40
C LEU BA 95 2.37 -10.86 33.92
N ARG BA 96 2.00 -10.73 35.18
CA ARG BA 96 1.14 -11.73 35.81
C ARG BA 96 -0.31 -11.52 35.40
N GLY BA 97 -0.68 -10.28 35.06
CA GLY BA 97 -2.01 -10.04 34.53
C GLY BA 97 -2.22 -10.74 33.21
N LYS BA 98 -1.22 -10.68 32.32
CA LYS BA 98 -1.24 -11.49 31.11
C LYS BA 98 -1.73 -12.90 31.40
N PHE BA 99 -1.45 -13.39 32.59
CA PHE BA 99 -1.70 -14.77 32.98
C PHE BA 99 -3.01 -14.92 33.75
N LYS BA 100 -3.42 -13.91 34.50
CA LYS BA 100 -4.47 -14.08 35.50
C LYS BA 100 -5.74 -13.30 35.20
N ARG BA 101 -5.66 -12.25 34.37
CA ARG BA 101 -6.86 -11.46 34.03
C ARG BA 101 -7.97 -12.27 33.37
N PRO BA 102 -7.69 -13.20 32.44
CA PRO BA 102 -8.81 -13.85 31.73
C PRO BA 102 -9.81 -14.57 32.63
N THR BA 103 -9.49 -14.82 33.89
CA THR BA 103 -10.42 -15.53 34.78
C THR BA 103 -11.10 -14.63 35.79
N LEU BA 104 -10.75 -13.34 35.83
CA LEU BA 104 -11.37 -12.41 36.76
C LEU BA 104 -12.78 -12.07 36.27
N ARG BA 105 -13.64 -13.08 36.35
CA ARG BA 105 -14.95 -13.03 35.71
C ARG BA 105 -15.81 -14.16 36.23
N ARG BA 106 -17.09 -13.86 36.45
CA ARG BA 106 -18.08 -14.88 36.82
C ARG BA 106 -18.74 -15.37 35.54
N VAL BA 107 -18.59 -16.66 35.25
CA VAL BA 107 -19.03 -17.22 33.99
C VAL BA 107 -19.95 -18.41 34.25
N ARG BA 108 -20.76 -18.71 33.24
CA ARG BA 108 -21.59 -19.91 33.23
C ARG BA 108 -22.58 -19.93 34.39
N ILE BA 109 -23.27 -18.81 34.57
CA ILE BA 109 -24.32 -18.70 35.57
C ILE BA 109 -25.70 -18.84 34.95
N SER BA 110 -26.05 -17.94 34.03
CA SER BA 110 -27.36 -17.96 33.40
C SER BA 110 -27.45 -18.98 32.27
N ALA BA 111 -26.47 -19.87 32.15
CA ALA BA 111 -26.45 -20.81 31.04
C ALA BA 111 -27.64 -21.77 31.08
N ASP BA 112 -28.00 -22.24 32.27
CA ASP BA 112 -28.96 -23.34 32.40
C ASP BA 112 -30.09 -23.08 33.38
N ALA BA 113 -29.87 -22.20 34.37
CA ALA BA 113 -30.76 -22.11 35.53
C ALA BA 113 -32.23 -21.96 35.15
N MET BA 114 -32.51 -21.52 33.93
CA MET BA 114 -33.88 -21.35 33.47
C MET BA 114 -34.38 -22.53 32.63
N MET BA 115 -33.74 -23.70 32.76
CA MET BA 115 -34.14 -24.85 31.95
C MET BA 115 -35.57 -25.28 32.24
N GLN BA 116 -36.15 -24.81 33.35
CA GLN BA 116 -37.48 -25.21 33.78
C GLN BA 116 -38.54 -24.15 33.49
N ALA BA 117 -38.14 -22.93 33.12
CA ALA BA 117 -39.11 -21.85 33.00
C ALA BA 117 -39.62 -21.71 31.57
N LEU BA 118 -38.73 -21.90 30.59
CA LEU BA 118 -39.10 -21.65 29.20
C LEU BA 118 -40.15 -22.63 28.69
N LEU BA 119 -39.92 -23.94 28.88
CA LEU BA 119 -40.92 -24.92 28.46
C LEU BA 119 -42.22 -24.76 29.25
N GLY BA 120 -42.12 -24.34 30.50
CA GLY BA 120 -43.33 -24.02 31.26
C GLY BA 120 -44.13 -22.92 30.59
N ALA BA 121 -43.46 -21.83 30.20
CA ALA BA 121 -44.16 -20.74 29.55
C ALA BA 121 -44.78 -21.18 28.22
N ARG BA 122 -44.03 -21.96 27.45
CA ARG BA 122 -44.58 -22.48 26.19
C ARG BA 122 -45.83 -23.32 26.43
N ALA BA 123 -45.80 -24.17 27.46
CA ALA BA 123 -46.97 -24.98 27.79
C ALA BA 123 -48.14 -24.10 28.21
N LYS BA 124 -47.86 -23.05 28.98
CA LYS BA 124 -48.92 -22.11 29.34
C LYS BA 124 -49.56 -21.49 28.11
N GLU BA 125 -48.74 -21.05 27.15
CA GLU BA 125 -49.31 -20.45 25.93
C GLU BA 125 -50.15 -21.44 25.14
N SER BA 126 -49.66 -22.67 24.96
CA SER BA 126 -50.41 -23.66 24.18
C SER BA 126 -51.73 -24.02 24.87
N LEU BA 127 -51.67 -24.31 26.17
CA LEU BA 127 -52.89 -24.61 26.89
C LEU BA 127 -53.84 -23.42 26.87
N ASP BA 128 -53.29 -22.20 26.94
CA ASP BA 128 -54.13 -21.01 26.88
C ASP BA 128 -54.90 -20.97 25.57
N LEU BA 129 -54.21 -21.10 24.43
CA LEU BA 129 -54.89 -21.00 23.15
C LEU BA 129 -55.95 -22.10 23.00
N ARG BA 130 -55.59 -23.34 23.33
CA ARG BA 130 -56.54 -24.43 23.11
C ARG BA 130 -57.72 -24.34 24.07
N ALA BA 131 -57.45 -24.28 25.38
CA ALA BA 131 -58.52 -24.15 26.35
C ALA BA 131 -59.29 -22.86 26.16
N HIS BA 132 -58.72 -21.89 25.45
CA HIS BA 132 -59.40 -20.61 25.29
C HIS BA 132 -60.36 -20.65 24.11
N LEU BA 133 -59.98 -21.34 23.03
CA LEU BA 133 -60.99 -21.59 22.00
C LEU BA 133 -62.09 -22.48 22.56
N LYS BA 134 -61.71 -23.51 23.33
CA LYS BA 134 -62.70 -24.27 24.07
C LYS BA 134 -63.56 -23.38 24.95
N GLN BA 135 -62.94 -22.36 25.56
CA GLN BA 135 -63.65 -21.51 26.49
C GLN BA 135 -64.62 -20.58 25.78
N VAL BA 136 -64.19 -19.99 24.67
CA VAL BA 136 -65.07 -19.06 23.95
C VAL BA 136 -66.26 -19.81 23.37
N LYS BA 137 -66.05 -21.06 22.93
CA LYS BA 137 -67.20 -21.80 22.43
C LYS BA 137 -68.09 -22.31 23.56
N LYS BA 138 -67.49 -22.76 24.66
CA LYS BA 138 -68.28 -23.19 25.81
C LYS BA 138 -69.06 -22.02 26.40
N GLU BA 139 -68.55 -20.80 26.24
CA GLU BA 139 -69.30 -19.62 26.65
C GLU BA 139 -70.63 -19.55 25.93
N ASP BA 140 -70.60 -19.60 24.59
CA ASP BA 140 -71.84 -19.63 23.82
C ASP BA 140 -72.73 -20.79 24.23
N THR BA 141 -72.13 -21.96 24.50
CA THR BA 141 -72.94 -23.08 24.95
C THR BA 141 -73.68 -22.76 26.25
N GLU BA 142 -73.00 -22.13 27.20
CA GLU BA 142 -73.57 -22.00 28.54
C GLU BA 142 -74.49 -20.79 28.67
N LYS BA 143 -74.16 -19.67 28.03
CA LYS BA 143 -74.99 -18.47 28.19
C LYS BA 143 -76.37 -18.68 27.59
N GLU BA 144 -76.46 -19.55 26.59
CA GLU BA 144 -77.73 -19.87 25.95
C GLU BA 144 -77.85 -21.39 25.83
N ASN BA 145 -78.69 -21.97 26.68
CA ASN BA 145 -79.00 -23.38 26.64
C ASN BA 145 -80.48 -23.58 26.39
N ARG BA 146 -81.12 -22.56 25.82
CA ARG BA 146 -82.55 -22.56 25.57
C ARG BA 146 -82.90 -23.16 24.22
N GLU BA 147 -82.11 -22.87 23.18
CA GLU BA 147 -82.33 -23.45 21.86
C GLU BA 147 -82.06 -24.94 21.84
N VAL BA 148 -81.29 -25.46 22.80
CA VAL BA 148 -81.07 -26.90 22.90
C VAL BA 148 -82.13 -27.59 23.76
N GLY BA 149 -83.19 -26.88 24.13
CA GLY BA 149 -84.29 -27.43 24.91
C GLY BA 149 -85.37 -28.05 24.05
N ASP BA 150 -86.56 -28.18 24.63
CA ASP BA 150 -87.70 -28.77 23.94
C ASP BA 150 -88.98 -28.10 24.43
N TRP BA 151 -90.12 -28.66 24.01
CA TRP BA 151 -91.43 -28.11 24.35
C TRP BA 151 -92.35 -29.25 24.78
N ARG BA 152 -93.41 -28.88 25.51
CA ARG BA 152 -94.33 -29.88 26.05
C ARG BA 152 -95.15 -30.53 24.94
N LYS BA 153 -95.67 -29.73 24.01
CA LYS BA 153 -96.49 -30.20 22.90
C LYS BA 153 -97.73 -30.93 23.41
N ASN BA 154 -98.61 -30.16 24.05
CA ASN BA 154 -99.85 -30.69 24.61
C ASN BA 154 -100.84 -31.03 23.50
N ILE BA 155 -101.92 -31.71 23.87
CA ILE BA 155 -102.94 -32.15 22.92
C ILE BA 155 -104.32 -31.92 23.54
N ASP BA 156 -105.27 -31.52 22.68
CA ASP BA 156 -106.66 -31.33 23.08
C ASP BA 156 -107.44 -32.65 23.03
N ALA BA 157 -107.34 -33.36 21.90
CA ALA BA 157 -107.77 -34.75 21.76
C ALA BA 157 -109.28 -34.94 21.68
N LEU BA 158 -110.06 -33.87 21.89
CA LEU BA 158 -111.51 -33.90 21.69
C LEU BA 158 -112.17 -35.05 22.47
N SER BA 159 -112.14 -34.96 23.80
CA SER BA 159 -112.54 -36.07 24.66
C SER BA 159 -114.06 -36.34 24.64
N GLY BA 160 -114.81 -35.65 23.79
CA GLY BA 160 -116.25 -35.72 23.86
C GLY BA 160 -116.95 -36.70 22.95
N MET BA 161 -116.51 -37.97 22.89
CA MET BA 161 -117.19 -38.96 22.07
C MET BA 161 -118.44 -39.43 22.81
N GLU BA 162 -119.31 -38.46 23.10
CA GLU BA 162 -120.65 -38.70 23.61
C GLU BA 162 -121.68 -37.81 22.94
N GLY BA 163 -121.23 -36.85 22.14
CA GLY BA 163 -122.13 -35.93 21.46
C GLY BA 163 -121.43 -35.23 20.31
N ARG BA 164 -122.22 -34.52 19.52
CA ARG BA 164 -121.71 -33.90 18.30
C ARG BA 164 -121.77 -32.37 18.41
N LYS BA 165 -121.45 -31.70 17.29
CA LYS BA 165 -121.26 -30.26 17.27
C LYS BA 165 -122.46 -29.53 16.67
N LYS BA 166 -122.44 -28.20 16.80
CA LYS BA 166 -123.54 -27.36 16.33
C LYS BA 166 -123.45 -27.00 14.86
N LYS BA 167 -122.25 -26.89 14.30
CA LYS BA 167 -122.08 -26.32 12.97
C LYS BA 167 -122.73 -27.19 11.90
N PHE BA 168 -123.05 -26.56 10.77
CA PHE BA 168 -123.71 -27.25 9.66
C PHE BA 168 -122.84 -28.37 9.10
N GLU BA 169 -121.52 -28.19 9.07
CA GLU BA 169 -120.62 -29.21 8.57
C GLU BA 169 -120.59 -30.45 9.46
N SER BA 170 -120.91 -30.31 10.75
CA SER BA 170 -120.95 -31.44 11.66
C SER BA 170 -122.31 -32.13 11.63
N ASP CA 1 -4.62 -38.54 59.99
CA ASP CA 1 -5.08 -37.24 59.56
C ASP CA 1 -4.15 -36.14 60.04
N ASP CA 2 -3.44 -35.52 59.11
CA ASP CA 2 -2.62 -34.35 59.38
C ASP CA 2 -3.00 -33.14 58.56
N ILE CA 3 -3.55 -33.32 57.36
CA ILE CA 3 -3.92 -32.18 56.54
C ILE CA 3 -5.05 -31.40 57.19
N TYR CA 4 -5.76 -32.02 58.13
CA TYR CA 4 -6.77 -31.29 58.90
C TYR CA 4 -6.17 -30.11 59.64
N LYS CA 5 -4.86 -30.10 59.89
CA LYS CA 5 -4.24 -28.93 60.49
C LYS CA 5 -4.40 -27.71 59.59
N ALA CA 6 -4.10 -27.85 58.30
CA ALA CA 6 -4.36 -26.76 57.37
C ALA CA 6 -5.86 -26.53 57.19
N ALA CA 7 -6.67 -27.55 57.48
CA ALA CA 7 -8.10 -27.43 57.32
C ALA CA 7 -8.73 -26.53 58.38
N VAL CA 8 -8.27 -26.62 59.62
CA VAL CA 8 -8.92 -25.95 60.74
C VAL CA 8 -8.07 -24.82 61.30
N GLU CA 9 -6.74 -24.99 61.35
CA GLU CA 9 -5.88 -23.96 61.92
C GLU CA 9 -5.98 -22.63 61.18
N GLN CA 10 -5.74 -22.63 59.87
CA GLN CA 10 -5.85 -21.42 59.08
C GLN CA 10 -7.29 -20.94 58.96
N LEU CA 11 -8.25 -21.86 58.89
CA LEU CA 11 -9.66 -21.51 58.99
C LEU CA 11 -10.01 -21.21 60.44
N THR CA 12 -11.30 -20.91 60.67
CA THR CA 12 -11.79 -20.71 62.01
C THR CA 12 -12.98 -21.63 62.29
N GLU CA 13 -13.39 -21.67 63.57
CA GLU CA 13 -14.54 -22.48 63.94
C GLU CA 13 -15.83 -21.90 63.39
N GLU CA 14 -16.07 -20.61 63.58
CA GLU CA 14 -17.30 -20.01 63.08
C GLU CA 14 -17.38 -20.05 61.57
N GLN CA 15 -16.25 -20.14 60.88
CA GLN CA 15 -16.31 -20.48 59.47
C GLN CA 15 -16.96 -21.84 59.26
N LYS CA 16 -16.65 -22.82 60.11
CA LYS CA 16 -17.30 -24.12 60.02
C LYS CA 16 -18.76 -24.03 60.44
N ASN CA 17 -19.09 -23.10 61.35
CA ASN CA 17 -20.47 -22.93 61.75
C ASN CA 17 -21.29 -22.31 60.61
N GLU CA 18 -20.69 -21.41 59.85
CA GLU CA 18 -21.37 -20.89 58.67
C GLU CA 18 -21.44 -21.95 57.58
N PHE CA 19 -20.43 -22.81 57.49
CA PHE CA 19 -20.55 -24.00 56.66
C PHE CA 19 -21.78 -24.80 57.06
N LYS CA 20 -21.97 -25.00 58.36
CA LYS CA 20 -23.15 -25.72 58.85
C LYS CA 20 -24.44 -25.00 58.46
N ALA CA 21 -24.45 -23.68 58.55
CA ALA CA 21 -25.63 -22.91 58.20
C ALA CA 21 -25.96 -23.05 56.72
N ALA CA 22 -24.94 -23.05 55.87
CA ALA CA 22 -25.17 -23.23 54.44
C ALA CA 22 -25.43 -24.68 54.09
N PHE CA 23 -25.12 -25.59 55.02
CA PHE CA 23 -25.18 -27.02 54.71
C PHE CA 23 -26.49 -27.64 55.19
N ASP CA 24 -27.18 -26.96 56.11
CA ASP CA 24 -28.34 -27.56 56.79
C ASP CA 24 -29.53 -27.84 55.87
N ILE CA 25 -29.38 -27.68 54.56
CA ILE CA 25 -30.51 -27.97 53.67
C ILE CA 25 -30.69 -29.45 53.43
N PHE CA 26 -29.64 -30.16 53.02
CA PHE CA 26 -29.73 -31.59 52.78
C PHE CA 26 -30.00 -32.37 54.06
N VAL CA 27 -29.35 -31.99 55.15
CA VAL CA 27 -29.67 -32.50 56.48
C VAL CA 27 -30.77 -31.63 57.07
N LEU CA 28 -32.02 -32.07 56.91
CA LEU CA 28 -33.15 -31.23 57.28
C LEU CA 28 -33.22 -31.01 58.79
N GLY CA 29 -32.48 -31.79 59.56
CA GLY CA 29 -32.46 -31.59 61.00
C GLY CA 29 -32.40 -32.87 61.81
N ALA CA 30 -31.68 -32.83 62.94
CA ALA CA 30 -31.57 -33.94 63.88
C ALA CA 30 -31.02 -35.20 63.21
N GLU CA 31 -30.00 -35.01 62.38
CA GLU CA 31 -29.42 -36.13 61.64
C GLU CA 31 -27.90 -36.10 61.80
N ASP CA 32 -27.21 -37.14 61.31
CA ASP CA 32 -25.80 -37.31 61.58
C ASP CA 32 -24.97 -37.65 60.35
N GLY CA 33 -25.16 -36.95 59.24
CA GLY CA 33 -24.30 -37.17 58.09
C GLY CA 33 -24.94 -37.85 56.90
N CYS CA 34 -26.17 -37.48 56.55
CA CYS CA 34 -26.88 -38.14 55.45
C CYS CA 34 -26.46 -37.58 54.10
N ILE CA 35 -25.47 -36.69 54.08
CA ILE CA 35 -25.07 -35.98 52.86
C ILE CA 35 -24.45 -36.95 51.86
N SER CA 36 -24.72 -36.73 50.57
CA SER CA 36 -24.10 -37.51 49.51
C SER CA 36 -23.21 -36.63 48.64
N THR CA 37 -22.46 -37.27 47.75
CA THR CA 37 -21.46 -36.55 46.95
C THR CA 37 -22.03 -36.04 45.64
N LYS CA 38 -23.23 -36.46 45.26
CA LYS CA 38 -23.84 -35.91 44.06
C LYS CA 38 -24.12 -34.43 44.22
N GLU CA 39 -24.94 -34.07 45.21
CA GLU CA 39 -25.28 -32.68 45.50
C GLU CA 39 -24.16 -31.94 46.21
N LEU CA 40 -22.95 -32.50 46.19
CA LEU CA 40 -21.77 -31.72 46.54
C LEU CA 40 -21.71 -30.45 45.70
N GLY CA 41 -22.09 -30.54 44.42
CA GLY CA 41 -22.18 -29.35 43.59
C GLY CA 41 -23.12 -28.31 44.18
N LYS CA 42 -24.32 -28.74 44.56
CA LYS CA 42 -25.27 -27.82 45.18
C LYS CA 42 -24.70 -27.19 46.43
N VAL CA 43 -24.08 -28.01 47.29
CA VAL CA 43 -23.65 -27.53 48.60
C VAL CA 43 -22.46 -26.60 48.46
N MET CA 44 -21.65 -26.77 47.42
CA MET CA 44 -20.57 -25.81 47.17
C MET CA 44 -21.11 -24.55 46.53
N ARG CA 45 -22.13 -24.66 45.67
CA ARG CA 45 -22.74 -23.48 45.08
C ARG CA 45 -23.33 -22.57 46.15
N MET CA 46 -24.11 -23.13 47.08
CA MET CA 46 -24.76 -22.30 48.08
C MET CA 46 -23.74 -21.60 48.97
N LEU CA 47 -22.48 -22.00 48.88
CA LEU CA 47 -21.39 -21.28 49.52
C LEU CA 47 -20.96 -20.04 48.75
N GLY CA 48 -21.53 -19.81 47.56
CA GLY CA 48 -21.28 -18.60 46.81
C GLY CA 48 -20.24 -18.69 45.71
N GLN CA 49 -20.19 -19.79 44.96
CA GLN CA 49 -19.11 -20.01 44.01
C GLN CA 49 -19.59 -19.86 42.56
N ASN CA 50 -18.62 -19.88 41.64
CA ASN CA 50 -18.87 -19.90 40.19
C ASN CA 50 -18.10 -21.04 39.55
N PRO CA 51 -18.41 -22.29 39.90
CA PRO CA 51 -17.53 -23.41 39.55
C PRO CA 51 -17.91 -24.10 38.24
N THR CA 52 -17.15 -25.14 37.93
CA THR CA 52 -17.45 -26.04 36.82
C THR CA 52 -17.70 -27.46 37.33
N PRO CA 53 -18.57 -28.22 36.66
CA PRO CA 53 -18.92 -29.56 37.16
C PRO CA 53 -17.77 -30.55 37.08
N GLU CA 54 -16.83 -30.36 36.15
CA GLU CA 54 -15.64 -31.20 36.14
C GLU CA 54 -14.88 -31.07 37.45
N GLU CA 55 -14.86 -29.87 38.03
CA GLU CA 55 -14.24 -29.69 39.34
C GLU CA 55 -15.09 -30.29 40.45
N LEU CA 56 -16.42 -30.32 40.26
CA LEU CA 56 -17.27 -31.05 41.20
C LEU CA 56 -16.85 -32.52 41.26
N GLN CA 57 -16.79 -33.17 40.10
CA GLN CA 57 -16.37 -34.58 40.08
C GLN CA 57 -14.92 -34.73 40.51
N GLU CA 58 -14.09 -33.71 40.28
CA GLU CA 58 -12.72 -33.72 40.75
C GLU CA 58 -12.66 -33.78 42.27
N MET CA 59 -13.28 -32.80 42.93
CA MET CA 59 -13.38 -32.84 44.38
C MET CA 59 -13.98 -34.15 44.85
N ILE CA 60 -14.96 -34.68 44.11
CA ILE CA 60 -15.52 -36.00 44.44
C ILE CA 60 -14.43 -37.07 44.41
N ASP CA 61 -13.46 -36.93 43.50
CA ASP CA 61 -12.33 -37.86 43.50
C ASP CA 61 -11.14 -37.29 44.27
N GLU CA 62 -11.06 -35.97 44.40
CA GLU CA 62 -10.15 -35.36 45.35
C GLU CA 62 -10.55 -35.63 46.79
N VAL CA 63 -11.76 -36.12 46.99
CA VAL CA 63 -12.18 -36.77 48.23
C VAL CA 63 -12.46 -38.21 47.87
N ASP CA 64 -12.96 -38.98 48.84
CA ASP CA 64 -13.14 -40.42 48.68
C ASP CA 64 -11.78 -41.08 48.44
N GLU CA 65 -10.72 -40.37 48.86
CA GLU CA 65 -9.40 -40.97 48.90
C GLU CA 65 -9.36 -42.17 49.83
N ASP CA 66 -10.32 -42.27 50.74
CA ASP CA 66 -10.54 -43.46 51.54
C ASP CA 66 -11.49 -44.44 50.88
N GLY CA 67 -12.03 -44.10 49.71
CA GLY CA 67 -12.96 -44.96 49.02
C GLY CA 67 -14.35 -45.00 49.61
N SER CA 68 -14.75 -43.97 50.35
CA SER CA 68 -16.02 -44.02 51.06
C SER CA 68 -17.20 -43.59 50.21
N GLY CA 69 -17.00 -42.67 49.28
CA GLY CA 69 -18.12 -42.05 48.57
C GLY CA 69 -18.72 -40.87 49.32
N THR CA 70 -18.40 -40.72 50.59
CA THR CA 70 -18.80 -39.59 51.41
C THR CA 70 -17.54 -38.82 51.80
N VAL CA 71 -17.69 -37.55 52.17
CA VAL CA 71 -16.58 -36.61 52.31
C VAL CA 71 -16.20 -36.50 53.78
N ASP CA 72 -14.90 -36.38 54.04
CA ASP CA 72 -14.37 -36.19 55.38
C ASP CA 72 -14.07 -34.71 55.62
N PHE CA 73 -13.93 -34.34 56.91
CA PHE CA 73 -13.75 -32.94 57.25
C PHE CA 73 -12.38 -32.41 56.83
N ASP CA 74 -11.32 -33.19 57.06
CA ASP CA 74 -9.97 -32.71 56.79
C ASP CA 74 -9.79 -32.35 55.33
N GLU CA 75 -9.97 -33.32 54.42
CA GLU CA 75 -9.63 -33.07 53.02
C GLU CA 75 -10.61 -32.10 52.38
N PHE CA 76 -11.86 -32.04 52.86
CA PHE CA 76 -12.81 -31.07 52.32
C PHE CA 76 -12.45 -29.64 52.74
N LEU CA 77 -12.33 -29.41 54.05
CA LEU CA 77 -11.89 -28.12 54.52
C LEU CA 77 -10.57 -27.73 53.87
N VAL CA 78 -9.74 -28.71 53.51
CA VAL CA 78 -8.45 -28.40 52.90
C VAL CA 78 -8.63 -27.98 51.45
N MET CA 79 -9.33 -28.80 50.65
CA MET CA 79 -9.63 -28.40 49.27
C MET CA 79 -10.23 -27.00 49.23
N MET CA 80 -11.01 -26.64 50.26
CA MET CA 80 -11.34 -25.24 50.42
C MET CA 80 -10.09 -24.40 50.66
N VAL CA 81 -9.37 -24.64 51.75
CA VAL CA 81 -8.09 -23.99 51.99
C VAL CA 81 -7.11 -24.18 50.83
N ARG CA 82 -7.37 -25.15 49.94
CA ARG CA 82 -6.64 -25.26 48.69
C ARG CA 82 -7.25 -24.42 47.58
N CYS CA 83 -8.57 -24.21 47.60
CA CYS CA 83 -9.23 -23.36 46.61
C CYS CA 83 -9.89 -22.14 47.23
N MET CA 84 -10.76 -22.31 48.22
CA MET CA 84 -11.40 -21.21 48.92
C MET CA 84 -10.56 -20.92 50.16
N LYS CA 85 -9.46 -20.18 49.97
CA LYS CA 85 -8.52 -19.92 51.04
C LYS CA 85 -9.08 -18.84 51.97
N ASP CA 86 -10.30 -19.09 52.44
CA ASP CA 86 -11.00 -18.15 53.32
C ASP CA 86 -10.52 -18.36 54.75
N ASP CA 87 -9.20 -18.38 54.88
CA ASP CA 87 -8.52 -18.76 56.10
C ASP CA 87 -8.24 -17.53 56.95
N SER CA 88 -7.37 -17.72 57.93
CA SER CA 88 -6.69 -16.60 58.58
C SER CA 88 -5.60 -16.09 57.65
N LYS CA 89 -5.59 -16.66 56.44
CA LYS CA 89 -4.79 -16.23 55.29
C LYS CA 89 -3.31 -16.56 55.45
N GLY CA 90 -2.93 -17.01 56.64
CA GLY CA 90 -1.63 -17.64 56.82
C GLY CA 90 -0.42 -16.72 56.98
N LYS CA 91 -0.37 -15.59 56.29
CA LYS CA 91 0.87 -14.82 56.27
C LYS CA 91 0.71 -13.41 55.71
N SER CA 92 1.78 -12.61 55.75
CA SER CA 92 1.88 -11.35 55.04
C SER CA 92 3.09 -11.41 54.13
N GLU CA 93 3.03 -10.66 53.02
CA GLU CA 93 4.11 -10.71 52.06
C GLU CA 93 5.24 -9.77 52.42
N GLU CA 94 5.08 -8.99 53.48
CA GLU CA 94 6.27 -8.41 54.12
C GLU CA 94 6.93 -9.44 55.01
N GLU CA 95 6.14 -10.14 55.82
CA GLU CA 95 6.66 -11.28 56.57
C GLU CA 95 7.22 -12.33 55.62
N LEU CA 96 6.42 -12.77 54.65
CA LEU CA 96 6.90 -13.72 53.64
C LEU CA 96 8.01 -13.16 52.77
N SER CA 97 8.04 -11.86 52.53
CA SER CA 97 9.11 -11.26 51.74
C SER CA 97 10.45 -11.34 52.47
N ASP CA 98 10.44 -10.97 53.76
CA ASP CA 98 11.61 -11.16 54.59
C ASP CA 98 11.97 -12.64 54.72
N LEU CA 99 10.96 -13.52 54.76
CA LEU CA 99 11.22 -14.96 54.75
C LEU CA 99 12.01 -15.37 53.51
N PHE CA 100 11.56 -14.92 52.34
CA PHE CA 100 12.27 -15.19 51.11
C PHE CA 100 13.70 -14.69 51.17
N ARG CA 101 13.86 -13.37 51.36
CA ARG CA 101 15.19 -12.78 51.27
C ARG CA 101 16.07 -13.11 52.47
N MET CA 102 15.55 -13.88 53.43
CA MET CA 102 16.43 -14.44 54.46
C MET CA 102 16.82 -15.86 54.09
N PHE CA 103 15.84 -16.69 53.70
CA PHE CA 103 16.18 -17.93 53.02
C PHE CA 103 17.12 -17.64 51.86
N ASP CA 104 16.61 -16.94 50.85
CA ASP CA 104 17.45 -16.37 49.79
C ASP CA 104 18.12 -15.11 50.33
N LYS CA 105 18.93 -15.32 51.38
CA LYS CA 105 19.80 -14.28 51.88
C LYS CA 105 20.65 -13.67 50.78
N ASN CA 106 20.76 -14.36 49.66
CA ASN CA 106 21.48 -13.91 48.48
C ASN CA 106 20.62 -13.07 47.56
N ALA CA 107 19.29 -13.15 47.69
CA ALA CA 107 18.35 -12.46 46.80
C ALA CA 107 18.59 -12.87 45.35
N ASP CA 108 18.64 -14.18 45.13
CA ASP CA 108 18.89 -14.73 43.80
C ASP CA 108 17.76 -14.47 42.81
N GLY CA 109 16.68 -13.83 43.24
CA GLY CA 109 15.45 -13.83 42.49
C GLY CA 109 14.61 -15.06 42.69
N TYR CA 110 15.16 -16.04 43.41
CA TYR CA 110 14.50 -17.32 43.62
C TYR CA 110 15.20 -18.04 44.77
N ILE CA 111 14.40 -18.56 45.69
CA ILE CA 111 14.89 -19.52 46.68
C ILE CA 111 15.04 -20.85 45.96
N ASP CA 112 16.25 -21.16 45.54
CA ASP CA 112 16.51 -22.47 45.00
C ASP CA 112 16.36 -23.50 46.11
N LEU CA 113 16.44 -24.78 45.76
CA LEU CA 113 16.48 -25.80 46.78
C LEU CA 113 17.70 -25.65 47.68
N ASP CA 114 18.63 -24.76 47.30
CA ASP CA 114 19.78 -24.47 48.15
C ASP CA 114 19.36 -23.89 49.49
N GLU CA 115 18.80 -22.68 49.48
CA GLU CA 115 18.36 -22.04 50.71
C GLU CA 115 17.16 -22.77 51.30
N LEU CA 116 16.34 -23.37 50.43
CA LEU CA 116 15.24 -24.20 50.88
C LEU CA 116 15.73 -25.30 51.81
N LYS CA 117 16.69 -26.11 51.36
CA LYS CA 117 17.24 -27.16 52.20
C LYS CA 117 18.04 -26.58 53.36
N ILE CA 118 18.70 -25.43 53.14
CA ILE CA 118 19.41 -24.75 54.21
C ILE CA 118 18.49 -24.56 55.41
N MET CA 119 17.33 -23.93 55.19
CA MET CA 119 16.44 -23.64 56.30
C MET CA 119 15.66 -24.87 56.74
N LEU CA 120 15.42 -25.82 55.83
CA LEU CA 120 14.75 -27.06 56.23
C LEU CA 120 15.62 -27.90 57.15
N GLN CA 121 16.95 -27.79 57.03
CA GLN CA 121 17.82 -28.49 57.97
C GLN CA 121 18.13 -27.63 59.18
N ALA CA 122 18.14 -26.30 59.01
CA ALA CA 122 18.17 -25.41 60.16
C ALA CA 122 16.95 -25.57 61.04
N THR CA 123 15.86 -26.14 60.50
CA THR CA 123 14.70 -26.52 61.27
C THR CA 123 15.03 -27.53 62.36
N GLY CA 124 16.05 -28.36 62.14
CA GLY CA 124 16.20 -29.60 62.85
C GLY CA 124 15.40 -30.73 62.25
N GLU CA 125 14.39 -30.40 61.45
CA GLU CA 125 13.61 -31.39 60.73
C GLU CA 125 14.48 -32.16 59.75
N THR CA 126 14.43 -33.48 59.87
CA THR CA 126 15.07 -34.36 58.90
C THR CA 126 14.44 -34.09 57.54
N ILE CA 127 15.24 -33.66 56.58
CA ILE CA 127 14.75 -33.18 55.30
C ILE CA 127 15.50 -33.89 54.18
N THR CA 128 14.76 -34.69 53.42
CA THR CA 128 15.32 -35.43 52.31
C THR CA 128 15.19 -34.64 51.02
N GLU CA 129 15.65 -35.25 49.92
CA GLU CA 129 15.44 -34.65 48.62
C GLU CA 129 13.96 -34.56 48.28
N ASP CA 130 13.17 -35.55 48.69
CA ASP CA 130 11.74 -35.49 48.43
C ASP CA 130 11.09 -34.35 49.19
N ASP CA 131 11.59 -34.05 50.40
CA ASP CA 131 11.04 -32.94 51.16
C ASP CA 131 11.25 -31.62 50.44
N ILE CA 132 12.51 -31.28 50.15
CA ILE CA 132 12.80 -30.05 49.41
C ILE CA 132 12.14 -30.08 48.04
N GLU CA 133 11.91 -31.25 47.47
CA GLU CA 133 11.36 -31.31 46.12
C GLU CA 133 9.86 -31.00 46.12
N GLU CA 134 9.12 -31.65 47.03
CA GLU CA 134 7.71 -31.29 47.22
C GLU CA 134 7.58 -29.81 47.54
N LEU CA 135 8.39 -29.32 48.49
CA LEU CA 135 8.28 -27.92 48.89
C LEU CA 135 8.64 -26.99 47.74
N MET CA 136 9.63 -27.37 46.93
CA MET CA 136 10.05 -26.54 45.81
C MET CA 136 8.96 -26.48 44.75
N LYS CA 137 8.54 -27.63 44.22
CA LYS CA 137 7.56 -27.61 43.16
C LYS CA 137 6.18 -27.19 43.63
N ASP CA 138 5.96 -27.14 44.96
CA ASP CA 138 4.80 -26.41 45.46
C ASP CA 138 5.03 -24.92 45.38
N GLY CA 139 6.22 -24.46 45.74
CA GLY CA 139 6.60 -23.12 45.36
C GLY CA 139 6.83 -23.00 43.87
N ASP CA 140 7.86 -23.67 43.36
CA ASP CA 140 8.17 -23.69 41.93
C ASP CA 140 7.13 -24.54 41.20
N LYS CA 141 5.90 -24.04 41.22
CA LYS CA 141 4.89 -24.59 40.33
C LYS CA 141 5.34 -24.50 38.89
N ASN CA 142 6.21 -23.54 38.59
CA ASN CA 142 6.84 -23.41 37.29
C ASN CA 142 7.76 -24.59 36.98
N ASN CA 143 8.16 -25.33 38.01
CA ASN CA 143 9.01 -26.51 37.87
C ASN CA 143 10.32 -26.16 37.17
N ASP CA 144 10.78 -24.93 37.39
CA ASP CA 144 12.09 -24.50 36.95
C ASP CA 144 13.20 -25.00 37.86
N GLY CA 145 12.86 -25.85 38.82
CA GLY CA 145 13.84 -26.32 39.76
C GLY CA 145 14.23 -25.34 40.84
N ARG CA 146 13.42 -24.30 41.06
CA ARG CA 146 13.75 -23.31 42.08
C ARG CA 146 12.53 -22.46 42.39
N ILE CA 147 12.33 -22.19 43.68
CA ILE CA 147 11.21 -21.41 44.18
C ILE CA 147 11.58 -19.94 44.01
N ASP CA 148 10.77 -19.18 43.28
CA ASP CA 148 11.01 -17.75 43.21
C ASP CA 148 10.28 -17.05 44.36
N TYR CA 149 10.19 -15.72 44.29
CA TYR CA 149 9.59 -14.96 45.38
C TYR CA 149 8.14 -15.36 45.61
N ASP CA 150 7.27 -15.05 44.64
CA ASP CA 150 5.86 -15.39 44.82
C ASP CA 150 5.65 -16.89 44.84
N GLU CA 151 6.53 -17.64 44.20
CA GLU CA 151 6.53 -19.08 44.38
C GLU CA 151 6.73 -19.43 45.85
N PHE CA 152 7.62 -18.71 46.53
CA PHE CA 152 7.86 -18.98 47.95
C PHE CA 152 6.69 -18.48 48.80
N LEU CA 153 6.04 -17.40 48.36
CA LEU CA 153 4.89 -16.91 49.10
C LEU CA 153 3.73 -17.89 49.03
N GLU CA 154 3.25 -18.16 47.81
CA GLU CA 154 2.27 -19.23 47.60
C GLU CA 154 2.68 -20.52 48.28
N PHE CA 155 3.98 -20.83 48.25
CA PHE CA 155 4.49 -22.03 48.89
C PHE CA 155 4.25 -21.99 50.40
N MET CA 156 4.74 -20.94 51.06
CA MET CA 156 4.53 -20.76 52.49
C MET CA 156 3.18 -20.16 52.82
N LYS CA 157 2.24 -20.19 51.88
CA LYS CA 157 0.94 -19.55 52.09
C LYS CA 157 -0.05 -20.54 52.68
N GLY CA 158 -0.86 -20.07 53.63
CA GLY CA 158 -1.77 -20.94 54.33
C GLY CA 158 -1.10 -21.94 55.22
N VAL CA 159 -0.01 -21.54 55.87
CA VAL CA 159 0.86 -22.46 56.61
C VAL CA 159 0.95 -21.97 58.05
N GLU CA 160 1.17 -22.89 58.98
CA GLU CA 160 1.36 -22.53 60.37
C GLU CA 160 2.83 -22.66 60.77
#